data_7QVI
#
_entry.id   7QVI
#
_cell.length_a   1.00
_cell.length_b   1.00
_cell.length_c   1.00
_cell.angle_alpha   90.00
_cell.angle_beta   90.00
_cell.angle_gamma   90.00
#
_symmetry.space_group_name_H-M   'P 1'
#
loop_
_entity.id
_entity.type
_entity.pdbx_description
1 polymer 'RubisCO large subunit'
2 non-polymer 2-CARBOXYARABINITOL-1,5-DIPHOSPHATE
3 non-polymer 'MAGNESIUM ION'
#
_entity_poly.entity_id   1
_entity_poly.type   'polypeptide(L)'
_entity_poly.pdbx_seq_one_letter_code
;MARAQYEAGVRPYRETYYDPDYEPKDTDLLCAFRITPKPGVPMEEAAAAVAAESSTGTWTEVWSNLLTDLERYKARCYRI
EGDVAYIAYPLDLFEEGSIVNIMSSIVGNVFGFKAVQALRLEDMRIPVAYLKTFPGPPTGIQVERDRLNKYGRPLLGGTI
KPKLGLSAKEYARVVYECLRGGLDTT(KCX)DDENLNSQPFNRWRDRFLYVMEAVRKAEAETGERKGHWLNVTAGSTEEM
LKRAEFAAELGSRYIMVDFLTAGFAAFASVRRRAEELGLMLHCHRAMHAVFDRQPNHGIHFRVLAKWLRMVGGDHVHTGT
VVGKLEGDRAETLGIADLLREDYVPADPGRGLFFDQDWAGLKPVFPVASGGIHVWHVPDLVSIFGDDAFFLFGGGTHGHP
RGSRAGATANRVAVEAVVQARNEGRDILAEGREILEEAARWCPELREAMELWGDVKFEVEA
;
_entity_poly.pdbx_strand_id   A,B,C,D,E,F,G,H,I,J,K,L,M,N,O,P
#
loop_
_chem_comp.id
_chem_comp.type
_chem_comp.name
_chem_comp.formula
CAP saccharide 2-CARBOXYARABINITOL-1,5-DIPHOSPHATE 'C6 H14 O13 P2'
MG non-polymer 'MAGNESIUM ION' 'Mg 2'
#
# COMPACT_ATOMS: atom_id res chain seq x y z
N TYR A 6 -5.64 78.38 45.56
CA TYR A 6 -4.52 78.27 44.64
C TYR A 6 -3.43 79.28 44.99
N GLU A 7 -2.25 78.78 45.32
CA GLU A 7 -1.09 79.61 45.63
C GLU A 7 0.03 79.24 44.66
N ALA A 8 0.32 80.14 43.72
CA ALA A 8 1.34 79.88 42.72
C ALA A 8 2.73 79.93 43.35
N GLY A 9 3.66 79.22 42.72
CA GLY A 9 5.04 79.20 43.17
C GLY A 9 5.55 77.77 43.27
N VAL A 10 6.85 77.60 43.03
CA VAL A 10 7.47 76.28 43.11
C VAL A 10 7.64 75.92 44.58
N ARG A 11 7.24 74.69 44.93
CA ARG A 11 7.33 74.19 46.29
C ARG A 11 8.07 72.87 46.30
N PRO A 12 8.74 72.52 47.42
CA PRO A 12 9.46 71.25 47.48
C PRO A 12 8.54 70.05 47.26
N TYR A 13 9.03 69.06 46.50
CA TYR A 13 8.24 67.88 46.20
C TYR A 13 7.98 67.04 47.45
N ARG A 14 8.80 67.21 48.49
CA ARG A 14 8.76 66.38 49.69
C ARG A 14 7.47 66.52 50.48
N GLU A 15 6.72 67.60 50.28
CA GLU A 15 5.55 67.86 51.13
C GLU A 15 4.28 67.16 50.67
N THR A 16 4.16 66.85 49.38
CA THR A 16 2.92 66.30 48.84
C THR A 16 3.06 64.88 48.30
N TYR A 17 4.16 64.57 47.63
CA TYR A 17 4.35 63.26 47.01
C TYR A 17 5.21 62.33 47.85
N TYR A 18 5.52 62.71 49.08
CA TYR A 18 6.19 61.84 50.03
C TYR A 18 5.25 61.59 51.20
N ASP A 19 5.11 60.32 51.58
CA ASP A 19 4.19 59.97 52.66
C ASP A 19 4.61 58.64 53.30
N PRO A 20 5.55 58.67 54.25
CA PRO A 20 6.07 57.42 54.82
C PRO A 20 5.02 56.60 55.56
N ASP A 21 4.05 57.25 56.21
CA ASP A 21 3.05 56.52 56.98
C ASP A 21 2.03 55.81 56.10
N TYR A 22 2.04 56.06 54.80
CA TYR A 22 1.08 55.43 53.89
C TYR A 22 1.23 53.91 53.89
N GLU A 23 0.10 53.22 53.90
CA GLU A 23 0.07 51.77 53.73
C GLU A 23 -0.51 51.45 52.37
N PRO A 24 0.23 50.76 51.49
CA PRO A 24 -0.23 50.59 50.12
C PRO A 24 -1.42 49.63 50.03
N LYS A 25 -2.39 50.01 49.22
CA LYS A 25 -3.53 49.15 48.96
C LYS A 25 -3.10 47.95 48.14
N ASP A 26 -3.92 46.90 48.18
CA ASP A 26 -3.64 45.70 47.40
C ASP A 26 -3.82 45.91 45.90
N THR A 27 -4.43 47.03 45.49
CA THR A 27 -4.63 47.34 44.09
C THR A 27 -3.64 48.37 43.57
N ASP A 28 -2.59 48.67 44.31
CA ASP A 28 -1.62 49.67 43.90
C ASP A 28 -0.55 49.04 43.01
N LEU A 29 0.17 49.90 42.29
CA LEU A 29 1.32 49.50 41.48
C LEU A 29 2.57 50.00 42.21
N LEU A 30 3.27 49.08 42.86
CA LEU A 30 4.45 49.43 43.65
C LEU A 30 5.69 49.34 42.78
N CYS A 31 6.61 50.29 42.98
CA CYS A 31 7.87 50.32 42.26
C CYS A 31 9.02 50.57 43.23
N ALA A 32 10.20 50.09 42.87
CA ALA A 32 11.40 50.25 43.67
C ALA A 32 12.47 50.91 42.82
N PHE A 33 12.93 52.09 43.24
CA PHE A 33 13.91 52.86 42.51
C PHE A 33 15.17 53.00 43.35
N ARG A 34 16.32 52.66 42.77
CA ARG A 34 17.62 52.85 43.42
C ARG A 34 18.15 54.21 42.99
N ILE A 35 17.84 55.24 43.77
CA ILE A 35 18.11 56.62 43.40
C ILE A 35 19.51 57.00 43.85
N THR A 36 20.21 57.75 42.99
CA THR A 36 21.50 58.37 43.31
C THR A 36 21.34 59.87 43.06
N PRO A 37 20.99 60.65 44.07
CA PRO A 37 20.68 62.06 43.85
C PRO A 37 21.94 62.90 43.71
N LYS A 38 21.72 64.17 43.38
CA LYS A 38 22.80 65.15 43.32
C LYS A 38 23.33 65.43 44.72
N PRO A 39 24.57 65.91 44.82
CA PRO A 39 25.05 66.45 46.10
C PRO A 39 24.19 67.63 46.53
N GLY A 40 23.90 67.69 47.82
CA GLY A 40 23.05 68.73 48.36
C GLY A 40 21.56 68.51 48.19
N VAL A 41 21.16 67.40 47.57
CA VAL A 41 19.76 67.05 47.38
C VAL A 41 19.47 65.79 48.20
N PRO A 42 18.63 65.87 49.24
CA PRO A 42 18.40 64.70 50.08
C PRO A 42 17.62 63.62 49.35
N MET A 43 17.68 62.41 49.91
CA MET A 43 16.93 61.29 49.35
C MET A 43 15.43 61.58 49.35
N GLU A 44 14.94 62.26 50.37
CA GLU A 44 13.51 62.56 50.45
C GLU A 44 13.08 63.46 49.30
N GLU A 45 13.88 64.48 48.98
CA GLU A 45 13.57 65.33 47.84
C GLU A 45 13.65 64.55 46.54
N ALA A 46 14.67 63.71 46.38
CA ALA A 46 14.83 62.94 45.15
C ALA A 46 13.74 61.89 45.00
N ALA A 47 13.37 61.21 46.09
CA ALA A 47 12.32 60.20 46.00
C ALA A 47 10.98 60.82 45.63
N ALA A 48 10.65 61.96 46.23
CA ALA A 48 9.41 62.64 45.88
C ALA A 48 9.46 63.16 44.45
N ALA A 49 10.67 63.44 43.95
CA ALA A 49 10.81 63.91 42.58
C ALA A 49 10.39 62.85 41.57
N VAL A 50 10.78 61.59 41.83
CA VAL A 50 10.43 60.51 40.91
C VAL A 50 8.93 60.23 40.97
N ALA A 51 8.36 60.18 42.18
CA ALA A 51 6.95 59.86 42.32
C ALA A 51 6.07 60.96 41.74
N ALA A 52 6.47 62.23 41.93
CA ALA A 52 5.67 63.34 41.41
C ALA A 52 5.68 63.38 39.89
N GLU A 53 6.86 63.22 39.29
CA GLU A 53 7.04 63.45 37.87
C GLU A 53 6.66 62.24 37.02
N SER A 54 6.46 61.08 37.63
CA SER A 54 5.85 59.94 36.97
C SER A 54 4.35 59.87 37.22
N SER A 55 3.78 60.94 37.76
CA SER A 55 2.38 61.00 38.15
C SER A 55 1.91 62.44 37.98
N THR A 56 0.80 62.80 38.64
CA THR A 56 0.12 64.06 38.42
C THR A 56 0.99 65.29 38.61
N GLY A 57 2.21 65.16 39.12
CA GLY A 57 3.00 66.31 39.49
C GLY A 57 3.70 66.99 38.33
N THR A 58 4.24 68.17 38.63
CA THR A 58 5.00 68.98 37.67
C THR A 58 6.08 69.71 38.46
N TRP A 59 6.71 70.70 37.83
CA TRP A 59 7.82 71.41 38.45
C TRP A 59 7.40 72.65 39.23
N THR A 60 6.11 72.98 39.24
CA THR A 60 5.62 74.14 39.95
C THR A 60 4.21 73.84 40.45
N GLU A 61 3.50 74.87 40.87
CA GLU A 61 2.11 74.76 41.30
C GLU A 61 1.20 75.32 40.22
N VAL A 62 0.24 74.51 39.78
CA VAL A 62 -0.64 74.88 38.67
C VAL A 62 -2.03 75.15 39.23
N TRP A 63 -2.72 76.11 38.62
CA TRP A 63 -4.08 76.42 39.01
C TRP A 63 -5.01 75.24 38.77
N SER A 64 -4.72 74.40 37.78
CA SER A 64 -5.57 73.27 37.45
C SER A 64 -5.46 72.12 38.42
N ASN A 65 -4.67 72.27 39.49
CA ASN A 65 -4.67 71.25 40.54
C ASN A 65 -6.02 71.17 41.23
N LEU A 66 -6.67 72.31 41.45
CA LEU A 66 -7.93 72.34 42.17
C LEU A 66 -9.08 71.74 41.38
N LEU A 67 -8.91 71.52 40.07
CA LEU A 67 -10.01 71.04 39.24
C LEU A 67 -10.45 69.63 39.60
N THR A 68 -9.53 68.76 40.01
CA THR A 68 -9.86 67.41 40.43
C THR A 68 -9.18 67.13 41.76
N ASP A 69 -9.43 65.93 42.30
CA ASP A 69 -8.85 65.51 43.57
C ASP A 69 -7.49 64.89 43.31
N LEU A 70 -6.43 65.56 43.77
CA LEU A 70 -5.08 65.08 43.54
C LEU A 70 -4.83 63.76 44.25
N GLU A 71 -5.17 63.70 45.54
CA GLU A 71 -4.82 62.53 46.35
C GLU A 71 -5.41 61.24 45.81
N ARG A 72 -6.49 61.33 45.04
CA ARG A 72 -7.10 60.13 44.49
C ARG A 72 -6.18 59.47 43.44
N TYR A 73 -5.39 60.27 42.74
CA TYR A 73 -4.60 59.78 41.61
C TYR A 73 -3.10 59.83 41.81
N LYS A 74 -2.60 60.78 42.61
CA LYS A 74 -1.17 61.02 42.68
C LYS A 74 -0.43 59.83 43.27
N ALA A 75 0.81 59.63 42.81
CA ALA A 75 1.69 58.64 43.39
C ALA A 75 2.35 59.22 44.64
N ARG A 76 3.08 58.37 45.36
CA ARG A 76 3.68 58.78 46.62
C ARG A 76 4.70 57.75 47.06
N CYS A 77 5.72 58.23 47.75
CA CYS A 77 6.78 57.38 48.29
C CYS A 77 6.46 57.05 49.74
N TYR A 78 6.36 55.76 50.06
CA TYR A 78 5.95 55.32 51.37
C TYR A 78 7.07 54.68 52.19
N ARG A 79 8.23 54.43 51.58
CA ARG A 79 9.33 53.81 52.30
C ARG A 79 10.63 54.07 51.56
N ILE A 80 11.67 54.44 52.30
CA ILE A 80 13.00 54.66 51.76
C ILE A 80 13.97 53.81 52.58
N GLU A 81 14.61 52.84 51.92
CA GLU A 81 15.58 51.97 52.58
C GLU A 81 17.00 52.48 52.36
N GLY A 82 17.23 53.72 52.77
CA GLY A 82 18.55 54.31 52.65
C GLY A 82 18.92 54.70 51.23
N ASP A 83 18.90 53.72 50.33
CA ASP A 83 19.23 53.92 48.92
C ASP A 83 18.08 53.65 47.97
N VAL A 84 17.27 52.63 48.24
CA VAL A 84 16.13 52.28 47.40
C VAL A 84 14.90 53.00 47.92
N ALA A 85 14.14 53.61 47.01
CA ALA A 85 12.92 54.33 47.34
C ALA A 85 11.72 53.54 46.84
N TYR A 86 10.75 53.32 47.71
CA TYR A 86 9.52 52.61 47.36
C TYR A 86 8.45 53.63 47.00
N ILE A 87 7.74 53.37 45.91
CA ILE A 87 6.72 54.28 45.40
C ILE A 87 5.47 53.47 45.06
N ALA A 88 4.30 54.01 45.40
CA ALA A 88 3.03 53.37 45.14
C ALA A 88 2.25 54.15 44.11
N TYR A 89 1.74 53.46 43.09
CA TYR A 89 0.98 54.08 42.01
C TYR A 89 -0.46 53.59 42.05
N PRO A 90 -1.45 54.49 42.14
CA PRO A 90 -2.84 54.03 42.13
C PRO A 90 -3.20 53.34 40.82
N LEU A 91 -4.14 52.41 40.91
CA LEU A 91 -4.54 51.60 39.76
C LEU A 91 -5.27 52.41 38.69
N ASP A 92 -5.80 53.58 39.02
CA ASP A 92 -6.58 54.37 38.09
C ASP A 92 -5.71 55.21 37.16
N LEU A 93 -4.39 55.17 37.31
CA LEU A 93 -3.49 55.96 36.48
C LEU A 93 -3.11 55.26 35.18
N PHE A 94 -3.48 54.00 35.00
CA PHE A 94 -2.93 53.19 33.93
C PHE A 94 -4.05 52.59 33.07
N GLU A 95 -3.81 52.58 31.77
CA GLU A 95 -4.75 51.99 30.82
C GLU A 95 -4.76 50.47 30.96
N GLU A 96 -5.93 49.89 30.73
CA GLU A 96 -6.16 48.47 30.99
C GLU A 96 -5.56 47.64 29.86
N GLY A 97 -4.38 47.08 30.09
CA GLY A 97 -3.80 46.14 29.17
C GLY A 97 -2.67 46.65 28.30
N SER A 98 -2.18 47.87 28.53
CA SER A 98 -1.15 48.47 27.70
C SER A 98 0.15 48.55 28.48
N ILE A 99 1.16 47.81 28.02
CA ILE A 99 2.49 47.93 28.57
C ILE A 99 3.05 49.33 28.31
N VAL A 100 2.66 49.93 27.18
CA VAL A 100 3.22 51.22 26.77
C VAL A 100 2.94 52.30 27.82
N ASN A 101 1.72 52.28 28.39
CA ASN A 101 1.38 53.29 29.38
C ASN A 101 2.20 53.10 30.66
N ILE A 102 2.44 51.85 31.04
CA ILE A 102 3.34 51.58 32.17
C ILE A 102 4.72 52.15 31.87
N MET A 103 5.19 51.92 30.65
CA MET A 103 6.52 52.40 30.26
C MET A 103 6.56 53.92 30.14
N SER A 104 5.57 54.51 29.49
CA SER A 104 5.58 55.95 29.28
C SER A 104 5.27 56.74 30.55
N SER A 105 4.80 56.07 31.60
CA SER A 105 4.50 56.76 32.85
C SER A 105 5.64 56.61 33.86
N ILE A 106 6.06 55.38 34.14
CA ILE A 106 7.03 55.12 35.20
C ILE A 106 8.44 55.36 34.72
N VAL A 107 8.85 54.69 33.64
CA VAL A 107 10.22 54.77 33.14
C VAL A 107 10.34 55.76 31.98
N GLY A 108 9.35 56.63 31.80
CA GLY A 108 9.36 57.52 30.66
C GLY A 108 10.14 58.80 30.87
N ASN A 109 9.80 59.56 31.92
CA ASN A 109 10.31 60.91 32.08
C ASN A 109 11.23 61.11 33.28
N VAL A 110 11.16 60.25 34.30
CA VAL A 110 11.82 60.56 35.57
C VAL A 110 13.32 60.25 35.54
N PHE A 111 13.81 59.55 34.52
CA PHE A 111 15.23 59.19 34.51
C PHE A 111 16.12 60.38 34.18
N GLY A 112 15.68 61.27 33.31
CA GLY A 112 16.52 62.35 32.84
C GLY A 112 16.42 63.65 33.59
N PHE A 113 16.48 63.61 34.91
CA PHE A 113 16.42 64.84 35.71
C PHE A 113 17.81 65.31 36.11
N LYS A 114 17.96 66.63 36.20
CA LYS A 114 19.21 67.23 36.66
C LYS A 114 19.51 66.85 38.09
N ALA A 115 18.48 66.66 38.90
CA ALA A 115 18.63 66.40 40.33
C ALA A 115 18.74 64.91 40.67
N VAL A 116 18.76 64.05 39.65
CA VAL A 116 18.91 62.62 39.88
C VAL A 116 20.09 62.11 39.04
N GLN A 117 21.25 61.97 39.66
CA GLN A 117 22.45 61.55 38.95
C GLN A 117 22.34 60.13 38.38
N ALA A 118 21.49 59.29 38.98
CA ALA A 118 21.29 57.93 38.51
C ALA A 118 20.00 57.40 39.10
N LEU A 119 19.33 56.52 38.34
CA LEU A 119 18.02 56.03 38.74
C LEU A 119 17.79 54.69 38.06
N ARG A 120 17.72 53.61 38.84
CA ARG A 120 17.50 52.27 38.32
C ARG A 120 16.24 51.69 38.93
N LEU A 121 15.28 51.35 38.07
CA LEU A 121 14.07 50.65 38.52
C LEU A 121 14.42 49.19 38.82
N GLU A 122 14.46 48.85 40.11
CA GLU A 122 14.86 47.50 40.51
C GLU A 122 13.76 46.48 40.24
N ASP A 123 12.61 46.67 40.88
CA ASP A 123 11.49 45.74 40.75
C ASP A 123 10.20 46.49 40.97
N MET A 124 9.12 45.97 40.38
CA MET A 124 7.80 46.57 40.52
C MET A 124 6.75 45.47 40.63
N ARG A 125 5.74 45.70 41.45
CA ARG A 125 4.72 44.71 41.75
C ARG A 125 3.45 45.06 40.97
N ILE A 126 3.04 44.16 40.08
CA ILE A 126 1.82 44.34 39.29
C ILE A 126 0.66 43.77 40.10
N PRO A 127 -0.36 44.57 40.43
CA PRO A 127 -1.49 44.03 41.17
C PRO A 127 -2.27 43.03 40.34
N VAL A 128 -2.95 42.12 41.04
CA VAL A 128 -3.78 41.12 40.37
C VAL A 128 -4.88 41.79 39.55
N ALA A 129 -5.44 42.88 40.06
CA ALA A 129 -6.50 43.58 39.35
C ALA A 129 -6.02 44.08 37.99
N TYR A 130 -4.81 44.65 37.94
CA TYR A 130 -4.24 45.06 36.66
C TYR A 130 -3.83 43.85 35.84
N LEU A 131 -3.32 42.82 36.50
CA LEU A 131 -2.85 41.63 35.79
C LEU A 131 -3.98 40.90 35.09
N LYS A 132 -5.21 41.03 35.59
CA LYS A 132 -6.33 40.30 35.03
C LYS A 132 -6.73 40.82 33.65
N THR A 133 -6.31 42.04 33.29
CA THR A 133 -6.63 42.61 31.99
C THR A 133 -5.61 42.25 30.91
N PHE A 134 -4.62 41.45 31.23
CA PHE A 134 -3.64 41.05 30.23
C PHE A 134 -3.89 39.62 29.77
N PRO A 135 -3.55 39.30 28.52
CA PRO A 135 -3.85 37.95 28.01
C PRO A 135 -2.90 36.88 28.51
N GLY A 136 -1.62 37.23 28.66
CA GLY A 136 -0.62 36.28 29.05
C GLY A 136 -0.10 35.49 27.86
N PRO A 137 0.85 34.59 28.09
CA PRO A 137 1.41 33.79 27.00
C PRO A 137 0.34 32.96 26.32
N PRO A 138 0.41 32.80 24.99
CA PRO A 138 -0.59 32.01 24.27
C PRO A 138 -0.63 30.55 24.70
N THR A 139 0.50 29.86 24.61
CA THR A 139 0.54 28.42 24.86
C THR A 139 1.12 28.07 26.23
N GLY A 140 2.22 28.69 26.61
CA GLY A 140 2.86 28.38 27.88
C GLY A 140 3.73 27.13 27.81
N ILE A 141 4.27 26.78 28.97
CA ILE A 141 5.25 25.69 29.04
C ILE A 141 4.57 24.35 28.78
N GLN A 142 3.44 24.09 29.45
CA GLN A 142 2.84 22.76 29.41
C GLN A 142 2.31 22.43 28.02
N VAL A 143 1.62 23.37 27.39
CA VAL A 143 1.06 23.12 26.06
C VAL A 143 2.18 22.95 25.03
N GLU A 144 3.26 23.73 25.19
CA GLU A 144 4.40 23.60 24.28
C GLU A 144 4.99 22.19 24.33
N ARG A 145 5.24 21.68 25.54
CA ARG A 145 5.80 20.34 25.68
C ARG A 145 4.90 19.31 25.03
N ASP A 146 3.58 19.46 25.19
CA ASP A 146 2.65 18.55 24.54
C ASP A 146 2.72 18.67 23.02
N ARG A 147 2.80 19.91 22.51
CA ARG A 147 2.82 20.12 21.07
C ARG A 147 4.07 19.53 20.44
N LEU A 148 5.24 19.73 21.08
CA LEU A 148 6.46 19.12 20.59
C LEU A 148 6.56 17.64 20.96
N ASN A 149 5.84 17.22 22.01
CA ASN A 149 5.94 15.86 22.54
C ASN A 149 7.36 15.57 23.02
N LYS A 150 7.83 16.41 23.95
CA LYS A 150 9.13 16.24 24.58
C LYS A 150 8.98 16.55 26.07
N TYR A 151 9.36 15.60 26.92
CA TYR A 151 9.11 15.69 28.35
C TYR A 151 10.34 15.31 29.14
N GLY A 152 10.43 15.84 30.36
CA GLY A 152 11.40 15.38 31.33
C GLY A 152 12.84 15.74 31.05
N ARG A 153 13.08 16.78 30.26
CA ARG A 153 14.44 17.19 29.94
C ARG A 153 14.43 18.61 29.39
N PRO A 154 15.52 19.37 29.56
CA PRO A 154 15.61 20.67 28.90
C PRO A 154 15.64 20.51 27.39
N LEU A 155 14.96 21.41 26.68
CA LEU A 155 14.93 21.37 25.24
C LEU A 155 16.16 22.09 24.68
N LEU A 156 16.60 21.63 23.51
CA LEU A 156 17.86 22.09 22.93
C LEU A 156 17.60 22.88 21.65
N GLY A 157 18.45 23.89 21.44
CA GLY A 157 18.36 24.72 20.26
C GLY A 157 19.74 25.24 19.90
N GLY A 158 19.79 26.03 18.83
CA GLY A 158 21.04 26.61 18.39
C GLY A 158 20.85 27.70 17.36
N THR A 159 21.61 28.77 17.49
CA THR A 159 21.56 29.86 16.53
C THR A 159 22.37 29.48 15.30
N ILE A 160 21.74 29.55 14.13
CA ILE A 160 22.46 29.25 12.89
C ILE A 160 23.51 30.33 12.64
N LYS A 161 24.75 29.91 12.48
CA LYS A 161 25.87 30.83 12.36
C LYS A 161 26.63 30.55 11.07
N PRO A 162 27.28 31.57 10.48
CA PRO A 162 27.44 32.95 10.96
C PRO A 162 26.14 33.76 10.96
N LYS A 163 26.12 34.85 11.73
CA LYS A 163 24.90 35.62 11.91
C LYS A 163 24.35 36.10 10.57
N LEU A 164 25.20 36.64 9.71
CA LEU A 164 24.80 37.12 8.40
C LEU A 164 25.76 36.62 7.35
N GLY A 165 25.26 36.39 6.15
CA GLY A 165 26.11 36.02 5.03
C GLY A 165 25.66 34.78 4.28
N LEU A 166 25.12 33.80 4.99
CA LEU A 166 24.67 32.57 4.36
C LEU A 166 23.47 32.84 3.46
N SER A 167 23.47 32.23 2.29
CA SER A 167 22.32 32.31 1.40
C SER A 167 21.22 31.38 1.88
N ALA A 168 20.03 31.55 1.30
CA ALA A 168 18.88 30.76 1.73
C ALA A 168 19.11 29.27 1.50
N LYS A 169 19.71 28.91 0.36
CA LYS A 169 20.02 27.51 0.09
C LYS A 169 20.99 26.94 1.12
N GLU A 170 22.05 27.70 1.44
CA GLU A 170 23.04 27.20 2.38
C GLU A 170 22.53 27.25 3.81
N TYR A 171 21.69 28.25 4.13
CA TYR A 171 21.11 28.35 5.46
C TYR A 171 20.28 27.11 5.78
N ALA A 172 19.42 26.70 4.84
CA ALA A 172 18.59 25.52 5.06
C ALA A 172 19.43 24.25 5.15
N ARG A 173 20.63 24.26 4.54
CA ARG A 173 21.49 23.09 4.66
C ARG A 173 22.14 23.02 6.03
N VAL A 174 22.49 24.17 6.59
CA VAL A 174 23.03 24.20 7.95
C VAL A 174 21.95 23.85 8.95
N VAL A 175 20.72 24.33 8.71
CA VAL A 175 19.60 24.02 9.60
C VAL A 175 19.34 22.53 9.63
N TYR A 176 19.38 21.88 8.46
CA TYR A 176 19.11 20.44 8.41
C TYR A 176 20.13 19.64 9.22
N GLU A 177 21.40 20.03 9.16
CA GLU A 177 22.43 19.30 9.88
C GLU A 177 22.21 19.38 11.39
N CYS A 178 21.85 20.55 11.90
CA CYS A 178 21.63 20.71 13.33
C CYS A 178 20.44 19.88 13.80
N LEU A 179 19.30 20.01 13.12
CA LEU A 179 18.10 19.30 13.53
C LEU A 179 18.26 17.79 13.39
N ARG A 180 18.90 17.34 12.31
CA ARG A 180 19.14 15.91 12.14
C ARG A 180 20.10 15.38 13.19
N GLY A 181 21.00 16.21 13.68
CA GLY A 181 22.01 15.80 14.63
C GLY A 181 21.59 15.75 16.08
N GLY A 182 20.35 16.12 16.40
CA GLY A 182 19.88 16.01 17.77
C GLY A 182 19.12 17.19 18.32
N LEU A 183 19.42 18.40 17.85
CA LEU A 183 18.77 19.58 18.37
C LEU A 183 17.27 19.53 18.13
N ASP A 184 16.50 19.98 19.13
CA ASP A 184 15.05 19.99 18.98
C ASP A 184 14.61 21.10 18.03
N THR A 185 15.19 22.29 18.17
CA THR A 185 14.82 23.42 17.34
C THR A 185 16.08 24.18 16.93
N THR A 186 15.92 25.07 15.97
CA THR A 186 16.95 26.05 15.63
C THR A 186 16.29 27.42 15.58
N KCX A 187 17.02 28.44 15.14
CA KCX A 187 16.44 29.77 15.10
CB KCX A 187 16.40 30.41 16.48
CG KCX A 187 17.78 30.34 17.11
CD KCX A 187 17.79 31.00 18.46
CE KCX A 187 17.09 32.35 18.38
NZ KCX A 187 18.01 33.36 17.98
C KCX A 187 17.17 30.72 14.16
O KCX A 187 18.44 30.57 14.10
CX KCX A 187 19.04 33.83 18.81
OQ1 KCX A 187 19.82 34.64 18.19
OQ2 KCX A 187 19.11 33.47 19.97
N ASP A 188 16.47 31.62 13.47
CA ASP A 188 17.13 32.70 12.78
C ASP A 188 17.75 33.62 13.81
N ASP A 189 18.91 34.17 13.49
CA ASP A 189 19.61 35.00 14.46
C ASP A 189 18.92 36.36 14.55
N GLU A 190 19.19 37.09 15.64
CA GLU A 190 18.37 38.26 15.95
C GLU A 190 18.48 39.36 14.92
N ASN A 191 19.52 39.37 14.10
CA ASN A 191 19.72 40.42 13.11
C ASN A 191 19.41 39.97 11.68
N LEU A 192 18.99 38.72 11.50
CA LEU A 192 18.70 38.18 10.17
C LEU A 192 17.21 38.28 9.92
N ASN A 193 16.76 39.45 9.49
CA ASN A 193 15.35 39.65 9.18
C ASN A 193 15.09 39.46 7.68
N SER A 194 15.66 40.34 6.85
CA SER A 194 15.52 40.23 5.40
C SER A 194 16.65 41.03 4.77
N GLN A 195 17.67 40.34 4.28
CA GLN A 195 18.84 40.97 3.68
C GLN A 195 19.02 40.53 2.24
N PRO A 196 19.77 41.30 1.44
CA PRO A 196 19.98 40.91 0.04
C PRO A 196 20.57 39.54 -0.14
N PHE A 197 21.49 39.12 0.73
CA PHE A 197 22.02 37.76 0.64
C PHE A 197 21.02 36.72 1.11
N ASN A 198 20.07 37.10 1.96
CA ASN A 198 19.06 36.18 2.44
C ASN A 198 17.76 36.96 2.64
N ARG A 199 16.94 37.01 1.59
CA ARG A 199 15.59 37.55 1.70
C ARG A 199 14.71 36.60 2.52
N TRP A 200 13.64 37.17 3.08
CA TRP A 200 12.83 36.40 4.03
C TRP A 200 11.91 35.41 3.33
N ARG A 201 11.41 35.76 2.14
CA ARG A 201 10.49 34.85 1.46
C ARG A 201 11.18 33.61 0.93
N ASP A 202 12.49 33.66 0.71
CA ASP A 202 13.24 32.48 0.31
C ASP A 202 13.71 31.68 1.53
N ARG A 203 14.16 32.36 2.58
CA ARG A 203 14.63 31.68 3.78
C ARG A 203 13.49 30.91 4.44
N PHE A 204 12.30 31.49 4.50
CA PHE A 204 11.16 30.81 5.11
C PHE A 204 10.82 29.53 4.36
N LEU A 205 10.84 29.59 3.03
CA LEU A 205 10.48 28.41 2.23
C LEU A 205 11.59 27.37 2.24
N TYR A 206 12.84 27.81 2.39
CA TYR A 206 13.96 26.87 2.34
C TYR A 206 14.11 26.12 3.65
N VAL A 207 14.17 26.84 4.77
CA VAL A 207 14.45 26.17 6.04
C VAL A 207 13.27 25.35 6.50
N MET A 208 12.06 25.68 6.04
CA MET A 208 10.90 24.86 6.39
C MET A 208 10.93 23.53 5.65
N GLU A 209 11.54 23.51 4.47
CA GLU A 209 11.79 22.24 3.79
C GLU A 209 12.81 21.42 4.56
N ALA A 210 13.83 22.07 5.11
CA ALA A 210 14.81 21.38 5.94
C ALA A 210 14.18 20.85 7.21
N VAL A 211 13.29 21.63 7.83
CA VAL A 211 12.65 21.21 9.07
C VAL A 211 11.79 19.98 8.84
N ARG A 212 11.04 19.96 7.74
CA ARG A 212 10.19 18.80 7.46
C ARG A 212 11.02 17.60 7.03
N LYS A 213 12.13 17.83 6.33
CA LYS A 213 13.01 16.73 5.95
C LYS A 213 13.73 16.15 7.16
N ALA A 214 14.22 17.04 8.04
CA ALA A 214 14.89 16.57 9.25
C ALA A 214 13.92 15.84 10.17
N GLU A 215 12.68 16.32 10.27
CA GLU A 215 11.71 15.69 11.15
C GLU A 215 11.33 14.30 10.66
N ALA A 216 11.14 14.14 9.35
CA ALA A 216 10.73 12.84 8.82
C ALA A 216 11.83 11.80 9.01
N GLU A 217 13.09 12.20 8.84
CA GLU A 217 14.21 11.27 8.95
C GLU A 217 14.67 11.07 10.39
N THR A 218 14.05 11.76 11.36
CA THR A 218 14.40 11.61 12.76
C THR A 218 13.31 10.96 13.59
N GLY A 219 12.04 11.21 13.26
CA GLY A 219 10.93 10.69 14.03
C GLY A 219 10.48 11.57 15.18
N GLU A 220 11.11 12.73 15.37
CA GLU A 220 10.75 13.66 16.42
C GLU A 220 10.28 14.98 15.80
N ARG A 221 9.37 15.65 16.50
CA ARG A 221 8.92 16.95 16.06
C ARG A 221 10.07 17.96 16.13
N LYS A 222 10.25 18.72 15.05
CA LYS A 222 11.30 19.72 14.97
C LYS A 222 10.67 21.09 14.74
N GLY A 223 11.52 22.11 14.76
CA GLY A 223 11.05 23.46 14.59
C GLY A 223 12.21 24.40 14.35
N HIS A 224 11.87 25.59 13.86
CA HIS A 224 12.86 26.63 13.59
C HIS A 224 12.22 27.98 13.87
N TRP A 225 12.82 28.74 14.78
CA TRP A 225 12.25 30.02 15.20
C TRP A 225 12.51 31.05 14.10
N LEU A 226 11.64 31.04 13.10
CA LEU A 226 11.76 31.98 11.99
C LEU A 226 11.61 33.41 12.49
N ASN A 227 12.54 34.27 12.08
CA ASN A 227 12.59 35.64 12.59
C ASN A 227 11.65 36.49 11.74
N VAL A 228 10.47 36.79 12.28
CA VAL A 228 9.48 37.58 11.59
C VAL A 228 9.59 39.06 11.93
N THR A 229 10.68 39.47 12.58
CA THR A 229 10.89 40.86 12.88
C THR A 229 11.11 41.65 11.59
N ALA A 230 10.58 42.87 11.57
CA ALA A 230 10.64 43.71 10.37
C ALA A 230 10.47 45.16 10.80
N GLY A 231 10.43 46.04 9.80
CA GLY A 231 10.36 47.47 10.07
C GLY A 231 8.96 48.02 10.31
N SER A 232 7.93 47.19 10.23
CA SER A 232 6.57 47.68 10.45
C SER A 232 5.69 46.54 10.92
N THR A 233 4.61 46.91 11.60
CA THR A 233 3.68 45.92 12.12
C THR A 233 3.00 45.15 11.00
N GLU A 234 2.60 45.84 9.94
CA GLU A 234 1.96 45.16 8.81
C GLU A 234 2.93 44.19 8.15
N GLU A 235 4.18 44.59 7.99
CA GLU A 235 5.17 43.70 7.40
C GLU A 235 5.41 42.47 8.28
N MET A 236 5.48 42.67 9.59
CA MET A 236 5.68 41.52 10.49
C MET A 236 4.47 40.59 10.46
N LEU A 237 3.26 41.15 10.40
CA LEU A 237 2.07 40.30 10.32
C LEU A 237 2.02 39.55 9.00
N LYS A 238 2.51 40.17 7.93
CA LYS A 238 2.62 39.47 6.65
C LYS A 238 3.62 38.34 6.73
N ARG A 239 4.76 38.57 7.39
CA ARG A 239 5.76 37.51 7.55
C ARG A 239 5.28 36.42 8.48
N ALA A 240 4.57 36.79 9.54
CA ALA A 240 4.00 35.79 10.44
C ALA A 240 2.97 34.93 9.73
N GLU A 241 2.14 35.54 8.88
CA GLU A 241 1.14 34.79 8.15
C GLU A 241 1.78 33.81 7.17
N PHE A 242 2.88 34.22 6.52
CA PHE A 242 3.56 33.33 5.59
C PHE A 242 4.12 32.12 6.30
N ALA A 243 4.73 32.33 7.47
CA ALA A 243 5.30 31.21 8.22
C ALA A 243 4.22 30.27 8.71
N ALA A 244 3.04 30.80 9.05
CA ALA A 244 1.96 29.97 9.56
C ALA A 244 1.49 28.97 8.50
N GLU A 245 1.27 29.44 7.27
CA GLU A 245 0.72 28.56 6.25
C GLU A 245 1.77 27.71 5.56
N LEU A 246 3.05 27.89 5.88
CA LEU A 246 4.08 26.95 5.48
C LEU A 246 4.14 25.73 6.38
N GLY A 247 3.41 25.74 7.49
CA GLY A 247 3.46 24.67 8.45
C GLY A 247 4.37 24.89 9.63
N SER A 248 4.93 26.09 9.78
CA SER A 248 5.84 26.35 10.87
C SER A 248 5.10 26.36 12.21
N ARG A 249 5.72 25.77 13.22
CA ARG A 249 5.20 25.83 14.58
C ARG A 249 5.53 27.15 15.26
N TYR A 250 6.59 27.81 14.82
CA TYR A 250 7.24 28.88 15.58
C TYR A 250 7.43 30.11 14.72
N ILE A 251 7.39 31.27 15.38
CA ILE A 251 7.89 32.53 14.84
C ILE A 251 8.78 33.17 15.90
N MET A 252 9.33 34.33 15.58
CA MET A 252 10.28 34.96 16.50
C MET A 252 10.30 36.46 16.23
N VAL A 253 10.08 37.26 17.27
CA VAL A 253 10.08 38.71 17.16
C VAL A 253 11.02 39.27 18.22
N ASP A 254 11.78 40.30 17.85
CA ASP A 254 12.63 41.00 18.80
C ASP A 254 11.77 41.99 19.57
N PHE A 255 11.29 41.57 20.74
CA PHE A 255 10.22 42.30 21.43
C PHE A 255 10.67 43.65 21.97
N LEU A 256 11.97 43.95 21.96
CA LEU A 256 12.44 45.24 22.44
C LEU A 256 12.81 46.21 21.32
N THR A 257 13.51 45.72 20.29
CA THR A 257 13.82 46.61 19.16
C THR A 257 12.59 46.86 18.31
N ALA A 258 11.78 45.82 18.08
CA ALA A 258 10.52 46.03 17.37
C ALA A 258 9.61 46.98 18.15
N GLY A 259 9.54 46.80 19.47
CA GLY A 259 8.71 47.60 20.33
C GLY A 259 7.73 46.74 21.10
N PHE A 260 6.95 47.40 21.94
CA PHE A 260 5.93 46.71 22.73
C PHE A 260 4.54 46.78 22.12
N ALA A 261 4.17 47.89 21.49
CA ALA A 261 2.90 47.94 20.77
C ALA A 261 2.90 46.95 19.61
N ALA A 262 3.98 46.94 18.83
CA ALA A 262 4.10 45.99 17.72
C ALA A 262 4.17 44.57 18.25
N PHE A 263 4.84 44.36 19.39
CA PHE A 263 4.92 43.03 19.97
C PHE A 263 3.55 42.53 20.40
N ALA A 264 2.75 43.41 21.00
CA ALA A 264 1.38 43.03 21.37
C ALA A 264 0.54 42.73 20.14
N SER A 265 0.72 43.51 19.07
CA SER A 265 0.00 43.25 17.84
C SER A 265 0.37 41.90 17.25
N VAL A 266 1.66 41.57 17.24
CA VAL A 266 2.12 40.31 16.69
C VAL A 266 1.64 39.14 17.54
N ARG A 267 1.64 39.32 18.87
CA ARG A 267 1.19 38.24 19.75
C ARG A 267 -0.27 37.90 19.49
N ARG A 268 -1.11 38.91 19.31
CA ARG A 268 -2.54 38.66 19.07
C ARG A 268 -2.75 37.91 17.77
N ARG A 269 -1.97 38.26 16.74
CA ARG A 269 -2.06 37.54 15.47
C ARG A 269 -1.44 36.15 15.57
N ALA A 270 -0.37 36.02 16.36
CA ALA A 270 0.31 34.74 16.48
C ALA A 270 -0.60 33.68 17.08
N GLU A 271 -1.39 34.05 18.09
CA GLU A 271 -2.29 33.09 18.72
C GLU A 271 -3.44 32.72 17.81
N GLU A 272 -3.81 33.60 16.87
CA GLU A 272 -4.86 33.26 15.92
C GLU A 272 -4.41 32.17 14.96
N LEU A 273 -3.15 32.21 14.56
CA LEU A 273 -2.60 31.23 13.62
C LEU A 273 -2.10 29.97 14.31
N GLY A 274 -2.18 29.89 15.63
CA GLY A 274 -1.69 28.73 16.35
C GLY A 274 -0.19 28.59 16.31
N LEU A 275 0.54 29.69 16.46
CA LEU A 275 1.99 29.67 16.50
C LEU A 275 2.45 29.73 17.95
N MET A 276 3.77 29.60 18.14
CA MET A 276 4.38 29.75 19.47
C MET A 276 5.48 30.79 19.34
N LEU A 277 5.21 31.96 19.91
CA LEU A 277 5.99 33.18 19.69
C LEU A 277 7.19 33.22 20.65
N HIS A 278 8.34 32.76 20.15
CA HIS A 278 9.59 33.01 20.86
C HIS A 278 9.94 34.49 20.80
N CYS A 279 10.45 35.02 21.91
CA CYS A 279 10.80 36.43 22.01
C CYS A 279 12.29 36.56 22.28
N HIS A 280 12.96 37.40 21.51
CA HIS A 280 14.39 37.68 21.68
C HIS A 280 14.56 39.05 22.31
N ARG A 281 15.44 39.12 23.32
CA ARG A 281 15.60 40.31 24.14
C ARG A 281 16.71 41.24 23.65
N ALA A 282 16.94 41.32 22.34
CA ALA A 282 17.98 42.20 21.81
C ALA A 282 17.76 43.63 22.28
N MET A 283 18.87 44.31 22.56
CA MET A 283 18.98 45.70 23.03
C MET A 283 18.68 45.81 24.53
N HIS A 284 18.31 44.72 25.19
CA HIS A 284 18.04 44.78 26.63
C HIS A 284 19.25 45.24 27.42
N ALA A 285 20.46 44.96 26.92
CA ALA A 285 21.67 45.32 27.65
C ALA A 285 21.94 46.82 27.63
N VAL A 286 21.27 47.56 26.74
CA VAL A 286 21.33 49.00 26.82
C VAL A 286 20.66 49.48 28.10
N PHE A 287 19.68 48.72 28.60
CA PHE A 287 18.98 49.05 29.82
C PHE A 287 19.64 48.45 31.06
N ASP A 288 19.77 47.13 31.07
CA ASP A 288 19.97 46.40 32.33
C ASP A 288 21.43 46.06 32.63
N ARG A 289 22.39 46.59 31.87
CA ARG A 289 23.78 46.22 32.12
C ARG A 289 24.33 46.90 33.36
N GLN A 290 24.34 48.23 33.36
CA GLN A 290 24.90 48.97 34.48
C GLN A 290 24.03 48.81 35.73
N PRO A 291 24.63 48.81 36.92
CA PRO A 291 23.85 48.61 38.15
C PRO A 291 23.30 49.88 38.78
N ASN A 292 23.68 51.05 38.28
CA ASN A 292 23.20 52.32 38.83
C ASN A 292 22.19 53.02 37.92
N HIS A 293 21.97 52.53 36.72
CA HIS A 293 21.07 53.21 35.78
C HIS A 293 20.45 52.19 34.84
N GLY A 294 19.19 52.43 34.48
CA GLY A 294 18.48 51.59 33.55
C GLY A 294 17.27 50.93 34.19
N ILE A 295 16.91 49.77 33.63
CA ILE A 295 15.79 48.97 34.11
C ILE A 295 16.27 47.53 34.24
N HIS A 296 16.12 46.97 35.44
CA HIS A 296 16.52 45.58 35.63
C HIS A 296 15.67 44.65 34.78
N PHE A 297 16.29 43.58 34.30
CA PHE A 297 15.59 42.65 33.40
C PHE A 297 14.42 41.94 34.07
N ARG A 298 14.40 41.85 35.41
CA ARG A 298 13.27 41.22 36.07
C ARG A 298 11.99 42.00 35.82
N VAL A 299 12.11 43.32 35.69
CA VAL A 299 10.96 44.14 35.31
C VAL A 299 10.59 43.87 33.86
N LEU A 300 11.58 43.80 32.97
CA LEU A 300 11.32 43.47 31.58
C LEU A 300 10.85 42.03 31.42
N ALA A 301 11.22 41.16 32.36
CA ALA A 301 10.73 39.79 32.32
C ALA A 301 9.28 39.71 32.77
N LYS A 302 8.90 40.54 33.74
CA LYS A 302 7.51 40.61 34.16
C LYS A 302 6.62 41.08 33.00
N TRP A 303 7.04 42.15 32.32
CA TRP A 303 6.21 42.72 31.26
C TRP A 303 6.00 41.73 30.12
N LEU A 304 7.04 40.99 29.76
CA LEU A 304 6.92 40.04 28.66
C LEU A 304 5.87 38.98 28.96
N ARG A 305 5.86 38.46 30.19
CA ARG A 305 4.85 37.47 30.56
C ARG A 305 3.46 38.09 30.57
N MET A 306 3.36 39.35 30.99
CA MET A 306 2.05 40.01 31.04
C MET A 306 1.44 40.13 29.65
N VAL A 307 2.20 40.69 28.69
CA VAL A 307 1.69 40.84 27.34
C VAL A 307 1.60 39.48 26.66
N GLY A 308 2.58 38.60 26.89
CA GLY A 308 2.51 37.25 26.36
C GLY A 308 3.67 36.86 25.47
N GLY A 309 4.41 35.84 25.88
CA GLY A 309 5.49 35.29 25.09
C GLY A 309 5.83 33.89 25.54
N ASP A 310 5.98 32.94 24.61
CA ASP A 310 6.17 31.55 25.00
C ASP A 310 7.59 31.29 25.47
N HIS A 311 8.58 31.92 24.85
CA HIS A 311 9.96 31.85 25.31
C HIS A 311 10.48 33.25 25.59
N VAL A 312 11.61 33.31 26.28
CA VAL A 312 12.31 34.56 26.53
C VAL A 312 13.73 34.21 26.95
N HIS A 313 14.68 35.02 26.54
CA HIS A 313 16.07 34.82 26.95
C HIS A 313 16.25 35.39 28.35
N THR A 314 16.72 34.56 29.28
CA THR A 314 16.99 35.00 30.63
C THR A 314 18.47 35.28 30.87
N GLY A 315 19.35 34.78 30.00
CA GLY A 315 20.76 35.07 30.12
C GLY A 315 21.49 33.99 30.88
N THR A 316 22.27 33.17 30.18
CA THR A 316 23.04 32.14 30.84
C THR A 316 24.08 32.78 31.77
N VAL A 317 24.21 32.20 32.96
CA VAL A 317 25.13 32.74 33.95
C VAL A 317 26.59 32.52 33.58
N VAL A 318 26.93 31.38 32.98
CA VAL A 318 28.31 30.98 32.77
C VAL A 318 28.74 31.15 31.31
N GLY A 319 27.92 31.80 30.50
CA GLY A 319 28.23 32.03 29.10
C GLY A 319 29.12 33.23 28.88
N LYS A 320 29.06 33.78 27.67
CA LYS A 320 29.85 34.96 27.33
C LYS A 320 29.13 36.26 27.64
N LEU A 321 27.80 36.24 27.74
CA LEU A 321 27.04 37.42 28.08
C LEU A 321 27.01 37.58 29.60
N GLU A 322 27.10 38.83 30.05
CA GLU A 322 27.11 39.10 31.49
C GLU A 322 25.74 38.80 32.09
N GLY A 323 25.75 38.25 33.30
CA GLY A 323 24.52 37.92 33.99
C GLY A 323 24.77 37.30 35.34
N ASP A 324 24.03 37.75 36.35
CA ASP A 324 24.21 37.25 37.71
C ASP A 324 23.60 35.87 37.85
N ARG A 325 24.02 35.16 38.89
CA ARG A 325 23.51 33.81 39.15
C ARG A 325 22.29 33.83 40.06
N ALA A 326 22.37 34.51 41.20
CA ALA A 326 21.23 34.57 42.11
C ALA A 326 20.06 35.32 41.48
N GLU A 327 20.34 36.42 40.78
CA GLU A 327 19.27 37.20 40.18
C GLU A 327 18.61 36.45 39.03
N THR A 328 19.39 35.65 38.27
CA THR A 328 18.79 34.85 37.21
C THR A 328 17.89 33.76 37.78
N LEU A 329 18.22 33.22 38.96
CA LEU A 329 17.34 32.24 39.59
C LEU A 329 15.98 32.85 39.91
N GLY A 330 15.97 34.09 40.40
CA GLY A 330 14.70 34.75 40.66
C GLY A 330 13.91 35.01 39.40
N ILE A 331 14.59 35.38 38.31
CA ILE A 331 13.91 35.60 37.04
C ILE A 331 13.29 34.30 36.54
N ALA A 332 14.00 33.19 36.66
CA ALA A 332 13.46 31.89 36.26
C ALA A 332 12.22 31.54 37.07
N ASP A 333 12.25 31.83 38.37
CA ASP A 333 11.06 31.62 39.20
C ASP A 333 9.96 32.61 38.85
N LEU A 334 10.33 33.83 38.46
CA LEU A 334 9.36 34.85 38.11
C LEU A 334 8.66 34.58 36.79
N LEU A 335 9.24 33.75 35.93
CA LEU A 335 8.65 33.44 34.63
C LEU A 335 7.92 32.11 34.62
N ARG A 336 8.23 31.19 35.54
CA ARG A 336 7.69 29.86 35.53
C ARG A 336 6.60 29.62 36.58
N GLU A 337 6.73 30.22 37.75
CA GLU A 337 5.89 29.85 38.88
C GLU A 337 4.68 30.77 39.00
N ASP A 338 3.64 30.25 39.65
CA ASP A 338 2.38 30.99 39.81
C ASP A 338 2.51 32.11 40.84
N TYR A 339 3.20 31.85 41.94
CA TYR A 339 3.39 32.84 42.99
C TYR A 339 4.87 32.94 43.32
N VAL A 340 5.38 34.17 43.38
CA VAL A 340 6.80 34.41 43.63
C VAL A 340 6.96 35.24 44.90
N PRO A 341 7.28 34.63 46.03
CA PRO A 341 7.51 35.41 47.26
C PRO A 341 8.80 36.22 47.17
N ALA A 342 8.85 37.28 47.97
CA ALA A 342 10.02 38.15 47.98
C ALA A 342 11.25 37.39 48.48
N ASP A 343 12.41 37.78 47.96
CA ASP A 343 13.67 37.16 48.33
C ASP A 343 14.80 38.15 48.10
N PRO A 344 15.24 38.87 49.14
CA PRO A 344 16.30 39.87 48.95
C PRO A 344 17.60 39.29 48.42
N GLY A 345 17.86 38.01 48.66
CA GLY A 345 19.03 37.38 48.07
C GLY A 345 18.99 37.38 46.55
N ARG A 346 17.82 37.14 45.99
CA ARG A 346 17.63 37.11 44.54
C ARG A 346 17.11 38.43 43.98
N GLY A 347 17.11 39.49 44.79
CA GLY A 347 16.71 40.80 44.32
C GLY A 347 15.23 40.99 44.10
N LEU A 348 14.39 40.05 44.52
CA LEU A 348 12.94 40.17 44.36
C LEU A 348 12.41 41.01 45.51
N PHE A 349 12.19 42.29 45.24
CA PHE A 349 11.74 43.22 46.27
C PHE A 349 10.33 42.90 46.74
N PHE A 350 9.44 42.56 45.83
CA PHE A 350 8.02 42.43 46.12
C PHE A 350 7.54 41.00 45.96
N ASP A 351 6.39 40.72 46.57
CA ASP A 351 5.67 39.46 46.38
C ASP A 351 4.77 39.60 45.17
N GLN A 352 4.92 38.70 44.20
CA GLN A 352 4.22 38.80 42.92
C GLN A 352 3.30 37.60 42.75
N ASP A 353 2.00 37.88 42.58
CA ASP A 353 1.00 36.87 42.26
C ASP A 353 0.64 37.00 40.79
N TRP A 354 0.65 35.87 40.08
CA TRP A 354 0.50 35.90 38.64
C TRP A 354 -0.94 35.69 38.16
N ALA A 355 -1.87 35.39 39.07
CA ALA A 355 -3.30 35.42 38.78
C ALA A 355 -3.67 34.57 37.57
N GLY A 356 -3.08 33.38 37.50
CA GLY A 356 -3.45 32.42 36.48
C GLY A 356 -2.82 32.62 35.12
N LEU A 357 -1.93 33.60 34.97
CA LEU A 357 -1.21 33.74 33.71
C LEU A 357 -0.24 32.58 33.54
N LYS A 358 -0.39 31.85 32.44
CA LYS A 358 0.38 30.64 32.23
C LYS A 358 1.86 30.98 32.01
N PRO A 359 2.77 30.06 32.34
CA PRO A 359 4.18 30.42 32.48
C PRO A 359 4.88 30.55 31.12
N VAL A 360 6.18 30.82 31.19
CA VAL A 360 7.01 31.10 30.04
C VAL A 360 8.25 30.21 30.11
N PHE A 361 8.63 29.63 28.98
CA PHE A 361 9.91 28.95 28.90
C PHE A 361 11.05 29.95 29.03
N PRO A 362 11.97 29.77 29.97
CA PRO A 362 13.20 30.54 29.95
C PRO A 362 14.21 29.92 29.00
N VAL A 363 15.03 30.78 28.38
CA VAL A 363 15.98 30.37 27.36
C VAL A 363 17.37 30.82 27.80
N ALA A 364 18.32 29.89 27.81
CA ALA A 364 19.70 30.16 28.16
C ALA A 364 20.54 30.07 26.89
N SER A 365 21.06 31.21 26.44
CA SER A 365 21.86 31.27 25.24
C SER A 365 23.09 32.16 25.48
N GLY A 366 24.13 31.89 24.73
CA GLY A 366 25.39 32.61 24.89
C GLY A 366 26.54 31.70 24.49
N GLY A 367 27.74 32.12 24.90
CA GLY A 367 28.93 31.34 24.61
C GLY A 367 29.04 30.10 25.47
N ILE A 368 28.06 29.20 25.35
CA ILE A 368 28.00 28.00 26.16
C ILE A 368 28.32 26.80 25.27
N HIS A 369 28.90 25.78 25.90
CA HIS A 369 29.26 24.54 25.21
C HIS A 369 28.95 23.38 26.14
N VAL A 370 29.51 22.21 25.83
CA VAL A 370 29.20 21.00 26.59
C VAL A 370 29.65 21.14 28.04
N TRP A 371 30.77 21.81 28.28
CA TRP A 371 31.29 21.91 29.63
C TRP A 371 30.34 22.68 30.55
N HIS A 372 29.48 23.52 29.99
CA HIS A 372 28.54 24.31 30.77
C HIS A 372 27.22 23.59 31.00
N VAL A 373 27.04 22.39 30.46
CA VAL A 373 25.79 21.66 30.63
C VAL A 373 25.50 21.35 32.10
N PRO A 374 26.43 20.82 32.91
CA PRO A 374 26.06 20.50 34.30
C PRO A 374 25.63 21.72 35.11
N ASP A 375 26.33 22.84 34.96
CA ASP A 375 25.96 24.04 35.69
C ASP A 375 24.59 24.54 35.21
N LEU A 376 24.34 24.50 33.91
CA LEU A 376 23.09 25.00 33.37
C LEU A 376 21.90 24.19 33.87
N VAL A 377 22.03 22.87 33.91
CA VAL A 377 20.94 22.03 34.40
C VAL A 377 20.68 22.29 35.87
N SER A 378 21.74 22.60 36.64
CA SER A 378 21.57 22.95 38.04
C SER A 378 20.70 24.18 38.21
N ILE A 379 20.94 25.20 37.38
CA ILE A 379 20.21 26.46 37.53
C ILE A 379 18.79 26.34 37.02
N PHE A 380 18.63 25.92 35.77
CA PHE A 380 17.35 26.03 35.08
C PHE A 380 16.48 24.78 35.18
N GLY A 381 17.01 23.68 35.71
CA GLY A 381 16.19 22.47 35.79
C GLY A 381 15.88 21.92 34.41
N ASP A 382 14.66 21.44 34.25
CA ASP A 382 14.23 20.81 33.00
C ASP A 382 13.34 21.71 32.14
N ASP A 383 12.73 22.73 32.71
CA ASP A 383 11.83 23.60 31.95
C ASP A 383 12.58 24.83 31.46
N ALA A 384 13.49 24.60 30.53
CA ALA A 384 14.27 25.68 29.93
C ALA A 384 14.83 25.23 28.59
N PHE A 385 15.19 26.22 27.79
CA PHE A 385 15.85 25.99 26.51
C PHE A 385 17.34 26.30 26.63
N PHE A 386 18.16 25.43 26.05
CA PHE A 386 19.60 25.66 25.95
C PHE A 386 19.94 25.84 24.48
N LEU A 387 20.56 26.97 24.15
CA LEU A 387 20.91 27.30 22.78
C LEU A 387 22.42 27.24 22.63
N PHE A 388 22.90 26.40 21.72
CA PHE A 388 24.32 26.27 21.42
C PHE A 388 24.53 26.78 20.00
N GLY A 389 24.73 28.09 19.88
CA GLY A 389 25.01 28.68 18.58
C GLY A 389 26.37 28.30 18.07
N GLY A 390 27.42 28.77 18.76
CA GLY A 390 28.77 28.36 18.41
C GLY A 390 29.21 27.05 19.01
N GLY A 391 28.49 26.54 20.01
CA GLY A 391 28.81 25.26 20.60
C GLY A 391 28.36 24.06 19.81
N THR A 392 27.61 24.28 18.73
CA THR A 392 27.21 23.24 17.80
C THR A 392 28.02 23.32 16.52
N HIS A 393 28.08 24.50 15.92
CA HIS A 393 28.77 24.71 14.66
C HIS A 393 30.28 24.78 14.82
N GLY A 394 30.76 24.95 16.05
CA GLY A 394 32.19 24.98 16.33
C GLY A 394 32.81 23.63 16.59
N HIS A 395 32.03 22.57 16.53
CA HIS A 395 32.57 21.22 16.68
C HIS A 395 33.56 20.94 15.55
N PRO A 396 34.65 20.23 15.83
CA PRO A 396 35.67 20.03 14.79
C PRO A 396 35.23 19.11 13.66
N ARG A 397 33.97 18.69 13.65
CA ARG A 397 33.48 17.79 12.60
C ARG A 397 32.11 18.19 12.07
N GLY A 398 31.74 19.47 12.18
CA GLY A 398 30.51 19.96 11.60
C GLY A 398 29.38 20.08 12.61
N SER A 399 28.21 20.45 12.09
CA SER A 399 27.05 20.70 12.93
C SER A 399 26.39 19.41 13.41
N ARG A 400 26.39 18.36 12.60
CA ARG A 400 25.75 17.12 13.00
C ARG A 400 26.44 16.51 14.22
N ALA A 401 27.78 16.56 14.25
CA ALA A 401 28.50 16.08 15.42
C ALA A 401 28.29 17.02 16.60
N GLY A 402 28.28 18.33 16.36
CA GLY A 402 28.08 19.28 17.44
C GLY A 402 26.72 19.13 18.10
N ALA A 403 25.68 18.92 17.31
CA ALA A 403 24.35 18.72 17.88
C ALA A 403 24.30 17.43 18.69
N THR A 404 24.92 16.36 18.18
CA THR A 404 24.95 15.10 18.92
C THR A 404 25.70 15.24 20.23
N ALA A 405 26.81 15.99 20.23
CA ALA A 405 27.59 16.18 21.44
C ALA A 405 26.77 16.90 22.51
N ASN A 406 26.09 17.98 22.14
CA ASN A 406 25.27 18.71 23.09
C ASN A 406 24.09 17.88 23.56
N ARG A 407 23.45 17.15 22.65
CA ARG A 407 22.32 16.31 23.02
C ARG A 407 22.75 15.20 23.97
N VAL A 408 23.90 14.59 23.71
CA VAL A 408 24.40 13.55 24.62
C VAL A 408 24.78 14.15 25.96
N ALA A 409 25.37 15.34 25.95
CA ALA A 409 25.78 15.98 27.20
C ALA A 409 24.59 16.26 28.10
N VAL A 410 23.51 16.81 27.52
CA VAL A 410 22.34 17.15 28.32
C VAL A 410 21.65 15.88 28.82
N GLU A 411 21.46 14.91 27.94
CA GLU A 411 20.75 13.69 28.32
C GLU A 411 21.53 12.90 29.37
N ALA A 412 22.86 12.99 29.33
CA ALA A 412 23.66 12.27 30.32
C ALA A 412 23.62 12.96 31.67
N VAL A 413 23.71 14.30 31.68
CA VAL A 413 23.69 15.04 32.95
C VAL A 413 22.33 14.91 33.63
N VAL A 414 21.25 14.97 32.85
CA VAL A 414 19.92 14.85 33.41
C VAL A 414 19.73 13.47 34.04
N GLN A 415 20.18 12.42 33.35
CA GLN A 415 20.04 11.07 33.87
C GLN A 415 20.75 10.91 35.20
N ALA A 416 21.96 11.46 35.33
CA ALA A 416 22.67 11.40 36.59
C ALA A 416 21.93 12.17 37.68
N ARG A 417 21.39 13.34 37.34
CA ARG A 417 20.62 14.11 38.32
C ARG A 417 19.38 13.34 38.77
N ASN A 418 18.72 12.65 37.84
CA ASN A 418 17.58 11.82 38.21
C ASN A 418 17.99 10.61 39.04
N GLU A 419 19.24 10.17 38.92
CA GLU A 419 19.75 9.05 39.71
C GLU A 419 20.26 9.47 41.07
N GLY A 420 20.26 10.76 41.38
CA GLY A 420 20.62 11.24 42.71
C GLY A 420 22.02 11.78 42.85
N ARG A 421 22.81 11.80 41.79
CA ARG A 421 24.17 12.31 41.89
C ARG A 421 24.16 13.84 42.02
N ASP A 422 25.24 14.36 42.59
CA ASP A 422 25.40 15.80 42.79
C ASP A 422 25.98 16.40 41.51
N ILE A 423 25.16 17.15 40.78
CA ILE A 423 25.55 17.61 39.46
C ILE A 423 26.70 18.61 39.54
N LEU A 424 26.60 19.57 40.46
CA LEU A 424 27.61 20.63 40.53
C LEU A 424 29.00 20.05 40.80
N ALA A 425 29.08 18.96 41.55
CA ALA A 425 30.35 18.36 41.90
C ALA A 425 30.80 17.29 40.91
N GLU A 426 29.85 16.61 40.26
CA GLU A 426 30.18 15.49 39.40
C GLU A 426 29.97 15.79 37.92
N GLY A 427 29.85 17.06 37.53
CA GLY A 427 29.66 17.37 36.12
C GLY A 427 30.80 16.88 35.25
N ARG A 428 32.03 17.11 35.69
CA ARG A 428 33.18 16.66 34.91
C ARG A 428 33.19 15.14 34.79
N GLU A 429 32.88 14.44 35.87
CA GLU A 429 32.89 12.98 35.84
C GLU A 429 31.77 12.44 34.94
N ILE A 430 30.59 13.04 35.01
CA ILE A 430 29.48 12.62 34.16
C ILE A 430 29.83 12.83 32.69
N LEU A 431 30.39 13.99 32.37
CA LEU A 431 30.74 14.29 30.99
C LEU A 431 31.83 13.35 30.48
N GLU A 432 32.83 13.06 31.32
CA GLU A 432 33.87 12.12 30.92
C GLU A 432 33.29 10.73 30.72
N GLU A 433 32.39 10.29 31.60
CA GLU A 433 31.80 8.97 31.48
C GLU A 433 30.95 8.86 30.23
N ALA A 434 30.27 9.95 29.85
CA ALA A 434 29.47 9.93 28.63
C ALA A 434 30.35 9.97 27.38
N ALA A 435 31.43 10.77 27.40
CA ALA A 435 32.35 10.78 26.27
C ALA A 435 33.05 9.45 26.12
N ARG A 436 33.16 8.70 27.23
CA ARG A 436 33.75 7.37 27.21
C ARG A 436 33.03 6.44 26.23
N TRP A 437 31.76 6.71 25.94
CA TRP A 437 31.03 5.94 24.95
C TRP A 437 30.49 6.77 23.79
N CYS A 438 30.65 8.09 23.82
CA CYS A 438 30.26 8.95 22.71
C CYS A 438 31.46 9.75 22.21
N PRO A 439 31.94 9.50 21.00
CA PRO A 439 33.09 10.27 20.50
C PRO A 439 32.78 11.73 20.24
N GLU A 440 31.56 12.05 19.82
CA GLU A 440 31.21 13.43 19.50
C GLU A 440 31.36 14.34 20.71
N LEU A 441 30.91 13.87 21.87
CA LEU A 441 31.11 14.63 23.10
C LEU A 441 32.59 14.68 23.47
N ARG A 442 33.34 13.62 23.19
CA ARG A 442 34.76 13.59 23.52
C ARG A 442 35.52 14.68 22.76
N GLU A 443 35.24 14.82 21.46
CA GLU A 443 35.91 15.85 20.68
C GLU A 443 35.47 17.25 21.10
N ALA A 444 34.20 17.38 21.49
CA ALA A 444 33.71 18.68 21.94
C ALA A 444 34.40 19.12 23.23
N MET A 445 34.59 18.20 24.18
CA MET A 445 35.21 18.57 25.44
C MET A 445 36.69 18.88 25.28
N GLU A 446 37.41 18.03 24.56
CA GLU A 446 38.85 18.24 24.41
C GLU A 446 39.19 19.48 23.59
N LEU A 447 38.20 20.08 22.92
CA LEU A 447 38.44 21.29 22.15
C LEU A 447 38.22 22.54 22.99
N TRP A 448 37.22 22.54 23.85
CA TRP A 448 36.84 23.71 24.63
C TRP A 448 37.25 23.54 26.09
N GLY A 449 37.59 24.66 26.72
CA GLY A 449 38.00 24.65 28.11
C GLY A 449 39.32 23.93 28.35
N ARG B 3 33.06 16.59 3.35
CA ARG B 3 33.75 16.51 4.64
C ARG B 3 34.96 17.43 4.70
N ALA B 4 34.76 18.69 4.32
CA ALA B 4 35.83 19.68 4.32
C ALA B 4 36.30 19.97 5.75
N GLN B 5 37.56 20.35 5.88
CA GLN B 5 38.20 20.57 7.17
C GLN B 5 38.50 22.06 7.35
N TYR B 6 38.29 22.55 8.58
CA TYR B 6 38.58 23.93 8.91
C TYR B 6 39.39 24.00 10.20
N GLU B 7 39.60 25.21 10.73
CA GLU B 7 40.49 25.37 11.88
C GLU B 7 39.90 24.74 13.14
N ALA B 8 38.64 25.03 13.44
CA ALA B 8 37.92 24.46 14.58
C ALA B 8 38.65 24.77 15.90
N GLY B 9 38.68 26.06 16.21
CA GLY B 9 39.30 26.50 17.45
C GLY B 9 38.67 27.75 18.04
N VAL B 10 39.34 28.33 19.03
CA VAL B 10 38.93 29.60 19.64
C VAL B 10 40.07 30.58 19.43
N ARG B 11 39.80 31.65 18.67
CA ARG B 11 40.82 32.60 18.28
C ARG B 11 40.39 34.01 18.65
N PRO B 12 41.34 34.92 18.86
CA PRO B 12 41.00 36.29 19.21
C PRO B 12 40.19 36.98 18.12
N TYR B 13 39.34 37.92 18.54
CA TYR B 13 38.51 38.66 17.61
C TYR B 13 39.31 39.60 16.72
N ARG B 14 40.51 39.99 17.15
CA ARG B 14 41.28 41.02 16.45
C ARG B 14 42.09 40.49 15.28
N GLU B 15 42.12 39.17 15.06
CA GLU B 15 42.84 38.62 13.93
C GLU B 15 41.96 38.44 12.69
N THR B 16 40.65 38.67 12.82
CA THR B 16 39.76 38.62 11.67
C THR B 16 38.69 39.71 11.71
N TYR B 17 38.70 40.60 12.69
CA TYR B 17 37.70 41.67 12.74
C TYR B 17 38.32 43.02 13.09
N TYR B 18 39.64 43.10 13.24
CA TYR B 18 40.35 44.36 13.37
C TYR B 18 41.25 44.51 12.17
N ASP B 19 41.03 45.57 11.39
CA ASP B 19 41.73 45.77 10.11
C ASP B 19 42.04 47.25 9.97
N PRO B 20 43.12 47.72 10.60
CA PRO B 20 43.41 49.16 10.61
C PRO B 20 43.68 49.75 9.24
N ASP B 21 44.10 48.94 8.27
CA ASP B 21 44.38 49.45 6.94
C ASP B 21 43.14 49.62 6.08
N TYR B 22 41.97 49.23 6.59
CA TYR B 22 40.73 49.38 5.83
C TYR B 22 40.39 50.85 5.65
N GLU B 23 39.86 51.18 4.47
CA GLU B 23 39.35 52.51 4.19
C GLU B 23 37.85 52.42 3.94
N PRO B 24 37.02 53.08 4.73
CA PRO B 24 35.58 52.92 4.57
C PRO B 24 35.10 53.46 3.24
N LYS B 25 34.13 52.77 2.65
CA LYS B 25 33.51 53.22 1.42
C LYS B 25 32.51 54.34 1.73
N ASP B 26 31.89 54.88 0.69
CA ASP B 26 30.80 55.83 0.86
C ASP B 26 29.44 55.13 0.96
N THR B 27 29.41 53.81 0.87
CA THR B 27 28.19 53.02 1.06
C THR B 27 28.24 52.21 2.35
N ASP B 28 29.14 52.55 3.26
CA ASP B 28 29.34 51.81 4.49
C ASP B 28 28.70 52.55 5.66
N LEU B 29 28.13 51.79 6.58
CA LEU B 29 27.68 52.35 7.85
C LEU B 29 28.87 52.47 8.78
N LEU B 30 29.06 53.67 9.33
CA LEU B 30 30.17 53.93 10.24
C LEU B 30 29.62 54.22 11.63
N CYS B 31 30.07 53.45 12.61
CA CYS B 31 29.61 53.57 13.99
C CYS B 31 30.78 53.92 14.89
N ALA B 32 30.61 54.94 15.72
CA ALA B 32 31.60 55.31 16.72
C ALA B 32 31.16 54.76 18.07
N PHE B 33 32.02 53.96 18.69
CA PHE B 33 31.70 53.31 19.96
C PHE B 33 32.68 53.78 21.03
N ARG B 34 32.14 54.10 22.20
CA ARG B 34 32.94 54.54 23.34
C ARG B 34 33.05 53.35 24.30
N ILE B 35 34.11 52.57 24.10
CA ILE B 35 34.25 51.28 24.77
C ILE B 35 35.05 51.44 26.05
N THR B 36 34.67 50.64 27.06
CA THR B 36 35.45 50.49 28.28
C THR B 36 35.65 48.99 28.49
N PRO B 37 36.84 48.47 28.21
CA PRO B 37 37.05 47.03 28.28
C PRO B 37 37.24 46.55 29.71
N LYS B 38 37.00 45.26 29.91
CA LYS B 38 37.32 44.62 31.17
C LYS B 38 38.84 44.71 31.41
N PRO B 39 39.27 44.97 32.63
CA PRO B 39 40.71 45.17 32.88
C PRO B 39 41.52 43.98 32.40
N GLY B 40 42.67 44.28 31.80
CA GLY B 40 43.52 43.30 31.15
C GLY B 40 43.26 43.15 29.66
N VAL B 41 41.99 43.09 29.29
CA VAL B 41 41.63 42.98 27.87
C VAL B 41 42.03 44.25 27.14
N PRO B 42 42.77 44.18 26.04
CA PRO B 42 43.22 45.40 25.37
C PRO B 42 42.09 46.09 24.63
N MET B 43 42.31 47.39 24.38
CA MET B 43 41.30 48.19 23.68
C MET B 43 41.00 47.62 22.30
N GLU B 44 42.03 47.29 21.54
CA GLU B 44 41.85 46.83 20.16
C GLU B 44 41.29 45.41 20.09
N GLU B 45 41.21 44.70 21.21
CA GLU B 45 40.60 43.36 21.23
C GLU B 45 39.13 43.40 21.58
N ALA B 46 38.74 44.27 22.52
CA ALA B 46 37.31 44.44 22.80
C ALA B 46 36.62 45.17 21.66
N ALA B 47 37.34 46.07 20.98
CA ALA B 47 36.76 46.76 19.83
C ALA B 47 36.44 45.78 18.71
N ALA B 48 37.32 44.82 18.46
CA ALA B 48 37.04 43.81 17.45
C ALA B 48 35.91 42.89 17.89
N ALA B 49 35.73 42.73 19.20
CA ALA B 49 34.60 41.95 19.70
C ALA B 49 33.28 42.62 19.36
N VAL B 50 33.21 43.94 19.49
CA VAL B 50 31.98 44.66 19.17
C VAL B 50 31.65 44.52 17.69
N ALA B 51 32.65 44.67 16.83
CA ALA B 51 32.42 44.55 15.40
C ALA B 51 32.10 43.12 14.99
N ALA B 52 32.62 42.14 15.71
CA ALA B 52 32.35 40.75 15.36
C ALA B 52 30.91 40.36 15.68
N GLU B 53 30.38 40.81 16.81
CA GLU B 53 29.07 40.37 17.27
C GLU B 53 27.95 41.31 16.85
N SER B 54 28.26 42.39 16.15
CA SER B 54 27.27 43.14 15.38
C SER B 54 27.33 42.78 13.91
N SER B 55 28.08 41.73 13.57
CA SER B 55 28.27 41.25 12.21
C SER B 55 28.43 39.74 12.27
N THR B 56 28.99 39.15 11.22
CA THR B 56 28.96 37.70 11.02
C THR B 56 29.66 36.87 12.10
N GLY B 57 30.26 37.50 13.10
CA GLY B 57 31.12 36.80 14.03
C GLY B 57 30.39 36.01 15.11
N THR B 58 31.19 35.27 15.86
CA THR B 58 30.76 34.49 17.03
C THR B 58 32.01 34.14 17.83
N TRP B 59 31.85 33.34 18.88
CA TRP B 59 32.95 33.11 19.82
C TRP B 59 33.88 31.98 19.41
N THR B 60 33.61 31.32 18.28
CA THR B 60 34.48 30.25 17.78
C THR B 60 34.47 30.28 16.26
N GLU B 61 35.45 29.61 15.66
CA GLU B 61 35.34 29.28 14.25
C GLU B 61 34.24 28.26 14.05
N VAL B 62 33.41 28.50 13.04
CA VAL B 62 32.34 27.59 12.67
C VAL B 62 32.59 27.10 11.26
N TRP B 63 32.21 25.84 10.99
CA TRP B 63 32.44 25.28 9.67
C TRP B 63 31.63 25.99 8.59
N SER B 64 30.54 26.66 8.97
CA SER B 64 29.73 27.38 8.00
C SER B 64 30.45 28.60 7.43
N ASN B 65 31.52 29.07 8.08
CA ASN B 65 32.24 30.23 7.59
C ASN B 65 32.78 30.03 6.19
N LEU B 66 33.02 28.77 5.77
CA LEU B 66 33.50 28.49 4.43
C LEU B 66 32.39 28.39 3.41
N LEU B 67 31.12 28.39 3.84
CA LEU B 67 30.03 28.28 2.89
C LEU B 67 29.82 29.56 2.10
N THR B 68 29.97 30.71 2.76
CA THR B 68 29.86 32.00 2.09
C THR B 68 31.12 32.81 2.35
N ASP B 69 31.41 33.74 1.45
CA ASP B 69 32.52 34.64 1.65
C ASP B 69 32.25 35.54 2.85
N LEU B 70 33.25 35.70 3.70
CA LEU B 70 33.08 36.43 4.95
C LEU B 70 33.62 37.85 4.89
N GLU B 71 34.60 38.12 4.02
CA GLU B 71 35.17 39.46 3.95
C GLU B 71 34.23 40.44 3.27
N ARG B 72 33.26 39.95 2.52
CA ARG B 72 32.27 40.81 1.87
C ARG B 72 31.25 41.37 2.85
N TYR B 73 30.93 40.63 3.91
CA TYR B 73 29.88 41.01 4.84
C TYR B 73 30.38 41.38 6.23
N LYS B 74 31.54 40.89 6.64
CA LYS B 74 32.02 41.13 8.00
C LYS B 74 32.28 42.62 8.24
N ALA B 75 31.92 43.08 9.43
CA ALA B 75 32.33 44.40 9.87
C ALA B 75 33.77 44.35 10.37
N ARG B 76 34.38 45.52 10.50
CA ARG B 76 35.76 45.59 10.96
C ARG B 76 36.03 46.94 11.57
N CYS B 77 36.61 46.95 12.77
CA CYS B 77 36.99 48.20 13.43
C CYS B 77 38.20 48.76 12.71
N TYR B 78 37.96 49.74 11.83
CA TYR B 78 39.02 50.21 10.96
C TYR B 78 39.92 51.27 11.59
N ARG B 79 39.58 51.76 12.79
CA ARG B 79 40.38 52.82 13.39
C ARG B 79 39.97 52.97 14.85
N ILE B 80 40.96 53.22 15.71
CA ILE B 80 40.74 53.46 17.13
C ILE B 80 41.49 54.72 17.53
N GLU B 81 40.79 55.65 18.18
CA GLU B 81 41.39 56.89 18.68
C GLU B 81 41.57 56.86 20.19
N GLY B 82 41.96 55.71 20.73
CA GLY B 82 42.19 55.56 22.15
C GLY B 82 40.97 55.08 22.91
N ASP B 83 39.96 55.94 23.04
CA ASP B 83 38.73 55.58 23.74
C ASP B 83 37.57 55.31 22.80
N VAL B 84 37.57 55.93 21.62
CA VAL B 84 36.50 55.77 20.64
C VAL B 84 36.98 54.80 19.56
N ALA B 85 36.22 53.74 19.32
CA ALA B 85 36.53 52.77 18.28
C ALA B 85 35.56 52.94 17.13
N TYR B 86 36.09 53.09 15.93
CA TYR B 86 35.28 53.26 14.73
C TYR B 86 35.10 51.92 14.04
N ILE B 87 33.87 51.62 13.66
CA ILE B 87 33.53 50.34 13.05
C ILE B 87 32.73 50.61 11.78
N ALA B 88 33.05 49.87 10.71
CA ALA B 88 32.41 50.04 9.42
C ALA B 88 31.58 48.82 9.08
N TYR B 89 30.31 49.03 8.76
CA TYR B 89 29.40 47.96 8.42
C TYR B 89 29.03 48.03 6.94
N PRO B 90 29.08 46.92 6.21
CA PRO B 90 28.67 46.94 4.81
C PRO B 90 27.18 47.22 4.66
N LEU B 91 26.84 47.85 3.54
CA LEU B 91 25.44 48.13 3.24
C LEU B 91 24.62 46.87 3.09
N ASP B 92 25.24 45.76 2.69
CA ASP B 92 24.52 44.51 2.45
C ASP B 92 24.00 43.87 3.72
N LEU B 93 24.44 44.33 4.89
CA LEU B 93 24.06 43.69 6.15
C LEU B 93 22.71 44.15 6.68
N PHE B 94 22.08 45.14 6.06
CA PHE B 94 20.91 45.79 6.64
C PHE B 94 19.73 45.73 5.69
N GLU B 95 18.55 45.56 6.26
CA GLU B 95 17.30 45.58 5.52
C GLU B 95 16.96 47.00 5.08
N GLU B 96 16.35 47.11 3.91
CA GLU B 96 16.04 48.41 3.33
C GLU B 96 14.82 49.02 4.01
N GLY B 97 14.97 50.24 4.51
CA GLY B 97 13.86 50.96 5.10
C GLY B 97 13.31 50.37 6.38
N SER B 98 14.19 49.97 7.30
CA SER B 98 13.76 49.44 8.59
C SER B 98 14.75 49.89 9.65
N ILE B 99 14.30 50.77 10.56
CA ILE B 99 15.12 51.15 11.71
C ILE B 99 15.27 49.96 12.66
N VAL B 100 14.38 48.98 12.57
CA VAL B 100 14.43 47.84 13.47
C VAL B 100 15.71 47.04 13.24
N ASN B 101 16.07 46.79 11.98
CA ASN B 101 17.23 45.96 11.68
C ASN B 101 18.53 46.69 11.97
N ILE B 102 18.60 47.99 11.64
CA ILE B 102 19.80 48.76 11.93
C ILE B 102 20.04 48.85 13.44
N MET B 103 19.02 48.57 14.24
CA MET B 103 19.12 48.58 15.69
C MET B 103 19.09 47.18 16.29
N SER B 104 18.48 46.21 15.59
CA SER B 104 18.56 44.83 16.05
C SER B 104 19.98 44.29 15.92
N SER B 105 20.73 44.78 14.93
CA SER B 105 22.07 44.26 14.69
C SER B 105 23.13 45.07 15.43
N ILE B 106 23.09 46.40 15.30
CA ILE B 106 24.19 47.22 15.79
C ILE B 106 24.23 47.24 17.31
N VAL B 107 23.08 47.41 17.95
CA VAL B 107 23.02 47.48 19.41
C VAL B 107 22.36 46.24 20.01
N GLY B 108 22.27 45.15 19.26
CA GLY B 108 21.58 43.97 19.73
C GLY B 108 22.25 43.26 20.89
N ASN B 109 23.41 42.64 20.64
CA ASN B 109 24.09 41.85 21.65
C ASN B 109 25.42 42.43 22.10
N VAL B 110 25.91 43.51 21.47
CA VAL B 110 27.24 44.02 21.76
C VAL B 110 27.35 44.71 23.11
N PHE B 111 26.22 44.98 23.76
CA PHE B 111 26.23 45.75 25.00
C PHE B 111 26.36 44.89 26.26
N GLY B 112 25.96 43.62 26.20
CA GLY B 112 25.95 42.79 27.39
C GLY B 112 27.13 41.85 27.52
N PHE B 113 28.19 42.10 26.77
CA PHE B 113 29.34 41.20 26.78
C PHE B 113 30.19 41.36 28.02
N LYS B 114 30.70 40.25 28.53
CA LYS B 114 31.61 40.29 29.67
C LYS B 114 32.91 41.00 29.31
N ALA B 115 33.33 40.92 28.04
CA ALA B 115 34.59 41.52 27.64
C ALA B 115 34.56 43.04 27.81
N VAL B 116 33.45 43.67 27.46
CA VAL B 116 33.31 45.11 27.55
C VAL B 116 32.54 45.44 28.83
N GLN B 117 33.20 46.16 29.75
CA GLN B 117 32.54 46.55 30.98
C GLN B 117 31.42 47.55 30.71
N ALA B 118 31.65 48.47 29.77
CA ALA B 118 30.65 49.47 29.42
C ALA B 118 30.88 49.89 27.97
N LEU B 119 29.79 50.25 27.30
CA LEU B 119 29.85 50.55 25.87
C LEU B 119 28.77 51.57 25.53
N ARG B 120 29.14 52.59 24.75
CA ARG B 120 28.22 53.62 24.31
C ARG B 120 28.33 53.80 22.81
N LEU B 121 27.20 54.04 22.15
CA LEU B 121 27.15 54.34 20.73
C LEU B 121 27.05 55.85 20.57
N GLU B 122 28.19 56.50 20.34
CA GLU B 122 28.24 57.95 20.35
C GLU B 122 27.62 58.56 19.09
N ASP B 123 27.89 57.98 17.93
CA ASP B 123 27.43 58.55 16.66
C ASP B 123 27.36 57.43 15.63
N MET B 124 26.84 57.76 14.46
CA MET B 124 26.76 56.79 13.37
C MET B 124 26.50 57.51 12.06
N ARG B 125 27.22 57.11 11.02
CA ARG B 125 27.08 57.67 9.68
C ARG B 125 26.18 56.76 8.86
N ILE B 126 25.08 57.30 8.35
CA ILE B 126 24.15 56.56 7.51
C ILE B 126 24.45 56.91 6.05
N PRO B 127 24.78 55.93 5.21
CA PRO B 127 25.13 56.24 3.83
C PRO B 127 23.91 56.68 3.03
N VAL B 128 24.17 57.49 2.00
CA VAL B 128 23.09 58.00 1.15
C VAL B 128 22.36 56.85 0.46
N ALA B 129 23.06 55.76 0.17
CA ALA B 129 22.42 54.59 -0.42
C ALA B 129 21.36 54.01 0.53
N TYR B 130 21.71 53.87 1.80
CA TYR B 130 20.75 53.37 2.79
C TYR B 130 19.71 54.43 3.11
N LEU B 131 20.11 55.70 3.13
CA LEU B 131 19.22 56.76 3.56
C LEU B 131 18.05 56.97 2.61
N LYS B 132 18.21 56.58 1.34
CA LYS B 132 17.18 56.85 0.35
C LYS B 132 16.07 55.80 0.34
N THR B 133 16.25 54.67 1.02
CA THR B 133 15.19 53.68 1.16
C THR B 133 14.16 54.05 2.22
N PHE B 134 14.33 55.19 2.87
CA PHE B 134 13.48 55.66 3.95
C PHE B 134 12.61 56.82 3.50
N PRO B 135 11.40 56.96 4.05
CA PRO B 135 10.50 58.03 3.60
C PRO B 135 10.84 59.38 4.19
N GLY B 136 11.30 59.42 5.43
CA GLY B 136 11.59 60.66 6.11
C GLY B 136 10.33 61.29 6.67
N PRO B 137 10.46 62.52 7.19
CA PRO B 137 9.31 63.21 7.78
C PRO B 137 8.20 63.39 6.75
N PRO B 138 6.94 63.31 7.18
CA PRO B 138 5.83 63.50 6.24
C PRO B 138 5.78 64.91 5.66
N THR B 139 5.80 65.92 6.52
CA THR B 139 5.59 67.31 6.09
C THR B 139 6.83 68.17 6.24
N GLY B 140 7.62 67.98 7.28
CA GLY B 140 8.80 68.81 7.49
C GLY B 140 8.43 70.19 7.99
N ILE B 141 9.46 71.02 8.14
CA ILE B 141 9.28 72.35 8.74
C ILE B 141 8.46 73.25 7.84
N GLN B 142 8.80 73.29 6.54
CA GLN B 142 8.24 74.32 5.67
C GLN B 142 6.76 74.09 5.42
N VAL B 143 6.35 72.84 5.22
CA VAL B 143 4.93 72.54 5.08
C VAL B 143 4.21 72.77 6.41
N GLU B 144 4.90 72.50 7.52
CA GLU B 144 4.30 72.70 8.83
C GLU B 144 3.94 74.16 9.07
N ARG B 145 4.87 75.07 8.74
CA ARG B 145 4.61 76.48 8.96
C ARG B 145 3.48 76.99 8.08
N ASP B 146 3.43 76.54 6.82
CA ASP B 146 2.36 76.95 5.92
C ASP B 146 1.02 76.41 6.40
N ARG B 147 0.97 75.16 6.84
CA ARG B 147 -0.28 74.57 7.30
C ARG B 147 -0.80 75.29 8.54
N LEU B 148 0.10 75.85 9.36
CA LEU B 148 -0.32 76.66 10.50
C LEU B 148 -0.39 78.15 10.15
N ASN B 149 0.17 78.55 9.01
CA ASN B 149 0.23 79.96 8.60
C ASN B 149 0.91 80.81 9.66
N LYS B 150 2.11 80.40 10.05
CA LYS B 150 2.90 81.11 11.05
C LYS B 150 4.35 81.11 10.58
N TYR B 151 4.92 82.31 10.42
CA TYR B 151 6.29 82.46 9.94
C TYR B 151 7.04 83.46 10.81
N GLY B 152 8.36 83.29 10.86
CA GLY B 152 9.23 84.20 11.57
C GLY B 152 9.03 84.24 13.07
N ARG B 153 8.83 83.09 13.70
CA ARG B 153 8.61 83.03 15.14
C ARG B 153 8.72 81.59 15.62
N PRO B 154 9.38 81.35 16.76
CA PRO B 154 9.37 80.00 17.33
C PRO B 154 7.99 79.61 17.81
N LEU B 155 7.39 78.62 17.16
CA LEU B 155 6.02 78.24 17.48
C LEU B 155 5.92 77.81 18.94
N LEU B 156 4.88 78.29 19.61
CA LEU B 156 4.72 78.09 21.04
C LEU B 156 4.08 76.73 21.30
N GLY B 157 3.69 76.50 22.56
CA GLY B 157 3.06 75.26 22.94
C GLY B 157 3.02 75.07 24.44
N GLY B 158 2.04 74.30 24.91
CA GLY B 158 1.95 73.98 26.32
C GLY B 158 1.62 72.51 26.51
N THR B 159 1.86 72.04 27.73
CA THR B 159 1.51 70.68 28.13
C THR B 159 0.48 70.78 29.24
N ILE B 160 -0.72 70.25 28.98
CA ILE B 160 -1.82 70.43 29.91
C ILE B 160 -1.54 69.67 31.20
N LYS B 161 -1.57 70.40 32.31
CA LYS B 161 -1.30 69.88 33.64
C LYS B 161 -2.54 70.10 34.51
N PRO B 162 -2.73 69.25 35.55
CA PRO B 162 -1.87 68.18 36.07
C PRO B 162 -1.65 67.02 35.10
N LYS B 163 -0.51 66.36 35.26
CA LYS B 163 -0.08 65.32 34.34
C LYS B 163 -1.17 64.26 34.16
N LEU B 164 -1.79 63.84 35.26
CA LEU B 164 -2.93 62.94 35.23
C LEU B 164 -3.94 63.39 36.26
N GLY B 165 -5.19 63.00 36.07
CA GLY B 165 -6.23 63.31 37.03
C GLY B 165 -7.41 64.06 36.46
N LEU B 166 -7.15 64.95 35.51
CA LEU B 166 -8.20 65.75 34.92
C LEU B 166 -9.16 64.86 34.13
N SER B 167 -10.43 65.27 34.11
CA SER B 167 -11.45 64.60 33.32
C SER B 167 -11.57 65.27 31.95
N ALA B 168 -12.34 64.64 31.08
CA ALA B 168 -12.46 65.13 29.71
C ALA B 168 -13.06 66.51 29.65
N LYS B 169 -14.08 66.77 30.49
CA LYS B 169 -14.67 68.11 30.53
C LYS B 169 -13.69 69.14 31.05
N GLU B 170 -12.96 68.80 32.12
CA GLU B 170 -12.01 69.74 32.69
C GLU B 170 -10.76 69.87 31.83
N TYR B 171 -10.42 68.81 31.08
CA TYR B 171 -9.29 68.90 30.17
C TYR B 171 -9.54 69.92 29.07
N ALA B 172 -10.75 69.92 28.50
CA ALA B 172 -11.04 70.78 27.37
C ALA B 172 -11.12 72.25 27.77
N ARG B 173 -11.55 72.53 29.00
CA ARG B 173 -11.63 73.92 29.44
C ARG B 173 -10.25 74.52 29.68
N VAL B 174 -9.31 73.70 30.15
CA VAL B 174 -7.92 74.17 30.29
C VAL B 174 -7.28 74.34 28.92
N VAL B 175 -7.54 73.41 28.00
CA VAL B 175 -7.00 73.52 26.65
C VAL B 175 -7.48 74.81 25.99
N TYR B 176 -8.76 75.14 26.16
CA TYR B 176 -9.28 76.37 25.57
C TYR B 176 -8.62 77.59 26.19
N GLU B 177 -8.29 77.53 27.48
CA GLU B 177 -7.64 78.67 28.13
C GLU B 177 -6.27 78.92 27.54
N CYS B 178 -5.47 77.86 27.35
CA CYS B 178 -4.13 78.04 26.81
C CYS B 178 -4.16 78.55 25.38
N LEU B 179 -5.04 77.96 24.55
CA LEU B 179 -5.12 78.36 23.14
C LEU B 179 -5.62 79.79 23.01
N ARG B 180 -6.68 80.14 23.74
CA ARG B 180 -7.18 81.51 23.70
C ARG B 180 -6.17 82.49 24.25
N GLY B 181 -5.31 82.05 25.18
CA GLY B 181 -4.33 82.94 25.76
C GLY B 181 -3.30 83.43 24.75
N GLY B 182 -2.92 82.57 23.81
CA GLY B 182 -1.95 82.95 22.80
C GLY B 182 -1.00 81.84 22.41
N LEU B 183 -1.01 80.73 23.15
CA LEU B 183 -0.20 79.59 22.78
C LEU B 183 -0.68 79.03 21.45
N ASP B 184 0.27 78.76 20.55
CA ASP B 184 -0.08 78.28 19.22
C ASP B 184 -0.57 76.85 19.22
N THR B 185 -0.35 76.10 20.29
CA THR B 185 -0.67 74.68 20.32
C THR B 185 -0.62 74.21 21.77
N THR B 186 -1.32 73.12 22.05
CA THR B 186 -1.19 72.42 23.33
C THR B 186 -0.91 70.96 23.03
N KCX B 187 -0.85 70.13 24.05
CA KCX B 187 -0.61 68.71 23.82
CB KCX B 187 0.85 68.42 23.51
CG KCX B 187 1.69 68.75 24.73
CD KCX B 187 3.16 68.79 24.38
CE KCX B 187 3.69 67.38 24.24
NZ KCX B 187 3.50 66.66 25.46
C KCX B 187 -1.03 67.85 24.99
O KCX B 187 -1.02 68.41 26.14
CX KCX B 187 4.55 66.36 26.34
OQ1 KCX B 187 5.69 66.69 26.09
OQ2 KCX B 187 4.12 65.73 27.39
N ASP B 188 -1.38 66.58 24.76
CA ASP B 188 -1.63 65.66 25.85
C ASP B 188 -0.29 65.35 26.50
N ASP B 189 -0.32 64.93 27.77
CA ASP B 189 0.92 64.51 28.38
C ASP B 189 1.21 63.07 27.99
N GLU B 190 2.50 62.69 28.08
CA GLU B 190 2.93 61.43 27.47
C GLU B 190 2.28 60.21 28.11
N ASN B 191 1.88 60.30 29.37
CA ASN B 191 1.28 59.16 30.05
C ASN B 191 -0.25 59.16 29.98
N LEU B 192 -0.85 60.15 29.35
CA LEU B 192 -2.30 60.22 29.23
C LEU B 192 -2.76 59.53 27.95
N ASN B 193 -3.26 58.30 28.06
CA ASN B 193 -3.69 57.62 26.84
C ASN B 193 -5.20 57.38 26.80
N SER B 194 -5.70 56.52 27.68
CA SER B 194 -7.14 56.21 27.73
C SER B 194 -7.57 55.95 29.17
N GLN B 195 -7.13 56.79 30.10
CA GLN B 195 -7.30 56.48 31.50
C GLN B 195 -8.78 56.45 31.89
N PRO B 196 -9.15 55.65 32.90
CA PRO B 196 -10.56 55.51 33.28
C PRO B 196 -11.24 56.83 33.64
N PHE B 197 -10.46 57.89 33.82
CA PHE B 197 -11.00 59.22 34.09
C PHE B 197 -10.91 60.16 32.91
N ASN B 198 -10.09 59.85 31.90
CA ASN B 198 -9.91 60.71 30.74
C ASN B 198 -9.89 59.86 29.47
N ARG B 199 -10.84 58.94 29.36
CA ARG B 199 -10.97 58.07 28.20
C ARG B 199 -10.75 58.83 26.89
N TRP B 200 -10.03 58.20 25.97
CA TRP B 200 -9.56 58.89 24.77
C TRP B 200 -10.72 59.33 23.88
N ARG B 201 -11.72 58.46 23.70
CA ARG B 201 -12.82 58.77 22.81
C ARG B 201 -13.60 60.00 23.25
N ASP B 202 -13.53 60.35 24.54
CA ASP B 202 -14.12 61.59 25.04
C ASP B 202 -13.15 62.74 25.04
N ARG B 203 -11.86 62.48 25.31
CA ARG B 203 -10.87 63.54 25.29
C ARG B 203 -10.69 64.10 23.88
N PHE B 204 -10.67 63.21 22.88
CA PHE B 204 -10.52 63.65 21.50
C PHE B 204 -11.66 64.56 21.07
N LEU B 205 -12.89 64.18 21.45
CA LEU B 205 -14.06 64.96 21.05
C LEU B 205 -14.13 66.28 21.81
N TYR B 206 -13.77 66.26 23.10
CA TYR B 206 -13.92 67.45 23.93
C TYR B 206 -12.95 68.54 23.53
N VAL B 207 -11.67 68.19 23.38
CA VAL B 207 -10.65 69.21 23.15
C VAL B 207 -10.80 69.85 21.78
N MET B 208 -11.28 69.10 20.79
CA MET B 208 -11.40 69.66 19.45
C MET B 208 -12.52 70.68 19.36
N GLU B 209 -13.56 70.52 20.20
CA GLU B 209 -14.50 71.62 20.37
C GLU B 209 -13.80 72.83 20.97
N ALA B 210 -12.94 72.61 21.96
CA ALA B 210 -12.15 73.70 22.52
C ALA B 210 -11.18 74.26 21.48
N VAL B 211 -10.55 73.37 20.69
CA VAL B 211 -9.62 73.83 19.66
C VAL B 211 -10.36 74.65 18.61
N ARG B 212 -11.49 74.14 18.13
CA ARG B 212 -12.24 74.84 17.09
C ARG B 212 -12.90 76.11 17.62
N LYS B 213 -13.21 76.13 18.92
CA LYS B 213 -13.77 77.34 19.52
C LYS B 213 -12.71 78.45 19.58
N ALA B 214 -11.48 78.09 19.97
CA ALA B 214 -10.43 79.09 20.07
C ALA B 214 -10.06 79.66 18.70
N GLU B 215 -10.09 78.82 17.67
CA GLU B 215 -9.77 79.29 16.33
C GLU B 215 -10.77 80.35 15.87
N ALA B 216 -12.06 80.13 16.12
CA ALA B 216 -13.08 81.06 15.68
C ALA B 216 -13.02 82.38 16.43
N GLU B 217 -12.33 82.41 17.57
CA GLU B 217 -12.30 83.60 18.40
C GLU B 217 -10.99 84.37 18.32
N THR B 218 -9.89 83.71 18.00
CA THR B 218 -8.59 84.38 17.93
C THR B 218 -8.25 84.82 16.51
N GLY B 219 -8.60 84.03 15.51
CA GLY B 219 -8.27 84.31 14.14
C GLY B 219 -7.07 83.58 13.61
N GLU B 220 -6.28 82.94 14.47
CA GLU B 220 -5.14 82.14 14.06
C GLU B 220 -5.55 80.67 13.99
N ARG B 221 -4.59 79.83 13.62
CA ARG B 221 -4.79 78.39 13.51
C ARG B 221 -4.12 77.70 14.68
N LYS B 222 -4.90 76.96 15.47
CA LYS B 222 -4.40 76.26 16.63
C LYS B 222 -4.40 74.75 16.37
N GLY B 223 -4.03 74.00 17.40
CA GLY B 223 -4.00 72.56 17.31
C GLY B 223 -3.76 71.96 18.67
N HIS B 224 -3.79 70.62 18.71
CA HIS B 224 -3.58 69.91 19.97
C HIS B 224 -3.08 68.51 19.64
N TRP B 225 -1.85 68.23 20.03
CA TRP B 225 -1.20 66.96 19.71
C TRP B 225 -1.83 65.85 20.55
N LEU B 226 -2.92 65.29 20.02
CA LEU B 226 -3.59 64.18 20.68
C LEU B 226 -2.65 62.99 20.79
N ASN B 227 -2.60 62.39 21.97
CA ASN B 227 -1.72 61.26 22.22
C ASN B 227 -2.45 59.99 21.79
N VAL B 228 -2.03 59.42 20.65
CA VAL B 228 -2.69 58.25 20.09
C VAL B 228 -1.94 56.97 20.39
N THR B 229 -0.90 57.02 21.22
CA THR B 229 -0.22 55.80 21.63
C THR B 229 -1.16 54.94 22.45
N ALA B 230 -1.04 53.62 22.28
CA ALA B 230 -1.95 52.69 22.94
C ALA B 230 -1.26 51.34 23.08
N GLY B 231 -2.04 50.33 23.46
CA GLY B 231 -1.47 49.02 23.72
C GLY B 231 -0.88 48.37 22.48
N SER B 232 -1.55 48.54 21.34
CA SER B 232 -1.13 47.86 20.12
C SER B 232 -1.27 48.81 18.93
N THR B 233 -0.67 48.39 17.82
CA THR B 233 -0.71 49.19 16.59
C THR B 233 -2.15 49.37 16.11
N GLU B 234 -3.00 48.37 16.32
CA GLU B 234 -4.39 48.49 15.89
C GLU B 234 -5.10 49.63 16.61
N GLU B 235 -4.96 49.70 17.94
CA GLU B 235 -5.55 50.81 18.69
C GLU B 235 -4.88 52.13 18.33
N MET B 236 -3.56 52.11 18.11
CA MET B 236 -2.85 53.32 17.73
C MET B 236 -3.38 53.88 16.41
N LEU B 237 -3.72 53.00 15.48
CA LEU B 237 -4.26 53.44 14.20
C LEU B 237 -5.72 53.86 14.34
N LYS B 238 -6.48 53.17 15.19
CA LYS B 238 -7.87 53.53 15.42
C LYS B 238 -7.98 54.94 15.98
N ARG B 239 -7.13 55.28 16.95
CA ARG B 239 -7.15 56.63 17.50
C ARG B 239 -6.63 57.64 16.50
N ALA B 240 -5.70 57.23 15.63
CA ALA B 240 -5.27 58.12 14.55
C ALA B 240 -6.41 58.39 13.58
N GLU B 241 -7.19 57.35 13.24
CA GLU B 241 -8.32 57.54 12.33
C GLU B 241 -9.36 58.46 12.95
N PHE B 242 -9.69 58.24 14.23
CA PHE B 242 -10.69 59.08 14.88
C PHE B 242 -10.20 60.51 15.01
N ALA B 243 -8.91 60.69 15.29
CA ALA B 243 -8.36 62.04 15.40
C ALA B 243 -8.41 62.78 14.07
N ALA B 244 -8.31 62.06 12.95
CA ALA B 244 -8.33 62.72 11.66
C ALA B 244 -9.73 63.17 11.29
N GLU B 245 -10.71 62.28 11.41
CA GLU B 245 -12.08 62.62 11.05
C GLU B 245 -12.70 63.65 11.99
N LEU B 246 -12.10 63.86 13.16
CA LEU B 246 -12.55 64.93 14.06
C LEU B 246 -12.10 66.31 13.60
N GLY B 247 -11.21 66.37 12.61
CA GLY B 247 -10.72 67.64 12.11
C GLY B 247 -9.37 68.07 12.66
N SER B 248 -8.68 67.21 13.39
CA SER B 248 -7.40 67.58 13.96
C SER B 248 -6.32 67.65 12.88
N ARG B 249 -5.34 68.52 13.10
CA ARG B 249 -4.16 68.57 12.27
C ARG B 249 -3.01 67.72 12.81
N TYR B 250 -3.16 67.17 14.02
CA TYR B 250 -2.04 66.61 14.74
C TYR B 250 -2.41 65.27 15.39
N ILE B 251 -1.41 64.41 15.52
CA ILE B 251 -1.43 63.28 16.44
C ILE B 251 -0.07 63.21 17.11
N MET B 252 -0.01 62.52 18.24
CA MET B 252 1.22 62.37 18.99
C MET B 252 1.44 60.91 19.34
N VAL B 253 2.70 60.49 19.32
CA VAL B 253 3.09 59.13 19.63
C VAL B 253 4.34 59.15 20.48
N ASP B 254 4.35 58.36 21.55
CA ASP B 254 5.58 58.09 22.30
C ASP B 254 6.36 57.07 21.48
N PHE B 255 7.25 57.56 20.62
CA PHE B 255 7.84 56.72 19.58
C PHE B 255 8.87 55.73 20.12
N LEU B 256 9.28 55.86 21.39
CA LEU B 256 10.22 54.93 21.99
C LEU B 256 9.53 53.87 22.85
N THR B 257 8.59 54.30 23.70
CA THR B 257 7.81 53.32 24.46
C THR B 257 6.95 52.48 23.55
N ALA B 258 6.34 53.09 22.53
CA ALA B 258 5.55 52.33 21.56
C ALA B 258 6.42 51.53 20.60
N GLY B 259 7.73 51.76 20.60
CA GLY B 259 8.62 51.05 19.70
C GLY B 259 8.77 51.73 18.36
N PHE B 260 9.67 51.20 17.55
CA PHE B 260 9.93 51.75 16.23
C PHE B 260 9.09 51.12 15.13
N ALA B 261 8.77 49.84 15.24
CA ALA B 261 7.91 49.22 14.23
C ALA B 261 6.51 49.80 14.28
N ALA B 262 5.94 49.92 15.48
CA ALA B 262 4.62 50.53 15.63
C ALA B 262 4.66 52.00 15.21
N PHE B 263 5.76 52.68 15.50
CA PHE B 263 5.88 54.09 15.10
C PHE B 263 5.92 54.23 13.59
N ALA B 264 6.64 53.34 12.90
CA ALA B 264 6.66 53.35 11.44
C ALA B 264 5.28 53.03 10.87
N SER B 265 4.58 52.07 11.48
CA SER B 265 3.24 51.74 11.01
C SER B 265 2.28 52.93 11.18
N VAL B 266 2.38 53.64 12.31
CA VAL B 266 1.53 54.80 12.53
C VAL B 266 1.90 55.93 11.58
N ARG B 267 3.19 56.09 11.29
CA ARG B 267 3.63 57.17 10.42
C ARG B 267 3.02 57.07 9.03
N ARG B 268 2.96 55.86 8.48
CA ARG B 268 2.36 55.67 7.16
C ARG B 268 0.87 55.99 7.19
N ARG B 269 0.17 55.52 8.22
CA ARG B 269 -1.25 55.82 8.36
C ARG B 269 -1.48 57.31 8.57
N ALA B 270 -0.59 57.96 9.33
CA ALA B 270 -0.76 59.38 9.60
C ALA B 270 -0.61 60.23 8.33
N GLU B 271 0.34 59.88 7.47
CA GLU B 271 0.50 60.60 6.22
C GLU B 271 -0.69 60.39 5.29
N GLU B 272 -1.26 59.18 5.29
CA GLU B 272 -2.41 58.90 4.45
C GLU B 272 -3.63 59.71 4.89
N LEU B 273 -3.69 60.12 6.15
CA LEU B 273 -4.81 60.89 6.67
C LEU B 273 -4.54 62.38 6.71
N GLY B 274 -3.38 62.84 6.23
CA GLY B 274 -3.06 64.25 6.26
C GLY B 274 -2.86 64.80 7.65
N LEU B 275 -2.17 64.08 8.51
CA LEU B 275 -1.93 64.48 9.89
C LEU B 275 -0.46 64.74 10.11
N MET B 276 -0.15 65.89 10.71
CA MET B 276 1.22 66.19 11.10
C MET B 276 1.51 65.49 12.43
N LEU B 277 2.55 64.66 12.43
CA LEU B 277 2.79 63.72 13.53
C LEU B 277 3.91 64.24 14.42
N HIS B 278 3.56 64.57 15.66
CA HIS B 278 4.55 64.93 16.67
C HIS B 278 5.01 63.68 17.42
N CYS B 279 6.31 63.60 17.66
CA CYS B 279 6.90 62.45 18.34
C CYS B 279 7.41 62.88 19.70
N HIS B 280 7.14 62.05 20.71
CA HIS B 280 7.61 62.29 22.07
C HIS B 280 8.68 61.28 22.40
N ARG B 281 9.80 61.75 22.97
CA ARG B 281 10.96 60.91 23.21
C ARG B 281 10.99 60.30 24.60
N ALA B 282 9.84 60.01 25.19
CA ALA B 282 9.80 59.40 26.51
C ALA B 282 10.59 58.09 26.50
N MET B 283 11.27 57.81 27.61
CA MET B 283 12.11 56.64 27.87
C MET B 283 13.48 56.80 27.20
N HIS B 284 13.75 57.93 26.54
CA HIS B 284 15.08 58.16 25.95
C HIS B 284 16.14 58.31 27.03
N ALA B 285 15.75 58.78 28.21
CA ALA B 285 16.72 59.05 29.28
C ALA B 285 17.32 57.77 29.83
N VAL B 286 16.67 56.63 29.64
CA VAL B 286 17.29 55.37 30.00
C VAL B 286 18.51 55.13 29.13
N PHE B 287 18.40 55.43 27.83
CA PHE B 287 19.53 55.29 26.92
C PHE B 287 20.60 56.34 27.19
N ASP B 288 20.23 57.62 27.03
CA ASP B 288 21.22 58.66 26.79
C ASP B 288 21.60 59.45 28.05
N ARG B 289 21.50 58.86 29.24
CA ARG B 289 21.86 59.61 30.44
C ARG B 289 23.32 59.40 30.81
N GLN B 290 23.70 58.16 31.08
CA GLN B 290 25.05 57.89 31.56
C GLN B 290 26.05 58.04 30.42
N PRO B 291 27.12 58.82 30.59
CA PRO B 291 28.09 59.03 29.51
C PRO B 291 29.04 57.87 29.27
N ASN B 292 28.82 56.72 29.89
CA ASN B 292 29.67 55.56 29.70
C ASN B 292 28.94 54.33 29.20
N HIS B 293 27.61 54.35 29.13
CA HIS B 293 26.86 53.22 28.64
C HIS B 293 25.54 53.72 28.06
N GLY B 294 25.04 52.99 27.06
CA GLY B 294 23.78 53.33 26.43
C GLY B 294 23.96 53.79 25.00
N ILE B 295 23.02 54.60 24.51
CA ILE B 295 23.05 55.14 23.17
C ILE B 295 22.84 56.65 23.27
N HIS B 296 23.71 57.42 22.63
CA HIS B 296 23.53 58.87 22.61
C HIS B 296 22.26 59.22 21.85
N PHE B 297 21.66 60.36 22.21
CA PHE B 297 20.40 60.75 21.60
C PHE B 297 20.56 61.04 20.12
N ARG B 298 21.69 61.63 19.71
CA ARG B 298 21.86 62.02 18.32
C ARG B 298 21.80 60.81 17.39
N VAL B 299 22.04 59.60 17.91
CA VAL B 299 21.75 58.40 17.13
C VAL B 299 20.26 58.18 17.00
N LEU B 300 19.50 58.45 18.07
CA LEU B 300 18.05 58.36 18.00
C LEU B 300 17.45 59.51 17.20
N ALA B 301 18.09 60.68 17.24
CA ALA B 301 17.63 61.80 16.42
C ALA B 301 17.81 61.48 14.94
N LYS B 302 18.90 60.79 14.58
CA LYS B 302 19.07 60.34 13.21
C LYS B 302 18.01 59.31 12.84
N TRP B 303 17.68 58.41 13.78
CA TRP B 303 16.70 57.37 13.48
C TRP B 303 15.30 57.95 13.31
N LEU B 304 14.95 58.97 14.09
CA LEU B 304 13.62 59.55 13.98
C LEU B 304 13.40 60.19 12.62
N ARG B 305 14.31 61.08 12.22
CA ARG B 305 14.20 61.71 10.91
C ARG B 305 14.27 60.67 9.80
N MET B 306 14.94 59.55 10.05
CA MET B 306 15.07 58.51 9.04
C MET B 306 13.73 57.79 8.84
N VAL B 307 12.98 57.57 9.92
CA VAL B 307 11.69 56.88 9.82
C VAL B 307 10.52 57.84 9.71
N GLY B 308 10.71 59.12 10.04
CA GLY B 308 9.68 60.11 9.80
C GLY B 308 9.00 60.67 11.02
N GLY B 309 9.26 61.94 11.32
CA GLY B 309 8.57 62.65 12.38
C GLY B 309 8.65 64.15 12.19
N ASP B 310 7.49 64.82 12.24
CA ASP B 310 7.49 66.27 12.00
C ASP B 310 8.10 67.04 13.17
N HIS B 311 7.88 66.57 14.40
CA HIS B 311 8.48 67.21 15.57
C HIS B 311 9.10 66.14 16.46
N VAL B 312 10.03 66.59 17.30
CA VAL B 312 10.61 65.76 18.34
C VAL B 312 11.26 66.65 19.39
N HIS B 313 11.32 66.16 20.61
CA HIS B 313 12.00 66.90 21.67
C HIS B 313 13.50 66.68 21.56
N THR B 314 14.25 67.77 21.47
CA THR B 314 15.70 67.72 21.61
C THR B 314 16.17 68.04 23.02
N GLY B 315 15.24 68.32 23.92
CA GLY B 315 15.57 68.72 25.27
C GLY B 315 15.96 70.18 25.35
N THR B 316 15.73 70.77 26.52
CA THR B 316 16.13 72.14 26.80
C THR B 316 17.37 72.12 27.69
N VAL B 317 18.35 72.96 27.36
CA VAL B 317 19.60 72.97 28.10
C VAL B 317 19.42 73.56 29.49
N VAL B 318 18.60 74.60 29.64
CA VAL B 318 18.50 75.36 30.87
C VAL B 318 17.31 74.94 31.73
N GLY B 319 16.57 73.91 31.31
CA GLY B 319 15.38 73.49 32.01
C GLY B 319 15.68 72.54 33.16
N LYS B 320 14.66 71.76 33.51
CA LYS B 320 14.76 70.84 34.64
C LYS B 320 15.20 69.44 34.23
N LEU B 321 15.53 69.23 32.96
CA LEU B 321 16.09 67.97 32.48
C LEU B 321 17.53 68.19 32.04
N GLU B 322 18.33 67.14 32.14
CA GLU B 322 19.74 67.23 31.82
C GLU B 322 19.95 67.55 30.34
N GLY B 323 21.00 68.30 30.06
CA GLY B 323 21.35 68.61 28.69
C GLY B 323 22.66 69.36 28.62
N ASP B 324 23.27 69.32 27.44
CA ASP B 324 24.50 70.03 27.15
C ASP B 324 24.27 70.94 25.95
N ARG B 325 24.76 72.17 26.02
CA ARG B 325 24.50 73.13 24.96
C ARG B 325 25.20 72.74 23.67
N ALA B 326 26.47 72.34 23.75
CA ALA B 326 27.18 71.93 22.55
C ALA B 326 26.58 70.67 21.95
N GLU B 327 26.20 69.71 22.80
CA GLU B 327 25.58 68.48 22.32
C GLU B 327 24.25 68.77 21.63
N THR B 328 23.43 69.62 22.23
CA THR B 328 22.11 69.90 21.68
C THR B 328 22.19 70.63 20.35
N LEU B 329 23.14 71.57 20.23
CA LEU B 329 23.29 72.30 18.98
C LEU B 329 23.58 71.37 17.82
N GLY B 330 24.38 70.32 18.05
CA GLY B 330 24.61 69.35 17.01
C GLY B 330 23.38 68.53 16.68
N ILE B 331 22.58 68.20 17.70
CA ILE B 331 21.36 67.43 17.47
C ILE B 331 20.34 68.27 16.72
N ALA B 332 20.30 69.59 16.99
CA ALA B 332 19.36 70.45 16.29
C ALA B 332 19.68 70.52 14.81
N ASP B 333 20.96 70.61 14.45
CA ASP B 333 21.32 70.67 13.04
C ASP B 333 21.30 69.30 12.39
N LEU B 334 21.33 68.23 13.18
CA LEU B 334 21.15 66.90 12.61
C LEU B 334 19.72 66.70 12.16
N LEU B 335 18.80 67.51 12.66
CA LEU B 335 17.40 67.39 12.28
C LEU B 335 17.01 68.44 11.24
N ARG B 336 17.49 69.68 11.42
CA ARG B 336 16.99 70.81 10.65
C ARG B 336 17.76 71.06 9.36
N GLU B 337 18.86 70.37 9.11
CA GLU B 337 19.75 70.70 8.00
C GLU B 337 19.80 69.57 6.99
N ASP B 338 20.53 69.83 5.89
CA ASP B 338 20.69 68.87 4.80
C ASP B 338 22.09 68.28 4.73
N TYR B 339 23.11 69.04 5.09
CA TYR B 339 24.46 68.52 5.20
C TYR B 339 25.06 68.98 6.53
N VAL B 340 25.53 68.04 7.33
CA VAL B 340 26.04 68.31 8.66
C VAL B 340 27.50 67.86 8.71
N PRO B 341 28.45 68.79 8.58
CA PRO B 341 29.86 68.41 8.71
C PRO B 341 30.20 67.98 10.14
N ALA B 342 31.17 67.08 10.24
CA ALA B 342 31.57 66.57 11.54
C ALA B 342 32.20 67.68 12.39
N ASP B 343 31.76 67.77 13.63
CA ASP B 343 32.26 68.77 14.58
C ASP B 343 32.67 68.05 15.86
N PRO B 344 33.96 67.92 16.13
CA PRO B 344 34.39 67.30 17.39
C PRO B 344 33.92 68.07 18.62
N GLY B 345 33.87 69.40 18.54
CA GLY B 345 33.42 70.19 19.67
C GLY B 345 31.93 70.19 19.89
N ARG B 346 31.15 69.65 18.95
CA ARG B 346 29.70 69.60 19.05
C ARG B 346 29.18 68.17 19.09
N GLY B 347 30.05 67.21 19.37
CA GLY B 347 29.68 65.83 19.59
C GLY B 347 29.59 64.96 18.36
N LEU B 348 29.73 65.52 17.16
CA LEU B 348 29.59 64.75 15.94
C LEU B 348 30.94 64.19 15.51
N PHE B 349 30.93 62.92 15.11
CA PHE B 349 32.13 62.24 14.64
C PHE B 349 32.18 62.04 13.13
N PHE B 350 31.04 62.15 12.45
CA PHE B 350 30.96 61.91 11.01
C PHE B 350 30.21 63.05 10.36
N ASP B 351 30.36 63.15 9.04
CA ASP B 351 29.50 64.01 8.24
C ASP B 351 28.17 63.30 7.97
N GLN B 352 27.16 64.07 7.56
CA GLN B 352 25.85 63.51 7.28
C GLN B 352 25.27 64.20 6.05
N ASP B 353 25.23 63.49 4.94
CA ASP B 353 24.48 63.92 3.76
C ASP B 353 23.07 63.37 3.91
N TRP B 354 22.08 64.26 3.97
CA TRP B 354 20.73 63.85 4.32
C TRP B 354 19.90 63.45 3.11
N ALA B 355 20.49 63.45 1.90
CA ALA B 355 19.87 62.84 0.72
C ALA B 355 18.53 63.46 0.37
N GLY B 356 18.37 64.75 0.67
CA GLY B 356 17.13 65.44 0.36
C GLY B 356 15.99 65.20 1.33
N LEU B 357 16.22 64.43 2.40
CA LEU B 357 15.19 64.27 3.41
C LEU B 357 14.91 65.61 4.08
N LYS B 358 13.65 65.82 4.42
CA LYS B 358 13.17 67.11 4.88
C LYS B 358 13.37 67.28 6.38
N PRO B 359 13.47 68.52 6.86
CA PRO B 359 13.89 68.76 8.24
C PRO B 359 12.78 68.44 9.24
N VAL B 360 13.18 68.50 10.51
CA VAL B 360 12.30 68.19 11.64
C VAL B 360 12.32 69.37 12.61
N PHE B 361 11.16 69.70 13.16
CA PHE B 361 11.09 70.76 14.17
C PHE B 361 11.75 70.29 15.46
N PRO B 362 12.75 70.99 15.97
CA PRO B 362 13.24 70.70 17.31
C PRO B 362 12.33 71.32 18.35
N VAL B 363 12.03 70.57 19.41
CA VAL B 363 11.07 70.96 20.42
C VAL B 363 11.78 71.07 21.76
N ALA B 364 11.70 72.25 22.37
CA ALA B 364 12.31 72.49 23.67
C ALA B 364 11.25 72.35 24.75
N SER B 365 11.40 71.33 25.60
CA SER B 365 10.44 71.04 26.65
C SER B 365 11.15 70.81 27.97
N GLY B 366 10.45 71.12 29.05
CA GLY B 366 10.99 70.96 30.39
C GLY B 366 10.50 72.09 31.28
N GLY B 367 11.19 72.25 32.41
CA GLY B 367 10.83 73.30 33.35
C GLY B 367 11.31 74.67 32.90
N ILE B 368 10.74 75.17 31.81
CA ILE B 368 11.15 76.43 31.20
C ILE B 368 10.04 77.45 31.39
N HIS B 369 10.41 78.62 31.90
CA HIS B 369 9.50 79.75 32.06
C HIS B 369 10.04 80.93 31.25
N VAL B 370 9.45 82.11 31.48
CA VAL B 370 9.77 83.28 30.67
C VAL B 370 11.26 83.62 30.75
N TRP B 371 11.90 83.32 31.89
CA TRP B 371 13.31 83.65 32.04
C TRP B 371 14.21 82.80 31.15
N HIS B 372 13.75 81.64 30.70
CA HIS B 372 14.53 80.81 29.80
C HIS B 372 14.38 81.20 28.33
N VAL B 373 13.51 82.16 28.02
CA VAL B 373 13.28 82.54 26.63
C VAL B 373 14.55 83.08 25.97
N PRO B 374 15.30 84.01 26.57
CA PRO B 374 16.52 84.48 25.89
C PRO B 374 17.51 83.36 25.59
N ASP B 375 17.63 82.38 26.49
CA ASP B 375 18.53 81.27 26.23
C ASP B 375 17.91 80.29 25.24
N LEU B 376 16.58 80.19 25.20
CA LEU B 376 15.92 79.26 24.29
C LEU B 376 15.95 79.76 22.86
N VAL B 377 15.74 81.07 22.66
CA VAL B 377 15.71 81.62 21.31
C VAL B 377 17.08 81.51 20.66
N SER B 378 18.14 81.79 21.42
CA SER B 378 19.48 81.78 20.85
C SER B 378 19.90 80.38 20.38
N ILE B 379 19.61 79.36 21.19
CA ILE B 379 20.04 78.00 20.84
C ILE B 379 19.30 77.49 19.63
N PHE B 380 17.99 77.72 19.57
CA PHE B 380 17.14 77.08 18.57
C PHE B 380 16.77 77.99 17.40
N GLY B 381 16.53 79.28 17.66
CA GLY B 381 16.17 80.19 16.59
C GLY B 381 14.69 80.15 16.26
N ASP B 382 14.38 80.62 15.04
CA ASP B 382 12.99 80.76 14.63
C ASP B 382 12.31 79.41 14.47
N ASP B 383 13.01 78.43 13.90
CA ASP B 383 12.38 77.15 13.53
C ASP B 383 12.52 76.16 14.67
N ALA B 384 11.65 76.32 15.68
CA ALA B 384 11.63 75.42 16.81
C ALA B 384 10.32 75.60 17.56
N PHE B 385 10.04 74.65 18.46
CA PHE B 385 8.89 74.69 19.35
C PHE B 385 9.33 74.92 20.78
N PHE B 386 8.65 75.84 21.46
CA PHE B 386 8.86 76.11 22.89
C PHE B 386 7.62 75.63 23.62
N LEU B 387 7.79 74.67 24.52
CA LEU B 387 6.67 74.07 25.25
C LEU B 387 6.74 74.51 26.70
N PHE B 388 5.77 75.32 27.12
CA PHE B 388 5.71 75.81 28.50
C PHE B 388 4.59 75.08 29.22
N GLY B 389 4.92 73.91 29.77
CA GLY B 389 3.94 73.15 30.51
C GLY B 389 3.63 73.74 31.87
N GLY B 390 4.63 73.77 32.75
CA GLY B 390 4.44 74.38 34.06
C GLY B 390 4.53 75.88 34.05
N GLY B 391 5.19 76.45 33.04
CA GLY B 391 5.34 77.88 32.94
C GLY B 391 4.15 78.64 32.42
N THR B 392 3.08 77.92 32.06
CA THR B 392 1.84 78.53 31.61
C THR B 392 0.71 78.36 32.62
N HIS B 393 0.44 77.13 33.03
CA HIS B 393 -0.57 76.90 34.07
C HIS B 393 -0.11 77.41 35.42
N GLY B 394 1.20 77.43 35.67
CA GLY B 394 1.73 77.90 36.92
C GLY B 394 1.66 79.39 37.14
N HIS B 395 1.16 80.14 36.16
CA HIS B 395 1.02 81.58 36.32
C HIS B 395 0.08 81.88 37.49
N PRO B 396 0.33 82.94 38.24
CA PRO B 396 -0.50 83.23 39.43
C PRO B 396 -1.89 83.73 39.08
N ARG B 397 -2.27 83.71 37.80
CA ARG B 397 -3.60 84.14 37.41
C ARG B 397 -4.26 83.23 36.38
N GLY B 398 -3.75 82.01 36.20
CA GLY B 398 -4.40 81.03 35.34
C GLY B 398 -3.63 80.80 34.05
N SER B 399 -4.23 79.97 33.20
CA SER B 399 -3.59 79.59 31.95
C SER B 399 -3.59 80.73 30.93
N ARG B 400 -4.71 81.43 30.80
CA ARG B 400 -4.80 82.49 29.79
C ARG B 400 -3.79 83.59 30.05
N ALA B 401 -3.62 83.97 31.32
CA ALA B 401 -2.60 84.96 31.65
C ALA B 401 -1.20 84.41 31.39
N GLY B 402 -0.96 83.15 31.75
CA GLY B 402 0.35 82.56 31.53
C GLY B 402 0.69 82.39 30.06
N ALA B 403 -0.30 81.99 29.26
CA ALA B 403 -0.07 81.83 27.83
C ALA B 403 0.24 83.17 27.16
N THR B 404 -0.45 84.24 27.57
CA THR B 404 -0.17 85.55 27.02
C THR B 404 1.23 86.03 27.39
N ALA B 405 1.62 85.84 28.65
CA ALA B 405 2.94 86.27 29.09
C ALA B 405 4.04 85.53 28.34
N ASN B 406 3.88 84.22 28.16
CA ASN B 406 4.85 83.45 27.41
C ASN B 406 4.94 83.91 25.96
N ARG B 407 3.79 84.20 25.35
CA ARG B 407 3.77 84.67 23.98
C ARG B 407 4.47 86.03 23.86
N VAL B 408 4.23 86.92 24.82
CA VAL B 408 4.88 88.22 24.81
C VAL B 408 6.39 88.08 24.97
N ALA B 409 6.82 87.22 25.90
CA ALA B 409 8.24 87.05 26.15
C ALA B 409 8.96 86.51 24.93
N VAL B 410 8.39 85.49 24.29
CA VAL B 410 9.01 84.90 23.11
C VAL B 410 9.01 85.90 21.96
N GLU B 411 7.90 86.62 21.79
CA GLU B 411 7.78 87.54 20.66
C GLU B 411 8.65 88.78 20.85
N ALA B 412 8.80 89.24 22.09
CA ALA B 412 9.62 90.42 22.34
C ALA B 412 11.10 90.12 22.10
N VAL B 413 11.58 88.97 22.56
CA VAL B 413 12.98 88.62 22.38
C VAL B 413 13.30 88.40 20.90
N VAL B 414 12.42 87.68 20.19
CA VAL B 414 12.66 87.39 18.78
C VAL B 414 12.64 88.68 17.97
N GLN B 415 11.71 89.57 18.28
CA GLN B 415 11.72 90.89 17.65
C GLN B 415 12.99 91.65 18.01
N ALA B 416 13.43 91.55 19.27
CA ALA B 416 14.64 92.22 19.70
C ALA B 416 15.86 91.67 18.98
N ARG B 417 15.85 90.38 18.64
CA ARG B 417 16.95 89.82 17.87
C ARG B 417 17.04 90.45 16.49
N ASN B 418 15.94 91.01 15.99
CA ASN B 418 15.93 91.60 14.66
C ASN B 418 16.66 92.95 14.64
N GLU B 419 16.60 93.71 15.73
CA GLU B 419 17.38 94.95 15.73
C GLU B 419 18.86 94.72 15.97
N GLY B 420 19.34 93.47 16.00
CA GLY B 420 20.74 93.21 16.26
C GLY B 420 21.14 93.24 17.72
N ARG B 421 20.20 93.41 18.64
CA ARG B 421 20.52 93.41 20.06
C ARG B 421 21.07 92.06 20.48
N ASP B 422 22.15 92.08 21.27
CA ASP B 422 22.76 90.84 21.71
C ASP B 422 21.89 90.17 22.78
N ILE B 423 21.37 89.00 22.45
CA ILE B 423 20.41 88.34 23.33
C ILE B 423 21.06 87.95 24.65
N LEU B 424 22.21 87.26 24.59
CA LEU B 424 22.82 86.75 25.82
C LEU B 424 23.37 87.85 26.71
N ALA B 425 23.44 89.09 26.23
CA ALA B 425 23.89 90.20 27.05
C ALA B 425 22.77 91.16 27.44
N GLU B 426 21.62 91.11 26.76
CA GLU B 426 20.55 92.06 27.07
C GLU B 426 19.18 91.41 27.23
N GLY B 427 19.10 90.09 27.41
CA GLY B 427 17.80 89.45 27.53
C GLY B 427 17.04 89.86 28.77
N ARG B 428 17.74 90.01 29.90
CA ARG B 428 17.08 90.46 31.11
C ARG B 428 16.43 91.82 30.92
N GLU B 429 17.17 92.78 30.34
CA GLU B 429 16.63 94.10 30.11
C GLU B 429 15.51 94.07 29.06
N ILE B 430 15.62 93.20 28.06
CA ILE B 430 14.57 93.09 27.06
C ILE B 430 13.27 92.62 27.70
N LEU B 431 13.38 91.59 28.55
CA LEU B 431 12.19 91.08 29.24
C LEU B 431 11.62 92.13 30.21
N GLU B 432 12.49 92.88 30.88
CA GLU B 432 12.00 93.93 31.78
C GLU B 432 11.29 95.03 31.00
N GLU B 433 11.83 95.41 29.84
CA GLU B 433 11.16 96.41 29.01
C GLU B 433 9.81 95.91 28.54
N ALA B 434 9.72 94.64 28.16
CA ALA B 434 8.43 94.07 27.75
C ALA B 434 7.45 94.07 28.91
N ALA B 435 7.90 93.67 30.11
CA ALA B 435 7.02 93.62 31.27
C ALA B 435 6.63 95.01 31.75
N ARG B 436 7.39 96.04 31.38
CA ARG B 436 7.01 97.42 31.73
C ARG B 436 5.66 97.79 31.15
N TRP B 437 5.22 97.11 30.08
CA TRP B 437 3.93 97.41 29.47
C TRP B 437 3.04 96.17 29.34
N CYS B 438 3.55 94.98 29.64
CA CYS B 438 2.74 93.77 29.63
C CYS B 438 2.56 93.29 31.07
N PRO B 439 1.37 93.50 31.66
CA PRO B 439 1.17 93.06 33.05
C PRO B 439 1.34 91.56 33.26
N GLU B 440 0.92 90.74 32.29
CA GLU B 440 1.02 89.29 32.46
C GLU B 440 2.48 88.85 32.58
N LEU B 441 3.37 89.46 31.80
CA LEU B 441 4.79 89.13 31.92
C LEU B 441 5.37 89.62 33.23
N ARG B 442 4.79 90.67 33.81
CA ARG B 442 5.30 91.20 35.07
C ARG B 442 5.18 90.18 36.19
N GLU B 443 4.00 89.54 36.32
CA GLU B 443 3.82 88.55 37.36
C GLU B 443 4.74 87.35 37.15
N ALA B 444 4.91 86.92 35.90
CA ALA B 444 5.75 85.76 35.62
C ALA B 444 7.21 86.02 35.99
N MET B 445 7.69 87.25 35.76
CA MET B 445 9.07 87.57 36.07
C MET B 445 9.29 87.70 37.57
N GLU B 446 8.31 88.26 38.29
CA GLU B 446 8.42 88.39 39.74
C GLU B 446 7.91 87.16 40.47
N LEU B 447 7.83 86.01 39.80
CA LEU B 447 7.47 84.74 40.42
C LEU B 447 8.62 83.75 40.37
N TRP B 448 9.19 83.52 39.20
CA TRP B 448 10.28 82.57 39.02
C TRP B 448 11.60 83.31 38.99
N GLY B 449 12.54 82.90 39.84
CA GLY B 449 13.84 83.55 39.91
C GLY B 449 14.71 83.01 41.04
N TYR C 6 -62.44 64.53 23.35
CA TYR C 6 -62.25 63.11 23.63
C TYR C 6 -62.19 62.89 25.13
N GLU C 7 -62.57 61.69 25.58
CA GLU C 7 -62.46 61.36 26.99
C GLU C 7 -60.98 61.29 27.39
N ALA C 8 -60.65 61.94 28.50
CA ALA C 8 -59.25 62.15 28.87
C ALA C 8 -58.91 61.60 30.25
N GLY C 9 -59.87 60.95 30.92
CA GLY C 9 -59.66 60.42 32.24
C GLY C 9 -59.16 58.98 32.22
N VAL C 10 -58.91 58.46 33.41
CA VAL C 10 -58.51 57.06 33.54
C VAL C 10 -59.75 56.19 33.47
N ARG C 11 -59.73 55.21 32.58
CA ARG C 11 -60.88 54.35 32.36
C ARG C 11 -60.56 52.92 32.74
N PRO C 12 -61.56 52.15 33.17
CA PRO C 12 -61.32 50.73 33.47
C PRO C 12 -60.83 49.99 32.23
N TYR C 13 -59.89 49.07 32.46
CA TYR C 13 -59.32 48.30 31.36
C TYR C 13 -60.32 47.34 30.73
N ARG C 14 -61.42 47.07 31.42
CA ARG C 14 -62.41 46.11 30.91
C ARG C 14 -63.13 46.65 29.68
N GLU C 15 -63.33 47.97 29.62
CA GLU C 15 -64.15 48.56 28.57
C GLU C 15 -63.59 48.27 27.18
N THR C 16 -62.27 48.20 27.04
CA THR C 16 -61.63 48.12 25.73
C THR C 16 -61.05 46.74 25.43
N TYR C 17 -60.25 46.19 26.34
CA TYR C 17 -59.44 45.02 26.03
C TYR C 17 -60.01 43.72 26.57
N TYR C 18 -61.26 43.72 27.01
CA TYR C 18 -61.97 42.49 27.39
C TYR C 18 -63.17 42.35 26.45
N ASP C 19 -63.06 41.42 25.51
CA ASP C 19 -64.12 41.15 24.54
C ASP C 19 -64.42 39.65 24.56
N PRO C 20 -65.27 39.22 25.51
CA PRO C 20 -65.62 37.79 25.55
C PRO C 20 -66.35 37.30 24.30
N ASP C 21 -67.00 38.22 23.58
CA ASP C 21 -67.70 37.86 22.35
C ASP C 21 -66.75 37.53 21.20
N TYR C 22 -65.45 37.80 21.36
CA TYR C 22 -64.51 37.67 20.26
C TYR C 22 -64.36 36.23 19.81
N GLU C 23 -64.04 36.05 18.54
CA GLU C 23 -63.72 34.75 17.96
C GLU C 23 -62.27 34.79 17.49
N PRO C 24 -61.39 33.96 18.05
CA PRO C 24 -59.97 34.04 17.68
C PRO C 24 -59.74 33.63 16.24
N LYS C 25 -59.22 34.57 15.44
CA LYS C 25 -58.89 34.28 14.05
C LYS C 25 -57.75 33.27 13.98
N ASP C 26 -57.55 32.72 12.80
CA ASP C 26 -56.52 31.71 12.57
C ASP C 26 -55.18 32.33 12.20
N THR C 27 -55.09 33.66 12.16
CA THR C 27 -53.84 34.36 12.01
C THR C 27 -53.40 35.07 13.29
N ASP C 28 -54.18 34.98 14.36
CA ASP C 28 -53.88 35.67 15.60
C ASP C 28 -52.88 34.88 16.44
N LEU C 29 -52.32 35.54 17.44
CA LEU C 29 -51.45 34.91 18.42
C LEU C 29 -52.22 34.80 19.74
N LEU C 30 -52.41 33.56 20.20
CA LEU C 30 -53.18 33.29 21.41
C LEU C 30 -52.23 32.86 22.52
N CYS C 31 -52.39 33.49 23.69
CA CYS C 31 -51.53 33.22 24.85
C CYS C 31 -52.39 32.77 26.02
N ALA C 32 -51.89 31.77 26.76
CA ALA C 32 -52.56 31.26 27.94
C ALA C 32 -51.84 31.79 29.17
N PHE C 33 -52.50 32.69 29.90
CA PHE C 33 -51.92 33.35 31.06
C PHE C 33 -52.60 32.86 32.33
N ARG C 34 -51.80 32.65 33.37
CA ARG C 34 -52.33 32.34 34.70
C ARG C 34 -52.24 33.59 35.56
N ILE C 35 -53.39 34.07 36.02
CA ILE C 35 -53.47 35.34 36.73
C ILE C 35 -53.69 35.08 38.21
N THR C 36 -53.04 35.90 39.03
CA THR C 36 -53.28 35.95 40.48
C THR C 36 -53.55 37.40 40.81
N PRO C 37 -54.79 37.85 40.66
CA PRO C 37 -55.09 39.28 40.83
C PRO C 37 -54.83 39.75 42.26
N LYS C 38 -54.47 41.02 42.38
CA LYS C 38 -54.32 41.63 43.69
C LYS C 38 -55.66 41.61 44.42
N PRO C 39 -55.68 41.31 45.72
CA PRO C 39 -56.94 41.36 46.47
C PRO C 39 -57.63 42.71 46.35
N GLY C 40 -58.77 42.73 45.68
CA GLY C 40 -59.49 43.96 45.41
C GLY C 40 -59.75 44.22 43.94
N VAL C 41 -59.10 43.51 43.02
CA VAL C 41 -59.39 43.67 41.59
C VAL C 41 -59.96 42.36 41.05
N PRO C 42 -60.91 42.41 40.12
CA PRO C 42 -61.53 41.18 39.63
C PRO C 42 -60.62 40.42 38.69
N MET C 43 -61.04 39.19 38.39
CA MET C 43 -60.34 38.37 37.41
C MET C 43 -60.38 39.00 36.03
N GLU C 44 -61.53 39.56 35.65
CA GLU C 44 -61.66 40.17 34.33
C GLU C 44 -60.77 41.39 34.18
N GLU C 45 -60.72 42.24 35.21
CA GLU C 45 -59.94 43.47 35.12
C GLU C 45 -58.45 43.17 34.98
N ALA C 46 -57.95 42.18 35.71
CA ALA C 46 -56.55 41.82 35.60
C ALA C 46 -56.24 41.20 34.24
N ALA C 47 -57.16 40.40 33.71
CA ALA C 47 -56.97 39.84 32.37
C ALA C 47 -56.97 40.93 31.32
N ALA C 48 -57.84 41.94 31.47
CA ALA C 48 -57.83 43.07 30.56
C ALA C 48 -56.55 43.89 30.71
N ALA C 49 -55.89 43.79 31.88
CA ALA C 49 -54.66 44.54 32.10
C ALA C 49 -53.50 43.92 31.34
N VAL C 50 -53.42 42.60 31.31
CA VAL C 50 -52.35 41.93 30.58
C VAL C 50 -52.46 42.19 29.08
N ALA C 51 -53.68 42.25 28.55
CA ALA C 51 -53.89 42.53 27.13
C ALA C 51 -53.62 43.99 26.79
N ALA C 52 -54.04 44.91 27.67
CA ALA C 52 -53.87 46.33 27.40
C ALA C 52 -52.39 46.71 27.35
N GLU C 53 -51.60 46.19 28.27
CA GLU C 53 -50.22 46.64 28.43
C GLU C 53 -49.21 45.76 27.69
N SER C 54 -49.67 44.74 26.99
CA SER C 54 -48.85 43.99 26.04
C SER C 54 -49.21 44.36 24.60
N SER C 55 -50.11 45.32 24.42
CA SER C 55 -50.62 45.73 23.13
C SER C 55 -50.96 47.22 23.17
N THR C 56 -51.75 47.68 22.20
CA THR C 56 -52.00 49.11 22.03
C THR C 56 -52.84 49.62 23.21
N GLY C 57 -52.16 49.97 24.30
CA GLY C 57 -52.86 50.46 25.47
C GLY C 57 -51.92 51.05 26.49
N THR C 58 -52.49 51.88 27.37
CA THR C 58 -51.75 52.48 28.47
C THR C 58 -52.73 52.70 29.62
N TRP C 59 -52.33 53.50 30.60
CA TRP C 59 -53.12 53.69 31.82
C TRP C 59 -54.04 54.90 31.75
N THR C 60 -54.10 55.60 30.61
CA THR C 60 -54.95 56.77 30.47
C THR C 60 -55.32 56.96 29.01
N GLU C 61 -56.57 57.35 28.77
CA GLU C 61 -56.99 57.68 27.41
C GLU C 61 -56.13 58.82 26.86
N VAL C 62 -55.65 58.64 25.64
CA VAL C 62 -54.70 59.56 25.02
C VAL C 62 -55.36 60.19 23.80
N TRP C 63 -54.97 61.44 23.51
CA TRP C 63 -55.45 62.10 22.30
C TRP C 63 -55.01 61.35 21.05
N SER C 64 -53.83 60.72 21.10
CA SER C 64 -53.30 60.01 19.94
C SER C 64 -54.07 58.73 19.66
N ASN C 65 -54.96 58.31 20.55
CA ASN C 65 -55.77 57.12 20.31
C ASN C 65 -56.64 57.28 19.07
N LEU C 66 -57.12 58.50 18.80
CA LEU C 66 -58.02 58.74 17.68
C LEU C 66 -57.29 58.86 16.35
N LEU C 67 -55.95 58.86 16.34
CA LEU C 67 -55.20 59.00 15.11
C LEU C 67 -55.10 57.70 14.33
N THR C 68 -55.57 56.59 14.88
CA THR C 68 -55.48 55.28 14.24
C THR C 68 -56.74 54.49 14.58
N ASP C 69 -56.69 53.18 14.34
CA ASP C 69 -57.81 52.27 14.60
C ASP C 69 -57.30 51.16 15.50
N LEU C 70 -57.37 51.37 16.81
CA LEU C 70 -56.94 50.35 17.76
C LEU C 70 -57.84 49.12 17.71
N GLU C 71 -59.05 49.26 17.17
CA GLU C 71 -59.92 48.11 17.01
C GLU C 71 -59.31 47.06 16.09
N ARG C 72 -58.34 47.45 15.26
CA ARG C 72 -57.64 46.53 14.38
C ARG C 72 -56.30 46.08 14.96
N TYR C 73 -55.71 46.84 15.88
CA TYR C 73 -54.34 46.60 16.33
C TYR C 73 -54.27 46.20 17.80
N LYS C 74 -55.41 46.03 18.47
CA LYS C 74 -55.40 45.79 19.91
C LYS C 74 -55.53 44.30 20.21
N ALA C 75 -54.98 43.89 21.35
CA ALA C 75 -55.22 42.57 21.90
C ALA C 75 -56.44 42.62 22.82
N ARG C 76 -57.20 41.54 22.82
CA ARG C 76 -58.42 41.48 23.62
C ARG C 76 -58.52 40.10 24.26
N CYS C 77 -58.77 40.09 25.57
CA CYS C 77 -58.98 38.82 26.27
C CYS C 77 -60.37 38.30 25.96
N TYR C 78 -60.45 37.17 25.26
CA TYR C 78 -61.71 36.64 24.76
C TYR C 78 -62.29 35.54 25.62
N ARG C 79 -61.49 34.90 26.46
CA ARG C 79 -61.98 33.78 27.26
C ARG C 79 -61.29 33.77 28.62
N ILE C 80 -62.05 33.43 29.65
CA ILE C 80 -61.52 33.22 30.99
C ILE C 80 -61.97 31.83 31.44
N GLU C 81 -61.01 31.01 31.90
CA GLU C 81 -61.27 29.63 32.27
C GLU C 81 -61.19 29.47 33.79
N GLY C 82 -61.71 30.45 34.52
CA GLY C 82 -61.64 30.43 35.97
C GLY C 82 -60.39 31.11 36.48
N ASP C 83 -59.23 30.51 36.21
CA ASP C 83 -57.94 31.08 36.59
C ASP C 83 -57.04 31.37 35.40
N VAL C 84 -57.26 30.74 34.26
CA VAL C 84 -56.46 30.95 33.06
C VAL C 84 -57.18 31.92 32.15
N ALA C 85 -56.48 32.95 31.68
CA ALA C 85 -57.04 33.96 30.81
C ALA C 85 -56.40 33.85 29.42
N TYR C 86 -57.24 33.82 28.40
CA TYR C 86 -56.78 33.73 27.02
C TYR C 86 -56.83 35.10 26.36
N ILE C 87 -55.75 35.46 25.67
CA ILE C 87 -55.64 36.75 25.00
C ILE C 87 -55.29 36.50 23.54
N ALA C 88 -55.90 37.28 22.65
CA ALA C 88 -55.69 37.15 21.22
C ALA C 88 -54.91 38.36 20.72
N TYR C 89 -53.76 38.11 20.09
CA TYR C 89 -52.90 39.16 19.58
C TYR C 89 -52.96 39.18 18.06
N PRO C 90 -53.30 40.31 17.44
CA PRO C 90 -53.33 40.38 15.97
C PRO C 90 -51.95 40.11 15.38
N LEU C 91 -51.95 39.54 14.17
CA LEU C 91 -50.70 39.21 13.51
C LEU C 91 -49.86 40.43 13.20
N ASP C 92 -50.50 41.58 12.98
CA ASP C 92 -49.80 42.79 12.55
C ASP C 92 -49.01 43.45 13.68
N LEU C 93 -48.98 42.87 14.87
CA LEU C 93 -48.34 43.48 16.02
C LEU C 93 -46.90 43.02 16.22
N PHE C 94 -46.41 42.08 15.39
CA PHE C 94 -45.13 41.44 15.66
C PHE C 94 -44.23 41.55 14.44
N GLU C 95 -42.97 41.93 14.67
CA GLU C 95 -41.99 41.92 13.61
C GLU C 95 -41.75 40.49 13.12
N GLU C 96 -41.69 40.35 11.80
CA GLU C 96 -41.55 39.02 11.20
C GLU C 96 -40.20 38.41 11.54
N GLY C 97 -40.22 37.14 11.92
CA GLY C 97 -39.00 36.39 12.15
C GLY C 97 -38.09 36.93 13.24
N SER C 98 -38.65 37.24 14.41
CA SER C 98 -37.85 37.78 15.51
C SER C 98 -38.47 37.33 16.83
N ILE C 99 -37.83 36.35 17.47
CA ILE C 99 -38.25 35.92 18.81
C ILE C 99 -38.08 37.05 19.81
N VAL C 100 -37.15 37.96 19.57
CA VAL C 100 -36.91 39.06 20.51
C VAL C 100 -38.16 39.92 20.65
N ASN C 101 -38.85 40.19 19.55
CA ASN C 101 -40.05 41.02 19.62
C ASN C 101 -41.24 40.23 20.16
N ILE C 102 -41.25 38.91 19.94
CA ILE C 102 -42.38 38.10 20.39
C ILE C 102 -42.43 38.00 21.91
N MET C 103 -41.36 38.39 22.59
CA MET C 103 -41.34 38.44 24.04
C MET C 103 -41.27 39.86 24.58
N SER C 104 -40.64 40.78 23.86
CA SER C 104 -40.60 42.17 24.31
C SER C 104 -42.00 42.76 24.39
N SER C 105 -42.96 42.18 23.67
CA SER C 105 -44.35 42.60 23.73
C SER C 105 -45.15 41.79 24.74
N ILE C 106 -45.03 40.47 24.71
CA ILE C 106 -45.88 39.62 25.52
C ILE C 106 -45.42 39.61 26.97
N VAL C 107 -44.13 39.33 27.20
CA VAL C 107 -43.60 39.24 28.56
C VAL C 107 -42.80 40.50 28.89
N GLY C 108 -43.06 41.59 28.15
CA GLY C 108 -42.28 42.80 28.30
C GLY C 108 -42.35 43.44 29.66
N ASN C 109 -43.50 44.01 30.02
CA ASN C 109 -43.63 44.70 31.30
C ASN C 109 -45.00 44.46 31.93
N VAL C 110 -45.60 43.31 31.64
CA VAL C 110 -46.88 42.96 32.24
C VAL C 110 -46.74 42.05 33.46
N PHE C 111 -45.58 41.42 33.64
CA PHE C 111 -45.36 40.52 34.77
C PHE C 111 -45.10 41.26 36.08
N GLY C 112 -44.94 42.57 36.04
CA GLY C 112 -44.59 43.32 37.24
C GLY C 112 -45.60 44.37 37.64
N PHE C 113 -46.84 44.23 37.19
CA PHE C 113 -47.88 45.17 37.55
C PHE C 113 -48.35 44.97 38.98
N LYS C 114 -48.78 46.06 39.61
CA LYS C 114 -49.36 45.99 40.94
C LYS C 114 -50.73 45.33 40.94
N ALA C 115 -51.38 45.24 39.78
CA ALA C 115 -52.70 44.65 39.70
C ALA C 115 -52.65 43.13 39.82
N VAL C 116 -51.65 42.49 39.19
CA VAL C 116 -51.49 41.05 39.25
C VAL C 116 -50.38 40.74 40.25
N GLN C 117 -50.69 39.89 41.23
CA GLN C 117 -49.68 39.50 42.22
C GLN C 117 -48.71 38.47 41.66
N ALA C 118 -49.17 37.62 40.75
CA ALA C 118 -48.32 36.58 40.18
C ALA C 118 -48.88 36.20 38.82
N LEU C 119 -48.07 36.32 37.79
CA LEU C 119 -48.48 36.07 36.41
C LEU C 119 -47.55 35.04 35.79
N ARG C 120 -48.12 34.03 35.15
CA ARG C 120 -47.35 33.02 34.45
C ARG C 120 -47.94 32.78 33.06
N LEU C 121 -47.08 32.74 32.05
CA LEU C 121 -47.48 32.40 30.70
C LEU C 121 -47.38 30.89 30.52
N GLU C 122 -48.54 30.23 30.41
CA GLU C 122 -48.56 28.77 30.36
C GLU C 122 -48.24 28.25 28.97
N ASP C 123 -48.95 28.74 27.95
CA ASP C 123 -48.75 28.26 26.58
C ASP C 123 -49.05 29.41 25.63
N MET C 124 -48.80 29.17 24.34
CA MET C 124 -49.05 30.19 23.33
C MET C 124 -49.20 29.52 21.97
N ARG C 125 -50.19 29.96 21.20
CA ARG C 125 -50.52 29.37 19.90
C ARG C 125 -49.91 30.22 18.80
N ILE C 126 -48.73 29.82 18.33
CA ILE C 126 -48.07 30.52 17.23
C ILE C 126 -48.82 30.23 15.94
N PRO C 127 -49.32 31.26 15.24
CA PRO C 127 -50.03 31.00 13.98
C PRO C 127 -49.08 30.54 12.89
N VAL C 128 -49.66 29.87 11.89
CA VAL C 128 -48.86 29.38 10.77
C VAL C 128 -48.24 30.54 10.00
N ALA C 129 -49.01 31.63 9.83
CA ALA C 129 -48.51 32.76 9.06
C ALA C 129 -47.27 33.37 9.70
N TYR C 130 -47.27 33.53 11.02
CA TYR C 130 -46.09 34.07 11.69
C TYR C 130 -45.00 33.02 11.83
N LEU C 131 -45.37 31.74 11.90
CA LEU C 131 -44.37 30.69 12.08
C LEU C 131 -43.59 30.44 10.80
N LYS C 132 -44.22 30.62 9.63
CA LYS C 132 -43.56 30.36 8.37
C LYS C 132 -42.42 31.34 8.08
N THR C 133 -42.36 32.45 8.82
CA THR C 133 -41.28 33.42 8.66
C THR C 133 -40.01 32.96 9.38
N PHE C 134 -40.09 31.93 10.20
CA PHE C 134 -38.90 31.52 10.92
C PHE C 134 -38.21 30.35 10.21
N PRO C 135 -36.88 30.28 10.30
CA PRO C 135 -36.16 29.24 9.53
C PRO C 135 -36.33 27.84 10.09
N GLY C 136 -36.37 27.70 11.41
CA GLY C 136 -36.43 26.39 12.02
C GLY C 136 -35.05 25.79 12.21
N PRO C 137 -35.00 24.58 12.77
CA PRO C 137 -33.71 23.93 13.02
C PRO C 137 -32.91 23.74 11.74
N PRO C 138 -31.59 23.88 11.81
CA PRO C 138 -30.79 23.73 10.58
C PRO C 138 -30.79 22.30 10.03
N THR C 139 -30.75 21.30 10.89
CA THR C 139 -30.64 19.91 10.44
C THR C 139 -31.83 19.06 10.87
N GLY C 140 -32.22 19.11 12.14
CA GLY C 140 -33.30 18.28 12.63
C GLY C 140 -32.84 16.87 12.98
N ILE C 141 -33.81 16.06 13.39
CA ILE C 141 -33.52 14.70 13.84
C ILE C 141 -33.08 13.83 12.65
N GLN C 142 -33.85 13.86 11.56
CA GLN C 142 -33.63 12.93 10.47
C GLN C 142 -32.27 13.14 9.81
N VAL C 143 -31.89 14.40 9.58
CA VAL C 143 -30.59 14.67 8.96
C VAL C 143 -29.46 14.32 9.92
N GLU C 144 -29.62 14.63 11.20
CA GLU C 144 -28.56 14.37 12.17
C GLU C 144 -28.28 12.88 12.32
N ARG C 145 -29.33 12.06 12.36
CA ARG C 145 -29.12 10.62 12.47
C ARG C 145 -28.37 10.07 11.27
N ASP C 146 -28.63 10.62 10.09
CA ASP C 146 -27.84 10.25 8.92
C ASP C 146 -26.44 10.82 8.98
N ARG C 147 -26.28 12.02 9.55
CA ARG C 147 -24.97 12.65 9.61
C ARG C 147 -24.06 11.93 10.60
N LEU C 148 -24.63 11.21 11.58
CA LEU C 148 -23.86 10.41 12.51
C LEU C 148 -23.90 8.93 12.20
N ASN C 149 -24.84 8.48 11.37
CA ASN C 149 -25.02 7.06 11.02
C ASN C 149 -25.33 6.24 12.26
N LYS C 150 -26.40 6.62 12.97
CA LYS C 150 -26.85 5.94 14.17
C LYS C 150 -28.37 5.90 14.17
N TYR C 151 -28.94 4.71 14.11
CA TYR C 151 -30.38 4.54 13.99
C TYR C 151 -30.90 3.56 15.02
N GLY C 152 -32.18 3.67 15.32
CA GLY C 152 -32.91 2.69 16.12
C GLY C 152 -32.49 2.60 17.57
N ARG C 153 -32.13 3.71 18.19
CA ARG C 153 -31.79 3.75 19.61
C ARG C 153 -31.59 5.21 20.01
N PRO C 154 -31.78 5.54 21.28
CA PRO C 154 -31.41 6.87 21.75
C PRO C 154 -29.90 7.04 21.71
N LEU C 155 -29.48 8.27 21.47
CA LEU C 155 -28.06 8.57 21.40
C LEU C 155 -27.54 8.98 22.77
N LEU C 156 -26.28 8.69 23.02
CA LEU C 156 -25.70 8.77 24.36
C LEU C 156 -24.65 9.86 24.43
N GLY C 157 -24.69 10.66 25.50
CA GLY C 157 -23.70 11.69 25.73
C GLY C 157 -23.34 11.74 27.20
N GLY C 158 -22.35 12.58 27.50
CA GLY C 158 -21.96 12.79 28.88
C GLY C 158 -21.20 14.09 29.10
N THR C 159 -21.67 14.90 30.05
CA THR C 159 -20.94 16.09 30.43
C THR C 159 -19.64 15.71 31.12
N ILE C 160 -18.59 16.49 30.87
CA ILE C 160 -17.27 16.21 31.42
C ILE C 160 -17.18 16.81 32.81
N LYS C 161 -16.77 16.00 33.79
CA LYS C 161 -16.68 16.44 35.16
C LYS C 161 -15.26 16.22 35.70
N PRO C 162 -14.78 17.06 36.62
CA PRO C 162 -15.49 18.17 37.28
C PRO C 162 -15.89 19.30 36.34
N LYS C 163 -16.90 20.08 36.75
CA LYS C 163 -17.45 21.10 35.88
C LYS C 163 -16.39 22.10 35.44
N LEU C 164 -15.54 22.51 36.37
CA LEU C 164 -14.42 23.38 36.04
C LEU C 164 -13.19 22.90 36.82
N GLY C 165 -12.01 23.19 36.28
CA GLY C 165 -10.80 22.87 36.99
C GLY C 165 -9.79 22.08 36.17
N LEU C 166 -10.27 21.22 35.29
CA LEU C 166 -9.38 20.43 34.44
C LEU C 166 -8.65 21.33 33.46
N SER C 167 -7.37 21.05 33.24
CA SER C 167 -6.63 21.71 32.19
C SER C 167 -7.03 21.13 30.84
N ALA C 168 -6.56 21.76 29.77
CA ALA C 168 -6.90 21.30 28.43
C ALA C 168 -6.35 19.90 28.16
N LYS C 169 -5.16 19.61 28.68
CA LYS C 169 -4.56 18.29 28.50
C LYS C 169 -5.38 17.21 29.18
N GLU C 170 -5.76 17.43 30.44
CA GLU C 170 -6.55 16.44 31.16
C GLU C 170 -7.98 16.38 30.66
N TYR C 171 -8.50 17.50 30.15
CA TYR C 171 -9.85 17.50 29.59
C TYR C 171 -9.94 16.56 28.39
N ALA C 172 -8.94 16.61 27.50
CA ALA C 172 -8.94 15.72 26.36
C ALA C 172 -8.78 14.26 26.77
N ARG C 173 -8.06 14.00 27.86
CA ARG C 173 -7.94 12.64 28.37
C ARG C 173 -9.29 12.11 28.82
N VAL C 174 -10.05 12.93 29.55
CA VAL C 174 -11.36 12.49 30.02
C VAL C 174 -12.33 12.36 28.86
N VAL C 175 -12.24 13.26 27.87
CA VAL C 175 -13.08 13.16 26.69
C VAL C 175 -12.77 11.89 25.92
N TYR C 176 -11.49 11.55 25.78
CA TYR C 176 -11.11 10.35 25.05
C TYR C 176 -11.62 9.09 25.75
N GLU C 177 -11.54 9.05 27.08
CA GLU C 177 -11.96 7.86 27.80
C GLU C 177 -13.45 7.61 27.63
N CYS C 178 -14.26 8.67 27.66
CA CYS C 178 -15.71 8.51 27.53
C CYS C 178 -16.09 8.02 26.13
N LEU C 179 -15.54 8.66 25.10
CA LEU C 179 -15.85 8.24 23.73
C LEU C 179 -15.37 6.83 23.45
N ARG C 180 -14.14 6.50 23.88
CA ARG C 180 -13.62 5.16 23.67
C ARG C 180 -14.44 4.10 24.38
N GLY C 181 -15.14 4.46 25.45
CA GLY C 181 -15.92 3.52 26.22
C GLY C 181 -17.26 3.16 25.61
N GLY C 182 -17.77 4.00 24.71
CA GLY C 182 -19.02 3.69 24.06
C GLY C 182 -20.04 4.80 24.04
N LEU C 183 -19.63 6.02 24.41
CA LEU C 183 -20.52 7.17 24.33
C LEU C 183 -20.55 7.69 22.90
N ASP C 184 -21.75 7.95 22.40
CA ASP C 184 -21.91 8.49 21.05
C ASP C 184 -21.35 9.90 20.94
N THR C 185 -21.42 10.68 22.00
CA THR C 185 -21.01 12.08 21.95
C THR C 185 -20.57 12.49 23.35
N THR C 186 -19.76 13.54 23.42
CA THR C 186 -19.41 14.15 24.69
C THR C 186 -19.78 15.63 24.57
N KCX C 187 -19.63 16.39 25.64
CA KCX C 187 -19.97 17.81 25.57
CB KCX C 187 -21.46 18.04 25.75
CG KCX C 187 -21.86 17.65 27.14
CD KCX C 187 -23.32 17.88 27.37
CE KCX C 187 -23.64 19.35 27.16
NZ KCX C 187 -23.32 20.09 28.34
C KCX C 187 -19.23 18.64 26.61
O KCX C 187 -18.80 18.01 27.63
CX KCX C 187 -24.20 20.20 29.42
OQ1 KCX C 187 -23.63 20.73 30.45
OQ2 KCX C 187 -25.36 19.84 29.32
N ASP C 188 -19.09 19.94 26.39
CA ASP C 188 -18.52 20.82 27.40
C ASP C 188 -19.56 21.07 28.48
N ASP C 189 -19.18 21.84 29.49
CA ASP C 189 -20.12 22.21 30.52
C ASP C 189 -20.84 23.50 30.16
N GLU C 190 -21.92 23.79 30.88
CA GLU C 190 -22.69 24.99 30.58
C GLU C 190 -21.91 26.26 30.93
N ASN C 191 -20.98 26.18 31.88
CA ASN C 191 -20.25 27.35 32.36
C ASN C 191 -18.78 27.33 31.96
N LEU C 192 -18.35 26.35 31.19
CA LEU C 192 -16.96 26.25 30.74
C LEU C 192 -16.87 26.89 29.37
N ASN C 193 -16.63 28.20 29.35
CA ASN C 193 -16.51 28.93 28.09
C ASN C 193 -15.06 29.21 27.71
N SER C 194 -14.37 30.02 28.53
CA SER C 194 -12.93 30.23 28.36
C SER C 194 -12.42 30.79 29.70
N GLN C 195 -11.79 29.94 30.49
CA GLN C 195 -11.33 30.32 31.81
C GLN C 195 -9.82 30.24 31.90
N PRO C 196 -9.19 30.95 32.84
CA PRO C 196 -7.72 30.98 32.89
C PRO C 196 -7.07 29.62 33.02
N PHE C 197 -7.76 28.63 33.59
CA PHE C 197 -7.22 27.28 33.67
C PHE C 197 -7.49 26.46 32.41
N ASN C 198 -8.38 26.93 31.53
CA ASN C 198 -8.74 26.17 30.33
C ASN C 198 -9.24 27.17 29.29
N ARG C 199 -8.39 27.50 28.33
CA ARG C 199 -8.76 28.42 27.26
C ARG C 199 -9.45 27.68 26.14
N TRP C 200 -10.36 28.36 25.45
CA TRP C 200 -11.14 27.71 24.40
C TRP C 200 -10.26 27.31 23.23
N ARG C 201 -9.27 28.14 22.88
CA ARG C 201 -8.42 27.84 21.75
C ARG C 201 -7.50 26.65 22.02
N ASP C 202 -7.25 26.34 23.30
CA ASP C 202 -6.52 25.13 23.65
C ASP C 202 -7.45 23.95 23.84
N ARG C 203 -8.63 24.17 24.41
CA ARG C 203 -9.60 23.08 24.58
C ARG C 203 -10.09 22.57 23.23
N PHE C 204 -10.41 23.49 22.32
CA PHE C 204 -10.93 23.09 21.01
C PHE C 204 -9.92 22.23 20.27
N LEU C 205 -8.64 22.61 20.33
CA LEU C 205 -7.61 21.87 19.61
C LEU C 205 -7.34 20.52 20.27
N TYR C 206 -7.31 20.49 21.60
CA TYR C 206 -7.00 19.25 22.31
C TYR C 206 -8.10 18.21 22.13
N VAL C 207 -9.36 18.60 22.39
CA VAL C 207 -10.41 17.60 22.46
C VAL C 207 -10.77 17.03 21.10
N MET C 208 -10.41 17.70 20.01
CA MET C 208 -10.67 17.12 18.70
C MET C 208 -9.49 16.32 18.18
N GLU C 209 -8.34 16.40 18.84
CA GLU C 209 -7.38 15.31 18.72
C GLU C 209 -7.94 14.05 19.37
N ALA C 210 -8.60 14.21 20.52
CA ALA C 210 -9.20 13.07 21.19
C ALA C 210 -10.41 12.54 20.43
N VAL C 211 -11.23 13.43 19.88
CA VAL C 211 -12.45 13.01 19.20
C VAL C 211 -12.11 12.21 17.94
N ARG C 212 -11.20 12.74 17.13
CA ARG C 212 -10.87 12.04 15.88
C ARG C 212 -9.95 10.85 16.12
N LYS C 213 -9.28 10.81 17.27
CA LYS C 213 -8.52 9.62 17.64
C LYS C 213 -9.46 8.52 18.11
N ALA C 214 -10.49 8.88 18.86
CA ALA C 214 -11.48 7.89 19.29
C ALA C 214 -12.28 7.37 18.11
N GLU C 215 -12.54 8.21 17.11
CA GLU C 215 -13.27 7.78 15.93
C GLU C 215 -12.53 6.67 15.19
N ALA C 216 -11.21 6.82 15.05
CA ALA C 216 -10.43 5.83 14.32
C ALA C 216 -10.33 4.53 15.10
N GLU C 217 -10.21 4.60 16.42
CA GLU C 217 -9.94 3.41 17.21
C GLU C 217 -11.18 2.54 17.42
N THR C 218 -12.37 3.12 17.39
CA THR C 218 -13.59 2.32 17.56
C THR C 218 -14.38 2.15 16.26
N GLY C 219 -14.20 3.04 15.29
CA GLY C 219 -14.85 2.94 14.01
C GLY C 219 -16.14 3.73 13.89
N GLU C 220 -16.74 4.13 15.00
CA GLU C 220 -17.99 4.88 14.96
C GLU C 220 -17.73 6.38 14.97
N ARG C 221 -18.69 7.14 14.45
CA ARG C 221 -18.57 8.59 14.37
C ARG C 221 -18.88 9.21 15.71
N LYS C 222 -17.91 9.89 16.30
CA LYS C 222 -18.05 10.52 17.60
C LYS C 222 -18.26 12.02 17.43
N GLY C 223 -18.28 12.73 18.55
CA GLY C 223 -18.43 14.17 18.52
C GLY C 223 -18.27 14.75 19.91
N HIS C 224 -18.27 16.08 19.97
CA HIS C 224 -18.14 16.78 21.24
C HIS C 224 -18.71 18.18 21.07
N TRP C 225 -19.76 18.49 21.82
CA TRP C 225 -20.46 19.78 21.72
C TRP C 225 -19.59 20.85 22.38
N LEU C 226 -18.74 21.48 21.57
CA LEU C 226 -17.89 22.54 22.08
C LEU C 226 -18.72 23.74 22.50
N ASN C 227 -18.42 24.29 23.66
CA ASN C 227 -19.14 25.45 24.17
C ASN C 227 -18.53 26.70 23.55
N VAL C 228 -19.19 27.23 22.53
CA VAL C 228 -18.71 28.41 21.83
C VAL C 228 -19.33 29.65 22.46
N THR C 229 -20.02 29.47 23.57
CA THR C 229 -20.65 30.59 24.25
C THR C 229 -19.60 31.57 24.74
N ALA C 230 -19.91 32.85 24.65
CA ALA C 230 -18.96 33.90 25.02
C ALA C 230 -19.74 35.16 25.38
N GLY C 231 -19.00 36.22 25.71
CA GLY C 231 -19.61 37.47 26.11
C GLY C 231 -20.08 38.36 25.00
N SER C 232 -19.88 37.98 23.73
CA SER C 232 -20.31 38.81 22.62
C SER C 232 -20.61 37.94 21.41
N THR C 233 -21.46 38.47 20.54
CA THR C 233 -21.82 37.74 19.32
C THR C 233 -20.62 37.58 18.40
N GLU C 234 -19.80 38.63 18.29
CA GLU C 234 -18.60 38.53 17.46
C GLU C 234 -17.66 37.46 17.98
N GLU C 235 -17.48 37.38 19.30
CA GLU C 235 -16.60 36.36 19.86
C GLU C 235 -17.19 34.97 19.67
N MET C 236 -18.51 34.82 19.79
CA MET C 236 -19.12 33.52 19.52
C MET C 236 -18.91 33.11 18.07
N LEU C 237 -19.09 34.03 17.13
CA LEU C 237 -18.88 33.69 15.73
C LEU C 237 -17.42 33.38 15.46
N LYS C 238 -16.51 34.05 16.16
CA LYS C 238 -15.09 33.72 16.06
C LYS C 238 -14.81 32.31 16.56
N ARG C 239 -15.41 31.94 17.68
CA ARG C 239 -15.20 30.60 18.23
C ARG C 239 -15.88 29.54 17.39
N ALA C 240 -17.09 29.83 16.90
CA ALA C 240 -17.80 28.87 16.06
C ALA C 240 -17.05 28.61 14.76
N GLU C 241 -16.48 29.66 14.17
CA GLU C 241 -15.72 29.48 12.94
C GLU C 241 -14.46 28.65 13.17
N PHE C 242 -13.80 28.85 14.31
CA PHE C 242 -12.60 28.09 14.62
C PHE C 242 -12.93 26.60 14.80
N ALA C 243 -14.06 26.31 15.45
CA ALA C 243 -14.47 24.92 15.58
C ALA C 243 -14.80 24.29 14.24
N ALA C 244 -15.39 25.06 13.33
CA ALA C 244 -15.80 24.51 12.05
C ALA C 244 -14.61 24.02 11.24
N GLU C 245 -13.51 24.77 11.25
CA GLU C 245 -12.34 24.37 10.46
C GLU C 245 -11.59 23.21 11.10
N LEU C 246 -11.78 22.97 12.40
CA LEU C 246 -11.14 21.84 13.05
C LEU C 246 -11.80 20.52 12.69
N GLY C 247 -12.93 20.54 11.98
CA GLY C 247 -13.68 19.34 11.71
C GLY C 247 -14.82 19.07 12.66
N SER C 248 -15.18 20.04 13.49
CA SER C 248 -16.25 19.85 14.46
C SER C 248 -17.57 19.58 13.76
N ARG C 249 -18.27 18.55 14.21
CA ARG C 249 -19.65 18.34 13.81
C ARG C 249 -20.63 19.19 14.63
N TYR C 250 -20.19 19.68 15.79
CA TYR C 250 -21.11 20.24 16.77
C TYR C 250 -20.55 21.51 17.38
N ILE C 251 -21.46 22.38 17.82
CA ILE C 251 -21.15 23.49 18.70
C ILE C 251 -22.29 23.60 19.71
N MET C 252 -21.99 24.24 20.84
CA MET C 252 -22.97 24.40 21.91
C MET C 252 -23.02 25.86 22.34
N VAL C 253 -24.23 26.36 22.57
CA VAL C 253 -24.44 27.72 23.02
C VAL C 253 -25.59 27.74 24.02
N ASP C 254 -25.45 28.57 25.06
CA ASP C 254 -26.53 28.75 26.03
C ASP C 254 -27.47 29.82 25.51
N PHE C 255 -28.58 29.38 24.89
CA PHE C 255 -29.47 30.28 24.18
C PHE C 255 -30.25 31.20 25.10
N LEU C 256 -30.22 30.97 26.41
CA LEU C 256 -30.93 31.83 27.36
C LEU C 256 -30.02 32.82 28.07
N THR C 257 -28.84 32.37 28.52
CA THR C 257 -27.90 33.30 29.12
C THR C 257 -27.27 34.21 28.07
N ALA C 258 -26.87 33.63 26.93
CA ALA C 258 -26.32 34.44 25.85
C ALA C 258 -27.38 35.38 25.29
N GLY C 259 -28.61 34.91 25.15
CA GLY C 259 -29.70 35.68 24.61
C GLY C 259 -30.26 35.03 23.36
N PHE C 260 -31.33 35.63 22.85
CA PHE C 260 -31.96 35.14 21.64
C PHE C 260 -31.48 35.82 20.37
N ALA C 261 -31.13 37.10 20.43
CA ALA C 261 -30.55 37.75 19.26
C ALA C 261 -29.19 37.13 18.92
N ALA C 262 -28.34 36.96 19.93
CA ALA C 262 -27.06 36.30 19.71
C ALA C 262 -27.26 34.85 19.29
N PHE C 263 -28.27 34.18 19.84
CA PHE C 263 -28.57 32.81 19.43
C PHE C 263 -28.96 32.74 17.96
N ALA C 264 -29.79 33.69 17.50
CA ALA C 264 -30.17 33.72 16.09
C ALA C 264 -28.97 33.99 15.21
N SER C 265 -28.09 34.89 15.64
CA SER C 265 -26.88 35.18 14.86
C SER C 265 -25.98 33.96 14.77
N VAL C 266 -25.81 33.23 15.88
CA VAL C 266 -24.95 32.06 15.88
C VAL C 266 -25.57 30.93 15.06
N ARG C 267 -26.90 30.79 15.12
CA ARG C 267 -27.58 29.75 14.35
C ARG C 267 -27.37 29.94 12.86
N ARG C 268 -27.49 31.18 12.38
CA ARG C 268 -27.33 31.45 10.96
C ARG C 268 -25.93 31.08 10.49
N ARG C 269 -24.91 31.48 11.24
CA ARG C 269 -23.53 31.15 10.86
C ARG C 269 -23.24 29.67 11.06
N ALA C 270 -23.93 29.02 12.01
CA ALA C 270 -23.73 27.58 12.19
C ALA C 270 -24.31 26.79 11.03
N GLU C 271 -25.36 27.32 10.39
CA GLU C 271 -25.89 26.67 9.18
C GLU C 271 -24.90 26.78 8.03
N GLU C 272 -24.25 27.94 7.88
CA GLU C 272 -23.32 28.13 6.78
C GLU C 272 -22.11 27.22 6.90
N LEU C 273 -21.62 27.00 8.12
CA LEU C 273 -20.46 26.16 8.34
C LEU C 273 -20.80 24.68 8.43
N GLY C 274 -22.06 24.31 8.29
CA GLY C 274 -22.46 22.92 8.42
C GLY C 274 -22.25 22.37 9.82
N LEU C 275 -22.60 23.14 10.84
CA LEU C 275 -22.41 22.77 12.23
C LEU C 275 -23.75 22.44 12.85
N MET C 276 -23.82 21.29 13.51
CA MET C 276 -25.01 20.93 14.28
C MET C 276 -24.97 21.65 15.62
N LEU C 277 -26.06 22.33 15.96
CA LEU C 277 -26.08 23.27 17.08
C LEU C 277 -26.88 22.68 18.24
N HIS C 278 -26.19 22.39 19.34
CA HIS C 278 -26.85 21.96 20.57
C HIS C 278 -27.12 23.18 21.46
N CYS C 279 -28.28 23.18 22.09
CA CYS C 279 -28.77 24.36 22.81
C CYS C 279 -28.95 23.98 24.28
N HIS C 280 -28.10 24.54 25.14
CA HIS C 280 -28.24 24.33 26.57
C HIS C 280 -29.22 25.35 27.14
N ARG C 281 -30.14 24.88 27.97
CA ARG C 281 -31.24 25.70 28.49
C ARG C 281 -30.92 26.35 29.83
N ALA C 282 -29.64 26.60 30.13
CA ALA C 282 -29.27 27.17 31.41
C ALA C 282 -30.03 28.46 31.66
N MET C 283 -30.31 28.73 32.94
CA MET C 283 -31.01 29.91 33.48
C MET C 283 -32.52 29.77 33.27
N HIS C 284 -33.00 28.69 32.67
CA HIS C 284 -34.43 28.52 32.45
C HIS C 284 -35.19 28.37 33.77
N ALA C 285 -34.54 27.84 34.80
CA ALA C 285 -35.20 27.63 36.08
C ALA C 285 -35.46 28.93 36.83
N VAL C 286 -34.89 30.04 36.38
CA VAL C 286 -35.30 31.34 36.91
C VAL C 286 -36.71 31.66 36.46
N PHE C 287 -37.08 31.26 35.23
CA PHE C 287 -38.43 31.45 34.73
C PHE C 287 -39.39 30.37 35.25
N ASP C 288 -39.10 29.11 34.94
CA ASP C 288 -40.12 28.08 34.92
C ASP C 288 -40.16 27.23 36.19
N ARG C 289 -39.70 27.75 37.32
CA ARG C 289 -39.74 26.93 38.53
C ARG C 289 -41.11 26.96 39.19
N GLN C 290 -41.54 28.14 39.63
CA GLN C 290 -42.79 28.22 40.39
C GLN C 290 -43.99 28.10 39.45
N PRO C 291 -45.00 27.31 39.83
CA PRO C 291 -46.19 27.18 38.99
C PRO C 291 -47.09 28.40 38.99
N ASN C 292 -46.82 29.39 39.84
CA ASN C 292 -47.67 30.58 39.94
C ASN C 292 -47.06 31.80 39.28
N HIS C 293 -45.81 31.74 38.83
CA HIS C 293 -45.17 32.89 38.22
C HIS C 293 -44.06 32.42 37.30
N GLY C 294 -43.79 33.23 36.28
CA GLY C 294 -42.71 32.94 35.35
C GLY C 294 -43.20 32.60 33.95
N ILE C 295 -42.40 31.84 33.21
CA ILE C 295 -42.74 31.41 31.86
C ILE C 295 -42.52 29.91 31.79
N HIS C 296 -43.54 29.16 31.38
CA HIS C 296 -43.39 27.72 31.27
C HIS C 296 -42.38 27.37 30.19
N PHE C 297 -41.73 26.21 30.35
CA PHE C 297 -40.70 25.83 29.40
C PHE C 297 -41.26 25.34 28.06
N ARG C 298 -42.56 25.09 27.97
CA ARG C 298 -43.11 24.75 26.66
C ARG C 298 -43.17 25.97 25.76
N VAL C 299 -43.28 27.17 26.35
CA VAL C 299 -43.17 28.39 25.56
C VAL C 299 -41.74 28.61 25.11
N LEU C 300 -40.76 28.31 25.98
CA LEU C 300 -39.36 28.44 25.59
C LEU C 300 -38.96 27.35 24.60
N ALA C 301 -39.66 26.21 24.63
CA ALA C 301 -39.40 25.17 23.64
C ALA C 301 -39.99 25.54 22.28
N LYS C 302 -41.15 26.20 22.27
CA LYS C 302 -41.73 26.68 21.03
C LYS C 302 -40.84 27.73 20.38
N TRP C 303 -40.30 28.64 21.19
CA TRP C 303 -39.44 29.70 20.65
C TRP C 303 -38.16 29.12 20.04
N LEU C 304 -37.56 28.13 20.70
CA LEU C 304 -36.30 27.60 20.22
C LEU C 304 -36.47 26.88 18.88
N ARG C 305 -37.57 26.14 18.71
CA ARG C 305 -37.77 25.43 17.45
C ARG C 305 -37.94 26.41 16.30
N MET C 306 -38.62 27.53 16.52
CA MET C 306 -38.81 28.51 15.45
C MET C 306 -37.48 29.14 15.04
N VAL C 307 -36.71 29.64 16.02
CA VAL C 307 -35.42 30.23 15.70
C VAL C 307 -34.44 29.17 15.20
N GLY C 308 -34.51 27.97 15.77
CA GLY C 308 -33.73 26.86 15.25
C GLY C 308 -32.64 26.36 16.18
N GLY C 309 -32.73 25.09 16.55
CA GLY C 309 -31.69 24.44 17.33
C GLY C 309 -31.78 22.93 17.19
N ASP C 310 -30.67 22.28 16.85
CA ASP C 310 -30.71 20.83 16.62
C ASP C 310 -30.93 20.04 17.90
N HIS C 311 -30.69 20.65 19.06
CA HIS C 311 -30.99 20.01 20.33
C HIS C 311 -31.52 21.06 21.30
N VAL C 312 -32.17 20.57 22.35
CA VAL C 312 -32.58 21.39 23.48
C VAL C 312 -32.80 20.49 24.68
N HIS C 313 -32.34 20.93 25.84
CA HIS C 313 -32.54 20.15 27.06
C HIS C 313 -34.01 20.22 27.46
N THR C 314 -34.67 19.07 27.49
CA THR C 314 -36.07 19.00 27.87
C THR C 314 -36.28 18.63 29.33
N GLY C 315 -35.25 18.12 30.00
CA GLY C 315 -35.34 17.83 31.42
C GLY C 315 -35.77 16.42 31.73
N THR C 316 -34.87 15.66 32.36
CA THR C 316 -35.21 14.32 32.82
C THR C 316 -36.19 14.40 33.96
N VAL C 317 -37.17 13.50 33.96
CA VAL C 317 -38.17 13.49 35.03
C VAL C 317 -37.61 12.84 36.28
N VAL C 318 -37.04 11.64 36.12
CA VAL C 318 -36.42 10.93 37.23
C VAL C 318 -34.94 11.35 37.27
N GLY C 319 -34.69 12.45 37.96
CA GLY C 319 -33.33 12.97 38.03
C GLY C 319 -33.19 13.96 39.16
N LYS C 320 -32.03 14.60 39.21
CA LYS C 320 -31.73 15.56 40.27
C LYS C 320 -32.38 16.92 40.03
N LEU C 321 -32.87 17.18 38.82
CA LEU C 321 -33.54 18.42 38.49
C LEU C 321 -35.03 18.16 38.35
N GLU C 322 -35.85 18.98 39.00
CA GLU C 322 -37.27 18.69 39.09
C GLU C 322 -37.94 18.81 37.73
N GLY C 323 -39.01 18.05 37.56
CA GLY C 323 -39.79 18.09 36.33
C GLY C 323 -41.06 17.28 36.51
N ASP C 324 -41.99 17.49 35.60
CA ASP C 324 -43.27 16.81 35.60
C ASP C 324 -43.30 15.80 34.47
N ARG C 325 -43.68 14.57 34.77
CA ARG C 325 -43.75 13.54 33.74
C ARG C 325 -44.79 13.88 32.69
N ALA C 326 -45.96 14.37 33.11
CA ALA C 326 -46.99 14.74 32.16
C ALA C 326 -46.54 15.85 31.24
N GLU C 327 -45.93 16.91 31.81
CA GLU C 327 -45.49 18.03 30.99
C GLU C 327 -44.35 17.64 30.06
N THR C 328 -43.31 16.99 30.60
CA THR C 328 -42.13 16.65 29.82
C THR C 328 -42.50 15.86 28.56
N LEU C 329 -43.49 14.97 28.67
CA LEU C 329 -43.98 14.28 27.49
C LEU C 329 -44.63 15.26 26.52
N GLY C 330 -45.27 16.31 27.04
CA GLY C 330 -45.86 17.31 26.17
C GLY C 330 -44.82 18.10 25.41
N ILE C 331 -43.75 18.53 26.09
CA ILE C 331 -42.66 19.22 25.41
C ILE C 331 -41.96 18.29 24.43
N ALA C 332 -41.74 17.02 24.81
CA ALA C 332 -41.11 16.07 23.90
C ALA C 332 -41.92 15.90 22.63
N ASP C 333 -43.26 16.01 22.73
CA ASP C 333 -44.09 16.01 21.53
C ASP C 333 -44.02 17.35 20.82
N LEU C 334 -43.88 18.43 21.58
CA LEU C 334 -43.86 19.77 21.00
C LEU C 334 -42.59 20.07 20.25
N LEU C 335 -41.58 19.21 20.36
CA LEU C 335 -40.29 19.43 19.71
C LEU C 335 -39.99 18.43 18.61
N ARG C 336 -40.69 17.30 18.58
CA ARG C 336 -40.41 16.24 17.62
C ARG C 336 -41.48 16.06 16.57
N GLU C 337 -42.74 16.30 16.92
CA GLU C 337 -43.85 15.98 16.03
C GLU C 337 -44.16 17.14 15.09
N ASP C 338 -44.92 16.84 14.04
CA ASP C 338 -45.32 17.83 13.05
C ASP C 338 -46.61 18.53 13.44
N TYR C 339 -47.54 17.84 14.08
CA TYR C 339 -48.75 18.43 14.61
C TYR C 339 -48.95 17.96 16.05
N VAL C 340 -49.21 18.92 16.93
CA VAL C 340 -49.43 18.61 18.34
C VAL C 340 -50.82 19.09 18.74
N PRO C 341 -51.80 18.21 18.85
CA PRO C 341 -53.15 18.64 19.21
C PRO C 341 -53.25 19.08 20.66
N ALA C 342 -54.32 19.79 20.97
CA ALA C 342 -54.54 20.27 22.33
C ALA C 342 -54.74 19.10 23.28
N ASP C 343 -54.16 19.22 24.47
CA ASP C 343 -54.24 18.18 25.48
C ASP C 343 -54.07 18.76 26.87
N PRO C 344 -55.17 19.05 27.57
CA PRO C 344 -55.04 19.61 28.93
C PRO C 344 -54.29 18.71 29.89
N GLY C 345 -54.30 17.39 29.67
CA GLY C 345 -53.56 16.49 30.52
C GLY C 345 -52.07 16.81 30.55
N ARG C 346 -51.51 17.17 29.41
CA ARG C 346 -50.11 17.56 29.31
C ARG C 346 -49.91 19.06 29.46
N GLY C 347 -50.96 19.81 29.79
CA GLY C 347 -50.86 21.23 29.95
C GLY C 347 -50.97 22.04 28.67
N LEU C 348 -51.16 21.39 27.53
CA LEU C 348 -51.21 22.07 26.24
C LEU C 348 -52.62 22.60 26.01
N PHE C 349 -52.79 23.91 26.16
CA PHE C 349 -54.10 24.52 25.94
C PHE C 349 -54.41 24.61 24.45
N PHE C 350 -53.40 24.90 23.63
CA PHE C 350 -53.59 25.17 22.21
C PHE C 350 -52.96 24.07 21.38
N ASP C 351 -53.60 23.73 20.26
CA ASP C 351 -53.00 22.86 19.27
C ASP C 351 -52.02 23.64 18.40
N GLN C 352 -50.85 23.05 18.15
CA GLN C 352 -49.76 23.74 17.47
C GLN C 352 -49.45 23.04 16.16
N ASP C 353 -49.60 23.76 15.06
CA ASP C 353 -49.12 23.31 13.75
C ASP C 353 -47.75 23.94 13.50
N TRP C 354 -46.81 23.15 13.00
CA TRP C 354 -45.43 23.58 12.89
C TRP C 354 -45.02 23.94 11.46
N ALA C 355 -45.95 23.83 10.50
CA ALA C 355 -45.76 24.37 9.15
C ALA C 355 -44.47 23.87 8.49
N GLY C 356 -44.18 22.59 8.69
CA GLY C 356 -43.07 21.97 8.01
C GLY C 356 -41.70 22.18 8.64
N LEU C 357 -41.63 22.84 9.80
CA LEU C 357 -40.36 22.98 10.49
C LEU C 357 -39.88 21.62 10.99
N LYS C 358 -38.61 21.34 10.79
CA LYS C 358 -38.07 20.03 11.12
C LYS C 358 -37.90 19.88 12.63
N PRO C 359 -37.90 18.65 13.13
CA PRO C 359 -37.96 18.41 14.58
C PRO C 359 -36.63 18.71 15.27
N VAL C 360 -36.63 18.49 16.59
CA VAL C 360 -35.49 18.73 17.46
C VAL C 360 -35.34 17.53 18.39
N PHE C 361 -34.11 17.10 18.60
CA PHE C 361 -33.85 16.13 19.66
C PHE C 361 -34.15 16.74 21.02
N PRO C 362 -35.03 16.16 21.83
CA PRO C 362 -35.11 16.56 23.22
C PRO C 362 -34.07 15.84 24.05
N VAL C 363 -33.25 16.59 24.78
CA VAL C 363 -32.10 16.04 25.49
C VAL C 363 -32.45 15.89 26.96
N ALA C 364 -32.22 14.70 27.51
CA ALA C 364 -32.53 14.39 28.90
C ALA C 364 -31.23 14.29 29.68
N SER C 365 -30.98 15.27 30.54
CA SER C 365 -29.76 15.33 31.32
C SER C 365 -30.10 15.67 32.77
N GLY C 366 -29.20 15.30 33.66
CA GLY C 366 -29.38 15.50 35.08
C GLY C 366 -28.63 14.44 35.86
N GLY C 367 -29.06 14.21 37.09
CA GLY C 367 -28.45 13.20 37.92
C GLY C 367 -29.01 11.82 37.63
N ILE C 368 -28.77 11.32 36.43
CA ILE C 368 -29.30 10.04 35.98
C ILE C 368 -28.16 9.03 35.90
N HIS C 369 -28.51 7.76 36.11
CA HIS C 369 -27.56 6.67 36.07
C HIS C 369 -28.22 5.48 35.39
N VAL C 370 -27.61 4.30 35.55
CA VAL C 370 -28.09 3.12 34.83
C VAL C 370 -29.49 2.73 35.27
N TRP C 371 -29.81 2.93 36.55
CA TRP C 371 -31.13 2.56 37.04
C TRP C 371 -32.24 3.39 36.42
N HIS C 372 -31.92 4.53 35.84
CA HIS C 372 -32.91 5.42 35.25
C HIS C 372 -33.20 5.12 33.79
N VAL C 373 -32.45 4.21 33.17
CA VAL C 373 -32.62 3.96 31.73
C VAL C 373 -34.02 3.47 31.39
N PRO C 374 -34.62 2.51 32.12
CA PRO C 374 -35.99 2.10 31.75
C PRO C 374 -37.00 3.24 31.75
N ASP C 375 -36.87 4.19 32.68
CA ASP C 375 -37.80 5.32 32.69
C ASP C 375 -37.51 6.27 31.54
N LEU C 376 -36.23 6.51 31.24
CA LEU C 376 -35.89 7.42 30.16
C LEU C 376 -36.31 6.88 28.81
N VAL C 377 -36.12 5.58 28.57
CA VAL C 377 -36.53 4.98 27.30
C VAL C 377 -38.04 5.05 27.15
N SER C 378 -38.78 4.87 28.24
CA SER C 378 -40.23 4.97 28.19
C SER C 378 -40.69 6.38 27.86
N ILE C 379 -40.07 7.38 28.51
CA ILE C 379 -40.53 8.76 28.37
C ILE C 379 -40.29 9.27 26.95
N PHE C 380 -39.08 9.06 26.43
CA PHE C 380 -38.66 9.71 25.20
C PHE C 380 -38.62 8.76 24.00
N GLY C 381 -38.41 7.47 24.21
CA GLY C 381 -38.24 6.55 23.10
C GLY C 381 -36.85 6.61 22.51
N ASP C 382 -36.75 6.57 21.19
CA ASP C 382 -35.45 6.54 20.52
C ASP C 382 -34.98 7.90 20.06
N ASP C 383 -35.89 8.86 19.87
CA ASP C 383 -35.53 10.17 19.32
C ASP C 383 -35.17 11.13 20.45
N ALA C 384 -34.06 10.83 21.11
CA ALA C 384 -33.62 11.67 22.22
C ALA C 384 -32.16 11.36 22.53
N PHE C 385 -31.52 12.30 23.23
CA PHE C 385 -30.18 12.14 23.77
C PHE C 385 -30.27 11.89 25.27
N PHE C 386 -29.42 10.99 25.77
CA PHE C 386 -29.27 10.76 27.20
C PHE C 386 -27.87 11.17 27.62
N LEU C 387 -27.78 12.08 28.57
CA LEU C 387 -26.50 12.62 29.03
C LEU C 387 -26.22 12.09 30.43
N PHE C 388 -25.14 11.33 30.57
CA PHE C 388 -24.70 10.78 31.85
C PHE C 388 -23.39 11.47 32.23
N GLY C 389 -23.51 12.60 32.93
CA GLY C 389 -22.35 13.33 33.36
C GLY C 389 -21.69 12.70 34.57
N GLY C 390 -22.43 12.63 35.68
CA GLY C 390 -21.91 11.96 36.86
C GLY C 390 -22.04 10.45 36.80
N GLY C 391 -22.97 9.94 36.00
CA GLY C 391 -23.14 8.52 35.84
C GLY C 391 -22.12 7.84 34.97
N THR C 392 -21.21 8.61 34.36
CA THR C 392 -20.11 8.07 33.57
C THR C 392 -18.79 8.16 34.30
N HIS C 393 -18.44 9.36 34.79
CA HIS C 393 -17.19 9.56 35.51
C HIS C 393 -17.28 9.12 36.97
N GLY C 394 -18.50 8.89 37.49
CA GLY C 394 -18.65 8.40 38.84
C GLY C 394 -18.58 6.90 38.99
N HIS C 395 -18.31 6.19 37.90
CA HIS C 395 -18.18 4.75 37.96
C HIS C 395 -16.99 4.38 38.84
N PRO C 396 -17.08 3.30 39.62
CA PRO C 396 -15.99 2.97 40.55
C PRO C 396 -14.70 2.55 39.86
N ARG C 397 -14.66 2.58 38.52
CA ARG C 397 -13.48 2.13 37.81
C ARG C 397 -13.03 3.06 36.69
N GLY C 398 -13.61 4.24 36.57
CA GLY C 398 -13.15 5.23 35.61
C GLY C 398 -14.23 5.66 34.64
N SER C 399 -13.81 6.44 33.64
CA SER C 399 -14.74 6.98 32.66
C SER C 399 -15.02 6.00 31.53
N ARG C 400 -14.03 5.19 31.17
CA ARG C 400 -14.24 4.22 30.10
C ARG C 400 -15.17 3.11 30.54
N ALA C 401 -15.01 2.62 31.77
CA ALA C 401 -15.94 1.63 32.30
C ALA C 401 -17.34 2.21 32.46
N GLY C 402 -17.43 3.46 32.91
CA GLY C 402 -18.73 4.09 33.06
C GLY C 402 -19.46 4.27 31.75
N ALA C 403 -18.72 4.66 30.70
CA ALA C 403 -19.33 4.81 29.38
C ALA C 403 -19.86 3.48 28.86
N THR C 404 -19.11 2.40 29.08
CA THR C 404 -19.57 1.07 28.69
C THR C 404 -20.83 0.68 29.47
N ALA C 405 -20.88 1.01 30.76
CA ALA C 405 -22.01 0.64 31.58
C ALA C 405 -23.30 1.29 31.08
N ASN C 406 -23.24 2.56 30.70
CA ASN C 406 -24.44 3.26 30.25
C ASN C 406 -24.86 2.80 28.86
N ARG C 407 -23.89 2.48 27.99
CA ARG C 407 -24.24 2.02 26.66
C ARG C 407 -24.93 0.66 26.70
N VAL C 408 -24.40 -0.25 27.52
CA VAL C 408 -24.98 -1.58 27.61
C VAL C 408 -26.39 -1.52 28.19
N ALA C 409 -26.61 -0.65 29.18
CA ALA C 409 -27.92 -0.51 29.78
C ALA C 409 -28.95 -0.06 28.75
N VAL C 410 -28.59 0.92 27.91
CA VAL C 410 -29.51 1.42 26.91
C VAL C 410 -29.78 0.37 25.85
N GLU C 411 -28.73 -0.32 25.39
CA GLU C 411 -28.92 -1.38 24.40
C GLU C 411 -29.79 -2.50 24.93
N ALA C 412 -29.59 -2.87 26.19
CA ALA C 412 -30.40 -3.93 26.79
C ALA C 412 -31.86 -3.53 26.89
N VAL C 413 -32.12 -2.29 27.31
CA VAL C 413 -33.50 -1.83 27.47
C VAL C 413 -34.17 -1.67 26.12
N VAL C 414 -33.46 -1.09 25.14
CA VAL C 414 -34.05 -0.87 23.82
C VAL C 414 -34.39 -2.19 23.16
N GLN C 415 -33.48 -3.16 23.24
CA GLN C 415 -33.75 -4.47 22.65
C GLN C 415 -34.94 -5.14 23.33
N ALA C 416 -35.04 -5.02 24.65
CA ALA C 416 -36.17 -5.59 25.37
C ALA C 416 -37.48 -4.94 24.93
N ARG C 417 -37.49 -3.61 24.75
CA ARG C 417 -38.69 -2.93 24.30
C ARG C 417 -39.11 -3.41 22.92
N ASN C 418 -38.14 -3.62 22.02
CA ASN C 418 -38.45 -4.02 20.66
C ASN C 418 -39.17 -5.37 20.63
N GLU C 419 -38.75 -6.31 21.47
CA GLU C 419 -39.30 -7.65 21.48
C GLU C 419 -40.52 -7.80 22.39
N GLY C 420 -41.17 -6.69 22.76
CA GLY C 420 -42.48 -6.73 23.38
C GLY C 420 -42.50 -6.59 24.89
N ARG C 421 -41.37 -6.71 25.57
CA ARG C 421 -41.36 -6.69 27.02
C ARG C 421 -41.79 -5.33 27.57
N ASP C 422 -42.43 -5.35 28.73
CA ASP C 422 -42.96 -4.13 29.36
C ASP C 422 -41.84 -3.50 30.19
N ILE C 423 -41.29 -2.40 29.67
CA ILE C 423 -40.10 -1.80 30.26
C ILE C 423 -40.38 -1.29 31.67
N LEU C 424 -41.54 -0.65 31.87
CA LEU C 424 -41.81 0.01 33.14
C LEU C 424 -41.76 -0.97 34.30
N ALA C 425 -42.33 -2.15 34.12
CA ALA C 425 -42.40 -3.16 35.17
C ALA C 425 -41.33 -4.23 35.04
N GLU C 426 -40.45 -4.15 34.03
CA GLU C 426 -39.38 -5.13 33.95
C GLU C 426 -37.99 -4.49 33.85
N GLY C 427 -37.87 -3.20 34.16
CA GLY C 427 -36.58 -2.54 34.04
C GLY C 427 -35.51 -3.14 34.94
N ARG C 428 -35.85 -3.34 36.22
CA ARG C 428 -34.87 -3.90 37.14
C ARG C 428 -34.43 -5.29 36.68
N GLU C 429 -35.39 -6.14 36.32
CA GLU C 429 -35.05 -7.47 35.85
C GLU C 429 -34.13 -7.40 34.64
N ILE C 430 -34.52 -6.64 33.62
CA ILE C 430 -33.78 -6.57 32.37
C ILE C 430 -32.36 -6.09 32.63
N LEU C 431 -32.21 -5.06 33.46
CA LEU C 431 -30.89 -4.60 33.83
C LEU C 431 -30.11 -5.68 34.56
N GLU C 432 -30.80 -6.56 35.30
CA GLU C 432 -30.09 -7.64 35.98
C GLU C 432 -29.56 -8.69 35.00
N GLU C 433 -30.36 -9.08 34.00
CA GLU C 433 -29.79 -10.00 33.01
C GLU C 433 -28.65 -9.35 32.25
N ALA C 434 -28.76 -8.04 31.96
CA ALA C 434 -27.67 -7.37 31.27
C ALA C 434 -26.40 -7.33 32.14
N ALA C 435 -26.56 -7.05 33.43
CA ALA C 435 -25.42 -6.99 34.33
C ALA C 435 -24.81 -8.35 34.60
N ARG C 436 -25.58 -9.43 34.44
CA ARG C 436 -25.00 -10.74 34.65
C ARG C 436 -23.98 -11.11 33.58
N TRP C 437 -23.91 -10.36 32.48
CA TRP C 437 -22.87 -10.56 31.48
C TRP C 437 -21.99 -9.33 31.27
N CYS C 438 -22.42 -8.16 31.75
CA CYS C 438 -21.58 -6.95 31.67
C CYS C 438 -21.05 -6.60 33.05
N PRO C 439 -19.73 -6.57 33.26
CA PRO C 439 -19.21 -6.19 34.58
C PRO C 439 -19.41 -4.72 34.88
N GLU C 440 -19.19 -3.85 33.89
CA GLU C 440 -19.27 -2.41 34.13
C GLU C 440 -20.66 -2.00 34.53
N LEU C 441 -21.68 -2.63 33.94
CA LEU C 441 -23.05 -2.37 34.37
C LEU C 441 -23.30 -2.90 35.78
N ARG C 442 -22.68 -4.05 36.12
CA ARG C 442 -22.90 -4.64 37.43
C ARG C 442 -22.47 -3.70 38.55
N GLU C 443 -21.29 -3.09 38.40
CA GLU C 443 -20.82 -2.17 39.43
C GLU C 443 -21.56 -0.84 39.38
N ALA C 444 -22.20 -0.53 38.25
CA ALA C 444 -22.97 0.70 38.16
C ALA C 444 -24.26 0.58 38.96
N MET C 445 -24.96 -0.54 38.84
CA MET C 445 -26.19 -0.74 39.60
C MET C 445 -25.93 -1.08 41.06
N GLU C 446 -24.74 -1.56 41.41
CA GLU C 446 -24.39 -1.84 42.79
C GLU C 446 -23.92 -0.60 43.53
N LEU C 447 -23.28 0.34 42.82
CA LEU C 447 -22.84 1.57 43.46
C LEU C 447 -24.00 2.52 43.72
N TRP C 448 -24.97 2.57 42.81
CA TRP C 448 -26.09 3.49 42.91
C TRP C 448 -27.37 2.73 43.23
N GLY C 449 -28.35 3.46 43.75
CA GLY C 449 -29.62 2.86 44.13
C GLY C 449 -29.56 2.17 45.47
N ARG D 3 -6.66 1.64 37.64
CA ARG D 3 -5.52 1.26 38.45
C ARG D 3 -5.18 2.35 39.45
N ALA D 4 -6.15 3.25 39.70
CA ALA D 4 -5.99 4.37 40.64
C ALA D 4 -7.26 4.45 41.48
N GLN D 5 -7.19 3.90 42.69
CA GLN D 5 -8.35 3.82 43.56
C GLN D 5 -8.82 5.19 44.02
N TYR D 6 -10.13 5.41 43.97
CA TYR D 6 -10.77 6.55 44.59
C TYR D 6 -12.09 6.07 45.19
N GLU D 7 -12.60 6.82 46.15
CA GLU D 7 -13.83 6.44 46.84
C GLU D 7 -15.01 6.98 46.04
N ALA D 8 -15.62 6.09 45.25
CA ALA D 8 -16.76 6.46 44.41
C ALA D 8 -18.02 6.55 45.26
N GLY D 9 -19.16 6.73 44.61
CA GLY D 9 -20.43 6.80 45.30
C GLY D 9 -20.82 8.21 45.69
N VAL D 10 -22.11 8.38 45.95
CA VAL D 10 -22.64 9.70 46.31
C VAL D 10 -22.17 10.08 47.70
N ARG D 11 -21.68 11.30 47.85
CA ARG D 11 -21.33 11.89 49.12
C ARG D 11 -22.04 13.21 49.26
N PRO D 12 -22.39 13.61 50.49
CA PRO D 12 -23.15 14.86 50.68
C PRO D 12 -22.36 16.06 50.19
N TYR D 13 -23.09 17.05 49.67
CA TYR D 13 -22.47 18.31 49.31
C TYR D 13 -21.88 19.02 50.52
N ARG D 14 -22.35 18.68 51.72
CA ARG D 14 -21.96 19.40 52.93
C ARG D 14 -20.50 19.15 53.30
N GLU D 15 -19.98 17.95 53.04
CA GLU D 15 -18.67 17.57 53.57
C GLU D 15 -17.51 18.06 52.70
N THR D 16 -17.79 18.65 51.54
CA THR D 16 -16.71 19.15 50.70
C THR D 16 -17.02 20.48 50.03
N TYR D 17 -18.14 21.13 50.36
CA TYR D 17 -18.43 22.45 49.82
C TYR D 17 -19.04 23.39 50.86
N TYR D 18 -18.85 23.12 52.15
CA TYR D 18 -19.29 24.01 53.22
C TYR D 18 -18.12 24.26 54.14
N ASP D 19 -17.66 25.51 54.20
CA ASP D 19 -16.47 25.89 54.97
C ASP D 19 -16.81 27.08 55.85
N PRO D 20 -17.33 26.83 57.05
CA PRO D 20 -17.68 27.96 57.94
C PRO D 20 -16.50 28.78 58.39
N ASP D 21 -15.28 28.23 58.36
CA ASP D 21 -14.09 28.95 58.77
C ASP D 21 -13.40 29.68 57.63
N TYR D 22 -13.99 29.66 56.43
CA TYR D 22 -13.37 30.28 55.27
C TYR D 22 -13.45 31.80 55.35
N GLU D 23 -12.35 32.45 54.98
CA GLU D 23 -12.29 33.91 54.94
C GLU D 23 -12.27 34.37 53.49
N PRO D 24 -13.29 35.10 53.04
CA PRO D 24 -13.32 35.52 51.63
C PRO D 24 -12.17 36.46 51.31
N LYS D 25 -11.66 36.34 50.09
CA LYS D 25 -10.61 37.23 49.61
C LYS D 25 -11.23 38.49 49.02
N ASP D 26 -10.38 39.42 48.59
CA ASP D 26 -10.83 40.59 47.87
C ASP D 26 -10.95 40.34 46.37
N THR D 27 -10.62 39.14 45.91
CA THR D 27 -10.78 38.76 44.52
C THR D 27 -11.92 37.78 44.29
N ASP D 28 -12.54 37.27 45.35
CA ASP D 28 -13.60 36.29 45.21
C ASP D 28 -14.94 36.97 44.92
N LEU D 29 -15.80 36.25 44.22
CA LEU D 29 -17.18 36.70 43.99
C LEU D 29 -18.08 36.09 45.06
N LEU D 30 -18.77 36.95 45.81
CA LEU D 30 -19.66 36.52 46.87
C LEU D 30 -21.11 36.68 46.42
N CYS D 31 -21.89 35.62 46.59
CA CYS D 31 -23.29 35.61 46.21
C CYS D 31 -24.14 35.37 47.44
N ALA D 32 -25.11 36.25 47.69
CA ALA D 32 -26.01 36.13 48.83
C ALA D 32 -27.29 35.44 48.36
N PHE D 33 -27.27 34.12 48.35
CA PHE D 33 -28.42 33.33 47.93
C PHE D 33 -29.43 33.20 49.06
N ARG D 34 -30.70 33.34 48.71
CA ARG D 34 -31.81 33.11 49.65
C ARG D 34 -32.43 31.75 49.31
N ILE D 35 -32.37 30.82 50.24
CA ILE D 35 -32.66 29.43 49.96
C ILE D 35 -33.91 28.99 50.73
N THR D 36 -34.63 28.04 50.16
CA THR D 36 -35.77 27.40 50.82
C THR D 36 -35.76 25.92 50.48
N PRO D 37 -35.12 25.10 51.30
CA PRO D 37 -34.92 23.70 50.93
C PRO D 37 -36.19 22.88 51.09
N LYS D 38 -36.14 21.68 50.52
CA LYS D 38 -37.22 20.72 50.70
C LYS D 38 -37.34 20.35 52.18
N PRO D 39 -38.55 20.17 52.70
CA PRO D 39 -38.70 19.65 54.06
C PRO D 39 -38.00 18.30 54.20
N GLY D 40 -36.99 18.25 55.05
CA GLY D 40 -36.12 17.09 55.15
C GLY D 40 -34.73 17.29 54.59
N VAL D 41 -34.38 18.50 54.19
CA VAL D 41 -33.04 18.84 53.73
C VAL D 41 -32.50 19.93 54.65
N PRO D 42 -31.34 19.74 55.29
CA PRO D 42 -30.81 20.75 56.19
C PRO D 42 -30.48 22.04 55.45
N MET D 43 -30.66 23.16 56.15
CA MET D 43 -30.32 24.47 55.57
C MET D 43 -28.86 24.52 55.16
N GLU D 44 -27.97 24.14 56.06
CA GLU D 44 -26.53 24.14 55.77
C GLU D 44 -26.11 23.04 54.81
N GLU D 45 -27.06 22.24 54.32
CA GLU D 45 -26.79 21.24 53.29
C GLU D 45 -27.21 21.71 51.91
N ALA D 46 -28.36 22.37 51.79
CA ALA D 46 -28.78 22.90 50.51
C ALA D 46 -27.82 23.97 50.01
N ALA D 47 -27.33 24.82 50.92
CA ALA D 47 -26.38 25.86 50.53
C ALA D 47 -25.11 25.25 49.95
N ALA D 48 -24.71 24.08 50.45
CA ALA D 48 -23.56 23.39 49.88
C ALA D 48 -23.85 22.89 48.48
N ALA D 49 -25.09 22.44 48.23
CA ALA D 49 -25.46 21.98 46.90
C ALA D 49 -25.42 23.13 45.90
N VAL D 50 -25.92 24.31 46.29
CA VAL D 50 -25.89 25.46 45.40
C VAL D 50 -24.46 25.86 45.09
N ALA D 51 -23.60 25.86 46.11
CA ALA D 51 -22.19 26.22 45.90
C ALA D 51 -21.50 25.19 45.02
N ALA D 52 -21.79 23.90 45.23
CA ALA D 52 -21.08 22.86 44.49
C ALA D 52 -21.47 22.82 43.03
N GLU D 53 -22.75 23.01 42.73
CA GLU D 53 -23.27 22.84 41.38
C GLU D 53 -23.23 24.13 40.57
N SER D 54 -22.74 25.22 41.15
CA SER D 54 -22.31 26.39 40.40
C SER D 54 -20.80 26.40 40.22
N SER D 55 -20.14 25.29 40.51
CA SER D 55 -18.69 25.17 40.55
C SER D 55 -18.34 23.73 40.18
N THR D 56 -17.12 23.31 40.56
CA THR D 56 -16.57 22.04 40.10
C THR D 56 -17.42 20.83 40.47
N GLY D 57 -18.31 20.95 41.46
CA GLY D 57 -18.97 19.79 42.00
C GLY D 57 -20.08 19.23 41.13
N THR D 58 -20.52 18.03 41.51
CA THR D 58 -21.63 17.34 40.85
C THR D 58 -22.29 16.43 41.89
N TRP D 59 -23.14 15.51 41.43
CA TRP D 59 -23.93 14.69 42.34
C TRP D 59 -23.22 13.40 42.76
N THR D 60 -22.00 13.17 42.30
CA THR D 60 -21.26 11.97 42.65
C THR D 60 -19.76 12.27 42.55
N GLU D 61 -18.99 11.63 43.43
CA GLU D 61 -17.54 11.72 43.33
C GLU D 61 -17.07 11.10 42.03
N VAL D 62 -16.37 11.89 41.22
CA VAL D 62 -15.82 11.45 39.94
C VAL D 62 -14.32 11.27 40.10
N TRP D 63 -13.76 10.34 39.34
CA TRP D 63 -12.34 10.06 39.46
C TRP D 63 -11.50 11.25 39.01
N SER D 64 -11.99 12.02 38.03
CA SER D 64 -11.23 13.13 37.48
C SER D 64 -11.04 14.27 38.46
N ASN D 65 -11.74 14.26 39.60
CA ASN D 65 -11.49 15.25 40.64
C ASN D 65 -10.06 15.19 41.14
N LEU D 66 -9.43 14.02 41.02
CA LEU D 66 -8.04 13.85 41.46
C LEU D 66 -7.02 14.42 40.48
N LEU D 67 -7.44 14.79 39.28
CA LEU D 67 -6.56 15.38 38.29
C LEU D 67 -6.47 16.90 38.40
N THR D 68 -7.14 17.50 39.37
CA THR D 68 -7.12 18.93 39.57
C THR D 68 -6.92 19.24 41.04
N ASP D 69 -6.29 20.38 41.32
CA ASP D 69 -6.24 20.93 42.67
C ASP D 69 -7.61 21.56 42.91
N LEU D 70 -8.53 20.74 43.41
CA LEU D 70 -9.93 21.16 43.49
C LEU D 70 -10.11 22.33 44.43
N GLU D 71 -9.42 22.31 45.58
CA GLU D 71 -9.58 23.36 46.57
C GLU D 71 -9.25 24.74 46.02
N ARG D 72 -8.46 24.83 44.95
CA ARG D 72 -8.17 26.10 44.33
C ARG D 72 -9.41 26.71 43.66
N TYR D 73 -10.21 25.88 42.99
CA TYR D 73 -11.28 26.35 42.13
C TYR D 73 -12.66 26.24 42.76
N LYS D 74 -12.90 25.25 43.62
CA LYS D 74 -14.24 25.00 44.11
C LYS D 74 -14.76 26.19 44.91
N ALA D 75 -16.06 26.45 44.77
CA ALA D 75 -16.73 27.41 45.64
C ALA D 75 -17.14 26.73 46.93
N ARG D 76 -17.46 27.55 47.93
CA ARG D 76 -17.80 27.01 49.24
C ARG D 76 -18.64 28.03 49.99
N CYS D 77 -19.77 27.58 50.54
CA CYS D 77 -20.54 28.43 51.44
C CYS D 77 -19.73 28.69 52.70
N TYR D 78 -19.66 29.96 53.11
CA TYR D 78 -18.83 30.34 54.23
C TYR D 78 -19.58 31.02 55.36
N ARG D 79 -20.89 31.26 55.21
CA ARG D 79 -21.68 31.88 56.26
C ARG D 79 -23.14 31.72 55.92
N ILE D 80 -23.94 31.33 56.93
CA ILE D 80 -25.38 31.14 56.76
C ILE D 80 -26.09 31.91 57.87
N GLU D 81 -27.00 32.80 57.47
CA GLU D 81 -27.80 33.59 58.41
C GLU D 81 -29.20 33.01 58.58
N GLY D 82 -29.32 31.68 58.54
CA GLY D 82 -30.61 31.06 58.65
C GLY D 82 -31.27 30.84 57.30
N ASP D 83 -31.69 31.92 56.65
CA ASP D 83 -32.30 31.85 55.34
C ASP D 83 -31.33 32.19 54.21
N VAL D 84 -30.61 33.30 54.33
CA VAL D 84 -29.69 33.74 53.28
C VAL D 84 -28.33 33.10 53.54
N ALA D 85 -27.76 32.48 52.51
CA ALA D 85 -26.46 31.84 52.58
C ALA D 85 -25.47 32.56 51.68
N TYR D 86 -24.26 32.76 52.18
CA TYR D 86 -23.20 33.44 51.44
C TYR D 86 -22.27 32.41 50.83
N ILE D 87 -21.98 32.57 49.54
CA ILE D 87 -21.13 31.65 48.80
C ILE D 87 -20.02 32.44 48.13
N ALA D 88 -18.79 31.95 48.23
CA ALA D 88 -17.62 32.63 47.68
C ALA D 88 -17.09 31.85 46.48
N TYR D 89 -16.97 32.54 45.34
CA TYR D 89 -16.47 31.96 44.11
C TYR D 89 -15.09 32.50 43.79
N PRO D 90 -14.09 31.64 43.58
CA PRO D 90 -12.76 32.13 43.25
C PRO D 90 -12.74 32.88 41.92
N LEU D 91 -11.82 33.85 41.83
CA LEU D 91 -11.71 34.66 40.62
C LEU D 91 -11.32 33.82 39.41
N ASP D 92 -10.66 32.69 39.61
CA ASP D 92 -10.16 31.87 38.51
C ASP D 92 -11.28 31.15 37.75
N LEU D 93 -12.51 31.18 38.25
CA LEU D 93 -13.61 30.42 37.67
C LEU D 93 -14.35 31.15 36.56
N PHE D 94 -14.06 32.43 36.33
CA PHE D 94 -14.87 33.25 35.44
C PHE D 94 -14.04 33.79 34.28
N GLU D 95 -14.66 33.83 33.10
CA GLU D 95 -14.04 34.46 31.95
C GLU D 95 -14.05 35.98 32.10
N GLU D 96 -12.95 36.60 31.66
CA GLU D 96 -12.80 38.04 31.80
C GLU D 96 -13.72 38.77 30.83
N GLY D 97 -14.44 39.76 31.34
CA GLY D 97 -15.25 40.64 30.50
C GLY D 97 -16.40 39.95 29.78
N SER D 98 -17.17 39.13 30.49
CA SER D 98 -18.30 38.45 29.87
C SER D 98 -19.38 38.26 30.92
N ILE D 99 -20.48 39.00 30.77
CA ILE D 99 -21.62 38.83 31.68
C ILE D 99 -22.32 37.51 31.42
N VAL D 100 -22.15 36.93 30.23
CA VAL D 100 -22.76 35.64 29.94
C VAL D 100 -22.22 34.56 30.84
N ASN D 101 -20.90 34.54 31.06
CA ASN D 101 -20.28 33.51 31.88
C ASN D 101 -20.62 33.69 33.35
N ILE D 102 -20.70 34.93 33.84
CA ILE D 102 -20.95 35.16 35.25
C ILE D 102 -22.36 34.73 35.63
N MET D 103 -23.28 34.62 34.68
CA MET D 103 -24.59 34.06 34.97
C MET D 103 -24.70 32.60 34.56
N SER D 104 -23.90 32.16 33.59
CA SER D 104 -23.93 30.75 33.20
C SER D 104 -23.39 29.86 34.31
N SER D 105 -22.63 30.43 35.25
CA SER D 105 -22.14 29.66 36.38
C SER D 105 -23.03 29.83 37.59
N ILE D 106 -23.35 31.08 37.94
CA ILE D 106 -24.05 31.37 39.19
C ILE D 106 -25.51 30.99 39.10
N VAL D 107 -26.25 31.61 38.17
CA VAL D 107 -27.67 31.35 38.01
C VAL D 107 -27.97 30.36 36.90
N GLY D 108 -26.93 29.75 36.31
CA GLY D 108 -27.15 28.92 35.14
C GLY D 108 -27.94 27.65 35.44
N ASN D 109 -27.62 26.97 36.54
CA ASN D 109 -28.15 25.64 36.78
C ASN D 109 -28.71 25.45 38.18
N VAL D 110 -28.24 26.19 39.19
CA VAL D 110 -28.59 25.89 40.58
C VAL D 110 -30.01 26.24 40.96
N PHE D 111 -30.76 26.91 40.07
CA PHE D 111 -32.12 27.32 40.38
C PHE D 111 -33.14 26.20 40.18
N GLY D 112 -32.74 25.05 39.65
CA GLY D 112 -33.71 24.03 39.28
C GLY D 112 -33.56 22.70 39.97
N PHE D 113 -32.80 22.63 41.05
CA PHE D 113 -32.61 21.37 41.75
C PHE D 113 -33.85 20.96 42.53
N LYS D 114 -34.01 19.65 42.68
CA LYS D 114 -35.11 19.13 43.49
C LYS D 114 -34.92 19.47 44.96
N ALA D 115 -33.68 19.52 45.42
CA ALA D 115 -33.41 19.75 46.84
C ALA D 115 -33.94 21.10 47.31
N VAL D 116 -33.76 22.15 46.50
CA VAL D 116 -34.23 23.48 46.84
C VAL D 116 -35.54 23.75 46.11
N GLN D 117 -36.58 24.10 46.88
CA GLN D 117 -37.84 24.49 46.26
C GLN D 117 -37.79 25.89 45.67
N ALA D 118 -37.13 26.82 46.35
CA ALA D 118 -37.07 28.21 45.91
C ALA D 118 -35.70 28.77 46.25
N LEU D 119 -35.12 29.50 45.30
CA LEU D 119 -33.77 30.03 45.45
C LEU D 119 -33.69 31.38 44.75
N ARG D 120 -33.30 32.41 45.49
CA ARG D 120 -33.23 33.77 44.97
C ARG D 120 -31.86 34.35 45.24
N LEU D 121 -31.26 34.95 44.21
CA LEU D 121 -29.98 35.65 44.35
C LEU D 121 -30.27 37.06 44.81
N GLU D 122 -30.05 37.32 46.10
CA GLU D 122 -30.38 38.64 46.64
C GLU D 122 -29.36 39.69 46.21
N ASP D 123 -28.08 39.36 46.26
CA ASP D 123 -27.03 40.33 45.93
C ASP D 123 -25.76 39.56 45.59
N MET D 124 -24.84 40.24 44.92
CA MET D 124 -23.57 39.65 44.55
C MET D 124 -22.49 40.72 44.53
N ARG D 125 -21.30 40.34 44.98
CA ARG D 125 -20.16 41.26 45.06
C ARG D 125 -19.22 41.02 43.88
N ILE D 126 -18.84 42.08 43.21
CA ILE D 126 -17.93 42.03 42.06
C ILE D 126 -16.56 42.53 42.53
N PRO D 127 -15.53 41.69 42.53
CA PRO D 127 -14.21 42.17 42.95
C PRO D 127 -13.61 43.13 41.94
N VAL D 128 -12.73 44.00 42.42
CA VAL D 128 -12.07 44.96 41.55
C VAL D 128 -11.26 44.25 40.48
N ALA D 129 -10.64 43.12 40.83
CA ALA D 129 -9.85 42.36 39.87
C ALA D 129 -10.69 41.93 38.68
N TYR D 130 -11.88 41.38 38.93
CA TYR D 130 -12.74 40.95 37.84
C TYR D 130 -13.42 42.13 37.16
N LEU D 131 -13.70 43.19 37.91
CA LEU D 131 -14.47 44.31 37.37
C LEU D 131 -13.71 45.05 36.29
N LYS D 132 -12.38 45.15 36.42
CA LYS D 132 -11.61 45.98 35.51
C LYS D 132 -11.52 45.41 34.10
N THR D 133 -11.96 44.18 33.88
CA THR D 133 -12.00 43.60 32.54
C THR D 133 -13.27 43.96 31.79
N PHE D 134 -13.97 45.00 32.22
CA PHE D 134 -15.21 45.42 31.60
C PHE D 134 -15.13 46.87 31.18
N PRO D 135 -15.80 47.24 30.09
CA PRO D 135 -15.69 48.64 29.62
C PRO D 135 -16.42 49.63 30.50
N GLY D 136 -17.61 49.29 30.96
CA GLY D 136 -18.43 50.23 31.68
C GLY D 136 -19.32 51.02 30.73
N PRO D 137 -20.07 51.98 31.27
CA PRO D 137 -20.96 52.78 30.43
C PRO D 137 -20.16 53.58 29.42
N PRO D 138 -20.73 53.82 28.23
CA PRO D 138 -19.99 54.59 27.21
C PRO D 138 -19.78 56.04 27.59
N THR D 139 -20.83 56.72 28.05
CA THR D 139 -20.76 58.14 28.36
C THR D 139 -20.95 58.41 29.85
N GLY D 140 -22.01 57.90 30.47
CA GLY D 140 -22.25 58.10 31.88
C GLY D 140 -23.10 59.32 32.18
N ILE D 141 -22.96 59.81 33.40
CA ILE D 141 -23.77 60.94 33.86
C ILE D 141 -23.22 62.25 33.31
N GLN D 142 -21.99 62.57 33.68
CA GLN D 142 -21.44 63.89 33.40
C GLN D 142 -21.29 64.14 31.90
N VAL D 143 -20.86 63.13 31.15
CA VAL D 143 -20.69 63.28 29.70
C VAL D 143 -22.02 63.58 29.04
N GLU D 144 -23.08 62.93 29.51
CA GLU D 144 -24.43 63.21 29.00
C GLU D 144 -24.82 64.66 29.23
N ARG D 145 -24.59 65.17 30.45
CA ARG D 145 -25.10 66.51 30.78
C ARG D 145 -24.41 67.57 29.94
N ASP D 146 -23.15 67.33 29.57
CA ASP D 146 -22.46 68.26 28.68
C ASP D 146 -22.96 68.13 27.25
N ARG D 147 -23.13 66.90 26.77
CA ARG D 147 -23.61 66.69 25.41
C ARG D 147 -25.03 67.24 25.23
N LEU D 148 -25.90 67.00 26.21
CA LEU D 148 -27.25 67.54 26.15
C LEU D 148 -27.30 69.02 26.46
N ASN D 149 -26.32 69.53 27.20
CA ASN D 149 -26.31 70.90 27.70
C ASN D 149 -27.53 71.13 28.60
N LYS D 150 -27.68 70.25 29.59
CA LYS D 150 -28.75 70.35 30.58
C LYS D 150 -28.16 70.01 31.94
N TYR D 151 -28.16 70.97 32.86
CA TYR D 151 -27.60 70.78 34.19
C TYR D 151 -28.61 71.19 35.25
N GLY D 152 -28.45 70.59 36.43
CA GLY D 152 -29.19 71.01 37.61
C GLY D 152 -30.68 70.80 37.60
N ARG D 153 -31.15 69.70 37.00
CA ARG D 153 -32.55 69.32 37.05
C ARG D 153 -32.68 67.91 36.49
N PRO D 154 -33.70 67.16 36.92
CA PRO D 154 -33.96 65.86 36.29
C PRO D 154 -34.38 66.02 34.85
N LEU D 155 -33.98 65.06 34.03
CA LEU D 155 -34.26 65.12 32.60
C LEU D 155 -35.59 64.44 32.32
N LEU D 156 -36.50 65.17 31.68
CA LEU D 156 -37.83 64.63 31.43
C LEU D 156 -37.79 63.61 30.29
N GLY D 157 -38.97 63.13 29.93
CA GLY D 157 -39.08 62.14 28.87
C GLY D 157 -40.48 61.56 28.87
N GLY D 158 -40.75 60.80 27.81
CA GLY D 158 -42.03 60.14 27.70
C GLY D 158 -42.15 59.20 26.52
N THR D 159 -42.65 58.00 26.76
CA THR D 159 -42.90 57.07 25.68
C THR D 159 -44.11 57.52 24.86
N ILE D 160 -44.04 57.29 23.56
CA ILE D 160 -45.10 57.67 22.65
C ILE D 160 -46.21 56.62 22.72
N LYS D 161 -47.45 57.08 22.89
CA LYS D 161 -48.59 56.20 23.03
C LYS D 161 -49.65 56.57 21.99
N PRO D 162 -50.46 55.60 21.52
CA PRO D 162 -50.56 54.20 21.94
C PRO D 162 -49.30 53.38 21.64
N LYS D 163 -49.13 52.27 22.36
CA LYS D 163 -47.90 51.49 22.26
C LYS D 163 -47.61 51.11 20.82
N LEU D 164 -48.61 50.64 20.10
CA LEU D 164 -48.48 50.26 18.70
C LEU D 164 -49.64 50.85 17.91
N GLY D 165 -49.58 50.67 16.59
CA GLY D 165 -50.66 51.05 15.71
C GLY D 165 -50.46 52.36 14.98
N LEU D 166 -49.51 53.18 15.39
CA LEU D 166 -49.29 54.49 14.79
C LEU D 166 -48.44 54.37 13.53
N SER D 167 -48.82 55.15 12.52
CA SER D 167 -48.04 55.23 11.29
C SER D 167 -46.87 56.19 11.47
N ALA D 168 -45.95 56.17 10.49
CA ALA D 168 -44.73 56.96 10.59
C ALA D 168 -45.03 58.45 10.65
N LYS D 169 -45.99 58.92 9.87
CA LYS D 169 -46.40 60.32 9.96
C LYS D 169 -46.96 60.65 11.33
N GLU D 170 -47.93 59.86 11.80
CA GLU D 170 -48.57 60.18 13.07
C GLU D 170 -47.62 59.97 14.23
N TYR D 171 -46.69 59.02 14.10
CA TYR D 171 -45.69 58.81 15.16
C TYR D 171 -44.82 60.04 15.34
N ALA D 172 -44.23 60.54 14.24
CA ALA D 172 -43.39 61.73 14.33
C ALA D 172 -44.21 62.97 14.61
N ARG D 173 -45.50 62.95 14.29
CA ARG D 173 -46.37 64.06 14.67
C ARG D 173 -46.49 64.16 16.18
N VAL D 174 -46.68 63.02 16.85
CA VAL D 174 -46.78 63.01 18.31
C VAL D 174 -45.42 63.34 18.93
N VAL D 175 -44.34 62.79 18.36
CA VAL D 175 -43.01 63.06 18.88
C VAL D 175 -42.69 64.55 18.81
N TYR D 176 -43.04 65.19 17.69
CA TYR D 176 -42.81 66.63 17.57
C TYR D 176 -43.64 67.40 18.58
N GLU D 177 -44.86 66.92 18.87
CA GLU D 177 -45.70 67.59 19.84
C GLU D 177 -45.07 67.53 21.24
N CYS D 178 -44.54 66.37 21.62
CA CYS D 178 -43.95 66.22 22.95
C CYS D 178 -42.66 67.01 23.07
N LEU D 179 -41.77 66.88 22.08
CA LEU D 179 -40.47 67.56 22.14
C LEU D 179 -40.64 69.07 22.14
N ARG D 180 -41.54 69.58 21.32
CA ARG D 180 -41.83 71.01 21.34
C ARG D 180 -42.51 71.43 22.64
N GLY D 181 -43.28 70.52 23.24
CA GLY D 181 -43.99 70.86 24.46
C GLY D 181 -43.06 71.18 25.62
N GLY D 182 -41.92 70.52 25.68
CA GLY D 182 -40.97 70.78 26.75
C GLY D 182 -40.22 69.56 27.22
N LEU D 183 -40.66 68.36 26.84
CA LEU D 183 -39.92 67.15 27.13
C LEU D 183 -38.53 67.21 26.51
N ASP D 184 -37.53 66.81 27.28
CA ASP D 184 -36.16 66.81 26.80
C ASP D 184 -35.87 65.67 25.84
N THR D 185 -36.68 64.62 25.84
CA THR D 185 -36.45 63.45 25.00
C THR D 185 -37.72 62.63 24.95
N THR D 186 -37.96 61.97 23.82
CA THR D 186 -39.01 60.96 23.72
C THR D 186 -38.34 59.63 23.43
N KCX D 187 -39.12 58.56 23.34
CA KCX D 187 -38.53 57.25 23.10
CB KCX D 187 -38.06 56.60 24.39
CG KCX D 187 -39.21 56.51 25.36
CD KCX D 187 -38.81 55.74 26.60
CE KCX D 187 -38.57 54.29 26.25
NZ KCX D 187 -39.81 53.60 26.08
C KCX D 187 -39.46 56.28 22.41
O KCX D 187 -40.72 56.51 22.56
CX KCX D 187 -40.35 52.75 27.05
OQ1 KCX D 187 -41.55 52.38 26.75
OQ2 KCX D 187 -39.71 52.43 28.04
N ASP D 188 -38.94 55.28 21.71
CA ASP D 188 -39.78 54.23 21.14
C ASP D 188 -40.14 53.24 22.23
N ASP D 189 -41.31 52.63 22.10
CA ASP D 189 -41.75 51.66 23.10
C ASP D 189 -40.91 50.39 22.98
N GLU D 190 -40.95 49.57 24.04
CA GLU D 190 -40.12 48.37 24.04
C GLU D 190 -40.56 47.36 22.98
N ASN D 191 -41.87 47.25 22.71
CA ASN D 191 -42.36 46.28 21.75
C ASN D 191 -42.40 46.81 20.33
N LEU D 192 -42.11 48.10 20.12
CA LEU D 192 -42.12 48.70 18.79
C LEU D 192 -40.74 48.55 18.17
N ASN D 193 -40.57 47.57 17.29
CA ASN D 193 -39.29 47.37 16.62
C ASN D 193 -39.37 47.63 15.13
N SER D 194 -40.16 46.83 14.40
CA SER D 194 -40.38 47.06 12.97
C SER D 194 -41.64 46.28 12.58
N GLN D 195 -42.75 46.99 12.44
CA GLN D 195 -44.03 46.37 12.14
C GLN D 195 -44.61 46.89 10.83
N PRO D 196 -45.57 46.16 10.24
CA PRO D 196 -46.20 46.65 9.02
C PRO D 196 -46.79 48.04 9.14
N PHE D 197 -47.38 48.38 10.29
CA PHE D 197 -47.86 49.74 10.49
C PHE D 197 -46.74 50.73 10.74
N ASN D 198 -45.59 50.27 11.23
CA ASN D 198 -44.45 51.16 11.48
C ASN D 198 -43.17 50.36 11.26
N ARG D 199 -42.65 50.40 10.03
CA ARG D 199 -41.34 49.86 9.72
C ARG D 199 -40.25 50.74 10.33
N TRP D 200 -39.06 50.16 10.51
CA TRP D 200 -38.01 50.88 11.22
C TRP D 200 -37.27 51.85 10.31
N ARG D 201 -36.95 51.43 9.08
CA ARG D 201 -36.35 52.36 8.13
C ARG D 201 -37.28 53.53 7.82
N ASP D 202 -38.57 53.36 8.01
CA ASP D 202 -39.57 54.40 7.79
C ASP D 202 -39.78 55.28 9.01
N ARG D 203 -39.83 54.66 10.20
CA ARG D 203 -40.01 55.42 11.43
C ARG D 203 -38.79 56.29 11.73
N PHE D 204 -37.60 55.74 11.55
CA PHE D 204 -36.37 56.45 11.90
C PHE D 204 -36.25 57.78 11.17
N LEU D 205 -36.73 57.84 9.93
CA LEU D 205 -36.49 59.02 9.11
C LEU D 205 -37.48 60.14 9.46
N TYR D 206 -38.75 59.79 9.63
CA TYR D 206 -39.73 60.80 10.02
C TYR D 206 -39.45 61.35 11.42
N VAL D 207 -39.19 60.46 12.38
CA VAL D 207 -39.06 60.91 13.76
C VAL D 207 -37.82 61.76 13.96
N MET D 208 -36.72 61.41 13.29
CA MET D 208 -35.49 62.20 13.45
C MET D 208 -35.63 63.55 12.76
N GLU D 209 -36.45 63.63 11.71
CA GLU D 209 -36.76 64.92 11.12
C GLU D 209 -37.55 65.78 12.09
N ALA D 210 -38.45 65.16 12.85
CA ALA D 210 -39.20 65.89 13.87
C ALA D 210 -38.30 66.28 15.03
N VAL D 211 -37.31 65.43 15.35
CA VAL D 211 -36.38 65.75 16.43
C VAL D 211 -35.60 67.02 16.12
N ARG D 212 -35.07 67.11 14.91
CA ARG D 212 -34.30 68.30 14.54
C ARG D 212 -35.21 69.48 14.25
N LYS D 213 -36.48 69.23 13.91
CA LYS D 213 -37.43 70.33 13.73
C LYS D 213 -37.78 70.97 15.07
N ALA D 214 -38.09 70.15 16.07
CA ALA D 214 -38.37 70.66 17.40
C ALA D 214 -37.14 71.33 18.01
N GLU D 215 -35.96 70.72 17.82
CA GLU D 215 -34.74 71.29 18.36
C GLU D 215 -34.45 72.65 17.76
N ALA D 216 -34.70 72.82 16.46
CA ALA D 216 -34.45 74.10 15.81
C ALA D 216 -35.39 75.18 16.35
N GLU D 217 -36.65 74.85 16.55
CA GLU D 217 -37.62 75.85 16.99
C GLU D 217 -37.38 76.25 18.45
N THR D 218 -37.10 75.28 19.32
CA THR D 218 -36.93 75.55 20.74
C THR D 218 -35.51 75.93 21.12
N GLY D 219 -34.56 75.84 20.20
CA GLY D 219 -33.18 76.18 20.50
C GLY D 219 -32.39 75.14 21.26
N GLU D 220 -32.93 74.66 22.38
CA GLU D 220 -32.24 73.66 23.16
C GLU D 220 -32.30 72.30 22.47
N ARG D 221 -31.42 71.40 22.91
CA ARG D 221 -31.26 70.12 22.23
C ARG D 221 -32.32 69.12 22.70
N LYS D 222 -32.74 68.27 21.76
CA LYS D 222 -33.70 67.21 22.04
C LYS D 222 -33.13 65.86 21.61
N GLY D 223 -33.96 64.83 21.63
CA GLY D 223 -33.51 63.52 21.20
C GLY D 223 -34.66 62.55 21.16
N HIS D 224 -34.36 61.33 20.75
CA HIS D 224 -35.36 60.27 20.70
C HIS D 224 -34.64 58.94 20.79
N TRP D 225 -34.98 58.14 21.79
CA TRP D 225 -34.34 56.84 22.01
C TRP D 225 -34.93 55.85 21.00
N LEU D 226 -34.35 55.85 19.81
CA LEU D 226 -34.78 54.96 18.75
C LEU D 226 -34.53 53.50 19.13
N ASN D 227 -35.55 52.67 19.02
CA ASN D 227 -35.46 51.28 19.43
C ASN D 227 -34.76 50.50 18.33
N VAL D 228 -33.48 50.17 18.55
CA VAL D 228 -32.68 49.50 17.54
C VAL D 228 -32.61 48.01 17.81
N THR D 229 -33.39 47.55 18.79
CA THR D 229 -33.43 46.13 19.07
C THR D 229 -34.14 45.38 17.94
N ALA D 230 -33.65 44.18 17.65
CA ALA D 230 -34.18 43.39 16.55
C ALA D 230 -33.97 41.92 16.86
N GLY D 231 -34.33 41.07 15.90
CA GLY D 231 -34.25 39.64 16.10
C GLY D 231 -32.86 39.05 16.02
N SER D 232 -31.87 39.81 15.58
CA SER D 232 -30.52 39.29 15.44
C SER D 232 -29.52 40.42 15.68
N THR D 233 -28.30 40.02 16.05
CA THR D 233 -27.27 41.01 16.34
C THR D 233 -26.89 41.81 15.11
N GLU D 234 -26.84 41.17 13.94
CA GLU D 234 -26.51 41.88 12.71
C GLU D 234 -27.58 42.93 12.40
N GLU D 235 -28.85 42.56 12.55
CA GLU D 235 -29.92 43.53 12.33
C GLU D 235 -29.85 44.67 13.33
N MET D 236 -29.55 44.36 14.59
CA MET D 236 -29.43 45.40 15.61
C MET D 236 -28.30 46.37 15.28
N LEU D 237 -27.15 45.84 14.86
CA LEU D 237 -26.04 46.71 14.49
C LEU D 237 -26.37 47.54 13.27
N LYS D 238 -27.07 46.95 12.30
CA LYS D 238 -27.46 47.70 11.11
C LYS D 238 -28.40 48.84 11.47
N ARG D 239 -29.36 48.60 12.37
CA ARG D 239 -30.27 49.67 12.78
C ARG D 239 -29.53 50.73 13.59
N ALA D 240 -28.52 50.32 14.37
CA ALA D 240 -27.71 51.30 15.10
C ALA D 240 -26.92 52.17 14.14
N GLU D 241 -26.34 51.56 13.11
CA GLU D 241 -25.57 52.33 12.13
C GLU D 241 -26.43 53.33 11.39
N PHE D 242 -27.66 52.93 11.05
CA PHE D 242 -28.57 53.83 10.35
C PHE D 242 -28.94 55.03 11.22
N ALA D 243 -29.14 54.81 12.52
CA ALA D 243 -29.50 55.90 13.40
C ALA D 243 -28.36 56.91 13.55
N ALA D 244 -27.12 56.43 13.51
CA ALA D 244 -25.98 57.34 13.57
C ALA D 244 -25.95 58.27 12.36
N GLU D 245 -26.26 57.73 11.17
CA GLU D 245 -26.21 58.54 9.96
C GLU D 245 -27.28 59.63 9.97
N LEU D 246 -28.44 59.36 10.57
CA LEU D 246 -29.50 60.36 10.63
C LEU D 246 -29.17 61.50 11.58
N GLY D 247 -28.11 61.39 12.37
CA GLY D 247 -27.74 62.43 13.30
C GLY D 247 -28.30 62.28 14.70
N SER D 248 -28.83 61.12 15.05
CA SER D 248 -29.39 60.89 16.36
C SER D 248 -28.28 60.84 17.42
N ARG D 249 -28.68 61.03 18.67
CA ARG D 249 -27.77 60.91 19.80
C ARG D 249 -27.94 59.61 20.56
N TYR D 250 -29.14 59.03 20.58
CA TYR D 250 -29.41 57.84 21.36
C TYR D 250 -29.90 56.70 20.48
N ILE D 251 -29.63 55.48 20.93
CA ILE D 251 -30.32 54.30 20.45
C ILE D 251 -30.96 53.63 21.67
N MET D 252 -31.68 52.54 21.45
CA MET D 252 -32.38 51.89 22.56
C MET D 252 -32.38 50.39 22.33
N VAL D 253 -32.04 49.65 23.38
CA VAL D 253 -31.95 48.20 23.32
C VAL D 253 -32.70 47.60 24.51
N ASP D 254 -33.42 46.52 24.24
CA ASP D 254 -34.00 45.69 25.31
C ASP D 254 -32.93 44.68 25.71
N PHE D 255 -32.12 45.06 26.70
CA PHE D 255 -30.91 44.30 27.01
C PHE D 255 -31.20 42.93 27.60
N LEU D 256 -32.44 42.65 27.99
CA LEU D 256 -32.79 41.35 28.53
C LEU D 256 -33.40 40.42 27.48
N THR D 257 -34.39 40.90 26.72
CA THR D 257 -34.96 40.09 25.65
C THR D 257 -33.92 39.83 24.56
N ALA D 258 -33.19 40.88 24.16
CA ALA D 258 -32.11 40.69 23.19
C ALA D 258 -30.96 39.88 23.75
N GLY D 259 -30.86 39.77 25.07
CA GLY D 259 -29.78 39.06 25.71
C GLY D 259 -28.62 39.97 26.06
N PHE D 260 -27.67 39.40 26.80
CA PHE D 260 -26.50 40.15 27.22
C PHE D 260 -25.36 40.11 26.20
N ALA D 261 -25.23 39.02 25.46
CA ALA D 261 -24.20 38.95 24.42
C ALA D 261 -24.49 39.95 23.30
N ALA D 262 -25.73 39.96 22.79
CA ALA D 262 -26.10 40.93 21.78
C ALA D 262 -26.01 42.35 22.33
N PHE D 263 -26.35 42.53 23.61
CA PHE D 263 -26.24 43.85 24.21
C PHE D 263 -24.80 44.32 24.25
N ALA D 264 -23.87 43.43 24.60
CA ALA D 264 -22.46 43.78 24.60
C ALA D 264 -21.96 44.08 23.20
N SER D 265 -22.41 43.30 22.21
CA SER D 265 -22.02 43.54 20.83
C SER D 265 -22.50 44.90 20.34
N VAL D 266 -23.75 45.26 20.68
CA VAL D 266 -24.28 46.56 20.29
C VAL D 266 -23.58 47.68 21.04
N ARG D 267 -23.18 47.43 22.29
CA ARG D 267 -22.61 48.48 23.13
C ARG D 267 -21.32 49.04 22.53
N ARG D 268 -20.42 48.15 22.11
CA ARG D 268 -19.15 48.61 21.55
C ARG D 268 -19.37 49.40 20.27
N ARG D 269 -20.30 48.93 19.42
CA ARG D 269 -20.61 49.67 18.20
C ARG D 269 -21.22 51.02 18.51
N ALA D 270 -22.05 51.10 19.56
CA ALA D 270 -22.60 52.39 19.96
C ALA D 270 -21.50 53.35 20.37
N GLU D 271 -20.48 52.85 21.08
CA GLU D 271 -19.34 53.67 21.42
C GLU D 271 -18.58 54.11 20.16
N GLU D 272 -18.43 53.19 19.19
CA GLU D 272 -17.70 53.50 17.98
C GLU D 272 -18.36 54.63 17.19
N LEU D 273 -19.68 54.61 17.10
CA LEU D 273 -20.42 55.60 16.33
C LEU D 273 -20.72 56.87 17.13
N GLY D 274 -20.23 56.95 18.35
CA GLY D 274 -20.56 58.10 19.18
C GLY D 274 -22.03 58.17 19.52
N LEU D 275 -22.65 57.02 19.78
CA LEU D 275 -24.05 56.96 20.19
C LEU D 275 -24.14 56.85 21.70
N MET D 276 -25.37 56.90 22.21
CA MET D 276 -25.61 56.93 23.64
C MET D 276 -26.69 55.90 23.94
N LEU D 277 -26.30 54.83 24.63
CA LEU D 277 -27.07 53.59 24.66
C LEU D 277 -28.02 53.60 25.84
N HIS D 278 -29.30 53.90 25.58
CA HIS D 278 -30.34 53.63 26.55
C HIS D 278 -30.61 52.13 26.63
N CYS D 279 -31.00 51.68 27.82
CA CYS D 279 -31.26 50.27 28.06
C CYS D 279 -32.63 50.11 28.69
N HIS D 280 -33.44 49.22 28.13
CA HIS D 280 -34.76 48.90 28.67
C HIS D 280 -34.74 47.51 29.28
N ARG D 281 -35.35 47.39 30.46
CA ARG D 281 -35.31 46.16 31.23
C ARG D 281 -36.56 45.29 31.03
N ALA D 282 -37.10 45.26 29.81
CA ALA D 282 -38.24 44.40 29.53
C ALA D 282 -37.88 42.95 29.87
N MET D 283 -38.84 42.24 30.48
CA MET D 283 -38.74 40.85 30.97
C MET D 283 -38.01 40.78 32.30
N HIS D 284 -37.76 41.91 32.97
CA HIS D 284 -37.09 41.86 34.27
C HIS D 284 -38.02 41.33 35.36
N ALA D 285 -39.33 41.51 35.17
CA ALA D 285 -40.28 41.10 36.20
C ALA D 285 -40.39 39.59 36.30
N VAL D 286 -39.93 38.85 35.28
CA VAL D 286 -39.87 37.40 35.42
C VAL D 286 -38.82 37.02 36.46
N PHE D 287 -37.83 37.88 36.69
CA PHE D 287 -36.81 37.64 37.70
C PHE D 287 -37.18 38.29 39.03
N ASP D 288 -37.36 39.60 39.02
CA ASP D 288 -37.54 40.38 40.25
C ASP D 288 -39.01 40.73 40.44
N ARG D 289 -39.81 39.71 40.67
CA ARG D 289 -41.17 39.98 41.14
C ARG D 289 -41.53 39.19 42.39
N GLN D 290 -41.08 37.95 42.50
CA GLN D 290 -41.45 37.11 43.62
C GLN D 290 -40.31 37.07 44.62
N PRO D 291 -40.52 37.52 45.87
CA PRO D 291 -39.42 37.55 46.84
C PRO D 291 -38.89 36.19 47.25
N ASN D 292 -39.40 35.10 46.68
CA ASN D 292 -38.94 33.76 47.06
C ASN D 292 -38.13 33.07 45.98
N HIS D 293 -38.12 33.57 44.75
CA HIS D 293 -37.42 32.88 43.67
C HIS D 293 -37.16 33.83 42.50
N GLY D 294 -35.93 33.80 41.97
CA GLY D 294 -35.54 34.63 40.85
C GLY D 294 -34.25 35.35 41.14
N ILE D 295 -34.08 36.50 40.51
CA ILE D 295 -32.91 37.36 40.70
C ILE D 295 -33.41 38.76 41.03
N HIS D 296 -32.84 39.36 42.07
CA HIS D 296 -33.19 40.75 42.39
C HIS D 296 -32.56 41.68 41.37
N PHE D 297 -33.32 42.71 40.98
CA PHE D 297 -32.86 43.61 39.91
C PHE D 297 -31.58 44.33 40.28
N ARG D 298 -31.28 44.47 41.58
CA ARG D 298 -30.02 45.11 41.96
C ARG D 298 -28.82 44.31 41.48
N VAL D 299 -28.99 43.01 41.28
CA VAL D 299 -27.96 42.22 40.63
C VAL D 299 -27.93 42.50 39.14
N LEU D 300 -29.11 42.62 38.52
CA LEU D 300 -29.19 42.97 37.11
C LEU D 300 -28.68 44.39 36.87
N ALA D 301 -28.92 45.29 37.83
CA ALA D 301 -28.41 46.65 37.72
C ALA D 301 -26.88 46.65 37.71
N LYS D 302 -26.27 45.80 38.53
CA LYS D 302 -24.81 45.70 38.53
C LYS D 302 -24.30 45.22 37.17
N TRP D 303 -24.94 44.20 36.61
CA TRP D 303 -24.46 43.63 35.35
C TRP D 303 -24.53 44.65 34.22
N LEU D 304 -25.62 45.42 34.16
CA LEU D 304 -25.76 46.42 33.11
C LEU D 304 -24.69 47.49 33.21
N ARG D 305 -24.39 47.94 34.43
CA ARG D 305 -23.33 48.94 34.60
C ARG D 305 -21.98 48.37 34.18
N MET D 306 -21.70 47.12 34.52
CA MET D 306 -20.42 46.52 34.17
C MET D 306 -20.26 46.40 32.66
N VAL D 307 -21.25 45.81 31.99
CA VAL D 307 -21.15 45.62 30.54
C VAL D 307 -21.28 46.95 29.82
N GLY D 308 -22.03 47.90 30.39
CA GLY D 308 -22.18 49.21 29.78
C GLY D 308 -23.62 49.62 29.57
N GLY D 309 -23.84 50.91 29.38
CA GLY D 309 -25.18 51.44 29.21
C GLY D 309 -25.36 52.78 29.89
N ASP D 310 -25.94 53.75 29.18
CA ASP D 310 -26.09 55.09 29.73
C ASP D 310 -27.36 55.24 30.57
N HIS D 311 -28.40 54.45 30.29
CA HIS D 311 -29.63 54.49 31.07
C HIS D 311 -30.04 53.08 31.46
N VAL D 312 -30.95 53.00 32.41
CA VAL D 312 -31.65 51.77 32.76
C VAL D 312 -32.85 52.16 33.62
N HIS D 313 -33.97 51.47 33.39
CA HIS D 313 -35.15 51.73 34.19
C HIS D 313 -34.98 51.07 35.55
N THR D 314 -34.79 51.87 36.58
CA THR D 314 -34.75 51.34 37.94
C THR D 314 -36.15 51.14 38.51
N GLY D 315 -37.17 51.69 37.88
CA GLY D 315 -38.54 51.56 38.34
C GLY D 315 -38.94 52.71 39.25
N THR D 316 -40.23 53.03 39.20
CA THR D 316 -40.82 54.05 40.05
C THR D 316 -41.60 53.38 41.17
N VAL D 317 -41.35 53.80 42.40
CA VAL D 317 -42.07 53.22 43.53
C VAL D 317 -43.51 53.75 43.57
N VAL D 318 -43.71 55.00 43.20
CA VAL D 318 -45.04 55.59 43.10
C VAL D 318 -45.43 55.49 41.63
N GLY D 319 -46.05 54.37 41.26
CA GLY D 319 -46.42 54.16 39.87
C GLY D 319 -47.14 52.85 39.72
N LYS D 320 -47.61 52.62 38.49
CA LYS D 320 -48.39 51.42 38.17
C LYS D 320 -47.54 50.15 38.13
N LEU D 321 -46.22 50.26 38.17
CA LEU D 321 -45.35 49.10 38.28
C LEU D 321 -44.85 48.96 39.71
N GLU D 322 -44.60 47.71 40.10
CA GLU D 322 -44.17 47.44 41.47
C GLU D 322 -42.76 47.96 41.72
N GLY D 323 -42.49 48.25 42.99
CA GLY D 323 -41.18 48.70 43.42
C GLY D 323 -41.17 49.12 44.87
N ASP D 324 -40.13 48.73 45.60
CA ASP D 324 -39.99 49.06 47.01
C ASP D 324 -39.06 50.27 47.15
N ARG D 325 -39.49 51.25 47.94
CA ARG D 325 -38.74 52.50 48.05
C ARG D 325 -37.35 52.26 48.64
N ALA D 326 -37.28 51.46 49.70
CA ALA D 326 -36.00 51.23 50.37
C ALA D 326 -35.00 50.57 49.42
N GLU D 327 -35.45 49.59 48.64
CA GLU D 327 -34.56 48.94 47.69
C GLU D 327 -34.22 49.83 46.51
N THR D 328 -35.16 50.68 46.09
CA THR D 328 -34.92 51.55 44.95
C THR D 328 -33.78 52.52 45.21
N LEU D 329 -33.75 53.13 46.39
CA LEU D 329 -32.60 53.96 46.76
C LEU D 329 -31.31 53.15 46.75
N GLY D 330 -31.40 51.88 47.13
CA GLY D 330 -30.22 51.02 47.06
C GLY D 330 -29.71 50.84 45.64
N ILE D 331 -30.64 50.64 44.69
CA ILE D 331 -30.26 50.50 43.29
C ILE D 331 -29.76 51.83 42.73
N ALA D 332 -30.39 52.93 43.14
CA ALA D 332 -30.02 54.25 42.62
C ALA D 332 -28.58 54.59 42.99
N ASP D 333 -28.19 54.36 44.24
CA ASP D 333 -26.80 54.60 44.63
C ASP D 333 -25.88 53.51 44.13
N LEU D 334 -26.43 52.34 43.81
CA LEU D 334 -25.61 51.28 43.22
C LEU D 334 -25.27 51.60 41.77
N LEU D 335 -25.96 52.58 41.18
CA LEU D 335 -25.72 52.96 39.80
C LEU D 335 -24.90 54.24 39.71
N ARG D 336 -25.39 55.32 40.32
CA ARG D 336 -24.75 56.63 40.22
C ARG D 336 -23.48 56.75 41.06
N GLU D 337 -23.49 56.23 42.28
CA GLU D 337 -22.37 56.45 43.19
C GLU D 337 -21.19 55.58 42.81
N ASP D 338 -20.04 55.89 43.40
CA ASP D 338 -18.77 55.21 43.11
C ASP D 338 -18.52 54.07 44.10
N TYR D 339 -18.65 54.33 45.39
CA TYR D 339 -18.51 53.30 46.41
C TYR D 339 -19.84 53.15 47.13
N VAL D 340 -20.30 51.91 47.24
CA VAL D 340 -21.60 51.60 47.82
C VAL D 340 -21.39 50.72 49.04
N PRO D 341 -21.34 51.31 50.23
CA PRO D 341 -21.23 50.51 51.46
C PRO D 341 -22.49 49.69 51.69
N ALA D 342 -22.29 48.53 52.33
CA ALA D 342 -23.41 47.64 52.59
C ALA D 342 -24.39 48.27 53.57
N ASP D 343 -25.68 48.12 53.28
CA ASP D 343 -26.73 48.66 54.13
C ASP D 343 -27.86 47.64 54.24
N PRO D 344 -28.05 47.04 55.42
CA PRO D 344 -29.07 45.99 55.54
C PRO D 344 -30.47 46.47 55.25
N GLY D 345 -30.80 47.72 55.58
CA GLY D 345 -32.13 48.23 55.31
C GLY D 345 -32.42 48.51 53.86
N ARG D 346 -31.39 48.53 53.01
CA ARG D 346 -31.56 48.77 51.59
C ARG D 346 -31.28 47.53 50.74
N GLY D 347 -31.07 46.38 51.37
CA GLY D 347 -30.86 45.13 50.66
C GLY D 347 -29.44 44.88 50.19
N LEU D 348 -28.48 45.74 50.54
CA LEU D 348 -27.11 45.59 50.07
C LEU D 348 -26.34 44.69 51.02
N PHE D 349 -26.00 43.49 50.57
CA PHE D 349 -25.29 42.54 51.43
C PHE D 349 -23.79 42.79 51.47
N PHE D 350 -23.23 43.43 50.45
CA PHE D 350 -21.79 43.61 50.35
C PHE D 350 -21.48 45.04 49.94
N ASP D 351 -20.26 45.47 50.28
CA ASP D 351 -19.73 46.71 49.73
C ASP D 351 -19.34 46.50 48.27
N GLN D 352 -19.48 47.55 47.47
CA GLN D 352 -19.21 47.47 46.04
C GLN D 352 -18.32 48.63 45.63
N ASP D 353 -17.05 48.34 45.37
CA ASP D 353 -16.13 49.29 44.79
C ASP D 353 -16.22 49.19 43.27
N TRP D 354 -16.49 50.32 42.61
CA TRP D 354 -16.77 50.29 41.18
C TRP D 354 -15.54 50.52 40.32
N ALA D 355 -14.37 50.73 40.94
CA ALA D 355 -13.08 50.72 40.24
C ALA D 355 -13.05 51.68 39.07
N GLY D 356 -13.63 52.87 39.27
CA GLY D 356 -13.58 53.91 38.27
C GLY D 356 -14.57 53.77 37.12
N LEU D 357 -15.44 52.77 37.15
CA LEU D 357 -16.48 52.66 36.13
C LEU D 357 -17.44 53.85 36.23
N LYS D 358 -17.86 54.35 35.08
CA LYS D 358 -18.66 55.56 35.07
C LYS D 358 -20.09 55.27 35.54
N PRO D 359 -20.76 56.27 36.13
CA PRO D 359 -22.11 56.06 36.63
C PRO D 359 -23.13 55.89 35.50
N VAL D 360 -24.34 55.55 35.90
CA VAL D 360 -25.44 55.30 34.97
C VAL D 360 -26.63 56.15 35.39
N PHE D 361 -27.30 56.75 34.40
CA PHE D 361 -28.54 57.45 34.69
C PHE D 361 -29.62 56.47 35.16
N PRO D 362 -30.21 56.68 36.33
CA PRO D 362 -31.43 55.95 36.68
C PRO D 362 -32.63 56.58 36.01
N VAL D 363 -33.54 55.74 35.51
CA VAL D 363 -34.71 56.18 34.78
C VAL D 363 -35.95 55.76 35.55
N ALA D 364 -36.76 56.74 35.94
CA ALA D 364 -38.00 56.49 36.66
C ALA D 364 -39.15 56.54 35.65
N SER D 365 -39.61 55.37 35.24
CA SER D 365 -40.67 55.25 34.25
C SER D 365 -41.79 54.38 34.80
N GLY D 366 -43.00 54.65 34.33
CA GLY D 366 -44.18 53.96 34.80
C GLY D 366 -45.39 54.87 34.68
N GLY D 367 -46.50 54.39 35.23
CA GLY D 367 -47.73 55.16 35.20
C GLY D 367 -47.70 56.33 36.16
N ILE D 368 -46.86 57.31 35.88
CA ILE D 368 -46.65 58.47 36.76
C ILE D 368 -47.23 59.71 36.10
N HIS D 369 -47.58 60.68 36.93
CA HIS D 369 -48.14 61.95 36.48
C HIS D 369 -47.57 63.06 37.36
N VAL D 370 -48.20 64.24 37.29
CA VAL D 370 -47.68 65.41 38.00
C VAL D 370 -47.67 65.17 39.50
N TRP D 371 -48.67 64.45 40.03
CA TRP D 371 -48.78 64.27 41.47
C TRP D 371 -47.64 63.44 42.04
N HIS D 372 -46.95 62.65 41.21
CA HIS D 372 -45.83 61.87 41.68
C HIS D 372 -44.50 62.62 41.58
N VAL D 373 -44.50 63.81 40.97
CA VAL D 373 -43.25 64.57 40.81
C VAL D 373 -42.59 64.88 42.16
N PRO D 374 -43.30 65.38 43.18
CA PRO D 374 -42.62 65.60 44.47
C PRO D 374 -41.99 64.35 45.04
N ASP D 375 -42.64 63.19 44.88
CA ASP D 375 -42.03 61.95 45.34
C ASP D 375 -40.81 61.60 44.50
N LEU D 376 -40.94 61.64 43.17
CA LEU D 376 -39.85 61.20 42.30
C LEU D 376 -38.58 62.00 42.56
N VAL D 377 -38.72 63.30 42.80
CA VAL D 377 -37.56 64.13 43.12
C VAL D 377 -36.92 63.65 44.42
N SER D 378 -37.74 63.24 45.39
CA SER D 378 -37.22 62.85 46.70
C SER D 378 -36.37 61.59 46.61
N ILE D 379 -36.91 60.53 45.98
CA ILE D 379 -36.15 59.28 45.88
C ILE D 379 -34.90 59.46 45.03
N PHE D 380 -35.06 60.04 43.84
CA PHE D 380 -34.00 59.99 42.84
C PHE D 380 -33.07 61.19 42.86
N GLY D 381 -33.48 62.30 43.47
CA GLY D 381 -32.63 63.47 43.48
C GLY D 381 -32.72 64.27 42.21
N ASP D 382 -31.58 64.47 41.53
CA ASP D 382 -31.55 65.26 40.31
C ASP D 382 -31.06 64.48 39.10
N ASP D 383 -30.04 63.64 39.26
CA ASP D 383 -29.47 62.89 38.13
C ASP D 383 -30.35 61.68 37.85
N ALA D 384 -31.46 61.93 37.15
CA ALA D 384 -32.41 60.86 36.83
C ALA D 384 -33.29 61.31 35.68
N PHE D 385 -33.97 60.34 35.07
CA PHE D 385 -34.93 60.56 34.01
C PHE D 385 -36.34 60.28 34.50
N PHE D 386 -37.28 61.15 34.14
CA PHE D 386 -38.69 61.00 34.46
C PHE D 386 -39.45 60.82 33.15
N LEU D 387 -39.94 59.59 32.92
CA LEU D 387 -40.63 59.26 31.68
C LEU D 387 -42.13 59.30 31.92
N PHE D 388 -42.79 60.36 31.46
CA PHE D 388 -44.25 60.44 31.50
C PHE D 388 -44.80 59.94 30.16
N GLY D 389 -44.99 58.63 30.08
CA GLY D 389 -45.57 58.04 28.89
C GLY D 389 -47.02 58.41 28.73
N GLY D 390 -47.87 57.94 29.65
CA GLY D 390 -49.26 58.34 29.65
C GLY D 390 -49.53 59.65 30.38
N GLY D 391 -48.56 60.16 31.13
CA GLY D 391 -48.71 61.41 31.84
C GLY D 391 -48.59 62.65 31.01
N THR D 392 -48.17 62.52 29.75
CA THR D 392 -48.11 63.63 28.81
C THR D 392 -49.27 63.60 27.83
N HIS D 393 -49.55 62.44 27.25
CA HIS D 393 -50.55 62.33 26.19
C HIS D 393 -51.97 62.39 26.74
N GLY D 394 -52.17 61.94 27.98
CA GLY D 394 -53.51 61.89 28.54
C GLY D 394 -54.05 63.26 28.92
N HIS D 395 -53.23 64.29 28.80
CA HIS D 395 -53.68 65.65 29.09
C HIS D 395 -54.83 66.01 28.15
N PRO D 396 -55.89 66.66 28.66
CA PRO D 396 -57.05 66.96 27.81
C PRO D 396 -56.71 67.84 26.60
N ARG D 397 -55.75 68.75 26.74
CA ARG D 397 -55.38 69.60 25.61
C ARG D 397 -54.69 68.78 24.53
N GLY D 398 -53.71 67.98 24.89
CA GLY D 398 -52.95 67.20 23.94
C GLY D 398 -51.56 66.94 24.46
N SER D 399 -50.67 66.54 23.55
CA SER D 399 -49.32 66.18 23.93
C SER D 399 -48.46 67.40 24.24
N ARG D 400 -48.60 68.48 23.46
CA ARG D 400 -47.75 69.64 23.65
C ARG D 400 -48.04 70.33 24.99
N ALA D 401 -49.31 70.60 25.27
CA ALA D 401 -49.66 71.23 26.54
C ALA D 401 -49.45 70.25 27.70
N GLY D 402 -49.60 68.95 27.43
CA GLY D 402 -49.30 67.97 28.45
C GLY D 402 -47.82 67.94 28.80
N ALA D 403 -46.95 68.10 27.80
CA ALA D 403 -45.52 68.19 28.06
C ALA D 403 -45.19 69.42 28.87
N THR D 404 -45.88 70.54 28.62
CA THR D 404 -45.64 71.76 29.37
C THR D 404 -46.00 71.57 30.84
N ALA D 405 -47.13 70.91 31.12
CA ALA D 405 -47.56 70.72 32.51
C ALA D 405 -46.55 69.91 33.30
N ASN D 406 -46.01 68.86 32.69
CA ASN D 406 -45.03 68.02 33.38
C ASN D 406 -43.72 68.78 33.59
N ARG D 407 -43.34 69.64 32.66
CA ARG D 407 -42.11 70.40 32.82
C ARG D 407 -42.25 71.45 33.91
N VAL D 408 -43.39 72.15 33.94
CA VAL D 408 -43.60 73.19 34.95
C VAL D 408 -43.62 72.57 36.34
N ALA D 409 -44.21 71.39 36.48
CA ALA D 409 -44.27 70.72 37.76
C ALA D 409 -42.86 70.36 38.26
N VAL D 410 -42.02 69.87 37.37
CA VAL D 410 -40.67 69.49 37.76
C VAL D 410 -39.84 70.74 38.07
N GLU D 411 -39.98 71.79 37.25
CA GLU D 411 -39.27 73.04 37.53
C GLU D 411 -39.68 73.60 38.90
N ALA D 412 -40.98 73.59 39.18
CA ALA D 412 -41.45 74.15 40.46
C ALA D 412 -40.96 73.34 41.64
N VAL D 413 -40.98 72.00 41.52
CA VAL D 413 -40.58 71.16 42.64
C VAL D 413 -39.07 71.27 42.89
N VAL D 414 -38.27 71.24 41.82
CA VAL D 414 -36.83 71.35 41.98
C VAL D 414 -36.43 72.73 42.50
N GLN D 415 -37.05 73.77 41.95
CA GLN D 415 -36.75 75.12 42.43
C GLN D 415 -37.12 75.29 43.89
N ALA D 416 -38.24 74.70 44.32
CA ALA D 416 -38.63 74.77 45.71
C ALA D 416 -37.68 73.96 46.59
N ARG D 417 -37.12 72.87 46.05
CA ARG D 417 -36.16 72.09 46.81
C ARG D 417 -34.93 72.92 47.17
N ASN D 418 -34.42 73.69 46.22
CA ASN D 418 -33.33 74.62 46.51
C ASN D 418 -33.83 75.80 47.34
N GLU D 419 -35.11 76.14 47.23
CA GLU D 419 -35.68 77.23 48.01
C GLU D 419 -35.68 76.92 49.51
N GLY D 420 -35.64 75.64 49.88
CA GLY D 420 -35.59 75.22 51.27
C GLY D 420 -36.81 74.45 51.73
N ARG D 421 -37.93 74.54 51.02
CA ARG D 421 -39.14 73.86 51.44
C ARG D 421 -38.97 72.34 51.39
N ASP D 422 -39.57 71.65 52.35
CA ASP D 422 -39.51 70.21 52.38
C ASP D 422 -40.47 69.62 51.36
N ILE D 423 -39.95 68.73 50.52
CA ILE D 423 -40.70 68.21 49.39
C ILE D 423 -41.84 67.29 49.83
N LEU D 424 -41.55 66.30 50.67
CA LEU D 424 -42.58 65.34 51.05
C LEU D 424 -43.66 65.96 51.94
N ALA D 425 -43.45 67.17 52.44
CA ALA D 425 -44.44 67.85 53.25
C ALA D 425 -45.08 69.05 52.56
N GLU D 426 -44.52 69.50 51.44
CA GLU D 426 -45.08 70.65 50.73
C GLU D 426 -45.27 70.39 49.24
N GLY D 427 -45.29 69.12 48.81
CA GLY D 427 -45.47 68.84 47.39
C GLY D 427 -46.77 69.37 46.84
N ARG D 428 -47.88 69.14 47.55
CA ARG D 428 -49.17 69.62 47.08
C ARG D 428 -49.20 71.14 47.04
N GLU D 429 -48.62 71.81 48.05
CA GLU D 429 -48.61 73.26 48.06
C GLU D 429 -47.76 73.82 46.92
N ILE D 430 -46.61 73.20 46.66
CA ILE D 430 -45.76 73.63 45.55
C ILE D 430 -46.48 73.47 44.22
N LEU D 431 -47.11 72.31 44.03
CA LEU D 431 -47.84 72.07 42.79
C LEU D 431 -49.01 73.04 42.63
N GLU D 432 -49.70 73.37 43.73
CA GLU D 432 -50.78 74.34 43.66
C GLU D 432 -50.27 75.72 43.28
N GLU D 433 -49.15 76.14 43.90
CA GLU D 433 -48.60 77.45 43.60
C GLU D 433 -48.13 77.53 42.15
N ALA D 434 -47.62 76.43 41.62
CA ALA D 434 -47.26 76.39 40.21
C ALA D 434 -48.49 76.43 39.32
N ALA D 435 -49.54 75.70 39.70
CA ALA D 435 -50.73 75.64 38.88
C ALA D 435 -51.47 76.97 38.84
N ARG D 436 -51.37 77.77 39.89
CA ARG D 436 -52.09 79.05 39.90
C ARG D 436 -51.63 79.97 38.76
N TRP D 437 -50.41 79.77 38.26
CA TRP D 437 -49.97 80.51 37.08
C TRP D 437 -49.80 79.65 35.83
N CYS D 438 -49.81 78.31 35.96
CA CYS D 438 -49.71 77.47 34.77
C CYS D 438 -51.07 76.88 34.44
N PRO D 439 -51.75 77.34 33.40
CA PRO D 439 -53.02 76.70 33.00
C PRO D 439 -52.87 75.23 32.64
N GLU D 440 -51.76 74.85 32.02
CA GLU D 440 -51.55 73.45 31.63
C GLU D 440 -51.48 72.55 32.86
N LEU D 441 -50.95 73.07 33.96
CA LEU D 441 -50.78 72.26 35.16
C LEU D 441 -52.10 72.03 35.87
N ARG D 442 -52.98 73.04 35.89
CA ARG D 442 -54.25 72.92 36.59
C ARG D 442 -55.06 71.75 36.06
N GLU D 443 -55.13 71.63 34.73
CA GLU D 443 -55.94 70.57 34.12
C GLU D 443 -55.35 69.19 34.40
N ALA D 444 -54.02 69.08 34.33
CA ALA D 444 -53.37 67.79 34.61
C ALA D 444 -53.56 67.40 36.08
N MET D 445 -53.38 68.35 36.99
CA MET D 445 -53.55 68.06 38.41
C MET D 445 -54.98 67.66 38.74
N GLU D 446 -55.95 68.41 38.22
CA GLU D 446 -57.34 68.13 38.54
C GLU D 446 -57.78 66.79 37.98
N LEU D 447 -57.35 66.46 36.76
CA LEU D 447 -57.73 65.20 36.14
C LEU D 447 -57.21 64.01 36.94
N TRP D 448 -55.91 64.01 37.24
CA TRP D 448 -55.26 62.88 37.89
C TRP D 448 -55.20 63.03 39.40
N GLY D 449 -56.12 63.77 40.00
CA GLY D 449 -56.15 63.93 41.44
C GLY D 449 -56.91 62.81 42.14
N TYR E 6 -40.59 73.10 -36.42
CA TYR E 6 -41.41 72.06 -35.80
C TYR E 6 -42.85 72.16 -36.29
N GLU E 7 -43.27 71.18 -37.10
CA GLU E 7 -44.64 71.09 -37.58
C GLU E 7 -45.42 70.21 -36.61
N ALA E 8 -46.08 70.85 -35.65
CA ALA E 8 -46.82 70.11 -34.62
C ALA E 8 -48.01 69.40 -35.22
N GLY E 9 -48.40 68.30 -34.57
CA GLY E 9 -49.53 67.51 -34.97
C GLY E 9 -49.24 66.04 -34.82
N VAL E 10 -50.06 65.22 -35.49
CA VAL E 10 -49.90 63.77 -35.50
C VAL E 10 -49.86 63.32 -36.95
N ARG E 11 -48.89 62.46 -37.28
CA ARG E 11 -48.70 61.98 -38.63
C ARG E 11 -48.72 60.45 -38.65
N PRO E 12 -49.12 59.84 -39.77
CA PRO E 12 -49.06 58.38 -39.88
C PRO E 12 -47.64 57.88 -39.72
N TYR E 13 -47.51 56.68 -39.14
CA TYR E 13 -46.20 56.12 -38.85
C TYR E 13 -45.41 55.85 -40.12
N ARG E 14 -46.10 55.50 -41.21
CA ARG E 14 -45.42 55.11 -42.45
C ARG E 14 -44.65 56.26 -43.08
N GLU E 15 -44.99 57.51 -42.76
CA GLU E 15 -44.37 58.64 -43.44
C GLU E 15 -42.87 58.73 -43.15
N THR E 16 -42.46 58.35 -41.94
CA THR E 16 -41.05 58.46 -41.55
C THR E 16 -40.46 57.17 -41.02
N TYR E 17 -41.16 56.04 -41.16
CA TYR E 17 -40.63 54.78 -40.65
C TYR E 17 -40.83 53.59 -41.58
N TYR E 18 -41.44 53.77 -42.75
CA TYR E 18 -41.53 52.71 -43.75
C TYR E 18 -40.71 53.15 -44.97
N ASP E 19 -39.51 52.61 -45.08
CA ASP E 19 -38.60 52.93 -46.19
C ASP E 19 -38.32 51.67 -46.99
N PRO E 20 -39.03 51.43 -48.09
CA PRO E 20 -38.81 50.21 -48.87
C PRO E 20 -37.54 50.21 -49.70
N ASP E 21 -36.86 51.35 -49.83
CA ASP E 21 -35.64 51.45 -50.61
C ASP E 21 -34.39 51.27 -49.77
N TYR E 22 -34.52 51.08 -48.47
CA TYR E 22 -33.36 50.98 -47.59
C TYR E 22 -32.64 49.65 -47.80
N GLU E 23 -31.31 49.73 -47.94
CA GLU E 23 -30.49 48.53 -48.09
C GLU E 23 -29.85 48.21 -46.74
N PRO E 24 -30.17 47.06 -46.14
CA PRO E 24 -29.64 46.77 -44.80
C PRO E 24 -28.12 46.69 -44.80
N LYS E 25 -27.53 47.19 -43.71
CA LYS E 25 -26.09 47.13 -43.53
C LYS E 25 -25.70 45.79 -42.91
N ASP E 26 -24.41 45.64 -42.62
CA ASP E 26 -23.91 44.46 -41.93
C ASP E 26 -23.78 44.67 -40.43
N THR E 27 -24.15 45.85 -39.93
CA THR E 27 -24.14 46.14 -38.51
C THR E 27 -25.53 46.30 -37.92
N ASP E 28 -26.57 46.19 -38.74
CA ASP E 28 -27.93 46.39 -38.28
C ASP E 28 -28.50 45.12 -37.66
N LEU E 29 -29.39 45.30 -36.69
CA LEU E 29 -30.26 44.22 -36.23
C LEU E 29 -31.50 44.18 -37.13
N LEU E 30 -31.71 43.05 -37.78
CA LEU E 30 -32.86 42.84 -38.63
C LEU E 30 -33.84 41.93 -37.91
N CYS E 31 -35.12 42.33 -37.88
CA CYS E 31 -36.14 41.58 -37.16
C CYS E 31 -37.27 41.22 -38.10
N ALA E 32 -37.81 40.01 -37.92
CA ALA E 32 -38.91 39.51 -38.74
C ALA E 32 -40.15 39.38 -37.85
N PHE E 33 -41.15 40.21 -38.12
CA PHE E 33 -42.38 40.23 -37.34
C PHE E 33 -43.54 39.68 -38.17
N ARG E 34 -44.48 39.02 -37.49
CA ARG E 34 -45.67 38.47 -38.11
C ARG E 34 -46.85 39.27 -37.58
N ILE E 35 -47.18 40.35 -38.29
CA ILE E 35 -48.09 41.36 -37.79
C ILE E 35 -49.52 41.05 -38.25
N THR E 36 -50.48 41.21 -37.33
CA THR E 36 -51.90 41.06 -37.62
C THR E 36 -52.59 42.38 -37.31
N PRO E 37 -52.82 43.22 -38.31
CA PRO E 37 -53.39 44.54 -38.05
C PRO E 37 -54.87 44.49 -37.71
N LYS E 38 -55.37 45.62 -37.21
CA LYS E 38 -56.80 45.80 -37.07
C LYS E 38 -57.49 45.77 -38.44
N PRO E 39 -58.72 45.28 -38.50
CA PRO E 39 -59.51 45.45 -39.73
C PRO E 39 -59.64 46.91 -40.11
N GLY E 40 -59.04 47.30 -41.25
CA GLY E 40 -59.05 48.67 -41.70
C GLY E 40 -57.69 49.35 -41.65
N VAL E 41 -56.75 48.83 -40.87
CA VAL E 41 -55.40 49.39 -40.78
C VAL E 41 -54.53 48.68 -41.81
N PRO E 42 -53.87 49.39 -42.71
CA PRO E 42 -53.07 48.74 -43.74
C PRO E 42 -51.93 47.93 -43.15
N MET E 43 -51.57 46.84 -43.84
CA MET E 43 -50.48 45.98 -43.40
C MET E 43 -49.16 46.75 -43.34
N GLU E 44 -48.89 47.58 -44.34
CA GLU E 44 -47.68 48.37 -44.41
C GLU E 44 -47.77 49.70 -43.66
N GLU E 45 -48.78 49.85 -42.81
CA GLU E 45 -48.88 50.97 -41.88
C GLU E 45 -48.67 50.54 -40.44
N ALA E 46 -49.26 49.41 -40.03
CA ALA E 46 -48.99 48.89 -38.69
C ALA E 46 -47.55 48.40 -38.57
N ALA E 47 -46.93 48.05 -39.70
CA ALA E 47 -45.52 47.66 -39.68
C ALA E 47 -44.64 48.83 -39.27
N ALA E 48 -44.98 50.03 -39.74
CA ALA E 48 -44.21 51.21 -39.38
C ALA E 48 -44.34 51.52 -37.90
N ALA E 49 -45.52 51.30 -37.32
CA ALA E 49 -45.72 51.56 -35.90
C ALA E 49 -44.82 50.68 -35.05
N VAL E 50 -44.68 49.40 -35.44
CA VAL E 50 -43.78 48.50 -34.71
C VAL E 50 -42.35 49.00 -34.82
N ALA E 51 -41.97 49.54 -35.98
CA ALA E 51 -40.62 50.07 -36.14
C ALA E 51 -40.44 51.36 -35.36
N ALA E 52 -41.48 52.20 -35.34
CA ALA E 52 -41.37 53.49 -34.66
C ALA E 52 -41.21 53.33 -33.16
N GLU E 53 -42.10 52.55 -32.53
CA GLU E 53 -42.14 52.48 -31.07
C GLU E 53 -41.18 51.47 -30.47
N SER E 54 -40.45 50.73 -31.30
CA SER E 54 -39.30 49.97 -30.86
C SER E 54 -38.02 50.76 -31.04
N SER E 55 -38.14 52.02 -31.44
CA SER E 55 -37.02 52.91 -31.72
C SER E 55 -37.46 54.33 -31.36
N THR E 56 -36.76 55.33 -31.91
CA THR E 56 -36.97 56.72 -31.54
C THR E 56 -38.41 57.20 -31.65
N GLY E 57 -39.28 56.46 -32.34
CA GLY E 57 -40.60 56.97 -32.66
C GLY E 57 -41.54 57.08 -31.47
N THR E 58 -42.60 57.85 -31.69
CA THR E 58 -43.68 58.06 -30.73
C THR E 58 -44.95 58.36 -31.50
N TRP E 59 -46.02 58.70 -30.79
CA TRP E 59 -47.33 58.83 -31.41
C TRP E 59 -47.62 60.22 -31.97
N THR E 60 -46.76 61.21 -31.70
CA THR E 60 -46.96 62.54 -32.25
C THR E 60 -45.61 63.20 -32.46
N GLU E 61 -45.57 64.11 -33.44
CA GLU E 61 -44.34 64.86 -33.68
C GLU E 61 -44.05 65.79 -32.52
N VAL E 62 -42.78 65.83 -32.11
CA VAL E 62 -42.37 66.59 -30.94
C VAL E 62 -41.31 67.60 -31.34
N TRP E 63 -41.22 68.67 -30.55
CA TRP E 63 -40.19 69.68 -30.79
C TRP E 63 -38.78 69.10 -30.61
N SER E 64 -38.64 68.08 -29.77
CA SER E 64 -37.34 67.48 -29.52
C SER E 64 -36.84 66.63 -30.68
N ASN E 65 -37.67 66.38 -31.69
CA ASN E 65 -37.23 65.59 -32.84
C ASN E 65 -36.16 66.31 -33.64
N LEU E 66 -36.06 67.63 -33.52
CA LEU E 66 -35.07 68.40 -34.26
C LEU E 66 -33.73 68.50 -33.56
N LEU E 67 -33.60 67.96 -32.35
CA LEU E 67 -32.35 68.01 -31.60
C LEU E 67 -31.41 66.87 -31.98
N THR E 68 -31.85 65.92 -32.79
CA THR E 68 -31.04 64.76 -33.14
C THR E 68 -31.18 64.46 -34.62
N ASP E 69 -30.19 63.73 -35.15
CA ASP E 69 -30.27 63.19 -36.50
C ASP E 69 -31.18 61.97 -36.44
N LEU E 70 -32.49 62.22 -36.54
CA LEU E 70 -33.47 61.14 -36.49
C LEU E 70 -33.21 60.10 -37.58
N GLU E 71 -32.76 60.56 -38.75
CA GLU E 71 -32.45 59.67 -39.87
C GLU E 71 -31.30 58.72 -39.56
N ARG E 72 -30.50 59.02 -38.54
CA ARG E 72 -29.37 58.18 -38.15
C ARG E 72 -29.77 57.08 -37.17
N TYR E 73 -30.78 57.32 -36.35
CA TYR E 73 -31.14 56.41 -35.27
C TYR E 73 -32.43 55.64 -35.49
N LYS E 74 -33.36 56.16 -36.29
CA LYS E 74 -34.67 55.53 -36.38
C LYS E 74 -34.55 54.14 -37.01
N ALA E 75 -35.36 53.21 -36.51
CA ALA E 75 -35.55 51.93 -37.18
C ALA E 75 -36.61 52.07 -38.26
N ARG E 76 -36.50 51.25 -39.31
CA ARG E 76 -37.41 51.36 -40.43
C ARG E 76 -37.67 49.98 -41.01
N CYS E 77 -38.90 49.79 -41.49
CA CYS E 77 -39.29 48.56 -42.17
C CYS E 77 -39.03 48.70 -43.66
N TYR E 78 -38.26 47.76 -44.21
CA TYR E 78 -37.84 47.85 -45.61
C TYR E 78 -38.51 46.83 -46.52
N ARG E 79 -38.69 45.59 -46.07
CA ARG E 79 -39.29 44.54 -46.89
C ARG E 79 -40.45 43.91 -46.15
N ILE E 80 -41.58 43.75 -46.84
CA ILE E 80 -42.75 43.06 -46.32
C ILE E 80 -43.11 41.94 -47.29
N GLU E 81 -43.34 40.74 -46.76
CA GLU E 81 -43.68 39.58 -47.57
C GLU E 81 -45.04 39.05 -47.11
N GLY E 82 -46.10 39.63 -47.65
CA GLY E 82 -47.45 39.17 -47.38
C GLY E 82 -47.94 39.58 -46.01
N ASP E 83 -47.38 38.96 -44.96
CA ASP E 83 -47.72 39.32 -43.60
C ASP E 83 -46.50 39.33 -42.68
N VAL E 84 -45.29 39.16 -43.22
CA VAL E 84 -44.06 39.20 -42.45
C VAL E 84 -43.32 40.48 -42.82
N ALA E 85 -43.14 41.36 -41.84
CA ALA E 85 -42.48 42.64 -42.05
C ALA E 85 -41.08 42.60 -41.47
N TYR E 86 -40.09 42.97 -42.28
CA TYR E 86 -38.71 43.06 -41.84
C TYR E 86 -38.41 44.47 -41.35
N ILE E 87 -37.75 44.58 -40.21
CA ILE E 87 -37.40 45.86 -39.60
C ILE E 87 -35.92 45.84 -39.27
N ALA E 88 -35.23 46.94 -39.60
CA ALA E 88 -33.79 47.07 -39.37
C ALA E 88 -33.53 48.13 -38.33
N TYR E 89 -32.69 47.82 -37.35
CA TYR E 89 -32.34 48.72 -36.28
C TYR E 89 -30.88 49.13 -36.37
N PRO E 90 -30.57 50.42 -36.28
CA PRO E 90 -29.16 50.84 -36.25
C PRO E 90 -28.46 50.27 -35.02
N LEU E 91 -27.14 50.09 -35.16
CA LEU E 91 -26.37 49.43 -34.12
C LEU E 91 -26.09 50.34 -32.92
N ASP E 92 -26.27 51.64 -33.05
CA ASP E 92 -26.04 52.57 -31.94
C ASP E 92 -27.22 52.64 -31.00
N LEU E 93 -28.30 51.91 -31.26
CA LEU E 93 -29.49 51.93 -30.43
C LEU E 93 -29.43 50.95 -29.27
N PHE E 94 -28.36 50.17 -29.16
CA PHE E 94 -28.33 49.07 -28.22
C PHE E 94 -27.05 49.11 -27.39
N GLU E 95 -27.17 48.72 -26.12
CA GLU E 95 -26.04 48.70 -25.21
C GLU E 95 -25.29 47.37 -25.38
N GLU E 96 -24.01 47.47 -25.70
CA GLU E 96 -23.22 46.27 -25.94
C GLU E 96 -23.05 45.47 -24.65
N GLY E 97 -23.14 44.15 -24.77
CA GLY E 97 -22.97 43.26 -23.65
C GLY E 97 -24.24 42.88 -22.91
N SER E 98 -25.37 43.50 -23.24
CA SER E 98 -26.61 43.30 -22.49
C SER E 98 -27.72 42.85 -23.44
N ILE E 99 -28.27 41.66 -23.18
CA ILE E 99 -29.48 41.24 -23.86
C ILE E 99 -30.67 42.05 -23.38
N VAL E 100 -30.62 42.52 -22.13
CA VAL E 100 -31.77 43.20 -21.53
C VAL E 100 -32.18 44.40 -22.37
N ASN E 101 -31.19 45.14 -22.90
CA ASN E 101 -31.53 46.31 -23.70
C ASN E 101 -32.10 45.90 -25.05
N ILE E 102 -31.64 44.78 -25.61
CA ILE E 102 -32.24 44.25 -26.83
C ILE E 102 -33.72 43.99 -26.61
N MET E 103 -34.02 43.20 -25.58
CA MET E 103 -35.37 42.72 -25.35
C MET E 103 -36.23 43.76 -24.63
N SER E 104 -35.63 44.88 -24.24
CA SER E 104 -36.42 46.03 -23.81
C SER E 104 -36.76 46.92 -24.99
N SER E 105 -35.86 47.00 -25.97
CA SER E 105 -36.11 47.84 -27.14
C SER E 105 -37.14 47.21 -28.08
N ILE E 106 -37.04 45.90 -28.29
CA ILE E 106 -37.77 45.24 -29.37
C ILE E 106 -39.12 44.73 -28.89
N VAL E 107 -39.10 43.81 -27.91
CA VAL E 107 -40.31 43.11 -27.50
C VAL E 107 -40.89 43.75 -26.25
N GLY E 108 -40.48 44.98 -25.96
CA GLY E 108 -40.92 45.66 -24.76
C GLY E 108 -42.27 46.32 -24.85
N ASN E 109 -42.44 47.20 -25.84
CA ASN E 109 -43.58 48.11 -25.87
C ASN E 109 -44.53 47.88 -27.04
N VAL E 110 -44.04 47.30 -28.14
CA VAL E 110 -44.81 47.29 -29.38
C VAL E 110 -45.82 46.15 -29.43
N PHE E 111 -45.69 45.13 -28.58
CA PHE E 111 -46.57 43.97 -28.67
C PHE E 111 -48.00 44.30 -28.26
N GLY E 112 -48.19 45.33 -27.44
CA GLY E 112 -49.50 45.59 -26.89
C GLY E 112 -50.21 46.82 -27.42
N PHE E 113 -50.09 47.08 -28.71
CA PHE E 113 -50.73 48.25 -29.31
C PHE E 113 -52.15 47.95 -29.73
N LYS E 114 -53.00 48.97 -29.63
CA LYS E 114 -54.38 48.84 -30.09
C LYS E 114 -54.47 48.76 -31.60
N ALA E 115 -53.43 49.16 -32.32
CA ALA E 115 -53.40 49.09 -33.78
C ALA E 115 -52.90 47.75 -34.29
N VAL E 116 -52.45 46.86 -33.41
CA VAL E 116 -51.96 45.55 -33.80
C VAL E 116 -52.75 44.50 -33.02
N GLN E 117 -53.50 43.67 -33.74
CA GLN E 117 -54.26 42.61 -33.09
C GLN E 117 -53.33 41.57 -32.46
N ALA E 118 -52.28 41.19 -33.18
CA ALA E 118 -51.32 40.22 -32.69
C ALA E 118 -50.01 40.43 -33.43
N LEU E 119 -48.92 39.99 -32.79
CA LEU E 119 -47.59 40.29 -33.32
C LEU E 119 -46.60 39.29 -32.75
N ARG E 120 -46.00 38.48 -33.60
CA ARG E 120 -45.01 37.50 -33.18
C ARG E 120 -43.67 37.83 -33.81
N LEU E 121 -42.62 37.79 -33.00
CA LEU E 121 -41.25 37.99 -33.47
C LEU E 121 -40.69 36.63 -33.89
N GLU E 122 -40.39 36.47 -35.18
CA GLU E 122 -39.98 35.19 -35.71
C GLU E 122 -38.47 34.95 -35.55
N ASP E 123 -37.65 35.91 -35.96
CA ASP E 123 -36.21 35.76 -35.88
C ASP E 123 -35.56 37.13 -35.98
N MET E 124 -34.31 37.21 -35.52
CA MET E 124 -33.51 38.41 -35.71
C MET E 124 -32.08 38.01 -36.05
N ARG E 125 -31.39 38.94 -36.71
CA ARG E 125 -29.99 38.77 -37.09
C ARG E 125 -29.13 39.65 -36.19
N ILE E 126 -28.22 39.03 -35.45
CA ILE E 126 -27.29 39.74 -34.59
C ILE E 126 -26.01 39.97 -35.39
N PRO E 127 -25.64 41.21 -35.70
CA PRO E 127 -24.42 41.44 -36.46
C PRO E 127 -23.18 41.05 -35.65
N VAL E 128 -22.11 40.73 -36.37
CA VAL E 128 -20.86 40.35 -35.72
C VAL E 128 -20.34 41.48 -34.85
N ALA E 129 -20.60 42.72 -35.23
CA ALA E 129 -20.11 43.86 -34.44
C ALA E 129 -20.75 43.89 -33.06
N TYR E 130 -22.06 43.65 -32.98
CA TYR E 130 -22.72 43.62 -31.69
C TYR E 130 -22.42 42.32 -30.95
N LEU E 131 -22.44 41.20 -31.67
CA LEU E 131 -22.26 39.90 -31.05
C LEU E 131 -20.84 39.70 -30.53
N LYS E 132 -19.89 40.54 -30.96
CA LYS E 132 -18.53 40.42 -30.49
C LYS E 132 -18.35 40.87 -29.05
N THR E 133 -19.32 41.57 -28.48
CA THR E 133 -19.25 42.06 -27.11
C THR E 133 -19.81 41.07 -26.09
N PHE E 134 -20.34 39.94 -26.54
CA PHE E 134 -20.88 38.97 -25.60
C PHE E 134 -19.87 37.86 -25.35
N PRO E 135 -19.86 37.30 -24.14
CA PRO E 135 -18.86 36.27 -23.84
C PRO E 135 -19.14 34.95 -24.52
N GLY E 136 -20.41 34.57 -24.66
CA GLY E 136 -20.75 33.27 -25.17
C GLY E 136 -20.70 32.21 -24.09
N PRO E 137 -20.93 30.95 -24.46
CA PRO E 137 -20.91 29.89 -23.47
C PRO E 137 -19.56 29.80 -22.80
N PRO E 138 -19.52 29.43 -21.51
CA PRO E 138 -18.22 29.35 -20.84
C PRO E 138 -17.39 28.17 -21.24
N THR E 139 -18.01 27.03 -21.55
CA THR E 139 -17.27 25.82 -21.92
C THR E 139 -17.55 25.37 -23.34
N GLY E 140 -18.80 25.20 -23.71
CA GLY E 140 -19.15 24.71 -25.03
C GLY E 140 -19.15 23.20 -25.11
N ILE E 141 -19.42 22.71 -26.31
CA ILE E 141 -19.55 21.27 -26.53
C ILE E 141 -18.20 20.58 -26.40
N GLN E 142 -17.17 21.16 -27.01
CA GLN E 142 -15.87 20.48 -27.09
C GLN E 142 -15.23 20.35 -25.72
N VAL E 143 -15.22 21.43 -24.93
CA VAL E 143 -14.57 21.41 -23.63
C VAL E 143 -15.29 20.45 -22.69
N GLU E 144 -16.63 20.47 -22.69
CA GLU E 144 -17.38 19.62 -21.79
C GLU E 144 -17.13 18.14 -22.06
N ARG E 145 -17.16 17.74 -23.33
CA ARG E 145 -16.90 16.35 -23.67
C ARG E 145 -15.54 15.90 -23.14
N ASP E 146 -14.54 16.77 -23.23
CA ASP E 146 -13.24 16.47 -22.64
C ASP E 146 -13.34 16.40 -21.12
N ARG E 147 -14.14 17.28 -20.51
CA ARG E 147 -14.26 17.32 -19.06
C ARG E 147 -14.91 16.05 -18.52
N LEU E 148 -15.97 15.57 -19.19
CA LEU E 148 -16.60 14.33 -18.78
C LEU E 148 -15.95 13.09 -19.36
N ASN E 149 -15.06 13.27 -20.34
CA ASN E 149 -14.38 12.14 -21.01
C ASN E 149 -15.39 11.19 -21.63
N LYS E 150 -16.35 11.75 -22.37
CA LYS E 150 -17.37 10.97 -23.07
C LYS E 150 -17.46 11.48 -24.50
N TYR E 151 -17.23 10.59 -25.46
CA TYR E 151 -17.22 10.96 -26.87
C TYR E 151 -18.06 9.99 -27.69
N GLY E 152 -18.51 10.47 -28.84
CA GLY E 152 -19.13 9.63 -29.85
C GLY E 152 -20.47 9.02 -29.49
N ARG E 153 -21.30 9.75 -28.76
CA ARG E 153 -22.65 9.31 -28.44
C ARG E 153 -23.38 10.46 -27.77
N PRO E 154 -24.70 10.51 -27.87
CA PRO E 154 -25.47 11.47 -27.07
C PRO E 154 -25.29 11.19 -25.59
N LEU E 155 -25.23 12.25 -24.80
CA LEU E 155 -25.10 12.10 -23.36
C LEU E 155 -26.46 11.90 -22.72
N LEU E 156 -26.48 11.10 -21.67
CA LEU E 156 -27.73 10.62 -21.07
C LEU E 156 -27.89 11.20 -19.68
N GLY E 157 -29.02 11.87 -19.45
CA GLY E 157 -29.36 12.37 -18.14
C GLY E 157 -30.81 12.06 -17.80
N GLY E 158 -31.30 12.55 -16.67
CA GLY E 158 -32.68 12.32 -16.31
C GLY E 158 -33.15 13.14 -15.13
N THR E 159 -34.30 13.79 -15.27
CA THR E 159 -34.88 14.53 -14.16
C THR E 159 -35.32 13.57 -13.07
N ILE E 160 -35.16 13.99 -11.82
CA ILE E 160 -35.55 13.18 -10.68
C ILE E 160 -37.03 13.37 -10.41
N LYS E 161 -37.75 12.27 -10.27
CA LYS E 161 -39.18 12.28 -10.03
C LYS E 161 -39.50 11.52 -8.75
N PRO E 162 -40.58 11.90 -8.04
CA PRO E 162 -41.54 12.97 -8.34
C PRO E 162 -40.92 14.36 -8.29
N LYS E 163 -41.56 15.33 -8.97
CA LYS E 163 -41.02 16.68 -9.04
C LYS E 163 -40.73 17.25 -7.66
N LEU E 164 -41.61 17.02 -6.69
CA LEU E 164 -41.44 17.51 -5.34
C LEU E 164 -41.82 16.41 -4.36
N GLY E 165 -41.35 16.56 -3.13
CA GLY E 165 -41.77 15.65 -2.07
C GLY E 165 -40.64 14.87 -1.43
N LEU E 166 -39.67 14.44 -2.24
CA LEU E 166 -38.60 13.60 -1.72
C LEU E 166 -37.72 14.38 -0.74
N SER E 167 -37.43 13.75 0.39
CA SER E 167 -36.49 14.31 1.34
C SER E 167 -35.08 14.24 0.77
N ALA E 168 -34.18 15.06 1.31
CA ALA E 168 -32.82 15.11 0.80
C ALA E 168 -32.09 13.79 0.97
N LYS E 169 -32.55 12.93 1.88
CA LYS E 169 -31.95 11.61 2.02
C LYS E 169 -32.50 10.65 0.98
N GLU E 170 -33.81 10.74 0.71
CA GLU E 170 -34.41 9.90 -0.33
C GLU E 170 -34.06 10.43 -1.72
N TYR E 171 -33.84 11.74 -1.85
CA TYR E 171 -33.38 12.30 -3.12
C TYR E 171 -32.02 11.73 -3.49
N ALA E 172 -31.13 11.61 -2.51
CA ALA E 172 -29.79 11.07 -2.79
C ALA E 172 -29.86 9.62 -3.24
N ARG E 173 -30.86 8.88 -2.77
CA ARG E 173 -30.97 7.47 -3.17
C ARG E 173 -31.43 7.35 -4.62
N VAL E 174 -32.42 8.15 -5.02
CA VAL E 174 -32.89 8.09 -6.40
C VAL E 174 -31.82 8.57 -7.36
N VAL E 175 -31.03 9.57 -6.94
CA VAL E 175 -29.91 10.03 -7.75
C VAL E 175 -28.89 8.92 -7.93
N TYR E 176 -28.56 8.21 -6.85
CA TYR E 176 -27.55 7.16 -6.93
C TYR E 176 -28.05 5.97 -7.74
N GLU E 177 -29.34 5.68 -7.67
CA GLU E 177 -29.89 4.56 -8.45
C GLU E 177 -29.74 4.83 -9.94
N CYS E 178 -30.04 6.05 -10.37
CA CYS E 178 -29.93 6.39 -11.78
C CYS E 178 -28.48 6.42 -12.24
N LEU E 179 -27.63 7.10 -11.49
CA LEU E 179 -26.22 7.23 -11.89
C LEU E 179 -25.51 5.89 -11.88
N ARG E 180 -25.76 5.06 -10.86
CA ARG E 180 -25.20 3.71 -10.87
C ARG E 180 -25.80 2.87 -11.99
N GLY E 181 -27.04 3.16 -12.37
CA GLY E 181 -27.70 2.38 -13.42
C GLY E 181 -27.13 2.60 -14.80
N GLY E 182 -26.49 3.74 -15.04
CA GLY E 182 -25.88 3.98 -16.33
C GLY E 182 -25.99 5.40 -16.86
N LEU E 183 -26.87 6.20 -16.27
CA LEU E 183 -27.03 7.58 -16.73
C LEU E 183 -25.73 8.35 -16.54
N ASP E 184 -25.41 9.20 -17.53
CA ASP E 184 -24.20 10.00 -17.45
C ASP E 184 -24.33 11.07 -16.37
N THR E 185 -25.45 11.80 -16.38
CA THR E 185 -25.69 12.86 -15.42
C THR E 185 -27.11 12.72 -14.88
N THR E 186 -27.54 13.70 -14.11
CA THR E 186 -28.87 13.72 -13.51
C THR E 186 -29.11 15.19 -13.17
N KCX E 187 -30.35 15.58 -12.84
CA KCX E 187 -30.60 17.00 -12.61
CB KCX E 187 -31.04 17.68 -13.89
CG KCX E 187 -32.12 16.86 -14.53
CD KCX E 187 -32.60 17.50 -15.80
CE KCX E 187 -32.82 18.98 -15.59
NZ KCX E 187 -34.11 19.21 -15.04
C KCX E 187 -31.66 17.27 -11.55
O KCX E 187 -32.60 16.40 -11.45
CX KCX E 187 -35.25 19.33 -15.85
OQ1 KCX E 187 -36.25 19.79 -15.18
OQ2 KCX E 187 -35.23 19.04 -17.02
N ASP E 188 -31.54 18.36 -10.80
CA ASP E 188 -32.62 18.83 -9.96
C ASP E 188 -33.74 19.34 -10.86
N ASP E 189 -34.97 19.05 -10.50
CA ASP E 189 -36.09 19.47 -11.32
C ASP E 189 -36.22 21.00 -11.25
N GLU E 190 -36.90 21.57 -12.25
CA GLU E 190 -36.81 23.02 -12.44
C GLU E 190 -37.36 23.79 -11.25
N ASN E 191 -38.40 23.27 -10.59
CA ASN E 191 -39.07 24.00 -9.53
C ASN E 191 -38.65 23.58 -8.13
N LEU E 192 -37.65 22.71 -8.01
CA LEU E 192 -37.14 22.27 -6.71
C LEU E 192 -35.90 23.10 -6.38
N ASN E 193 -36.14 24.36 -5.97
CA ASN E 193 -35.03 25.24 -5.61
C ASN E 193 -34.59 25.01 -4.17
N SER E 194 -35.46 25.33 -3.22
CA SER E 194 -35.21 25.11 -1.80
C SER E 194 -36.52 25.19 -1.03
N GLN E 195 -36.96 24.10 -0.43
CA GLN E 195 -38.30 24.00 0.10
C GLN E 195 -38.28 23.22 1.40
N PRO E 196 -39.33 23.37 2.24
CA PRO E 196 -39.36 22.71 3.56
C PRO E 196 -38.92 21.26 3.57
N PHE E 197 -39.51 20.44 2.69
CA PHE E 197 -39.16 19.01 2.70
C PHE E 197 -37.75 18.79 2.17
N ASN E 198 -37.30 19.60 1.21
CA ASN E 198 -35.97 19.44 0.62
C ASN E 198 -35.31 20.82 0.55
N ARG E 199 -34.69 21.24 1.64
CA ARG E 199 -33.86 22.44 1.64
C ARG E 199 -32.63 22.24 0.78
N TRP E 200 -32.15 23.33 0.18
CA TRP E 200 -31.05 23.23 -0.78
C TRP E 200 -29.75 22.84 -0.08
N ARG E 201 -29.48 23.39 1.10
CA ARG E 201 -28.23 23.11 1.79
C ARG E 201 -28.08 21.64 2.13
N ASP E 202 -29.20 20.94 2.34
CA ASP E 202 -29.13 19.50 2.60
C ASP E 202 -29.10 18.71 1.30
N ARG E 203 -29.84 19.16 0.28
CA ARG E 203 -29.87 18.44 -0.99
C ARG E 203 -28.51 18.46 -1.67
N PHE E 204 -27.84 19.61 -1.65
CA PHE E 204 -26.55 19.73 -2.34
C PHE E 204 -25.53 18.78 -1.73
N LEU E 205 -25.49 18.69 -0.40
CA LEU E 205 -24.48 17.87 0.26
C LEU E 205 -24.79 16.39 0.13
N TYR E 206 -26.08 16.03 0.09
CA TYR E 206 -26.46 14.62 0.02
C TYR E 206 -26.14 14.02 -1.35
N VAL E 207 -26.54 14.72 -2.43
CA VAL E 207 -26.37 14.16 -3.76
C VAL E 207 -24.91 14.07 -4.17
N MET E 208 -24.05 14.95 -3.65
CA MET E 208 -22.63 14.87 -3.98
C MET E 208 -22.01 13.61 -3.38
N GLU E 209 -22.48 13.19 -2.21
CA GLU E 209 -22.06 11.89 -1.68
C GLU E 209 -22.57 10.76 -2.56
N ALA E 210 -23.77 10.91 -3.12
CA ALA E 210 -24.29 9.92 -4.05
C ALA E 210 -23.54 9.98 -5.38
N VAL E 211 -23.28 11.18 -5.88
CA VAL E 211 -22.55 11.33 -7.14
C VAL E 211 -21.13 10.80 -6.99
N ARG E 212 -20.43 11.20 -5.92
CA ARG E 212 -19.06 10.73 -5.72
C ARG E 212 -19.04 9.24 -5.40
N LYS E 213 -20.14 8.70 -4.86
CA LYS E 213 -20.22 7.26 -4.67
C LYS E 213 -20.40 6.55 -6.01
N ALA E 214 -21.47 6.89 -6.74
CA ALA E 214 -21.73 6.23 -8.03
C ALA E 214 -20.60 6.45 -9.01
N GLU E 215 -19.77 7.47 -8.79
CA GLU E 215 -18.60 7.67 -9.63
C GLU E 215 -17.51 6.66 -9.31
N ALA E 216 -17.66 5.92 -8.20
CA ALA E 216 -16.61 4.99 -7.79
C ALA E 216 -16.88 3.55 -8.23
N GLU E 217 -18.14 3.12 -8.31
CA GLU E 217 -18.40 1.76 -8.76
C GLU E 217 -18.47 1.66 -10.28
N THR E 218 -19.06 2.65 -10.94
CA THR E 218 -19.12 2.63 -12.39
C THR E 218 -17.78 2.91 -13.04
N GLY E 219 -16.86 3.57 -12.33
CA GLY E 219 -15.57 3.91 -12.87
C GLY E 219 -15.56 5.04 -13.86
N GLU E 220 -16.73 5.56 -14.22
CA GLU E 220 -16.87 6.66 -15.16
C GLU E 220 -16.99 7.96 -14.38
N ARG E 221 -17.32 9.05 -15.09
CA ARG E 221 -17.53 10.35 -14.47
C ARG E 221 -19.02 10.68 -14.48
N LYS E 222 -19.52 11.18 -13.36
CA LYS E 222 -20.93 11.45 -13.18
C LYS E 222 -21.12 12.86 -12.63
N GLY E 223 -22.27 13.44 -12.93
CA GLY E 223 -22.60 14.77 -12.46
C GLY E 223 -24.07 14.86 -12.08
N HIS E 224 -24.44 16.02 -11.55
CA HIS E 224 -25.82 16.28 -11.18
C HIS E 224 -26.07 17.77 -11.27
N TRP E 225 -27.03 18.16 -12.12
CA TRP E 225 -27.30 19.58 -12.39
C TRP E 225 -28.08 20.14 -11.21
N LEU E 226 -27.34 20.68 -10.25
CA LEU E 226 -27.96 21.26 -9.06
C LEU E 226 -28.67 22.55 -9.41
N ASN E 227 -29.95 22.65 -9.03
CA ASN E 227 -30.74 23.84 -9.29
C ASN E 227 -30.39 24.91 -8.25
N VAL E 228 -29.69 25.96 -8.70
CA VAL E 228 -29.33 27.07 -7.82
C VAL E 228 -30.29 28.24 -7.97
N THR E 229 -31.39 28.06 -8.69
CA THR E 229 -32.35 29.14 -8.87
C THR E 229 -32.93 29.56 -7.52
N ALA E 230 -33.21 30.85 -7.39
CA ALA E 230 -33.70 31.40 -6.13
C ALA E 230 -34.40 32.72 -6.43
N GLY E 231 -34.81 33.40 -5.37
CA GLY E 231 -35.50 34.67 -5.49
C GLY E 231 -34.62 35.88 -5.59
N SER E 232 -33.29 35.73 -5.56
CA SER E 232 -32.40 36.86 -5.67
C SER E 232 -31.06 36.42 -6.24
N THR E 233 -30.38 37.38 -6.87
CA THR E 233 -29.07 37.10 -7.45
C THR E 233 -28.07 36.73 -6.36
N GLU E 234 -28.11 37.42 -5.22
CA GLU E 234 -27.18 37.11 -4.14
C GLU E 234 -27.41 35.69 -3.61
N GLU E 235 -28.67 35.29 -3.47
CA GLU E 235 -28.95 33.94 -3.02
C GLU E 235 -28.50 32.91 -4.04
N MET E 236 -28.71 33.18 -5.33
CA MET E 236 -28.18 32.29 -6.37
C MET E 236 -26.66 32.15 -6.26
N LEU E 237 -25.96 33.28 -6.13
CA LEU E 237 -24.50 33.24 -6.09
C LEU E 237 -24.01 32.52 -4.85
N LYS E 238 -24.71 32.68 -3.72
CA LYS E 238 -24.37 31.91 -2.52
C LYS E 238 -24.56 30.42 -2.75
N ARG E 239 -25.65 30.06 -3.43
CA ARG E 239 -25.86 28.66 -3.76
C ARG E 239 -24.87 28.17 -4.82
N ALA E 240 -24.48 29.05 -5.74
CA ALA E 240 -23.51 28.69 -6.75
C ALA E 240 -22.16 28.35 -6.14
N GLU E 241 -21.70 29.18 -5.19
CA GLU E 241 -20.41 28.94 -4.55
C GLU E 241 -20.41 27.64 -3.75
N PHE E 242 -21.51 27.36 -3.07
CA PHE E 242 -21.57 26.15 -2.24
C PHE E 242 -21.44 24.89 -3.08
N ALA E 243 -22.11 24.86 -4.24
CA ALA E 243 -21.98 23.72 -5.13
C ALA E 243 -20.56 23.57 -5.66
N ALA E 244 -19.85 24.68 -5.84
CA ALA E 244 -18.48 24.61 -6.34
C ALA E 244 -17.56 23.95 -5.33
N GLU E 245 -17.64 24.37 -4.07
CA GLU E 245 -16.76 23.83 -3.04
C GLU E 245 -17.13 22.41 -2.63
N LEU E 246 -18.27 21.90 -3.07
CA LEU E 246 -18.62 20.50 -2.86
C LEU E 246 -18.02 19.59 -3.92
N GLY E 247 -17.42 20.14 -4.97
CA GLY E 247 -16.85 19.35 -6.04
C GLY E 247 -17.78 19.11 -7.21
N SER E 248 -18.92 19.79 -7.27
CA SER E 248 -19.86 19.59 -8.37
C SER E 248 -19.31 20.17 -9.67
N ARG E 249 -19.51 19.43 -10.76
CA ARG E 249 -19.15 19.93 -12.08
C ARG E 249 -20.23 20.83 -12.67
N TYR E 250 -21.47 20.71 -12.21
CA TYR E 250 -22.61 21.34 -12.86
C TYR E 250 -23.40 22.18 -11.86
N ILE E 251 -24.02 23.24 -12.36
CA ILE E 251 -25.08 23.96 -11.70
C ILE E 251 -26.23 24.13 -12.68
N MET E 252 -27.29 24.80 -12.23
CA MET E 252 -28.51 24.90 -13.02
C MET E 252 -29.26 26.16 -12.62
N VAL E 253 -29.84 26.83 -13.60
CA VAL E 253 -30.63 28.03 -13.35
C VAL E 253 -31.68 28.15 -14.45
N ASP E 254 -32.89 28.56 -14.06
CA ASP E 254 -33.94 28.82 -15.04
C ASP E 254 -33.77 30.23 -15.58
N PHE E 255 -33.20 30.33 -16.78
CA PHE E 255 -32.76 31.62 -17.31
C PHE E 255 -33.91 32.52 -17.74
N LEU E 256 -35.15 32.03 -17.70
CA LEU E 256 -36.30 32.84 -18.08
C LEU E 256 -37.13 33.30 -16.90
N THR E 257 -37.38 32.42 -15.92
CA THR E 257 -38.03 32.86 -14.70
C THR E 257 -37.08 33.71 -13.86
N ALA E 258 -35.83 33.26 -13.69
CA ALA E 258 -34.83 34.06 -13.02
C ALA E 258 -34.51 35.33 -13.79
N GLY E 259 -34.67 35.32 -15.10
CA GLY E 259 -34.41 36.49 -15.92
C GLY E 259 -32.97 36.54 -16.40
N PHE E 260 -32.79 37.29 -17.49
CA PHE E 260 -31.51 37.34 -18.18
C PHE E 260 -30.44 38.10 -17.40
N ALA E 261 -30.82 39.11 -16.62
CA ALA E 261 -29.82 39.81 -15.81
C ALA E 261 -29.24 38.90 -14.74
N ALA E 262 -30.12 38.19 -14.02
CA ALA E 262 -29.64 37.23 -13.02
C ALA E 262 -28.87 36.10 -13.68
N PHE E 263 -29.30 35.70 -14.88
CA PHE E 263 -28.60 34.66 -15.62
C PHE E 263 -27.18 35.10 -15.97
N ALA E 264 -27.02 36.33 -16.43
CA ALA E 264 -25.70 36.85 -16.74
C ALA E 264 -24.85 36.99 -15.47
N SER E 265 -25.47 37.44 -14.38
CA SER E 265 -24.72 37.60 -13.13
C SER E 265 -24.21 36.26 -12.61
N VAL E 266 -25.05 35.22 -12.69
CA VAL E 266 -24.62 33.91 -12.23
C VAL E 266 -23.73 33.23 -13.28
N ARG E 267 -23.73 33.77 -14.51
CA ARG E 267 -22.90 33.18 -15.55
C ARG E 267 -21.42 33.44 -15.30
N ARG E 268 -21.06 34.68 -14.95
CA ARG E 268 -19.65 34.99 -14.70
C ARG E 268 -19.17 34.31 -13.41
N ARG E 269 -20.07 34.17 -12.42
CA ARG E 269 -19.70 33.46 -11.21
C ARG E 269 -19.45 31.98 -11.52
N ALA E 270 -20.26 31.41 -12.41
CA ALA E 270 -20.09 30.01 -12.78
C ALA E 270 -18.76 29.76 -13.48
N GLU E 271 -18.35 30.68 -14.35
CA GLU E 271 -17.07 30.52 -15.03
C GLU E 271 -15.91 30.68 -14.06
N GLU E 272 -16.04 31.59 -13.11
CA GLU E 272 -14.97 31.81 -12.13
C GLU E 272 -14.74 30.57 -11.28
N LEU E 273 -15.82 29.89 -10.89
CA LEU E 273 -15.72 28.66 -10.12
C LEU E 273 -15.50 27.42 -10.99
N GLY E 274 -15.42 27.59 -12.31
CA GLY E 274 -15.25 26.47 -13.20
C GLY E 274 -16.42 25.53 -13.20
N LEU E 275 -17.63 26.07 -13.26
CA LEU E 275 -18.86 25.30 -13.25
C LEU E 275 -19.48 25.30 -14.64
N MET E 276 -20.07 24.17 -15.00
CA MET E 276 -20.76 24.03 -16.28
C MET E 276 -22.25 24.30 -16.06
N LEU E 277 -22.77 25.30 -16.74
CA LEU E 277 -24.04 25.93 -16.40
C LEU E 277 -25.14 25.43 -17.32
N HIS E 278 -25.91 24.46 -16.85
CA HIS E 278 -27.14 24.07 -17.53
C HIS E 278 -28.21 25.14 -17.35
N CYS E 279 -29.08 25.28 -18.35
CA CYS E 279 -30.07 26.35 -18.37
C CYS E 279 -31.43 25.78 -18.73
N HIS E 280 -32.28 25.58 -17.73
CA HIS E 280 -33.65 25.21 -17.97
C HIS E 280 -34.44 26.39 -18.51
N ARG E 281 -35.39 26.10 -19.41
CA ARG E 281 -36.14 27.12 -20.11
C ARG E 281 -37.60 27.18 -19.65
N ALA E 282 -37.82 27.05 -18.34
CA ALA E 282 -39.18 27.15 -17.82
C ALA E 282 -39.77 28.51 -18.16
N MET E 283 -41.10 28.55 -18.31
CA MET E 283 -41.92 29.71 -18.64
C MET E 283 -41.79 30.05 -20.13
N HIS E 284 -40.95 29.35 -20.88
CA HIS E 284 -40.79 29.66 -22.31
C HIS E 284 -42.08 29.45 -23.08
N ALA E 285 -42.87 28.44 -22.70
CA ALA E 285 -44.08 28.12 -23.42
C ALA E 285 -45.10 29.25 -23.40
N VAL E 286 -44.97 30.18 -22.45
CA VAL E 286 -45.80 31.37 -22.48
C VAL E 286 -45.45 32.23 -23.70
N PHE E 287 -44.17 32.26 -24.07
CA PHE E 287 -43.76 32.98 -25.27
C PHE E 287 -44.02 32.17 -26.54
N ASP E 288 -43.34 31.04 -26.66
CA ASP E 288 -43.22 30.34 -27.95
C ASP E 288 -44.24 29.22 -28.11
N ARG E 289 -45.53 29.49 -27.91
CA ARG E 289 -46.54 28.49 -28.19
C ARG E 289 -47.48 28.92 -29.30
N GLN E 290 -48.13 30.08 -29.19
CA GLN E 290 -49.08 30.52 -30.19
C GLN E 290 -48.35 31.01 -31.43
N PRO E 291 -48.63 30.48 -32.62
CA PRO E 291 -47.95 30.96 -33.82
C PRO E 291 -48.25 32.40 -34.17
N ASN E 292 -49.33 32.98 -33.64
CA ASN E 292 -49.73 34.32 -34.01
C ASN E 292 -49.32 35.38 -32.99
N HIS E 293 -48.70 34.99 -31.88
CA HIS E 293 -48.32 35.96 -30.86
C HIS E 293 -47.21 35.37 -30.00
N GLY E 294 -46.30 36.24 -29.58
CA GLY E 294 -45.23 35.87 -28.66
C GLY E 294 -43.86 36.03 -29.30
N ILE E 295 -42.93 35.20 -28.84
CA ILE E 295 -41.56 35.19 -29.33
C ILE E 295 -41.19 33.75 -29.63
N HIS E 296 -40.78 33.47 -30.87
CA HIS E 296 -40.37 32.12 -31.22
C HIS E 296 -39.12 31.75 -30.43
N PHE E 297 -39.05 30.47 -30.04
CA PHE E 297 -37.95 30.03 -29.19
C PHE E 297 -36.59 30.13 -29.87
N ARG E 298 -36.55 30.15 -31.20
CA ARG E 298 -35.27 30.33 -31.88
C ARG E 298 -34.68 31.71 -31.60
N VAL E 299 -35.53 32.70 -31.32
CA VAL E 299 -35.03 34.00 -30.86
C VAL E 299 -34.43 33.86 -29.48
N LEU E 300 -35.14 33.20 -28.57
CA LEU E 300 -34.62 32.97 -27.23
C LEU E 300 -33.40 32.04 -27.26
N ALA E 301 -33.37 31.09 -28.19
CA ALA E 301 -32.20 30.23 -28.33
C ALA E 301 -30.99 31.03 -28.76
N LYS E 302 -31.17 32.01 -29.63
CA LYS E 302 -30.07 32.88 -30.03
C LYS E 302 -29.53 33.65 -28.83
N TRP E 303 -30.43 34.18 -28.00
CA TRP E 303 -30.01 35.03 -26.89
C TRP E 303 -29.18 34.25 -25.87
N LEU E 304 -29.58 33.02 -25.56
CA LEU E 304 -28.88 32.25 -24.55
C LEU E 304 -27.43 31.98 -24.96
N ARG E 305 -27.21 31.64 -26.23
CA ARG E 305 -25.84 31.42 -26.69
C ARG E 305 -25.02 32.70 -26.61
N MET E 306 -25.68 33.87 -26.76
CA MET E 306 -24.97 35.13 -26.66
C MET E 306 -24.45 35.35 -25.24
N VAL E 307 -25.35 35.39 -24.26
CA VAL E 307 -24.94 35.64 -22.88
C VAL E 307 -24.11 34.48 -22.35
N GLY E 308 -24.42 33.26 -22.77
CA GLY E 308 -23.62 32.12 -22.37
C GLY E 308 -24.33 31.07 -21.55
N GLY E 309 -24.46 29.88 -22.12
CA GLY E 309 -25.02 28.74 -21.42
C GLY E 309 -24.55 27.44 -22.04
N ASP E 310 -24.03 26.53 -21.23
CA ASP E 310 -23.47 25.29 -21.78
C ASP E 310 -24.58 24.40 -22.34
N HIS E 311 -25.75 24.40 -21.71
CA HIS E 311 -26.90 23.66 -22.19
C HIS E 311 -28.11 24.56 -22.29
N VAL E 312 -29.06 24.12 -23.09
CA VAL E 312 -30.38 24.74 -23.16
C VAL E 312 -31.34 23.71 -23.72
N HIS E 313 -32.56 23.68 -23.19
CA HIS E 313 -33.56 22.73 -23.65
C HIS E 313 -34.09 23.14 -25.01
N THR E 314 -33.82 22.31 -26.03
CA THR E 314 -34.40 22.53 -27.34
C THR E 314 -35.76 21.85 -27.49
N GLY E 315 -36.04 20.88 -26.65
CA GLY E 315 -37.31 20.17 -26.68
C GLY E 315 -37.28 18.99 -27.63
N THR E 316 -38.31 18.16 -27.49
CA THR E 316 -38.48 16.97 -28.33
C THR E 316 -39.70 17.16 -29.21
N VAL E 317 -39.65 16.54 -30.39
CA VAL E 317 -40.81 16.54 -31.28
C VAL E 317 -41.76 15.40 -30.96
N VAL E 318 -41.26 14.35 -30.30
CA VAL E 318 -42.04 13.15 -30.00
C VAL E 318 -42.45 13.08 -28.54
N GLY E 319 -42.06 14.06 -27.72
CA GLY E 319 -42.39 14.03 -26.30
C GLY E 319 -43.76 14.61 -26.02
N LYS E 320 -44.05 14.74 -24.73
CA LYS E 320 -45.35 15.25 -24.28
C LYS E 320 -45.50 16.75 -24.52
N LEU E 321 -44.44 17.44 -24.91
CA LEU E 321 -44.46 18.88 -25.12
C LEU E 321 -44.42 19.21 -26.60
N GLU E 322 -45.17 20.25 -26.98
CA GLU E 322 -45.33 20.60 -28.38
C GLU E 322 -44.00 21.03 -29.00
N GLY E 323 -43.88 20.80 -30.30
CA GLY E 323 -42.71 21.19 -31.04
C GLY E 323 -42.93 20.91 -32.52
N ASP E 324 -41.94 21.29 -33.32
CA ASP E 324 -42.00 21.10 -34.75
C ASP E 324 -40.74 20.39 -35.23
N ARG E 325 -40.93 19.37 -36.07
CA ARG E 325 -39.81 18.57 -36.55
C ARG E 325 -38.83 19.40 -37.37
N ALA E 326 -39.33 20.34 -38.16
CA ALA E 326 -38.46 21.17 -38.97
C ALA E 326 -37.85 22.33 -38.19
N GLU E 327 -38.64 23.00 -37.35
CA GLU E 327 -38.12 24.11 -36.57
C GLU E 327 -37.08 23.64 -35.56
N THR E 328 -37.32 22.51 -34.92
CA THR E 328 -36.38 22.00 -33.91
C THR E 328 -35.01 21.72 -34.53
N LEU E 329 -34.99 21.26 -35.78
CA LEU E 329 -33.72 21.08 -36.48
C LEU E 329 -33.03 22.43 -36.68
N GLY E 330 -33.81 23.49 -36.90
CA GLY E 330 -33.22 24.81 -37.08
C GLY E 330 -32.55 25.33 -35.83
N ILE E 331 -33.22 25.17 -34.68
CA ILE E 331 -32.67 25.71 -33.43
C ILE E 331 -31.47 24.88 -32.99
N ALA E 332 -31.40 23.61 -33.39
CA ALA E 332 -30.22 22.81 -33.07
C ALA E 332 -29.01 23.28 -33.85
N ASP E 333 -29.23 23.82 -35.06
CA ASP E 333 -28.12 24.35 -35.84
C ASP E 333 -27.67 25.70 -35.30
N LEU E 334 -28.61 26.52 -34.82
CA LEU E 334 -28.25 27.83 -34.29
C LEU E 334 -27.39 27.71 -33.05
N LEU E 335 -27.53 26.61 -32.32
CA LEU E 335 -26.82 26.45 -31.06
C LEU E 335 -25.53 25.66 -31.22
N ARG E 336 -25.43 24.82 -32.25
CA ARG E 336 -24.29 23.93 -32.41
C ARG E 336 -23.35 24.33 -33.53
N GLU E 337 -23.80 25.08 -34.51
CA GLU E 337 -23.03 25.33 -35.73
C GLU E 337 -22.42 26.72 -35.71
N ASP E 338 -21.28 26.85 -36.39
CA ASP E 338 -20.54 28.10 -36.43
C ASP E 338 -21.16 29.13 -37.37
N TYR E 339 -21.71 28.68 -38.49
CA TYR E 339 -22.41 29.57 -39.42
C TYR E 339 -23.69 28.90 -39.87
N VAL E 340 -24.79 29.65 -39.84
CA VAL E 340 -26.10 29.08 -40.14
C VAL E 340 -26.75 29.85 -41.29
N PRO E 341 -26.82 29.28 -42.49
CA PRO E 341 -27.49 29.96 -43.59
C PRO E 341 -29.00 29.99 -43.41
N ALA E 342 -29.63 30.89 -44.16
CA ALA E 342 -31.08 31.02 -44.09
C ALA E 342 -31.77 29.79 -44.66
N ASP E 343 -32.95 29.50 -44.13
CA ASP E 343 -33.72 28.32 -44.55
C ASP E 343 -35.20 28.55 -44.31
N PRO E 344 -35.97 28.92 -45.34
CA PRO E 344 -37.40 29.16 -45.13
C PRO E 344 -38.16 27.95 -44.63
N GLY E 345 -37.78 26.75 -45.07
CA GLY E 345 -38.46 25.55 -44.62
C GLY E 345 -38.14 25.17 -43.19
N ARG E 346 -37.02 25.66 -42.65
CA ARG E 346 -36.60 25.37 -41.29
C ARG E 346 -36.77 26.59 -40.38
N GLY E 347 -37.57 27.56 -40.79
CA GLY E 347 -37.94 28.69 -39.96
C GLY E 347 -37.02 29.89 -40.07
N LEU E 348 -35.75 29.68 -40.40
CA LEU E 348 -34.76 30.75 -40.35
C LEU E 348 -35.07 31.84 -41.36
N PHE E 349 -34.94 33.10 -40.93
CA PHE E 349 -35.14 34.25 -41.80
C PHE E 349 -33.85 34.95 -42.20
N PHE E 350 -32.76 34.76 -41.45
CA PHE E 350 -31.52 35.47 -41.71
C PHE E 350 -30.34 34.52 -41.55
N ASP E 351 -29.23 34.89 -42.18
CA ASP E 351 -27.97 34.17 -42.00
C ASP E 351 -27.27 34.73 -40.78
N GLN E 352 -26.91 33.86 -39.85
CA GLN E 352 -26.30 34.28 -38.58
C GLN E 352 -24.88 33.75 -38.50
N ASP E 353 -23.93 34.67 -38.31
CA ASP E 353 -22.54 34.32 -38.05
C ASP E 353 -22.28 34.44 -36.55
N TRP E 354 -21.66 33.42 -35.98
CA TRP E 354 -21.50 33.34 -34.54
C TRP E 354 -20.14 33.85 -34.05
N ALA E 355 -19.27 34.26 -34.96
CA ALA E 355 -18.08 35.07 -34.64
C ALA E 355 -17.19 34.39 -33.59
N GLY E 356 -17.09 33.07 -33.66
CA GLY E 356 -16.20 32.33 -32.80
C GLY E 356 -16.77 31.91 -31.47
N LEU E 357 -18.00 32.29 -31.15
CA LEU E 357 -18.64 31.83 -29.93
C LEU E 357 -18.79 30.31 -29.95
N LYS E 358 -18.40 29.68 -28.84
CA LYS E 358 -18.43 28.22 -28.79
C LYS E 358 -19.87 27.72 -28.75
N PRO E 359 -20.12 26.50 -29.24
CA PRO E 359 -21.49 26.01 -29.37
C PRO E 359 -22.15 25.66 -28.05
N VAL E 360 -23.38 25.17 -28.12
CA VAL E 360 -24.19 24.82 -26.96
C VAL E 360 -24.77 23.44 -27.19
N PHE E 361 -24.73 22.59 -26.16
CA PHE E 361 -25.45 21.33 -26.21
C PHE E 361 -26.95 21.58 -26.26
N PRO E 362 -27.66 21.07 -27.27
CA PRO E 362 -29.12 20.99 -27.16
C PRO E 362 -29.52 19.87 -26.21
N VAL E 363 -30.60 20.12 -25.48
CA VAL E 363 -31.10 19.17 -24.50
C VAL E 363 -32.52 18.78 -24.90
N ALA E 364 -32.76 17.48 -25.02
CA ALA E 364 -34.05 16.95 -25.45
C ALA E 364 -34.69 16.23 -24.26
N SER E 365 -35.72 16.84 -23.70
CA SER E 365 -36.42 16.31 -22.54
C SER E 365 -37.91 16.35 -22.78
N GLY E 366 -38.65 15.63 -21.94
CA GLY E 366 -40.08 15.54 -22.06
C GLY E 366 -40.54 14.12 -21.76
N GLY E 367 -41.66 13.74 -22.36
CA GLY E 367 -42.18 12.40 -22.19
C GLY E 367 -41.59 11.41 -23.17
N ILE E 368 -40.27 11.27 -23.15
CA ILE E 368 -39.56 10.41 -24.08
C ILE E 368 -39.13 9.13 -23.35
N HIS E 369 -39.29 8.00 -24.01
CA HIS E 369 -38.88 6.70 -23.50
C HIS E 369 -38.00 6.01 -24.56
N VAL E 370 -37.75 4.71 -24.35
CA VAL E 370 -36.83 3.99 -25.22
C VAL E 370 -37.32 3.98 -26.66
N TRP E 371 -38.64 3.91 -26.86
CA TRP E 371 -39.19 3.85 -28.21
C TRP E 371 -38.90 5.11 -29.02
N HIS E 372 -38.57 6.22 -28.35
CA HIS E 372 -38.30 7.47 -29.04
C HIS E 372 -36.83 7.65 -29.40
N VAL E 373 -35.95 6.76 -28.93
CA VAL E 373 -34.51 6.94 -29.17
C VAL E 373 -34.17 6.95 -30.65
N PRO E 374 -34.62 5.99 -31.47
CA PRO E 374 -34.32 6.08 -32.91
C PRO E 374 -34.84 7.35 -33.55
N ASP E 375 -36.00 7.83 -33.11
CA ASP E 375 -36.53 9.08 -33.65
C ASP E 375 -35.80 10.30 -33.12
N LEU E 376 -35.05 10.14 -32.03
CA LEU E 376 -34.31 11.25 -31.43
C LEU E 376 -32.89 11.37 -31.96
N VAL E 377 -32.19 10.24 -32.10
CA VAL E 377 -30.83 10.27 -32.61
C VAL E 377 -30.78 10.84 -34.01
N SER E 378 -31.81 10.61 -34.82
CA SER E 378 -31.85 11.12 -36.18
C SER E 378 -32.12 12.62 -36.26
N ILE E 379 -32.57 13.24 -35.17
CA ILE E 379 -32.82 14.66 -35.14
C ILE E 379 -31.63 15.43 -34.57
N PHE E 380 -31.09 14.96 -33.45
CA PHE E 380 -30.07 15.70 -32.71
C PHE E 380 -28.65 15.22 -32.97
N GLY E 381 -28.48 14.01 -33.48
CA GLY E 381 -27.15 13.49 -33.72
C GLY E 381 -26.47 13.03 -32.44
N ASP E 382 -25.16 13.28 -32.32
CA ASP E 382 -24.40 12.82 -31.17
C ASP E 382 -24.11 13.92 -30.15
N ASP E 383 -24.29 15.18 -30.52
CA ASP E 383 -24.03 16.30 -29.61
C ASP E 383 -25.35 16.80 -29.06
N ALA E 384 -25.85 16.08 -28.05
CA ALA E 384 -27.11 16.43 -27.41
C ALA E 384 -27.24 15.64 -26.12
N PHE E 385 -28.12 16.12 -25.25
CA PHE E 385 -28.49 15.42 -24.02
C PHE E 385 -29.90 14.87 -24.16
N PHE E 386 -30.07 13.60 -23.81
CA PHE E 386 -31.39 12.97 -23.75
C PHE E 386 -31.75 12.77 -22.28
N LEU E 387 -32.86 13.36 -21.87
CA LEU E 387 -33.30 13.33 -20.48
C LEU E 387 -34.50 12.42 -20.35
N PHE E 388 -34.35 11.36 -19.57
CA PHE E 388 -35.43 10.40 -19.32
C PHE E 388 -35.82 10.52 -17.85
N GLY E 389 -36.74 11.45 -17.58
CA GLY E 389 -37.19 11.66 -16.21
C GLY E 389 -38.17 10.62 -15.74
N GLY E 390 -39.32 10.53 -16.41
CA GLY E 390 -40.30 9.51 -16.07
C GLY E 390 -40.04 8.22 -16.82
N GLY E 391 -39.23 8.30 -17.89
CA GLY E 391 -38.87 7.11 -18.63
C GLY E 391 -37.81 6.26 -17.99
N THR E 392 -37.19 6.75 -16.91
CA THR E 392 -36.27 5.97 -16.11
C THR E 392 -36.92 5.43 -14.84
N HIS E 393 -37.48 6.32 -14.03
CA HIS E 393 -38.11 5.92 -12.78
C HIS E 393 -39.41 5.17 -12.99
N GLY E 394 -40.01 5.28 -14.18
CA GLY E 394 -41.22 4.56 -14.49
C GLY E 394 -41.01 3.14 -14.93
N HIS E 395 -39.76 2.67 -14.95
CA HIS E 395 -39.47 1.30 -15.34
C HIS E 395 -40.10 0.34 -14.33
N PRO E 396 -40.59 -0.83 -14.78
CA PRO E 396 -41.26 -1.75 -13.86
C PRO E 396 -40.38 -2.33 -12.78
N ARG E 397 -39.08 -1.99 -12.77
CA ARG E 397 -38.18 -2.52 -11.76
C ARG E 397 -37.25 -1.46 -11.20
N GLY E 398 -37.70 -0.22 -11.14
CA GLY E 398 -36.95 0.83 -10.46
C GLY E 398 -36.16 1.71 -11.42
N SER E 399 -35.29 2.52 -10.81
CA SER E 399 -34.51 3.49 -11.58
C SER E 399 -33.25 2.88 -12.17
N ARG E 400 -32.59 1.99 -11.43
CA ARG E 400 -31.36 1.39 -11.94
C ARG E 400 -31.63 0.58 -13.19
N ALA E 401 -32.72 -0.19 -13.20
CA ALA E 401 -33.09 -0.94 -14.40
C ALA E 401 -33.48 0.02 -15.53
N GLY E 402 -34.25 1.05 -15.22
CA GLY E 402 -34.66 1.99 -16.25
C GLY E 402 -33.50 2.76 -16.84
N ALA E 403 -32.51 3.09 -16.02
CA ALA E 403 -31.33 3.79 -16.52
C ALA E 403 -30.50 2.88 -17.42
N THR E 404 -30.44 1.60 -17.09
CA THR E 404 -29.74 0.65 -17.96
C THR E 404 -30.45 0.48 -19.29
N ALA E 405 -31.79 0.44 -19.27
CA ALA E 405 -32.55 0.30 -20.51
C ALA E 405 -32.32 1.50 -21.42
N ASN E 406 -32.33 2.70 -20.85
CA ASN E 406 -32.10 3.89 -21.66
C ASN E 406 -30.66 3.96 -22.16
N ARG E 407 -29.71 3.53 -21.33
CA ARG E 407 -28.31 3.50 -21.76
C ARG E 407 -28.12 2.52 -22.90
N VAL E 408 -28.77 1.35 -22.82
CA VAL E 408 -28.64 0.36 -23.88
C VAL E 408 -29.33 0.82 -25.15
N ALA E 409 -30.51 1.42 -25.01
CA ALA E 409 -31.28 1.85 -26.18
C ALA E 409 -30.52 2.90 -26.98
N VAL E 410 -29.88 3.85 -26.30
CA VAL E 410 -29.09 4.85 -27.01
C VAL E 410 -27.82 4.22 -27.59
N GLU E 411 -27.17 3.35 -26.81
CA GLU E 411 -25.95 2.70 -27.30
C GLU E 411 -26.25 1.79 -28.49
N ALA E 412 -27.45 1.21 -28.54
CA ALA E 412 -27.79 0.31 -29.64
C ALA E 412 -28.05 1.09 -30.92
N VAL E 413 -28.78 2.20 -30.82
CA VAL E 413 -29.15 2.96 -32.01
C VAL E 413 -27.92 3.65 -32.60
N VAL E 414 -27.07 4.22 -31.75
CA VAL E 414 -25.87 4.90 -32.23
C VAL E 414 -24.93 3.91 -32.89
N GLN E 415 -24.69 2.77 -32.22
CA GLN E 415 -23.81 1.75 -32.78
C GLN E 415 -24.39 1.13 -34.05
N ALA E 416 -25.68 1.30 -34.30
CA ALA E 416 -26.28 0.80 -35.53
C ALA E 416 -26.32 1.86 -36.62
N ARG E 417 -26.44 3.14 -36.24
CA ARG E 417 -26.36 4.21 -37.25
C ARG E 417 -24.96 4.30 -37.82
N ASN E 418 -23.95 4.08 -37.00
CA ASN E 418 -22.56 4.12 -37.45
C ASN E 418 -22.24 3.01 -38.45
N GLU E 419 -23.10 2.01 -38.58
CA GLU E 419 -22.94 0.95 -39.56
C GLU E 419 -23.74 1.20 -40.83
N GLY E 420 -24.30 2.40 -40.98
CA GLY E 420 -25.03 2.75 -42.18
C GLY E 420 -26.45 2.22 -42.26
N ARG E 421 -27.02 1.79 -41.15
CA ARG E 421 -28.40 1.30 -41.14
C ARG E 421 -29.35 2.49 -40.99
N ASP E 422 -30.34 2.58 -41.87
CA ASP E 422 -31.25 3.72 -41.85
C ASP E 422 -32.12 3.66 -40.60
N ILE E 423 -31.93 4.63 -39.71
CA ILE E 423 -32.48 4.58 -38.37
C ILE E 423 -33.99 4.69 -38.37
N LEU E 424 -34.57 5.58 -39.20
CA LEU E 424 -36.02 5.73 -39.22
C LEU E 424 -36.70 4.42 -39.58
N ALA E 425 -36.18 3.74 -40.61
CA ALA E 425 -36.78 2.48 -41.04
C ALA E 425 -36.51 1.35 -40.04
N GLU E 426 -35.32 1.32 -39.45
CA GLU E 426 -34.88 0.15 -38.71
C GLU E 426 -34.88 0.34 -37.20
N GLY E 427 -35.53 1.39 -36.69
CA GLY E 427 -35.53 1.63 -35.26
C GLY E 427 -36.17 0.50 -34.47
N ARG E 428 -37.34 0.04 -34.91
CA ARG E 428 -38.03 -1.03 -34.19
C ARG E 428 -37.18 -2.29 -34.16
N GLU E 429 -36.59 -2.65 -35.31
CA GLU E 429 -35.79 -3.87 -35.39
C GLU E 429 -34.53 -3.76 -34.54
N ILE E 430 -33.86 -2.61 -34.57
CA ILE E 430 -32.65 -2.42 -33.78
C ILE E 430 -32.98 -2.51 -32.30
N LEU E 431 -34.05 -1.84 -31.87
CA LEU E 431 -34.42 -1.86 -30.46
C LEU E 431 -34.80 -3.26 -30.01
N GLU E 432 -35.52 -4.01 -30.85
CA GLU E 432 -35.91 -5.36 -30.46
C GLU E 432 -34.72 -6.31 -30.43
N GLU E 433 -33.77 -6.14 -31.37
CA GLU E 433 -32.57 -6.97 -31.35
C GLU E 433 -31.68 -6.61 -30.17
N ALA E 434 -31.78 -5.39 -29.66
CA ALA E 434 -31.11 -5.08 -28.39
C ALA E 434 -31.86 -5.67 -27.20
N ALA E 435 -33.19 -5.62 -27.25
CA ALA E 435 -34.01 -6.11 -26.14
C ALA E 435 -33.83 -7.61 -25.93
N ARG E 436 -33.71 -8.36 -27.02
CA ARG E 436 -33.57 -9.81 -26.93
C ARG E 436 -32.33 -10.23 -26.13
N TRP E 437 -31.34 -9.35 -25.99
CA TRP E 437 -30.20 -9.65 -25.14
C TRP E 437 -30.13 -8.82 -23.88
N CYS E 438 -30.86 -7.72 -23.81
CA CYS E 438 -30.93 -6.90 -22.59
C CYS E 438 -32.30 -7.04 -21.96
N PRO E 439 -32.42 -7.70 -20.81
CA PRO E 439 -33.75 -7.82 -20.17
C PRO E 439 -34.33 -6.49 -19.74
N GLU E 440 -33.49 -5.56 -19.29
CA GLU E 440 -33.99 -4.26 -18.85
C GLU E 440 -34.67 -3.51 -19.99
N LEU E 441 -34.06 -3.52 -21.18
CA LEU E 441 -34.67 -2.88 -22.32
C LEU E 441 -35.96 -3.57 -22.72
N ARG E 442 -35.98 -4.91 -22.68
CA ARG E 442 -37.16 -5.66 -23.10
C ARG E 442 -38.37 -5.30 -22.26
N GLU E 443 -38.17 -5.17 -20.94
CA GLU E 443 -39.27 -4.83 -20.04
C GLU E 443 -39.82 -3.44 -20.35
N ALA E 444 -38.93 -2.48 -20.61
CA ALA E 444 -39.37 -1.11 -20.89
C ALA E 444 -40.14 -1.04 -22.20
N MET E 445 -39.69 -1.75 -23.23
CA MET E 445 -40.36 -1.72 -24.52
C MET E 445 -41.78 -2.27 -24.42
N GLU E 446 -41.98 -3.28 -23.55
CA GLU E 446 -43.33 -3.81 -23.36
C GLU E 446 -44.22 -2.83 -22.61
N LEU E 447 -43.65 -2.11 -21.65
CA LEU E 447 -44.45 -1.22 -20.81
C LEU E 447 -45.04 -0.06 -21.61
N TRP E 448 -44.25 0.53 -22.49
CA TRP E 448 -44.66 1.71 -23.25
C TRP E 448 -44.82 1.35 -24.72
N GLY E 449 -45.91 1.82 -25.32
CA GLY E 449 -46.17 1.56 -26.71
C GLY E 449 -46.64 0.14 -26.99
N ARG F 3 -37.07 -4.61 -2.59
CA ARG F 3 -37.66 -5.20 -3.78
C ARG F 3 -39.18 -5.13 -3.75
N ALA F 4 -39.71 -3.92 -3.62
CA ALA F 4 -41.15 -3.71 -3.66
C ALA F 4 -41.64 -3.71 -5.10
N GLN F 5 -42.96 -3.87 -5.27
CA GLN F 5 -43.60 -3.88 -6.57
C GLN F 5 -44.76 -2.89 -6.57
N TYR F 6 -44.96 -2.23 -7.70
CA TYR F 6 -45.99 -1.20 -7.83
C TYR F 6 -46.61 -1.29 -9.22
N GLU F 7 -47.67 -0.50 -9.43
CA GLU F 7 -48.39 -0.48 -10.71
C GLU F 7 -47.62 0.40 -11.69
N ALA F 8 -46.62 -0.20 -12.33
CA ALA F 8 -45.86 0.50 -13.36
C ALA F 8 -46.68 0.61 -14.64
N GLY F 9 -46.67 1.79 -15.23
CA GLY F 9 -47.39 2.03 -16.47
C GLY F 9 -47.96 3.44 -16.49
N VAL F 10 -48.49 3.81 -17.66
CA VAL F 10 -49.08 5.12 -17.86
C VAL F 10 -50.51 5.09 -17.35
N ARG F 11 -50.84 6.02 -16.44
CA ARG F 11 -52.18 6.14 -15.91
C ARG F 11 -52.74 7.53 -16.21
N PRO F 12 -54.06 7.68 -16.29
CA PRO F 12 -54.64 9.00 -16.54
C PRO F 12 -54.36 9.96 -15.38
N TYR F 13 -54.27 11.25 -15.73
CA TYR F 13 -54.00 12.26 -14.72
C TYR F 13 -55.19 12.44 -13.78
N ARG F 14 -56.41 12.32 -14.32
CA ARG F 14 -57.60 12.73 -13.59
C ARG F 14 -57.92 11.84 -12.39
N GLU F 15 -57.38 10.63 -12.34
CA GLU F 15 -57.72 9.74 -11.23
C GLU F 15 -57.18 10.28 -9.91
N THR F 16 -55.95 10.81 -9.91
CA THR F 16 -55.29 11.25 -8.69
C THR F 16 -54.94 12.73 -8.70
N TYR F 17 -55.54 13.51 -9.61
CA TYR F 17 -55.30 14.95 -9.63
C TYR F 17 -56.57 15.76 -9.87
N TYR F 18 -57.74 15.13 -9.92
CA TYR F 18 -59.01 15.82 -9.99
C TYR F 18 -59.83 15.41 -8.77
N ASP F 19 -60.00 16.33 -7.83
CA ASP F 19 -60.67 16.07 -6.56
C ASP F 19 -61.77 17.09 -6.35
N PRO F 20 -62.93 16.90 -6.95
CA PRO F 20 -64.03 17.85 -6.76
C PRO F 20 -64.50 17.95 -5.32
N ASP F 21 -64.42 16.86 -4.56
CA ASP F 21 -64.83 16.90 -3.17
C ASP F 21 -63.89 17.72 -2.30
N TYR F 22 -62.68 18.00 -2.79
CA TYR F 22 -61.68 18.66 -1.97
C TYR F 22 -62.10 20.08 -1.62
N GLU F 23 -61.81 20.49 -0.39
CA GLU F 23 -62.08 21.84 0.09
C GLU F 23 -60.76 22.58 0.27
N PRO F 24 -60.57 23.72 -0.38
CA PRO F 24 -59.29 24.43 -0.25
C PRO F 24 -59.04 24.89 1.18
N LYS F 25 -57.80 24.77 1.62
CA LYS F 25 -57.41 25.33 2.90
C LYS F 25 -57.19 26.83 2.78
N ASP F 26 -56.96 27.49 3.91
CA ASP F 26 -56.63 28.90 3.92
C ASP F 26 -55.13 29.15 3.79
N THR F 27 -54.33 28.10 3.74
CA THR F 27 -52.92 28.20 3.41
C THR F 27 -52.61 27.70 2.01
N ASP F 28 -53.60 27.17 1.30
CA ASP F 28 -53.40 26.70 -0.06
C ASP F 28 -53.31 27.88 -1.02
N LEU F 29 -52.44 27.75 -2.01
CA LEU F 29 -52.22 28.80 -3.01
C LEU F 29 -53.10 28.47 -4.20
N LEU F 30 -54.18 29.23 -4.37
CA LEU F 30 -55.19 28.96 -5.38
C LEU F 30 -54.93 29.78 -6.63
N CYS F 31 -55.09 29.15 -7.79
CA CYS F 31 -54.95 29.84 -9.08
C CYS F 31 -55.96 29.27 -10.05
N ALA F 32 -56.49 30.14 -10.91
CA ALA F 32 -57.57 29.79 -11.84
C ALA F 32 -57.03 29.83 -13.26
N PHE F 33 -57.02 28.67 -13.92
CA PHE F 33 -56.59 28.56 -15.31
C PHE F 33 -57.80 28.52 -16.24
N ARG F 34 -57.67 29.19 -17.38
CA ARG F 34 -58.62 29.05 -18.48
C ARG F 34 -57.99 28.12 -19.51
N ILE F 35 -58.65 27.01 -19.79
CA ILE F 35 -58.05 25.90 -20.52
C ILE F 35 -58.79 25.70 -21.84
N THR F 36 -58.03 25.52 -22.92
CA THR F 36 -58.55 25.11 -24.23
C THR F 36 -57.92 23.76 -24.55
N PRO F 37 -58.58 22.66 -24.21
CA PRO F 37 -57.95 21.34 -24.35
C PRO F 37 -57.86 20.92 -25.81
N LYS F 38 -56.92 20.01 -26.06
CA LYS F 38 -56.78 19.44 -27.38
C LYS F 38 -58.05 18.67 -27.74
N PRO F 39 -58.53 18.78 -28.99
CA PRO F 39 -59.71 18.01 -29.39
C PRO F 39 -59.49 16.52 -29.16
N GLY F 40 -60.43 15.90 -28.46
CA GLY F 40 -60.31 14.52 -28.03
C GLY F 40 -59.79 14.33 -26.63
N VAL F 41 -59.52 15.41 -25.89
CA VAL F 41 -59.08 15.35 -24.51
C VAL F 41 -60.11 16.05 -23.65
N PRO F 42 -60.70 15.38 -22.66
CA PRO F 42 -61.75 16.01 -21.86
C PRO F 42 -61.20 17.14 -21.00
N MET F 43 -62.12 18.01 -20.56
CA MET F 43 -61.73 19.16 -19.75
C MET F 43 -61.13 18.72 -18.42
N GLU F 44 -61.73 17.70 -17.79
CA GLU F 44 -61.19 17.22 -16.51
C GLU F 44 -59.80 16.63 -16.67
N GLU F 45 -59.56 15.92 -17.78
CA GLU F 45 -58.24 15.36 -18.02
C GLU F 45 -57.21 16.45 -18.31
N ALA F 46 -57.62 17.50 -19.02
CA ALA F 46 -56.72 18.61 -19.27
C ALA F 46 -56.45 19.41 -18.00
N ALA F 47 -57.47 19.58 -17.16
CA ALA F 47 -57.29 20.29 -15.90
C ALA F 47 -56.35 19.54 -14.97
N ALA F 48 -56.48 18.21 -14.92
CA ALA F 48 -55.63 17.43 -14.03
C ALA F 48 -54.17 17.46 -14.48
N ALA F 49 -53.94 17.54 -15.79
CA ALA F 49 -52.56 17.59 -16.29
C ALA F 49 -51.86 18.86 -15.83
N VAL F 50 -52.57 19.99 -15.83
CA VAL F 50 -51.98 21.24 -15.35
C VAL F 50 -51.65 21.12 -13.87
N ALA F 51 -52.54 20.52 -13.08
CA ALA F 51 -52.27 20.33 -11.67
C ALA F 51 -51.14 19.35 -11.45
N ALA F 52 -51.10 18.26 -12.23
CA ALA F 52 -50.11 17.22 -12.01
C ALA F 52 -48.71 17.68 -12.39
N GLU F 53 -48.55 18.34 -13.54
CA GLU F 53 -47.24 18.65 -14.07
C GLU F 53 -46.66 19.95 -13.52
N SER F 54 -47.45 20.72 -12.77
CA SER F 54 -46.93 21.82 -11.97
C SER F 54 -46.76 21.41 -10.51
N SER F 55 -46.82 20.11 -10.24
CA SER F 55 -46.74 19.54 -8.91
C SER F 55 -46.08 18.18 -9.04
N THR F 56 -46.26 17.32 -8.03
CA THR F 56 -45.49 16.10 -7.87
C THR F 56 -45.62 15.10 -9.03
N GLY F 57 -46.44 15.42 -10.04
CA GLY F 57 -46.75 14.45 -11.07
C GLY F 57 -45.85 14.48 -12.29
N THR F 58 -45.94 13.42 -13.08
CA THR F 58 -45.26 13.30 -14.37
C THR F 58 -46.14 12.46 -15.28
N TRP F 59 -45.59 12.02 -16.41
CA TRP F 59 -46.39 11.35 -17.43
C TRP F 59 -46.60 9.86 -17.16
N THR F 60 -46.00 9.31 -16.11
CA THR F 60 -46.18 7.91 -15.78
C THR F 60 -45.89 7.71 -14.30
N GLU F 61 -46.56 6.74 -13.69
CA GLU F 61 -46.31 6.45 -12.28
C GLU F 61 -44.89 5.92 -12.10
N VAL F 62 -44.20 6.42 -11.07
CA VAL F 62 -42.80 6.11 -10.83
C VAL F 62 -42.67 5.37 -9.51
N TRP F 63 -41.60 4.58 -9.40
CA TRP F 63 -41.35 3.82 -8.17
C TRP F 63 -41.06 4.72 -6.99
N SER F 64 -40.63 5.95 -7.22
CA SER F 64 -40.25 6.86 -6.14
C SER F 64 -41.45 7.58 -5.54
N ASN F 65 -42.65 7.35 -6.06
CA ASN F 65 -43.85 7.91 -5.44
C ASN F 65 -44.05 7.35 -4.04
N LEU F 66 -43.76 6.06 -3.85
CA LEU F 66 -43.99 5.41 -2.57
C LEU F 66 -43.03 5.87 -1.49
N LEU F 67 -41.96 6.58 -1.85
CA LEU F 67 -41.01 7.03 -0.84
C LEU F 67 -41.52 8.20 -0.02
N THR F 68 -42.58 8.86 -0.45
CA THR F 68 -43.13 10.01 0.26
C THR F 68 -44.66 9.88 0.34
N ASP F 69 -45.27 10.86 0.97
CA ASP F 69 -46.74 10.96 1.04
C ASP F 69 -47.15 12.05 0.06
N LEU F 70 -47.54 11.62 -1.15
CA LEU F 70 -47.89 12.57 -2.21
C LEU F 70 -49.15 13.36 -1.87
N GLU F 71 -49.94 12.91 -0.90
CA GLU F 71 -51.16 13.63 -0.56
C GLU F 71 -50.88 14.99 0.06
N ARG F 72 -49.76 15.12 0.78
CA ARG F 72 -49.40 16.37 1.42
C ARG F 72 -48.83 17.40 0.46
N TYR F 73 -48.41 16.99 -0.74
CA TYR F 73 -47.70 17.88 -1.65
C TYR F 73 -48.38 18.06 -2.99
N LYS F 74 -49.10 17.06 -3.49
CA LYS F 74 -49.70 17.16 -4.83
C LYS F 74 -50.80 18.21 -4.85
N ALA F 75 -50.92 18.88 -5.99
CA ALA F 75 -52.06 19.76 -6.22
C ALA F 75 -53.22 18.96 -6.80
N ARG F 76 -54.40 19.58 -6.81
CA ARG F 76 -55.58 18.90 -7.30
C ARG F 76 -56.58 19.94 -7.80
N CYS F 77 -57.18 19.67 -8.96
CA CYS F 77 -58.19 20.54 -9.52
C CYS F 77 -59.50 20.32 -8.76
N TYR F 78 -59.82 21.24 -7.86
CA TYR F 78 -60.96 21.08 -6.97
C TYR F 78 -62.25 21.68 -7.51
N ARG F 79 -62.22 22.34 -8.67
CA ARG F 79 -63.42 22.96 -9.20
C ARG F 79 -63.21 23.27 -10.67
N ILE F 80 -64.23 22.98 -11.48
CA ILE F 80 -64.25 23.31 -12.90
C ILE F 80 -65.55 24.03 -13.21
N GLU F 81 -65.45 25.22 -13.80
CA GLU F 81 -66.61 26.02 -14.16
C GLU F 81 -66.98 25.86 -15.62
N GLY F 82 -66.82 24.67 -16.17
CA GLY F 82 -67.08 24.43 -17.57
C GLY F 82 -65.87 24.71 -18.44
N ASP F 83 -65.31 25.91 -18.29
CA ASP F 83 -64.12 26.31 -19.04
C ASP F 83 -62.93 26.66 -18.17
N VAL F 84 -63.16 27.22 -16.98
CA VAL F 84 -62.09 27.65 -16.09
C VAL F 84 -61.91 26.60 -15.00
N ALA F 85 -60.66 26.16 -14.81
CA ALA F 85 -60.33 25.14 -13.82
C ALA F 85 -59.57 25.78 -12.67
N TYR F 86 -60.03 25.53 -11.45
CA TYR F 86 -59.34 25.99 -10.25
C TYR F 86 -58.46 24.86 -9.72
N ILE F 87 -57.24 25.21 -9.31
CA ILE F 87 -56.28 24.24 -8.80
C ILE F 87 -55.73 24.77 -7.48
N ALA F 88 -55.66 23.90 -6.48
CA ALA F 88 -55.18 24.25 -5.15
C ALA F 88 -53.80 23.65 -4.94
N TYR F 89 -52.83 24.50 -4.60
CA TYR F 89 -51.46 24.07 -4.34
C TYR F 89 -51.18 24.11 -2.86
N PRO F 90 -50.63 23.04 -2.28
CA PRO F 90 -50.28 23.08 -0.85
C PRO F 90 -49.18 24.08 -0.58
N LEU F 91 -49.22 24.65 0.64
CA LEU F 91 -48.28 25.70 1.01
C LEU F 91 -46.84 25.20 1.09
N ASP F 92 -46.62 23.89 1.15
CA ASP F 92 -45.28 23.34 1.31
C ASP F 92 -44.57 23.13 -0.03
N LEU F 93 -45.15 23.59 -1.13
CA LEU F 93 -44.56 23.42 -2.44
C LEU F 93 -43.70 24.59 -2.89
N PHE F 94 -43.59 25.64 -2.09
CA PHE F 94 -42.99 26.89 -2.54
C PHE F 94 -41.92 27.35 -1.56
N GLU F 95 -40.92 28.03 -2.10
CA GLU F 95 -39.90 28.67 -1.29
C GLU F 95 -40.41 30.03 -0.79
N GLU F 96 -39.96 30.41 0.41
CA GLU F 96 -40.42 31.62 1.06
C GLU F 96 -39.68 32.83 0.51
N GLY F 97 -40.42 33.89 0.20
CA GLY F 97 -39.82 35.14 -0.23
C GLY F 97 -39.32 35.17 -1.66
N SER F 98 -39.66 34.17 -2.47
CA SER F 98 -39.15 34.07 -3.84
C SER F 98 -40.32 33.97 -4.81
N ILE F 99 -40.58 35.05 -5.55
CA ILE F 99 -41.56 35.01 -6.63
C ILE F 99 -41.12 34.05 -7.73
N VAL F 100 -39.80 33.89 -7.89
CA VAL F 100 -39.27 33.06 -8.97
C VAL F 100 -39.79 31.63 -8.86
N ASN F 101 -39.87 31.10 -7.65
CA ASN F 101 -40.31 29.71 -7.50
C ASN F 101 -41.80 29.59 -7.77
N ILE F 102 -42.56 30.66 -7.54
CA ILE F 102 -44.00 30.63 -7.85
C ILE F 102 -44.22 30.41 -9.33
N MET F 103 -43.48 31.12 -10.17
CA MET F 103 -43.61 30.95 -11.61
C MET F 103 -42.81 29.77 -12.12
N SER F 104 -41.75 29.37 -11.41
CA SER F 104 -41.01 28.18 -11.82
C SER F 104 -41.85 26.92 -11.66
N SER F 105 -42.91 26.99 -10.85
CA SER F 105 -43.81 25.86 -10.68
C SER F 105 -45.07 26.03 -11.50
N ILE F 106 -45.79 27.14 -11.29
CA ILE F 106 -47.11 27.30 -11.87
C ILE F 106 -47.05 27.44 -13.38
N VAL F 107 -46.18 28.32 -13.87
CA VAL F 107 -46.05 28.55 -15.30
C VAL F 107 -44.78 27.89 -15.86
N GLY F 108 -44.24 26.90 -15.15
CA GLY F 108 -43.02 26.24 -15.56
C GLY F 108 -43.12 25.51 -16.88
N ASN F 109 -43.92 24.45 -16.94
CA ASN F 109 -44.02 23.62 -18.13
C ASN F 109 -45.44 23.33 -18.59
N VAL F 110 -46.46 23.75 -17.83
CA VAL F 110 -47.83 23.38 -18.17
C VAL F 110 -48.37 24.14 -19.38
N PHE F 111 -47.71 25.22 -19.79
CA PHE F 111 -48.21 26.03 -20.89
C PHE F 111 -47.87 25.49 -22.26
N GLY F 112 -47.03 24.46 -22.35
CA GLY F 112 -46.62 23.94 -23.64
C GLY F 112 -46.94 22.48 -23.86
N PHE F 113 -47.88 21.94 -23.09
CA PHE F 113 -48.26 20.55 -23.25
C PHE F 113 -49.09 20.36 -24.51
N LYS F 114 -48.91 19.19 -25.15
CA LYS F 114 -49.71 18.86 -26.32
C LYS F 114 -51.19 18.73 -25.96
N ALA F 115 -51.48 18.27 -24.74
CA ALA F 115 -52.86 18.04 -24.33
C ALA F 115 -53.69 19.33 -24.29
N VAL F 116 -53.04 20.49 -24.16
CA VAL F 116 -53.74 21.77 -24.13
C VAL F 116 -53.29 22.60 -25.32
N GLN F 117 -54.24 23.01 -26.15
CA GLN F 117 -53.92 23.87 -27.29
C GLN F 117 -53.69 25.31 -26.84
N ALA F 118 -54.29 25.71 -25.73
CA ALA F 118 -54.17 27.08 -25.22
C ALA F 118 -54.53 27.06 -23.74
N LEU F 119 -53.83 27.87 -22.96
CA LEU F 119 -53.98 27.86 -21.51
C LEU F 119 -53.55 29.20 -20.96
N ARG F 120 -54.47 29.91 -20.30
CA ARG F 120 -54.19 31.22 -19.72
C ARG F 120 -54.42 31.18 -18.23
N LEU F 121 -53.45 31.71 -17.47
CA LEU F 121 -53.59 31.88 -16.03
C LEU F 121 -54.33 33.18 -15.77
N GLU F 122 -55.55 33.08 -15.24
CA GLU F 122 -56.42 34.24 -15.09
C GLU F 122 -56.22 34.99 -13.78
N ASP F 123 -56.08 34.28 -12.67
CA ASP F 123 -55.98 34.91 -11.35
C ASP F 123 -55.36 33.89 -10.41
N MET F 124 -54.99 34.38 -9.22
CA MET F 124 -54.32 33.52 -8.24
C MET F 124 -54.47 34.12 -6.86
N ARG F 125 -54.76 33.26 -5.88
CA ARG F 125 -54.90 33.66 -4.48
C ARG F 125 -53.62 33.29 -3.75
N ILE F 126 -52.98 34.27 -3.13
CA ILE F 126 -51.76 34.05 -2.34
C ILE F 126 -52.15 34.02 -0.87
N PRO F 127 -51.89 32.93 -0.16
CA PRO F 127 -52.29 32.87 1.25
C PRO F 127 -51.51 33.85 2.10
N VAL F 128 -52.14 34.30 3.19
CA VAL F 128 -51.49 35.22 4.12
C VAL F 128 -50.25 34.57 4.71
N ALA F 129 -50.30 33.25 4.95
CA ALA F 129 -49.15 32.54 5.51
C ALA F 129 -47.95 32.59 4.58
N TYR F 130 -48.17 32.77 3.29
CA TYR F 130 -47.09 32.92 2.32
C TYR F 130 -46.86 34.37 1.93
N LEU F 131 -47.90 35.20 2.01
CA LEU F 131 -47.75 36.63 1.74
C LEU F 131 -46.97 37.35 2.84
N LYS F 132 -46.76 36.69 3.97
CA LYS F 132 -46.09 37.30 5.11
C LYS F 132 -44.58 37.17 5.03
N THR F 133 -44.05 36.43 4.05
CA THR F 133 -42.62 36.26 3.86
C THR F 133 -42.07 37.14 2.75
N PHE F 134 -42.85 38.09 2.25
CA PHE F 134 -42.40 39.01 1.23
C PHE F 134 -42.37 40.43 1.76
N PRO F 135 -41.30 41.19 1.50
CA PRO F 135 -41.20 42.54 2.08
C PRO F 135 -42.29 43.49 1.64
N GLY F 136 -42.74 43.39 0.39
CA GLY F 136 -43.68 44.35 -0.14
C GLY F 136 -42.97 45.62 -0.56
N PRO F 137 -43.75 46.63 -0.95
CA PRO F 137 -43.15 47.90 -1.37
C PRO F 137 -42.32 48.52 -0.26
N PRO F 138 -41.19 49.14 -0.59
CA PRO F 138 -40.42 49.87 0.43
C PRO F 138 -41.17 51.05 1.02
N THR F 139 -41.69 51.93 0.17
CA THR F 139 -42.28 53.19 0.64
C THR F 139 -43.80 53.13 0.70
N GLY F 140 -44.45 52.85 -0.42
CA GLY F 140 -45.89 52.86 -0.47
C GLY F 140 -46.45 54.22 -0.87
N ILE F 141 -47.78 54.27 -0.96
CA ILE F 141 -48.44 55.46 -1.49
C ILE F 141 -48.29 56.65 -0.54
N GLN F 142 -48.55 56.43 0.75
CA GLN F 142 -48.56 57.55 1.69
C GLN F 142 -47.16 58.12 1.90
N VAL F 143 -46.14 57.27 1.96
CA VAL F 143 -44.79 57.74 2.22
C VAL F 143 -44.28 58.60 1.07
N GLU F 144 -44.49 58.14 -0.17
CA GLU F 144 -44.08 58.95 -1.32
C GLU F 144 -44.82 60.27 -1.40
N ARG F 145 -46.11 60.28 -1.10
CA ARG F 145 -46.84 61.55 -1.07
C ARG F 145 -46.23 62.49 -0.04
N ASP F 146 -45.82 61.95 1.11
CA ASP F 146 -45.11 62.74 2.10
C ASP F 146 -43.77 63.21 1.57
N ARG F 147 -43.03 62.31 0.91
CA ARG F 147 -41.70 62.65 0.41
C ARG F 147 -41.77 63.71 -0.68
N LEU F 148 -42.77 63.62 -1.55
CA LEU F 148 -42.97 64.62 -2.58
C LEU F 148 -43.74 65.84 -2.09
N ASN F 149 -44.35 65.75 -0.91
CA ASN F 149 -45.13 66.85 -0.32
C ASN F 149 -46.27 67.28 -1.24
N LYS F 150 -46.90 66.31 -1.90
CA LYS F 150 -48.02 66.56 -2.80
C LYS F 150 -49.21 65.74 -2.36
N TYR F 151 -50.39 66.37 -2.31
CA TYR F 151 -51.61 65.71 -1.87
C TYR F 151 -52.79 66.23 -2.69
N GLY F 152 -53.86 65.44 -2.68
CA GLY F 152 -55.14 65.90 -3.18
C GLY F 152 -55.34 65.82 -4.69
N ARG F 153 -54.39 65.28 -5.43
CA ARG F 153 -54.50 65.21 -6.87
C ARG F 153 -53.59 64.11 -7.39
N PRO F 154 -53.84 63.58 -8.58
CA PRO F 154 -52.93 62.57 -9.14
C PRO F 154 -51.63 63.21 -9.59
N LEU F 155 -50.53 62.58 -9.21
CA LEU F 155 -49.22 63.08 -9.59
C LEU F 155 -49.00 62.93 -11.08
N LEU F 156 -48.30 63.89 -11.66
CA LEU F 156 -48.07 63.93 -13.10
C LEU F 156 -46.71 63.33 -13.44
N GLY F 157 -46.45 63.23 -14.73
CA GLY F 157 -45.19 62.69 -15.20
C GLY F 157 -45.14 62.71 -16.71
N GLY F 158 -43.96 62.38 -17.24
CA GLY F 158 -43.76 62.30 -18.66
C GLY F 158 -42.52 61.53 -19.00
N THR F 159 -42.51 60.93 -20.18
CA THR F 159 -41.36 60.20 -20.69
C THR F 159 -40.67 61.04 -21.76
N ILE F 160 -39.36 61.22 -21.63
CA ILE F 160 -38.62 62.07 -22.55
C ILE F 160 -38.64 61.44 -23.94
N LYS F 161 -38.99 62.24 -24.94
CA LYS F 161 -39.11 61.77 -26.31
C LYS F 161 -38.33 62.70 -27.23
N PRO F 162 -37.76 62.16 -28.34
CA PRO F 162 -37.77 60.75 -28.72
C PRO F 162 -36.92 59.88 -27.79
N LYS F 163 -37.30 58.62 -27.63
CA LYS F 163 -36.72 57.78 -26.60
C LYS F 163 -35.26 57.44 -26.85
N LEU F 164 -34.76 57.62 -28.07
CA LEU F 164 -33.36 57.38 -28.37
C LEU F 164 -32.84 58.52 -29.24
N GLY F 165 -31.53 58.76 -29.13
CA GLY F 165 -30.89 59.74 -29.98
C GLY F 165 -30.29 60.93 -29.27
N LEU F 166 -30.99 61.43 -28.24
CA LEU F 166 -30.57 62.67 -27.60
C LEU F 166 -29.30 62.48 -26.80
N SER F 167 -28.35 63.39 -26.97
CA SER F 167 -27.16 63.41 -26.14
C SER F 167 -27.53 63.82 -24.72
N ALA F 168 -26.55 63.71 -23.82
CA ALA F 168 -26.80 63.99 -22.41
C ALA F 168 -27.18 65.44 -22.18
N LYS F 169 -26.51 66.38 -22.87
CA LYS F 169 -26.82 67.79 -22.68
C LYS F 169 -28.23 68.11 -23.17
N GLU F 170 -28.62 67.58 -24.33
CA GLU F 170 -29.94 67.87 -24.87
C GLU F 170 -31.02 67.12 -24.11
N TYR F 171 -30.67 66.01 -23.48
CA TYR F 171 -31.63 65.30 -22.63
C TYR F 171 -32.03 66.14 -21.43
N ALA F 172 -31.06 66.81 -20.80
CA ALA F 172 -31.37 67.64 -19.64
C ALA F 172 -32.21 68.84 -20.04
N ARG F 173 -32.03 69.34 -21.26
CA ARG F 173 -32.82 70.47 -21.73
C ARG F 173 -34.30 70.12 -21.79
N VAL F 174 -34.62 68.92 -22.27
CA VAL F 174 -36.01 68.48 -22.32
C VAL F 174 -36.55 68.25 -20.91
N VAL F 175 -35.72 67.65 -20.04
CA VAL F 175 -36.15 67.37 -18.68
C VAL F 175 -36.46 68.67 -17.93
N TYR F 176 -35.55 69.65 -18.03
CA TYR F 176 -35.74 70.89 -17.28
C TYR F 176 -36.99 71.63 -17.72
N GLU F 177 -37.27 71.65 -19.02
CA GLU F 177 -38.47 72.32 -19.50
C GLU F 177 -39.73 71.64 -19.00
N CYS F 178 -39.73 70.30 -18.98
CA CYS F 178 -40.90 69.57 -18.50
C CYS F 178 -41.10 69.79 -17.00
N LEU F 179 -40.04 69.64 -16.21
CA LEU F 179 -40.16 69.80 -14.76
C LEU F 179 -40.52 71.23 -14.39
N ARG F 180 -39.80 72.21 -14.94
CA ARG F 180 -40.10 73.59 -14.62
C ARG F 180 -41.41 74.05 -15.24
N GLY F 181 -41.95 73.29 -16.19
CA GLY F 181 -43.23 73.64 -16.78
C GLY F 181 -44.43 73.34 -15.90
N GLY F 182 -44.27 72.42 -14.95
CA GLY F 182 -45.36 72.08 -14.06
C GLY F 182 -45.45 70.60 -13.73
N LEU F 183 -44.85 69.76 -14.55
CA LEU F 183 -44.87 68.32 -14.30
C LEU F 183 -44.09 68.00 -13.03
N ASP F 184 -44.65 67.09 -12.22
CA ASP F 184 -44.04 66.76 -10.94
C ASP F 184 -42.88 65.79 -11.09
N THR F 185 -42.69 65.18 -12.26
CA THR F 185 -41.69 64.14 -12.44
C THR F 185 -41.53 63.87 -13.94
N THR F 186 -40.31 63.52 -14.33
CA THR F 186 -40.06 63.00 -15.66
C THR F 186 -39.41 61.63 -15.50
N KCX F 187 -39.25 60.89 -16.59
CA KCX F 187 -38.64 59.58 -16.50
CB KCX F 187 -39.69 58.50 -16.22
CG KCX F 187 -40.53 58.27 -17.45
CD KCX F 187 -41.63 57.27 -17.19
CE KCX F 187 -41.06 55.87 -17.18
NZ KCX F 187 -40.65 55.49 -18.51
C KCX F 187 -37.87 59.18 -17.74
O KCX F 187 -38.20 59.79 -18.81
CX KCX F 187 -41.56 55.08 -19.51
OQ1 KCX F 187 -42.76 55.25 -19.38
OQ2 KCX F 187 -40.96 54.55 -20.51
N ASP F 188 -36.91 58.27 -17.62
CA ASP F 188 -36.22 57.74 -18.78
C ASP F 188 -37.13 56.72 -19.44
N ASP F 189 -36.85 56.39 -20.69
CA ASP F 189 -37.67 55.41 -21.38
C ASP F 189 -37.03 54.02 -21.25
N GLU F 190 -37.85 52.99 -21.44
CA GLU F 190 -37.42 51.64 -21.06
C GLU F 190 -36.21 51.18 -21.87
N ASN F 191 -36.15 51.51 -23.16
CA ASN F 191 -35.05 51.05 -23.99
C ASN F 191 -33.80 51.91 -23.84
N LEU F 192 -33.88 53.04 -23.16
CA LEU F 192 -32.74 53.92 -22.92
C LEU F 192 -32.06 53.47 -21.64
N ASN F 193 -30.98 52.71 -21.77
CA ASN F 193 -30.24 52.23 -20.60
C ASN F 193 -28.84 52.81 -20.52
N SER F 194 -27.99 52.52 -21.52
CA SER F 194 -26.68 53.16 -21.63
C SER F 194 -26.23 52.98 -23.08
N GLN F 195 -26.34 54.05 -23.85
CA GLN F 195 -26.08 53.96 -25.28
C GLN F 195 -24.89 54.82 -25.68
N PRO F 196 -24.25 54.52 -26.82
CA PRO F 196 -23.12 55.35 -27.26
C PRO F 196 -23.48 56.81 -27.45
N PHE F 197 -24.69 57.10 -27.93
CA PHE F 197 -25.10 58.50 -28.06
C PHE F 197 -25.42 59.12 -26.71
N ASN F 198 -25.84 58.31 -25.73
CA ASN F 198 -26.16 58.83 -24.40
C ASN F 198 -25.83 57.74 -23.38
N ARG F 199 -24.61 57.77 -22.87
CA ARG F 199 -24.18 56.86 -21.82
C ARG F 199 -24.88 57.19 -20.50
N TRP F 200 -24.91 56.19 -19.61
CA TRP F 200 -25.67 56.35 -18.38
C TRP F 200 -24.96 57.27 -17.38
N ARG F 201 -23.64 57.13 -17.24
CA ARG F 201 -22.92 57.98 -16.30
C ARG F 201 -22.90 59.45 -16.71
N ASP F 202 -23.20 59.75 -17.98
CA ASP F 202 -23.36 61.14 -18.40
C ASP F 202 -24.79 61.59 -18.27
N ARG F 203 -25.76 60.71 -18.53
CA ARG F 203 -27.17 61.06 -18.38
C ARG F 203 -27.50 61.33 -16.91
N PHE F 204 -26.99 60.50 -16.00
CA PHE F 204 -27.34 60.65 -14.59
C PHE F 204 -26.89 62.00 -14.04
N LEU F 205 -25.67 62.41 -14.39
CA LEU F 205 -25.12 63.65 -13.85
C LEU F 205 -25.81 64.86 -14.46
N TYR F 206 -26.17 64.78 -15.75
CA TYR F 206 -26.74 65.92 -16.44
C TYR F 206 -28.17 66.19 -15.99
N VAL F 207 -29.00 65.15 -15.91
CA VAL F 207 -30.41 65.36 -15.57
C VAL F 207 -30.56 65.77 -14.11
N MET F 208 -29.71 65.27 -13.23
CA MET F 208 -29.81 65.65 -11.82
C MET F 208 -29.50 67.12 -11.62
N GLU F 209 -28.61 67.68 -12.45
CA GLU F 209 -28.43 69.13 -12.45
C GLU F 209 -29.70 69.84 -12.89
N ALA F 210 -30.36 69.31 -13.93
CA ALA F 210 -31.62 69.89 -14.36
C ALA F 210 -32.72 69.68 -13.32
N VAL F 211 -32.75 68.49 -12.71
CA VAL F 211 -33.78 68.20 -11.70
C VAL F 211 -33.64 69.14 -10.52
N ARG F 212 -32.43 69.23 -9.96
CA ARG F 212 -32.22 70.06 -8.77
C ARG F 212 -32.20 71.54 -9.09
N LYS F 213 -32.11 71.93 -10.37
CA LYS F 213 -32.27 73.33 -10.73
C LYS F 213 -33.74 73.72 -10.75
N ALA F 214 -34.57 72.92 -11.44
CA ALA F 214 -36.00 73.19 -11.49
C ALA F 214 -36.62 73.24 -10.10
N GLU F 215 -36.01 72.55 -9.14
CA GLU F 215 -36.45 72.65 -7.75
C GLU F 215 -36.49 74.10 -7.28
N ALA F 216 -35.47 74.88 -7.65
CA ALA F 216 -35.36 76.25 -7.16
C ALA F 216 -36.47 77.15 -7.68
N GLU F 217 -36.69 77.15 -9.01
CA GLU F 217 -37.64 78.08 -9.59
C GLU F 217 -39.08 77.66 -9.30
N THR F 218 -39.38 76.36 -9.39
CA THR F 218 -40.77 75.91 -9.23
C THR F 218 -41.26 76.15 -7.81
N GLY F 219 -40.61 75.52 -6.83
CA GLY F 219 -41.03 75.67 -5.45
C GLY F 219 -41.40 74.37 -4.78
N GLU F 220 -41.87 73.40 -5.56
CA GLU F 220 -42.22 72.08 -5.05
C GLU F 220 -41.14 71.08 -5.42
N ARG F 221 -41.24 69.89 -4.83
CA ARG F 221 -40.20 68.88 -4.95
C ARG F 221 -40.39 68.06 -6.21
N LYS F 222 -39.49 68.25 -7.18
CA LYS F 222 -39.51 67.51 -8.44
C LYS F 222 -38.64 66.26 -8.32
N GLY F 223 -38.68 65.46 -9.38
CA GLY F 223 -37.87 64.25 -9.41
C GLY F 223 -37.83 63.68 -10.81
N HIS F 224 -36.93 62.72 -11.01
CA HIS F 224 -36.79 62.05 -12.28
C HIS F 224 -36.44 60.59 -12.03
N TRP F 225 -37.04 59.70 -12.83
CA TRP F 225 -36.80 58.27 -12.72
C TRP F 225 -35.67 57.88 -13.66
N LEU F 226 -34.58 57.36 -13.10
CA LEU F 226 -33.39 57.03 -13.86
C LEU F 226 -33.39 55.52 -14.12
N ASN F 227 -33.42 55.15 -15.40
CA ASN F 227 -33.46 53.75 -15.78
C ASN F 227 -32.14 53.09 -15.45
N VAL F 228 -32.13 52.24 -14.41
CA VAL F 228 -30.89 51.62 -13.95
C VAL F 228 -30.74 50.18 -14.43
N THR F 229 -31.70 49.65 -15.19
CA THR F 229 -31.59 48.27 -15.62
C THR F 229 -30.46 48.12 -16.63
N ALA F 230 -29.83 46.95 -16.63
CA ALA F 230 -28.66 46.70 -17.44
C ALA F 230 -28.54 45.19 -17.66
N GLY F 231 -27.38 44.76 -18.14
CA GLY F 231 -27.16 43.36 -18.43
C GLY F 231 -26.78 42.50 -17.26
N SER F 232 -26.65 43.06 -16.06
CA SER F 232 -26.28 42.26 -14.90
C SER F 232 -26.73 42.95 -13.63
N THR F 233 -26.93 42.13 -12.59
CA THR F 233 -27.33 42.67 -11.29
C THR F 233 -26.26 43.58 -10.72
N GLU F 234 -24.98 43.21 -10.90
CA GLU F 234 -23.91 44.05 -10.39
C GLU F 234 -23.94 45.43 -11.04
N GLU F 235 -24.15 45.49 -12.36
CA GLU F 235 -24.20 46.77 -13.04
C GLU F 235 -25.44 47.55 -12.63
N MET F 236 -26.57 46.86 -12.44
CA MET F 236 -27.77 47.54 -11.94
C MET F 236 -27.52 48.18 -10.58
N LEU F 237 -26.89 47.44 -9.67
CA LEU F 237 -26.61 47.99 -8.36
C LEU F 237 -25.62 49.16 -8.44
N LYS F 238 -24.62 49.04 -9.32
CA LYS F 238 -23.67 50.13 -9.50
C LYS F 238 -24.35 51.39 -10.00
N ARG F 239 -25.27 51.25 -10.95
CA ARG F 239 -26.01 52.43 -11.42
C ARG F 239 -26.99 52.91 -10.35
N ALA F 240 -27.58 52.00 -9.58
CA ALA F 240 -28.46 52.40 -8.50
C ALA F 240 -27.72 53.21 -7.44
N GLU F 241 -26.52 52.77 -7.07
CA GLU F 241 -25.74 53.51 -6.08
C GLU F 241 -25.36 54.89 -6.59
N PHE F 242 -25.01 55.00 -7.87
CA PHE F 242 -24.66 56.29 -8.44
C PHE F 242 -25.84 57.26 -8.38
N ALA F 243 -27.05 56.78 -8.68
CA ALA F 243 -28.22 57.63 -8.60
C ALA F 243 -28.48 58.09 -7.17
N ALA F 244 -28.19 57.23 -6.19
CA ALA F 244 -28.34 57.63 -4.80
C ALA F 244 -27.35 58.72 -4.42
N GLU F 245 -26.10 58.60 -4.87
CA GLU F 245 -25.08 59.57 -4.51
C GLU F 245 -25.40 60.95 -5.09
N LEU F 246 -25.88 60.99 -6.33
CA LEU F 246 -26.26 62.27 -6.93
C LEU F 246 -27.44 62.92 -6.21
N GLY F 247 -28.18 62.15 -5.42
CA GLY F 247 -29.29 62.69 -4.66
C GLY F 247 -30.65 62.44 -5.25
N SER F 248 -30.76 61.60 -6.27
CA SER F 248 -32.06 61.29 -6.85
C SER F 248 -32.93 60.56 -5.85
N ARG F 249 -34.22 60.89 -5.85
CA ARG F 249 -35.18 60.19 -5.01
C ARG F 249 -35.66 58.89 -5.64
N TYR F 250 -35.40 58.66 -6.91
CA TYR F 250 -36.01 57.58 -7.66
C TYR F 250 -34.97 56.78 -8.44
N ILE F 251 -35.37 55.57 -8.82
CA ILE F 251 -34.71 54.79 -9.84
C ILE F 251 -35.78 54.19 -10.73
N MET F 252 -35.35 53.42 -11.73
CA MET F 252 -36.27 52.81 -12.67
C MET F 252 -35.70 51.48 -13.12
N VAL F 253 -36.56 50.45 -13.14
CA VAL F 253 -36.15 49.11 -13.52
C VAL F 253 -37.23 48.52 -14.42
N ASP F 254 -36.80 47.87 -15.50
CA ASP F 254 -37.68 47.07 -16.34
C ASP F 254 -37.66 45.66 -15.73
N PHE F 255 -38.58 45.43 -14.78
CA PHE F 255 -38.49 44.22 -13.97
C PHE F 255 -38.74 42.96 -14.77
N LEU F 256 -39.71 42.96 -15.69
CA LEU F 256 -40.01 41.76 -16.46
C LEU F 256 -38.83 41.35 -17.34
N THR F 257 -38.23 42.32 -18.03
CA THR F 257 -37.09 42.00 -18.89
C THR F 257 -35.86 41.62 -18.06
N ALA F 258 -35.60 42.37 -16.99
CA ALA F 258 -34.41 42.12 -16.17
C ALA F 258 -34.53 40.85 -15.35
N GLY F 259 -35.73 40.32 -15.16
CA GLY F 259 -35.93 39.14 -14.35
C GLY F 259 -36.25 39.50 -12.91
N PHE F 260 -37.11 38.67 -12.32
CA PHE F 260 -37.58 38.94 -10.96
C PHE F 260 -36.49 38.77 -9.91
N ALA F 261 -35.51 37.91 -10.16
CA ALA F 261 -34.40 37.78 -9.22
C ALA F 261 -33.56 39.06 -9.17
N ALA F 262 -33.16 39.56 -10.34
CA ALA F 262 -32.42 40.83 -10.38
C ALA F 262 -33.28 41.98 -9.88
N PHE F 263 -34.60 41.93 -10.13
CA PHE F 263 -35.49 42.95 -9.61
C PHE F 263 -35.51 42.95 -8.09
N ALA F 264 -35.58 41.76 -7.48
CA ALA F 264 -35.55 41.67 -6.02
C ALA F 264 -34.21 42.15 -5.48
N SER F 265 -33.12 41.81 -6.16
CA SER F 265 -31.81 42.28 -5.72
C SER F 265 -31.72 43.80 -5.76
N VAL F 266 -32.24 44.41 -6.83
CA VAL F 266 -32.26 45.88 -6.90
C VAL F 266 -33.17 46.47 -5.83
N ARG F 267 -34.27 45.78 -5.52
CA ARG F 267 -35.20 46.28 -4.51
C ARG F 267 -34.52 46.39 -3.14
N ARG F 268 -33.70 45.41 -2.79
CA ARG F 268 -32.99 45.45 -1.52
C ARG F 268 -32.08 46.67 -1.44
N ARG F 269 -31.35 46.95 -2.54
CA ARG F 269 -30.48 48.12 -2.54
C ARG F 269 -31.26 49.42 -2.58
N ALA F 270 -32.48 49.40 -3.14
CA ALA F 270 -33.28 50.61 -3.19
C ALA F 270 -33.70 51.06 -1.81
N GLU F 271 -34.07 50.12 -0.93
CA GLU F 271 -34.45 50.50 0.42
C GLU F 271 -33.22 50.84 1.27
N GLU F 272 -32.09 50.18 1.00
CA GLU F 272 -30.88 50.48 1.75
C GLU F 272 -30.33 51.85 1.41
N LEU F 273 -30.50 52.29 0.16
CA LEU F 273 -29.98 53.57 -0.30
C LEU F 273 -30.98 54.71 -0.11
N GLY F 274 -32.13 54.44 0.48
CA GLY F 274 -33.15 55.46 0.60
C GLY F 274 -33.72 55.89 -0.73
N LEU F 275 -33.93 54.94 -1.65
CA LEU F 275 -34.42 55.21 -2.98
C LEU F 275 -35.84 54.68 -3.13
N MET F 276 -36.56 55.27 -4.07
CA MET F 276 -37.92 54.84 -4.41
C MET F 276 -37.89 54.20 -5.79
N LEU F 277 -38.36 52.96 -5.88
CA LEU F 277 -38.13 52.13 -7.05
C LEU F 277 -39.40 52.12 -7.91
N HIS F 278 -39.36 52.86 -9.01
CA HIS F 278 -40.41 52.75 -10.02
C HIS F 278 -40.20 51.51 -10.88
N CYS F 279 -41.32 50.93 -11.33
CA CYS F 279 -41.29 49.71 -12.11
C CYS F 279 -41.93 49.95 -13.47
N HIS F 280 -41.31 49.40 -14.51
CA HIS F 280 -41.87 49.41 -15.86
C HIS F 280 -42.12 47.98 -16.30
N ARG F 281 -43.25 47.75 -16.95
CA ARG F 281 -43.72 46.41 -17.29
C ARG F 281 -43.41 46.02 -18.73
N ALA F 282 -42.25 46.42 -19.24
CA ALA F 282 -41.88 46.04 -20.61
C ALA F 282 -41.91 44.52 -20.76
N MET F 283 -42.47 44.06 -21.87
CA MET F 283 -42.76 42.68 -22.24
C MET F 283 -44.02 42.13 -21.60
N HIS F 284 -44.81 42.94 -20.90
CA HIS F 284 -46.04 42.41 -20.30
C HIS F 284 -47.02 41.95 -21.39
N ALA F 285 -47.03 42.65 -22.53
CA ALA F 285 -47.94 42.34 -23.61
C ALA F 285 -47.59 41.03 -24.30
N VAL F 286 -46.37 40.53 -24.12
CA VAL F 286 -46.04 39.20 -24.64
C VAL F 286 -46.88 38.14 -23.93
N PHE F 287 -47.17 38.35 -22.65
CA PHE F 287 -47.99 37.42 -21.88
C PHE F 287 -49.48 37.76 -21.96
N ASP F 288 -49.85 38.96 -21.53
CA ASP F 288 -51.23 39.24 -21.17
C ASP F 288 -52.10 39.71 -22.33
N ARG F 289 -51.53 39.88 -23.52
CA ARG F 289 -52.31 40.44 -24.62
C ARG F 289 -53.44 39.50 -25.06
N GLN F 290 -53.11 38.24 -25.31
CA GLN F 290 -54.05 37.32 -25.93
C GLN F 290 -54.97 36.71 -24.88
N PRO F 291 -56.29 36.88 -25.01
CA PRO F 291 -57.20 36.29 -24.01
C PRO F 291 -57.17 34.78 -23.95
N ASN F 292 -56.68 34.10 -24.99
CA ASN F 292 -56.72 32.64 -25.03
C ASN F 292 -55.45 31.97 -24.56
N HIS F 293 -54.37 32.73 -24.33
CA HIS F 293 -53.12 32.14 -23.90
C HIS F 293 -52.25 33.23 -23.26
N GLY F 294 -51.50 32.84 -22.25
CA GLY F 294 -50.61 33.76 -21.57
C GLY F 294 -50.86 33.85 -20.08
N ILE F 295 -50.41 34.94 -19.47
CA ILE F 295 -50.63 35.20 -18.05
C ILE F 295 -51.29 36.57 -17.93
N HIS F 296 -52.45 36.62 -17.29
CA HIS F 296 -53.14 37.89 -17.12
C HIS F 296 -52.30 38.83 -16.27
N PHE F 297 -52.36 40.13 -16.59
CA PHE F 297 -51.50 41.09 -15.91
C PHE F 297 -51.82 41.20 -14.42
N ARG F 298 -53.06 40.93 -14.02
CA ARG F 298 -53.40 40.98 -12.60
C ARG F 298 -52.60 39.95 -11.81
N VAL F 299 -52.18 38.86 -12.45
CA VAL F 299 -51.28 37.91 -11.79
C VAL F 299 -49.90 38.52 -11.63
N LEU F 300 -49.44 39.26 -12.65
CA LEU F 300 -48.15 39.91 -12.55
C LEU F 300 -48.20 41.10 -11.59
N ALA F 301 -49.35 41.79 -11.54
CA ALA F 301 -49.49 42.90 -10.61
C ALA F 301 -49.40 42.41 -9.17
N LYS F 302 -49.99 41.26 -8.87
CA LYS F 302 -49.88 40.68 -7.53
C LYS F 302 -48.43 40.38 -7.19
N TRP F 303 -47.69 39.80 -8.15
CA TRP F 303 -46.29 39.47 -7.91
C TRP F 303 -45.46 40.71 -7.61
N LEU F 304 -45.78 41.83 -8.26
CA LEU F 304 -45.01 43.04 -8.05
C LEU F 304 -45.18 43.56 -6.62
N ARG F 305 -46.43 43.67 -6.16
CA ARG F 305 -46.67 44.17 -4.81
C ARG F 305 -46.08 43.23 -3.77
N MET F 306 -45.97 41.94 -4.08
CA MET F 306 -45.33 41.00 -3.16
C MET F 306 -43.84 41.27 -3.06
N VAL F 307 -43.12 41.15 -4.18
CA VAL F 307 -41.67 41.26 -4.16
C VAL F 307 -41.23 42.70 -3.89
N GLY F 308 -42.08 43.68 -4.15
CA GLY F 308 -41.79 45.04 -3.73
C GLY F 308 -41.53 46.05 -4.85
N GLY F 309 -42.52 46.88 -5.11
CA GLY F 309 -42.34 48.01 -6.03
C GLY F 309 -43.14 49.19 -5.56
N ASP F 310 -42.68 50.38 -5.90
CA ASP F 310 -43.39 51.59 -5.52
C ASP F 310 -44.39 52.05 -6.58
N HIS F 311 -44.16 51.72 -7.85
CA HIS F 311 -45.03 52.11 -8.93
C HIS F 311 -45.19 50.96 -9.90
N VAL F 312 -46.18 51.08 -10.78
CA VAL F 312 -46.40 50.11 -11.84
C VAL F 312 -47.28 50.73 -12.92
N HIS F 313 -47.05 50.36 -14.17
CA HIS F 313 -47.88 50.82 -15.28
C HIS F 313 -49.08 49.89 -15.37
N THR F 314 -50.23 50.33 -14.85
CA THR F 314 -51.43 49.52 -15.03
C THR F 314 -51.96 49.62 -16.46
N GLY F 315 -51.69 50.74 -17.12
CA GLY F 315 -52.10 50.90 -18.50
C GLY F 315 -53.45 51.58 -18.64
N THR F 316 -53.45 52.79 -19.20
CA THR F 316 -54.71 53.49 -19.42
C THR F 316 -55.55 52.74 -20.44
N VAL F 317 -56.88 52.82 -20.26
CA VAL F 317 -57.80 52.18 -21.19
C VAL F 317 -58.17 53.07 -22.36
N VAL F 318 -57.76 54.33 -22.34
CA VAL F 318 -58.12 55.29 -23.36
C VAL F 318 -56.93 55.62 -24.26
N GLY F 319 -55.77 55.04 -23.96
CA GLY F 319 -54.54 55.34 -24.66
C GLY F 319 -54.30 54.44 -25.86
N LYS F 320 -53.08 54.53 -26.40
CA LYS F 320 -52.72 53.81 -27.61
C LYS F 320 -52.48 52.32 -27.37
N LEU F 321 -52.28 51.90 -26.12
CA LEU F 321 -52.20 50.49 -25.77
C LEU F 321 -53.55 50.03 -25.24
N GLU F 322 -54.03 48.90 -25.73
CA GLU F 322 -55.40 48.51 -25.42
C GLU F 322 -55.50 47.99 -23.99
N GLY F 323 -56.71 48.07 -23.46
CA GLY F 323 -56.99 47.58 -22.12
C GLY F 323 -58.49 47.55 -21.91
N ASP F 324 -58.89 47.02 -20.76
CA ASP F 324 -60.29 46.90 -20.38
C ASP F 324 -60.54 47.77 -19.16
N ARG F 325 -61.60 48.58 -19.22
CA ARG F 325 -61.91 49.47 -18.11
C ARG F 325 -62.23 48.69 -16.85
N ALA F 326 -63.08 47.66 -16.96
CA ALA F 326 -63.44 46.87 -15.80
C ALA F 326 -62.23 46.12 -15.24
N GLU F 327 -61.42 45.55 -16.12
CA GLU F 327 -60.26 44.77 -15.67
C GLU F 327 -59.23 45.66 -15.00
N THR F 328 -58.99 46.86 -15.55
CA THR F 328 -58.01 47.77 -14.98
C THR F 328 -58.44 48.24 -13.59
N LEU F 329 -59.73 48.50 -13.41
CA LEU F 329 -60.24 48.90 -12.10
C LEU F 329 -59.94 47.84 -11.05
N GLY F 330 -60.01 46.57 -11.45
CA GLY F 330 -59.61 45.50 -10.53
C GLY F 330 -58.14 45.55 -10.20
N ILE F 331 -57.30 45.75 -11.23
CA ILE F 331 -55.86 45.77 -11.01
C ILE F 331 -55.47 46.96 -10.14
N ALA F 332 -56.15 48.09 -10.31
CA ALA F 332 -55.87 49.25 -9.46
C ALA F 332 -56.20 48.95 -8.00
N ASP F 333 -57.30 48.22 -7.77
CA ASP F 333 -57.68 47.90 -6.39
C ASP F 333 -56.71 46.90 -5.77
N LEU F 334 -56.12 46.03 -6.58
CA LEU F 334 -55.13 45.09 -6.07
C LEU F 334 -53.88 45.80 -5.58
N LEU F 335 -53.60 46.97 -6.14
CA LEU F 335 -52.37 47.69 -5.82
C LEU F 335 -52.58 48.82 -4.83
N ARG F 336 -53.83 49.11 -4.46
CA ARG F 336 -54.13 50.24 -3.59
C ARG F 336 -54.87 49.84 -2.33
N GLU F 337 -55.83 48.92 -2.42
CA GLU F 337 -56.60 48.51 -1.27
C GLU F 337 -55.85 47.45 -0.46
N ASP F 338 -56.36 47.17 0.73
CA ASP F 338 -55.79 46.17 1.63
C ASP F 338 -56.50 44.83 1.54
N TYR F 339 -57.81 44.83 1.31
CA TYR F 339 -58.57 43.61 1.09
C TYR F 339 -59.42 43.79 -0.16
N VAL F 340 -59.31 42.84 -1.09
CA VAL F 340 -59.97 42.92 -2.37
C VAL F 340 -60.94 41.75 -2.49
N PRO F 341 -62.23 41.97 -2.27
CA PRO F 341 -63.21 40.90 -2.48
C PRO F 341 -63.32 40.54 -3.96
N ALA F 342 -63.66 39.28 -4.20
CA ALA F 342 -63.78 38.81 -5.58
C ALA F 342 -64.92 39.52 -6.30
N ASP F 343 -64.73 39.75 -7.58
CA ASP F 343 -65.72 40.40 -8.42
C ASP F 343 -65.73 39.77 -9.81
N PRO F 344 -66.83 39.13 -10.21
CA PRO F 344 -66.87 38.54 -11.56
C PRO F 344 -66.76 39.57 -12.67
N GLY F 345 -67.27 40.79 -12.46
CA GLY F 345 -67.22 41.81 -13.49
C GLY F 345 -65.84 42.41 -13.69
N ARG F 346 -64.97 42.35 -12.68
CA ARG F 346 -63.62 42.89 -12.76
C ARG F 346 -62.58 41.81 -13.01
N GLY F 347 -63.01 40.58 -13.30
CA GLY F 347 -62.09 39.48 -13.54
C GLY F 347 -61.50 38.86 -12.31
N LEU F 348 -61.91 39.28 -11.12
CA LEU F 348 -61.38 38.71 -9.88
C LEU F 348 -62.07 37.38 -9.58
N PHE F 349 -61.26 36.35 -9.34
CA PHE F 349 -61.79 35.04 -8.99
C PHE F 349 -61.56 34.66 -7.54
N PHE F 350 -60.73 35.40 -6.81
CA PHE F 350 -60.42 35.07 -5.42
C PHE F 350 -60.35 36.35 -4.60
N ASP F 351 -60.86 36.29 -3.37
CA ASP F 351 -60.62 37.35 -2.41
C ASP F 351 -59.13 37.39 -2.06
N GLN F 352 -58.59 38.61 -1.96
CA GLN F 352 -57.18 38.79 -1.67
C GLN F 352 -57.03 39.68 -0.43
N ASP F 353 -56.46 39.10 0.62
CA ASP F 353 -56.04 39.85 1.80
C ASP F 353 -54.55 40.08 1.70
N TRP F 354 -54.12 41.33 1.88
CA TRP F 354 -52.76 41.73 1.55
C TRP F 354 -51.81 41.68 2.75
N ALA F 355 -52.28 41.24 3.92
CA ALA F 355 -51.44 40.95 5.07
C ALA F 355 -50.64 42.17 5.54
N GLY F 356 -51.12 43.38 5.26
CA GLY F 356 -50.45 44.57 5.69
C GLY F 356 -49.36 45.08 4.78
N LEU F 357 -49.20 44.51 3.58
CA LEU F 357 -48.27 45.05 2.61
C LEU F 357 -48.79 46.38 2.10
N LYS F 358 -47.92 47.38 2.05
CA LYS F 358 -48.32 48.74 1.70
C LYS F 358 -48.69 48.83 0.22
N PRO F 359 -49.50 49.82 -0.16
CA PRO F 359 -50.00 49.90 -1.54
C PRO F 359 -48.94 50.38 -2.52
N VAL F 360 -49.29 50.25 -3.79
CA VAL F 360 -48.43 50.64 -4.91
C VAL F 360 -49.19 51.67 -5.76
N PHE F 361 -48.51 52.74 -6.13
CA PHE F 361 -49.09 53.67 -7.10
C PHE F 361 -49.37 52.96 -8.43
N PRO F 362 -50.58 53.04 -8.94
CA PRO F 362 -50.84 52.65 -10.33
C PRO F 362 -50.48 53.79 -11.28
N VAL F 363 -49.61 53.52 -12.24
CA VAL F 363 -49.16 54.53 -13.19
C VAL F 363 -49.89 54.33 -14.50
N ALA F 364 -50.39 55.42 -15.07
CA ALA F 364 -51.22 55.38 -16.27
C ALA F 364 -50.48 56.08 -17.40
N SER F 365 -49.66 55.33 -18.13
CA SER F 365 -48.95 55.84 -19.28
C SER F 365 -49.61 55.33 -20.57
N GLY F 366 -49.17 55.87 -21.70
CA GLY F 366 -49.72 55.49 -22.98
C GLY F 366 -49.86 56.67 -23.93
N GLY F 367 -50.73 56.54 -24.92
CA GLY F 367 -50.95 57.63 -25.85
C GLY F 367 -52.05 58.57 -25.38
N ILE F 368 -51.85 59.19 -24.23
CA ILE F 368 -52.86 60.03 -23.61
C ILE F 368 -52.49 61.50 -23.80
N HIS F 369 -53.50 62.35 -23.72
CA HIS F 369 -53.32 63.79 -23.83
C HIS F 369 -54.39 64.48 -22.99
N VAL F 370 -54.62 65.76 -23.25
CA VAL F 370 -55.49 66.57 -22.38
C VAL F 370 -56.93 66.06 -22.42
N TRP F 371 -57.38 65.57 -23.58
CA TRP F 371 -58.77 65.14 -23.70
C TRP F 371 -59.05 63.91 -22.85
N HIS F 372 -58.03 63.10 -22.55
CA HIS F 372 -58.23 61.88 -21.79
C HIS F 372 -58.21 62.11 -20.28
N VAL F 373 -57.91 63.33 -19.83
CA VAL F 373 -57.81 63.58 -18.38
C VAL F 373 -59.13 63.34 -17.66
N PRO F 374 -60.28 63.86 -18.12
CA PRO F 374 -61.53 63.60 -17.37
C PRO F 374 -61.84 62.12 -17.19
N ASP F 375 -61.52 61.30 -18.18
CA ASP F 375 -61.74 59.86 -18.03
C ASP F 375 -60.67 59.23 -17.14
N LEU F 376 -59.45 59.75 -17.20
CA LEU F 376 -58.37 59.20 -16.39
C LEU F 376 -58.60 59.44 -14.90
N VAL F 377 -59.08 60.62 -14.53
CA VAL F 377 -59.30 60.93 -13.13
C VAL F 377 -60.41 60.05 -12.55
N SER F 378 -61.44 59.78 -13.35
CA SER F 378 -62.55 58.94 -12.87
C SER F 378 -62.08 57.52 -12.60
N ILE F 379 -61.37 56.92 -13.57
CA ILE F 379 -60.98 55.52 -13.45
C ILE F 379 -59.94 55.34 -12.34
N PHE F 380 -59.05 56.31 -12.16
CA PHE F 380 -57.93 56.14 -11.23
C PHE F 380 -58.06 56.92 -9.94
N GLY F 381 -58.69 58.09 -9.97
CA GLY F 381 -58.77 58.90 -8.76
C GLY F 381 -57.48 59.64 -8.51
N ASP F 382 -57.31 60.07 -7.25
CA ASP F 382 -56.16 60.88 -6.87
C ASP F 382 -54.90 60.05 -6.62
N ASP F 383 -55.03 58.74 -6.48
CA ASP F 383 -53.89 57.88 -6.16
C ASP F 383 -53.40 57.23 -7.45
N ALA F 384 -52.70 58.02 -8.26
CA ALA F 384 -52.17 57.51 -9.53
C ALA F 384 -51.14 58.49 -10.07
N PHE F 385 -50.29 57.98 -10.95
CA PHE F 385 -49.40 58.79 -11.78
C PHE F 385 -49.95 58.86 -13.20
N PHE F 386 -49.95 60.05 -13.77
CA PHE F 386 -50.28 60.25 -15.17
C PHE F 386 -49.01 60.62 -15.93
N LEU F 387 -48.73 59.88 -16.99
CA LEU F 387 -47.51 60.05 -17.77
C LEU F 387 -47.89 60.54 -19.17
N PHE F 388 -47.31 61.67 -19.57
CA PHE F 388 -47.57 62.27 -20.87
C PHE F 388 -46.26 62.40 -21.62
N GLY F 389 -45.86 61.32 -22.31
CA GLY F 389 -44.66 61.36 -23.11
C GLY F 389 -44.82 62.22 -24.34
N GLY F 390 -45.67 61.79 -25.26
CA GLY F 390 -45.93 62.57 -26.45
C GLY F 390 -46.89 63.71 -26.22
N GLY F 391 -47.75 63.61 -25.20
CA GLY F 391 -48.71 64.65 -24.94
C GLY F 391 -48.12 65.94 -24.42
N THR F 392 -46.92 65.88 -23.86
CA THR F 392 -46.24 67.07 -23.36
C THR F 392 -45.34 67.68 -24.44
N HIS F 393 -44.40 66.89 -24.95
CA HIS F 393 -43.47 67.39 -25.97
C HIS F 393 -44.15 67.64 -27.30
N GLY F 394 -45.33 67.07 -27.53
CA GLY F 394 -46.06 67.30 -28.76
C GLY F 394 -46.84 68.58 -28.82
N HIS F 395 -46.82 69.38 -27.77
CA HIS F 395 -47.53 70.64 -27.77
C HIS F 395 -46.94 71.56 -28.83
N PRO F 396 -47.77 72.37 -29.51
CA PRO F 396 -47.24 73.24 -30.56
C PRO F 396 -46.19 74.23 -30.08
N ARG F 397 -46.28 74.71 -28.84
CA ARG F 397 -45.34 75.71 -28.35
C ARG F 397 -44.09 75.11 -27.73
N GLY F 398 -44.16 73.91 -27.18
CA GLY F 398 -42.99 73.26 -26.63
C GLY F 398 -43.35 72.37 -25.47
N SER F 399 -42.30 71.86 -24.81
CA SER F 399 -42.50 70.94 -23.69
C SER F 399 -42.96 71.68 -22.44
N ARG F 400 -42.40 72.86 -22.18
CA ARG F 400 -42.84 73.63 -21.01
C ARG F 400 -44.29 74.04 -21.14
N ALA F 401 -44.70 74.47 -22.33
CA ALA F 401 -46.11 74.79 -22.56
C ALA F 401 -46.98 73.54 -22.44
N GLY F 402 -46.49 72.41 -22.94
CA GLY F 402 -47.25 71.17 -22.81
C GLY F 402 -47.39 70.72 -21.37
N ALA F 403 -46.36 70.96 -20.56
CA ALA F 403 -46.45 70.62 -19.14
C ALA F 403 -47.53 71.43 -18.44
N THR F 404 -47.62 72.73 -18.75
CA THR F 404 -48.64 73.57 -18.14
C THR F 404 -50.04 73.17 -18.59
N ALA F 405 -50.20 72.83 -19.87
CA ALA F 405 -51.50 72.41 -20.38
C ALA F 405 -51.97 71.14 -19.68
N ASN F 406 -51.07 70.19 -19.49
CA ASN F 406 -51.42 68.96 -18.78
C ASN F 406 -51.66 69.24 -17.30
N ARG F 407 -50.82 70.09 -16.69
CA ARG F 407 -50.96 70.38 -15.27
C ARG F 407 -52.29 71.05 -14.97
N VAL F 408 -52.71 71.98 -15.83
CA VAL F 408 -53.99 72.65 -15.63
C VAL F 408 -55.13 71.67 -15.84
N ALA F 409 -55.04 70.82 -16.87
CA ALA F 409 -56.12 69.89 -17.17
C ALA F 409 -56.34 68.91 -16.03
N VAL F 410 -55.25 68.40 -15.45
CA VAL F 410 -55.39 67.44 -14.35
C VAL F 410 -55.97 68.11 -13.12
N GLU F 411 -55.50 69.32 -12.81
CA GLU F 411 -55.99 70.02 -11.63
C GLU F 411 -57.40 70.55 -11.84
N ALA F 412 -57.72 70.99 -13.06
CA ALA F 412 -59.07 71.51 -13.32
C ALA F 412 -60.12 70.43 -13.14
N VAL F 413 -59.85 69.22 -13.64
CA VAL F 413 -60.81 68.12 -13.50
C VAL F 413 -60.97 67.74 -12.05
N VAL F 414 -59.86 67.62 -11.31
CA VAL F 414 -59.93 67.30 -9.89
C VAL F 414 -60.68 68.39 -9.13
N GLN F 415 -60.32 69.64 -9.38
CA GLN F 415 -61.00 70.76 -8.73
C GLN F 415 -62.45 70.88 -9.17
N ALA F 416 -62.81 70.28 -10.31
CA ALA F 416 -64.20 70.28 -10.78
C ALA F 416 -64.97 69.06 -10.32
N ARG F 417 -64.29 67.98 -9.95
CA ARG F 417 -64.99 66.83 -9.38
C ARG F 417 -65.29 67.04 -7.90
N ASN F 418 -64.39 67.72 -7.18
CA ASN F 418 -64.47 67.75 -5.73
C ASN F 418 -65.70 68.46 -5.21
N GLU F 419 -66.27 69.38 -6.00
CA GLU F 419 -67.48 70.08 -5.60
C GLU F 419 -68.76 69.41 -6.09
N GLY F 420 -68.64 68.26 -6.75
CA GLY F 420 -69.79 67.44 -7.09
C GLY F 420 -70.09 67.28 -8.56
N ARG F 421 -69.49 68.07 -9.43
CA ARG F 421 -69.78 67.97 -10.86
C ARG F 421 -69.24 66.65 -11.41
N ASP F 422 -70.09 65.94 -12.16
CA ASP F 422 -69.70 64.63 -12.68
C ASP F 422 -68.76 64.80 -13.87
N ILE F 423 -67.54 64.31 -13.72
CA ILE F 423 -66.49 64.48 -14.72
C ILE F 423 -66.79 63.66 -15.97
N LEU F 424 -67.24 62.41 -15.83
CA LEU F 424 -67.53 61.59 -17.00
C LEU F 424 -68.62 62.19 -17.87
N ALA F 425 -69.43 63.10 -17.35
CA ALA F 425 -70.46 63.76 -18.14
C ALA F 425 -70.12 65.19 -18.54
N GLU F 426 -69.25 65.87 -17.79
CA GLU F 426 -68.96 67.28 -18.09
C GLU F 426 -67.47 67.55 -18.31
N GLY F 427 -66.70 66.53 -18.71
CA GLY F 427 -65.28 66.75 -18.95
C GLY F 427 -65.01 67.76 -20.05
N ARG F 428 -65.79 67.69 -21.14
CA ARG F 428 -65.59 68.62 -22.24
C ARG F 428 -65.82 70.06 -21.79
N GLU F 429 -66.89 70.30 -21.04
CA GLU F 429 -67.18 71.65 -20.56
C GLU F 429 -66.15 72.11 -19.55
N ILE F 430 -65.69 71.22 -18.67
CA ILE F 430 -64.67 71.58 -17.69
C ILE F 430 -63.38 71.99 -18.40
N LEU F 431 -62.97 71.19 -19.38
CA LEU F 431 -61.76 71.51 -20.14
C LEU F 431 -61.92 72.80 -20.93
N GLU F 432 -63.11 73.05 -21.46
CA GLU F 432 -63.36 74.31 -22.17
C GLU F 432 -63.24 75.51 -21.25
N GLU F 433 -63.86 75.43 -20.07
CA GLU F 433 -63.80 76.57 -19.15
C GLU F 433 -62.39 76.77 -18.60
N ALA F 434 -61.61 75.68 -18.52
CA ALA F 434 -60.21 75.83 -18.10
C ALA F 434 -59.36 76.43 -19.21
N ALA F 435 -59.58 75.99 -20.45
CA ALA F 435 -58.86 76.54 -21.59
C ALA F 435 -59.20 77.99 -21.85
N ARG F 436 -60.37 78.45 -21.38
CA ARG F 436 -60.68 79.86 -21.50
C ARG F 436 -59.63 80.72 -20.84
N TRP F 437 -59.16 80.33 -19.65
CA TRP F 437 -58.16 81.10 -18.92
C TRP F 437 -56.74 80.59 -19.12
N CYS F 438 -56.55 79.38 -19.62
CA CYS F 438 -55.21 78.84 -19.88
C CYS F 438 -54.97 78.74 -21.38
N PRO F 439 -54.19 79.66 -21.95
CA PRO F 439 -53.87 79.54 -23.40
C PRO F 439 -53.14 78.25 -23.74
N GLU F 440 -52.30 77.73 -22.85
CA GLU F 440 -51.59 76.48 -23.11
C GLU F 440 -52.55 75.32 -23.29
N LEU F 441 -53.58 75.24 -22.46
CA LEU F 441 -54.56 74.17 -22.57
C LEU F 441 -55.34 74.27 -23.88
N ARG F 442 -55.66 75.50 -24.30
CA ARG F 442 -56.45 75.68 -25.52
C ARG F 442 -55.74 75.12 -26.75
N GLU F 443 -54.43 75.39 -26.85
CA GLU F 443 -53.68 74.88 -28.00
C GLU F 443 -53.63 73.37 -28.01
N ALA F 444 -53.43 72.75 -26.84
CA ALA F 444 -53.42 71.29 -26.77
C ALA F 444 -54.78 70.71 -27.13
N MET F 445 -55.86 71.31 -26.65
CA MET F 445 -57.19 70.84 -27.01
C MET F 445 -57.46 70.99 -28.50
N GLU F 446 -57.03 72.10 -29.09
CA GLU F 446 -57.25 72.31 -30.52
C GLU F 446 -56.45 71.32 -31.35
N LEU F 447 -55.21 71.04 -30.95
CA LEU F 447 -54.32 70.22 -31.76
C LEU F 447 -54.85 68.79 -31.91
N TRP F 448 -55.33 68.20 -30.81
CA TRP F 448 -55.77 66.82 -30.82
C TRP F 448 -57.31 66.75 -30.78
N GLY F 449 -57.82 65.58 -31.10
CA GLY F 449 -59.26 65.36 -31.12
C GLY F 449 -59.78 64.90 -32.47
N TYR G 6 15.42 89.59 -13.78
CA TYR G 6 16.01 88.54 -14.59
C TYR G 6 15.93 88.90 -16.07
N GLU G 7 16.88 88.41 -16.85
CA GLU G 7 16.85 88.58 -18.30
C GLU G 7 15.86 87.59 -18.90
N ALA G 8 14.90 88.10 -19.66
CA ALA G 8 13.89 87.27 -20.30
C ALA G 8 14.18 87.16 -21.79
N GLY G 9 14.12 85.94 -22.30
CA GLY G 9 14.34 85.72 -23.72
C GLY G 9 14.85 84.32 -23.96
N VAL G 10 15.17 84.06 -25.22
CA VAL G 10 15.73 82.78 -25.65
C VAL G 10 17.24 82.86 -25.57
N ARG G 11 17.86 81.82 -25.01
CA ARG G 11 19.29 81.77 -24.83
C ARG G 11 19.80 80.41 -25.27
N PRO G 12 21.05 80.35 -25.74
CA PRO G 12 21.62 79.06 -26.16
C PRO G 12 21.66 78.07 -25.01
N TYR G 13 21.41 76.80 -25.33
CA TYR G 13 21.42 75.75 -24.31
C TYR G 13 22.83 75.54 -23.76
N ARG G 14 23.86 75.87 -24.53
CA ARG G 14 25.24 75.57 -24.13
C ARG G 14 25.63 76.32 -22.85
N GLU G 15 25.14 77.56 -22.71
CA GLU G 15 25.59 78.46 -21.64
C GLU G 15 25.43 77.86 -20.26
N THR G 16 24.35 77.12 -20.03
CA THR G 16 24.03 76.62 -18.69
C THR G 16 24.17 75.11 -18.54
N TYR G 17 23.77 74.33 -19.54
CA TYR G 17 23.67 72.89 -19.40
C TYR G 17 24.86 72.13 -19.98
N TYR G 18 25.88 72.84 -20.46
CA TYR G 18 27.11 72.21 -20.94
C TYR G 18 28.23 72.59 -19.98
N ASP G 19 28.68 71.62 -19.18
CA ASP G 19 29.72 71.83 -18.17
C ASP G 19 30.80 70.78 -18.36
N PRO G 20 31.74 71.01 -19.29
CA PRO G 20 32.81 70.03 -19.52
C PRO G 20 33.73 69.85 -18.32
N ASP G 21 33.78 70.82 -17.40
CA ASP G 21 34.62 70.71 -16.22
C ASP G 21 33.96 69.94 -15.08
N TYR G 22 32.69 69.57 -15.22
CA TYR G 22 31.98 68.92 -14.13
C TYR G 22 32.49 67.50 -13.92
N GLU G 23 32.57 67.09 -12.66
CA GLU G 23 33.01 65.75 -12.29
C GLU G 23 31.82 64.98 -11.75
N PRO G 24 31.41 63.88 -12.39
CA PRO G 24 30.19 63.19 -11.95
C PRO G 24 30.33 62.61 -10.54
N LYS G 25 29.22 62.62 -9.82
CA LYS G 25 29.17 62.09 -8.46
C LYS G 25 28.83 60.60 -8.49
N ASP G 26 29.09 59.93 -7.37
CA ASP G 26 28.72 58.54 -7.24
C ASP G 26 27.22 58.34 -7.13
N THR G 27 26.47 59.40 -6.85
CA THR G 27 25.02 59.34 -6.78
C THR G 27 24.34 59.95 -8.02
N ASP G 28 25.12 60.33 -9.03
CA ASP G 28 24.54 60.85 -10.25
C ASP G 28 24.01 59.71 -11.12
N LEU G 29 23.11 60.06 -12.03
CA LEU G 29 22.61 59.13 -13.03
C LEU G 29 23.22 59.54 -14.38
N LEU G 30 24.23 58.80 -14.81
CA LEU G 30 24.94 59.12 -16.04
C LEU G 30 24.29 58.42 -17.22
N CYS G 31 24.13 59.15 -18.32
CA CYS G 31 23.58 58.60 -19.56
C CYS G 31 24.54 58.90 -20.70
N ALA G 32 24.49 58.03 -21.72
CA ALA G 32 25.34 58.17 -22.91
C ALA G 32 24.41 58.29 -24.12
N PHE G 33 24.35 59.47 -24.71
CA PHE G 33 23.43 59.76 -25.80
C PHE G 33 24.21 59.84 -27.11
N ARG G 34 23.72 59.14 -28.13
CA ARG G 34 24.32 59.12 -29.45
C ARG G 34 23.58 60.16 -30.29
N ILE G 35 24.19 61.33 -30.44
CA ILE G 35 23.50 62.50 -31.00
C ILE G 35 23.92 62.71 -32.44
N THR G 36 22.95 63.01 -33.29
CA THR G 36 23.16 63.41 -34.68
C THR G 36 22.50 64.76 -34.87
N PRO G 37 23.24 65.86 -34.65
CA PRO G 37 22.62 67.18 -34.74
C PRO G 37 22.20 67.51 -36.16
N LYS G 38 21.21 68.40 -36.27
CA LYS G 38 20.78 68.85 -37.58
C LYS G 38 21.90 69.65 -38.25
N PRO G 39 21.97 69.64 -39.57
CA PRO G 39 22.99 70.43 -40.27
C PRO G 39 22.91 71.92 -39.90
N GLY G 40 23.94 72.42 -39.24
CA GLY G 40 24.04 73.83 -38.91
C GLY G 40 23.99 74.16 -37.43
N VAL G 41 24.00 73.18 -36.53
CA VAL G 41 24.01 73.40 -35.10
C VAL G 41 25.21 72.68 -34.52
N PRO G 42 25.98 73.30 -33.62
CA PRO G 42 27.12 72.60 -33.01
C PRO G 42 26.65 71.41 -32.19
N MET G 43 27.54 70.41 -32.10
CA MET G 43 27.21 69.18 -31.38
C MET G 43 26.92 69.46 -29.91
N GLU G 44 27.73 70.33 -29.28
CA GLU G 44 27.53 70.62 -27.87
C GLU G 44 26.21 71.34 -27.61
N GLU G 45 25.78 72.19 -28.54
CA GLU G 45 24.48 72.85 -28.40
C GLU G 45 23.35 71.81 -28.41
N ALA G 46 23.45 70.82 -29.30
CA ALA G 46 22.51 69.71 -29.27
C ALA G 46 22.68 68.88 -28.00
N ALA G 47 23.93 68.68 -27.57
CA ALA G 47 24.17 67.95 -26.33
C ALA G 47 23.63 68.71 -25.13
N ALA G 48 23.77 70.03 -25.12
CA ALA G 48 23.18 70.82 -24.04
C ALA G 48 21.66 70.81 -24.12
N ALA G 49 21.11 70.83 -25.33
CA ALA G 49 19.66 70.90 -25.48
C ALA G 49 18.99 69.64 -24.93
N VAL G 50 19.54 68.47 -25.22
CA VAL G 50 18.94 67.23 -24.73
C VAL G 50 19.04 67.15 -23.21
N ALA G 51 20.13 67.66 -22.64
CA ALA G 51 20.27 67.67 -21.19
C ALA G 51 19.22 68.56 -20.54
N ALA G 52 18.95 69.73 -21.13
CA ALA G 52 18.02 70.66 -20.53
C ALA G 52 16.58 70.19 -20.66
N GLU G 53 16.23 69.59 -21.80
CA GLU G 53 14.85 69.19 -22.06
C GLU G 53 14.45 67.92 -21.34
N SER G 54 15.40 67.20 -20.74
CA SER G 54 15.12 66.10 -19.84
C SER G 54 15.28 66.49 -18.39
N SER G 55 15.38 67.78 -18.11
CA SER G 55 15.68 68.31 -16.79
C SER G 55 14.98 69.65 -16.65
N THR G 56 15.44 70.46 -15.70
CA THR G 56 14.77 71.69 -15.30
C THR G 56 14.68 72.73 -16.41
N GLY G 57 15.19 72.43 -17.61
CA GLY G 57 15.27 73.40 -18.66
C GLY G 57 14.05 73.43 -19.58
N THR G 58 13.98 74.50 -20.37
CA THR G 58 12.95 74.68 -21.39
C THR G 58 13.59 75.49 -22.52
N TRP G 59 12.75 76.03 -23.42
CA TRP G 59 13.28 76.69 -24.60
C TRP G 59 13.53 78.17 -24.40
N THR G 60 13.00 78.78 -23.34
CA THR G 60 13.21 80.20 -23.06
C THR G 60 13.54 80.39 -21.58
N GLU G 61 14.21 81.49 -21.29
CA GLU G 61 14.53 81.81 -19.90
C GLU G 61 13.28 82.31 -19.19
N VAL G 62 12.89 81.62 -18.13
CA VAL G 62 11.63 81.89 -17.44
C VAL G 62 11.91 82.61 -16.12
N TRP G 63 10.91 83.35 -15.65
CA TRP G 63 11.03 84.05 -14.37
C TRP G 63 11.03 83.10 -13.19
N SER G 64 10.46 81.90 -13.35
CA SER G 64 10.32 80.96 -12.25
C SER G 64 11.59 80.19 -11.94
N ASN G 65 12.64 80.35 -12.74
CA ASN G 65 13.89 79.64 -12.47
C ASN G 65 14.56 80.18 -11.20
N LEU G 66 14.36 81.46 -10.88
CA LEU G 66 15.03 82.06 -9.74
C LEU G 66 14.45 81.60 -8.40
N LEU G 67 13.30 80.93 -8.42
CA LEU G 67 12.68 80.44 -7.19
C LEU G 67 13.42 79.27 -6.56
N THR G 68 14.37 78.67 -7.27
CA THR G 68 15.05 77.48 -6.76
C THR G 68 16.52 77.53 -7.14
N ASP G 69 17.33 76.79 -6.38
CA ASP G 69 18.74 76.62 -6.69
C ASP G 69 18.83 75.67 -7.88
N LEU G 70 18.89 76.24 -9.08
CA LEU G 70 18.85 75.43 -10.29
C LEU G 70 20.05 74.50 -10.37
N GLU G 71 21.23 74.98 -9.99
CA GLU G 71 22.45 74.19 -10.15
C GLU G 71 22.41 72.90 -9.33
N ARG G 72 21.54 72.81 -8.34
CA ARG G 72 21.40 71.59 -7.56
C ARG G 72 20.53 70.54 -8.25
N TYR G 73 19.83 70.91 -9.32
CA TYR G 73 18.88 69.99 -9.93
C TYR G 73 19.12 69.79 -11.43
N LYS G 74 19.75 70.76 -12.06
CA LYS G 74 19.92 70.71 -13.51
C LYS G 74 20.83 69.57 -13.93
N ALA G 75 20.49 68.93 -15.05
CA ALA G 75 21.38 67.97 -15.67
C ALA G 75 22.35 68.69 -16.60
N ARG G 76 23.58 68.20 -16.65
CA ARG G 76 24.63 68.89 -17.41
C ARG G 76 25.45 67.86 -18.18
N CYS G 77 25.91 68.27 -19.35
CA CYS G 77 26.77 67.43 -20.19
C CYS G 77 28.22 67.67 -19.79
N TYR G 78 28.92 66.60 -19.41
CA TYR G 78 30.27 66.71 -18.90
C TYR G 78 31.34 66.11 -19.82
N ARG G 79 30.95 65.39 -20.86
CA ARG G 79 31.93 64.81 -21.77
C ARG G 79 31.27 64.52 -23.11
N ILE G 80 31.94 64.92 -24.19
CA ILE G 80 31.51 64.63 -25.55
C ILE G 80 32.65 63.88 -26.24
N GLU G 81 32.31 62.76 -26.89
CA GLU G 81 33.28 61.93 -27.58
C GLU G 81 33.12 62.05 -29.10
N GLY G 82 32.86 63.26 -29.57
CA GLY G 82 32.67 63.49 -30.99
C GLY G 82 31.25 63.29 -31.44
N ASP G 83 30.72 62.09 -31.22
CA ASP G 83 29.36 61.75 -31.60
C ASP G 83 28.51 61.23 -30.44
N VAL G 84 29.12 60.80 -29.35
CA VAL G 84 28.41 60.34 -28.16
C VAL G 84 28.54 61.39 -27.08
N ALA G 85 27.41 61.73 -26.45
CA ALA G 85 27.36 62.74 -25.40
C ALA G 85 27.06 62.09 -24.07
N TYR G 86 27.76 62.54 -23.02
CA TYR G 86 27.56 62.04 -21.66
C TYR G 86 26.85 63.11 -20.85
N ILE G 87 25.73 62.74 -20.24
CA ILE G 87 24.93 63.65 -19.43
C ILE G 87 24.84 63.10 -18.02
N ALA G 88 24.98 63.99 -17.04
CA ALA G 88 24.95 63.61 -15.62
C ALA G 88 23.64 64.12 -15.01
N TYR G 89 22.81 63.19 -14.56
CA TYR G 89 21.53 63.54 -13.93
C TYR G 89 21.65 63.39 -12.43
N PRO G 90 21.35 64.43 -11.64
CA PRO G 90 21.45 64.30 -10.19
C PRO G 90 20.40 63.34 -9.65
N LEU G 91 20.62 62.93 -8.40
CA LEU G 91 19.76 61.92 -7.77
C LEU G 91 18.40 62.48 -7.34
N ASP G 92 18.30 63.78 -7.12
CA ASP G 92 17.07 64.36 -6.60
C ASP G 92 15.94 64.43 -7.61
N LEU G 93 16.22 64.16 -8.89
CA LEU G 93 15.22 64.33 -9.93
C LEU G 93 14.33 63.10 -10.12
N PHE G 94 14.64 61.97 -9.49
CA PHE G 94 14.02 60.70 -9.82
C PHE G 94 13.34 60.11 -8.59
N GLU G 95 12.07 59.73 -8.76
CA GLU G 95 11.35 59.02 -7.71
C GLU G 95 11.95 57.64 -7.48
N GLU G 96 11.96 57.23 -6.21
CA GLU G 96 12.60 55.99 -5.82
C GLU G 96 11.72 54.80 -6.17
N GLY G 97 12.34 53.76 -6.73
CA GLY G 97 11.64 52.52 -7.00
C GLY G 97 10.78 52.49 -8.25
N SER G 98 10.80 53.55 -9.05
CA SER G 98 9.95 53.64 -10.23
C SER G 98 10.80 53.72 -11.48
N ILE G 99 10.68 52.73 -12.36
CA ILE G 99 11.29 52.82 -13.68
C ILE G 99 10.60 53.86 -14.54
N VAL G 100 9.28 54.00 -14.37
CA VAL G 100 8.48 54.88 -15.23
C VAL G 100 8.98 56.32 -15.17
N ASN G 101 9.51 56.75 -14.02
CA ASN G 101 9.95 58.14 -13.90
C ASN G 101 11.27 58.34 -14.63
N ILE G 102 12.10 57.30 -14.70
CA ILE G 102 13.33 57.39 -15.48
C ILE G 102 13.01 57.65 -16.95
N MET G 103 12.09 56.86 -17.50
CA MET G 103 11.75 57.00 -18.92
C MET G 103 10.97 58.29 -19.19
N SER G 104 10.25 58.81 -18.19
CA SER G 104 9.57 60.08 -18.37
C SER G 104 10.56 61.23 -18.50
N SER G 105 11.74 61.08 -17.89
CA SER G 105 12.78 62.10 -17.97
C SER G 105 13.79 61.82 -19.09
N ILE G 106 14.46 60.67 -19.01
CA ILE G 106 15.61 60.41 -19.87
C ILE G 106 15.19 60.26 -21.32
N VAL G 107 14.16 59.46 -21.58
CA VAL G 107 13.78 59.11 -22.94
C VAL G 107 12.39 59.65 -23.27
N GLY G 108 12.07 60.82 -22.73
CA GLY G 108 10.75 61.39 -22.94
C GLY G 108 10.69 62.32 -24.12
N ASN G 109 10.65 63.64 -23.87
CA ASN G 109 10.48 64.60 -24.95
C ASN G 109 11.74 64.79 -25.79
N VAL G 110 12.91 64.38 -25.28
CA VAL G 110 14.18 64.74 -25.91
C VAL G 110 14.29 64.16 -27.32
N PHE G 111 13.73 62.98 -27.53
CA PHE G 111 13.88 62.27 -28.80
C PHE G 111 13.17 62.95 -29.97
N GLY G 112 12.55 64.11 -29.78
CA GLY G 112 11.72 64.68 -30.83
C GLY G 112 11.94 66.13 -31.18
N PHE G 113 12.97 66.77 -30.63
CA PHE G 113 13.24 68.16 -30.99
C PHE G 113 13.89 68.27 -32.36
N LYS G 114 13.66 69.42 -32.99
CA LYS G 114 14.13 69.62 -34.37
C LYS G 114 15.65 69.72 -34.43
N ALA G 115 16.28 70.30 -33.40
CA ALA G 115 17.72 70.49 -33.41
C ALA G 115 18.45 69.16 -33.47
N VAL G 116 18.00 68.17 -32.70
CA VAL G 116 18.60 66.84 -32.68
C VAL G 116 17.81 65.97 -33.63
N GLN G 117 18.37 65.71 -34.82
CA GLN G 117 17.65 64.94 -35.83
C GLN G 117 17.57 63.46 -35.45
N ALA G 118 18.67 62.89 -34.98
CA ALA G 118 18.70 61.48 -34.59
C ALA G 118 19.39 61.37 -33.24
N LEU G 119 18.79 60.60 -32.33
CA LEU G 119 19.28 60.47 -30.97
C LEU G 119 19.04 59.06 -30.49
N ARG G 120 20.08 58.41 -29.96
CA ARG G 120 19.96 57.08 -29.40
C ARG G 120 20.56 57.05 -28.01
N LEU G 121 19.84 56.41 -27.08
CA LEU G 121 20.38 56.16 -25.75
C LEU G 121 21.19 54.87 -25.78
N GLU G 122 22.50 54.99 -25.57
CA GLU G 122 23.39 53.85 -25.68
C GLU G 122 23.52 53.09 -24.37
N ASP G 123 23.82 53.80 -23.28
CA ASP G 123 23.93 53.17 -21.98
C ASP G 123 23.71 54.22 -20.90
N MET G 124 23.41 53.75 -19.69
CA MET G 124 23.23 54.65 -18.56
C MET G 124 23.68 53.95 -17.29
N ARG G 125 24.25 54.71 -16.37
CA ARG G 125 24.77 54.18 -15.12
C ARG G 125 23.75 54.42 -14.01
N ILE G 126 23.31 53.35 -13.36
CA ILE G 126 22.42 53.44 -12.22
C ILE G 126 23.28 53.54 -10.96
N PRO G 127 23.23 54.64 -10.22
CA PRO G 127 24.01 54.72 -8.98
C PRO G 127 23.49 53.74 -7.95
N VAL G 128 24.39 53.32 -7.06
CA VAL G 128 24.02 52.36 -6.03
C VAL G 128 22.94 52.94 -5.13
N ALA G 129 23.01 54.25 -4.85
CA ALA G 129 22.02 54.88 -3.99
C ALA G 129 20.62 54.78 -4.58
N TYR G 130 20.49 55.07 -5.88
CA TYR G 130 19.18 54.97 -6.51
C TYR G 130 18.81 53.52 -6.77
N LEU G 131 19.79 52.66 -7.03
CA LEU G 131 19.53 51.27 -7.34
C LEU G 131 18.98 50.51 -6.15
N LYS G 132 19.36 50.91 -4.94
CA LYS G 132 18.95 50.17 -3.75
C LYS G 132 17.45 50.23 -3.52
N THR G 133 16.77 51.24 -4.05
CA THR G 133 15.33 51.39 -3.87
C THR G 133 14.52 50.50 -4.80
N PHE G 134 15.15 49.53 -5.46
CA PHE G 134 14.45 48.64 -6.37
C PHE G 134 14.46 47.21 -5.83
N PRO G 135 13.38 46.45 -6.05
CA PRO G 135 13.30 45.10 -5.47
C PRO G 135 14.25 44.10 -6.10
N GLY G 136 14.33 44.10 -7.42
CA GLY G 136 15.10 43.11 -8.13
C GLY G 136 14.27 41.87 -8.43
N PRO G 137 14.88 40.89 -9.10
CA PRO G 137 14.16 39.67 -9.47
C PRO G 137 13.60 38.97 -8.23
N PRO G 138 12.39 38.41 -8.32
CA PRO G 138 11.84 37.68 -7.16
C PRO G 138 12.68 36.49 -6.74
N THR G 139 13.22 35.72 -7.67
CA THR G 139 13.92 34.49 -7.32
C THR G 139 15.34 34.44 -7.87
N GLY G 140 15.61 34.99 -9.05
CA GLY G 140 16.95 35.02 -9.58
C GLY G 140 17.39 33.68 -10.16
N ILE G 141 18.71 33.58 -10.34
CA ILE G 141 19.29 32.39 -10.97
C ILE G 141 19.38 31.24 -9.98
N GLN G 142 20.04 31.47 -8.84
CA GLN G 142 20.40 30.37 -7.95
C GLN G 142 19.16 29.68 -7.39
N VAL G 143 18.19 30.47 -6.93
CA VAL G 143 17.02 29.89 -6.28
C VAL G 143 16.19 29.08 -7.28
N GLU G 144 16.11 29.55 -8.52
CA GLU G 144 15.31 28.87 -9.53
C GLU G 144 15.85 27.48 -9.83
N ARG G 145 17.18 27.37 -9.98
CA ARG G 145 17.78 26.07 -10.29
C ARG G 145 17.44 25.05 -9.21
N ASP G 146 17.41 25.47 -7.95
CA ASP G 146 16.96 24.58 -6.89
C ASP G 146 15.47 24.29 -7.02
N ARG G 147 14.70 25.27 -7.49
CA ARG G 147 13.26 25.06 -7.64
C ARG G 147 12.97 24.03 -8.72
N LEU G 148 13.83 23.94 -9.73
CA LEU G 148 13.67 22.94 -10.79
C LEU G 148 14.58 21.73 -10.62
N ASN G 149 15.63 21.84 -9.78
CA ASN G 149 16.57 20.76 -9.53
C ASN G 149 17.34 20.39 -10.81
N LYS G 150 17.84 21.42 -11.50
CA LYS G 150 18.64 21.25 -12.70
C LYS G 150 19.87 22.13 -12.60
N TYR G 151 21.05 21.52 -12.60
CA TYR G 151 22.31 22.24 -12.49
C TYR G 151 23.26 21.80 -13.59
N GLY G 152 24.21 22.68 -13.90
CA GLY G 152 25.33 22.33 -14.75
C GLY G 152 25.04 22.20 -16.22
N ARG G 153 23.96 22.78 -16.71
CA ARG G 153 23.64 22.77 -18.13
C ARG G 153 22.63 23.87 -18.42
N PRO G 154 22.58 24.37 -19.65
CA PRO G 154 21.51 25.28 -20.03
C PRO G 154 20.15 24.59 -19.93
N LEU G 155 19.14 25.37 -19.58
CA LEU G 155 17.79 24.85 -19.45
C LEU G 155 17.07 24.99 -20.78
N LEU G 156 16.38 23.92 -21.18
CA LEU G 156 15.81 23.82 -22.52
C LEU G 156 14.31 24.05 -22.48
N GLY G 157 13.83 24.96 -23.33
CA GLY G 157 12.43 25.23 -23.46
C GLY G 157 12.03 25.32 -24.91
N GLY G 158 10.77 25.68 -25.15
CA GLY G 158 10.28 25.83 -26.49
C GLY G 158 8.90 26.44 -26.62
N THR G 159 8.77 27.44 -27.48
CA THR G 159 7.47 28.02 -27.78
C THR G 159 6.59 26.99 -28.47
N ILE G 160 5.28 27.13 -28.27
CA ILE G 160 4.30 26.22 -28.84
C ILE G 160 3.79 26.80 -30.15
N LYS G 161 4.03 26.09 -31.25
CA LYS G 161 3.67 26.55 -32.58
C LYS G 161 2.54 25.69 -33.16
N PRO G 162 1.67 26.26 -34.01
CA PRO G 162 1.70 27.63 -34.54
C PRO G 162 1.36 28.69 -33.49
N LYS G 163 1.69 29.95 -33.79
CA LYS G 163 1.54 31.02 -32.80
C LYS G 163 0.09 31.12 -32.32
N LEU G 164 -0.85 31.12 -33.26
CA LEU G 164 -2.27 31.21 -32.94
C LEU G 164 -3.03 30.16 -33.74
N GLY G 165 -4.19 29.78 -33.23
CA GLY G 165 -5.05 28.86 -33.95
C GLY G 165 -5.36 27.59 -33.19
N LEU G 166 -4.36 27.07 -32.47
CA LEU G 166 -4.53 25.81 -31.75
C LEU G 166 -5.61 25.95 -30.69
N SER G 167 -6.51 24.97 -30.64
CA SER G 167 -7.54 24.94 -29.61
C SER G 167 -6.94 24.47 -28.29
N ALA G 168 -7.71 24.64 -27.21
CA ALA G 168 -7.20 24.38 -25.87
C ALA G 168 -6.76 22.93 -25.71
N LYS G 169 -7.55 21.99 -26.23
CA LYS G 169 -7.19 20.58 -26.10
C LYS G 169 -5.96 20.25 -26.93
N GLU G 170 -5.92 20.71 -28.18
CA GLU G 170 -4.79 20.40 -29.03
C GLU G 170 -3.54 21.14 -28.58
N TYR G 171 -3.70 22.36 -28.05
CA TYR G 171 -2.55 23.10 -27.53
C TYR G 171 -1.90 22.33 -26.39
N ALA G 172 -2.70 21.69 -25.54
CA ALA G 172 -2.14 20.93 -24.44
C ALA G 172 -1.54 19.61 -24.91
N ARG G 173 -1.90 19.16 -26.12
CA ARG G 173 -1.30 17.94 -26.65
C ARG G 173 0.11 18.20 -27.14
N VAL G 174 0.35 19.37 -27.75
CA VAL G 174 1.70 19.73 -28.17
C VAL G 174 2.58 19.97 -26.96
N VAL G 175 2.01 20.57 -25.91
CA VAL G 175 2.77 20.80 -24.67
C VAL G 175 3.19 19.48 -24.05
N TYR G 176 2.30 18.48 -24.06
CA TYR G 176 2.63 17.19 -23.48
C TYR G 176 3.75 16.51 -24.25
N GLU G 177 3.71 16.58 -25.58
CA GLU G 177 4.74 15.92 -26.39
C GLU G 177 6.12 16.54 -26.14
N CYS G 178 6.19 17.87 -26.14
CA CYS G 178 7.47 18.55 -25.95
C CYS G 178 8.05 18.26 -24.57
N LEU G 179 7.21 18.34 -23.54
CA LEU G 179 7.71 18.10 -22.18
C LEU G 179 8.08 16.64 -21.97
N ARG G 180 7.25 15.72 -22.47
CA ARG G 180 7.56 14.30 -22.38
C ARG G 180 8.78 13.92 -23.21
N GLY G 181 9.10 14.73 -24.22
CA GLY G 181 10.20 14.43 -25.11
C GLY G 181 11.57 14.76 -24.57
N GLY G 182 11.65 15.69 -23.63
CA GLY G 182 12.94 16.03 -23.05
C GLY G 182 13.15 17.49 -22.72
N LEU G 183 12.24 18.36 -23.13
CA LEU G 183 12.38 19.77 -22.77
C LEU G 183 12.14 19.96 -21.28
N ASP G 184 12.72 21.03 -20.74
CA ASP G 184 12.53 21.35 -19.33
C ASP G 184 11.31 22.22 -19.09
N THR G 185 10.99 23.12 -20.02
CA THR G 185 9.79 23.93 -19.94
C THR G 185 9.23 24.10 -21.35
N THR G 186 8.00 24.59 -21.41
CA THR G 186 7.45 25.11 -22.66
C THR G 186 7.02 26.53 -22.35
N KCX G 187 6.28 27.15 -23.26
CA KCX G 187 5.78 28.49 -22.98
CB KCX G 187 6.89 29.54 -23.07
CG KCX G 187 7.49 29.52 -24.45
CD KCX G 187 8.53 30.59 -24.59
CE KCX G 187 7.94 31.92 -24.24
NZ KCX G 187 7.18 32.43 -25.34
C KCX G 187 4.67 28.91 -23.91
O KCX G 187 4.67 28.37 -25.08
CX KCX G 187 7.78 33.01 -26.47
OQ1 KCX G 187 6.90 33.40 -27.32
OQ2 KCX G 187 8.98 33.11 -26.57
N ASP G 188 3.77 29.78 -23.48
CA ASP G 188 2.79 30.37 -24.37
C ASP G 188 3.50 31.31 -25.30
N ASP G 189 2.87 31.61 -26.43
CA ASP G 189 3.48 32.55 -27.35
C ASP G 189 3.07 33.98 -26.99
N GLU G 190 3.88 34.94 -27.42
CA GLU G 190 3.75 36.30 -26.90
C GLU G 190 2.40 36.92 -27.22
N ASN G 191 1.79 36.55 -28.34
CA ASN G 191 0.54 37.16 -28.78
C ASN G 191 -0.68 36.31 -28.46
N LEU G 192 -0.52 35.22 -27.71
CA LEU G 192 -1.63 34.33 -27.37
C LEU G 192 -2.03 34.62 -25.93
N ASN G 193 -2.79 35.70 -25.75
CA ASN G 193 -3.30 36.02 -24.41
C ASN G 193 -4.60 35.28 -24.12
N SER G 194 -5.68 35.63 -24.81
CA SER G 194 -6.95 34.91 -24.69
C SER G 194 -7.79 35.25 -25.92
N GLN G 195 -7.84 34.34 -26.88
CA GLN G 195 -8.55 34.57 -28.13
C GLN G 195 -9.73 33.61 -28.25
N PRO G 196 -10.71 33.92 -29.09
CA PRO G 196 -11.92 33.08 -29.16
C PRO G 196 -11.64 31.61 -29.42
N PHE G 197 -10.58 31.28 -30.15
CA PHE G 197 -10.26 29.88 -30.41
C PHE G 197 -9.56 29.21 -29.23
N ASN G 198 -8.99 29.99 -28.31
CA ASN G 198 -8.23 29.43 -27.20
C ASN G 198 -8.30 30.41 -26.04
N ARG G 199 -9.18 30.13 -25.07
CA ARG G 199 -9.37 31.01 -23.93
C ARG G 199 -8.42 30.65 -22.80
N TRP G 200 -8.14 31.62 -21.93
CA TRP G 200 -7.14 31.41 -20.89
C TRP G 200 -7.64 30.49 -19.79
N ARG G 201 -8.93 30.56 -19.46
CA ARG G 201 -9.49 29.59 -18.52
C ARG G 201 -9.29 28.16 -18.99
N ASP G 202 -9.40 27.91 -20.29
CA ASP G 202 -9.21 26.56 -20.81
C ASP G 202 -7.74 26.25 -21.03
N ARG G 203 -6.98 27.19 -21.58
CA ARG G 203 -5.56 26.95 -21.84
C ARG G 203 -4.80 26.70 -20.55
N PHE G 204 -5.07 27.50 -19.51
CA PHE G 204 -4.38 27.32 -18.24
C PHE G 204 -4.70 25.97 -17.64
N LEU G 205 -5.96 25.55 -17.70
CA LEU G 205 -6.38 24.30 -17.07
C LEU G 205 -5.87 23.09 -17.84
N TYR G 206 -5.97 23.14 -19.18
CA TYR G 206 -5.52 22.00 -19.98
C TYR G 206 -4.01 21.84 -19.90
N VAL G 207 -3.27 22.95 -19.96
CA VAL G 207 -1.81 22.88 -19.93
C VAL G 207 -1.32 22.30 -18.60
N MET G 208 -1.88 22.77 -17.48
CA MET G 208 -1.43 22.30 -16.18
C MET G 208 -1.72 20.82 -16.00
N GLU G 209 -2.67 20.27 -16.75
CA GLU G 209 -2.86 18.83 -16.77
C GLU G 209 -1.78 18.14 -17.59
N ALA G 210 -1.33 18.80 -18.66
CA ALA G 210 -0.27 18.23 -19.49
C ALA G 210 1.08 18.32 -18.79
N VAL G 211 1.32 19.42 -18.07
CA VAL G 211 2.59 19.58 -17.36
C VAL G 211 2.73 18.52 -16.29
N ARG G 212 1.66 18.29 -15.51
CA ARG G 212 1.73 17.33 -14.42
C ARG G 212 1.89 15.91 -14.93
N LYS G 213 1.22 15.57 -16.04
CA LYS G 213 1.32 14.23 -16.61
C LYS G 213 2.74 13.96 -17.10
N ALA G 214 3.34 14.94 -17.79
CA ALA G 214 4.71 14.79 -18.22
C ALA G 214 5.67 14.79 -17.03
N GLU G 215 5.38 15.62 -16.03
CA GLU G 215 6.24 15.69 -14.84
C GLU G 215 6.23 14.36 -14.08
N ALA G 216 5.07 13.69 -14.05
CA ALA G 216 4.98 12.43 -13.34
C ALA G 216 5.66 11.30 -14.09
N GLU G 217 5.50 11.26 -15.42
CA GLU G 217 6.03 10.14 -16.19
C GLU G 217 7.51 10.29 -16.53
N THR G 218 8.04 11.51 -16.54
CA THR G 218 9.46 11.70 -16.83
C THR G 218 10.33 11.71 -15.58
N GLY G 219 9.75 11.90 -14.40
CA GLY G 219 10.48 11.85 -13.16
C GLY G 219 11.09 13.16 -12.71
N GLU G 220 11.19 14.14 -13.60
CA GLU G 220 11.78 15.43 -13.28
C GLU G 220 10.71 16.52 -13.30
N ARG G 221 11.11 17.72 -12.91
CA ARG G 221 10.20 18.85 -12.80
C ARG G 221 10.09 19.57 -14.14
N LYS G 222 8.89 19.62 -14.68
CA LYS G 222 8.59 20.34 -15.91
C LYS G 222 7.93 21.67 -15.58
N GLY G 223 7.49 22.38 -16.61
CA GLY G 223 6.84 23.65 -16.40
C GLY G 223 6.30 24.20 -17.70
N HIS G 224 5.66 25.36 -17.59
CA HIS G 224 5.11 26.05 -18.75
C HIS G 224 4.88 27.50 -18.37
N TRP G 225 5.44 28.41 -19.17
CA TRP G 225 5.38 29.85 -18.88
C TRP G 225 4.06 30.40 -19.40
N LEU G 226 3.00 30.15 -18.62
CA LEU G 226 1.66 30.57 -19.02
C LEU G 226 1.60 32.08 -19.17
N ASN G 227 1.02 32.54 -20.27
CA ASN G 227 0.92 33.96 -20.56
C ASN G 227 -0.25 34.55 -19.78
N VAL G 228 0.04 35.47 -18.86
CA VAL G 228 -1.00 36.11 -18.07
C VAL G 228 -1.15 37.56 -18.51
N THR G 229 -0.71 37.85 -19.74
CA THR G 229 -0.83 39.19 -20.28
C THR G 229 -2.27 39.50 -20.64
N ALA G 230 -2.68 40.74 -20.42
CA ALA G 230 -4.05 41.17 -20.67
C ALA G 230 -4.05 42.68 -20.84
N GLY G 231 -5.21 43.21 -21.20
CA GLY G 231 -5.35 44.63 -21.45
C GLY G 231 -5.44 45.52 -20.24
N SER G 232 -5.51 44.96 -19.04
CA SER G 232 -5.54 45.75 -17.83
C SER G 232 -4.83 44.99 -16.72
N THR G 233 -4.26 45.73 -15.77
CA THR G 233 -3.50 45.10 -14.70
C THR G 233 -4.39 44.24 -13.82
N GLU G 234 -5.65 44.66 -13.61
CA GLU G 234 -6.57 43.85 -12.84
C GLU G 234 -6.78 42.49 -13.49
N GLU G 235 -6.98 42.48 -14.81
CA GLU G 235 -7.13 41.20 -15.52
C GLU G 235 -5.85 40.39 -15.46
N MET G 236 -4.70 41.04 -15.60
CA MET G 236 -3.43 40.31 -15.50
C MET G 236 -3.27 39.66 -14.14
N LEU G 237 -3.67 40.35 -13.07
CA LEU G 237 -3.55 39.79 -11.73
C LEU G 237 -4.58 38.71 -11.49
N LYS G 238 -5.76 38.81 -12.12
CA LYS G 238 -6.73 37.72 -12.07
C LYS G 238 -6.15 36.47 -12.73
N ARG G 239 -5.50 36.64 -13.88
CA ARG G 239 -4.88 35.51 -14.54
C ARG G 239 -3.65 35.02 -13.78
N ALA G 240 -2.93 35.93 -13.13
CA ALA G 240 -1.77 35.53 -12.34
C ALA G 240 -2.18 34.65 -11.16
N GLU G 241 -3.29 34.99 -10.51
CA GLU G 241 -3.74 34.20 -9.36
C GLU G 241 -4.30 32.85 -9.81
N PHE G 242 -5.05 32.82 -10.91
CA PHE G 242 -5.59 31.57 -11.42
C PHE G 242 -4.47 30.62 -11.81
N ALA G 243 -3.41 31.15 -12.43
CA ALA G 243 -2.24 30.32 -12.74
C ALA G 243 -1.56 29.84 -11.48
N ALA G 244 -1.62 30.62 -10.40
CA ALA G 244 -0.92 30.25 -9.18
C ALA G 244 -1.63 29.12 -8.44
N GLU G 245 -2.95 29.19 -8.32
CA GLU G 245 -3.68 28.17 -7.58
C GLU G 245 -3.89 26.89 -8.39
N LEU G 246 -3.60 26.91 -9.68
CA LEU G 246 -3.61 25.70 -10.48
C LEU G 246 -2.33 24.89 -10.32
N GLY G 247 -1.32 25.43 -9.64
CA GLY G 247 -0.10 24.72 -9.39
C GLY G 247 1.06 25.08 -10.30
N SER G 248 0.92 26.09 -11.15
CA SER G 248 1.96 26.41 -12.10
C SER G 248 3.16 27.04 -11.40
N ARG G 249 4.35 26.66 -11.87
CA ARG G 249 5.58 27.28 -11.38
C ARG G 249 5.82 28.65 -11.97
N TYR G 250 5.30 28.90 -13.18
CA TYR G 250 5.69 30.04 -13.98
C TYR G 250 4.48 30.83 -14.45
N ILE G 251 4.70 32.13 -14.63
CA ILE G 251 3.79 33.00 -15.38
C ILE G 251 4.65 33.84 -16.33
N MET G 252 4.02 34.33 -17.38
CA MET G 252 4.70 35.05 -18.44
C MET G 252 4.01 36.38 -18.71
N VAL G 253 4.81 37.44 -18.84
CA VAL G 253 4.28 38.79 -19.03
C VAL G 253 5.10 39.46 -20.13
N ASP G 254 4.39 40.05 -21.10
CA ASP G 254 5.04 40.90 -22.09
C ASP G 254 5.33 42.26 -21.46
N PHE G 255 6.54 42.43 -20.92
CA PHE G 255 6.83 43.56 -20.04
C PHE G 255 6.93 44.88 -20.78
N LEU G 256 6.92 44.89 -22.11
CA LEU G 256 6.99 46.14 -22.86
C LEU G 256 5.65 46.56 -23.45
N THR G 257 4.85 45.61 -23.95
CA THR G 257 3.52 45.98 -24.41
C THR G 257 2.57 46.18 -23.24
N ALA G 258 2.72 45.37 -22.18
CA ALA G 258 1.90 45.58 -20.98
C ALA G 258 2.20 46.92 -20.33
N GLY G 259 3.46 47.31 -20.32
CA GLY G 259 3.87 48.55 -19.69
C GLY G 259 4.62 48.29 -18.40
N PHE G 260 5.53 49.21 -18.08
CA PHE G 260 6.41 49.01 -16.91
C PHE G 260 5.63 49.08 -15.60
N ALA G 261 4.58 49.90 -15.53
CA ALA G 261 3.80 49.98 -14.31
C ALA G 261 3.03 48.70 -14.05
N ALA G 262 2.33 48.19 -15.08
CA ALA G 262 1.65 46.91 -14.95
C ALA G 262 2.65 45.79 -14.68
N PHE G 263 3.85 45.87 -15.26
CA PHE G 263 4.88 44.88 -14.98
C PHE G 263 5.31 44.93 -13.52
N ALA G 264 5.49 46.13 -12.96
CA ALA G 264 5.86 46.25 -11.56
C ALA G 264 4.75 45.72 -10.66
N SER G 265 3.50 45.91 -11.07
CA SER G 265 2.39 45.39 -10.28
C SER G 265 2.33 43.87 -10.32
N VAL G 266 2.49 43.29 -11.51
CA VAL G 266 2.44 41.83 -11.64
C VAL G 266 3.63 41.19 -10.94
N ARG G 267 4.80 41.82 -11.01
CA ARG G 267 5.99 41.26 -10.36
C ARG G 267 5.78 41.19 -8.85
N ARG G 268 5.21 42.23 -8.25
CA ARG G 268 4.96 42.23 -6.81
C ARG G 268 3.98 41.13 -6.43
N ARG G 269 2.92 40.95 -7.22
CA ARG G 269 1.96 39.90 -6.94
C ARG G 269 2.52 38.52 -7.21
N ALA G 270 3.40 38.39 -8.21
CA ALA G 270 4.01 37.10 -8.50
C ALA G 270 4.88 36.62 -7.36
N GLU G 271 5.64 37.51 -6.74
CA GLU G 271 6.46 37.13 -5.59
C GLU G 271 5.59 36.70 -4.42
N GLU G 272 4.48 37.41 -4.19
CA GLU G 272 3.57 37.02 -3.12
C GLU G 272 2.98 35.64 -3.37
N LEU G 273 2.64 35.35 -4.64
CA LEU G 273 2.07 34.05 -4.98
C LEU G 273 3.11 32.97 -5.14
N GLY G 274 4.39 33.34 -5.18
CA GLY G 274 5.45 32.35 -5.34
C GLY G 274 5.65 31.86 -6.76
N LEU G 275 5.36 32.70 -7.75
CA LEU G 275 5.45 32.32 -9.15
C LEU G 275 6.72 32.90 -9.76
N MET G 276 7.46 32.06 -10.48
CA MET G 276 8.58 32.55 -11.27
C MET G 276 8.03 33.30 -12.47
N LEU G 277 8.64 34.44 -12.77
CA LEU G 277 8.08 35.39 -13.75
C LEU G 277 9.01 35.49 -14.95
N HIS G 278 8.59 34.90 -16.06
CA HIS G 278 9.30 35.02 -17.33
C HIS G 278 8.87 36.28 -18.05
N CYS G 279 9.83 37.05 -18.53
CA CYS G 279 9.56 38.33 -19.18
C CYS G 279 9.86 38.20 -20.67
N HIS G 280 8.90 38.60 -21.50
CA HIS G 280 9.06 38.58 -22.95
C HIS G 280 9.21 40.01 -23.44
N ARG G 281 10.21 40.24 -24.29
CA ARG G 281 10.57 41.58 -24.73
C ARG G 281 9.90 41.98 -26.03
N ALA G 282 8.68 41.51 -26.29
CA ALA G 282 7.97 41.89 -27.50
C ALA G 282 7.87 43.42 -27.59
N MET G 283 8.00 43.93 -28.81
CA MET G 283 7.97 45.34 -29.19
C MET G 283 9.32 46.03 -28.92
N HIS G 284 10.31 45.31 -28.37
CA HIS G 284 11.62 45.93 -28.14
C HIS G 284 12.29 46.34 -29.43
N ALA G 285 11.97 45.66 -30.54
CA ALA G 285 12.65 45.92 -31.79
C ALA G 285 12.41 47.34 -32.26
N VAL G 286 11.18 47.84 -32.12
CA VAL G 286 10.86 49.22 -32.48
C VAL G 286 11.78 50.19 -31.75
N PHE G 287 12.23 49.81 -30.55
CA PHE G 287 13.18 50.63 -29.81
C PHE G 287 14.60 50.47 -30.37
N ASP G 288 15.09 49.23 -30.39
CA ASP G 288 16.53 49.00 -30.45
C ASP G 288 17.04 48.54 -31.81
N ARG G 289 16.20 48.44 -32.84
CA ARG G 289 16.68 47.87 -34.10
C ARG G 289 17.65 48.81 -34.81
N GLN G 290 17.29 50.07 -34.96
CA GLN G 290 18.13 50.97 -35.72
C GLN G 290 19.34 51.42 -34.91
N PRO G 291 20.46 51.69 -35.57
CA PRO G 291 21.68 52.10 -34.84
C PRO G 291 21.83 53.60 -34.66
N ASN G 292 20.81 54.41 -34.97
CA ASN G 292 20.92 55.86 -34.83
C ASN G 292 19.69 56.47 -34.17
N HIS G 293 18.79 55.67 -33.62
CA HIS G 293 17.61 56.21 -32.96
C HIS G 293 17.01 55.13 -32.07
N GLY G 294 16.42 55.57 -30.96
CA GLY G 294 15.76 54.66 -30.05
C GLY G 294 16.53 54.41 -28.77
N ILE G 295 16.28 53.26 -28.14
CA ILE G 295 16.94 52.88 -26.90
C ILE G 295 17.63 51.54 -27.10
N HIS G 296 18.90 51.48 -26.74
CA HIS G 296 19.62 50.21 -26.79
C HIS G 296 19.00 49.22 -25.81
N PHE G 297 19.09 47.94 -26.13
CA PHE G 297 18.49 46.94 -25.26
C PHE G 297 19.31 46.69 -24.00
N ARG G 298 20.54 47.20 -23.92
CA ARG G 298 21.28 47.08 -22.66
C ARG G 298 20.67 48.00 -21.61
N VAL G 299 20.06 49.11 -22.03
CA VAL G 299 19.33 49.95 -21.10
C VAL G 299 18.04 49.26 -20.66
N LEU G 300 17.35 48.62 -21.59
CA LEU G 300 16.15 47.87 -21.24
C LEU G 300 16.49 46.65 -20.40
N ALA G 301 17.71 46.12 -20.53
CA ALA G 301 18.13 45.02 -19.68
C ALA G 301 18.41 45.49 -18.25
N LYS G 302 19.00 46.68 -18.12
CA LYS G 302 19.18 47.26 -16.79
C LYS G 302 17.83 47.58 -16.15
N TRP G 303 16.91 48.15 -16.93
CA TRP G 303 15.60 48.50 -16.40
C TRP G 303 14.83 47.26 -15.97
N LEU G 304 14.94 46.17 -16.73
CA LEU G 304 14.21 44.96 -16.37
C LEU G 304 14.75 44.36 -15.07
N ARG G 305 16.07 44.25 -14.94
CA ARG G 305 16.62 43.62 -13.75
C ARG G 305 16.26 44.38 -12.48
N MET G 306 16.25 45.73 -12.56
CA MET G 306 15.90 46.52 -11.39
C MET G 306 14.46 46.26 -10.95
N VAL G 307 13.50 46.53 -11.85
CA VAL G 307 12.09 46.37 -11.50
C VAL G 307 11.73 44.91 -11.22
N GLY G 308 12.51 43.98 -11.73
CA GLY G 308 12.31 42.57 -11.46
C GLY G 308 12.13 41.76 -12.73
N GLY G 309 12.19 40.44 -12.54
CA GLY G 309 12.06 39.52 -13.66
C GLY G 309 13.09 38.42 -13.64
N ASP G 310 12.62 37.17 -13.69
CA ASP G 310 13.51 36.03 -13.62
C ASP G 310 14.15 35.67 -14.95
N HIS G 311 13.52 36.03 -16.06
CA HIS G 311 14.08 35.79 -17.38
C HIS G 311 13.84 37.01 -18.26
N VAL G 312 14.62 37.11 -19.33
CA VAL G 312 14.36 38.09 -20.37
C VAL G 312 14.99 37.53 -21.65
N HIS G 313 14.31 37.77 -22.77
CA HIS G 313 14.79 37.30 -24.06
C HIS G 313 16.00 38.14 -24.45
N THR G 314 17.20 37.61 -24.22
CA THR G 314 18.41 38.34 -24.57
C THR G 314 18.70 38.34 -26.07
N GLY G 315 18.06 37.45 -26.82
CA GLY G 315 18.28 37.38 -28.25
C GLY G 315 19.45 36.51 -28.62
N THR G 316 19.29 35.68 -29.65
CA THR G 316 20.34 34.80 -30.13
C THR G 316 21.04 35.46 -31.31
N VAL G 317 22.38 35.39 -31.31
CA VAL G 317 23.15 35.99 -32.40
C VAL G 317 22.86 35.28 -33.71
N VAL G 318 22.85 33.95 -33.69
CA VAL G 318 22.63 33.14 -34.90
C VAL G 318 21.17 32.72 -34.89
N GLY G 319 20.33 33.52 -35.54
CA GLY G 319 18.93 33.21 -35.63
C GLY G 319 18.26 34.09 -36.68
N LYS G 320 16.94 33.98 -36.75
CA LYS G 320 16.20 34.83 -37.68
C LYS G 320 16.01 36.25 -37.16
N LEU G 321 16.21 36.46 -35.86
CA LEU G 321 16.15 37.79 -35.27
C LEU G 321 17.55 38.39 -35.25
N GLU G 322 17.63 39.68 -35.56
CA GLU G 322 18.93 40.34 -35.56
C GLU G 322 19.48 40.45 -34.14
N GLY G 323 20.72 40.93 -34.05
CA GLY G 323 21.39 41.09 -32.78
C GLY G 323 22.87 40.80 -32.89
N ASP G 324 23.69 41.73 -32.40
CA ASP G 324 25.13 41.60 -32.49
C ASP G 324 25.62 40.51 -31.53
N ARG G 325 26.84 40.04 -31.77
CA ARG G 325 27.47 39.09 -30.86
C ARG G 325 28.24 39.82 -29.76
N ALA G 326 28.96 40.88 -30.11
CA ALA G 326 29.74 41.61 -29.11
C ALA G 326 28.84 42.19 -28.04
N GLU G 327 27.74 42.85 -28.44
CA GLU G 327 26.80 43.39 -27.47
C GLU G 327 26.07 42.30 -26.71
N THR G 328 25.90 41.12 -27.31
CA THR G 328 25.18 40.05 -26.63
C THR G 328 25.92 39.58 -25.38
N LEU G 329 27.24 39.44 -25.46
CA LEU G 329 28.00 39.11 -24.26
C LEU G 329 27.89 40.21 -23.22
N GLY G 330 27.86 41.47 -23.65
CA GLY G 330 27.71 42.56 -22.70
C GLY G 330 26.41 42.50 -21.95
N ILE G 331 25.31 42.21 -22.65
CA ILE G 331 24.01 42.12 -22.00
C ILE G 331 23.96 40.91 -21.07
N ALA G 332 24.50 39.77 -21.52
CA ALA G 332 24.48 38.57 -20.68
C ALA G 332 25.29 38.78 -19.41
N ASP G 333 26.35 39.59 -19.47
CA ASP G 333 27.05 39.96 -18.25
C ASP G 333 26.29 41.01 -17.46
N LEU G 334 25.54 41.88 -18.15
CA LEU G 334 24.75 42.90 -17.47
C LEU G 334 23.58 42.31 -16.70
N LEU G 335 23.28 41.04 -16.91
CA LEU G 335 22.16 40.38 -16.24
C LEU G 335 22.61 39.42 -15.16
N ARG G 336 23.69 38.67 -15.40
CA ARG G 336 24.08 37.57 -14.53
C ARG G 336 25.17 37.93 -13.54
N GLU G 337 25.92 39.01 -13.77
CA GLU G 337 27.09 39.31 -12.97
C GLU G 337 26.78 40.33 -11.89
N ASP G 338 27.47 40.22 -10.76
CA ASP G 338 27.29 41.14 -9.66
C ASP G 338 27.93 42.49 -9.95
N TYR G 339 29.10 42.49 -10.58
CA TYR G 339 29.77 43.72 -11.00
C TYR G 339 30.13 43.60 -12.47
N VAL G 340 29.81 44.64 -13.23
CA VAL G 340 30.04 44.64 -14.68
C VAL G 340 30.99 45.78 -15.04
N PRO G 341 32.28 45.51 -15.19
CA PRO G 341 33.22 46.57 -15.58
C PRO G 341 32.97 47.04 -17.00
N ALA G 342 33.33 48.29 -17.26
CA ALA G 342 33.13 48.87 -18.59
C ALA G 342 34.05 48.21 -19.61
N ASP G 343 33.57 48.16 -20.85
CA ASP G 343 34.32 47.57 -21.95
C ASP G 343 33.85 48.20 -23.26
N PRO G 344 34.54 49.22 -23.76
CA PRO G 344 34.07 49.90 -24.98
C PRO G 344 33.88 48.98 -26.17
N GLY G 345 34.70 47.93 -26.28
CA GLY G 345 34.51 46.99 -27.37
C GLY G 345 33.27 46.14 -27.24
N ARG G 346 32.74 45.99 -26.03
CA ARG G 346 31.53 45.23 -25.78
C ARG G 346 30.30 46.13 -25.67
N GLY G 347 30.43 47.42 -25.94
CA GLY G 347 29.31 48.34 -25.95
C GLY G 347 29.01 49.01 -24.64
N LEU G 348 29.58 48.52 -23.54
CA LEU G 348 29.30 49.07 -22.22
C LEU G 348 30.09 50.36 -22.02
N PHE G 349 29.38 51.45 -21.70
CA PHE G 349 30.01 52.75 -21.52
C PHE G 349 30.37 53.03 -20.07
N PHE G 350 29.67 52.44 -19.11
CA PHE G 350 29.81 52.80 -17.71
C PHE G 350 30.05 51.55 -16.86
N ASP G 351 30.74 51.76 -15.74
CA ASP G 351 30.88 50.72 -14.74
C ASP G 351 29.56 50.56 -13.99
N GLN G 352 29.10 49.33 -13.87
CA GLN G 352 27.82 49.04 -13.23
C GLN G 352 28.04 48.26 -11.94
N ASP G 353 27.51 48.77 -10.84
CA ASP G 353 27.49 48.09 -9.55
C ASP G 353 26.05 47.70 -9.26
N TRP G 354 25.80 46.41 -9.05
CA TRP G 354 24.44 45.92 -8.98
C TRP G 354 23.89 45.86 -7.56
N ALA G 355 24.70 46.18 -6.55
CA ALA G 355 24.23 46.39 -5.18
C ALA G 355 23.47 45.18 -4.63
N GLY G 356 23.89 43.97 -4.99
CA GLY G 356 23.31 42.78 -4.42
C GLY G 356 22.03 42.29 -5.07
N LEU G 357 21.53 42.98 -6.09
CA LEU G 357 20.37 42.48 -6.82
C LEU G 357 20.72 41.16 -7.50
N LYS G 358 19.82 40.20 -7.39
CA LYS G 358 20.13 38.85 -7.87
C LYS G 358 20.09 38.79 -9.40
N PRO G 359 20.80 37.84 -9.99
CA PRO G 359 20.96 37.78 -11.45
C PRO G 359 19.68 37.31 -12.14
N VAL G 360 19.73 37.32 -13.47
CA VAL G 360 18.59 36.97 -14.32
C VAL G 360 19.07 36.01 -15.41
N PHE G 361 18.31 34.95 -15.65
CA PHE G 361 18.56 34.12 -16.82
C PHE G 361 18.38 34.92 -18.10
N PRO G 362 19.37 34.95 -18.99
CA PRO G 362 19.14 35.46 -20.34
C PRO G 362 18.62 34.35 -21.24
N VAL G 363 17.50 34.59 -21.91
CA VAL G 363 16.83 33.56 -22.70
C VAL G 363 17.11 33.80 -24.17
N ALA G 364 17.60 32.77 -24.85
CA ALA G 364 17.92 32.83 -26.27
C ALA G 364 16.84 32.11 -27.06
N SER G 365 16.20 32.83 -27.98
CA SER G 365 15.14 32.27 -28.81
C SER G 365 15.19 32.93 -30.19
N GLY G 366 14.61 32.24 -31.15
CA GLY G 366 14.59 32.71 -32.52
C GLY G 366 14.50 31.54 -33.48
N GLY G 367 15.07 31.72 -34.66
CA GLY G 367 15.10 30.66 -35.64
C GLY G 367 16.32 29.77 -35.47
N ILE G 368 16.41 29.09 -34.33
CA ILE G 368 17.57 28.28 -33.99
C ILE G 368 17.20 26.81 -34.04
N HIS G 369 18.21 25.98 -34.22
CA HIS G 369 18.05 24.53 -34.24
C HIS G 369 19.33 23.91 -33.69
N VAL G 370 19.51 22.61 -33.95
CA VAL G 370 20.63 21.88 -33.36
C VAL G 370 21.96 22.42 -33.85
N TRP G 371 22.03 22.84 -35.11
CA TRP G 371 23.28 23.35 -35.66
C TRP G 371 23.73 24.64 -34.99
N HIS G 372 22.84 25.35 -34.33
CA HIS G 372 23.20 26.57 -33.61
C HIS G 372 23.60 26.32 -32.17
N VAL G 373 23.45 25.08 -31.68
CA VAL G 373 23.76 24.80 -30.28
C VAL G 373 25.24 25.03 -29.95
N PRO G 374 26.21 24.55 -30.75
CA PRO G 374 27.62 24.80 -30.39
C PRO G 374 27.95 26.27 -30.18
N ASP G 375 27.41 27.16 -31.02
CA ASP G 375 27.67 28.58 -30.82
C ASP G 375 26.86 29.16 -29.66
N LEU G 376 25.68 28.60 -29.40
CA LEU G 376 24.85 29.11 -28.31
C LEU G 376 25.47 28.79 -26.95
N VAL G 377 25.92 27.55 -26.75
CA VAL G 377 26.56 27.17 -25.50
C VAL G 377 27.86 27.93 -25.27
N SER G 378 28.44 28.51 -26.32
CA SER G 378 29.66 29.31 -26.19
C SER G 378 29.39 30.73 -25.73
N ILE G 379 28.34 31.36 -26.25
CA ILE G 379 28.05 32.75 -25.89
C ILE G 379 27.59 32.84 -24.43
N PHE G 380 26.68 31.95 -24.03
CA PHE G 380 26.01 32.07 -22.74
C PHE G 380 26.63 31.15 -21.68
N GLY G 381 26.66 29.84 -21.95
CA GLY G 381 27.19 28.91 -20.99
C GLY G 381 26.12 28.13 -20.24
N ASP G 382 26.37 27.85 -18.96
CA ASP G 382 25.50 26.98 -18.20
C ASP G 382 24.24 27.67 -17.69
N ASP G 383 24.19 28.99 -17.70
CA ASP G 383 23.07 29.74 -17.11
C ASP G 383 22.37 30.52 -18.22
N ALA G 384 21.43 29.87 -18.89
CA ALA G 384 20.62 30.48 -19.95
C ALA G 384 19.54 29.49 -20.36
N PHE G 385 18.50 30.02 -20.99
CA PHE G 385 17.46 29.21 -21.59
C PHE G 385 17.59 29.20 -23.10
N PHE G 386 17.54 28.01 -23.69
CA PHE G 386 17.56 27.85 -25.14
C PHE G 386 16.16 27.43 -25.56
N LEU G 387 15.47 28.32 -26.27
CA LEU G 387 14.09 28.07 -26.70
C LEU G 387 14.10 27.60 -28.15
N PHE G 388 13.53 26.42 -28.40
CA PHE G 388 13.44 25.85 -29.73
C PHE G 388 11.96 25.78 -30.11
N GLY G 389 11.44 26.88 -30.63
CA GLY G 389 10.07 26.92 -31.07
C GLY G 389 9.83 26.11 -32.32
N GLY G 390 10.42 26.54 -33.44
CA GLY G 390 10.32 25.78 -34.67
C GLY G 390 11.31 24.63 -34.77
N GLY G 391 12.33 24.61 -33.92
CA GLY G 391 13.28 23.53 -33.88
C GLY G 391 12.84 22.31 -33.12
N THR G 392 11.66 22.35 -32.51
CA THR G 392 11.08 21.21 -31.81
C THR G 392 9.94 20.57 -32.57
N HIS G 393 9.01 21.37 -33.09
CA HIS G 393 7.90 20.85 -33.88
C HIS G 393 8.24 20.69 -35.35
N GLY G 394 9.28 21.37 -35.82
CA GLY G 394 9.69 21.23 -37.21
C GLY G 394 10.39 19.92 -37.51
N HIS G 395 10.70 19.14 -36.48
CA HIS G 395 11.34 17.85 -36.68
C HIS G 395 10.42 16.96 -37.51
N PRO G 396 10.95 16.18 -38.45
CA PRO G 396 10.07 15.42 -39.36
C PRO G 396 9.16 14.42 -38.66
N ARG G 397 9.56 13.91 -37.49
CA ARG G 397 8.81 12.85 -36.83
C ARG G 397 8.03 13.33 -35.62
N GLY G 398 7.78 14.62 -35.48
CA GLY G 398 6.93 15.13 -34.43
C GLY G 398 7.72 15.96 -33.43
N SER G 399 6.99 16.46 -32.43
CA SER G 399 7.59 17.32 -31.42
C SER G 399 8.22 16.54 -30.27
N ARG G 400 7.72 15.33 -29.98
CA ARG G 400 8.40 14.50 -29.00
C ARG G 400 9.80 14.13 -29.46
N ALA G 401 9.94 13.78 -30.74
CA ALA G 401 11.26 13.51 -31.30
C ALA G 401 12.09 14.78 -31.42
N GLY G 402 11.45 15.91 -31.73
CA GLY G 402 12.19 17.15 -31.82
C GLY G 402 12.77 17.61 -30.50
N ALA G 403 12.02 17.40 -29.41
CA ALA G 403 12.52 17.76 -28.09
C ALA G 403 13.74 16.92 -27.72
N THR G 404 13.70 15.62 -28.01
CA THR G 404 14.84 14.76 -27.70
C THR G 404 16.07 15.18 -28.50
N ALA G 405 15.90 15.52 -29.78
CA ALA G 405 17.02 15.93 -30.60
C ALA G 405 17.71 17.17 -30.02
N ASN G 406 16.91 18.17 -29.63
CA ASN G 406 17.48 19.37 -29.02
C ASN G 406 18.13 19.06 -27.68
N ARG G 407 17.48 18.22 -26.88
CA ARG G 407 18.01 17.87 -25.56
C ARG G 407 19.34 17.14 -25.69
N VAL G 408 19.44 16.22 -26.64
CA VAL G 408 20.68 15.48 -26.84
C VAL G 408 21.77 16.40 -27.39
N ALA G 409 21.40 17.31 -28.31
CA ALA G 409 22.40 18.18 -28.92
C ALA G 409 23.04 19.10 -27.89
N VAL G 410 22.24 19.67 -26.99
CA VAL G 410 22.79 20.58 -25.99
C VAL G 410 23.59 19.79 -24.96
N GLU G 411 23.05 18.67 -24.47
CA GLU G 411 23.70 17.96 -23.39
C GLU G 411 24.99 17.30 -23.85
N ALA G 412 25.09 16.98 -25.15
CA ALA G 412 26.34 16.47 -25.69
C ALA G 412 27.37 17.58 -25.83
N VAL G 413 26.96 18.77 -26.27
CA VAL G 413 27.88 19.88 -26.44
C VAL G 413 28.44 20.32 -25.09
N VAL G 414 27.59 20.43 -24.08
CA VAL G 414 28.05 20.89 -22.77
C VAL G 414 28.97 19.84 -22.14
N GLN G 415 28.70 18.56 -22.38
CA GLN G 415 29.56 17.50 -21.86
C GLN G 415 30.88 17.42 -22.62
N ALA G 416 30.90 17.84 -23.89
CA ALA G 416 32.16 17.92 -24.62
C ALA G 416 32.98 19.13 -24.18
N ARG G 417 32.31 20.22 -23.81
CA ARG G 417 33.03 21.37 -23.27
C ARG G 417 33.64 21.05 -21.92
N ASN G 418 32.93 20.27 -21.10
CA ASN G 418 33.39 19.93 -19.76
C ASN G 418 34.60 19.01 -19.76
N GLU G 419 34.96 18.44 -20.91
CA GLU G 419 36.14 17.59 -21.01
C GLU G 419 37.25 18.21 -21.84
N GLY G 420 37.17 19.51 -22.12
CA GLY G 420 38.26 20.26 -22.70
C GLY G 420 38.14 20.55 -24.19
N ARG G 421 37.20 19.91 -24.89
CA ARG G 421 37.09 20.09 -26.32
C ARG G 421 36.68 21.52 -26.65
N ASP G 422 37.27 22.06 -27.72
CA ASP G 422 36.95 23.41 -28.15
C ASP G 422 35.69 23.40 -29.00
N ILE G 423 34.64 24.05 -28.50
CA ILE G 423 33.31 23.96 -29.10
C ILE G 423 33.26 24.64 -30.46
N LEU G 424 33.79 25.85 -30.58
CA LEU G 424 33.68 26.58 -31.84
C LEU G 424 34.40 25.85 -32.97
N ALA G 425 35.41 25.04 -32.65
CA ALA G 425 36.15 24.31 -33.66
C ALA G 425 35.66 22.89 -33.88
N GLU G 426 35.00 22.28 -32.88
CA GLU G 426 34.58 20.90 -33.00
C GLU G 426 33.08 20.71 -32.85
N GLY G 427 32.30 21.77 -33.09
CA GLY G 427 30.84 21.62 -32.98
C GLY G 427 30.27 20.59 -33.94
N ARG G 428 30.70 20.65 -35.20
CA ARG G 428 30.22 19.68 -36.18
C ARG G 428 30.60 18.27 -35.78
N GLU G 429 31.85 18.07 -35.36
CA GLU G 429 32.31 16.73 -35.00
C GLU G 429 31.55 16.20 -33.78
N ILE G 430 31.34 17.05 -32.78
CA ILE G 430 30.62 16.62 -31.58
C ILE G 430 29.18 16.26 -31.93
N LEU G 431 28.54 17.08 -32.77
CA LEU G 431 27.16 16.81 -33.14
C LEU G 431 27.05 15.52 -33.95
N GLU G 432 28.01 15.26 -34.84
CA GLU G 432 27.99 14.01 -35.59
C GLU G 432 28.21 12.81 -34.67
N GLU G 433 29.11 12.93 -33.70
CA GLU G 433 29.32 11.85 -32.75
C GLU G 433 28.03 11.57 -31.97
N ALA G 434 27.33 12.62 -31.56
CA ALA G 434 26.06 12.43 -30.87
C ALA G 434 25.02 11.80 -31.79
N ALA G 435 24.98 12.22 -33.05
CA ALA G 435 23.99 11.71 -33.99
C ALA G 435 24.24 10.25 -34.36
N ARG G 436 25.47 9.78 -34.28
CA ARG G 436 25.72 8.37 -34.58
C ARG G 436 25.12 7.43 -33.56
N TRP G 437 24.65 7.94 -32.41
CA TRP G 437 23.94 7.11 -31.44
C TRP G 437 22.56 7.67 -31.10
N CYS G 438 22.21 8.86 -31.59
CA CYS G 438 20.86 9.40 -31.41
C CYS G 438 20.20 9.57 -32.77
N PRO G 439 19.28 8.68 -33.14
CA PRO G 439 18.59 8.82 -34.43
C PRO G 439 17.79 10.12 -34.56
N GLU G 440 17.19 10.59 -33.46
CA GLU G 440 16.40 11.82 -33.52
C GLU G 440 17.28 13.01 -33.90
N LEU G 441 18.53 13.02 -33.44
CA LEU G 441 19.44 14.10 -33.78
C LEU G 441 19.82 14.06 -35.25
N ARG G 442 19.94 12.87 -35.83
CA ARG G 442 20.32 12.75 -37.24
C ARG G 442 19.31 13.45 -38.15
N GLU G 443 18.02 13.23 -37.91
CA GLU G 443 17.01 13.82 -38.78
C GLU G 443 16.93 15.33 -38.61
N ALA G 444 17.29 15.84 -37.44
CA ALA G 444 17.36 17.28 -37.25
C ALA G 444 18.61 17.87 -37.89
N MET G 445 19.71 17.12 -37.86
CA MET G 445 20.94 17.59 -38.50
C MET G 445 20.81 17.63 -40.02
N GLU G 446 20.21 16.60 -40.61
CA GLU G 446 20.18 16.46 -42.06
C GLU G 446 19.00 17.16 -42.71
N LEU G 447 18.17 17.86 -41.93
CA LEU G 447 17.08 18.64 -42.47
C LEU G 447 17.36 20.13 -42.47
N TRP G 448 18.15 20.61 -41.51
CA TRP G 448 18.48 22.02 -41.39
C TRP G 448 19.95 22.30 -41.64
N GLY G 449 20.67 21.35 -42.24
CA GLY G 449 22.08 21.51 -42.50
C GLY G 449 22.38 22.50 -43.61
N ARG H 3 1.27 10.26 -36.11
CA ARG H 3 2.10 9.35 -36.90
C ARG H 3 2.09 9.76 -38.37
N ALA H 4 1.00 10.41 -38.79
CA ALA H 4 0.88 10.89 -40.16
C ALA H 4 2.00 11.88 -40.48
N GLN H 5 2.64 11.69 -41.63
CA GLN H 5 3.81 12.46 -42.00
C GLN H 5 3.42 13.66 -42.86
N TYR H 6 3.79 14.85 -42.41
CA TYR H 6 3.63 16.10 -43.13
C TYR H 6 4.90 16.38 -43.93
N GLU H 7 4.96 17.58 -44.51
CA GLU H 7 6.13 18.01 -45.26
C GLU H 7 6.99 18.87 -44.34
N ALA H 8 8.08 18.31 -43.84
CA ALA H 8 8.94 18.98 -42.88
C ALA H 8 10.09 19.68 -43.60
N GLY H 9 10.25 20.97 -43.34
CA GLY H 9 11.33 21.73 -43.94
C GLY H 9 11.02 23.20 -43.90
N VAL H 10 11.92 23.96 -44.52
CA VAL H 10 11.79 25.41 -44.60
C VAL H 10 11.21 25.78 -45.95
N ARG H 11 10.20 26.64 -45.94
CA ARG H 11 9.52 27.09 -47.15
C ARG H 11 9.55 28.60 -47.22
N PRO H 12 9.53 29.17 -48.42
CA PRO H 12 9.39 30.63 -48.54
C PRO H 12 8.06 31.10 -47.99
N TYR H 13 8.06 32.30 -47.39
CA TYR H 13 6.85 32.81 -46.77
C TYR H 13 5.78 33.15 -47.80
N ARG H 14 6.17 33.59 -48.99
CA ARG H 14 5.21 33.98 -50.01
C ARG H 14 4.38 32.82 -50.53
N GLU H 15 4.77 31.58 -50.25
CA GLU H 15 3.99 30.43 -50.69
C GLU H 15 2.70 30.24 -49.89
N THR H 16 2.63 30.79 -48.69
CA THR H 16 1.46 30.61 -47.84
C THR H 16 0.87 31.92 -47.34
N TYR H 17 1.70 32.91 -47.03
CA TYR H 17 1.25 34.16 -46.43
C TYR H 17 1.29 35.32 -47.41
N TYR H 18 1.02 35.05 -48.68
CA TYR H 18 0.86 36.09 -49.69
C TYR H 18 -0.31 35.69 -50.59
N ASP H 19 -1.20 36.64 -50.83
CA ASP H 19 -2.42 36.32 -51.59
C ASP H 19 -2.98 37.58 -52.24
N PRO H 20 -2.51 37.95 -53.43
CA PRO H 20 -3.05 39.16 -54.09
C PRO H 20 -4.51 39.04 -54.46
N ASP H 21 -5.02 37.82 -54.66
CA ASP H 21 -6.41 37.60 -55.02
C ASP H 21 -7.35 37.67 -53.82
N TYR H 22 -6.82 37.79 -52.60
CA TYR H 22 -7.65 37.83 -51.42
C TYR H 22 -8.27 39.21 -51.24
N GLU H 23 -9.54 39.23 -50.86
CA GLU H 23 -10.24 40.48 -50.59
C GLU H 23 -10.39 40.68 -49.10
N PRO H 24 -10.11 41.89 -48.59
CA PRO H 24 -10.28 42.12 -47.14
C PRO H 24 -11.75 42.18 -46.77
N LYS H 25 -12.12 41.45 -45.74
CA LYS H 25 -13.47 41.50 -45.22
C LYS H 25 -13.67 42.80 -44.44
N ASP H 26 -14.90 43.03 -43.99
CA ASP H 26 -15.18 44.18 -43.15
C ASP H 26 -14.84 43.93 -41.68
N THR H 27 -14.56 42.68 -41.31
CA THR H 27 -14.12 42.34 -39.96
C THR H 27 -12.62 42.09 -39.89
N ASP H 28 -11.89 42.38 -40.96
CA ASP H 28 -10.45 42.19 -40.97
C ASP H 28 -9.76 43.47 -40.50
N LEU H 29 -8.69 43.30 -39.73
CA LEU H 29 -7.93 44.43 -39.18
C LEU H 29 -6.74 44.66 -40.10
N LEU H 30 -6.85 45.69 -40.94
CA LEU H 30 -5.83 45.95 -41.96
C LEU H 30 -4.67 46.73 -41.39
N CYS H 31 -3.47 46.42 -41.89
CA CYS H 31 -2.25 47.13 -41.54
C CYS H 31 -1.48 47.45 -42.80
N ALA H 32 -0.80 48.58 -42.79
CA ALA H 32 -0.02 49.06 -43.94
C ALA H 32 1.41 49.30 -43.48
N PHE H 33 2.29 48.35 -43.76
CA PHE H 33 3.70 48.47 -43.39
C PHE H 33 4.49 49.16 -44.50
N ARG H 34 5.69 49.60 -44.15
CA ARG H 34 6.59 50.29 -45.06
C ARG H 34 7.94 49.60 -44.94
N ILE H 35 8.18 48.61 -45.80
CA ILE H 35 9.26 47.65 -45.62
C ILE H 35 10.49 48.09 -46.40
N THR H 36 11.66 47.77 -45.85
CA THR H 36 12.93 47.90 -46.54
C THR H 36 13.67 46.58 -46.35
N PRO H 37 13.54 45.66 -47.30
CA PRO H 37 14.08 44.31 -47.11
C PRO H 37 15.60 44.28 -47.15
N LYS H 38 16.14 43.20 -46.58
CA LYS H 38 17.57 42.95 -46.66
C LYS H 38 17.96 42.78 -48.13
N PRO H 39 19.09 43.38 -48.56
CA PRO H 39 19.44 43.37 -49.99
C PRO H 39 19.47 41.97 -50.60
N GLY H 40 18.64 41.77 -51.63
CA GLY H 40 18.49 40.49 -52.29
C GLY H 40 17.20 39.77 -51.96
N VAL H 41 16.58 40.10 -50.84
CA VAL H 41 15.31 39.46 -50.47
C VAL H 41 14.18 40.08 -51.30
N PRO H 42 13.38 39.28 -52.00
CA PRO H 42 12.27 39.86 -52.76
C PRO H 42 11.28 40.55 -51.84
N MET H 43 10.68 41.63 -52.33
CA MET H 43 9.77 42.42 -51.51
C MET H 43 8.54 41.59 -51.11
N GLU H 44 8.08 40.72 -52.01
CA GLU H 44 6.95 39.85 -51.66
C GLU H 44 7.35 38.84 -50.59
N GLU H 45 8.62 38.45 -50.55
CA GLU H 45 9.08 37.53 -49.53
C GLU H 45 9.16 38.22 -48.17
N ALA H 46 9.69 39.45 -48.14
CA ALA H 46 9.73 40.21 -46.90
C ALA H 46 8.33 40.60 -46.44
N ALA H 47 7.45 40.94 -47.38
CA ALA H 47 6.08 41.28 -47.03
C ALA H 47 5.34 40.09 -46.43
N ALA H 48 5.57 38.90 -46.98
CA ALA H 48 4.92 37.71 -46.43
C ALA H 48 5.64 37.24 -45.16
N ALA H 49 6.86 37.70 -44.93
CA ALA H 49 7.55 37.38 -43.69
C ALA H 49 6.92 38.12 -42.52
N VAL H 50 6.58 39.39 -42.73
CA VAL H 50 5.93 40.18 -41.68
C VAL H 50 4.55 39.60 -41.38
N ALA H 51 3.80 39.26 -42.43
CA ALA H 51 2.46 38.72 -42.25
C ALA H 51 2.46 37.32 -41.65
N ALA H 52 3.62 36.67 -41.58
CA ALA H 52 3.68 35.29 -41.09
C ALA H 52 3.93 35.23 -39.59
N GLU H 53 4.88 36.00 -39.09
CA GLU H 53 5.28 35.94 -37.69
C GLU H 53 4.48 36.88 -36.80
N SER H 54 3.57 37.66 -37.37
CA SER H 54 2.51 38.31 -36.63
C SER H 54 1.20 37.52 -36.73
N SER H 55 1.30 36.26 -37.12
CA SER H 55 0.17 35.39 -37.40
C SER H 55 0.60 33.96 -37.07
N THR H 56 -0.11 32.99 -37.63
CA THR H 56 0.12 31.58 -37.30
C THR H 56 1.52 31.10 -37.65
N GLY H 57 2.25 31.82 -38.51
CA GLY H 57 3.45 31.28 -39.12
C GLY H 57 4.67 31.25 -38.22
N THR H 58 5.71 30.60 -38.74
CA THR H 58 7.01 30.50 -38.10
C THR H 58 8.06 30.26 -39.19
N TRP H 59 9.27 29.90 -38.80
CA TRP H 59 10.38 29.80 -39.74
C TRP H 59 10.53 28.40 -40.34
N THR H 60 9.66 27.46 -40.00
CA THR H 60 9.77 26.10 -40.48
C THR H 60 8.41 25.42 -40.37
N GLU H 61 8.09 24.61 -41.38
CA GLU H 61 6.86 23.82 -41.33
C GLU H 61 6.85 22.95 -40.09
N VAL H 62 5.74 22.95 -39.37
CA VAL H 62 5.59 22.20 -38.14
C VAL H 62 4.45 21.20 -38.30
N TRP H 63 4.53 20.09 -37.56
CA TRP H 63 3.52 19.06 -37.66
C TRP H 63 2.17 19.51 -37.14
N SER H 64 2.13 20.51 -36.27
CA SER H 64 0.89 20.95 -35.64
C SER H 64 0.08 21.90 -36.51
N ASN H 65 0.59 22.30 -37.68
CA ASN H 65 -0.21 23.08 -38.61
C ASN H 65 -1.41 22.30 -39.13
N LEU H 66 -1.34 20.97 -39.11
CA LEU H 66 -2.44 20.13 -39.58
C LEU H 66 -3.54 19.96 -38.55
N LEU H 67 -3.35 20.48 -37.34
CA LEU H 67 -4.35 20.37 -36.28
C LEU H 67 -5.37 21.49 -36.29
N THR H 68 -5.19 22.51 -37.14
CA THR H 68 -6.09 23.65 -37.19
C THR H 68 -6.26 24.11 -38.63
N ASP H 69 -7.36 24.83 -38.86
CA ASP H 69 -7.63 25.46 -40.14
C ASP H 69 -6.73 26.70 -40.24
N LEU H 70 -5.49 26.48 -40.67
CA LEU H 70 -4.50 27.54 -40.70
C LEU H 70 -4.93 28.70 -41.59
N GLU H 71 -5.73 28.42 -42.63
CA GLU H 71 -6.19 29.50 -43.50
C GLU H 71 -7.28 30.33 -42.88
N ARG H 72 -7.92 29.84 -41.81
CA ARG H 72 -8.92 30.65 -41.11
C ARG H 72 -8.25 31.76 -40.29
N TYR H 73 -7.10 31.48 -39.69
CA TYR H 73 -6.47 32.40 -38.76
C TYR H 73 -5.25 33.12 -39.32
N LYS H 74 -4.61 32.58 -40.36
CA LYS H 74 -3.38 33.17 -40.85
C LYS H 74 -3.63 34.55 -41.43
N ALA H 75 -2.66 35.44 -41.25
CA ALA H 75 -2.66 36.71 -41.96
C ALA H 75 -2.03 36.53 -43.33
N ARG H 76 -2.27 37.50 -44.21
CA ARG H 76 -1.85 37.36 -45.59
C ARG H 76 -1.72 38.73 -46.24
N CYS H 77 -0.61 38.94 -46.94
CA CYS H 77 -0.41 40.20 -47.65
C CYS H 77 -1.20 40.17 -48.95
N TYR H 78 -2.22 41.02 -49.05
CA TYR H 78 -3.11 41.02 -50.20
C TYR H 78 -2.77 42.11 -51.22
N ARG H 79 -1.91 43.05 -50.88
CA ARG H 79 -1.56 44.12 -51.81
C ARG H 79 -0.15 44.61 -51.53
N ILE H 80 0.53 45.02 -52.60
CA ILE H 80 1.82 45.70 -52.50
C ILE H 80 1.80 46.86 -53.48
N GLU H 81 2.23 48.04 -53.02
CA GLU H 81 2.32 49.23 -53.84
C GLU H 81 3.76 49.60 -54.12
N GLY H 82 4.61 48.60 -54.32
CA GLY H 82 6.03 48.84 -54.53
C GLY H 82 6.83 48.97 -53.26
N ASP H 83 6.38 49.81 -52.33
CA ASP H 83 7.08 50.00 -51.06
C ASP H 83 6.21 49.76 -49.84
N VAL H 84 4.88 49.80 -49.97
CA VAL H 84 3.96 49.60 -48.85
C VAL H 84 3.26 48.26 -49.04
N ALA H 85 3.28 47.43 -48.00
CA ALA H 85 2.72 46.08 -48.05
C ALA H 85 1.49 46.01 -47.15
N TYR H 86 0.32 46.20 -47.75
CA TYR H 86 -0.92 46.07 -47.01
C TYR H 86 -1.12 44.63 -46.56
N ILE H 87 -1.52 44.45 -45.29
CA ILE H 87 -1.76 43.14 -44.72
C ILE H 87 -3.13 43.17 -44.02
N ALA H 88 -3.84 42.04 -44.12
CA ALA H 88 -5.15 41.89 -43.49
C ALA H 88 -5.09 40.81 -42.43
N TYR H 89 -5.53 41.14 -41.21
CA TYR H 89 -5.55 40.20 -40.11
C TYR H 89 -6.98 39.77 -39.79
N PRO H 90 -7.20 38.48 -39.52
CA PRO H 90 -8.54 38.03 -39.16
C PRO H 90 -9.00 38.60 -37.82
N LEU H 91 -10.32 38.71 -37.68
CA LEU H 91 -10.88 39.21 -36.43
C LEU H 91 -10.67 38.25 -35.28
N ASP H 92 -10.69 36.94 -35.56
CA ASP H 92 -10.62 35.93 -34.51
C ASP H 92 -9.25 35.82 -33.87
N LEU H 93 -8.29 36.66 -34.26
CA LEU H 93 -6.94 36.61 -33.72
C LEU H 93 -6.71 37.55 -32.55
N PHE H 94 -7.71 38.33 -32.15
CA PHE H 94 -7.52 39.43 -31.22
C PHE H 94 -8.47 39.30 -30.04
N GLU H 95 -7.92 39.42 -28.83
CA GLU H 95 -8.74 39.52 -27.63
C GLU H 95 -9.48 40.86 -27.61
N GLU H 96 -10.71 40.82 -27.13
CA GLU H 96 -11.56 42.01 -27.11
C GLU H 96 -11.11 42.97 -26.03
N GLY H 97 -11.06 44.26 -26.39
CA GLY H 97 -10.74 45.31 -25.44
C GLY H 97 -9.34 45.25 -24.86
N SER H 98 -8.34 45.04 -25.71
CA SER H 98 -6.94 45.01 -25.25
C SER H 98 -6.05 45.48 -26.40
N ILE H 99 -5.66 46.76 -26.35
CA ILE H 99 -4.63 47.26 -27.25
C ILE H 99 -3.32 46.53 -27.03
N VAL H 100 -3.07 46.04 -25.81
CA VAL H 100 -1.86 45.29 -25.54
C VAL H 100 -1.72 44.11 -26.49
N ASN H 101 -2.82 43.37 -26.71
CA ASN H 101 -2.78 42.23 -27.61
C ASN H 101 -2.53 42.68 -29.06
N ILE H 102 -3.16 43.77 -29.49
CA ILE H 102 -2.92 44.28 -30.84
C ILE H 102 -1.44 44.61 -31.01
N MET H 103 -0.87 45.31 -30.03
CA MET H 103 0.52 45.75 -30.13
C MET H 103 1.48 44.66 -29.72
N SER H 104 0.97 43.48 -29.34
CA SER H 104 1.85 42.34 -29.08
C SER H 104 1.86 41.39 -30.27
N SER H 105 0.80 41.41 -31.07
CA SER H 105 0.74 40.56 -32.27
C SER H 105 1.42 41.25 -33.45
N ILE H 106 0.99 42.45 -33.79
CA ILE H 106 1.37 43.11 -35.02
C ILE H 106 2.74 43.76 -34.89
N VAL H 107 2.88 44.70 -33.96
CA VAL H 107 4.14 45.42 -33.80
C VAL H 107 5.00 44.72 -32.76
N GLY H 108 4.59 43.51 -32.38
CA GLY H 108 5.28 42.77 -31.34
C GLY H 108 6.67 42.29 -31.69
N ASN H 109 6.77 41.40 -32.66
CA ASN H 109 7.98 40.62 -32.87
C ASN H 109 8.59 40.77 -34.26
N VAL H 110 7.87 41.34 -35.24
CA VAL H 110 8.31 41.30 -36.62
C VAL H 110 9.21 42.46 -37.01
N PHE H 111 9.56 43.34 -36.07
CA PHE H 111 10.41 44.48 -36.39
C PHE H 111 11.90 44.18 -36.26
N GLY H 112 12.27 43.03 -35.70
CA GLY H 112 13.67 42.75 -35.43
C GLY H 112 14.29 41.65 -36.28
N PHE H 113 13.72 41.41 -37.46
CA PHE H 113 14.19 40.31 -38.30
C PHE H 113 15.43 40.69 -39.08
N LYS H 114 16.19 39.67 -39.48
CA LYS H 114 17.28 39.88 -40.42
C LYS H 114 16.76 40.09 -41.84
N ALA H 115 15.63 39.47 -42.17
CA ALA H 115 15.06 39.60 -43.51
C ALA H 115 14.68 41.05 -43.82
N VAL H 116 14.06 41.72 -42.85
CA VAL H 116 13.64 43.10 -43.01
C VAL H 116 14.65 44.01 -42.31
N GLN H 117 15.34 44.85 -43.09
CA GLN H 117 16.30 45.78 -42.53
C GLN H 117 15.62 46.97 -41.86
N ALA H 118 14.43 47.34 -42.30
CA ALA H 118 13.67 48.42 -41.69
C ALA H 118 12.19 48.12 -41.86
N LEU H 119 11.37 48.73 -40.99
CA LEU H 119 9.94 48.45 -40.99
C LEU H 119 9.18 49.52 -40.21
N ARG H 120 8.10 50.03 -40.79
CA ARG H 120 7.28 51.04 -40.13
C ARG H 120 5.81 50.74 -40.37
N LEU H 121 5.01 50.83 -39.30
CA LEU H 121 3.55 50.68 -39.41
C LEU H 121 2.98 52.06 -39.70
N GLU H 122 2.70 52.32 -40.98
CA GLU H 122 2.28 53.65 -41.39
C GLU H 122 0.84 53.94 -40.96
N ASP H 123 -0.02 52.93 -41.00
CA ASP H 123 -1.43 53.15 -40.67
C ASP H 123 -2.05 51.84 -40.22
N MET H 124 -3.33 51.91 -39.90
CA MET H 124 -4.06 50.79 -39.31
C MET H 124 -5.55 51.00 -39.55
N ARG H 125 -6.27 49.90 -39.74
CA ARG H 125 -7.73 49.96 -39.84
C ARG H 125 -8.30 48.99 -38.81
N ILE H 126 -9.02 49.53 -37.83
CA ILE H 126 -9.65 48.73 -36.80
C ILE H 126 -11.09 48.48 -37.22
N PRO H 127 -11.52 47.22 -37.38
CA PRO H 127 -12.90 46.96 -37.80
C PRO H 127 -13.90 47.39 -36.73
N VAL H 128 -15.09 47.78 -37.19
CA VAL H 128 -16.16 48.16 -36.27
C VAL H 128 -16.52 46.99 -35.37
N ALA H 129 -16.43 45.76 -35.88
CA ALA H 129 -16.72 44.59 -35.08
C ALA H 129 -15.80 44.49 -33.88
N TYR H 130 -14.57 44.96 -34.01
CA TYR H 130 -13.61 44.94 -32.91
C TYR H 130 -13.59 46.25 -32.15
N LEU H 131 -13.79 47.37 -32.85
CA LEU H 131 -13.72 48.68 -32.23
C LEU H 131 -14.80 48.89 -31.17
N LYS H 132 -15.88 48.13 -31.21
CA LYS H 132 -17.00 48.32 -30.30
C LYS H 132 -16.81 47.59 -28.98
N THR H 133 -15.77 46.76 -28.85
CA THR H 133 -15.44 46.13 -27.57
C THR H 133 -14.57 47.01 -26.69
N PHE H 134 -14.27 48.23 -27.14
CA PHE H 134 -13.47 49.21 -26.42
C PHE H 134 -14.34 50.33 -25.89
N PRO H 135 -14.03 50.86 -24.70
CA PRO H 135 -14.92 51.87 -24.11
C PRO H 135 -14.86 53.22 -24.80
N GLY H 136 -13.68 53.68 -25.18
CA GLY H 136 -13.53 55.01 -25.73
C GLY H 136 -13.31 56.04 -24.64
N PRO H 137 -13.20 57.31 -25.04
CA PRO H 137 -12.91 58.38 -24.08
C PRO H 137 -14.00 58.49 -23.03
N PRO H 138 -13.64 58.80 -21.79
CA PRO H 138 -14.63 58.92 -20.72
C PRO H 138 -15.72 59.95 -21.01
N THR H 139 -15.34 61.21 -21.24
CA THR H 139 -16.29 62.30 -21.36
C THR H 139 -16.43 62.85 -22.77
N GLY H 140 -15.33 62.97 -23.52
CA GLY H 140 -15.39 63.51 -24.86
C GLY H 140 -15.36 65.03 -24.89
N ILE H 141 -15.49 65.57 -26.10
CA ILE H 141 -15.37 67.01 -26.28
C ILE H 141 -16.63 67.73 -25.79
N GLN H 142 -17.79 67.31 -26.29
CA GLN H 142 -19.02 68.04 -26.01
C GLN H 142 -19.39 68.03 -24.53
N VAL H 143 -18.91 67.06 -23.76
CA VAL H 143 -19.23 67.01 -22.34
C VAL H 143 -18.18 67.72 -21.50
N GLU H 144 -16.91 67.70 -21.94
CA GLU H 144 -15.88 68.44 -21.24
C GLU H 144 -16.10 69.94 -21.35
N ARG H 145 -16.52 70.41 -22.53
CA ARG H 145 -16.78 71.83 -22.72
C ARG H 145 -17.91 72.30 -21.81
N ASP H 146 -18.96 71.47 -21.66
CA ASP H 146 -20.03 71.79 -20.73
C ASP H 146 -19.52 71.83 -19.29
N ARG H 147 -18.65 70.88 -18.94
CA ARG H 147 -18.19 70.77 -17.55
C ARG H 147 -17.39 71.98 -17.13
N LEU H 148 -16.56 72.52 -18.03
CA LEU H 148 -15.84 73.76 -17.76
C LEU H 148 -16.64 74.99 -18.15
N ASN H 149 -17.75 74.82 -18.86
CA ASN H 149 -18.57 75.93 -19.35
C ASN H 149 -17.74 76.90 -20.19
N LYS H 150 -17.08 76.35 -21.21
CA LYS H 150 -16.25 77.12 -22.13
C LYS H 150 -16.54 76.65 -23.55
N TYR H 151 -17.16 77.50 -24.36
CA TYR H 151 -17.52 77.16 -25.73
C TYR H 151 -17.05 78.25 -26.68
N GLY H 152 -16.89 77.85 -27.95
CA GLY H 152 -16.70 78.80 -29.02
C GLY H 152 -15.28 79.28 -29.23
N ARG H 153 -14.30 78.72 -28.54
CA ARG H 153 -12.92 79.16 -28.69
C ARG H 153 -12.00 78.00 -28.35
N PRO H 154 -10.78 77.99 -28.87
CA PRO H 154 -9.78 77.02 -28.40
C PRO H 154 -9.45 77.29 -26.93
N LEU H 155 -9.15 76.23 -26.20
CA LEU H 155 -8.87 76.36 -24.78
C LEU H 155 -7.36 76.50 -24.57
N LEU H 156 -6.99 77.33 -23.61
CA LEU H 156 -5.60 77.64 -23.36
C LEU H 156 -5.01 76.70 -22.32
N GLY H 157 -3.81 77.04 -21.86
CA GLY H 157 -3.12 76.23 -20.87
C GLY H 157 -1.64 76.49 -20.94
N GLY H 158 -0.96 76.06 -19.88
CA GLY H 158 0.48 76.21 -19.83
C GLY H 158 1.14 75.25 -18.86
N THR H 159 2.15 74.53 -19.32
CA THR H 159 2.91 73.66 -18.44
C THR H 159 3.76 74.50 -17.50
N ILE H 160 3.82 74.06 -16.24
CA ILE H 160 4.52 74.81 -15.21
C ILE H 160 6.03 74.56 -15.34
N LYS H 161 6.79 75.64 -15.38
CA LYS H 161 8.24 75.59 -15.50
C LYS H 161 8.89 76.31 -14.32
N PRO H 162 10.10 75.89 -13.91
CA PRO H 162 10.97 74.86 -14.49
C PRO H 162 10.40 73.45 -14.38
N LYS H 163 10.88 72.58 -15.28
CA LYS H 163 10.40 71.20 -15.32
C LYS H 163 10.52 70.52 -13.96
N LEU H 164 11.67 70.68 -13.31
CA LEU H 164 11.91 70.09 -12.00
C LEU H 164 12.61 71.11 -11.12
N GLY H 165 12.49 70.92 -9.81
CA GLY H 165 13.18 71.77 -8.87
C GLY H 165 12.26 72.57 -7.97
N LEU H 166 11.13 73.03 -8.52
CA LEU H 166 10.21 73.86 -7.75
C LEU H 166 9.63 73.08 -6.58
N SER H 167 9.59 73.73 -5.42
CA SER H 167 9.00 73.12 -4.23
C SER H 167 7.48 73.17 -4.31
N ALA H 168 6.83 72.43 -3.40
CA ALA H 168 5.37 72.35 -3.41
C ALA H 168 4.75 73.72 -3.17
N LYS H 169 5.30 74.49 -2.23
CA LYS H 169 4.78 75.83 -1.96
C LYS H 169 4.97 76.75 -3.16
N GLU H 170 6.14 76.71 -3.77
CA GLU H 170 6.43 77.60 -4.90
C GLU H 170 5.66 77.17 -6.14
N TYR H 171 5.42 75.87 -6.29
CA TYR H 171 4.68 75.38 -7.45
C TYR H 171 3.27 75.93 -7.47
N ALA H 172 2.61 75.97 -6.31
CA ALA H 172 1.23 76.46 -6.25
C ALA H 172 1.16 77.94 -6.60
N ARG H 173 2.17 78.72 -6.20
CA ARG H 173 2.11 80.15 -6.46
C ARG H 173 2.30 80.44 -7.95
N VAL H 174 3.11 79.63 -8.64
CA VAL H 174 3.23 79.77 -10.09
C VAL H 174 1.93 79.37 -10.77
N VAL H 175 1.27 78.33 -10.27
CA VAL H 175 -0.01 77.90 -10.83
C VAL H 175 -1.05 78.99 -10.67
N TYR H 176 -1.08 79.63 -9.50
CA TYR H 176 -2.09 80.67 -9.24
C TYR H 176 -1.90 81.86 -10.17
N GLU H 177 -0.65 82.21 -10.48
CA GLU H 177 -0.41 83.33 -11.39
C GLU H 177 -0.99 83.07 -12.77
N CYS H 178 -0.69 81.90 -13.34
CA CYS H 178 -1.15 81.60 -14.68
C CYS H 178 -2.68 81.49 -14.73
N LEU H 179 -3.26 80.76 -13.78
CA LEU H 179 -4.72 80.58 -13.79
C LEU H 179 -5.44 81.89 -13.59
N ARG H 180 -4.95 82.74 -12.68
CA ARG H 180 -5.51 84.08 -12.54
C ARG H 180 -5.20 84.93 -13.78
N GLY H 181 -4.08 84.68 -14.44
CA GLY H 181 -3.71 85.48 -15.59
C GLY H 181 -4.68 85.34 -16.74
N GLY H 182 -5.24 84.15 -16.92
CA GLY H 182 -6.19 83.93 -18.00
C GLY H 182 -6.13 82.56 -18.64
N LEU H 183 -5.11 81.77 -18.30
CA LEU H 183 -5.04 80.41 -18.82
C LEU H 183 -6.18 79.58 -18.27
N ASP H 184 -6.77 78.75 -19.14
CA ASP H 184 -7.91 77.93 -18.72
C ASP H 184 -7.50 76.76 -17.85
N THR H 185 -6.34 76.15 -18.09
CA THR H 185 -5.94 74.99 -17.31
C THR H 185 -4.43 74.77 -17.37
N THR H 186 -3.74 74.98 -16.26
CA THR H 186 -2.32 74.68 -16.20
C THR H 186 -2.16 73.17 -16.00
N KCX H 187 -0.91 72.70 -15.90
CA KCX H 187 -0.70 71.27 -15.77
CB KCX H 187 -0.79 70.57 -17.12
CG KCX H 187 0.23 71.17 -18.05
CD KCX H 187 0.28 70.40 -19.35
CE KCX H 187 0.51 68.93 -19.06
NZ KCX H 187 1.90 68.64 -19.08
C KCX H 187 0.65 70.93 -15.16
O KCX H 187 1.56 71.83 -15.26
CX KCX H 187 2.64 68.57 -20.28
OQ1 KCX H 187 2.08 68.59 -21.36
OQ2 KCX H 187 3.90 68.47 -20.05
N ASP H 188 0.80 69.75 -14.57
CA ASP H 188 2.10 69.28 -14.13
C ASP H 188 2.94 68.95 -15.35
N ASP H 189 4.24 68.73 -15.17
CA ASP H 189 5.04 68.33 -16.29
C ASP H 189 5.21 66.82 -16.31
N GLU H 190 5.65 66.29 -17.46
CA GLU H 190 5.54 64.86 -17.71
C GLU H 190 6.38 64.03 -16.73
N ASN H 191 7.49 64.57 -16.24
CA ASN H 191 8.41 63.79 -15.43
C ASN H 191 8.35 64.13 -13.94
N LEU H 192 7.37 64.94 -13.52
CA LEU H 192 7.26 65.35 -12.12
C LEU H 192 6.24 64.43 -11.44
N ASN H 193 6.68 63.22 -11.11
CA ASN H 193 5.76 62.27 -10.47
C ASN H 193 5.70 62.48 -8.96
N SER H 194 6.79 62.18 -8.26
CA SER H 194 6.87 62.43 -6.83
C SER H 194 8.35 62.46 -6.45
N GLN H 195 8.90 63.65 -6.27
CA GLN H 195 10.32 63.81 -6.05
C GLN H 195 10.63 64.28 -4.64
N PRO H 196 11.88 64.10 -4.18
CA PRO H 196 12.25 64.61 -2.86
C PRO H 196 12.01 66.10 -2.69
N PHE H 197 12.24 66.90 -3.74
CA PHE H 197 11.94 68.32 -3.64
C PHE H 197 10.44 68.58 -3.71
N ASN H 198 9.70 67.76 -4.45
CA ASN H 198 8.25 67.95 -4.60
C ASN H 198 7.58 66.58 -4.62
N ARG H 199 7.21 66.10 -3.43
CA ARG H 199 6.40 64.90 -3.32
C ARG H 199 4.97 65.17 -3.81
N TRP H 200 4.28 64.09 -4.16
CA TRP H 200 2.97 64.24 -4.79
C TRP H 200 1.88 64.63 -3.79
N ARG H 201 1.94 64.07 -2.57
CA ARG H 201 0.91 64.38 -1.58
C ARG H 201 0.96 65.82 -1.12
N ASP H 202 2.08 66.52 -1.33
CA ASP H 202 2.17 67.94 -1.03
C ASP H 202 1.81 68.82 -2.23
N ARG H 203 2.25 68.44 -3.43
CA ARG H 203 1.89 69.21 -4.62
C ARG H 203 0.39 69.18 -4.86
N PHE H 204 -0.23 68.01 -4.70
CA PHE H 204 -1.66 67.87 -4.96
C PHE H 204 -2.47 68.82 -4.08
N LEU H 205 -2.11 68.91 -2.80
CA LEU H 205 -2.86 69.75 -1.88
C LEU H 205 -2.64 71.24 -2.16
N TYR H 206 -1.40 71.63 -2.40
CA TYR H 206 -1.07 73.05 -2.57
C TYR H 206 -1.72 73.62 -3.82
N VAL H 207 -1.60 72.91 -4.95
CA VAL H 207 -2.12 73.46 -6.20
C VAL H 207 -3.64 73.53 -6.18
N MET H 208 -4.31 72.56 -5.55
CA MET H 208 -5.76 72.56 -5.55
C MET H 208 -6.31 73.65 -4.63
N GLU H 209 -5.53 74.08 -3.64
CA GLU H 209 -5.88 75.28 -2.90
C GLU H 209 -5.83 76.50 -3.82
N ALA H 210 -4.81 76.57 -4.67
CA ALA H 210 -4.69 77.70 -5.59
C ALA H 210 -5.69 77.62 -6.73
N VAL H 211 -6.07 76.39 -7.12
CA VAL H 211 -7.01 76.22 -8.22
C VAL H 211 -8.37 76.79 -7.86
N ARG H 212 -8.87 76.45 -6.67
CA ARG H 212 -10.14 77.00 -6.23
C ARG H 212 -10.02 78.47 -5.85
N LYS H 213 -8.82 78.89 -5.46
CA LYS H 213 -8.62 80.31 -5.13
C LYS H 213 -8.68 81.17 -6.39
N ALA H 214 -7.97 80.75 -7.45
CA ALA H 214 -8.02 81.49 -8.71
C ALA H 214 -9.41 81.44 -9.32
N GLU H 215 -10.06 80.28 -9.26
CA GLU H 215 -11.41 80.14 -9.80
C GLU H 215 -12.38 81.12 -9.12
N ALA H 216 -12.20 81.35 -7.83
CA ALA H 216 -13.05 82.30 -7.13
C ALA H 216 -12.72 83.74 -7.52
N GLU H 217 -11.44 84.02 -7.78
CA GLU H 217 -11.05 85.39 -8.13
C GLU H 217 -11.51 85.78 -9.53
N THR H 218 -11.78 84.79 -10.39
CA THR H 218 -12.13 85.05 -11.78
C THR H 218 -13.62 84.81 -12.07
N GLY H 219 -14.15 83.67 -11.65
CA GLY H 219 -15.49 83.27 -11.98
C GLY H 219 -15.58 82.22 -13.06
N GLU H 220 -14.47 81.91 -13.73
CA GLU H 220 -14.43 80.87 -14.74
C GLU H 220 -13.76 79.63 -14.13
N ARG H 221 -14.39 78.47 -14.32
CA ARG H 221 -13.86 77.23 -13.77
C ARG H 221 -12.47 76.95 -14.35
N LYS H 222 -11.54 76.62 -13.46
CA LYS H 222 -10.16 76.34 -13.83
C LYS H 222 -9.85 74.87 -13.57
N GLY H 223 -8.59 74.50 -13.78
CA GLY H 223 -8.18 73.13 -13.55
C GLY H 223 -6.68 73.01 -13.60
N HIS H 224 -6.20 71.81 -13.28
CA HIS H 224 -4.77 71.52 -13.31
C HIS H 224 -4.59 70.03 -13.52
N TRP H 225 -3.95 69.66 -14.64
CA TRP H 225 -3.74 68.26 -14.98
C TRP H 225 -2.67 67.69 -14.06
N LEU H 226 -3.08 67.04 -12.98
CA LEU H 226 -2.14 66.47 -12.01
C LEU H 226 -1.52 65.21 -12.57
N ASN H 227 -0.20 65.13 -12.51
CA ASN H 227 0.53 63.98 -13.05
C ASN H 227 0.43 62.83 -12.05
N VAL H 228 -0.51 61.92 -12.28
CA VAL H 228 -0.81 60.86 -11.32
C VAL H 228 -0.11 59.57 -11.71
N THR H 229 0.71 59.58 -12.76
CA THR H 229 1.42 58.38 -13.13
C THR H 229 2.56 58.11 -12.14
N ALA H 230 2.90 56.85 -11.99
CA ALA H 230 3.88 56.42 -11.00
C ALA H 230 4.49 55.10 -11.47
N GLY H 231 5.24 54.46 -10.58
CA GLY H 231 5.91 53.22 -10.91
C GLY H 231 5.05 51.98 -10.81
N SER H 232 3.78 52.11 -10.44
CA SER H 232 2.88 50.98 -10.39
C SER H 232 1.45 51.48 -10.55
N THR H 233 0.60 50.61 -11.08
CA THR H 233 -0.80 50.99 -11.25
C THR H 233 -1.49 51.16 -9.91
N GLU H 234 -1.06 50.44 -8.88
CA GLU H 234 -1.62 50.63 -7.55
C GLU H 234 -1.34 52.04 -7.04
N GLU H 235 -0.09 52.50 -7.20
CA GLU H 235 0.24 53.86 -6.79
C GLU H 235 -0.49 54.88 -7.66
N MET H 236 -0.66 54.58 -8.95
CA MET H 236 -1.40 55.48 -9.82
C MET H 236 -2.85 55.62 -9.36
N LEU H 237 -3.48 54.50 -9.00
CA LEU H 237 -4.85 54.57 -8.49
C LEU H 237 -4.90 55.31 -7.17
N LYS H 238 -3.88 55.13 -6.32
CA LYS H 238 -3.82 55.87 -5.06
C LYS H 238 -3.77 57.38 -5.32
N ARG H 239 -2.95 57.80 -6.28
CA ARG H 239 -2.84 59.22 -6.60
C ARG H 239 -4.07 59.71 -7.36
N ALA H 240 -4.69 58.84 -8.16
CA ALA H 240 -5.90 59.21 -8.86
C ALA H 240 -7.06 59.41 -7.89
N GLU H 241 -7.15 58.56 -6.86
CA GLU H 241 -8.24 58.66 -5.90
C GLU H 241 -8.03 59.86 -4.99
N PHE H 242 -6.79 60.16 -4.61
CA PHE H 242 -6.52 61.33 -3.80
C PHE H 242 -6.88 62.61 -4.55
N ALA H 243 -6.53 62.68 -5.84
CA ALA H 243 -6.84 63.87 -6.62
C ALA H 243 -8.35 64.02 -6.82
N ALA H 244 -9.09 62.91 -6.74
CA ALA H 244 -10.53 62.97 -6.93
C ALA H 244 -11.22 63.65 -5.76
N GLU H 245 -10.82 63.32 -4.53
CA GLU H 245 -11.52 63.83 -3.37
C GLU H 245 -11.02 65.20 -2.92
N LEU H 246 -9.91 65.70 -3.46
CA LEU H 246 -9.58 67.11 -3.31
C LEU H 246 -10.49 68.02 -4.13
N GLY H 247 -11.30 67.46 -5.03
CA GLY H 247 -12.18 68.27 -5.84
C GLY H 247 -11.53 68.74 -7.13
N SER H 248 -11.04 67.79 -7.92
CA SER H 248 -10.36 68.08 -9.17
C SER H 248 -11.11 67.45 -10.34
N ARG H 249 -11.09 68.15 -11.47
CA ARG H 249 -11.70 67.63 -12.69
C ARG H 249 -10.74 66.78 -13.51
N TYR H 250 -9.43 66.94 -13.32
CA TYR H 250 -8.44 66.39 -14.22
C TYR H 250 -7.42 65.53 -13.50
N ILE H 251 -6.96 64.49 -14.20
CA ILE H 251 -5.72 63.80 -13.89
C ILE H 251 -4.99 63.60 -15.21
N MET H 252 -3.67 63.40 -15.13
CA MET H 252 -2.85 63.19 -16.31
C MET H 252 -1.95 61.98 -16.11
N VAL H 253 -1.81 61.19 -17.16
CA VAL H 253 -1.00 59.97 -17.13
C VAL H 253 -0.12 59.95 -18.37
N ASP H 254 1.13 59.52 -18.18
CA ASP H 254 2.02 59.24 -19.31
C ASP H 254 1.62 57.89 -19.88
N PHE H 255 0.66 57.92 -20.81
CA PHE H 255 0.02 56.70 -21.28
C PHE H 255 0.97 55.80 -22.06
N LEU H 256 2.13 56.30 -22.47
CA LEU H 256 3.09 55.48 -23.21
C LEU H 256 4.22 54.96 -22.34
N THR H 257 4.78 55.79 -21.47
CA THR H 257 5.81 55.30 -20.54
C THR H 257 5.21 54.36 -19.51
N ALA H 258 4.05 54.72 -18.96
CA ALA H 258 3.38 53.84 -18.01
C ALA H 258 2.99 52.52 -18.67
N GLY H 259 2.54 52.58 -19.91
CA GLY H 259 2.09 51.42 -20.65
C GLY H 259 0.62 51.50 -20.96
N PHE H 260 0.10 50.43 -21.55
CA PHE H 260 -1.30 50.37 -21.94
C PHE H 260 -2.17 49.60 -20.97
N ALA H 261 -1.64 48.54 -20.33
CA ALA H 261 -2.42 47.85 -19.31
C ALA H 261 -2.67 48.76 -18.11
N ALA H 262 -1.63 49.43 -17.62
CA ALA H 262 -1.78 50.37 -16.52
C ALA H 262 -2.66 51.55 -16.95
N PHE H 263 -2.56 51.96 -18.21
CA PHE H 263 -3.40 53.05 -18.70
C PHE H 263 -4.87 52.65 -18.70
N ALA H 264 -5.17 51.43 -19.13
CA ALA H 264 -6.56 50.97 -19.09
C ALA H 264 -7.05 50.81 -17.66
N SER H 265 -6.16 50.42 -16.75
CA SER H 265 -6.53 50.37 -15.34
C SER H 265 -6.87 51.75 -14.81
N VAL H 266 -6.07 52.76 -15.17
CA VAL H 266 -6.30 54.12 -14.67
C VAL H 266 -7.55 54.72 -15.28
N ARG H 267 -7.76 54.52 -16.58
CA ARG H 267 -8.90 55.12 -17.26
C ARG H 267 -10.21 54.59 -16.69
N ARG H 268 -10.22 53.33 -16.25
CA ARG H 268 -11.42 52.77 -15.62
C ARG H 268 -11.76 53.52 -14.35
N ARG H 269 -10.76 53.82 -13.52
CA ARG H 269 -11.01 54.52 -12.27
C ARG H 269 -11.42 55.97 -12.51
N ALA H 270 -10.77 56.64 -13.47
CA ALA H 270 -11.11 58.03 -13.75
C ALA H 270 -12.57 58.15 -14.18
N GLU H 271 -13.08 57.15 -14.90
CA GLU H 271 -14.50 57.12 -15.21
C GLU H 271 -15.35 56.97 -13.94
N GLU H 272 -14.90 56.10 -13.02
CA GLU H 272 -15.66 55.88 -11.79
C GLU H 272 -15.58 57.08 -10.85
N LEU H 273 -14.47 57.79 -10.84
CA LEU H 273 -14.29 58.95 -9.97
C LEU H 273 -14.74 60.25 -10.62
N GLY H 274 -15.29 60.20 -11.82
CA GLY H 274 -15.73 61.39 -12.51
C GLY H 274 -14.59 62.33 -12.89
N LEU H 275 -13.44 61.77 -13.28
CA LEU H 275 -12.28 62.55 -13.67
C LEU H 275 -12.13 62.58 -15.18
N MET H 276 -11.66 63.71 -15.69
CA MET H 276 -11.36 63.88 -17.10
C MET H 276 -9.85 63.74 -17.30
N LEU H 277 -9.45 62.78 -18.13
CA LEU H 277 -8.11 62.22 -18.10
C LEU H 277 -7.29 62.74 -19.27
N HIS H 278 -6.30 63.58 -18.97
CA HIS H 278 -5.30 63.96 -19.95
C HIS H 278 -4.35 62.80 -20.22
N CYS H 279 -3.77 62.78 -21.42
CA CYS H 279 -2.86 61.72 -21.83
C CYS H 279 -1.63 62.35 -22.46
N HIS H 280 -0.51 62.30 -21.74
CA HIS H 280 0.75 62.80 -22.26
C HIS H 280 1.45 61.71 -23.08
N ARG H 281 1.94 62.07 -24.26
CA ARG H 281 2.52 61.13 -25.20
C ARG H 281 4.03 61.03 -25.07
N ALA H 282 4.58 61.21 -23.88
CA ALA H 282 6.01 61.09 -23.69
C ALA H 282 6.48 59.69 -24.11
N MET H 283 7.69 59.63 -24.69
CA MET H 283 8.37 58.44 -25.18
C MET H 283 7.82 58.04 -26.55
N HIS H 284 6.92 58.82 -27.16
CA HIS H 284 6.42 58.50 -28.48
C HIS H 284 7.48 58.72 -29.56
N ALA H 285 8.37 59.69 -29.35
CA ALA H 285 9.35 60.02 -30.38
C ALA H 285 10.36 58.91 -30.60
N VAL H 286 10.41 57.92 -29.71
CA VAL H 286 11.25 56.75 -29.95
C VAL H 286 10.68 55.93 -31.10
N PHE H 287 9.37 55.66 -31.06
CA PHE H 287 8.72 54.99 -32.18
C PHE H 287 8.71 55.87 -33.41
N ASP H 288 8.24 57.10 -33.26
CA ASP H 288 8.13 58.03 -34.38
C ASP H 288 9.49 58.69 -34.63
N ARG H 289 9.49 59.78 -35.40
CA ARG H 289 10.63 60.64 -35.69
C ARG H 289 11.60 60.02 -36.67
N GLN H 290 11.42 58.77 -37.07
CA GLN H 290 12.24 58.13 -38.09
C GLN H 290 11.33 57.57 -39.17
N PRO H 291 11.33 58.15 -40.38
CA PRO H 291 10.34 57.74 -41.38
C PRO H 291 10.62 56.40 -42.03
N ASN H 292 11.63 55.67 -41.52
CA ASN H 292 11.99 54.37 -42.08
C ASN H 292 11.85 53.23 -41.09
N HIS H 293 11.57 53.50 -39.82
CA HIS H 293 11.45 52.44 -38.82
C HIS H 293 10.67 52.95 -37.62
N GLY H 294 9.73 52.14 -37.15
CA GLY H 294 8.97 52.49 -35.97
C GLY H 294 7.48 52.36 -36.17
N ILE H 295 6.72 53.18 -35.44
CA ILE H 295 5.27 53.24 -35.57
C ILE H 295 4.88 54.70 -35.71
N HIS H 296 4.09 55.01 -36.74
CA HIS H 296 3.63 56.39 -36.91
C HIS H 296 2.66 56.75 -35.79
N PHE H 297 2.59 58.04 -35.48
CA PHE H 297 1.76 58.47 -34.37
C PHE H 297 0.26 58.36 -34.67
N ARG H 298 -0.12 58.29 -35.95
CA ARG H 298 -1.54 58.12 -36.26
C ARG H 298 -2.04 56.77 -35.78
N VAL H 299 -1.15 55.77 -35.71
CA VAL H 299 -1.53 54.48 -35.15
C VAL H 299 -1.72 54.58 -33.65
N LEU H 300 -0.80 55.28 -32.98
CA LEU H 300 -0.92 55.48 -31.53
C LEU H 300 -2.12 56.35 -31.18
N ALA H 301 -2.45 57.31 -32.05
CA ALA H 301 -3.64 58.13 -31.81
C ALA H 301 -4.91 57.29 -31.93
N LYS H 302 -4.94 56.34 -32.87
CA LYS H 302 -6.07 55.43 -32.95
C LYS H 302 -6.18 54.58 -31.70
N TRP H 303 -5.05 54.04 -31.22
CA TRP H 303 -5.09 53.17 -30.05
C TRP H 303 -5.51 53.92 -28.80
N LEU H 304 -5.17 55.21 -28.70
CA LEU H 304 -5.59 56.00 -27.55
C LEU H 304 -7.09 56.17 -27.49
N ARG H 305 -7.71 56.62 -28.57
CA ARG H 305 -9.15 56.84 -28.59
C ARG H 305 -9.93 55.55 -28.39
N MET H 306 -9.33 54.41 -28.74
CA MET H 306 -9.97 53.12 -28.46
C MET H 306 -9.98 52.83 -26.96
N VAL H 307 -8.79 52.84 -26.33
CA VAL H 307 -8.71 52.66 -24.90
C VAL H 307 -9.49 53.72 -24.17
N GLY H 308 -9.35 54.96 -24.58
CA GLY H 308 -10.02 56.05 -23.90
C GLY H 308 -9.00 57.09 -23.46
N GLY H 309 -9.36 58.35 -23.61
CA GLY H 309 -8.51 59.44 -23.23
C GLY H 309 -9.12 60.75 -23.64
N ASP H 310 -9.13 61.72 -22.75
CA ASP H 310 -9.81 62.98 -23.00
C ASP H 310 -8.91 64.02 -23.62
N HIS H 311 -7.61 63.75 -23.73
CA HIS H 311 -6.67 64.70 -24.28
C HIS H 311 -5.51 63.93 -24.89
N VAL H 312 -4.79 64.57 -25.80
CA VAL H 312 -3.58 64.00 -26.36
C VAL H 312 -2.79 65.09 -27.07
N HIS H 313 -1.47 65.04 -26.98
CA HIS H 313 -0.62 65.93 -27.74
C HIS H 313 -0.52 65.40 -29.16
N THR H 314 -1.03 66.16 -30.12
CA THR H 314 -0.86 65.83 -31.52
C THR H 314 0.38 66.48 -32.12
N GLY H 315 1.10 67.29 -31.34
CA GLY H 315 2.30 67.92 -31.79
C GLY H 315 2.04 69.20 -32.56
N THR H 316 2.75 70.26 -32.20
CA THR H 316 2.66 71.52 -32.93
C THR H 316 3.69 71.52 -34.05
N VAL H 317 3.25 71.89 -35.26
CA VAL H 317 4.15 71.89 -36.41
C VAL H 317 5.06 73.10 -36.42
N VAL H 318 4.78 74.12 -35.59
CA VAL H 318 5.53 75.35 -35.59
C VAL H 318 6.33 75.53 -34.29
N GLY H 319 6.49 74.47 -33.51
CA GLY H 319 7.23 74.51 -32.28
C GLY H 319 8.57 73.78 -32.37
N LYS H 320 9.22 73.71 -31.21
CA LYS H 320 10.52 73.04 -31.14
C LYS H 320 10.41 71.53 -31.33
N LEU H 321 9.21 70.96 -31.17
CA LEU H 321 8.99 69.55 -31.44
C LEU H 321 8.64 69.35 -32.91
N GLU H 322 9.10 68.24 -33.47
CA GLU H 322 8.92 67.99 -34.89
C GLU H 322 7.47 67.61 -35.21
N GLY H 323 6.99 68.10 -36.34
CA GLY H 323 5.67 67.72 -36.82
C GLY H 323 5.50 68.13 -38.26
N ASP H 324 4.62 67.42 -38.95
CA ASP H 324 4.31 67.69 -40.35
C ASP H 324 2.92 68.30 -40.45
N ARG H 325 2.80 69.37 -41.23
CA ARG H 325 1.54 70.09 -41.31
C ARG H 325 0.43 69.21 -41.88
N ALA H 326 0.75 68.45 -42.92
CA ALA H 326 -0.26 67.58 -43.55
C ALA H 326 -0.61 66.41 -42.64
N GLU H 327 0.40 65.79 -42.03
CA GLU H 327 0.20 64.64 -41.16
C GLU H 327 -0.63 65.01 -39.94
N THR H 328 -0.37 66.18 -39.36
CA THR H 328 -1.09 66.62 -38.17
C THR H 328 -2.58 66.78 -38.45
N LEU H 329 -2.92 67.38 -39.60
CA LEU H 329 -4.31 67.52 -39.98
C LEU H 329 -5.00 66.17 -40.10
N GLY H 330 -4.26 65.14 -40.49
CA GLY H 330 -4.82 63.80 -40.49
C GLY H 330 -5.14 63.30 -39.10
N ILE H 331 -4.22 63.54 -38.16
CA ILE H 331 -4.40 63.06 -36.79
C ILE H 331 -5.53 63.82 -36.10
N ALA H 332 -5.61 65.12 -36.33
CA ALA H 332 -6.66 65.92 -35.70
C ALA H 332 -8.04 65.45 -36.13
N ASP H 333 -8.22 65.15 -37.42
CA ASP H 333 -9.48 64.60 -37.91
C ASP H 333 -9.66 63.15 -37.52
N LEU H 334 -8.58 62.41 -37.27
CA LEU H 334 -8.67 61.03 -36.82
C LEU H 334 -9.10 60.91 -35.37
N LEU H 335 -9.05 62.00 -34.61
CA LEU H 335 -9.43 62.00 -33.20
C LEU H 335 -10.72 62.74 -32.92
N ARG H 336 -11.08 63.73 -33.75
CA ARG H 336 -12.22 64.59 -33.48
C ARG H 336 -13.46 64.23 -34.28
N GLU H 337 -13.37 63.30 -35.23
CA GLU H 337 -14.46 63.02 -36.15
C GLU H 337 -14.96 61.59 -35.99
N ASP H 338 -16.13 61.33 -36.58
CA ASP H 338 -16.76 60.02 -36.51
C ASP H 338 -16.35 59.14 -37.68
N TYR H 339 -16.28 59.69 -38.88
CA TYR H 339 -15.81 58.96 -40.06
C TYR H 339 -14.63 59.69 -40.67
N VAL H 340 -13.56 58.94 -40.94
CA VAL H 340 -12.35 59.50 -41.52
C VAL H 340 -12.06 58.80 -42.84
N PRO H 341 -12.46 59.37 -43.97
CA PRO H 341 -12.11 58.77 -45.25
C PRO H 341 -10.60 58.80 -45.49
N ALA H 342 -10.11 57.78 -46.19
CA ALA H 342 -8.68 57.70 -46.47
C ALA H 342 -8.24 58.85 -47.36
N ASP H 343 -6.99 59.28 -47.16
CA ASP H 343 -6.43 60.38 -47.93
C ASP H 343 -4.92 60.20 -48.04
N PRO H 344 -4.40 59.85 -49.22
CA PRO H 344 -2.94 59.67 -49.34
C PRO H 344 -2.14 60.92 -49.06
N GLY H 345 -2.69 62.10 -49.36
CA GLY H 345 -1.96 63.33 -49.10
C GLY H 345 -1.67 63.54 -47.63
N ARG H 346 -2.65 63.25 -46.78
CA ARG H 346 -2.52 63.41 -45.35
C ARG H 346 -1.97 62.17 -44.65
N GLY H 347 -1.60 61.13 -45.40
CA GLY H 347 -0.97 59.96 -44.86
C GLY H 347 -1.92 58.85 -44.45
N LEU H 348 -3.22 59.11 -44.47
CA LEU H 348 -4.19 58.07 -44.11
C LEU H 348 -4.33 57.07 -45.25
N PHE H 349 -4.22 55.78 -44.92
CA PHE H 349 -4.32 54.72 -45.92
C PHE H 349 -5.72 54.12 -46.00
N PHE H 350 -6.38 53.95 -44.87
CA PHE H 350 -7.67 53.27 -44.81
C PHE H 350 -8.76 54.21 -44.30
N ASP H 351 -9.99 53.92 -44.70
CA ASP H 351 -11.15 54.58 -44.13
C ASP H 351 -11.37 54.10 -42.71
N GLN H 352 -11.86 55.00 -41.86
CA GLN H 352 -12.04 54.70 -40.43
C GLN H 352 -13.43 55.16 -40.00
N ASP H 353 -14.27 54.20 -39.63
CA ASP H 353 -15.55 54.46 -38.98
C ASP H 353 -15.38 54.23 -37.49
N TRP H 354 -15.71 55.23 -36.68
CA TRP H 354 -15.38 55.17 -35.27
C TRP H 354 -16.48 54.56 -34.41
N ALA H 355 -17.55 54.06 -35.03
CA ALA H 355 -18.57 53.27 -34.33
C ALA H 355 -19.19 54.02 -33.16
N GLY H 356 -19.29 55.34 -33.26
CA GLY H 356 -19.93 56.14 -32.22
C GLY H 356 -19.04 56.49 -31.04
N LEU H 357 -17.77 56.13 -31.07
CA LEU H 357 -16.86 56.53 -30.00
C LEU H 357 -16.68 58.04 -30.00
N LYS H 358 -16.81 58.64 -28.82
CA LYS H 358 -16.77 60.09 -28.71
C LYS H 358 -15.36 60.62 -28.97
N PRO H 359 -15.24 61.87 -29.42
CA PRO H 359 -13.95 62.37 -29.90
C PRO H 359 -13.00 62.71 -28.75
N VAL H 360 -11.82 63.20 -29.14
CA VAL H 360 -10.74 63.51 -28.22
C VAL H 360 -10.20 64.90 -28.55
N PHE H 361 -9.92 65.69 -27.53
CA PHE H 361 -9.24 66.97 -27.76
C PHE H 361 -7.83 66.73 -28.26
N PRO H 362 -7.44 67.33 -29.38
CA PRO H 362 -6.01 67.36 -29.74
C PRO H 362 -5.30 68.51 -29.07
N VAL H 363 -4.23 68.22 -28.34
CA VAL H 363 -3.51 69.22 -27.56
C VAL H 363 -2.29 69.66 -28.37
N ALA H 364 -2.17 70.97 -28.58
CA ALA H 364 -1.05 71.55 -29.32
C ALA H 364 -0.07 72.14 -28.31
N SER H 365 1.04 71.44 -28.09
CA SER H 365 2.04 71.88 -27.13
C SER H 365 3.43 71.74 -27.76
N GLY H 366 4.34 72.60 -27.32
CA GLY H 366 5.69 72.61 -27.82
C GLY H 366 6.38 73.94 -27.56
N GLY H 367 7.31 74.32 -28.42
CA GLY H 367 7.94 75.61 -28.30
C GLY H 367 7.13 76.71 -28.94
N ILE H 368 5.87 76.83 -28.54
CA ILE H 368 4.96 77.81 -29.11
C ILE H 368 4.94 79.06 -28.25
N HIS H 369 4.58 80.18 -28.87
CA HIS H 369 4.41 81.44 -28.17
C HIS H 369 3.33 82.23 -28.91
N VAL H 370 3.28 83.54 -28.67
CA VAL H 370 2.21 84.37 -29.24
C VAL H 370 2.24 84.33 -30.76
N TRP H 371 3.43 84.35 -31.36
CA TRP H 371 3.53 84.48 -32.81
C TRP H 371 3.01 83.26 -33.57
N HIS H 372 2.78 82.14 -32.90
CA HIS H 372 2.28 80.94 -33.55
C HIS H 372 0.76 80.81 -33.46
N VAL H 373 0.08 81.75 -32.79
CA VAL H 373 -1.36 81.62 -32.58
C VAL H 373 -2.14 81.64 -33.89
N PRO H 374 -1.95 82.62 -34.79
CA PRO H 374 -2.74 82.60 -36.03
C PRO H 374 -2.55 81.34 -36.85
N ASP H 375 -1.34 80.77 -36.85
CA ASP H 375 -1.12 79.53 -37.59
C ASP H 375 -1.71 78.35 -36.84
N LEU H 376 -1.63 78.34 -35.51
CA LEU H 376 -2.16 77.24 -34.73
C LEU H 376 -3.67 77.14 -34.86
N VAL H 377 -4.36 78.29 -34.89
CA VAL H 377 -5.82 78.28 -35.02
C VAL H 377 -6.22 77.65 -36.34
N SER H 378 -5.49 77.94 -37.41
CA SER H 378 -5.82 77.40 -38.73
C SER H 378 -5.69 75.89 -38.74
N ILE H 379 -4.65 75.34 -38.13
CA ILE H 379 -4.40 73.91 -38.18
C ILE H 379 -5.50 73.14 -37.47
N PHE H 380 -5.91 73.62 -36.28
CA PHE H 380 -6.72 72.82 -35.38
C PHE H 380 -8.17 73.30 -35.30
N GLY H 381 -8.39 74.59 -35.05
CA GLY H 381 -9.72 75.11 -34.89
C GLY H 381 -10.12 75.29 -33.45
N ASP H 382 -11.44 75.40 -33.23
CA ASP H 382 -11.96 75.72 -31.91
C ASP H 382 -11.82 74.56 -30.93
N ASP H 383 -11.64 73.33 -31.41
CA ASP H 383 -11.58 72.16 -30.54
C ASP H 383 -10.13 71.73 -30.38
N ALA H 384 -9.43 72.41 -29.47
CA ALA H 384 -8.03 72.11 -29.21
C ALA H 384 -7.56 72.85 -27.97
N PHE H 385 -6.53 72.31 -27.33
CA PHE H 385 -5.78 72.99 -26.28
C PHE H 385 -4.47 73.52 -26.83
N PHE H 386 -4.13 74.74 -26.41
CA PHE H 386 -2.86 75.38 -26.77
C PHE H 386 -2.07 75.56 -25.48
N LEU H 387 -1.14 74.64 -25.23
CA LEU H 387 -0.35 74.68 -23.99
C LEU H 387 0.85 75.59 -24.19
N PHE H 388 0.75 76.81 -23.66
CA PHE H 388 1.87 77.75 -23.68
C PHE H 388 2.71 77.55 -22.42
N GLY H 389 3.52 76.49 -22.46
CA GLY H 389 4.36 76.15 -21.33
C GLY H 389 5.40 77.21 -21.01
N GLY H 390 6.34 77.41 -21.92
CA GLY H 390 7.37 78.42 -21.72
C GLY H 390 6.97 79.77 -22.26
N GLY H 391 5.93 79.81 -23.08
CA GLY H 391 5.43 81.08 -23.58
C GLY H 391 4.66 81.90 -22.59
N THR H 392 4.29 81.31 -21.45
CA THR H 392 3.62 82.03 -20.38
C THR H 392 4.61 82.52 -19.34
N HIS H 393 5.44 81.63 -18.82
CA HIS H 393 6.44 81.98 -17.82
C HIS H 393 7.66 82.67 -18.42
N GLY H 394 7.84 82.61 -19.73
CA GLY H 394 8.91 83.33 -20.38
C GLY H 394 8.65 84.79 -20.61
N HIS H 395 7.46 85.26 -20.25
CA HIS H 395 7.13 86.67 -20.40
C HIS H 395 8.06 87.52 -19.54
N PRO H 396 8.43 88.72 -20.00
CA PRO H 396 9.34 89.56 -19.21
C PRO H 396 8.77 89.98 -17.85
N ARG H 397 7.46 89.91 -17.64
CA ARG H 397 6.84 90.40 -16.42
C ARG H 397 6.02 89.31 -15.75
N GLY H 398 6.55 88.09 -15.71
CA GLY H 398 5.95 87.04 -14.92
C GLY H 398 5.00 86.15 -15.69
N SER H 399 4.19 85.41 -14.92
CA SER H 399 3.25 84.46 -15.48
C SER H 399 1.84 85.03 -15.65
N ARG H 400 1.42 85.91 -14.74
CA ARG H 400 0.16 86.62 -14.94
C ARG H 400 0.21 87.44 -16.22
N ALA H 401 1.34 88.10 -16.47
CA ALA H 401 1.52 88.83 -17.72
C ALA H 401 1.46 87.87 -18.91
N GLY H 402 2.20 86.77 -18.85
CA GLY H 402 2.25 85.85 -19.97
C GLY H 402 0.93 85.17 -20.25
N ALA H 403 0.19 84.84 -19.20
CA ALA H 403 -1.12 84.22 -19.38
C ALA H 403 -2.10 85.16 -20.06
N THR H 404 -2.04 86.45 -19.71
CA THR H 404 -2.92 87.43 -20.35
C THR H 404 -2.59 87.59 -21.83
N ALA H 405 -1.30 87.60 -22.17
CA ALA H 405 -0.90 87.79 -23.56
C ALA H 405 -1.43 86.67 -24.44
N ASN H 406 -1.30 85.42 -23.99
CA ASN H 406 -1.79 84.29 -24.76
C ASN H 406 -3.31 84.35 -24.92
N ARG H 407 -4.02 84.73 -23.85
CA ARG H 407 -5.46 84.86 -23.93
C ARG H 407 -5.86 85.95 -24.91
N VAL H 408 -5.17 87.09 -24.88
CA VAL H 408 -5.51 88.19 -25.76
C VAL H 408 -5.27 87.81 -27.21
N ALA H 409 -4.12 87.18 -27.50
CA ALA H 409 -3.81 86.80 -28.87
C ALA H 409 -4.78 85.75 -29.39
N VAL H 410 -5.03 84.70 -28.61
CA VAL H 410 -5.92 83.63 -29.06
C VAL H 410 -7.34 84.18 -29.25
N GLU H 411 -7.82 84.97 -28.30
CA GLU H 411 -9.18 85.50 -28.40
C GLU H 411 -9.32 86.45 -29.58
N ALA H 412 -8.30 87.29 -29.81
CA ALA H 412 -8.37 88.24 -30.92
C ALA H 412 -8.38 87.53 -32.27
N VAL H 413 -7.55 86.51 -32.44
CA VAL H 413 -7.49 85.79 -33.70
C VAL H 413 -8.78 85.03 -33.96
N VAL H 414 -9.28 84.32 -32.94
CA VAL H 414 -10.49 83.53 -33.13
C VAL H 414 -11.69 84.46 -33.37
N GLN H 415 -11.68 85.63 -32.72
CA GLN H 415 -12.72 86.61 -33.01
C GLN H 415 -12.66 87.08 -34.46
N ALA H 416 -11.47 87.50 -34.90
CA ALA H 416 -11.31 88.03 -36.24
C ALA H 416 -11.55 86.94 -37.29
N ARG H 417 -11.24 85.68 -36.95
CA ARG H 417 -11.50 84.58 -37.86
C ARG H 417 -12.99 84.46 -38.19
N ASN H 418 -13.86 84.88 -37.27
CA ASN H 418 -15.29 84.65 -37.42
C ASN H 418 -15.98 85.69 -38.31
N GLU H 419 -15.31 86.79 -38.65
CA GLU H 419 -15.85 87.71 -39.65
C GLU H 419 -15.38 87.39 -41.06
N GLY H 420 -14.65 86.28 -41.25
CA GLY H 420 -14.23 85.85 -42.57
C GLY H 420 -12.82 86.23 -42.96
N ARG H 421 -12.10 86.96 -42.10
CA ARG H 421 -10.74 87.34 -42.44
C ARG H 421 -9.84 86.12 -42.51
N ASP H 422 -8.92 86.12 -43.47
CA ASP H 422 -7.98 85.02 -43.67
C ASP H 422 -6.83 85.20 -42.69
N ILE H 423 -6.93 84.53 -41.54
CA ILE H 423 -5.90 84.63 -40.52
C ILE H 423 -4.55 84.18 -41.07
N LEU H 424 -4.55 83.22 -42.00
CA LEU H 424 -3.31 82.73 -42.58
C LEU H 424 -2.50 83.87 -43.21
N ALA H 425 -3.20 84.85 -43.78
CA ALA H 425 -2.53 85.97 -44.45
C ALA H 425 -2.44 87.22 -43.60
N GLU H 426 -3.35 87.42 -42.66
CA GLU H 426 -3.34 88.62 -41.82
C GLU H 426 -3.04 88.31 -40.36
N GLY H 427 -2.28 87.25 -40.08
CA GLY H 427 -1.93 86.95 -38.71
C GLY H 427 -1.19 88.07 -38.01
N ARG H 428 -0.15 88.61 -38.66
CA ARG H 428 0.64 89.67 -38.04
C ARG H 428 -0.19 90.94 -37.86
N GLU H 429 -1.04 91.25 -38.85
CA GLU H 429 -1.89 92.44 -38.72
C GLU H 429 -2.89 92.29 -37.59
N ILE H 430 -3.49 91.10 -37.45
CA ILE H 430 -4.42 90.85 -36.35
C ILE H 430 -3.70 90.97 -35.02
N LEU H 431 -2.49 90.39 -34.93
CA LEU H 431 -1.73 90.47 -33.70
C LEU H 431 -1.38 91.90 -33.35
N GLU H 432 -0.96 92.69 -34.33
CA GLU H 432 -0.61 94.09 -34.07
C GLU H 432 -1.84 94.90 -33.65
N GLU H 433 -3.01 94.59 -34.25
CA GLU H 433 -4.24 95.23 -33.83
C GLU H 433 -4.58 94.88 -32.38
N ALA H 434 -4.36 93.63 -31.99
CA ALA H 434 -4.56 93.25 -30.60
C ALA H 434 -3.54 93.94 -29.69
N ALA H 435 -2.33 94.16 -30.20
CA ALA H 435 -1.27 94.75 -29.39
C ALA H 435 -1.54 96.22 -29.11
N ARG H 436 -2.02 96.96 -30.11
CA ARG H 436 -2.31 98.37 -29.89
C ARG H 436 -3.42 98.57 -28.86
N TRP H 437 -4.20 97.52 -28.58
CA TRP H 437 -5.23 97.55 -27.55
C TRP H 437 -4.75 97.04 -26.20
N CYS H 438 -3.96 95.96 -26.19
CA CYS H 438 -3.50 95.35 -24.96
C CYS H 438 -1.99 95.51 -24.84
N PRO H 439 -1.47 96.18 -23.81
CA PRO H 439 -0.01 96.30 -23.69
C PRO H 439 0.70 95.07 -23.17
N GLU H 440 -0.02 94.03 -22.72
CA GLU H 440 0.62 92.78 -22.35
C GLU H 440 1.13 92.05 -23.59
N LEU H 441 0.41 92.19 -24.71
CA LEU H 441 0.79 91.48 -25.92
C LEU H 441 1.97 92.15 -26.60
N ARG H 442 2.08 93.47 -26.49
CA ARG H 442 3.20 94.19 -27.10
C ARG H 442 4.53 93.64 -26.64
N GLU H 443 4.67 93.43 -25.33
CA GLU H 443 5.93 92.92 -24.78
C GLU H 443 6.12 91.45 -25.13
N ALA H 444 5.02 90.74 -25.45
CA ALA H 444 5.13 89.33 -25.78
C ALA H 444 5.77 89.12 -27.15
N MET H 445 5.35 89.92 -28.15
CA MET H 445 5.85 89.71 -29.51
C MET H 445 7.28 90.21 -29.65
N GLU H 446 7.59 91.38 -29.08
CA GLU H 446 8.91 91.95 -29.23
C GLU H 446 9.98 91.10 -28.55
N LEU H 447 9.57 90.17 -27.70
CA LEU H 447 10.53 89.25 -27.08
C LEU H 447 10.93 88.14 -28.04
N TRP H 448 9.94 87.41 -28.56
CA TRP H 448 10.18 86.24 -29.40
C TRP H 448 10.00 86.55 -30.89
N GLY H 449 9.87 87.82 -31.26
CA GLY H 449 9.66 88.19 -32.64
C GLY H 449 10.86 87.95 -33.54
N ARG I 3 26.95 -0.73 27.99
CA ARG I 3 27.91 0.37 28.00
C ARG I 3 28.82 0.27 29.22
N ALA I 4 29.88 -0.53 29.12
CA ALA I 4 30.83 -0.70 30.20
C ALA I 4 32.25 -0.30 29.84
N GLN I 5 32.64 -0.35 28.56
CA GLN I 5 34.00 -0.07 28.12
C GLN I 5 35.02 -0.92 28.88
N TYR I 6 34.92 -2.22 28.58
CA TYR I 6 35.91 -3.20 29.02
C TYR I 6 37.32 -2.70 28.78
N GLU I 7 38.25 -3.12 29.62
CA GLU I 7 39.64 -2.75 29.43
C GLU I 7 40.15 -3.38 28.14
N ALA I 8 40.27 -2.56 27.10
CA ALA I 8 40.64 -3.04 25.78
C ALA I 8 42.16 -3.16 25.65
N GLY I 9 42.61 -3.48 24.45
CA GLY I 9 44.01 -3.60 24.15
C GLY I 9 44.44 -5.06 23.99
N VAL I 10 45.74 -5.21 23.73
CA VAL I 10 46.35 -6.52 23.58
C VAL I 10 47.01 -6.91 24.90
N ARG I 11 46.71 -8.11 25.38
CA ARG I 11 47.29 -8.60 26.62
C ARG I 11 48.17 -9.82 26.37
N PRO I 12 49.22 -10.01 27.17
CA PRO I 12 50.00 -11.24 27.06
C PRO I 12 49.14 -12.47 27.33
N TYR I 13 49.42 -13.55 26.61
CA TYR I 13 48.67 -14.78 26.79
C TYR I 13 48.93 -15.39 28.15
N ARG I 14 50.12 -15.18 28.71
CA ARG I 14 50.46 -15.72 30.02
C ARG I 14 49.51 -15.23 31.10
N GLU I 15 48.95 -14.03 30.93
CA GLU I 15 48.12 -13.43 31.97
C GLU I 15 46.88 -14.26 32.27
N THR I 16 46.21 -14.77 31.23
CA THR I 16 44.89 -15.36 31.39
C THR I 16 44.77 -16.74 30.75
N TYR I 17 45.89 -17.39 30.43
CA TYR I 17 45.83 -18.75 29.90
C TYR I 17 46.91 -19.67 30.45
N TYR I 18 47.61 -19.26 31.50
CA TYR I 18 48.61 -20.11 32.16
C TYR I 18 48.23 -20.24 33.63
N ASP I 19 47.83 -21.44 34.03
CA ASP I 19 47.36 -21.72 35.40
C ASP I 19 48.18 -22.86 35.98
N PRO I 20 49.36 -22.58 36.51
CA PRO I 20 50.18 -23.65 37.11
C PRO I 20 49.53 -24.32 38.31
N ASP I 21 48.55 -23.68 38.94
CA ASP I 21 47.85 -24.25 40.09
C ASP I 21 46.60 -25.02 39.69
N TYR I 22 46.33 -25.15 38.40
CA TYR I 22 45.16 -25.87 37.94
C TYR I 22 45.35 -27.37 38.13
N GLU I 23 44.23 -28.08 38.33
CA GLU I 23 44.23 -29.52 38.44
C GLU I 23 43.34 -30.10 37.34
N PRO I 24 43.83 -31.01 36.51
CA PRO I 24 43.00 -31.52 35.41
C PRO I 24 41.92 -32.46 35.93
N LYS I 25 40.68 -32.21 35.50
CA LYS I 25 39.58 -33.10 35.84
C LYS I 25 39.64 -34.35 34.98
N ASP I 26 38.97 -35.40 35.45
CA ASP I 26 38.95 -36.65 34.71
C ASP I 26 38.09 -36.59 33.45
N THR I 27 37.52 -35.44 33.13
CA THR I 27 36.76 -35.26 31.90
C THR I 27 37.43 -34.33 30.91
N ASP I 28 38.53 -33.68 31.30
CA ASP I 28 39.22 -32.77 30.41
C ASP I 28 40.09 -33.53 29.42
N LEU I 29 40.36 -32.89 28.29
CA LEU I 29 41.33 -33.38 27.32
C LEU I 29 42.69 -32.77 27.62
N LEU I 30 43.68 -33.62 27.84
CA LEU I 30 45.04 -33.18 28.15
C LEU I 30 45.89 -33.35 26.91
N CYS I 31 46.59 -32.28 26.52
CA CYS I 31 47.46 -32.29 25.37
C CYS I 31 48.89 -31.95 25.79
N ALA I 32 49.85 -32.67 25.25
CA ALA I 32 51.26 -32.48 25.57
C ALA I 32 51.98 -31.98 24.31
N PHE I 33 52.44 -30.74 24.35
CA PHE I 33 53.07 -30.10 23.22
C PHE I 33 54.57 -29.94 23.47
N ARG I 34 55.36 -30.18 22.43
CA ARG I 34 56.80 -29.94 22.46
C ARG I 34 57.04 -28.62 21.72
N ILE I 35 57.37 -27.57 22.46
CA ILE I 35 57.37 -26.20 21.93
C ILE I 35 58.80 -25.75 21.71
N THR I 36 59.01 -24.98 20.65
CA THR I 36 60.29 -24.35 20.34
C THR I 36 60.01 -22.87 20.12
N PRO I 37 59.91 -22.08 21.19
CA PRO I 37 59.47 -20.69 21.06
C PRO I 37 60.55 -19.81 20.42
N LYS I 38 60.10 -18.64 19.97
CA LYS I 38 60.93 -17.58 19.41
C LYS I 38 62.10 -17.23 20.32
N PRO I 39 63.22 -16.79 19.75
CA PRO I 39 64.25 -16.15 20.58
C PRO I 39 63.70 -14.92 21.28
N GLY I 40 63.63 -14.97 22.61
CA GLY I 40 63.08 -13.87 23.37
C GLY I 40 61.71 -14.16 23.97
N VAL I 41 60.86 -14.84 23.21
CA VAL I 41 59.54 -15.21 23.72
C VAL I 41 59.71 -16.28 24.78
N PRO I 42 59.20 -16.08 25.99
CA PRO I 42 59.40 -17.05 27.06
C PRO I 42 58.65 -18.34 26.81
N MET I 43 59.09 -19.39 27.51
CA MET I 43 58.41 -20.68 27.42
C MET I 43 56.99 -20.59 27.97
N GLU I 44 56.78 -19.77 29.00
CA GLU I 44 55.46 -19.66 29.58
C GLU I 44 54.49 -18.93 28.65
N GLU I 45 54.99 -17.95 27.90
CA GLU I 45 54.11 -17.19 27.01
C GLU I 45 53.73 -18.01 25.79
N ALA I 46 54.68 -18.76 25.22
CA ALA I 46 54.37 -19.59 24.06
C ALA I 46 53.38 -20.69 24.41
N ALA I 47 53.53 -21.28 25.60
CA ALA I 47 52.59 -22.30 26.04
C ALA I 47 51.19 -21.72 26.21
N ALA I 48 51.09 -20.51 26.76
CA ALA I 48 49.80 -19.87 26.93
C ALA I 48 49.20 -19.47 25.58
N ALA I 49 50.06 -19.08 24.64
CA ALA I 49 49.58 -18.73 23.30
C ALA I 49 48.97 -19.94 22.60
N VAL I 50 49.59 -21.11 22.77
CA VAL I 50 49.05 -22.33 22.17
C VAL I 50 47.70 -22.67 22.77
N ALA I 51 47.58 -22.54 24.10
CA ALA I 51 46.33 -22.90 24.76
C ALA I 51 45.21 -21.92 24.43
N ALA I 52 45.54 -20.66 24.20
CA ALA I 52 44.52 -19.65 23.92
C ALA I 52 43.92 -19.85 22.54
N GLU I 53 44.75 -20.06 21.52
CA GLU I 53 44.29 -20.11 20.15
C GLU I 53 43.74 -21.46 19.74
N SER I 54 43.87 -22.47 20.59
CA SER I 54 43.14 -23.73 20.43
C SER I 54 41.86 -23.73 21.25
N SER I 55 41.49 -22.58 21.81
CA SER I 55 40.35 -22.43 22.70
C SER I 55 39.83 -21.01 22.50
N THR I 56 39.07 -20.52 23.48
CA THR I 56 38.36 -19.24 23.41
C THR I 56 39.25 -18.02 23.10
N GLY I 57 40.57 -18.20 23.09
CA GLY I 57 41.47 -17.06 23.04
C GLY I 57 41.50 -16.36 21.70
N THR I 58 42.05 -15.15 21.72
CA THR I 58 42.18 -14.29 20.54
C THR I 58 43.29 -13.29 20.84
N TRP I 59 43.90 -12.76 19.76
CA TRP I 59 45.10 -11.95 19.93
C TRP I 59 44.84 -10.65 20.68
N THR I 60 43.59 -10.17 20.71
CA THR I 60 43.21 -9.02 21.53
C THR I 60 42.04 -9.39 22.43
N GLU I 61 41.77 -8.51 23.40
CA GLU I 61 40.61 -8.65 24.26
C GLU I 61 39.37 -8.17 23.52
N VAL I 62 38.46 -9.09 23.25
CA VAL I 62 37.24 -8.77 22.53
C VAL I 62 36.17 -8.36 23.54
N TRP I 63 35.18 -7.59 23.07
CA TRP I 63 34.13 -7.13 23.97
C TRP I 63 33.19 -8.26 24.34
N SER I 64 33.10 -9.29 23.49
CA SER I 64 32.20 -10.40 23.73
C SER I 64 32.76 -11.41 24.72
N ASN I 65 33.95 -11.16 25.27
CA ASN I 65 34.46 -12.00 26.35
C ASN I 65 33.61 -11.89 27.61
N LEU I 66 32.80 -10.83 27.73
CA LEU I 66 31.95 -10.64 28.90
C LEU I 66 30.56 -11.22 28.72
N LEU I 67 30.26 -11.81 27.56
CA LEU I 67 29.00 -12.50 27.35
C LEU I 67 29.10 -13.98 27.70
N THR I 68 30.26 -14.44 28.18
CA THR I 68 30.47 -15.84 28.51
C THR I 68 31.19 -15.95 29.84
N ASP I 69 31.02 -17.11 30.47
CA ASP I 69 31.87 -17.50 31.60
C ASP I 69 33.09 -18.17 31.00
N LEU I 70 34.15 -17.39 30.79
CA LEU I 70 35.31 -17.88 30.06
C LEU I 70 35.97 -19.04 30.78
N GLU I 71 36.08 -18.96 32.11
CA GLU I 71 36.77 -20.00 32.87
C GLU I 71 36.11 -21.36 32.72
N ARG I 72 34.85 -21.41 32.27
CA ARG I 72 34.22 -22.69 31.95
C ARG I 72 34.88 -23.35 30.74
N TYR I 73 35.26 -22.56 29.75
CA TYR I 73 35.59 -23.08 28.43
C TYR I 73 37.06 -22.96 28.05
N LYS I 74 37.79 -22.01 28.63
CA LYS I 74 39.14 -21.73 28.18
C LYS I 74 40.10 -22.84 28.56
N ALA I 75 40.95 -23.23 27.63
CA ALA I 75 42.05 -24.13 27.94
C ALA I 75 43.12 -23.39 28.73
N ARG I 76 44.02 -24.14 29.35
CA ARG I 76 45.05 -23.53 30.16
C ARG I 76 46.21 -24.51 30.32
N CYS I 77 47.43 -23.98 30.26
CA CYS I 77 48.63 -24.79 30.42
C CYS I 77 48.92 -24.94 31.90
N TYR I 78 48.72 -26.15 32.42
CA TYR I 78 48.84 -26.41 33.85
C TYR I 78 50.21 -26.97 34.24
N ARG I 79 51.13 -27.10 33.29
CA ARG I 79 52.45 -27.63 33.60
C ARG I 79 53.39 -27.37 32.43
N ILE I 80 54.64 -27.05 32.74
CA ILE I 80 55.70 -26.95 31.75
C ILE I 80 56.91 -27.73 32.26
N GLU I 81 57.14 -28.91 31.69
CA GLU I 81 58.23 -29.78 32.13
C GLU I 81 59.48 -29.47 31.30
N GLY I 82 60.07 -28.31 31.57
CA GLY I 82 61.27 -27.89 30.88
C GLY I 82 61.02 -27.43 29.46
N ASP I 83 60.57 -28.37 28.61
CA ASP I 83 60.30 -28.06 27.22
C ASP I 83 58.94 -28.55 26.74
N VAL I 84 58.28 -29.43 27.49
CA VAL I 84 56.97 -29.96 27.12
C VAL I 84 55.91 -29.25 27.95
N ALA I 85 54.90 -28.70 27.28
CA ALA I 85 53.82 -27.98 27.93
C ALA I 85 52.55 -28.82 27.88
N TYR I 86 51.97 -29.07 29.06
CA TYR I 86 50.72 -29.80 29.16
C TYR I 86 49.57 -28.80 29.20
N ILE I 87 48.54 -29.05 28.38
CA ILE I 87 47.41 -28.15 28.27
C ILE I 87 46.12 -28.98 28.43
N ALA I 88 45.17 -28.44 29.19
CA ALA I 88 43.93 -29.14 29.50
C ALA I 88 42.76 -28.43 28.85
N TYR I 89 41.97 -29.17 28.07
CA TYR I 89 40.82 -28.62 27.38
C TYR I 89 39.54 -29.14 28.02
N PRO I 90 38.59 -28.27 28.34
CA PRO I 90 37.32 -28.74 28.91
C PRO I 90 36.57 -29.63 27.95
N LEU I 91 35.80 -30.56 28.52
CA LEU I 91 35.03 -31.50 27.70
C LEU I 91 33.99 -30.81 26.84
N ASP I 92 33.47 -29.67 27.28
CA ASP I 92 32.41 -28.97 26.54
C ASP I 92 32.90 -28.32 25.26
N LEU I 93 34.21 -28.22 25.05
CA LEU I 93 34.73 -27.55 23.87
C LEU I 93 34.57 -28.35 22.59
N PHE I 94 34.21 -29.63 22.68
CA PHE I 94 34.30 -30.52 21.53
C PHE I 94 32.93 -31.12 21.20
N GLU I 95 32.78 -31.50 19.94
CA GLU I 95 31.58 -32.15 19.46
C GLU I 95 31.67 -33.65 19.73
N GLU I 96 30.52 -34.25 20.02
CA GLU I 96 30.47 -35.65 20.42
C GLU I 96 30.67 -36.55 19.20
N GLY I 97 31.61 -37.49 19.32
CA GLY I 97 31.83 -38.48 18.29
C GLY I 97 32.26 -37.93 16.95
N SER I 98 33.19 -36.97 16.96
CA SER I 98 33.72 -36.44 15.71
C SER I 98 35.20 -36.15 15.91
N ILE I 99 36.05 -36.93 15.23
CA ILE I 99 37.49 -36.69 15.28
C ILE I 99 37.82 -35.36 14.60
N VAL I 100 36.98 -34.92 13.67
CA VAL I 100 37.28 -33.72 12.89
C VAL I 100 37.37 -32.49 13.79
N ASN I 101 36.46 -32.39 14.77
CA ASN I 101 36.43 -31.19 15.60
C ASN I 101 37.67 -31.11 16.49
N ILE I 102 38.08 -32.22 17.10
CA ILE I 102 39.25 -32.20 17.98
C ILE I 102 40.52 -31.91 17.16
N MET I 103 40.55 -32.38 15.91
CA MET I 103 41.71 -32.10 15.07
C MET I 103 41.55 -30.75 14.37
N SER I 104 40.43 -30.06 14.59
CA SER I 104 40.30 -28.67 14.16
C SER I 104 40.62 -27.69 15.28
N SER I 105 40.61 -28.15 16.53
CA SER I 105 40.91 -27.29 17.67
C SER I 105 42.36 -27.45 18.13
N ILE I 106 42.76 -28.68 18.46
CA ILE I 106 44.09 -28.92 19.02
C ILE I 106 45.17 -28.55 18.01
N VAL I 107 45.01 -29.01 16.76
CA VAL I 107 46.02 -28.84 15.74
C VAL I 107 45.56 -27.98 14.58
N GLY I 108 44.36 -27.40 14.66
CA GLY I 108 43.79 -26.70 13.52
C GLY I 108 44.52 -25.42 13.16
N ASN I 109 44.93 -24.65 14.18
CA ASN I 109 45.42 -23.30 13.93
C ASN I 109 46.73 -22.95 14.63
N VAL I 110 47.12 -23.66 15.68
CA VAL I 110 48.20 -23.20 16.54
C VAL I 110 49.59 -23.51 15.99
N PHE I 111 49.70 -24.33 14.96
CA PHE I 111 51.00 -24.78 14.47
C PHE I 111 51.73 -23.74 13.63
N GLY I 112 51.06 -22.67 13.22
CA GLY I 112 51.69 -21.72 12.31
C GLY I 112 51.78 -20.31 12.83
N PHE I 113 51.94 -20.15 14.14
CA PHE I 113 52.04 -18.84 14.76
C PHE I 113 53.46 -18.33 14.70
N LYS I 114 53.60 -17.02 14.51
CA LYS I 114 54.92 -16.40 14.57
C LYS I 114 55.55 -16.49 15.94
N ALA I 115 54.76 -16.76 16.99
CA ALA I 115 55.28 -16.84 18.34
C ALA I 115 56.02 -18.14 18.64
N VAL I 116 55.78 -19.21 17.87
CA VAL I 116 56.44 -20.48 18.06
C VAL I 116 57.16 -20.83 16.76
N GLN I 117 58.48 -21.06 16.85
CA GLN I 117 59.23 -21.51 15.69
C GLN I 117 58.84 -22.93 15.29
N ALA I 118 58.54 -23.78 16.26
CA ALA I 118 58.14 -25.15 15.97
C ALA I 118 57.26 -25.64 17.11
N LEU I 119 56.48 -26.68 16.81
CA LEU I 119 55.49 -27.18 17.74
C LEU I 119 55.13 -28.60 17.35
N ARG I 120 55.20 -29.53 18.30
CA ARG I 120 54.83 -30.91 18.06
C ARG I 120 53.84 -31.38 19.12
N LEU I 121 52.71 -31.91 18.67
CA LEU I 121 51.74 -32.53 19.58
C LEU I 121 52.23 -33.93 19.92
N GLU I 122 52.85 -34.07 21.09
CA GLU I 122 53.46 -35.34 21.45
C GLU I 122 52.42 -36.40 21.77
N ASP I 123 51.36 -36.03 22.50
CA ASP I 123 50.39 -37.00 22.98
C ASP I 123 49.12 -36.27 23.38
N MET I 124 48.09 -37.04 23.72
CA MET I 124 46.93 -36.49 24.41
C MET I 124 46.25 -37.60 25.21
N ARG I 125 45.35 -37.17 26.09
CA ARG I 125 44.52 -38.04 26.91
C ARG I 125 43.06 -37.76 26.57
N ILE I 126 42.44 -38.67 25.82
CA ILE I 126 41.01 -38.56 25.54
C ILE I 126 40.27 -39.09 26.76
N PRO I 127 39.45 -38.28 27.42
CA PRO I 127 38.74 -38.77 28.61
C PRO I 127 37.70 -39.81 28.26
N VAL I 128 37.40 -40.66 29.25
CA VAL I 128 36.39 -41.70 29.07
C VAL I 128 35.04 -41.07 28.74
N ALA I 129 34.76 -39.88 29.26
CA ALA I 129 33.50 -39.21 28.95
C ALA I 129 33.39 -38.89 27.47
N TYR I 130 34.48 -38.42 26.86
CA TYR I 130 34.49 -38.19 25.43
C TYR I 130 34.59 -39.47 24.63
N LEU I 131 35.33 -40.46 25.14
CA LEU I 131 35.58 -41.67 24.37
C LEU I 131 34.33 -42.53 24.24
N LYS I 132 33.40 -42.43 25.19
CA LYS I 132 32.17 -43.20 25.15
C LYS I 132 31.25 -42.78 23.99
N THR I 133 31.49 -41.62 23.38
CA THR I 133 30.69 -41.17 22.25
C THR I 133 31.16 -41.74 20.92
N PHE I 134 32.23 -42.52 20.91
CA PHE I 134 32.81 -43.04 19.68
C PHE I 134 32.54 -44.53 19.54
N PRO I 135 32.38 -45.04 18.31
CA PRO I 135 32.00 -46.44 18.13
C PRO I 135 33.15 -47.41 18.31
N GLY I 136 34.35 -47.00 17.93
CA GLY I 136 35.50 -47.88 17.98
C GLY I 136 35.57 -48.77 16.76
N PRO I 137 36.54 -49.69 16.75
CA PRO I 137 36.70 -50.60 15.61
C PRO I 137 35.45 -51.44 15.39
N PRO I 138 35.12 -51.75 14.13
CA PRO I 138 33.92 -52.56 13.89
C PRO I 138 34.04 -53.99 14.39
N THR I 139 35.18 -54.65 14.15
CA THR I 139 35.34 -56.05 14.50
C THR I 139 36.39 -56.27 15.58
N GLY I 140 37.58 -55.71 15.43
CA GLY I 140 38.61 -55.88 16.43
C GLY I 140 39.52 -57.06 16.16
N ILE I 141 40.28 -57.43 17.18
CA ILE I 141 41.24 -58.51 17.04
C ILE I 141 40.57 -59.87 17.22
N GLN I 142 39.81 -60.02 18.31
CA GLN I 142 39.25 -61.33 18.65
C GLN I 142 38.21 -61.77 17.64
N VAL I 143 37.33 -60.86 17.21
CA VAL I 143 36.30 -61.22 16.23
C VAL I 143 36.93 -61.55 14.88
N GLU I 144 37.96 -60.80 14.50
CA GLU I 144 38.62 -61.04 13.23
C GLU I 144 39.27 -62.41 13.18
N ARG I 145 39.95 -62.81 14.26
CA ARG I 145 40.60 -64.12 14.28
C ARG I 145 39.59 -65.24 14.12
N ASP I 146 38.38 -65.05 14.64
CA ASP I 146 37.34 -66.05 14.47
C ASP I 146 36.84 -66.09 13.03
N ARG I 147 36.75 -64.93 12.39
CA ARG I 147 36.29 -64.89 11.00
C ARG I 147 37.27 -65.59 10.07
N LEU I 148 38.57 -65.34 10.25
CA LEU I 148 39.59 -66.02 9.45
C LEU I 148 39.93 -67.41 9.97
N ASN I 149 39.57 -67.71 11.22
CA ASN I 149 39.88 -68.99 11.84
C ASN I 149 41.39 -69.27 11.83
N LYS I 150 42.14 -68.33 12.43
CA LYS I 150 43.59 -68.42 12.50
C LYS I 150 44.02 -67.88 13.86
N TYR I 151 44.45 -68.77 14.75
CA TYR I 151 44.78 -68.41 16.12
C TYR I 151 46.25 -68.71 16.42
N GLY I 152 46.81 -67.96 17.36
CA GLY I 152 48.09 -68.29 17.94
C GLY I 152 49.30 -68.04 17.07
N ARG I 153 49.27 -67.03 16.21
CA ARG I 153 50.40 -66.69 15.36
C ARG I 153 50.12 -65.34 14.71
N PRO I 154 51.16 -64.62 14.28
CA PRO I 154 50.95 -63.37 13.56
C PRO I 154 50.48 -63.66 12.15
N LEU I 155 49.34 -63.07 11.77
CA LEU I 155 48.80 -63.29 10.44
C LEU I 155 49.73 -62.70 9.39
N LEU I 156 49.81 -63.37 8.24
CA LEU I 156 50.75 -63.03 7.21
C LEU I 156 50.03 -62.48 5.98
N GLY I 157 50.59 -61.43 5.40
CA GLY I 157 50.03 -60.82 4.22
C GLY I 157 51.08 -60.42 3.22
N GLY I 158 50.73 -59.51 2.31
CA GLY I 158 51.67 -59.02 1.34
C GLY I 158 51.08 -57.97 0.42
N THR I 159 51.92 -57.13 -0.16
CA THR I 159 51.48 -56.10 -1.10
C THR I 159 51.86 -56.50 -2.51
N ILE I 160 50.88 -56.50 -3.41
CA ILE I 160 51.14 -56.87 -4.79
C ILE I 160 52.03 -55.82 -5.44
N LYS I 161 53.11 -56.27 -6.07
CA LYS I 161 54.08 -55.38 -6.70
C LYS I 161 54.33 -55.83 -8.13
N PRO I 162 54.66 -54.89 -9.04
CA PRO I 162 54.89 -53.46 -8.82
C PRO I 162 53.62 -52.69 -8.49
N LYS I 163 53.77 -51.49 -7.92
CA LYS I 163 52.63 -50.75 -7.41
C LYS I 163 51.61 -50.49 -8.50
N LEU I 164 52.06 -50.04 -9.66
CA LEU I 164 51.18 -49.70 -10.77
C LEU I 164 51.70 -50.32 -12.06
N GLY I 165 50.78 -50.60 -12.98
CA GLY I 165 51.15 -51.16 -14.26
C GLY I 165 50.46 -52.46 -14.60
N LEU I 166 50.25 -53.32 -13.60
CA LEU I 166 49.63 -54.61 -13.84
C LEU I 166 48.17 -54.44 -14.24
N SER I 167 47.75 -55.19 -15.27
CA SER I 167 46.36 -55.28 -15.63
C SER I 167 45.64 -56.25 -14.69
N ALA I 168 44.30 -56.17 -14.69
CA ALA I 168 43.51 -56.97 -13.76
C ALA I 168 43.74 -58.46 -14.00
N LYS I 169 43.97 -58.86 -15.25
CA LYS I 169 44.25 -60.27 -15.53
C LYS I 169 45.54 -60.72 -14.89
N GLU I 170 46.58 -59.89 -14.96
CA GLU I 170 47.87 -60.25 -14.37
C GLU I 170 47.92 -59.89 -12.89
N TYR I 171 47.08 -58.97 -12.44
CA TYR I 171 47.00 -58.68 -11.01
C TYR I 171 46.48 -59.88 -10.23
N ALA I 172 45.36 -60.46 -10.69
CA ALA I 172 44.82 -61.63 -10.04
C ALA I 172 45.74 -62.83 -10.16
N ARG I 173 46.58 -62.87 -11.20
CA ARG I 173 47.54 -63.95 -11.33
C ARG I 173 48.60 -63.89 -10.24
N VAL I 174 49.05 -62.68 -9.91
CA VAL I 174 50.01 -62.51 -8.81
C VAL I 174 49.33 -62.78 -7.48
N VAL I 175 48.08 -62.32 -7.33
CA VAL I 175 47.35 -62.52 -6.08
C VAL I 175 47.18 -64.00 -5.79
N TYR I 176 46.80 -64.78 -6.81
CA TYR I 176 46.61 -66.21 -6.61
C TYR I 176 47.92 -66.89 -6.23
N GLU I 177 49.03 -66.48 -6.85
CA GLU I 177 50.32 -67.09 -6.54
C GLU I 177 50.72 -66.85 -5.09
N CYS I 178 50.47 -65.65 -4.58
CA CYS I 178 50.82 -65.34 -3.19
C CYS I 178 49.89 -66.07 -2.22
N LEU I 179 48.59 -66.07 -2.51
CA LEU I 179 47.63 -66.73 -1.63
C LEU I 179 47.85 -68.23 -1.60
N ARG I 180 48.03 -68.84 -2.77
CA ARG I 180 48.27 -70.28 -2.86
C ARG I 180 49.55 -70.69 -2.15
N GLY I 181 50.53 -69.80 -2.04
CA GLY I 181 51.81 -70.13 -1.45
C GLY I 181 51.89 -70.02 0.05
N GLY I 182 50.81 -69.67 0.73
CA GLY I 182 50.83 -69.65 2.18
C GLY I 182 50.32 -68.38 2.82
N LEU I 183 50.47 -67.25 2.14
CA LEU I 183 50.02 -65.97 2.69
C LEU I 183 48.52 -66.01 2.98
N ASP I 184 48.15 -65.57 4.17
CA ASP I 184 46.75 -65.52 4.56
C ASP I 184 46.00 -64.37 3.92
N THR I 185 46.71 -63.36 3.42
CA THR I 185 46.07 -62.16 2.90
C THR I 185 47.01 -61.50 1.90
N THR I 186 46.42 -60.70 1.01
CA THR I 186 47.18 -59.78 0.18
C THR I 186 46.45 -58.44 0.22
N KCX I 187 46.97 -57.43 -0.47
CA KCX I 187 46.30 -56.14 -0.44
CB KCX I 187 46.68 -55.33 0.81
CG KCX I 187 48.17 -55.15 0.87
CD KCX I 187 48.53 -54.21 1.98
CE KCX I 187 47.86 -52.87 1.77
NZ KCX I 187 48.67 -52.05 0.93
C KCX I 187 46.60 -55.27 -1.65
O KCX I 187 47.76 -55.42 -2.19
CX KCX I 187 49.82 -51.41 1.40
OQ1 KCX I 187 50.40 -50.73 0.47
OQ2 KCX I 187 50.19 -51.50 2.56
N ASP I 188 45.66 -54.44 -2.09
CA ASP I 188 45.91 -53.46 -3.12
C ASP I 188 46.87 -52.42 -2.58
N ASP I 189 47.83 -52.00 -3.40
CA ASP I 189 48.77 -50.99 -2.96
C ASP I 189 48.06 -49.64 -2.91
N GLU I 190 48.53 -48.74 -2.05
CA GLU I 190 47.78 -47.52 -1.79
C GLU I 190 47.67 -46.62 -3.02
N ASN I 191 48.62 -46.73 -3.95
CA ASN I 191 48.54 -45.92 -5.17
C ASN I 191 47.45 -46.42 -6.10
N LEU I 192 47.04 -47.68 -5.94
CA LEU I 192 46.15 -48.35 -6.88
C LEU I 192 44.70 -48.12 -6.45
N ASN I 193 44.12 -47.01 -6.89
CA ASN I 193 42.70 -46.79 -6.62
C ASN I 193 41.86 -47.21 -7.81
N SER I 194 41.98 -46.51 -8.93
CA SER I 194 41.35 -46.93 -10.18
C SER I 194 42.06 -46.20 -11.32
N GLN I 195 42.94 -46.90 -12.02
CA GLN I 195 43.69 -46.29 -13.11
C GLN I 195 43.32 -46.90 -14.45
N PRO I 196 43.68 -46.24 -15.56
CA PRO I 196 43.36 -46.81 -16.87
C PRO I 196 43.90 -48.20 -17.10
N PHE I 197 45.11 -48.50 -16.62
CA PHE I 197 45.64 -49.85 -16.78
C PHE I 197 44.91 -50.85 -15.89
N ASN I 198 44.51 -50.43 -14.69
CA ASN I 198 43.80 -51.32 -13.75
C ASN I 198 42.62 -50.54 -13.17
N ARG I 199 41.49 -50.56 -13.87
CA ARG I 199 40.25 -50.00 -13.35
C ARG I 199 39.76 -50.82 -12.17
N TRP I 200 38.93 -50.19 -11.34
CA TRP I 200 38.53 -50.81 -10.08
C TRP I 200 37.49 -51.90 -10.27
N ARG I 201 36.54 -51.72 -11.19
CA ARG I 201 35.51 -52.73 -11.37
C ARG I 201 36.04 -54.00 -12.01
N ASP I 202 37.14 -53.91 -12.76
CA ASP I 202 37.76 -55.12 -13.31
C ASP I 202 38.70 -55.76 -12.30
N ARG I 203 39.42 -54.96 -11.52
CA ARG I 203 40.30 -55.51 -10.51
C ARG I 203 39.53 -56.26 -9.45
N PHE I 204 38.39 -55.70 -9.01
CA PHE I 204 37.61 -56.33 -7.94
C PHE I 204 37.11 -57.70 -8.36
N LEU I 205 36.62 -57.83 -9.60
CA LEU I 205 36.13 -59.11 -10.08
C LEU I 205 37.26 -60.13 -10.19
N TYR I 206 38.39 -59.72 -10.77
CA TYR I 206 39.45 -60.68 -11.08
C TYR I 206 40.11 -61.20 -9.81
N VAL I 207 40.44 -60.31 -8.87
CA VAL I 207 41.17 -60.74 -7.70
C VAL I 207 40.31 -61.63 -6.81
N MET I 208 39.01 -61.35 -6.74
CA MET I 208 38.17 -62.16 -5.86
C MET I 208 37.85 -63.51 -6.47
N GLU I 209 37.97 -63.65 -7.79
CA GLU I 209 37.97 -64.97 -8.39
C GLU I 209 39.19 -65.77 -7.94
N ALA I 210 40.34 -65.10 -7.85
CA ALA I 210 41.54 -65.77 -7.36
C ALA I 210 41.43 -66.07 -5.86
N VAL I 211 40.85 -65.14 -5.10
CA VAL I 211 40.70 -65.35 -3.66
C VAL I 211 39.77 -66.54 -3.41
N ARG I 212 38.65 -66.61 -4.14
CA ARG I 212 37.78 -67.77 -4.03
C ARG I 212 38.48 -69.03 -4.48
N LYS I 213 39.26 -68.95 -5.56
CA LYS I 213 39.98 -70.11 -6.06
C LYS I 213 41.03 -70.57 -5.06
N ALA I 214 41.78 -69.62 -4.48
CA ALA I 214 42.85 -69.99 -3.56
C ALA I 214 42.31 -70.67 -2.30
N GLU I 215 41.11 -70.29 -1.86
CA GLU I 215 40.50 -70.92 -0.70
C GLU I 215 40.20 -72.38 -0.97
N ALA I 216 39.94 -72.74 -2.23
CA ALA I 216 39.54 -74.10 -2.57
C ALA I 216 40.69 -75.08 -2.40
N GLU I 217 41.86 -74.77 -2.97
CA GLU I 217 42.99 -75.69 -2.88
C GLU I 217 43.60 -75.71 -1.49
N THR I 218 43.80 -74.52 -0.90
CA THR I 218 44.50 -74.44 0.38
C THR I 218 43.67 -75.02 1.50
N GLY I 219 42.37 -74.77 1.50
CA GLY I 219 41.50 -75.16 2.58
C GLY I 219 41.40 -74.15 3.70
N GLU I 220 42.30 -73.17 3.74
CA GLU I 220 42.21 -72.09 4.70
C GLU I 220 41.40 -70.95 4.10
N ARG I 221 41.14 -69.91 4.91
CA ARG I 221 40.37 -68.76 4.47
C ARG I 221 41.30 -67.60 4.18
N LYS I 222 41.29 -67.13 2.94
CA LYS I 222 42.13 -66.03 2.49
C LYS I 222 41.29 -64.77 2.29
N GLY I 223 41.99 -63.65 2.16
CA GLY I 223 41.33 -62.38 1.93
C GLY I 223 42.23 -61.45 1.15
N HIS I 224 41.62 -60.44 0.54
CA HIS I 224 42.36 -59.42 -0.18
C HIS I 224 41.82 -58.05 0.20
N TRP I 225 42.71 -57.18 0.68
CA TRP I 225 42.32 -55.85 1.13
C TRP I 225 42.13 -54.95 -0.10
N LEU I 226 40.91 -54.96 -0.63
CA LEU I 226 40.59 -54.16 -1.81
C LEU I 226 40.59 -52.68 -1.45
N ASN I 227 41.35 -51.89 -2.20
CA ASN I 227 41.43 -50.45 -1.96
C ASN I 227 40.19 -49.78 -2.53
N VAL I 228 39.35 -49.23 -1.65
CA VAL I 228 38.14 -48.53 -2.05
C VAL I 228 38.29 -47.02 -2.01
N THR I 229 39.49 -46.52 -1.75
CA THR I 229 39.71 -45.07 -1.72
C THR I 229 39.41 -44.47 -3.08
N ALA I 230 38.74 -43.32 -3.08
CA ALA I 230 38.39 -42.62 -4.30
C ALA I 230 38.41 -41.12 -4.02
N GLY I 231 37.96 -40.34 -5.00
CA GLY I 231 37.97 -38.89 -4.87
C GLY I 231 36.81 -38.30 -4.11
N SER I 232 35.81 -39.10 -3.74
CA SER I 232 34.65 -38.59 -3.05
C SER I 232 34.07 -39.67 -2.16
N THR I 233 33.30 -39.25 -1.16
CA THR I 233 32.73 -40.20 -0.21
C THR I 233 31.73 -41.13 -0.88
N GLU I 234 30.91 -40.59 -1.79
CA GLU I 234 29.93 -41.44 -2.46
C GLU I 234 30.61 -42.48 -3.34
N GLU I 235 31.73 -42.11 -3.97
CA GLU I 235 32.49 -43.09 -4.76
C GLU I 235 33.13 -44.14 -3.85
N MET I 236 33.72 -43.71 -2.74
CA MET I 236 34.31 -44.67 -1.81
C MET I 236 33.28 -45.65 -1.29
N LEU I 237 32.05 -45.17 -1.04
CA LEU I 237 30.99 -46.08 -0.63
C LEU I 237 30.57 -46.99 -1.78
N LYS I 238 30.39 -46.43 -2.98
CA LYS I 238 29.98 -47.22 -4.13
C LYS I 238 30.92 -48.38 -4.36
N ARG I 239 32.22 -48.17 -4.14
CA ARG I 239 33.16 -49.27 -4.24
C ARG I 239 33.04 -50.21 -3.05
N ALA I 240 32.43 -49.76 -1.95
CA ALA I 240 32.31 -50.62 -0.77
C ALA I 240 31.23 -51.68 -0.96
N GLU I 241 30.06 -51.30 -1.51
CA GLU I 241 29.03 -52.31 -1.73
C GLU I 241 29.43 -53.31 -2.81
N PHE I 242 30.13 -52.86 -3.85
CA PHE I 242 30.57 -53.80 -4.88
C PHE I 242 31.51 -54.84 -4.28
N ALA I 243 32.45 -54.40 -3.45
CA ALA I 243 33.29 -55.36 -2.73
C ALA I 243 32.47 -56.21 -1.78
N ALA I 244 31.39 -55.66 -1.23
CA ALA I 244 30.58 -56.41 -0.29
C ALA I 244 29.79 -57.51 -0.99
N GLU I 245 29.23 -57.20 -2.15
CA GLU I 245 28.39 -58.18 -2.85
C GLU I 245 29.20 -59.22 -3.62
N LEU I 246 30.49 -58.98 -3.83
CA LEU I 246 31.36 -60.00 -4.41
C LEU I 246 31.71 -61.10 -3.42
N GLY I 247 31.35 -60.92 -2.15
CA GLY I 247 31.73 -61.87 -1.12
C GLY I 247 33.05 -61.57 -0.45
N SER I 248 33.55 -60.35 -0.57
CA SER I 248 34.81 -59.99 0.05
C SER I 248 34.65 -59.84 1.56
N ARG I 249 35.68 -60.23 2.28
CA ARG I 249 35.74 -60.02 3.72
C ARG I 249 36.36 -58.69 4.10
N TYR I 250 36.90 -57.95 3.13
CA TYR I 250 37.85 -56.89 3.46
C TYR I 250 37.70 -55.73 2.50
N ILE I 251 37.91 -54.53 3.02
CA ILE I 251 38.13 -53.32 2.22
C ILE I 251 39.30 -52.57 2.84
N MET I 252 39.85 -51.62 2.08
CA MET I 252 40.99 -50.86 2.53
C MET I 252 40.79 -49.39 2.18
N VAL I 253 41.18 -48.52 3.12
CA VAL I 253 41.03 -47.08 2.96
C VAL I 253 42.31 -46.40 3.40
N ASP I 254 42.73 -45.39 2.64
CA ASP I 254 43.78 -44.47 3.07
C ASP I 254 43.10 -43.39 3.89
N PHE I 255 43.02 -43.59 5.20
CA PHE I 255 42.19 -42.70 6.01
C PHE I 255 42.77 -41.31 6.11
N LEU I 256 44.10 -41.18 6.22
CA LEU I 256 44.70 -39.86 6.37
C LEU I 256 44.51 -39.00 5.11
N THR I 257 44.69 -39.59 3.93
CA THR I 257 44.50 -38.83 2.69
C THR I 257 43.02 -38.59 2.41
N ALA I 258 42.19 -39.61 2.61
CA ALA I 258 40.76 -39.48 2.35
C ALA I 258 40.05 -38.60 3.37
N GLY I 259 40.69 -38.30 4.50
CA GLY I 259 40.09 -37.48 5.52
C GLY I 259 39.28 -38.31 6.50
N PHE I 260 39.28 -37.86 7.76
CA PHE I 260 38.59 -38.58 8.81
C PHE I 260 37.07 -38.56 8.64
N ALA I 261 36.52 -37.54 7.98
CA ALA I 261 35.08 -37.52 7.73
C ALA I 261 34.66 -38.62 6.76
N ALA I 262 35.34 -38.70 5.62
CA ALA I 262 35.05 -39.78 4.68
C ALA I 262 35.42 -41.14 5.25
N PHE I 263 36.44 -41.19 6.10
CA PHE I 263 36.79 -42.43 6.76
C PHE I 263 35.67 -42.89 7.69
N ALA I 264 35.09 -41.96 8.45
CA ALA I 264 34.00 -42.31 9.35
C ALA I 264 32.74 -42.69 8.58
N SER I 265 32.54 -42.05 7.41
CA SER I 265 31.42 -42.46 6.56
C SER I 265 31.61 -43.87 6.02
N VAL I 266 32.84 -44.21 5.65
CA VAL I 266 33.11 -45.56 5.14
C VAL I 266 33.01 -46.58 6.25
N ARG I 267 33.48 -46.24 7.44
CA ARG I 267 33.45 -47.17 8.57
C ARG I 267 32.03 -47.55 8.94
N ARG I 268 31.11 -46.58 8.88
CA ARG I 268 29.71 -46.88 9.15
C ARG I 268 29.17 -47.89 8.15
N ARG I 269 29.48 -47.70 6.88
CA ARG I 269 29.03 -48.65 5.86
C ARG I 269 29.73 -49.99 6.00
N ALA I 270 31.04 -49.98 6.29
CA ALA I 270 31.79 -51.23 6.43
C ALA I 270 31.23 -52.07 7.57
N GLU I 271 30.64 -51.43 8.57
CA GLU I 271 30.00 -52.18 9.64
C GLU I 271 28.65 -52.72 9.19
N GLU I 272 27.92 -51.96 8.37
CA GLU I 272 26.60 -52.39 7.91
C GLU I 272 26.68 -53.51 6.88
N LEU I 273 27.80 -53.61 6.16
CA LEU I 273 28.00 -54.68 5.19
C LEU I 273 28.78 -55.86 5.74
N GLY I 274 29.12 -55.84 7.02
CA GLY I 274 29.92 -56.92 7.60
C GLY I 274 31.30 -57.03 7.01
N LEU I 275 31.93 -55.90 6.72
CA LEU I 275 33.25 -55.86 6.10
C LEU I 275 34.28 -55.43 7.14
N MET I 276 35.34 -56.20 7.28
CA MET I 276 36.48 -55.69 8.02
C MET I 276 37.14 -54.57 7.23
N LEU I 277 37.76 -53.65 7.96
CA LEU I 277 38.22 -52.37 7.39
C LEU I 277 39.69 -52.18 7.74
N HIS I 278 40.58 -52.59 6.83
CA HIS I 278 41.99 -52.25 6.97
C HIS I 278 42.20 -50.78 6.63
N CYS I 279 42.97 -50.10 7.47
CA CYS I 279 43.25 -48.68 7.29
C CYS I 279 44.73 -48.50 6.98
N HIS I 280 45.01 -47.87 5.84
CA HIS I 280 46.38 -47.59 5.43
C HIS I 280 46.71 -46.15 5.83
N ARG I 281 47.88 -45.97 6.43
CA ARG I 281 48.27 -44.67 6.99
C ARG I 281 49.08 -43.84 6.01
N ALA I 282 48.78 -43.95 4.72
CA ALA I 282 49.54 -43.21 3.71
C ALA I 282 49.46 -41.72 3.97
N MET I 283 50.57 -41.03 3.70
CA MET I 283 50.75 -39.62 4.00
C MET I 283 50.71 -39.36 5.51
N HIS I 284 51.45 -40.15 6.27
CA HIS I 284 51.60 -39.93 7.70
C HIS I 284 52.92 -39.29 8.05
N ALA I 285 53.99 -39.60 7.29
CA ALA I 285 55.30 -39.06 7.60
C ALA I 285 55.38 -37.58 7.34
N VAL I 286 54.43 -37.01 6.61
CA VAL I 286 54.34 -35.56 6.51
C VAL I 286 54.06 -34.98 7.90
N PHE I 287 53.34 -35.74 8.73
CA PHE I 287 53.09 -35.34 10.11
C PHE I 287 54.21 -35.78 11.02
N ASP I 288 54.37 -37.10 11.14
CA ASP I 288 55.17 -37.72 12.21
C ASP I 288 56.54 -38.19 11.72
N ARG I 289 57.28 -37.27 11.13
CA ARG I 289 58.66 -37.62 10.81
C ARG I 289 59.65 -36.75 11.57
N GLN I 290 59.51 -35.44 11.45
CA GLN I 290 60.43 -34.54 12.12
C GLN I 290 60.12 -34.48 13.61
N PRO I 291 61.10 -34.66 14.48
CA PRO I 291 60.82 -34.67 15.93
C PRO I 291 60.71 -33.29 16.53
N ASN I 292 60.57 -32.25 15.69
CA ASN I 292 60.48 -30.89 16.19
C ASN I 292 59.16 -30.23 15.80
N HIS I 293 58.53 -30.74 14.74
CA HIS I 293 57.28 -30.17 14.25
C HIS I 293 56.40 -31.28 13.70
N GLY I 294 55.09 -31.17 13.93
CA GLY I 294 54.13 -32.10 13.41
C GLY I 294 53.30 -32.71 14.52
N ILE I 295 52.70 -33.86 14.22
CA ILE I 295 51.92 -34.62 15.20
C ILE I 295 52.50 -36.02 15.25
N HIS I 296 52.84 -36.49 16.45
CA HIS I 296 53.40 -37.83 16.60
C HIS I 296 52.36 -38.86 16.19
N PHE I 297 52.80 -40.03 15.72
CA PHE I 297 51.86 -40.98 15.17
C PHE I 297 50.98 -41.62 16.25
N ARG I 298 51.48 -41.70 17.48
CA ARG I 298 50.66 -42.27 18.55
C ARG I 298 49.37 -41.50 18.73
N VAL I 299 49.39 -40.19 18.47
CA VAL I 299 48.16 -39.41 18.47
C VAL I 299 47.22 -39.84 17.36
N LEU I 300 47.74 -40.09 16.16
CA LEU I 300 46.91 -40.59 15.07
C LEU I 300 46.52 -42.05 15.25
N ALA I 301 47.26 -42.80 16.06
CA ALA I 301 46.84 -44.14 16.41
C ALA I 301 45.70 -44.11 17.42
N LYS I 302 45.71 -43.13 18.34
CA LYS I 302 44.57 -42.94 19.22
C LYS I 302 43.33 -42.55 18.44
N TRP I 303 43.45 -41.54 17.58
CA TRP I 303 42.29 -41.05 16.83
C TRP I 303 41.69 -42.14 15.96
N LEU I 304 42.53 -43.07 15.49
CA LEU I 304 42.01 -44.14 14.64
C LEU I 304 41.11 -45.09 15.42
N ARG I 305 41.58 -45.55 16.58
CA ARG I 305 40.81 -46.53 17.35
C ARG I 305 39.50 -45.93 17.84
N MET I 306 39.49 -44.63 18.13
CA MET I 306 38.25 -43.95 18.47
C MET I 306 37.25 -44.04 17.33
N VAL I 307 37.60 -43.49 16.16
CA VAL I 307 36.69 -43.51 15.03
C VAL I 307 36.48 -44.94 14.54
N GLY I 308 37.51 -45.77 14.60
CA GLY I 308 37.35 -47.18 14.33
C GLY I 308 38.01 -47.71 13.08
N GLY I 309 39.00 -48.59 13.26
CA GLY I 309 39.64 -49.26 12.15
C GLY I 309 40.22 -50.60 12.58
N ASP I 310 39.90 -51.66 11.83
CA ASP I 310 40.34 -52.99 12.25
C ASP I 310 41.85 -53.16 12.14
N HIS I 311 42.48 -52.53 11.16
CA HIS I 311 43.92 -52.60 10.98
C HIS I 311 44.51 -51.21 10.86
N VAL I 312 45.81 -51.14 11.15
CA VAL I 312 46.58 -49.93 10.93
C VAL I 312 48.04 -50.32 10.80
N HIS I 313 48.79 -49.56 10.01
CA HIS I 313 50.23 -49.72 9.94
C HIS I 313 50.87 -48.95 11.08
N THR I 314 51.65 -49.64 11.90
CA THR I 314 52.48 -48.97 12.91
C THR I 314 53.93 -48.85 12.49
N GLY I 315 54.35 -49.64 11.51
CA GLY I 315 55.69 -49.53 10.96
C GLY I 315 56.71 -50.43 11.62
N THR I 316 57.38 -51.23 10.81
CA THR I 316 58.48 -52.05 11.32
C THR I 316 59.64 -51.16 11.73
N VAL I 317 60.36 -51.60 12.76
CA VAL I 317 61.54 -50.88 13.25
C VAL I 317 62.77 -51.11 12.37
N VAL I 318 62.85 -52.25 11.69
CA VAL I 318 64.04 -52.64 10.95
C VAL I 318 63.85 -52.58 9.44
N GLY I 319 62.69 -52.13 8.97
CA GLY I 319 62.40 -52.06 7.55
C GLY I 319 63.04 -50.86 6.87
N LYS I 320 62.56 -50.58 5.66
CA LYS I 320 63.07 -49.45 4.89
C LYS I 320 62.50 -48.12 5.38
N LEU I 321 61.32 -48.14 5.99
CA LEU I 321 60.71 -46.92 6.49
C LEU I 321 61.12 -46.67 7.93
N GLU I 322 61.04 -45.40 8.34
CA GLU I 322 61.50 -44.97 9.64
C GLU I 322 60.61 -45.58 10.74
N GLY I 323 61.19 -45.72 11.93
CA GLY I 323 60.48 -46.24 13.08
C GLY I 323 61.38 -46.46 14.27
N ASP I 324 60.90 -46.10 15.47
CA ASP I 324 61.70 -46.23 16.68
C ASP I 324 61.26 -47.45 17.48
N ARG I 325 62.25 -48.16 18.03
CA ARG I 325 61.98 -49.41 18.73
C ARG I 325 61.09 -49.20 19.94
N ALA I 326 61.39 -48.18 20.75
CA ALA I 326 60.62 -47.94 21.96
C ALA I 326 59.23 -47.39 21.63
N GLU I 327 59.17 -46.40 20.75
CA GLU I 327 57.90 -45.73 20.47
C GLU I 327 56.96 -46.62 19.66
N THR I 328 57.50 -47.55 18.88
CA THR I 328 56.63 -48.48 18.16
C THR I 328 55.97 -49.45 19.13
N LEU I 329 56.69 -49.87 20.16
CA LEU I 329 56.09 -50.72 21.18
C LEU I 329 54.97 -49.99 21.92
N GLY I 330 55.15 -48.70 22.17
CA GLY I 330 54.11 -47.93 22.84
C GLY I 330 52.83 -47.85 22.02
N ILE I 331 52.96 -47.72 20.69
CA ILE I 331 51.79 -47.66 19.83
C ILE I 331 51.09 -49.01 19.79
N ALA I 332 51.88 -50.11 19.80
CA ALA I 332 51.27 -51.44 19.81
C ALA I 332 50.43 -51.65 21.06
N ASP I 333 50.95 -51.24 22.22
CA ASP I 333 50.15 -51.29 23.44
C ASP I 333 48.99 -50.32 23.38
N LEU I 334 49.20 -49.17 22.74
CA LEU I 334 48.16 -48.14 22.69
C LEU I 334 47.01 -48.55 21.78
N LEU I 335 47.20 -49.61 20.99
CA LEU I 335 46.18 -50.06 20.06
C LEU I 335 45.52 -51.36 20.51
N ARG I 336 46.28 -52.26 21.12
CA ARG I 336 45.78 -53.58 21.48
C ARG I 336 45.28 -53.69 22.90
N GLU I 337 45.83 -52.91 23.83
CA GLU I 337 45.48 -53.08 25.23
C GLU I 337 44.18 -52.37 25.57
N ASP I 338 43.86 -52.31 26.86
CA ASP I 338 42.65 -51.68 27.35
C ASP I 338 42.92 -50.56 28.34
N TYR I 339 44.12 -50.51 28.92
CA TYR I 339 44.53 -49.40 29.77
C TYR I 339 46.04 -49.29 29.67
N VAL I 340 46.52 -48.11 29.27
CA VAL I 340 47.93 -47.90 28.98
C VAL I 340 48.50 -46.93 30.00
N PRO I 341 49.22 -47.43 31.00
CA PRO I 341 49.90 -46.52 31.94
C PRO I 341 50.94 -45.67 31.23
N ALA I 342 51.12 -44.46 31.73
CA ALA I 342 52.09 -43.54 31.14
C ALA I 342 53.50 -44.03 31.42
N ASP I 343 54.33 -44.07 30.39
CA ASP I 343 55.71 -44.54 30.48
C ASP I 343 56.61 -43.57 29.74
N PRO I 344 57.47 -42.82 30.44
CA PRO I 344 58.40 -41.93 29.73
C PRO I 344 59.34 -42.64 28.77
N GLY I 345 59.69 -43.90 29.06
CA GLY I 345 60.55 -44.63 28.15
C GLY I 345 59.91 -44.88 26.81
N ARG I 346 58.62 -45.20 26.79
CA ARG I 346 57.89 -45.47 25.57
C ARG I 346 57.26 -44.21 24.97
N GLY I 347 57.49 -43.05 25.58
CA GLY I 347 56.95 -41.81 25.07
C GLY I 347 55.52 -41.50 25.50
N LEU I 348 54.89 -42.39 26.26
CA LEU I 348 53.52 -42.15 26.70
C LEU I 348 53.50 -41.16 27.85
N PHE I 349 52.74 -40.08 27.68
CA PHE I 349 52.67 -39.03 28.69
C PHE I 349 51.51 -39.21 29.66
N PHE I 350 50.37 -39.67 29.18
CA PHE I 350 49.17 -39.80 29.98
C PHE I 350 48.70 -41.25 30.01
N ASP I 351 48.06 -41.63 31.11
CA ASP I 351 47.37 -42.91 31.16
C ASP I 351 46.12 -42.84 30.30
N GLN I 352 45.95 -43.83 29.42
CA GLN I 352 44.82 -43.85 28.49
C GLN I 352 43.98 -45.09 28.77
N ASP I 353 42.79 -44.88 29.31
CA ASP I 353 41.81 -45.95 29.49
C ASP I 353 40.87 -45.94 28.29
N TRP I 354 40.69 -47.10 27.68
CA TRP I 354 40.01 -47.18 26.39
C TRP I 354 38.52 -47.48 26.50
N ALA I 355 37.99 -47.56 27.72
CA ALA I 355 36.55 -47.53 27.96
C ALA I 355 35.81 -48.62 27.17
N GLY I 356 36.40 -49.81 27.12
CA GLY I 356 35.75 -50.93 26.47
C GLY I 356 35.78 -50.89 24.96
N LEU I 357 36.58 -50.03 24.35
CA LEU I 357 36.74 -50.05 22.91
C LEU I 357 37.61 -51.23 22.49
N LYS I 358 37.14 -51.99 21.51
CA LYS I 358 37.82 -53.21 21.10
C LYS I 358 39.13 -52.88 20.39
N PRO I 359 40.11 -53.79 20.45
CA PRO I 359 41.46 -53.48 20.01
C PRO I 359 41.61 -53.46 18.49
N VAL I 360 42.84 -53.25 18.05
CA VAL I 360 43.19 -53.07 16.65
C VAL I 360 44.43 -53.90 16.34
N PHE I 361 44.44 -54.55 15.18
CA PHE I 361 45.66 -55.22 14.72
C PHE I 361 46.71 -54.21 14.31
N PRO I 362 47.90 -54.23 14.90
CA PRO I 362 49.02 -53.43 14.34
C PRO I 362 49.63 -54.18 13.17
N VAL I 363 49.70 -53.51 12.02
CA VAL I 363 50.23 -54.11 10.80
C VAL I 363 51.66 -53.61 10.61
N ALA I 364 52.59 -54.54 10.48
CA ALA I 364 54.01 -54.24 10.34
C ALA I 364 54.40 -54.45 8.87
N SER I 365 54.59 -53.36 8.15
CA SER I 365 54.94 -53.41 6.73
C SER I 365 56.10 -52.48 6.45
N GLY I 366 56.82 -52.77 5.38
CA GLY I 366 57.99 -51.99 5.01
C GLY I 366 58.95 -52.85 4.20
N GLY I 367 60.24 -52.55 4.33
CA GLY I 367 61.26 -53.30 3.64
C GLY I 367 61.75 -54.48 4.44
N ILE I 368 60.85 -55.43 4.72
CA ILE I 368 61.14 -56.56 5.59
C ILE I 368 61.16 -57.83 4.78
N HIS I 369 61.95 -58.79 5.24
CA HIS I 369 62.09 -60.09 4.58
C HIS I 369 62.19 -61.15 5.68
N VAL I 370 62.65 -62.34 5.29
CA VAL I 370 62.66 -63.47 6.23
C VAL I 370 63.61 -63.21 7.40
N TRP I 371 64.73 -62.52 7.14
CA TRP I 371 65.70 -62.27 8.21
C TRP I 371 65.14 -61.36 9.29
N HIS I 372 64.11 -60.57 8.97
CA HIS I 372 63.51 -59.66 9.95
C HIS I 372 62.41 -60.31 10.76
N VAL I 373 62.04 -61.55 10.46
CA VAL I 373 60.96 -62.21 11.19
C VAL I 373 61.26 -62.36 12.67
N PRO I 374 62.44 -62.84 13.10
CA PRO I 374 62.68 -62.94 14.55
C PRO I 374 62.56 -61.61 15.28
N ASP I 375 63.01 -60.51 14.67
CA ASP I 375 62.93 -59.22 15.33
C ASP I 375 61.49 -58.71 15.35
N LEU I 376 60.73 -58.98 14.29
CA LEU I 376 59.34 -58.54 14.25
C LEU I 376 58.48 -59.28 15.26
N VAL I 377 58.71 -60.58 15.43
CA VAL I 377 57.95 -61.35 16.41
C VAL I 377 58.25 -60.86 17.82
N SER I 378 59.49 -60.46 18.08
CA SER I 378 59.84 -59.92 19.39
C SER I 378 59.07 -58.64 19.69
N ILE I 379 58.96 -57.75 18.70
CA ILE I 379 58.33 -56.46 18.94
C ILE I 379 56.81 -56.61 19.05
N PHE I 380 56.19 -57.20 18.04
CA PHE I 380 54.74 -57.22 17.94
C PHE I 380 54.09 -58.39 18.65
N GLY I 381 54.78 -59.52 18.78
CA GLY I 381 54.19 -60.69 19.38
C GLY I 381 53.26 -61.42 18.44
N ASP I 382 52.15 -61.94 18.97
CA ASP I 382 51.23 -62.73 18.16
C ASP I 382 50.23 -61.84 17.43
N ASP I 383 49.59 -60.92 18.15
CA ASP I 383 48.53 -60.12 17.55
C ASP I 383 49.07 -59.03 16.64
N ALA I 384 49.41 -59.40 15.39
CA ALA I 384 49.91 -58.43 14.43
C ALA I 384 49.87 -59.04 13.04
N PHE I 385 49.90 -58.16 12.04
CA PHE I 385 50.03 -58.56 10.64
C PHE I 385 51.43 -58.25 10.15
N PHE I 386 52.03 -59.20 9.45
CA PHE I 386 53.31 -59.00 8.77
C PHE I 386 53.06 -58.99 7.27
N LEU I 387 53.52 -57.96 6.59
CA LEU I 387 53.31 -57.78 5.16
C LEU I 387 54.65 -57.83 4.45
N PHE I 388 54.79 -58.75 3.50
CA PHE I 388 55.98 -58.89 2.67
C PHE I 388 55.55 -58.69 1.22
N GLY I 389 55.72 -57.47 0.72
CA GLY I 389 55.36 -57.16 -0.65
C GLY I 389 56.48 -57.37 -1.63
N GLY I 390 57.64 -56.75 -1.36
CA GLY I 390 58.80 -56.95 -2.18
C GLY I 390 59.62 -58.14 -1.71
N GLY I 391 59.38 -58.56 -0.47
CA GLY I 391 60.02 -59.73 0.08
C GLY I 391 59.38 -61.04 -0.30
N THR I 392 58.22 -61.00 -0.95
CA THR I 392 57.54 -62.18 -1.46
C THR I 392 57.78 -62.35 -2.96
N HIS I 393 57.45 -61.34 -3.75
CA HIS I 393 57.69 -61.38 -5.19
C HIS I 393 59.15 -61.19 -5.56
N GLY I 394 59.99 -60.79 -4.60
CA GLY I 394 61.41 -60.69 -4.83
C GLY I 394 62.17 -61.98 -4.70
N HIS I 395 61.47 -63.08 -4.43
CA HIS I 395 62.12 -64.38 -4.32
C HIS I 395 62.68 -64.77 -5.67
N PRO I 396 63.84 -65.46 -5.70
CA PRO I 396 64.45 -65.81 -7.00
C PRO I 396 63.60 -66.76 -7.83
N ARG I 397 62.66 -67.48 -7.23
CA ARG I 397 61.91 -68.52 -7.94
C ARG I 397 60.42 -68.22 -8.04
N GLY I 398 60.00 -66.99 -7.81
CA GLY I 398 58.63 -66.59 -8.05
C GLY I 398 57.97 -66.03 -6.80
N SER I 399 56.65 -65.91 -6.88
CA SER I 399 55.85 -65.38 -5.78
C SER I 399 55.32 -66.47 -4.87
N ARG I 400 54.90 -67.60 -5.45
CA ARG I 400 54.41 -68.71 -4.62
C ARG I 400 55.52 -69.27 -3.76
N ALA I 401 56.74 -69.37 -4.31
CA ALA I 401 57.87 -69.83 -3.52
C ALA I 401 58.23 -68.80 -2.45
N GLY I 402 58.11 -67.51 -2.79
CA GLY I 402 58.39 -66.47 -1.81
C GLY I 402 57.40 -66.46 -0.66
N ALA I 403 56.12 -66.75 -0.96
CA ALA I 403 55.13 -66.82 0.10
C ALA I 403 55.38 -68.01 1.02
N THR I 404 55.81 -69.14 0.46
CA THR I 404 56.09 -70.31 1.27
C THR I 404 57.24 -70.04 2.24
N ALA I 405 58.30 -69.39 1.76
CA ALA I 405 59.45 -69.10 2.62
C ALA I 405 59.06 -68.16 3.76
N ASN I 406 58.25 -67.14 3.46
CA ASN I 406 57.82 -66.22 4.50
C ASN I 406 56.95 -66.92 5.54
N ARG I 407 56.04 -67.79 5.08
CA ARG I 407 55.19 -68.52 6.01
C ARG I 407 56.02 -69.47 6.88
N VAL I 408 57.00 -70.14 6.28
CA VAL I 408 57.83 -71.09 7.03
C VAL I 408 58.66 -70.35 8.08
N ALA I 409 59.16 -69.17 7.74
CA ALA I 409 59.97 -68.41 8.69
C ALA I 409 59.18 -68.05 9.94
N VAL I 410 57.94 -67.57 9.75
CA VAL I 410 57.12 -67.17 10.88
C VAL I 410 56.70 -68.37 11.71
N GLU I 411 56.32 -69.47 11.04
CA GLU I 411 55.92 -70.67 11.77
C GLU I 411 57.07 -71.18 12.64
N ALA I 412 58.29 -71.16 12.11
CA ALA I 412 59.43 -71.68 12.85
C ALA I 412 59.78 -70.77 14.02
N VAL I 413 59.77 -69.46 13.80
CA VAL I 413 60.16 -68.52 14.85
C VAL I 413 59.15 -68.54 15.98
N VAL I 414 57.86 -68.48 15.64
CA VAL I 414 56.81 -68.48 16.67
C VAL I 414 56.84 -69.79 17.45
N GLN I 415 56.96 -70.92 16.73
CA GLN I 415 57.00 -72.21 17.40
C GLN I 415 58.22 -72.34 18.29
N ALA I 416 59.32 -71.68 17.93
CA ALA I 416 60.51 -71.70 18.78
C ALA I 416 60.32 -70.79 19.99
N ARG I 417 59.59 -69.68 19.83
CA ARG I 417 59.30 -68.83 20.96
C ARG I 417 58.37 -69.52 21.95
N ASN I 418 57.44 -70.33 21.44
CA ASN I 418 56.52 -71.05 22.30
C ASN I 418 57.17 -72.18 23.07
N GLU I 419 58.41 -72.54 22.73
CA GLU I 419 59.16 -73.56 23.45
C GLU I 419 60.04 -72.99 24.56
N GLY I 420 60.02 -71.67 24.75
CA GLY I 420 60.87 -71.02 25.72
C GLY I 420 62.22 -70.59 25.19
N ARG I 421 62.59 -71.03 23.99
CA ARG I 421 63.86 -70.64 23.40
C ARG I 421 63.89 -69.14 23.12
N ASP I 422 65.06 -68.53 23.34
CA ASP I 422 65.22 -67.11 23.07
C ASP I 422 65.04 -66.83 21.58
N ILE I 423 64.56 -65.64 21.27
CA ILE I 423 64.28 -65.25 19.89
C ILE I 423 65.36 -64.32 19.36
N LEU I 424 65.66 -63.24 20.07
CA LEU I 424 66.60 -62.24 19.56
C LEU I 424 67.99 -62.84 19.35
N ALA I 425 68.45 -63.64 20.31
CA ALA I 425 69.83 -64.13 20.26
C ALA I 425 70.02 -65.16 19.16
N GLU I 426 69.07 -66.07 18.97
CA GLU I 426 69.25 -67.18 18.05
C GLU I 426 68.18 -67.21 16.95
N GLY I 427 67.69 -66.04 16.53
CA GLY I 427 66.87 -65.99 15.33
C GLY I 427 67.59 -66.53 14.12
N ARG I 428 68.88 -66.20 13.98
CA ARG I 428 69.67 -66.73 12.87
C ARG I 428 69.71 -68.24 12.89
N GLU I 429 69.92 -68.83 14.07
CA GLU I 429 69.87 -70.28 14.19
C GLU I 429 68.51 -70.81 13.79
N ILE I 430 67.47 -70.40 14.51
CA ILE I 430 66.09 -70.83 14.26
C ILE I 430 65.82 -70.83 12.76
N LEU I 431 66.22 -69.77 12.07
CA LEU I 431 66.03 -69.71 10.63
C LEU I 431 66.90 -70.73 9.89
N GLU I 432 68.12 -70.99 10.39
CA GLU I 432 69.02 -71.90 9.67
C GLU I 432 68.53 -73.35 9.76
N GLU I 433 68.22 -73.83 10.97
CA GLU I 433 67.61 -75.16 11.04
C GLU I 433 66.11 -75.15 10.79
N ALA I 434 65.53 -74.03 10.34
CA ALA I 434 64.25 -74.10 9.66
C ALA I 434 64.39 -74.21 8.15
N ALA I 435 65.44 -73.62 7.58
CA ALA I 435 65.73 -73.75 6.16
C ALA I 435 66.41 -75.06 5.81
N ARG I 436 67.01 -75.73 6.80
CA ARG I 436 67.62 -77.02 6.52
C ARG I 436 66.62 -78.04 5.98
N TRP I 437 65.32 -77.83 6.21
CA TRP I 437 64.29 -78.70 5.67
C TRP I 437 63.40 -78.04 4.63
N CYS I 438 63.47 -76.72 4.46
CA CYS I 438 62.67 -76.01 3.46
C CYS I 438 63.57 -75.40 2.39
N PRO I 439 63.52 -75.88 1.15
CA PRO I 439 64.38 -75.29 0.11
C PRO I 439 64.13 -73.80 -0.12
N GLU I 440 62.88 -73.35 -0.02
CA GLU I 440 62.56 -71.95 -0.31
C GLU I 440 63.23 -71.01 0.68
N LEU I 441 63.27 -71.40 1.95
CA LEU I 441 63.84 -70.52 2.97
C LEU I 441 65.34 -70.32 2.75
N ARG I 442 66.03 -71.36 2.27
CA ARG I 442 67.45 -71.22 1.96
C ARG I 442 67.66 -70.17 0.87
N GLU I 443 66.86 -70.23 -0.21
CA GLU I 443 67.00 -69.27 -1.29
C GLU I 443 66.57 -67.88 -0.85
N ALA I 444 65.67 -67.80 0.13
CA ALA I 444 65.27 -66.50 0.65
C ALA I 444 66.40 -65.84 1.42
N MET I 445 67.05 -66.59 2.33
CA MET I 445 68.13 -66.01 3.11
C MET I 445 69.43 -65.95 2.31
N GLU I 446 69.58 -66.77 1.28
CA GLU I 446 70.76 -66.67 0.43
C GLU I 446 70.79 -65.33 -0.30
N LEU I 447 69.62 -64.88 -0.77
CA LEU I 447 69.57 -63.66 -1.58
C LEU I 447 69.74 -62.42 -0.72
N TRP I 448 69.09 -62.37 0.44
CA TRP I 448 69.09 -61.19 1.29
C TRP I 448 70.06 -61.36 2.45
N GLY I 449 70.44 -60.24 3.04
CA GLY I 449 71.36 -60.24 4.17
C GLY I 449 72.69 -59.58 3.86
N TYR J 6 64.64 -63.40 -15.68
CA TYR J 6 64.33 -62.68 -14.44
C TYR J 6 65.49 -62.77 -13.45
N GLU J 7 66.02 -61.62 -13.07
CA GLU J 7 67.08 -61.53 -12.08
C GLU J 7 66.51 -60.94 -10.79
N ALA J 8 66.93 -61.53 -9.67
CA ALA J 8 66.42 -61.15 -8.36
C ALA J 8 67.54 -60.61 -7.49
N GLY J 9 67.18 -59.72 -6.57
CA GLY J 9 68.14 -59.12 -5.67
C GLY J 9 68.01 -57.61 -5.63
N VAL J 10 68.55 -57.00 -4.58
CA VAL J 10 68.51 -55.56 -4.44
C VAL J 10 69.39 -54.91 -5.50
N ARG J 11 68.86 -53.88 -6.15
CA ARG J 11 69.62 -53.06 -7.06
C ARG J 11 69.40 -51.60 -6.70
N PRO J 12 70.37 -50.73 -7.00
CA PRO J 12 70.20 -49.30 -6.70
C PRO J 12 69.03 -48.71 -7.48
N TYR J 13 68.38 -47.73 -6.86
CA TYR J 13 67.23 -47.08 -7.50
C TYR J 13 67.67 -46.29 -8.73
N ARG J 14 68.82 -45.64 -8.67
CA ARG J 14 69.22 -44.67 -9.69
C ARG J 14 69.60 -45.30 -11.02
N GLU J 15 69.46 -46.61 -11.18
CA GLU J 15 69.73 -47.25 -12.46
C GLU J 15 68.46 -47.59 -13.23
N THR J 16 67.29 -47.29 -12.67
CA THR J 16 66.03 -47.53 -13.36
C THR J 16 65.16 -46.29 -13.34
N TYR J 17 65.27 -45.49 -12.29
CA TYR J 17 64.40 -44.33 -12.08
C TYR J 17 65.14 -43.01 -12.11
N TYR J 18 66.37 -42.97 -12.60
CA TYR J 18 67.12 -41.74 -12.80
C TYR J 18 67.42 -41.61 -14.29
N ASP J 19 66.72 -40.71 -14.96
CA ASP J 19 66.80 -40.54 -16.41
C ASP J 19 67.08 -39.08 -16.73
N PRO J 20 68.33 -38.64 -16.57
CA PRO J 20 68.64 -37.22 -16.80
C PRO J 20 68.40 -36.75 -18.21
N ASP J 21 68.31 -37.65 -19.19
CA ASP J 21 68.08 -37.28 -20.58
C ASP J 21 66.59 -37.26 -20.93
N TYR J 22 65.72 -37.61 -20.00
CA TYR J 22 64.29 -37.63 -20.28
C TYR J 22 63.75 -36.22 -20.43
N GLU J 23 62.88 -36.03 -21.42
CA GLU J 23 62.25 -34.74 -21.68
C GLU J 23 60.80 -34.80 -21.23
N PRO J 24 60.38 -33.96 -20.28
CA PRO J 24 58.99 -34.01 -19.80
C PRO J 24 58.01 -33.72 -20.93
N LYS J 25 56.91 -34.46 -20.92
CA LYS J 25 55.85 -34.24 -21.89
C LYS J 25 54.90 -33.16 -21.39
N ASP J 26 53.87 -32.88 -22.18
CA ASP J 26 52.80 -31.98 -21.75
C ASP J 26 51.68 -32.73 -21.04
N THR J 27 51.83 -34.04 -20.83
CA THR J 27 50.87 -34.85 -20.11
C THR J 27 51.55 -35.60 -18.97
N ASP J 28 52.41 -34.88 -18.24
CA ASP J 28 53.14 -35.44 -17.12
C ASP J 28 52.97 -34.54 -15.90
N LEU J 29 52.79 -35.14 -14.73
CA LEU J 29 52.75 -34.40 -13.47
C LEU J 29 54.19 -34.27 -12.98
N LEU J 30 54.77 -33.09 -13.17
CA LEU J 30 56.12 -32.82 -12.72
C LEU J 30 56.08 -32.28 -11.29
N CYS J 31 56.91 -32.85 -10.43
CA CYS J 31 57.00 -32.46 -9.04
C CYS J 31 58.44 -32.09 -8.69
N ALA J 32 58.60 -31.06 -7.88
CA ALA J 32 59.91 -30.58 -7.44
C ALA J 32 60.05 -30.91 -5.95
N PHE J 33 60.98 -31.80 -5.64
CA PHE J 33 61.23 -32.23 -4.27
C PHE J 33 62.54 -31.63 -3.77
N ARG J 34 62.52 -31.08 -2.56
CA ARG J 34 63.73 -30.66 -1.87
C ARG J 34 64.12 -31.78 -0.92
N ILE J 35 65.30 -32.36 -1.14
CA ILE J 35 65.68 -33.62 -0.51
C ILE J 35 66.91 -33.40 0.37
N THR J 36 66.87 -34.00 1.55
CA THR J 36 68.01 -34.05 2.47
C THR J 36 68.35 -35.52 2.66
N PRO J 37 69.30 -36.04 1.89
CA PRO J 37 69.59 -37.48 1.97
C PRO J 37 70.30 -37.84 3.26
N LYS J 38 70.22 -39.12 3.61
CA LYS J 38 71.01 -39.63 4.73
C LYS J 38 72.49 -39.38 4.45
N PRO J 39 73.27 -38.97 5.45
CA PRO J 39 74.71 -38.78 5.23
C PRO J 39 75.37 -40.04 4.69
N GLY J 40 75.85 -39.97 3.45
CA GLY J 40 76.38 -41.14 2.78
C GLY J 40 75.62 -41.46 1.52
N VAL J 41 74.30 -41.28 1.55
CA VAL J 41 73.43 -41.53 0.41
C VAL J 41 73.61 -40.40 -0.60
N PRO J 42 73.96 -40.70 -1.85
CA PRO J 42 74.14 -39.63 -2.84
C PRO J 42 72.85 -38.87 -3.11
N MET J 43 73.01 -37.64 -3.59
CA MET J 43 71.87 -36.78 -3.87
C MET J 43 70.98 -37.37 -4.95
N GLU J 44 71.58 -37.89 -6.01
CA GLU J 44 70.78 -38.48 -7.09
C GLU J 44 70.24 -39.85 -6.71
N GLU J 45 70.90 -40.54 -5.77
CA GLU J 45 70.39 -41.82 -5.31
C GLU J 45 69.09 -41.65 -4.52
N ALA J 46 69.04 -40.63 -3.66
CA ALA J 46 67.82 -40.37 -2.90
C ALA J 46 66.70 -39.90 -3.81
N ALA J 47 67.04 -39.14 -4.85
CA ALA J 47 66.02 -38.65 -5.78
C ALA J 47 65.34 -39.80 -6.51
N ALA J 48 66.11 -40.82 -6.89
CA ALA J 48 65.52 -41.96 -7.58
C ALA J 48 64.64 -42.79 -6.66
N ALA J 49 65.00 -42.86 -5.38
CA ALA J 49 64.19 -43.61 -4.43
C ALA J 49 62.81 -42.99 -4.28
N VAL J 50 62.73 -41.66 -4.33
CA VAL J 50 61.43 -40.98 -4.28
C VAL J 50 60.62 -41.29 -5.53
N ALA J 51 61.29 -41.30 -6.69
CA ALA J 51 60.59 -41.56 -7.95
C ALA J 51 60.07 -42.99 -8.02
N ALA J 52 60.88 -43.96 -7.60
CA ALA J 52 60.46 -45.35 -7.68
C ALA J 52 59.33 -45.64 -6.70
N GLU J 53 59.50 -45.27 -5.44
CA GLU J 53 58.61 -45.71 -4.38
C GLU J 53 57.32 -44.91 -4.33
N SER J 54 57.12 -43.96 -5.24
CA SER J 54 55.86 -43.26 -5.36
C SER J 54 55.06 -43.66 -6.59
N SER J 55 55.68 -44.32 -7.57
CA SER J 55 54.95 -44.72 -8.78
C SER J 55 54.89 -46.22 -8.96
N THR J 56 56.02 -46.91 -9.14
CA THR J 56 55.99 -48.35 -9.44
C THR J 56 57.13 -49.11 -8.78
N GLY J 57 57.67 -48.62 -7.68
CA GLY J 57 58.90 -49.20 -7.18
C GLY J 57 58.81 -49.94 -5.86
N THR J 58 59.85 -50.72 -5.57
CA THR J 58 60.00 -51.42 -4.31
C THR J 58 61.47 -51.75 -4.12
N TRP J 59 61.81 -52.15 -2.90
CA TRP J 59 63.21 -52.26 -2.51
C TRP J 59 63.97 -53.35 -3.26
N THR J 60 63.26 -54.27 -3.91
CA THR J 60 63.90 -55.33 -4.67
C THR J 60 63.21 -55.50 -6.01
N GLU J 61 63.95 -56.05 -6.96
CA GLU J 61 63.34 -56.44 -8.23
C GLU J 61 62.38 -57.60 -8.01
N VAL J 62 61.21 -57.52 -8.64
CA VAL J 62 60.19 -58.54 -8.48
C VAL J 62 59.97 -59.23 -9.82
N TRP J 63 59.53 -60.49 -9.75
CA TRP J 63 59.26 -61.25 -10.96
C TRP J 63 58.11 -60.66 -11.77
N SER J 64 57.25 -59.86 -11.14
CA SER J 64 56.07 -59.34 -11.80
C SER J 64 56.34 -58.06 -12.58
N ASN J 65 57.57 -57.55 -12.57
CA ASN J 65 57.90 -56.41 -13.42
C ASN J 65 57.80 -56.79 -14.90
N LEU J 66 58.21 -58.00 -15.25
CA LEU J 66 58.20 -58.44 -16.63
C LEU J 66 56.79 -58.56 -17.20
N LEU J 67 55.76 -58.55 -16.36
CA LEU J 67 54.39 -58.65 -16.83
C LEU J 67 53.85 -57.33 -17.36
N THR J 68 54.56 -56.22 -17.16
CA THR J 68 54.15 -54.93 -17.65
C THR J 68 55.32 -54.25 -18.35
N ASP J 69 55.00 -53.27 -19.19
CA ASP J 69 56.00 -52.40 -19.80
C ASP J 69 56.30 -51.32 -18.79
N LEU J 70 57.25 -51.61 -17.88
CA LEU J 70 57.51 -50.71 -16.75
C LEU J 70 58.01 -49.35 -17.19
N GLU J 71 58.65 -49.28 -18.37
CA GLU J 71 59.12 -48.00 -18.87
C GLU J 71 57.96 -47.07 -19.23
N ARG J 72 56.77 -47.63 -19.46
CA ARG J 72 55.60 -46.83 -19.80
C ARG J 72 54.97 -46.15 -18.58
N TYR J 73 55.17 -46.70 -17.39
CA TYR J 73 54.50 -46.22 -16.19
C TYR J 73 55.44 -45.67 -15.12
N LYS J 74 56.71 -46.05 -15.12
CA LYS J 74 57.62 -45.62 -14.06
C LYS J 74 57.79 -44.11 -14.07
N ALA J 75 57.90 -43.54 -12.88
CA ALA J 75 58.31 -42.15 -12.73
C ALA J 75 59.83 -42.08 -12.73
N ARG J 76 60.37 -40.96 -13.19
CA ARG J 76 61.81 -40.85 -13.34
C ARG J 76 62.26 -39.42 -13.05
N CYS J 77 63.34 -39.29 -12.29
CA CYS J 77 63.93 -37.99 -11.99
C CYS J 77 64.78 -37.56 -13.18
N TYR J 78 64.37 -36.48 -13.85
CA TYR J 78 65.00 -36.03 -15.07
C TYR J 78 65.90 -34.82 -14.87
N ARG J 79 65.97 -34.27 -13.67
CA ARG J 79 66.71 -33.03 -13.47
C ARG J 79 67.01 -32.87 -11.98
N ILE J 80 68.20 -32.38 -11.67
CA ILE J 80 68.62 -32.11 -10.30
C ILE J 80 69.33 -30.77 -10.27
N GLU J 81 68.89 -29.89 -9.37
CA GLU J 81 69.48 -28.55 -9.21
C GLU J 81 70.36 -28.47 -7.97
N GLY J 82 71.07 -29.55 -7.67
CA GLY J 82 71.91 -29.61 -6.47
C GLY J 82 71.16 -30.04 -5.24
N ASP J 83 70.01 -29.43 -4.97
CA ASP J 83 69.18 -29.79 -3.84
C ASP J 83 67.74 -30.08 -4.19
N VAL J 84 67.25 -29.65 -5.35
CA VAL J 84 65.87 -29.87 -5.77
C VAL J 84 65.89 -30.86 -6.93
N ALA J 85 65.15 -31.95 -6.78
CA ALA J 85 65.07 -33.00 -7.78
C ALA J 85 63.70 -32.96 -8.45
N TYR J 86 63.70 -32.84 -9.77
CA TYR J 86 62.46 -32.85 -10.54
C TYR J 86 62.12 -34.27 -10.95
N ILE J 87 60.87 -34.67 -10.72
CA ILE J 87 60.41 -36.02 -11.00
C ILE J 87 59.17 -35.93 -11.87
N ALA J 88 59.16 -36.68 -12.97
CA ALA J 88 58.06 -36.67 -13.93
C ALA J 88 57.20 -37.91 -13.75
N TYR J 89 55.88 -37.71 -13.73
CA TYR J 89 54.94 -38.79 -13.49
C TYR J 89 54.08 -39.02 -14.72
N PRO J 90 54.05 -40.23 -15.27
CA PRO J 90 53.21 -40.49 -16.45
C PRO J 90 51.74 -40.26 -16.16
N LEU J 91 51.00 -39.86 -17.20
CA LEU J 91 49.60 -39.50 -17.04
C LEU J 91 48.75 -40.68 -16.60
N ASP J 92 49.08 -41.89 -17.05
CA ASP J 92 48.25 -43.06 -16.75
C ASP J 92 48.26 -43.46 -15.28
N LEU J 93 49.19 -42.92 -14.49
CA LEU J 93 49.30 -43.31 -13.09
C LEU J 93 48.18 -42.77 -12.21
N PHE J 94 47.35 -41.85 -12.71
CA PHE J 94 46.46 -41.09 -11.87
C PHE J 94 45.01 -41.30 -12.29
N GLU J 95 44.14 -41.43 -11.28
CA GLU J 95 42.71 -41.53 -11.49
C GLU J 95 42.12 -40.16 -11.85
N GLU J 96 41.12 -40.18 -12.72
CA GLU J 96 40.54 -38.94 -13.22
C GLU J 96 39.68 -38.28 -12.14
N GLY J 97 39.91 -36.99 -11.91
CA GLY J 97 39.10 -36.22 -10.99
C GLY J 97 39.18 -36.66 -9.55
N SER J 98 40.38 -36.94 -9.05
CA SER J 98 40.56 -37.32 -7.66
C SER J 98 41.89 -36.75 -7.17
N ILE J 99 41.83 -35.74 -6.31
CA ILE J 99 43.04 -35.23 -5.67
C ILE J 99 43.62 -36.29 -4.73
N VAL J 100 42.76 -37.15 -4.17
CA VAL J 100 43.20 -38.12 -3.17
C VAL J 100 44.24 -39.07 -3.76
N ASN J 101 44.06 -39.45 -5.02
CA ASN J 101 45.03 -40.36 -5.64
C ASN J 101 46.37 -39.67 -5.84
N ILE J 102 46.35 -38.38 -6.20
CA ILE J 102 47.59 -37.61 -6.28
C ILE J 102 48.30 -37.61 -4.94
N MET J 103 47.56 -37.27 -3.89
CA MET J 103 48.16 -37.15 -2.56
C MET J 103 48.36 -38.50 -1.89
N SER J 104 47.90 -39.58 -2.52
CA SER J 104 48.26 -40.92 -2.05
C SER J 104 49.52 -41.43 -2.76
N SER J 105 49.80 -40.92 -3.96
CA SER J 105 50.95 -41.40 -4.72
C SER J 105 52.20 -40.56 -4.42
N ILE J 106 52.14 -39.27 -4.71
CA ILE J 106 53.31 -38.41 -4.58
C ILE J 106 53.70 -38.25 -3.11
N VAL J 107 52.73 -37.96 -2.24
CA VAL J 107 53.04 -37.64 -0.85
C VAL J 107 52.48 -38.71 0.07
N GLY J 108 52.31 -39.93 -0.45
CA GLY J 108 51.69 -40.98 0.32
C GLY J 108 52.63 -41.85 1.13
N ASN J 109 53.79 -42.19 0.56
CA ASN J 109 54.65 -43.16 1.19
C ASN J 109 56.13 -42.76 1.22
N VAL J 110 56.54 -41.77 0.43
CA VAL J 110 57.97 -41.50 0.27
C VAL J 110 58.56 -40.63 1.37
N PHE J 111 57.74 -39.97 2.19
CA PHE J 111 58.24 -39.10 3.23
C PHE J 111 58.80 -39.84 4.43
N GLY J 112 58.54 -41.14 4.56
CA GLY J 112 58.92 -41.87 5.75
C GLY J 112 60.11 -42.79 5.61
N PHE J 113 60.90 -42.59 4.57
CA PHE J 113 62.04 -43.47 4.32
C PHE J 113 63.19 -43.14 5.28
N LYS J 114 64.18 -44.03 5.30
CA LYS J 114 65.39 -43.82 6.09
C LYS J 114 66.50 -43.16 5.29
N ALA J 115 66.48 -43.28 3.96
CA ALA J 115 67.51 -42.67 3.14
C ALA J 115 67.35 -41.15 3.06
N VAL J 116 66.13 -40.66 3.22
CA VAL J 116 65.86 -39.23 3.16
C VAL J 116 65.61 -38.75 4.58
N GLN J 117 66.51 -37.91 5.10
CA GLN J 117 66.31 -37.31 6.41
C GLN J 117 65.27 -36.22 6.40
N ALA J 118 64.87 -35.73 5.22
CA ALA J 118 63.87 -34.69 5.07
C ALA J 118 63.46 -34.64 3.61
N LEU J 119 62.23 -34.19 3.38
CA LEU J 119 61.68 -34.15 2.03
C LEU J 119 60.53 -33.17 1.99
N ARG J 120 60.62 -32.16 1.13
CA ARG J 120 59.56 -31.17 0.96
C ARG J 120 59.13 -31.15 -0.50
N LEU J 121 57.83 -31.22 -0.74
CA LEU J 121 57.27 -31.04 -2.08
C LEU J 121 57.08 -29.55 -2.30
N GLU J 122 58.04 -28.93 -3.00
CA GLU J 122 58.01 -27.47 -3.15
C GLU J 122 56.94 -27.02 -4.12
N ASP J 123 56.80 -27.70 -5.26
CA ASP J 123 55.86 -27.27 -6.28
C ASP J 123 55.55 -28.47 -7.17
N MET J 124 54.49 -28.32 -7.96
CA MET J 124 54.02 -29.41 -8.82
C MET J 124 53.34 -28.81 -10.04
N ARG J 125 53.33 -29.59 -11.13
CA ARG J 125 52.75 -29.16 -12.40
C ARG J 125 51.65 -30.14 -12.80
N ILE J 126 50.41 -29.64 -12.85
CA ILE J 126 49.28 -30.42 -13.32
C ILE J 126 49.12 -30.18 -14.81
N PRO J 127 49.18 -31.22 -15.65
CA PRO J 127 48.95 -31.03 -17.08
C PRO J 127 47.49 -30.70 -17.37
N VAL J 128 47.27 -30.04 -18.51
CA VAL J 128 45.92 -29.68 -18.91
C VAL J 128 45.07 -30.92 -19.13
N ALA J 129 45.70 -31.99 -19.65
CA ALA J 129 44.96 -33.23 -19.89
C ALA J 129 44.33 -33.77 -18.62
N TYR J 130 45.09 -33.75 -17.52
CA TYR J 130 44.55 -34.17 -16.24
C TYR J 130 43.63 -33.11 -15.62
N LEU J 131 43.85 -31.84 -15.94
CA LEU J 131 43.11 -30.76 -15.30
C LEU J 131 41.70 -30.60 -15.86
N LYS J 132 41.39 -31.25 -16.98
CA LYS J 132 40.06 -31.19 -17.56
C LYS J 132 39.09 -32.18 -16.91
N THR J 133 39.58 -33.04 -16.03
CA THR J 133 38.74 -34.00 -15.33
C THR J 133 38.22 -33.47 -14.00
N PHE J 134 38.51 -32.21 -13.66
CA PHE J 134 38.11 -31.60 -12.42
C PHE J 134 37.09 -30.49 -12.66
N PRO J 135 36.18 -30.26 -11.72
CA PRO J 135 35.12 -29.27 -11.95
C PRO J 135 35.56 -27.83 -11.75
N GLY J 136 36.48 -27.61 -10.81
CA GLY J 136 36.90 -26.28 -10.47
C GLY J 136 35.95 -25.63 -9.49
N PRO J 137 36.19 -24.36 -9.16
CA PRO J 137 35.34 -23.66 -8.20
C PRO J 137 33.90 -23.61 -8.67
N PRO J 138 32.93 -23.77 -7.76
CA PRO J 138 31.52 -23.69 -8.17
C PRO J 138 31.12 -22.34 -8.76
N THR J 139 31.60 -21.24 -8.19
CA THR J 139 31.19 -19.91 -8.62
C THR J 139 32.32 -19.11 -9.24
N GLY J 140 33.44 -18.95 -8.53
CA GLY J 140 34.52 -18.12 -9.00
C GLY J 140 34.40 -16.68 -8.52
N ILE J 141 35.45 -15.91 -8.81
CA ILE J 141 35.51 -14.52 -8.35
C ILE J 141 34.47 -13.67 -9.06
N GLN J 142 34.40 -13.79 -10.39
CA GLN J 142 33.54 -12.89 -11.16
C GLN J 142 32.07 -13.14 -10.87
N VAL J 143 31.66 -14.40 -10.75
CA VAL J 143 30.26 -14.71 -10.49
C VAL J 143 29.86 -14.28 -9.09
N GLU J 144 30.76 -14.45 -8.12
CA GLU J 144 30.41 -14.14 -6.74
C GLU J 144 30.22 -12.64 -6.54
N ARG J 145 31.09 -11.81 -7.14
CA ARG J 145 30.95 -10.37 -6.99
C ARG J 145 29.60 -9.89 -7.50
N ASP J 146 29.11 -10.48 -8.59
CA ASP J 146 27.76 -10.19 -9.04
C ASP J 146 26.73 -10.67 -8.03
N ARG J 147 26.96 -11.85 -7.43
CA ARG J 147 25.99 -12.40 -6.48
C ARG J 147 25.90 -11.54 -5.22
N LEU J 148 27.00 -10.88 -4.84
CA LEU J 148 26.99 -9.98 -3.69
C LEU J 148 26.79 -8.52 -4.09
N ASN J 149 27.02 -8.17 -5.35
CA ASN J 149 26.86 -6.81 -5.86
C ASN J 149 27.83 -5.85 -5.16
N LYS J 150 29.11 -6.25 -5.17
CA LYS J 150 30.18 -5.45 -4.60
C LYS J 150 31.37 -5.50 -5.55
N TYR J 151 31.77 -4.35 -6.09
CA TYR J 151 32.86 -4.27 -7.05
C TYR J 151 33.84 -3.20 -6.64
N GLY J 152 35.09 -3.36 -7.09
CA GLY J 152 36.08 -2.31 -6.98
C GLY J 152 36.74 -2.15 -5.64
N ARG J 153 36.64 -3.13 -4.76
CA ARG J 153 37.25 -3.04 -3.44
C ARG J 153 37.36 -4.44 -2.87
N PRO J 154 38.31 -4.68 -1.96
CA PRO J 154 38.34 -5.97 -1.26
C PRO J 154 37.10 -6.15 -0.40
N LEU J 155 36.62 -7.38 -0.32
CA LEU J 155 35.42 -7.69 0.44
C LEU J 155 35.79 -7.98 1.89
N LEU J 156 35.14 -7.29 2.81
CA LEU J 156 35.53 -7.29 4.21
C LEU J 156 34.74 -8.34 4.99
N GLY J 157 35.46 -9.17 5.73
CA GLY J 157 34.83 -10.16 6.58
C GLY J 157 35.29 -10.07 8.01
N GLY J 158 34.88 -11.02 8.85
CA GLY J 158 35.31 -11.02 10.23
C GLY J 158 34.93 -12.29 10.97
N THR J 159 35.89 -12.88 11.66
CA THR J 159 35.63 -14.05 12.48
C THR J 159 35.03 -13.61 13.81
N ILE J 160 34.01 -14.34 14.27
CA ILE J 160 33.32 -13.99 15.50
C ILE J 160 34.09 -14.54 16.68
N LYS J 161 34.47 -13.67 17.61
CA LYS J 161 35.23 -14.03 18.79
C LYS J 161 34.43 -13.74 20.06
N PRO J 162 34.68 -14.47 21.16
CA PRO J 162 35.71 -15.50 21.38
C PRO J 162 35.49 -16.76 20.54
N LYS J 163 36.58 -17.51 20.32
CA LYS J 163 36.53 -18.65 19.42
C LYS J 163 35.44 -19.64 19.82
N LEU J 164 35.30 -19.90 21.11
CA LEU J 164 34.29 -20.81 21.62
C LEU J 164 33.67 -20.22 22.88
N GLY J 165 32.42 -20.59 23.14
CA GLY J 165 31.77 -20.18 24.37
C GLY J 165 30.47 -19.43 24.17
N LEU J 166 30.41 -18.61 23.13
CA LEU J 166 29.23 -17.78 22.91
C LEU J 166 28.01 -18.64 22.61
N SER J 167 26.95 -18.44 23.39
CA SER J 167 25.70 -19.15 23.15
C SER J 167 25.08 -18.67 21.84
N ALA J 168 24.05 -19.41 21.39
CA ALA J 168 23.47 -19.15 20.07
C ALA J 168 22.90 -17.74 19.98
N LYS J 169 22.23 -17.28 21.04
CA LYS J 169 21.64 -15.94 21.00
C LYS J 169 22.73 -14.87 21.06
N GLU J 170 23.70 -15.03 21.96
CA GLU J 170 24.77 -14.04 22.08
C GLU J 170 25.68 -14.07 20.86
N TYR J 171 25.90 -15.24 20.27
CA TYR J 171 26.70 -15.32 19.06
C TYR J 171 26.02 -14.58 17.92
N ALA J 172 24.70 -14.71 17.79
CA ALA J 172 23.97 -14.01 16.75
C ALA J 172 23.84 -12.52 17.01
N ARG J 173 24.19 -12.05 18.20
CA ARG J 173 24.21 -10.63 18.49
C ARG J 173 25.50 -9.99 17.99
N VAL J 174 26.63 -10.67 18.16
CA VAL J 174 27.89 -10.18 17.61
C VAL J 174 27.84 -10.17 16.09
N VAL J 175 27.22 -11.19 15.48
CA VAL J 175 27.11 -11.24 14.02
C VAL J 175 26.32 -10.05 13.50
N TYR J 176 25.19 -9.75 14.15
CA TYR J 176 24.38 -8.62 13.71
C TYR J 176 25.10 -7.29 13.92
N GLU J 177 25.88 -7.20 15.01
CA GLU J 177 26.62 -5.96 15.27
C GLU J 177 27.66 -5.70 14.19
N CYS J 178 28.37 -6.75 13.77
CA CYS J 178 29.42 -6.58 12.77
C CYS J 178 28.83 -6.24 11.40
N LEU J 179 27.82 -7.01 10.97
CA LEU J 179 27.25 -6.79 9.65
C LEU J 179 26.58 -5.41 9.55
N ARG J 180 25.87 -5.00 10.60
CA ARG J 180 25.27 -3.68 10.62
C ARG J 180 26.33 -2.58 10.62
N GLY J 181 27.55 -2.88 11.03
CA GLY J 181 28.59 -1.89 11.14
C GLY J 181 29.35 -1.63 9.84
N GLY J 182 29.37 -2.59 8.93
CA GLY J 182 30.03 -2.38 7.66
C GLY J 182 30.76 -3.58 7.09
N LEU J 183 30.91 -4.65 7.86
CA LEU J 183 31.49 -5.86 7.33
C LEU J 183 30.56 -6.50 6.31
N ASP J 184 31.12 -6.95 5.19
CA ASP J 184 30.30 -7.56 4.16
C ASP J 184 29.83 -8.94 4.58
N THR J 185 30.70 -9.73 5.21
CA THR J 185 30.36 -11.06 5.65
C THR J 185 30.98 -11.32 7.01
N THR J 186 30.45 -12.32 7.71
CA THR J 186 31.09 -12.84 8.90
C THR J 186 31.25 -14.34 8.70
N KCX J 187 31.80 -15.04 9.69
CA KCX J 187 32.02 -16.46 9.53
CB KCX J 187 33.32 -16.75 8.79
CG KCX J 187 34.44 -16.02 9.46
CD KCX J 187 35.76 -16.34 8.80
CE KCX J 187 35.94 -17.84 8.70
NZ KCX J 187 36.41 -18.35 9.95
C KCX J 187 32.05 -17.21 10.85
O KCX J 187 32.49 -16.55 11.85
CX KCX J 187 37.78 -18.39 10.29
OQ1 KCX J 187 38.61 -17.84 9.60
OQ2 KCX J 187 37.98 -19.06 11.37
N ASP J 188 31.62 -18.46 10.88
CA ASP J 188 31.81 -19.30 12.04
C ASP J 188 33.28 -19.63 12.16
N ASP J 189 33.76 -19.85 13.37
CA ASP J 189 35.16 -20.16 13.54
C ASP J 189 35.45 -21.58 13.06
N GLU J 190 36.74 -21.88 12.84
CA GLU J 190 37.09 -23.16 12.26
C GLU J 190 36.77 -24.32 13.19
N ASN J 191 36.78 -24.10 14.50
CA ASN J 191 36.54 -25.15 15.47
C ASN J 191 35.17 -25.05 16.12
N LEU J 192 34.28 -24.22 15.58
CA LEU J 192 32.93 -24.03 16.12
C LEU J 192 31.97 -24.76 15.19
N ASN J 193 31.64 -26.01 15.53
CA ASN J 193 30.78 -26.82 14.65
C ASN J 193 29.42 -27.12 15.29
N SER J 194 29.38 -27.91 16.36
CA SER J 194 28.10 -28.23 17.00
C SER J 194 28.27 -28.42 18.50
N GLN J 195 29.04 -27.55 19.14
CA GLN J 195 29.34 -27.75 20.55
C GLN J 195 28.08 -27.62 21.42
N PRO J 196 28.09 -28.23 22.61
CA PRO J 196 26.91 -28.17 23.48
C PRO J 196 26.48 -26.76 23.82
N PHE J 197 27.43 -25.83 24.00
CA PHE J 197 27.05 -24.46 24.25
C PHE J 197 26.51 -23.77 23.00
N ASN J 198 26.94 -24.20 21.81
CA ASN J 198 26.43 -23.63 20.56
C ASN J 198 26.22 -24.79 19.59
N ARG J 199 25.04 -25.39 19.65
CA ARG J 199 24.61 -26.39 18.67
C ARG J 199 24.33 -25.71 17.34
N TRP J 200 24.44 -26.49 16.25
CA TRP J 200 24.41 -25.90 14.92
C TRP J 200 23.00 -25.50 14.50
N ARG J 201 21.99 -26.32 14.80
CA ARG J 201 20.64 -25.98 14.38
C ARG J 201 20.13 -24.70 15.02
N ASP J 202 20.57 -24.38 16.24
CA ASP J 202 20.22 -23.10 16.85
C ASP J 202 21.10 -21.98 16.34
N ARG J 203 22.38 -22.25 16.10
CA ARG J 203 23.26 -21.23 15.55
C ARG J 203 22.86 -20.86 14.13
N PHE J 204 22.49 -21.86 13.32
CA PHE J 204 22.09 -21.59 11.94
C PHE J 204 20.82 -20.73 11.90
N LEU J 205 19.85 -21.06 12.75
CA LEU J 205 18.60 -20.31 12.76
C LEU J 205 18.80 -18.88 13.24
N TYR J 206 19.61 -18.70 14.28
CA TYR J 206 19.76 -17.37 14.88
C TYR J 206 20.55 -16.42 13.99
N VAL J 207 21.71 -16.85 13.48
CA VAL J 207 22.54 -15.93 12.71
C VAL J 207 21.92 -15.59 11.36
N MET J 208 21.08 -16.46 10.81
CA MET J 208 20.41 -16.13 9.56
C MET J 208 19.33 -15.08 9.76
N GLU J 209 18.72 -15.03 10.94
CA GLU J 209 17.84 -13.92 11.27
C GLU J 209 18.64 -12.64 11.45
N ALA J 210 19.84 -12.76 12.02
CA ALA J 210 20.71 -11.59 12.16
C ALA J 210 21.21 -11.11 10.81
N VAL J 211 21.47 -12.03 9.89
CA VAL J 211 21.93 -11.65 8.55
C VAL J 211 20.81 -10.92 7.81
N ARG J 212 19.60 -11.48 7.81
CA ARG J 212 18.49 -10.86 7.11
C ARG J 212 18.12 -9.52 7.75
N LYS J 213 18.13 -9.44 9.07
CA LYS J 213 17.80 -8.19 9.75
C LYS J 213 18.84 -7.11 9.43
N ALA J 214 20.13 -7.47 9.45
CA ALA J 214 21.17 -6.52 9.09
C ALA J 214 21.10 -6.17 7.60
N GLU J 215 20.78 -7.15 6.76
CA GLU J 215 20.68 -6.90 5.33
C GLU J 215 19.50 -6.00 4.99
N ALA J 216 18.41 -6.09 5.77
CA ALA J 216 17.24 -5.27 5.49
C ALA J 216 17.42 -3.83 5.93
N GLU J 217 18.40 -3.57 6.80
CA GLU J 217 18.62 -2.20 7.27
C GLU J 217 19.70 -1.49 6.46
N THR J 218 20.85 -2.13 6.27
CA THR J 218 21.94 -1.50 5.54
C THR J 218 21.64 -1.37 4.06
N GLY J 219 20.73 -2.17 3.52
CA GLY J 219 20.41 -2.14 2.11
C GLY J 219 21.37 -2.89 1.21
N GLU J 220 22.48 -3.39 1.75
CA GLU J 220 23.45 -4.13 0.98
C GLU J 220 23.17 -5.63 1.14
N ARG J 221 24.07 -6.47 0.62
CA ARG J 221 23.91 -7.91 0.68
C ARG J 221 24.96 -8.46 1.65
N LYS J 222 24.52 -8.87 2.83
CA LYS J 222 25.40 -9.47 3.83
C LYS J 222 25.27 -10.98 3.79
N GLY J 223 26.23 -11.64 4.45
CA GLY J 223 26.22 -13.09 4.52
C GLY J 223 27.03 -13.57 5.69
N HIS J 224 26.84 -14.85 6.01
CA HIS J 224 27.57 -15.50 7.09
C HIS J 224 28.06 -16.85 6.59
N TRP J 225 29.33 -17.15 6.82
CA TRP J 225 29.92 -18.42 6.38
C TRP J 225 29.68 -19.45 7.47
N LEU J 226 28.57 -20.16 7.34
CA LEU J 226 28.20 -21.15 8.35
C LEU J 226 29.10 -22.38 8.24
N ASN J 227 29.67 -22.79 9.37
CA ASN J 227 30.61 -23.90 9.40
C ASN J 227 29.82 -25.20 9.41
N VAL J 228 29.88 -25.93 8.29
CA VAL J 228 29.20 -27.21 8.17
C VAL J 228 30.13 -28.39 8.41
N THR J 229 31.37 -28.11 8.84
CA THR J 229 32.31 -29.19 9.12
C THR J 229 31.80 -30.04 10.27
N ALA J 230 31.98 -31.35 10.14
CA ALA J 230 31.49 -32.30 11.13
C ALA J 230 32.31 -33.58 11.00
N GLY J 231 31.84 -34.64 11.64
CA GLY J 231 32.55 -35.91 11.68
C GLY J 231 32.22 -36.88 10.57
N SER J 232 31.38 -36.52 9.62
CA SER J 232 31.08 -37.41 8.51
C SER J 232 30.50 -36.62 7.35
N THR J 233 30.64 -37.18 6.16
CA THR J 233 30.05 -36.56 4.97
C THR J 233 28.53 -36.57 5.06
N GLU J 234 27.95 -37.65 5.57
CA GLU J 234 26.51 -37.74 5.71
C GLU J 234 25.94 -36.73 6.69
N GLU J 235 26.78 -36.15 7.55
CA GLU J 235 26.34 -35.10 8.46
C GLU J 235 26.64 -33.71 7.92
N MET J 236 27.79 -33.52 7.25
CA MET J 236 28.04 -32.24 6.59
C MET J 236 27.00 -31.96 5.51
N LEU J 237 26.61 -32.99 4.76
CA LEU J 237 25.56 -32.80 3.76
C LEU J 237 24.24 -32.42 4.41
N LYS J 238 23.95 -33.00 5.57
CA LYS J 238 22.74 -32.63 6.30
C LYS J 238 22.79 -31.19 6.77
N ARG J 239 23.96 -30.74 7.24
CA ARG J 239 24.09 -29.35 7.68
C ARG J 239 24.09 -28.39 6.50
N ALA J 240 24.69 -28.81 5.38
CA ALA J 240 24.71 -27.94 4.20
C ALA J 240 23.32 -27.72 3.64
N GLU J 241 22.49 -28.77 3.63
CA GLU J 241 21.12 -28.64 3.15
C GLU J 241 20.32 -27.68 4.01
N PHE J 242 20.52 -27.73 5.33
CA PHE J 242 19.81 -26.83 6.23
C PHE J 242 20.19 -25.37 5.96
N ALA J 243 21.48 -25.11 5.73
CA ALA J 243 21.91 -23.75 5.44
C ALA J 243 21.28 -23.21 4.17
N ALA J 244 21.17 -24.06 3.15
CA ALA J 244 20.53 -23.64 1.90
C ALA J 244 19.04 -23.39 2.09
N GLU J 245 18.37 -24.22 2.89
CA GLU J 245 16.95 -24.04 3.13
C GLU J 245 16.65 -22.80 3.95
N LEU J 246 17.61 -22.31 4.74
CA LEU J 246 17.42 -21.10 5.51
C LEU J 246 17.67 -19.83 4.70
N GLY J 247 18.15 -19.96 3.47
CA GLY J 247 18.39 -18.82 2.61
C GLY J 247 19.81 -18.32 2.58
N SER J 248 20.73 -18.95 3.31
CA SER J 248 22.11 -18.48 3.35
C SER J 248 22.78 -18.67 2.00
N ARG J 249 23.64 -17.71 1.65
CA ARG J 249 24.41 -17.84 0.41
C ARG J 249 25.62 -18.73 0.59
N TYR J 250 26.16 -18.83 1.80
CA TYR J 250 27.47 -19.42 2.03
C TYR J 250 27.39 -20.62 2.96
N ILE J 251 28.41 -21.46 2.86
CA ILE J 251 28.73 -22.46 3.88
C ILE J 251 30.25 -22.43 4.09
N MET J 252 30.72 -23.30 4.98
CA MET J 252 32.13 -23.30 5.36
C MET J 252 32.56 -24.72 5.67
N VAL J 253 33.74 -25.09 5.15
CA VAL J 253 34.32 -26.40 5.38
C VAL J 253 35.80 -26.23 5.68
N ASP J 254 36.31 -27.03 6.62
CA ASP J 254 37.74 -27.17 6.83
C ASP J 254 38.21 -28.31 5.95
N PHE J 255 38.73 -27.97 4.76
CA PHE J 255 38.98 -28.96 3.73
C PHE J 255 40.20 -29.83 3.99
N LEU J 256 40.97 -29.55 5.04
CA LEU J 256 42.11 -30.38 5.39
C LEU J 256 41.86 -31.27 6.60
N THR J 257 41.19 -30.76 7.63
CA THR J 257 40.81 -31.62 8.75
C THR J 257 39.62 -32.50 8.40
N ALA J 258 38.77 -32.05 7.48
CA ALA J 258 37.69 -32.88 6.95
C ALA J 258 38.15 -33.74 5.79
N GLY J 259 39.39 -33.58 5.33
CA GLY J 259 39.92 -34.38 4.24
C GLY J 259 39.45 -33.89 2.90
N PHE J 260 39.97 -34.56 1.86
CA PHE J 260 39.68 -34.17 0.49
C PHE J 260 38.53 -34.94 -0.14
N ALA J 261 38.35 -36.21 0.21
CA ALA J 261 37.20 -36.96 -0.33
C ALA J 261 35.89 -36.38 0.19
N ALA J 262 35.80 -36.15 1.50
CA ALA J 262 34.60 -35.55 2.07
C ALA J 262 34.39 -34.14 1.57
N PHE J 263 35.48 -33.38 1.41
CA PHE J 263 35.36 -32.03 0.88
C PHE J 263 34.85 -32.03 -0.54
N ALA J 264 35.33 -32.95 -1.38
CA ALA J 264 34.85 -33.04 -2.76
C ALA J 264 33.40 -33.49 -2.81
N SER J 265 32.99 -34.33 -1.85
CA SER J 265 31.58 -34.71 -1.79
C SER J 265 30.70 -33.55 -1.37
N VAL J 266 31.21 -32.70 -0.46
CA VAL J 266 30.44 -31.53 -0.03
C VAL J 266 30.38 -30.49 -1.15
N ARG J 267 31.46 -30.33 -1.90
CA ARG J 267 31.47 -29.35 -2.99
C ARG J 267 30.44 -29.70 -4.05
N ARG J 268 30.29 -30.98 -4.37
CA ARG J 268 29.29 -31.39 -5.35
C ARG J 268 27.89 -31.04 -4.89
N ARG J 269 27.60 -31.23 -3.60
CA ARG J 269 26.30 -30.84 -3.07
C ARG J 269 26.18 -29.33 -2.96
N ALA J 270 27.27 -28.65 -2.58
CA ALA J 270 27.22 -27.20 -2.40
C ALA J 270 26.86 -26.50 -3.71
N GLU J 271 27.27 -27.09 -4.85
CA GLU J 271 26.88 -26.51 -6.13
C GLU J 271 25.42 -26.80 -6.46
N GLU J 272 24.94 -27.99 -6.10
CA GLU J 272 23.56 -28.34 -6.36
C GLU J 272 22.59 -27.48 -5.56
N LEU J 273 23.04 -26.97 -4.41
CA LEU J 273 22.21 -26.12 -3.55
C LEU J 273 22.40 -24.64 -3.82
N GLY J 274 23.26 -24.28 -4.77
CA GLY J 274 23.49 -22.87 -5.08
C GLY J 274 24.18 -22.10 -3.97
N LEU J 275 25.19 -22.68 -3.35
CA LEU J 275 25.92 -22.06 -2.25
C LEU J 275 27.36 -21.78 -2.66
N MET J 276 27.85 -20.60 -2.31
CA MET J 276 29.30 -20.40 -2.34
C MET J 276 29.94 -21.22 -1.22
N LEU J 277 31.11 -21.77 -1.51
CA LEU J 277 31.80 -22.67 -0.61
C LEU J 277 33.10 -22.02 -0.16
N HIS J 278 33.23 -21.80 1.14
CA HIS J 278 34.43 -21.21 1.72
C HIS J 278 35.25 -22.31 2.39
N CYS J 279 36.53 -22.39 2.02
CA CYS J 279 37.40 -23.46 2.46
C CYS J 279 38.41 -22.92 3.46
N HIS J 280 38.33 -23.38 4.69
CA HIS J 280 39.31 -23.04 5.71
C HIS J 280 40.45 -24.04 5.67
N ARG J 281 41.68 -23.54 5.80
CA ARG J 281 42.88 -24.34 5.63
C ARG J 281 43.47 -24.80 6.96
N ALA J 282 42.62 -25.15 7.93
CA ALA J 282 43.11 -25.60 9.23
C ALA J 282 44.01 -26.82 9.06
N MET J 283 45.04 -26.89 9.92
CA MET J 283 46.10 -27.90 9.95
C MET J 283 47.14 -27.65 8.86
N HIS J 284 46.99 -26.63 8.01
CA HIS J 284 47.93 -26.44 6.91
C HIS J 284 49.35 -26.24 7.45
N ALA J 285 49.47 -25.69 8.65
CA ALA J 285 50.77 -25.35 9.20
C ALA J 285 51.51 -26.55 9.77
N VAL J 286 50.83 -27.68 9.94
CA VAL J 286 51.54 -28.92 10.20
C VAL J 286 52.32 -29.34 8.96
N PHE J 287 51.85 -28.93 7.78
CA PHE J 287 52.46 -29.32 6.51
C PHE J 287 53.47 -28.28 6.06
N ASP J 288 53.00 -27.06 5.77
CA ASP J 288 53.85 -26.03 5.17
C ASP J 288 54.41 -25.02 6.18
N ARG J 289 55.09 -25.52 7.21
CA ARG J 289 55.75 -24.61 8.14
C ARG J 289 57.27 -24.75 8.07
N GLN J 290 57.81 -25.94 8.28
CA GLN J 290 59.25 -26.12 8.25
C GLN J 290 59.73 -26.04 6.80
N PRO J 291 60.78 -25.27 6.51
CA PRO J 291 61.30 -25.16 5.15
C PRO J 291 62.13 -26.36 4.68
N ASN J 292 62.15 -27.46 5.44
CA ASN J 292 62.92 -28.63 5.07
C ASN J 292 62.09 -29.91 4.99
N HIS J 293 60.87 -29.91 5.50
CA HIS J 293 60.02 -31.10 5.46
C HIS J 293 58.56 -30.67 5.33
N GLY J 294 57.77 -31.48 4.63
CA GLY J 294 56.36 -31.22 4.51
C GLY J 294 55.90 -31.03 3.08
N ILE J 295 54.80 -30.29 2.91
CA ILE J 295 54.23 -29.98 1.61
C ILE J 295 53.96 -28.48 1.59
N HIS J 296 54.51 -27.78 0.60
CA HIS J 296 54.30 -26.34 0.51
C HIS J 296 52.82 -26.05 0.25
N PHE J 297 52.35 -24.88 0.68
CA PHE J 297 50.94 -24.58 0.56
C PHE J 297 50.52 -24.41 -0.90
N ARG J 298 51.43 -23.94 -1.76
CA ARG J 298 51.07 -23.73 -3.15
C ARG J 298 50.69 -25.04 -3.82
N VAL J 299 51.19 -26.17 -3.29
CA VAL J 299 50.72 -27.47 -3.77
C VAL J 299 49.29 -27.71 -3.30
N LEU J 300 48.98 -27.38 -2.05
CA LEU J 300 47.62 -27.49 -1.54
C LEU J 300 46.71 -26.41 -2.08
N ALA J 301 47.26 -25.25 -2.48
CA ALA J 301 46.46 -24.22 -3.11
C ALA J 301 46.03 -24.65 -4.51
N LYS J 302 46.92 -25.35 -5.23
CA LYS J 302 46.55 -25.90 -6.53
C LYS J 302 45.46 -26.96 -6.38
N TRP J 303 45.60 -27.84 -5.39
CA TRP J 303 44.62 -28.91 -5.21
C TRP J 303 43.24 -28.35 -4.90
N LEU J 304 43.17 -27.20 -4.24
CA LEU J 304 41.87 -26.65 -3.86
C LEU J 304 41.12 -26.14 -5.09
N ARG J 305 41.81 -25.39 -5.95
CA ARG J 305 41.17 -24.88 -7.16
C ARG J 305 40.76 -26.03 -8.06
N MET J 306 41.57 -27.09 -8.11
CA MET J 306 41.22 -28.27 -8.92
C MET J 306 39.91 -28.87 -8.46
N VAL J 307 39.79 -29.16 -7.16
CA VAL J 307 38.57 -29.79 -6.66
C VAL J 307 37.45 -28.77 -6.54
N GLY J 308 37.77 -27.51 -6.28
CA GLY J 308 36.76 -26.47 -6.28
C GLY J 308 36.48 -25.82 -4.95
N GLY J 309 37.01 -24.62 -4.75
CA GLY J 309 36.67 -23.81 -3.60
C GLY J 309 36.56 -22.36 -3.98
N ASP J 310 35.45 -21.71 -3.59
CA ASP J 310 35.26 -20.30 -3.96
C ASP J 310 36.16 -19.38 -3.16
N HIS J 311 36.50 -19.75 -1.93
CA HIS J 311 37.42 -18.99 -1.10
C HIS J 311 38.51 -19.88 -0.55
N VAL J 312 39.62 -19.25 -0.18
CA VAL J 312 40.73 -19.95 0.48
C VAL J 312 41.52 -18.95 1.31
N HIS J 313 41.89 -19.36 2.52
CA HIS J 313 42.82 -18.58 3.30
C HIS J 313 44.22 -18.75 2.73
N THR J 314 44.86 -17.63 2.38
CA THR J 314 46.24 -17.65 1.93
C THR J 314 47.22 -17.19 2.99
N GLY J 315 46.73 -16.55 4.04
CA GLY J 315 47.58 -16.11 5.13
C GLY J 315 48.15 -14.73 4.89
N THR J 316 47.84 -13.80 5.79
CA THR J 316 48.41 -12.47 5.70
C THR J 316 49.91 -12.52 5.92
N VAL J 317 50.63 -11.68 5.18
CA VAL J 317 52.07 -11.57 5.34
C VAL J 317 52.46 -10.88 6.65
N VAL J 318 51.64 -9.96 7.13
CA VAL J 318 51.99 -9.10 8.27
C VAL J 318 51.22 -9.46 9.53
N GLY J 319 50.43 -10.53 9.52
CA GLY J 319 49.63 -10.91 10.67
C GLY J 319 50.44 -11.64 11.73
N LYS J 320 49.72 -12.35 12.59
CA LYS J 320 50.36 -13.13 13.66
C LYS J 320 50.80 -14.51 13.19
N LEU J 321 50.47 -14.89 11.96
CA LEU J 321 50.77 -16.20 11.43
C LEU J 321 51.84 -16.09 10.36
N GLU J 322 52.83 -16.97 10.40
CA GLU J 322 53.95 -16.88 9.49
C GLU J 322 53.50 -17.07 8.04
N GLY J 323 54.02 -16.22 7.16
CA GLY J 323 53.81 -16.30 5.74
C GLY J 323 54.84 -15.45 5.04
N ASP J 324 55.24 -15.83 3.83
CA ASP J 324 56.31 -15.14 3.12
C ASP J 324 55.71 -14.17 2.11
N ARG J 325 56.30 -12.98 2.02
CA ARG J 325 55.78 -11.95 1.13
C ARG J 325 55.82 -12.41 -0.32
N ALA J 326 56.93 -13.00 -0.74
CA ALA J 326 57.05 -13.44 -2.13
C ALA J 326 56.18 -14.66 -2.39
N GLU J 327 56.22 -15.66 -1.50
CA GLU J 327 55.48 -16.89 -1.71
C GLU J 327 53.98 -16.64 -1.72
N THR J 328 53.49 -15.74 -0.87
CA THR J 328 52.08 -15.42 -0.85
C THR J 328 51.64 -14.78 -2.17
N LEU J 329 52.53 -13.97 -2.77
CA LEU J 329 52.23 -13.39 -4.07
C LEU J 329 52.05 -14.47 -5.13
N GLY J 330 52.91 -15.49 -5.13
CA GLY J 330 52.79 -16.55 -6.10
C GLY J 330 51.54 -17.38 -5.91
N ILE J 331 51.16 -17.62 -4.66
CA ILE J 331 49.93 -18.37 -4.39
C ILE J 331 48.71 -17.57 -4.80
N ALA J 332 48.74 -16.24 -4.58
CA ALA J 332 47.62 -15.41 -5.01
C ALA J 332 47.44 -15.45 -6.52
N ASP J 333 48.53 -15.58 -7.27
CA ASP J 333 48.42 -15.71 -8.71
C ASP J 333 47.88 -17.06 -9.12
N LEU J 334 48.24 -18.11 -8.37
CA LEU J 334 47.76 -19.46 -8.70
C LEU J 334 46.26 -19.57 -8.50
N LEU J 335 45.68 -18.70 -7.68
CA LEU J 335 44.27 -18.80 -7.34
C LEU J 335 43.41 -17.88 -8.19
N ARG J 336 44.00 -16.89 -8.85
CA ARG J 336 43.25 -15.87 -9.57
C ARG J 336 43.50 -15.88 -11.06
N GLU J 337 44.76 -15.90 -11.49
CA GLU J 337 45.07 -15.79 -12.90
C GLU J 337 44.81 -17.10 -13.63
N ASP J 338 44.69 -17.01 -14.96
CA ASP J 338 44.40 -18.17 -15.80
C ASP J 338 45.66 -18.81 -16.38
N TYR J 339 46.83 -18.22 -16.15
CA TYR J 339 48.09 -18.82 -16.55
C TYR J 339 49.19 -18.15 -15.76
N VAL J 340 49.95 -18.93 -15.00
CA VAL J 340 50.99 -18.37 -14.14
C VAL J 340 52.36 -18.81 -14.64
N PRO J 341 53.12 -17.93 -15.29
CA PRO J 341 54.47 -18.32 -15.73
C PRO J 341 55.37 -18.60 -14.53
N ALA J 342 56.33 -19.51 -14.75
CA ALA J 342 57.25 -19.87 -13.69
C ALA J 342 58.10 -18.68 -13.27
N ASP J 343 58.41 -18.61 -11.98
CA ASP J 343 59.18 -17.50 -11.43
C ASP J 343 59.97 -17.96 -10.21
N PRO J 344 61.30 -18.07 -10.32
CA PRO J 344 62.09 -18.52 -9.17
C PRO J 344 62.02 -17.60 -7.97
N GLY J 345 61.88 -16.29 -8.19
CA GLY J 345 61.80 -15.36 -7.07
C GLY J 345 60.54 -15.52 -6.25
N ARG J 346 59.40 -15.73 -6.92
CA ARG J 346 58.11 -15.90 -6.27
C ARG J 346 57.84 -17.35 -5.88
N GLY J 347 58.87 -18.19 -5.85
CA GLY J 347 58.78 -19.54 -5.35
C GLY J 347 58.27 -20.57 -6.34
N LEU J 348 57.87 -20.17 -7.53
CA LEU J 348 57.26 -21.09 -8.48
C LEU J 348 58.32 -21.81 -9.30
N PHE J 349 58.06 -23.09 -9.58
CA PHE J 349 58.98 -23.92 -10.34
C PHE J 349 58.48 -24.26 -11.74
N PHE J 350 57.16 -24.30 -11.94
CA PHE J 350 56.59 -24.76 -13.20
C PHE J 350 55.56 -23.78 -13.71
N ASP J 351 55.35 -23.78 -15.03
CA ASP J 351 54.25 -23.07 -15.63
C ASP J 351 52.95 -23.82 -15.39
N GLN J 352 51.88 -23.10 -15.08
CA GLN J 352 50.61 -23.70 -14.72
C GLN J 352 49.49 -23.11 -15.58
N ASP J 353 49.11 -23.84 -16.63
CA ASP J 353 47.94 -23.49 -17.43
C ASP J 353 46.71 -24.09 -16.75
N TRP J 354 45.73 -23.24 -16.47
CA TRP J 354 44.59 -23.65 -15.65
C TRP J 354 43.40 -24.14 -16.46
N ALA J 355 43.51 -24.15 -17.79
CA ALA J 355 42.55 -24.85 -18.66
C ALA J 355 41.11 -24.38 -18.44
N GLY J 356 40.95 -23.07 -18.25
CA GLY J 356 39.62 -22.51 -18.14
C GLY J 356 38.93 -22.70 -16.80
N LEU J 357 39.66 -23.10 -15.77
CA LEU J 357 39.10 -23.18 -14.42
C LEU J 357 38.97 -21.78 -13.84
N LYS J 358 37.82 -21.48 -13.26
CA LYS J 358 37.54 -20.14 -12.77
C LYS J 358 38.33 -19.85 -11.50
N PRO J 359 38.58 -18.57 -11.22
CA PRO J 359 39.50 -18.20 -10.14
C PRO J 359 38.90 -18.43 -8.75
N VAL J 360 39.74 -18.19 -7.74
CA VAL J 360 39.40 -18.39 -6.34
C VAL J 360 39.72 -17.10 -5.60
N PHE J 361 38.83 -16.69 -4.70
CA PHE J 361 39.10 -15.55 -3.84
C PHE J 361 40.21 -15.90 -2.85
N PRO J 362 41.31 -15.16 -2.82
CA PRO J 362 42.28 -15.32 -1.73
C PRO J 362 41.80 -14.55 -0.49
N VAL J 363 41.76 -15.24 0.64
CA VAL J 363 41.23 -14.68 1.87
C VAL J 363 42.40 -14.40 2.80
N ALA J 364 42.59 -13.13 3.16
CA ALA J 364 43.70 -12.70 4.01
C ALA J 364 43.17 -12.55 5.43
N SER J 365 43.51 -13.50 6.30
CA SER J 365 43.08 -13.49 7.69
C SER J 365 44.29 -13.64 8.60
N GLY J 366 44.10 -13.26 9.86
CA GLY J 366 45.16 -13.32 10.85
C GLY J 366 45.05 -12.22 11.88
N GLY J 367 46.16 -11.81 12.46
CA GLY J 367 46.15 -10.75 13.44
C GLY J 367 46.30 -9.38 12.80
N ILE J 368 45.36 -9.04 11.92
CA ILE J 368 45.45 -7.85 11.10
C ILE J 368 44.46 -6.80 11.62
N HIS J 369 44.92 -5.56 11.72
CA HIS J 369 44.10 -4.43 12.14
C HIS J 369 44.18 -3.32 11.10
N VAL J 370 43.70 -2.13 11.46
CA VAL J 370 43.58 -1.05 10.48
C VAL J 370 44.94 -0.67 9.90
N TRP J 371 45.99 -0.77 10.71
CA TRP J 371 47.32 -0.37 10.23
C TRP J 371 47.81 -1.23 9.08
N HIS J 372 47.37 -2.49 9.03
CA HIS J 372 47.84 -3.42 8.01
C HIS J 372 47.09 -3.28 6.70
N VAL J 373 46.06 -2.42 6.63
CA VAL J 373 45.29 -2.28 5.40
C VAL J 373 46.14 -1.79 4.24
N PRO J 374 47.01 -0.77 4.39
CA PRO J 374 47.87 -0.40 3.26
C PRO J 374 48.74 -1.53 2.76
N ASP J 375 49.23 -2.39 3.65
CA ASP J 375 50.04 -3.52 3.21
C ASP J 375 49.18 -4.61 2.58
N LEU J 376 47.98 -4.83 3.11
CA LEU J 376 47.11 -5.85 2.56
C LEU J 376 46.60 -5.48 1.18
N VAL J 377 46.22 -4.21 0.98
CA VAL J 377 45.72 -3.78 -0.31
C VAL J 377 46.83 -3.82 -1.35
N SER J 378 48.06 -3.47 -0.96
CA SER J 378 49.18 -3.51 -1.89
C SER J 378 49.49 -4.94 -2.34
N ILE J 379 49.52 -5.87 -1.39
CA ILE J 379 49.89 -7.25 -1.70
C ILE J 379 48.78 -7.94 -2.51
N PHE J 380 47.52 -7.77 -2.08
CA PHE J 380 46.45 -8.61 -2.56
C PHE J 380 45.61 -7.99 -3.67
N GLY J 381 45.61 -6.68 -3.79
CA GLY J 381 44.72 -6.04 -4.73
C GLY J 381 43.29 -6.01 -4.22
N ASP J 382 42.37 -5.72 -5.14
CA ASP J 382 40.96 -5.59 -4.78
C ASP J 382 40.18 -6.90 -4.90
N ASP J 383 40.79 -7.95 -5.44
CA ASP J 383 40.13 -9.24 -5.59
C ASP J 383 40.58 -10.15 -4.44
N ALA J 384 40.07 -9.87 -3.25
CA ALA J 384 40.45 -10.63 -2.07
C ALA J 384 39.46 -10.33 -0.95
N PHE J 385 39.48 -11.17 0.07
CA PHE J 385 38.78 -10.93 1.32
C PHE J 385 39.77 -10.55 2.41
N PHE J 386 39.37 -9.59 3.25
CA PHE J 386 40.12 -9.23 4.44
C PHE J 386 39.27 -9.58 5.66
N LEU J 387 39.82 -10.38 6.55
CA LEU J 387 39.10 -10.85 7.72
C LEU J 387 39.66 -10.17 8.97
N PHE J 388 38.81 -9.41 9.65
CA PHE J 388 39.18 -8.74 10.89
C PHE J 388 38.38 -9.42 12.01
N GLY J 389 38.92 -10.52 12.51
CA GLY J 389 38.26 -11.24 13.59
C GLY J 389 38.42 -10.53 14.92
N GLY J 390 39.64 -10.44 15.42
CA GLY J 390 39.91 -9.72 16.64
C GLY J 390 40.15 -8.24 16.46
N GLY J 391 40.32 -7.78 15.23
CA GLY J 391 40.47 -6.37 14.94
C GLY J 391 39.17 -5.63 14.81
N THR J 392 38.04 -6.34 14.85
CA THR J 392 36.72 -5.73 14.84
C THR J 392 36.08 -5.72 16.23
N HIS J 393 36.15 -6.84 16.95
CA HIS J 393 35.60 -6.93 18.29
C HIS J 393 36.53 -6.37 19.35
N GLY J 394 37.80 -6.14 19.03
CA GLY J 394 38.72 -5.53 19.94
C GLY J 394 38.67 -4.02 19.97
N HIS J 395 37.80 -3.42 19.17
CA HIS J 395 37.67 -1.97 19.17
C HIS J 395 37.21 -1.49 20.55
N PRO J 396 37.73 -0.37 21.05
CA PRO J 396 37.37 0.08 22.39
C PRO J 396 35.92 0.49 22.55
N ARG J 397 35.11 0.34 21.49
CA ARG J 397 33.69 0.69 21.59
C ARG J 397 32.77 -0.34 20.95
N GLY J 398 33.20 -1.58 20.76
CA GLY J 398 32.30 -2.65 20.34
C GLY J 398 32.64 -3.17 18.96
N SER J 399 31.68 -3.90 18.39
CA SER J 399 31.89 -4.52 17.08
C SER J 399 31.36 -3.64 15.95
N ARG J 400 30.20 -3.02 16.15
CA ARG J 400 29.67 -2.12 15.13
C ARG J 400 30.59 -0.93 14.91
N ALA J 401 31.17 -0.41 15.98
CA ALA J 401 32.18 0.64 15.84
C ALA J 401 33.45 0.09 15.22
N GLY J 402 33.84 -1.14 15.59
CA GLY J 402 35.04 -1.73 15.01
C GLY J 402 34.89 -2.05 13.54
N ALA J 403 33.72 -2.55 13.14
CA ALA J 403 33.50 -2.87 11.73
C ALA J 403 33.51 -1.61 10.88
N THR J 404 33.12 -0.47 11.45
CA THR J 404 33.17 0.79 10.72
C THR J 404 34.60 1.24 10.49
N ALA J 405 35.45 1.11 11.50
CA ALA J 405 36.86 1.52 11.36
C ALA J 405 37.56 0.68 10.30
N ASN J 406 37.32 -0.64 10.31
CA ASN J 406 37.91 -1.50 9.29
C ASN J 406 37.38 -1.16 7.90
N ARG J 407 36.08 -0.88 7.80
CA ARG J 407 35.50 -0.55 6.50
C ARG J 407 36.01 0.78 5.98
N VAL J 408 36.12 1.78 6.85
CA VAL J 408 36.57 3.09 6.42
C VAL J 408 38.05 3.05 6.01
N ALA J 409 38.85 2.28 6.75
CA ALA J 409 40.28 2.21 6.44
C ALA J 409 40.52 1.61 5.06
N VAL J 410 39.76 0.58 4.71
CA VAL J 410 39.95 -0.08 3.42
C VAL J 410 39.55 0.84 2.28
N GLU J 411 38.37 1.47 2.39
CA GLU J 411 37.91 2.35 1.33
C GLU J 411 38.82 3.56 1.17
N ALA J 412 39.35 4.09 2.28
CA ALA J 412 40.27 5.21 2.20
C ALA J 412 41.54 4.82 1.47
N VAL J 413 42.07 3.62 1.75
CA VAL J 413 43.29 3.16 1.11
C VAL J 413 43.02 2.83 -0.36
N VAL J 414 41.89 2.17 -0.65
CA VAL J 414 41.57 1.81 -2.02
C VAL J 414 41.35 3.06 -2.87
N GLN J 415 40.54 3.99 -2.36
CA GLN J 415 40.25 5.21 -3.11
C GLN J 415 41.52 6.02 -3.34
N ALA J 416 42.37 6.12 -2.33
CA ALA J 416 43.63 6.84 -2.49
C ALA J 416 44.60 6.09 -3.38
N ARG J 417 44.35 4.80 -3.65
CA ARG J 417 45.15 4.09 -4.64
C ARG J 417 44.63 4.33 -6.04
N ASN J 418 43.30 4.41 -6.20
CA ASN J 418 42.73 4.79 -7.47
C ASN J 418 43.04 6.24 -7.82
N GLU J 419 43.38 7.06 -6.84
CA GLU J 419 43.81 8.43 -7.07
C GLU J 419 45.24 8.52 -7.62
N GLY J 420 45.95 7.40 -7.67
CA GLY J 420 47.32 7.38 -8.13
C GLY J 420 48.36 7.55 -7.04
N ARG J 421 47.95 7.88 -5.82
CA ARG J 421 48.91 8.02 -4.72
C ARG J 421 49.53 6.67 -4.40
N ASP J 422 50.81 6.70 -4.01
CA ASP J 422 51.47 5.48 -3.56
C ASP J 422 50.89 5.03 -2.24
N ILE J 423 50.76 3.72 -2.07
CA ILE J 423 50.18 3.13 -0.87
C ILE J 423 51.25 2.73 0.14
N LEU J 424 52.25 1.96 -0.31
CA LEU J 424 53.24 1.42 0.62
C LEU J 424 54.04 2.51 1.33
N ALA J 425 54.06 3.73 0.79
CA ALA J 425 54.75 4.85 1.42
C ALA J 425 53.83 5.81 2.14
N GLU J 426 52.63 6.04 1.61
CA GLU J 426 51.70 7.02 2.17
C GLU J 426 50.52 6.39 2.90
N GLY J 427 50.64 5.12 3.30
CA GLY J 427 49.56 4.50 4.06
C GLY J 427 49.27 5.20 5.36
N ARG J 428 50.32 5.57 6.10
CA ARG J 428 50.13 6.24 7.38
C ARG J 428 49.39 7.57 7.19
N GLU J 429 49.83 8.37 6.22
CA GLU J 429 49.18 9.65 5.97
C GLU J 429 47.73 9.46 5.51
N ILE J 430 47.49 8.49 4.62
CA ILE J 430 46.14 8.26 4.13
C ILE J 430 45.22 7.88 5.28
N LEU J 431 45.67 6.96 6.13
CA LEU J 431 44.87 6.55 7.27
C LEU J 431 44.66 7.69 8.25
N GLU J 432 45.65 8.58 8.40
CA GLU J 432 45.47 9.72 9.30
C GLU J 432 44.44 10.70 8.76
N GLU J 433 44.47 10.99 7.46
CA GLU J 433 43.43 11.86 6.89
C GLU J 433 42.06 11.21 7.01
N ALA J 434 41.97 9.89 6.84
CA ALA J 434 40.69 9.23 7.04
C ALA J 434 40.22 9.32 8.48
N ALA J 435 41.13 9.12 9.44
CA ALA J 435 40.79 9.18 10.85
C ALA J 435 40.41 10.59 11.28
N ARG J 436 40.94 11.60 10.59
CA ARG J 436 40.59 12.99 10.93
C ARG J 436 39.08 13.22 10.84
N TRP J 437 38.39 12.48 9.99
CA TRP J 437 36.95 12.61 9.86
C TRP J 437 36.17 11.38 10.30
N CYS J 438 36.85 10.26 10.55
CA CYS J 438 36.19 9.07 11.08
C CYS J 438 36.56 8.89 12.54
N PRO J 439 35.60 8.98 13.47
CA PRO J 439 35.95 8.77 14.88
C PRO J 439 36.31 7.33 15.20
N GLU J 440 35.65 6.37 14.56
CA GLU J 440 35.91 4.96 14.83
C GLU J 440 37.32 4.59 14.44
N LEU J 441 37.78 5.07 13.27
CA LEU J 441 39.13 4.75 12.82
C LEU J 441 40.18 5.38 13.72
N ARG J 442 39.88 6.57 14.26
CA ARG J 442 40.84 7.24 15.14
C ARG J 442 41.12 6.41 16.38
N GLU J 443 40.07 5.84 16.98
CA GLU J 443 40.26 5.00 18.17
C GLU J 443 41.04 3.74 17.83
N ALA J 444 40.73 3.11 16.69
CA ALA J 444 41.40 1.86 16.32
C ALA J 444 42.88 2.09 16.05
N MET J 445 43.22 3.21 15.42
CA MET J 445 44.63 3.51 15.17
C MET J 445 45.36 3.84 16.46
N GLU J 446 44.68 4.52 17.39
CA GLU J 446 45.28 4.84 18.67
C GLU J 446 45.55 3.58 19.49
N LEU J 447 44.60 2.65 19.51
CA LEU J 447 44.71 1.47 20.36
C LEU J 447 45.83 0.55 19.88
N TRP J 448 45.85 0.24 18.59
CA TRP J 448 46.78 -0.73 18.04
C TRP J 448 47.94 -0.01 17.37
N GLY J 449 49.16 -0.40 17.75
CA GLY J 449 50.36 0.18 17.18
C GLY J 449 50.63 1.61 17.61
N ARG K 3 -22.14 -15.00 26.33
CA ARG K 3 -23.37 -14.27 26.56
C ARG K 3 -24.38 -15.12 27.32
N ALA K 4 -24.63 -16.33 26.81
CA ALA K 4 -25.53 -17.25 27.48
C ALA K 4 -24.96 -17.69 28.82
N GLN K 5 -25.82 -17.74 29.84
CA GLN K 5 -25.41 -18.00 31.20
C GLN K 5 -25.63 -19.47 31.55
N TYR K 6 -24.66 -20.06 32.24
CA TYR K 6 -24.71 -21.43 32.72
C TYR K 6 -24.46 -21.43 34.23
N GLU K 7 -24.45 -22.63 34.81
CA GLU K 7 -24.27 -22.78 36.26
C GLU K 7 -22.84 -23.20 36.54
N ALA K 8 -21.96 -22.21 36.64
CA ALA K 8 -20.57 -22.46 36.98
C ALA K 8 -20.41 -22.74 38.48
N GLY K 9 -19.32 -23.40 38.82
CA GLY K 9 -19.00 -23.72 40.19
C GLY K 9 -18.56 -25.15 40.34
N VAL K 10 -17.82 -25.42 41.42
CA VAL K 10 -17.34 -26.76 41.69
C VAL K 10 -18.53 -27.63 42.10
N ARG K 11 -18.78 -28.68 41.32
CA ARG K 11 -19.96 -29.51 41.47
C ARG K 11 -19.48 -30.93 41.81
N PRO K 12 -19.99 -31.56 42.86
CA PRO K 12 -19.54 -32.93 43.17
C PRO K 12 -19.74 -33.89 42.00
N TYR K 13 -18.77 -34.80 41.84
CA TYR K 13 -18.71 -35.65 40.66
C TYR K 13 -19.92 -36.56 40.55
N ARG K 14 -20.36 -37.13 41.67
CA ARG K 14 -21.34 -38.21 41.63
C ARG K 14 -22.71 -37.77 41.13
N GLU K 15 -22.92 -36.48 40.89
CA GLU K 15 -24.22 -36.02 40.44
C GLU K 15 -24.42 -36.17 38.93
N THR K 16 -23.35 -36.40 38.18
CA THR K 16 -23.47 -36.62 36.74
C THR K 16 -22.61 -37.76 36.20
N TYR K 17 -21.66 -38.30 36.97
CA TYR K 17 -20.83 -39.40 36.53
C TYR K 17 -21.08 -40.69 37.30
N TYR K 18 -22.17 -40.75 38.07
CA TYR K 18 -22.55 -41.95 38.80
C TYR K 18 -23.99 -42.30 38.41
N ASP K 19 -24.16 -43.41 37.71
CA ASP K 19 -25.46 -43.84 37.19
C ASP K 19 -25.68 -45.29 37.60
N PRO K 20 -26.19 -45.52 38.81
CA PRO K 20 -26.38 -46.90 39.29
C PRO K 20 -27.42 -47.69 38.50
N ASP K 21 -28.27 -47.03 37.70
CA ASP K 21 -29.30 -47.69 36.92
C ASP K 21 -28.90 -47.85 35.46
N TYR K 22 -27.60 -47.87 35.17
CA TYR K 22 -27.11 -47.94 33.80
C TYR K 22 -26.80 -49.39 33.44
N GLU K 23 -27.42 -49.87 32.36
CA GLU K 23 -27.14 -51.19 31.84
C GLU K 23 -26.22 -51.05 30.63
N PRO K 24 -24.97 -51.51 30.70
CA PRO K 24 -24.03 -51.25 29.60
C PRO K 24 -24.46 -51.96 28.33
N LYS K 25 -24.11 -51.35 27.19
CA LYS K 25 -24.33 -51.96 25.90
C LYS K 25 -23.23 -52.98 25.61
N ASP K 26 -23.30 -53.61 24.45
CA ASP K 26 -22.28 -54.57 24.05
C ASP K 26 -21.06 -53.91 23.42
N THR K 27 -21.07 -52.59 23.29
CA THR K 27 -19.95 -51.87 22.68
C THR K 27 -19.36 -50.86 23.66
N ASP K 28 -19.13 -51.28 24.90
CA ASP K 28 -18.57 -50.42 25.92
C ASP K 28 -17.34 -51.08 26.55
N LEU K 29 -16.29 -50.30 26.76
CA LEU K 29 -15.16 -50.73 27.57
C LEU K 29 -15.54 -50.60 29.04
N LEU K 30 -15.87 -51.73 29.66
CA LEU K 30 -16.08 -51.76 31.09
C LEU K 30 -14.75 -51.91 31.82
N CYS K 31 -14.65 -51.31 32.99
CA CYS K 31 -13.44 -51.39 33.79
C CYS K 31 -13.81 -51.67 35.24
N ALA K 32 -12.93 -52.40 35.93
CA ALA K 32 -13.13 -52.77 37.33
C ALA K 32 -11.97 -52.22 38.13
N PHE K 33 -12.15 -51.06 38.74
CA PHE K 33 -11.13 -50.44 39.58
C PHE K 33 -11.31 -50.88 41.02
N ARG K 34 -10.19 -50.99 41.73
CA ARG K 34 -10.18 -51.30 43.16
C ARG K 34 -9.74 -50.03 43.88
N ILE K 35 -10.71 -49.22 44.26
CA ILE K 35 -10.44 -47.89 44.79
C ILE K 35 -10.18 -47.97 46.29
N THR K 36 -9.39 -47.02 46.79
CA THR K 36 -9.19 -46.84 48.23
C THR K 36 -9.21 -45.34 48.50
N PRO K 37 -10.36 -44.80 48.85
CA PRO K 37 -10.52 -43.34 48.92
C PRO K 37 -9.96 -42.76 50.22
N LYS K 38 -9.93 -41.43 50.25
CA LYS K 38 -9.57 -40.71 51.46
C LYS K 38 -10.59 -40.97 52.55
N PRO K 39 -10.19 -40.85 53.83
CA PRO K 39 -11.20 -40.83 54.90
C PRO K 39 -12.15 -39.65 54.71
N GLY K 40 -13.44 -39.92 54.88
CA GLY K 40 -14.46 -38.92 54.68
C GLY K 40 -14.95 -38.78 53.26
N VAL K 41 -14.19 -39.26 52.28
CA VAL K 41 -14.63 -39.26 50.89
C VAL K 41 -15.36 -40.59 50.63
N PRO K 42 -16.63 -40.57 50.24
CA PRO K 42 -17.38 -41.81 50.07
C PRO K 42 -16.90 -42.61 48.88
N MET K 43 -17.28 -43.88 48.88
CA MET K 43 -16.95 -44.75 47.75
C MET K 43 -17.63 -44.28 46.47
N GLU K 44 -18.89 -43.85 46.58
CA GLU K 44 -19.64 -43.43 45.40
C GLU K 44 -19.01 -42.21 44.74
N GLU K 45 -18.57 -41.24 45.55
CA GLU K 45 -18.00 -40.02 44.97
C GLU K 45 -16.61 -40.27 44.40
N ALA K 46 -15.83 -41.16 45.02
CA ALA K 46 -14.52 -41.48 44.48
C ALA K 46 -14.63 -42.25 43.17
N ALA K 47 -15.60 -43.16 43.08
CA ALA K 47 -15.82 -43.88 41.83
C ALA K 47 -16.23 -42.95 40.70
N ALA K 48 -16.90 -41.84 41.04
CA ALA K 48 -17.24 -40.86 40.03
C ALA K 48 -16.03 -40.04 39.62
N ALA K 49 -15.12 -39.78 40.56
CA ALA K 49 -13.90 -39.04 40.23
C ALA K 49 -13.04 -39.83 39.26
N VAL K 50 -12.97 -41.15 39.43
CA VAL K 50 -12.20 -41.98 38.51
C VAL K 50 -12.90 -42.04 37.15
N ALA K 51 -14.23 -42.12 37.16
CA ALA K 51 -14.97 -42.19 35.90
C ALA K 51 -14.94 -40.87 35.15
N ALA K 52 -14.95 -39.74 35.87
CA ALA K 52 -15.01 -38.45 35.22
C ALA K 52 -13.68 -38.06 34.59
N GLU K 53 -12.58 -38.33 35.28
CA GLU K 53 -11.28 -37.84 34.86
C GLU K 53 -10.57 -38.74 33.86
N SER K 54 -11.07 -39.97 33.68
CA SER K 54 -10.69 -40.81 32.55
C SER K 54 -11.68 -40.64 31.40
N SER K 55 -12.45 -39.56 31.42
CA SER K 55 -13.51 -39.27 30.47
C SER K 55 -13.61 -37.75 30.35
N THR K 56 -14.74 -37.27 29.87
CA THR K 56 -15.02 -35.88 29.55
C THR K 56 -15.01 -34.93 30.76
N GLY K 57 -14.66 -35.30 32.00
CA GLY K 57 -14.88 -34.46 33.15
C GLY K 57 -13.68 -33.61 33.54
N THR K 58 -13.92 -32.76 34.54
CA THR K 58 -12.91 -31.88 35.10
C THR K 58 -13.38 -31.45 36.50
N TRP K 59 -12.54 -30.67 37.19
CA TRP K 59 -12.81 -30.36 38.59
C TRP K 59 -13.83 -29.23 38.75
N THR K 60 -14.23 -28.57 37.68
CA THR K 60 -15.32 -27.59 37.72
C THR K 60 -16.36 -27.89 36.65
N GLU K 61 -17.31 -26.98 36.48
CA GLU K 61 -18.25 -27.02 35.36
C GLU K 61 -17.85 -25.94 34.37
N VAL K 62 -17.56 -26.35 33.14
CA VAL K 62 -17.06 -25.44 32.11
C VAL K 62 -18.21 -25.03 31.22
N TRP K 63 -18.08 -23.85 30.60
CA TRP K 63 -19.12 -23.36 29.71
C TRP K 63 -19.23 -24.17 28.43
N SER K 64 -18.17 -24.89 28.06
CA SER K 64 -18.16 -25.67 26.83
C SER K 64 -18.77 -27.05 27.00
N ASN K 65 -19.34 -27.35 28.16
CA ASN K 65 -20.11 -28.58 28.31
C ASN K 65 -21.38 -28.54 27.49
N LEU K 66 -21.92 -27.33 27.22
CA LEU K 66 -23.11 -27.19 26.42
C LEU K 66 -22.82 -27.11 24.93
N LEU K 67 -21.56 -27.07 24.54
CA LEU K 67 -21.21 -27.10 23.12
C LEU K 67 -21.39 -28.48 22.50
N THR K 68 -21.48 -29.53 23.33
CA THR K 68 -21.67 -30.88 22.85
C THR K 68 -22.61 -31.60 23.79
N ASP K 69 -23.25 -32.66 23.28
CA ASP K 69 -24.08 -33.52 24.11
C ASP K 69 -23.18 -34.40 24.98
N LEU K 70 -23.11 -34.09 26.27
CA LEU K 70 -22.11 -34.71 27.12
C LEU K 70 -22.50 -36.14 27.48
N GLU K 71 -23.79 -36.46 27.46
CA GLU K 71 -24.24 -37.80 27.80
C GLU K 71 -23.83 -38.83 26.75
N ARG K 72 -23.52 -38.39 25.54
CA ARG K 72 -23.10 -39.32 24.49
C ARG K 72 -21.68 -39.83 24.73
N TYR K 73 -20.85 -39.08 25.43
CA TYR K 73 -19.45 -39.40 25.58
C TYR K 73 -18.98 -39.65 27.01
N LYS K 74 -19.73 -39.19 28.01
CA LYS K 74 -19.25 -39.31 29.38
C LYS K 74 -19.22 -40.77 29.83
N ALA K 75 -18.19 -41.12 30.58
CA ALA K 75 -18.16 -42.39 31.27
C ALA K 75 -18.93 -42.30 32.57
N ARG K 76 -19.18 -43.46 33.19
CA ARG K 76 -20.07 -43.48 34.35
C ARG K 76 -19.86 -44.77 35.12
N CYS K 77 -19.88 -44.67 36.44
CA CYS K 77 -19.73 -45.83 37.33
C CYS K 77 -21.12 -46.42 37.55
N TYR K 78 -21.44 -47.48 36.81
CA TYR K 78 -22.78 -48.05 36.86
C TYR K 78 -22.96 -49.07 37.96
N ARG K 79 -21.90 -49.45 38.68
CA ARG K 79 -22.03 -50.44 39.73
C ARG K 79 -20.89 -50.29 40.72
N ILE K 80 -21.16 -50.65 41.96
CA ILE K 80 -20.15 -50.68 43.02
C ILE K 80 -20.40 -51.94 43.85
N GLU K 81 -19.35 -52.70 44.11
CA GLU K 81 -19.43 -53.94 44.88
C GLU K 81 -18.68 -53.81 46.19
N GLY K 82 -18.84 -52.68 46.87
CA GLY K 82 -18.16 -52.45 48.12
C GLY K 82 -16.81 -51.79 47.94
N ASP K 83 -15.86 -52.51 47.35
CA ASP K 83 -14.53 -51.99 47.13
C ASP K 83 -14.15 -51.88 45.65
N VAL K 84 -14.95 -52.46 44.75
CA VAL K 84 -14.67 -52.47 43.32
C VAL K 84 -15.71 -51.60 42.62
N ALA K 85 -15.25 -50.67 41.79
CA ALA K 85 -16.13 -49.78 41.04
C ALA K 85 -16.14 -50.21 39.58
N TYR K 86 -17.33 -50.40 39.02
CA TYR K 86 -17.49 -50.76 37.62
C TYR K 86 -17.82 -49.52 36.82
N ILE K 87 -16.95 -49.15 35.89
CA ILE K 87 -17.10 -47.97 35.06
C ILE K 87 -17.23 -48.40 33.61
N ALA K 88 -18.23 -47.85 32.92
CA ALA K 88 -18.54 -48.20 31.54
C ALA K 88 -18.14 -47.03 30.64
N TYR K 89 -17.18 -47.27 29.75
CA TYR K 89 -16.70 -46.25 28.83
C TYR K 89 -17.34 -46.43 27.47
N PRO K 90 -17.87 -45.38 26.86
CA PRO K 90 -18.47 -45.50 25.53
C PRO K 90 -17.44 -45.90 24.48
N LEU K 91 -17.95 -46.44 23.38
CA LEU K 91 -17.08 -46.89 22.29
C LEU K 91 -16.40 -45.72 21.60
N ASP K 92 -17.07 -44.58 21.51
CA ASP K 92 -16.57 -43.46 20.73
C ASP K 92 -15.40 -42.74 21.39
N LEU K 93 -15.08 -43.06 22.64
CA LEU K 93 -14.04 -42.34 23.37
C LEU K 93 -12.63 -42.74 22.96
N PHE K 94 -12.48 -43.76 22.11
CA PHE K 94 -11.18 -44.37 21.88
C PHE K 94 -10.89 -44.44 20.39
N GLU K 95 -9.60 -44.36 20.06
CA GLU K 95 -9.14 -44.39 18.68
C GLU K 95 -8.81 -45.82 18.27
N GLU K 96 -9.27 -46.21 17.08
CA GLU K 96 -9.17 -47.58 16.63
C GLU K 96 -7.72 -48.01 16.44
N GLY K 97 -7.42 -49.23 16.87
CA GLY K 97 -6.10 -49.82 16.66
C GLY K 97 -4.97 -49.13 17.39
N SER K 98 -5.19 -48.75 18.64
CA SER K 98 -4.13 -48.09 19.42
C SER K 98 -4.34 -48.42 20.89
N ILE K 99 -3.45 -49.25 21.44
CA ILE K 99 -3.44 -49.47 22.89
C ILE K 99 -3.01 -48.20 23.61
N VAL K 100 -2.11 -47.42 23.01
CA VAL K 100 -1.62 -46.19 23.60
C VAL K 100 -2.73 -45.21 23.93
N ASN K 101 -3.91 -45.36 23.32
CA ASN K 101 -5.03 -44.50 23.61
C ASN K 101 -5.83 -44.98 24.83
N ILE K 102 -6.04 -46.29 24.94
CA ILE K 102 -6.65 -46.85 26.14
C ILE K 102 -5.76 -46.58 27.34
N MET K 103 -4.47 -46.82 27.18
CA MET K 103 -3.51 -46.76 28.28
C MET K 103 -3.14 -45.33 28.64
N SER K 104 -3.61 -44.34 27.88
CA SER K 104 -3.46 -42.93 28.25
C SER K 104 -4.75 -42.30 28.74
N SER K 105 -5.89 -42.97 28.57
CA SER K 105 -7.17 -42.45 29.03
C SER K 105 -7.62 -43.12 30.32
N ILE K 106 -7.76 -44.45 30.30
CA ILE K 106 -8.29 -45.16 31.46
C ILE K 106 -7.29 -45.17 32.61
N VAL K 107 -6.01 -45.35 32.31
CA VAL K 107 -4.98 -45.48 33.33
C VAL K 107 -4.00 -44.32 33.27
N GLY K 108 -4.51 -43.14 32.93
CA GLY K 108 -3.65 -42.00 32.75
C GLY K 108 -3.46 -41.20 34.03
N ASN K 109 -4.04 -40.01 34.11
CA ASN K 109 -3.84 -39.12 35.25
C ASN K 109 -4.74 -39.47 36.43
N VAL K 110 -5.65 -40.43 36.29
CA VAL K 110 -6.60 -40.72 37.36
C VAL K 110 -5.95 -41.44 38.54
N PHE K 111 -4.78 -42.03 38.36
CA PHE K 111 -4.17 -42.82 39.42
C PHE K 111 -3.48 -41.98 40.49
N GLY K 112 -3.36 -40.68 40.29
CA GLY K 112 -2.59 -39.85 41.21
C GLY K 112 -3.37 -38.73 41.87
N PHE K 113 -4.66 -38.93 42.08
CA PHE K 113 -5.48 -37.91 42.70
C PHE K 113 -5.30 -37.87 44.20
N LYS K 114 -5.54 -36.69 44.78
CA LYS K 114 -5.56 -36.57 46.23
C LYS K 114 -6.80 -37.21 46.83
N ALA K 115 -7.83 -37.45 46.04
CA ALA K 115 -9.05 -38.05 46.57
C ALA K 115 -8.89 -39.55 46.79
N VAL K 116 -8.11 -40.21 45.94
CA VAL K 116 -7.91 -41.66 46.01
C VAL K 116 -6.51 -41.94 46.52
N GLN K 117 -6.41 -42.69 47.62
CA GLN K 117 -5.10 -43.09 48.14
C GLN K 117 -4.52 -44.26 47.35
N ALA K 118 -5.37 -45.13 46.80
CA ALA K 118 -4.91 -46.28 46.06
C ALA K 118 -5.96 -46.63 45.01
N LEU K 119 -5.49 -47.20 43.90
CA LEU K 119 -6.38 -47.50 42.79
C LEU K 119 -5.72 -48.56 41.92
N ARG K 120 -6.33 -49.73 41.82
CA ARG K 120 -5.85 -50.81 40.98
C ARG K 120 -6.90 -51.17 39.94
N LEU K 121 -6.51 -51.17 38.67
CA LEU K 121 -7.37 -51.63 37.59
C LEU K 121 -7.26 -53.15 37.52
N GLU K 122 -8.30 -53.85 37.93
CA GLU K 122 -8.25 -55.30 38.01
C GLU K 122 -8.43 -55.94 36.63
N ASP K 123 -9.56 -55.70 35.99
CA ASP K 123 -9.87 -56.29 34.69
C ASP K 123 -10.49 -55.23 33.80
N MET K 124 -10.84 -55.63 32.58
CA MET K 124 -11.41 -54.72 31.60
C MET K 124 -12.03 -55.54 30.48
N ARG K 125 -13.21 -55.11 30.03
CA ARG K 125 -13.96 -55.80 28.98
C ARG K 125 -13.75 -55.06 27.67
N ILE K 126 -12.97 -55.66 26.76
CA ILE K 126 -12.79 -55.12 25.42
C ILE K 126 -13.98 -55.55 24.57
N PRO K 127 -14.75 -54.61 24.02
CA PRO K 127 -15.88 -55.01 23.16
C PRO K 127 -15.40 -55.46 21.80
N VAL K 128 -16.20 -56.33 21.18
CA VAL K 128 -15.85 -56.88 19.87
C VAL K 128 -15.71 -55.76 18.85
N ALA K 129 -16.56 -54.74 18.95
CA ALA K 129 -16.51 -53.63 18.00
C ALA K 129 -15.16 -52.93 18.03
N TYR K 130 -14.63 -52.66 19.23
CA TYR K 130 -13.32 -52.05 19.34
C TYR K 130 -12.19 -53.07 19.22
N LEU K 131 -12.47 -54.34 19.50
CA LEU K 131 -11.47 -55.39 19.42
C LEU K 131 -11.16 -55.77 17.99
N LYS K 132 -12.14 -55.64 17.08
CA LYS K 132 -11.96 -56.03 15.69
C LYS K 132 -10.93 -55.17 14.98
N THR K 133 -10.70 -53.95 15.44
CA THR K 133 -9.78 -53.02 14.79
C THR K 133 -8.32 -53.31 15.11
N PHE K 134 -8.00 -54.47 15.65
CA PHE K 134 -6.64 -54.83 16.02
C PHE K 134 -6.18 -56.03 15.22
N PRO K 135 -4.87 -56.16 14.96
CA PRO K 135 -4.38 -57.24 14.10
C PRO K 135 -4.30 -58.59 14.81
N GLY K 136 -3.98 -58.58 16.10
CA GLY K 136 -3.77 -59.80 16.82
C GLY K 136 -2.37 -60.35 16.60
N PRO K 137 -2.05 -61.47 17.24
CA PRO K 137 -0.71 -62.03 17.10
C PRO K 137 -0.45 -62.40 15.65
N PRO K 138 0.80 -62.25 15.19
CA PRO K 138 1.10 -62.52 13.77
C PRO K 138 0.91 -63.98 13.37
N THR K 139 1.35 -64.92 14.20
CA THR K 139 1.31 -66.33 13.85
C THR K 139 0.51 -67.18 14.82
N GLY K 140 0.56 -66.88 16.11
CA GLY K 140 -0.25 -67.59 17.07
C GLY K 140 0.39 -68.89 17.55
N ILE K 141 -0.49 -69.84 17.91
CA ILE K 141 -0.03 -71.12 18.45
C ILE K 141 0.13 -72.15 17.35
N GLN K 142 -0.94 -72.39 16.58
CA GLN K 142 -0.94 -73.51 15.65
C GLN K 142 0.08 -73.30 14.53
N VAL K 143 0.14 -72.09 13.98
CA VAL K 143 1.07 -71.82 12.89
C VAL K 143 2.51 -71.91 13.38
N GLU K 144 2.74 -71.56 14.64
CA GLU K 144 4.08 -71.68 15.22
C GLU K 144 4.47 -73.13 15.43
N ARG K 145 3.54 -73.93 15.96
CA ARG K 145 3.82 -75.35 16.15
C ARG K 145 4.14 -76.03 14.83
N ASP K 146 3.40 -75.67 13.78
CA ASP K 146 3.72 -76.15 12.44
C ASP K 146 5.10 -75.68 12.01
N ARG K 147 5.43 -74.42 12.30
CA ARG K 147 6.69 -73.84 11.84
C ARG K 147 7.88 -74.57 12.44
N LEU K 148 7.84 -74.88 13.74
CA LEU K 148 8.93 -75.59 14.39
C LEU K 148 8.82 -77.10 14.23
N ASN K 149 7.68 -77.60 13.77
CA ASN K 149 7.44 -79.05 13.63
C ASN K 149 7.59 -79.76 14.98
N LYS K 150 6.94 -79.19 15.99
CA LYS K 150 6.92 -79.76 17.34
C LYS K 150 5.49 -79.79 17.85
N TYR K 151 5.05 -80.93 18.34
CA TYR K 151 3.66 -81.12 18.71
C TYR K 151 3.54 -81.88 20.02
N GLY K 152 2.42 -81.65 20.71
CA GLY K 152 2.00 -82.49 21.82
C GLY K 152 2.92 -82.50 23.01
N ARG K 153 3.53 -81.36 23.33
CA ARG K 153 4.42 -81.26 24.49
C ARG K 153 4.68 -79.78 24.75
N PRO K 154 5.08 -79.43 25.98
CA PRO K 154 5.46 -78.04 26.26
C PRO K 154 6.87 -77.77 25.76
N LEU K 155 7.00 -76.84 24.82
CA LEU K 155 8.31 -76.52 24.26
C LEU K 155 9.22 -75.94 25.33
N LEU K 156 10.49 -76.32 25.28
CA LEU K 156 11.45 -75.92 26.30
C LEU K 156 12.16 -74.64 25.89
N GLY K 157 13.05 -74.18 26.77
CA GLY K 157 13.78 -72.97 26.51
C GLY K 157 14.77 -72.70 27.63
N GLY K 158 15.47 -71.58 27.49
CA GLY K 158 16.37 -71.15 28.54
C GLY K 158 17.13 -69.88 28.21
N THR K 159 17.18 -68.96 29.17
CA THR K 159 17.97 -67.76 29.02
C THR K 159 19.45 -68.09 29.16
N ILE K 160 20.29 -67.32 28.48
CA ILE K 160 21.73 -67.52 28.49
C ILE K 160 22.31 -66.75 29.66
N LYS K 161 22.93 -67.47 30.60
CA LYS K 161 23.49 -66.89 31.80
C LYS K 161 25.02 -66.96 31.77
N PRO K 162 25.72 -66.00 32.41
CA PRO K 162 25.19 -64.88 33.19
C PRO K 162 24.49 -63.83 32.34
N LYS K 163 23.68 -62.98 32.97
CA LYS K 163 22.89 -62.00 32.24
C LYS K 163 23.74 -61.14 31.32
N LEU K 164 24.95 -60.79 31.77
CA LEU K 164 25.83 -59.94 30.98
C LEU K 164 27.27 -60.37 31.24
N GLY K 165 28.16 -59.93 30.37
CA GLY K 165 29.58 -60.21 30.55
C GLY K 165 30.18 -61.08 29.48
N LEU K 166 29.43 -62.09 29.04
CA LEU K 166 29.94 -63.01 28.03
C LEU K 166 30.20 -62.29 26.72
N SER K 167 31.36 -62.55 26.12
CA SER K 167 31.67 -62.03 24.81
C SER K 167 30.83 -62.74 23.75
N ALA K 168 30.85 -62.19 22.54
CA ALA K 168 30.03 -62.76 21.46
C ALA K 168 30.45 -64.18 21.13
N LYS K 169 31.75 -64.47 21.18
CA LYS K 169 32.22 -65.82 20.92
C LYS K 169 31.74 -66.79 21.98
N GLU K 170 31.96 -66.44 23.26
CA GLU K 170 31.58 -67.34 24.35
C GLU K 170 30.07 -67.39 24.53
N TYR K 171 29.36 -66.35 24.11
CA TYR K 171 27.90 -66.39 24.17
C TYR K 171 27.35 -67.47 23.25
N ALA K 172 27.92 -67.60 22.06
CA ALA K 172 27.40 -68.55 21.09
C ALA K 172 27.76 -69.99 21.45
N ARG K 173 28.79 -70.20 22.27
CA ARG K 173 29.12 -71.56 22.66
C ARG K 173 28.14 -72.08 23.71
N VAL K 174 27.67 -71.20 24.60
CA VAL K 174 26.63 -71.60 25.55
C VAL K 174 25.34 -71.88 24.81
N VAL K 175 25.03 -71.09 23.77
CA VAL K 175 23.82 -71.31 22.99
C VAL K 175 23.89 -72.64 22.26
N TYR K 176 25.06 -72.97 21.71
CA TYR K 176 25.21 -74.24 21.02
C TYR K 176 25.02 -75.41 21.98
N GLU K 177 25.59 -75.32 23.18
CA GLU K 177 25.46 -76.42 24.15
C GLU K 177 24.01 -76.64 24.55
N CYS K 178 23.26 -75.55 24.77
CA CYS K 178 21.87 -75.68 25.19
C CYS K 178 21.03 -76.34 24.09
N LEU K 179 21.11 -75.82 22.86
CA LEU K 179 20.32 -76.38 21.77
C LEU K 179 20.74 -77.81 21.47
N ARG K 180 22.05 -78.07 21.43
CA ARG K 180 22.53 -79.42 21.19
C ARG K 180 22.16 -80.35 22.34
N GLY K 181 22.06 -79.81 23.56
CA GLY K 181 21.68 -80.62 24.71
C GLY K 181 20.27 -81.15 24.63
N GLY K 182 19.35 -80.39 24.04
CA GLY K 182 17.98 -80.84 23.93
C GLY K 182 16.93 -79.76 24.07
N LEU K 183 17.34 -78.54 24.45
CA LEU K 183 16.40 -77.44 24.48
C LEU K 183 15.89 -77.11 23.08
N ASP K 184 14.63 -76.72 23.01
CA ASP K 184 14.02 -76.37 21.73
C ASP K 184 14.33 -74.95 21.29
N THR K 185 14.87 -74.12 22.19
CA THR K 185 15.06 -72.70 21.92
C THR K 185 15.86 -72.11 23.07
N THR K 186 16.70 -71.13 22.75
CA THR K 186 17.34 -70.31 23.77
C THR K 186 16.95 -68.86 23.51
N KCX K 187 17.39 -67.95 24.38
CA KCX K 187 17.00 -66.56 24.20
CB KCX K 187 15.64 -66.28 24.83
CG KCX K 187 15.75 -66.51 26.31
CD KCX K 187 14.43 -66.26 26.98
CE KCX K 187 14.03 -64.81 26.82
NZ KCX K 187 14.68 -64.01 27.82
C KCX K 187 18.00 -65.58 24.79
O KCX K 187 18.79 -66.05 25.67
CX KCX K 187 14.27 -63.97 29.15
OQ1 KCX K 187 14.94 -63.11 29.84
OQ2 KCX K 187 13.37 -64.67 29.57
N ASP K 188 18.00 -64.33 24.35
CA ASP K 188 18.82 -63.30 24.96
C ASP K 188 18.16 -62.87 26.26
N ASP K 189 18.91 -62.20 27.12
CA ASP K 189 18.33 -61.70 28.35
C ASP K 189 17.85 -60.25 28.15
N GLU K 190 16.98 -59.81 29.05
CA GLU K 190 16.28 -58.54 28.84
C GLU K 190 17.23 -57.35 28.83
N ASN K 191 18.37 -57.44 29.50
CA ASN K 191 19.30 -56.33 29.61
C ASN K 191 20.48 -56.44 28.65
N LEU K 192 20.51 -57.44 27.78
CA LEU K 192 21.59 -57.62 26.81
C LEU K 192 21.10 -57.16 25.45
N ASN K 193 21.45 -55.93 25.05
CA ASN K 193 21.05 -55.42 23.75
C ASN K 193 22.23 -55.14 22.84
N SER K 194 23.08 -54.16 23.17
CA SER K 194 24.21 -53.81 22.33
C SER K 194 25.41 -53.40 23.17
N GLN K 195 25.69 -54.16 24.23
CA GLN K 195 26.67 -53.72 25.20
C GLN K 195 28.09 -53.75 24.61
N PRO K 196 29.00 -52.93 25.15
CA PRO K 196 30.37 -52.92 24.62
C PRO K 196 31.07 -54.25 24.68
N PHE K 197 30.84 -55.04 25.75
CA PHE K 197 31.45 -56.35 25.81
C PHE K 197 30.83 -57.32 24.81
N ASN K 198 29.58 -57.09 24.43
CA ASN K 198 28.91 -57.97 23.48
C ASN K 198 27.94 -57.09 22.69
N ARG K 199 28.40 -56.56 21.56
CA ARG K 199 27.58 -55.81 20.62
C ARG K 199 26.53 -56.72 19.99
N TRP K 200 25.64 -56.13 19.19
CA TRP K 200 24.53 -56.89 18.64
C TRP K 200 24.82 -57.51 17.29
N ARG K 201 25.54 -56.80 16.41
CA ARG K 201 25.92 -57.40 15.13
C ARG K 201 26.83 -58.61 15.34
N ASP K 202 27.74 -58.51 16.30
CA ASP K 202 28.57 -59.66 16.65
C ASP K 202 27.73 -60.78 17.23
N ARG K 203 26.77 -60.44 18.09
CA ARG K 203 25.97 -61.48 18.75
C ARG K 203 25.00 -62.14 17.78
N PHE K 204 24.37 -61.35 16.91
CA PHE K 204 23.40 -61.91 15.98
C PHE K 204 24.07 -62.88 15.01
N LEU K 205 25.27 -62.54 14.54
CA LEU K 205 25.96 -63.39 13.58
C LEU K 205 26.49 -64.65 14.25
N TYR K 206 27.07 -64.50 15.44
CA TYR K 206 27.63 -65.66 16.14
C TYR K 206 26.54 -66.64 16.56
N VAL K 207 25.41 -66.12 17.06
CA VAL K 207 24.36 -66.99 17.58
C VAL K 207 23.75 -67.84 16.46
N MET K 208 23.39 -67.21 15.35
CA MET K 208 22.78 -67.96 14.26
C MET K 208 23.75 -68.96 13.65
N GLU K 209 25.05 -68.74 13.81
CA GLU K 209 26.02 -69.75 13.44
C GLU K 209 25.93 -70.96 14.38
N ALA K 210 25.69 -70.70 15.66
CA ALA K 210 25.53 -71.79 16.61
C ALA K 210 24.15 -72.42 16.50
N VAL K 211 23.14 -71.61 16.17
CA VAL K 211 21.79 -72.16 15.99
C VAL K 211 21.75 -73.10 14.78
N ARG K 212 22.31 -72.65 13.66
CA ARG K 212 22.34 -73.50 12.48
C ARG K 212 23.18 -74.75 12.71
N LYS K 213 24.33 -74.61 13.38
CA LYS K 213 25.19 -75.75 13.63
C LYS K 213 24.49 -76.77 14.53
N ALA K 214 23.87 -76.30 15.61
CA ALA K 214 23.15 -77.20 16.50
C ALA K 214 21.95 -77.83 15.80
N GLU K 215 21.25 -77.05 14.97
CA GLU K 215 20.07 -77.55 14.29
C GLU K 215 20.40 -78.70 13.36
N ALA K 216 21.53 -78.61 12.65
CA ALA K 216 21.90 -79.65 11.69
C ALA K 216 22.24 -80.95 12.41
N GLU K 217 23.06 -80.89 13.45
CA GLU K 217 23.51 -82.11 14.10
C GLU K 217 22.39 -82.82 14.83
N THR K 218 21.52 -82.08 15.52
CA THR K 218 20.46 -82.69 16.30
C THR K 218 19.27 -83.13 15.46
N GLY K 219 19.19 -82.69 14.21
CA GLY K 219 18.12 -83.14 13.32
C GLY K 219 16.76 -82.55 13.58
N GLU K 220 16.66 -81.51 14.40
CA GLU K 220 15.37 -80.89 14.69
C GLU K 220 15.50 -79.37 14.62
N ARG K 221 14.37 -78.72 14.40
CA ARG K 221 14.36 -77.26 14.20
C ARG K 221 14.65 -76.55 15.52
N LYS K 222 15.52 -75.54 15.46
CA LYS K 222 15.88 -74.75 16.61
C LYS K 222 15.65 -73.26 16.33
N GLY K 223 15.85 -72.45 17.35
CA GLY K 223 15.72 -71.01 17.24
C GLY K 223 16.30 -70.34 18.46
N HIS K 224 16.42 -69.02 18.37
CA HIS K 224 16.97 -68.23 19.47
C HIS K 224 16.34 -66.85 19.42
N TRP K 225 15.73 -66.44 20.53
CA TRP K 225 15.00 -65.17 20.60
C TRP K 225 16.02 -64.04 20.72
N LEU K 226 16.59 -63.65 19.58
CA LEU K 226 17.51 -62.53 19.53
C LEU K 226 16.81 -61.25 19.95
N ASN K 227 17.46 -60.46 20.80
CA ASN K 227 16.85 -59.29 21.43
C ASN K 227 17.07 -58.09 20.52
N VAL K 228 15.98 -57.52 20.01
CA VAL K 228 16.06 -56.40 19.07
C VAL K 228 15.66 -55.07 19.68
N THR K 229 15.28 -55.04 20.96
CA THR K 229 14.87 -53.79 21.56
C THR K 229 16.07 -52.88 21.76
N ALA K 230 15.86 -51.59 21.56
CA ALA K 230 16.91 -50.60 21.61
C ALA K 230 16.31 -49.26 22.01
N GLY K 231 17.09 -48.20 21.90
CA GLY K 231 16.66 -46.90 22.38
C GLY K 231 15.72 -46.14 21.47
N SER K 232 15.48 -46.62 20.25
CA SER K 232 14.59 -45.93 19.33
C SER K 232 13.98 -46.94 18.37
N THR K 233 12.85 -46.55 17.78
CA THR K 233 12.13 -47.47 16.90
C THR K 233 12.89 -47.73 15.60
N GLU K 234 13.59 -46.72 15.07
CA GLU K 234 14.36 -46.94 13.86
C GLU K 234 15.47 -47.96 14.09
N GLU K 235 16.17 -47.84 15.23
CA GLU K 235 17.18 -48.83 15.58
C GLU K 235 16.55 -50.20 15.81
N MET K 236 15.39 -50.23 16.47
CA MET K 236 14.71 -51.48 16.74
C MET K 236 14.33 -52.20 15.46
N LEU K 237 13.83 -51.47 14.48
CA LEU K 237 13.50 -52.04 13.18
C LEU K 237 14.72 -52.40 12.36
N LYS K 238 15.82 -51.66 12.50
CA LYS K 238 17.06 -52.02 11.83
C LYS K 238 17.64 -53.32 12.36
N ARG K 239 17.53 -53.57 13.67
CA ARG K 239 17.99 -54.85 14.20
C ARG K 239 17.05 -55.99 13.85
N ALA K 240 15.76 -55.70 13.66
CA ALA K 240 14.82 -56.74 13.28
C ALA K 240 15.11 -57.25 11.86
N GLU K 241 15.44 -56.33 10.95
CA GLU K 241 15.73 -56.74 9.57
C GLU K 241 17.01 -57.58 9.51
N PHE K 242 18.03 -57.21 10.29
CA PHE K 242 19.25 -57.99 10.31
C PHE K 242 19.01 -59.40 10.84
N ALA K 243 18.15 -59.53 11.85
CA ALA K 243 17.78 -60.85 12.34
C ALA K 243 17.01 -61.64 11.28
N ALA K 244 16.25 -60.96 10.43
CA ALA K 244 15.49 -61.64 9.40
C ALA K 244 16.41 -62.14 8.28
N GLU K 245 17.35 -61.29 7.84
CA GLU K 245 18.24 -61.69 6.76
C GLU K 245 19.18 -62.81 7.18
N LEU K 246 19.45 -62.95 8.48
CA LEU K 246 20.31 -64.02 8.96
C LEU K 246 19.62 -65.38 8.89
N GLY K 247 18.31 -65.40 8.65
CA GLY K 247 17.56 -66.63 8.65
C GLY K 247 16.94 -67.01 9.97
N SER K 248 16.84 -66.07 10.92
CA SER K 248 16.26 -66.38 12.20
C SER K 248 14.75 -66.57 12.09
N ARG K 249 14.20 -67.29 13.06
CA ARG K 249 12.75 -67.48 13.18
C ARG K 249 12.13 -66.55 14.21
N TYR K 250 12.93 -66.00 15.11
CA TYR K 250 12.44 -65.30 16.28
C TYR K 250 13.12 -63.96 16.45
N ILE K 251 12.39 -63.05 17.11
CA ILE K 251 12.96 -61.84 17.68
C ILE K 251 12.24 -61.60 19.00
N MET K 252 12.96 -61.04 19.97
CA MET K 252 12.38 -60.76 21.27
C MET K 252 12.43 -59.26 21.56
N VAL K 253 11.38 -58.77 22.19
CA VAL K 253 11.20 -57.34 22.44
C VAL K 253 10.73 -57.15 23.87
N ASP K 254 11.29 -56.14 24.54
CA ASP K 254 10.79 -55.71 25.84
C ASP K 254 9.60 -54.79 25.60
N PHE K 255 8.40 -55.37 25.55
CA PHE K 255 7.23 -54.67 25.07
C PHE K 255 6.67 -53.67 26.08
N LEU K 256 7.19 -53.64 27.30
CA LEU K 256 6.79 -52.64 28.29
C LEU K 256 7.82 -51.56 28.51
N THR K 257 9.11 -51.90 28.49
CA THR K 257 10.13 -50.87 28.60
C THR K 257 10.31 -50.10 27.29
N ALA K 258 10.19 -50.78 26.15
CA ALA K 258 10.26 -50.10 24.87
C ALA K 258 9.02 -49.28 24.56
N GLY K 259 7.89 -49.62 25.19
CA GLY K 259 6.66 -48.89 25.00
C GLY K 259 5.78 -49.50 23.93
N PHE K 260 4.47 -49.26 24.08
CA PHE K 260 3.48 -49.88 23.21
C PHE K 260 3.49 -49.34 21.79
N ALA K 261 3.78 -48.05 21.60
CA ALA K 261 3.87 -47.51 20.24
C ALA K 261 5.01 -48.14 19.46
N ALA K 262 6.20 -48.17 20.07
CA ALA K 262 7.34 -48.82 19.42
C ALA K 262 7.11 -50.30 19.24
N PHE K 263 6.43 -50.94 20.21
CA PHE K 263 6.13 -52.35 20.08
C PHE K 263 5.18 -52.62 18.91
N ALA K 264 4.17 -51.78 18.73
CA ALA K 264 3.26 -51.96 17.60
C ALA K 264 3.96 -51.70 16.28
N SER K 265 4.89 -50.73 16.27
CA SER K 265 5.69 -50.51 15.08
C SER K 265 6.54 -51.73 14.74
N VAL K 266 7.15 -52.34 15.77
CA VAL K 266 7.99 -53.52 15.55
C VAL K 266 7.15 -54.72 15.11
N ARG K 267 5.95 -54.86 15.67
CA ARG K 267 5.11 -56.02 15.35
C ARG K 267 4.72 -56.02 13.88
N ARG K 268 4.37 -54.85 13.34
CA ARG K 268 4.06 -54.77 11.91
C ARG K 268 5.27 -55.13 11.07
N ARG K 269 6.43 -54.54 11.39
CA ARG K 269 7.65 -54.81 10.63
C ARG K 269 8.06 -56.27 10.77
N ALA K 270 7.80 -56.88 11.92
CA ALA K 270 8.18 -58.27 12.12
C ALA K 270 7.31 -59.21 11.29
N GLU K 271 6.03 -58.90 11.15
CA GLU K 271 5.15 -59.75 10.36
C GLU K 271 5.53 -59.72 8.89
N GLU K 272 5.87 -58.52 8.37
CA GLU K 272 6.29 -58.41 6.98
C GLU K 272 7.61 -59.12 6.72
N LEU K 273 8.39 -59.40 7.75
CA LEU K 273 9.65 -60.11 7.62
C LEU K 273 9.50 -61.60 7.91
N GLY K 274 8.30 -62.07 8.20
CA GLY K 274 8.09 -63.48 8.50
C GLY K 274 8.78 -63.93 9.78
N LEU K 275 8.79 -63.08 10.79
CA LEU K 275 9.40 -63.40 12.07
C LEU K 275 8.32 -63.68 13.11
N MET K 276 8.70 -64.47 14.11
CA MET K 276 7.84 -64.77 15.25
C MET K 276 8.35 -63.99 16.45
N LEU K 277 7.50 -63.15 17.02
CA LEU K 277 7.90 -62.09 17.94
C LEU K 277 7.56 -62.49 19.37
N HIS K 278 8.60 -62.81 20.15
CA HIS K 278 8.42 -63.06 21.58
C HIS K 278 8.43 -61.73 22.32
N CYS K 279 7.46 -61.56 23.23
CA CYS K 279 7.31 -60.32 23.99
C CYS K 279 7.66 -60.59 25.45
N HIS K 280 8.73 -59.96 25.92
CA HIS K 280 9.13 -60.07 27.32
C HIS K 280 8.49 -58.96 28.13
N ARG K 281 7.99 -59.32 29.33
CA ARG K 281 7.21 -58.42 30.16
C ARG K 281 8.05 -57.67 31.18
N ALA K 282 9.31 -57.37 30.87
CA ALA K 282 10.17 -56.67 31.82
C ALA K 282 9.54 -55.36 32.24
N MET K 283 9.69 -55.03 33.53
CA MET K 283 9.19 -53.83 34.21
C MET K 283 7.71 -53.92 34.54
N HIS K 284 7.08 -55.09 34.41
CA HIS K 284 5.65 -55.20 34.75
C HIS K 284 5.43 -55.18 36.25
N ALA K 285 6.40 -55.66 37.02
CA ALA K 285 6.23 -55.71 38.47
C ALA K 285 6.04 -54.34 39.07
N VAL K 286 6.64 -53.31 38.48
CA VAL K 286 6.43 -51.94 38.94
C VAL K 286 4.95 -51.59 38.89
N PHE K 287 4.26 -52.04 37.85
CA PHE K 287 2.80 -51.87 37.79
C PHE K 287 2.12 -52.73 38.83
N ASP K 288 2.35 -54.05 38.77
CA ASP K 288 1.41 -54.99 39.38
C ASP K 288 2.08 -55.90 40.41
N ARG K 289 2.91 -55.35 41.27
CA ARG K 289 3.32 -56.19 42.38
C ARG K 289 2.36 -56.09 43.56
N GLN K 290 2.10 -54.88 44.04
CA GLN K 290 1.25 -54.69 45.20
C GLN K 290 -0.22 -54.89 44.83
N PRO K 291 -1.01 -55.53 45.69
CA PRO K 291 -2.42 -55.81 45.37
C PRO K 291 -3.37 -54.65 45.62
N ASN K 292 -2.87 -53.43 45.87
CA ASN K 292 -3.73 -52.29 46.14
C ASN K 292 -3.54 -51.12 45.18
N HIS K 293 -2.52 -51.16 44.32
CA HIS K 293 -2.26 -50.07 43.39
C HIS K 293 -1.57 -50.61 42.15
N GLY K 294 -1.96 -50.10 40.99
CA GLY K 294 -1.32 -50.49 39.75
C GLY K 294 -2.27 -51.04 38.71
N ILE K 295 -1.73 -51.82 37.77
CA ILE K 295 -2.53 -52.44 36.72
C ILE K 295 -2.22 -53.93 36.69
N HIS K 296 -3.21 -54.75 37.05
CA HIS K 296 -3.00 -56.20 37.11
C HIS K 296 -2.62 -56.75 35.74
N PHE K 297 -1.76 -57.76 35.74
CA PHE K 297 -1.21 -58.30 34.50
C PHE K 297 -2.27 -58.87 33.58
N ARG K 298 -3.44 -59.24 34.09
CA ARG K 298 -4.50 -59.71 33.21
C ARG K 298 -5.05 -58.58 32.34
N VAL K 299 -4.70 -57.33 32.66
CA VAL K 299 -4.99 -56.23 31.77
C VAL K 299 -3.87 -56.06 30.75
N LEU K 300 -2.63 -56.13 31.21
CA LEU K 300 -1.49 -56.03 30.30
C LEU K 300 -1.41 -57.23 29.38
N ALA K 301 -1.97 -58.37 29.79
CA ALA K 301 -2.03 -59.52 28.90
C ALA K 301 -3.10 -59.35 27.83
N LYS K 302 -4.21 -58.71 28.17
CA LYS K 302 -5.22 -58.39 27.17
C LYS K 302 -4.67 -57.39 26.16
N TRP K 303 -3.93 -56.39 26.62
CA TRP K 303 -3.35 -55.40 25.71
C TRP K 303 -2.36 -56.05 24.76
N LEU K 304 -1.60 -57.04 25.23
CA LEU K 304 -0.62 -57.70 24.38
C LEU K 304 -1.28 -58.46 23.24
N ARG K 305 -2.30 -59.26 23.56
CA ARG K 305 -2.94 -60.09 22.55
C ARG K 305 -3.57 -59.24 21.45
N MET K 306 -4.16 -58.10 21.82
CA MET K 306 -4.81 -57.25 20.83
C MET K 306 -3.78 -56.66 19.86
N VAL K 307 -2.73 -56.03 20.38
CA VAL K 307 -1.74 -55.42 19.50
C VAL K 307 -0.98 -56.49 18.73
N GLY K 308 -0.75 -57.64 19.34
CA GLY K 308 -0.09 -58.74 18.65
C GLY K 308 1.22 -59.17 19.28
N GLY K 309 1.26 -60.39 19.79
CA GLY K 309 2.47 -60.91 20.41
C GLY K 309 2.43 -62.42 20.55
N ASP K 310 3.48 -63.09 20.07
CA ASP K 310 3.44 -64.55 20.00
C ASP K 310 3.63 -65.18 21.37
N HIS K 311 4.43 -64.57 22.24
CA HIS K 311 4.65 -65.09 23.58
C HIS K 311 4.67 -63.96 24.60
N VAL K 312 4.36 -64.31 25.84
CA VAL K 312 4.53 -63.43 26.98
C VAL K 312 4.83 -64.31 28.18
N HIS K 313 5.52 -63.73 29.16
CA HIS K 313 5.80 -64.44 30.40
C HIS K 313 4.59 -64.29 31.32
N THR K 314 3.91 -65.40 31.60
CA THR K 314 2.84 -65.39 32.58
C THR K 314 3.35 -65.70 33.98
N GLY K 315 4.64 -66.03 34.12
CA GLY K 315 5.26 -66.25 35.41
C GLY K 315 4.97 -67.61 35.99
N THR K 316 6.01 -68.25 36.51
CA THR K 316 5.84 -69.50 37.24
C THR K 316 5.41 -69.17 38.67
N VAL K 317 4.32 -69.80 39.12
CA VAL K 317 3.84 -69.54 40.48
C VAL K 317 4.67 -70.26 41.53
N VAL K 318 5.60 -71.12 41.10
CA VAL K 318 6.46 -71.86 42.01
C VAL K 318 7.93 -71.45 41.86
N GLY K 319 8.21 -70.40 41.07
CA GLY K 319 9.54 -69.91 40.86
C GLY K 319 9.93 -68.84 41.85
N LYS K 320 10.99 -68.11 41.51
CA LYS K 320 11.49 -67.03 42.37
C LYS K 320 10.72 -65.73 42.19
N LEU K 321 9.79 -65.67 41.24
CA LEU K 321 8.99 -64.48 41.00
C LEU K 321 7.59 -64.68 41.59
N GLU K 322 6.98 -63.57 42.00
CA GLU K 322 5.67 -63.62 42.63
C GLU K 322 4.61 -64.07 41.63
N GLY K 323 3.60 -64.77 42.15
CA GLY K 323 2.49 -65.20 41.33
C GLY K 323 1.44 -65.99 42.10
N ASP K 324 0.18 -65.83 41.73
CA ASP K 324 -0.91 -66.61 42.29
C ASP K 324 -1.34 -67.67 41.29
N ARG K 325 -1.52 -68.91 41.77
CA ARG K 325 -1.85 -70.00 40.87
C ARG K 325 -3.19 -69.77 40.18
N ALA K 326 -4.17 -69.27 40.92
CA ALA K 326 -5.47 -68.99 40.32
C ALA K 326 -5.38 -67.88 39.28
N GLU K 327 -4.75 -66.76 39.64
CA GLU K 327 -4.68 -65.63 38.72
C GLU K 327 -3.90 -66.00 37.46
N THR K 328 -2.82 -66.77 37.61
CA THR K 328 -2.07 -67.23 36.45
C THR K 328 -2.93 -68.13 35.56
N LEU K 329 -3.74 -68.99 36.17
CA LEU K 329 -4.62 -69.86 35.40
C LEU K 329 -5.61 -69.05 34.57
N GLY K 330 -6.17 -67.99 35.16
CA GLY K 330 -7.03 -67.10 34.39
C GLY K 330 -6.30 -66.39 33.28
N ILE K 331 -5.07 -65.95 33.56
CA ILE K 331 -4.27 -65.27 32.54
C ILE K 331 -3.87 -66.23 31.44
N ALA K 332 -3.48 -67.45 31.81
CA ALA K 332 -3.06 -68.44 30.81
C ALA K 332 -4.21 -68.77 29.86
N ASP K 333 -5.41 -68.92 30.39
CA ASP K 333 -6.57 -69.16 29.53
C ASP K 333 -7.11 -67.88 28.92
N LEU K 334 -6.61 -66.72 29.35
CA LEU K 334 -6.97 -65.46 28.72
C LEU K 334 -6.15 -65.20 27.47
N LEU K 335 -5.09 -65.98 27.27
CA LEU K 335 -4.22 -65.80 26.11
C LEU K 335 -4.42 -66.89 25.07
N ARG K 336 -5.03 -68.01 25.45
CA ARG K 336 -5.12 -69.18 24.59
C ARG K 336 -6.55 -69.48 24.14
N GLU K 337 -7.53 -69.33 25.02
CA GLU K 337 -8.90 -69.64 24.64
C GLU K 337 -9.49 -68.51 23.81
N ASP K 338 -10.62 -68.79 23.18
CA ASP K 338 -11.30 -67.84 22.31
C ASP K 338 -12.42 -67.10 23.00
N TYR K 339 -13.11 -67.76 23.93
CA TYR K 339 -14.11 -67.12 24.78
C TYR K 339 -13.82 -67.50 26.21
N VAL K 340 -13.62 -66.51 27.07
CA VAL K 340 -13.26 -66.75 28.46
C VAL K 340 -14.39 -66.26 29.37
N PRO K 341 -15.27 -67.15 29.83
CA PRO K 341 -16.32 -66.72 30.76
C PRO K 341 -15.73 -66.19 32.06
N ALA K 342 -16.38 -65.17 32.62
CA ALA K 342 -15.89 -64.55 33.84
C ALA K 342 -15.94 -65.54 35.00
N ASP K 343 -14.82 -65.63 35.72
CA ASP K 343 -14.71 -66.51 36.89
C ASP K 343 -14.33 -65.66 38.09
N PRO K 344 -15.28 -65.35 38.98
CA PRO K 344 -14.94 -64.55 40.16
C PRO K 344 -13.92 -65.20 41.06
N GLY K 345 -13.82 -66.52 41.06
CA GLY K 345 -12.81 -67.24 41.81
C GLY K 345 -11.45 -67.29 41.16
N ARG K 346 -11.25 -66.56 40.06
CA ARG K 346 -9.99 -66.62 39.32
C ARG K 346 -9.52 -65.22 38.92
N GLY K 347 -10.01 -64.18 39.59
CA GLY K 347 -9.62 -62.82 39.29
C GLY K 347 -10.24 -62.22 38.05
N LEU K 348 -11.15 -62.94 37.40
CA LEU K 348 -11.77 -62.49 36.16
C LEU K 348 -13.14 -61.89 36.45
N PHE K 349 -13.38 -60.69 35.94
CA PHE K 349 -14.62 -59.96 36.18
C PHE K 349 -15.59 -60.00 35.00
N PHE K 350 -15.08 -59.93 33.78
CA PHE K 350 -15.92 -59.79 32.60
C PHE K 350 -15.72 -60.96 31.65
N ASP K 351 -16.78 -61.30 30.93
CA ASP K 351 -16.71 -62.29 29.87
C ASP K 351 -16.03 -61.69 28.66
N GLN K 352 -14.91 -62.28 28.24
CA GLN K 352 -14.08 -61.72 27.18
C GLN K 352 -14.19 -62.57 25.93
N ASP K 353 -14.97 -62.09 24.96
CA ASP K 353 -14.97 -62.66 23.62
C ASP K 353 -13.81 -62.07 22.83
N TRP K 354 -13.11 -62.91 22.09
CA TRP K 354 -11.90 -62.48 21.40
C TRP K 354 -12.09 -62.26 19.91
N ALA K 355 -13.21 -62.70 19.34
CA ALA K 355 -13.61 -62.35 17.97
C ALA K 355 -12.53 -62.73 16.95
N GLY K 356 -12.09 -63.99 17.01
CA GLY K 356 -11.25 -64.54 15.97
C GLY K 356 -9.76 -64.24 16.08
N LEU K 357 -9.34 -63.46 17.08
CA LEU K 357 -7.92 -63.24 17.27
C LEU K 357 -7.24 -64.51 17.74
N LYS K 358 -6.09 -64.81 17.14
CA LYS K 358 -5.42 -66.08 17.37
C LYS K 358 -4.64 -66.06 18.69
N PRO K 359 -4.47 -67.23 19.31
CA PRO K 359 -3.98 -67.28 20.70
C PRO K 359 -2.48 -67.01 20.81
N VAL K 360 -1.99 -67.12 22.05
CA VAL K 360 -0.63 -66.76 22.42
C VAL K 360 -0.07 -67.84 23.33
N PHE K 361 1.18 -68.23 23.12
CA PHE K 361 1.88 -69.07 24.09
C PHE K 361 2.07 -68.34 25.42
N PRO K 362 1.67 -68.94 26.54
CA PRO K 362 2.09 -68.45 27.86
C PRO K 362 3.46 -69.00 28.23
N VAL K 363 4.44 -68.12 28.33
CA VAL K 363 5.81 -68.53 28.67
C VAL K 363 5.95 -68.56 30.18
N ALA K 364 6.45 -69.68 30.71
CA ALA K 364 6.62 -69.89 32.14
C ALA K 364 8.11 -69.85 32.44
N SER K 365 8.61 -68.66 32.75
CA SER K 365 10.01 -68.47 33.09
C SER K 365 10.16 -68.09 34.56
N GLY K 366 11.38 -68.23 35.06
CA GLY K 366 11.67 -67.92 36.44
C GLY K 366 12.81 -68.80 36.94
N GLY K 367 12.90 -68.90 38.26
CA GLY K 367 13.89 -69.75 38.88
C GLY K 367 13.37 -71.17 39.06
N ILE K 368 13.22 -71.90 37.96
CA ILE K 368 12.60 -73.21 37.95
C ILE K 368 13.64 -74.26 37.57
N HIS K 369 13.80 -75.26 38.42
CA HIS K 369 14.63 -76.42 38.16
C HIS K 369 13.74 -77.62 37.80
N VAL K 370 14.35 -78.80 37.73
CA VAL K 370 13.64 -79.98 37.24
C VAL K 370 12.48 -80.35 38.17
N TRP K 371 12.63 -80.10 39.47
CA TRP K 371 11.62 -80.52 40.43
C TRP K 371 10.29 -79.79 40.22
N HIS K 372 10.29 -78.66 39.53
CA HIS K 372 9.07 -77.89 39.32
C HIS K 372 8.26 -78.36 38.13
N VAL K 373 8.78 -79.32 37.35
CA VAL K 373 8.08 -79.73 36.13
C VAL K 373 6.69 -80.30 36.41
N PRO K 374 6.49 -81.19 37.40
CA PRO K 374 5.12 -81.67 37.67
C PRO K 374 4.13 -80.56 37.95
N ASP K 375 4.54 -79.51 38.67
CA ASP K 375 3.64 -78.38 38.91
C ASP K 375 3.41 -77.60 37.64
N LEU K 376 4.48 -77.35 36.87
CA LEU K 376 4.37 -76.51 35.68
C LEU K 376 3.46 -77.13 34.62
N VAL K 377 3.57 -78.45 34.42
CA VAL K 377 2.79 -79.09 33.37
C VAL K 377 1.31 -79.02 33.67
N SER K 378 0.94 -79.19 34.94
CA SER K 378 -0.47 -79.17 35.31
C SER K 378 -1.08 -77.78 35.11
N ILE K 379 -0.33 -76.73 35.47
CA ILE K 379 -0.87 -75.38 35.38
C ILE K 379 -1.13 -74.98 33.94
N PHE K 380 -0.20 -75.29 33.04
CA PHE K 380 -0.25 -74.80 31.67
C PHE K 380 -0.68 -75.86 30.67
N GLY K 381 -0.05 -77.03 30.71
CA GLY K 381 -0.33 -78.06 29.74
C GLY K 381 0.67 -78.06 28.61
N ASP K 382 0.21 -78.54 27.45
CA ASP K 382 1.09 -78.66 26.30
C ASP K 382 1.45 -77.29 25.73
N ASP K 383 0.47 -76.41 25.56
CA ASP K 383 0.66 -75.13 24.87
C ASP K 383 1.32 -74.13 25.82
N ALA K 384 2.63 -74.27 25.99
CA ALA K 384 3.39 -73.34 26.83
C ALA K 384 4.87 -73.53 26.57
N PHE K 385 5.64 -72.51 26.97
CA PHE K 385 7.09 -72.58 27.02
C PHE K 385 7.56 -72.61 28.46
N PHE K 386 8.49 -73.51 28.76
CA PHE K 386 9.13 -73.61 30.07
C PHE K 386 10.58 -73.20 29.91
N LEU K 387 10.93 -72.03 30.42
CA LEU K 387 12.27 -71.47 30.25
C LEU K 387 13.10 -71.79 31.49
N PHE K 388 14.00 -72.77 31.37
CA PHE K 388 14.95 -73.08 32.44
C PHE K 388 16.25 -72.33 32.14
N GLY K 389 16.27 -71.06 32.52
CA GLY K 389 17.42 -70.23 32.27
C GLY K 389 18.62 -70.60 33.10
N GLY K 390 18.53 -70.43 34.41
CA GLY K 390 19.61 -70.82 35.30
C GLY K 390 19.57 -72.26 35.74
N GLY K 391 18.45 -72.94 35.53
CA GLY K 391 18.37 -74.36 35.85
C GLY K 391 19.00 -75.27 34.84
N THR K 392 19.42 -74.73 33.69
CA THR K 392 20.17 -75.48 32.70
C THR K 392 21.67 -75.34 32.93
N HIS K 393 22.17 -74.11 32.94
CA HIS K 393 23.60 -73.86 33.12
C HIS K 393 24.06 -74.18 34.54
N GLY K 394 23.14 -74.28 35.49
CA GLY K 394 23.49 -74.62 36.85
C GLY K 394 23.71 -76.09 37.11
N HIS K 395 23.58 -76.91 36.08
CA HIS K 395 23.80 -78.34 36.23
C HIS K 395 25.24 -78.61 36.65
N PRO K 396 25.49 -79.66 37.44
CA PRO K 396 26.87 -79.96 37.85
C PRO K 396 27.79 -80.29 36.70
N ARG K 397 27.27 -80.59 35.50
CA ARG K 397 28.12 -80.97 34.39
C ARG K 397 27.82 -80.14 33.13
N GLY K 398 27.43 -78.89 33.30
CA GLY K 398 27.36 -77.95 32.20
C GLY K 398 25.97 -77.81 31.62
N SER K 399 25.90 -76.99 30.56
CA SER K 399 24.63 -76.69 29.92
C SER K 399 24.11 -77.88 29.13
N ARG K 400 24.99 -78.62 28.47
CA ARG K 400 24.55 -79.77 27.67
C ARG K 400 23.91 -80.83 28.54
N ALA K 401 24.54 -81.15 29.67
CA ALA K 401 23.94 -82.10 30.60
C ALA K 401 22.65 -81.56 31.19
N GLY K 402 22.63 -80.27 31.54
CA GLY K 402 21.43 -79.70 32.13
C GLY K 402 20.26 -79.67 31.16
N ALA K 403 20.52 -79.27 29.92
CA ALA K 403 19.44 -79.23 28.93
C ALA K 403 18.89 -80.61 28.65
N THR K 404 19.71 -81.65 28.85
CA THR K 404 19.22 -83.02 28.70
C THR K 404 18.31 -83.40 29.86
N ALA K 405 18.63 -82.94 31.07
CA ALA K 405 17.80 -83.24 32.23
C ALA K 405 16.43 -82.59 32.10
N ASN K 406 16.40 -81.32 31.68
CA ASN K 406 15.12 -80.62 31.53
C ASN K 406 14.26 -81.29 30.47
N ARG K 407 14.86 -81.68 29.35
CA ARG K 407 14.10 -82.34 28.29
C ARG K 407 13.53 -83.67 28.78
N VAL K 408 14.35 -84.47 29.47
CA VAL K 408 13.87 -85.76 29.95
C VAL K 408 12.76 -85.57 30.98
N ALA K 409 12.94 -84.61 31.89
CA ALA K 409 11.93 -84.38 32.93
C ALA K 409 10.59 -83.99 32.33
N VAL K 410 10.61 -83.13 31.31
CA VAL K 410 9.35 -82.73 30.68
C VAL K 410 8.74 -83.89 29.92
N GLU K 411 9.56 -84.67 29.22
CA GLU K 411 9.04 -85.82 28.47
C GLU K 411 8.42 -86.85 29.41
N ALA K 412 9.12 -87.17 30.51
CA ALA K 412 8.64 -88.20 31.42
C ALA K 412 7.32 -87.77 32.08
N VAL K 413 7.24 -86.51 32.52
CA VAL K 413 6.02 -86.04 33.18
C VAL K 413 4.86 -86.02 32.19
N VAL K 414 5.08 -85.48 30.99
CA VAL K 414 4.01 -85.42 30.00
C VAL K 414 3.58 -86.81 29.57
N GLN K 415 4.55 -87.71 29.36
CA GLN K 415 4.22 -89.09 28.99
C GLN K 415 3.39 -89.76 30.07
N ALA K 416 3.69 -89.46 31.34
CA ALA K 416 2.90 -90.01 32.43
C ALA K 416 1.50 -89.45 32.45
N ARG K 417 1.35 -88.17 32.11
CA ARG K 417 0.02 -87.55 32.08
C ARG K 417 -0.88 -88.23 31.06
N ASN K 418 -0.34 -88.53 29.86
CA ASN K 418 -1.13 -89.20 28.85
C ASN K 418 -1.48 -90.62 29.28
N GLU K 419 -0.63 -91.26 30.07
CA GLU K 419 -0.95 -92.58 30.59
C GLU K 419 -2.17 -92.52 31.52
N GLY K 420 -2.24 -91.50 32.37
CA GLY K 420 -3.39 -91.30 33.23
C GLY K 420 -3.04 -91.02 34.68
N ARG K 421 -1.76 -91.06 35.02
CA ARG K 421 -1.35 -90.88 36.40
C ARG K 421 -1.60 -89.46 36.87
N ASP K 422 -1.82 -89.30 38.17
CA ASP K 422 -2.07 -87.99 38.76
C ASP K 422 -0.73 -87.30 38.99
N ILE K 423 -0.46 -86.27 38.19
CA ILE K 423 0.86 -85.66 38.15
C ILE K 423 1.20 -85.01 39.48
N LEU K 424 0.25 -84.31 40.09
CA LEU K 424 0.55 -83.60 41.33
C LEU K 424 1.00 -84.56 42.42
N ALA K 425 0.27 -85.67 42.60
CA ALA K 425 0.61 -86.61 43.65
C ALA K 425 1.76 -87.55 43.29
N GLU K 426 2.07 -87.71 42.00
CA GLU K 426 3.10 -88.66 41.60
C GLU K 426 4.29 -88.01 40.91
N GLY K 427 4.47 -86.70 41.07
CA GLY K 427 5.59 -86.04 40.43
C GLY K 427 6.94 -86.58 40.86
N ARG K 428 7.13 -86.75 42.16
CA ARG K 428 8.40 -87.27 42.65
C ARG K 428 8.63 -88.70 42.19
N GLU K 429 7.58 -89.52 42.21
CA GLU K 429 7.71 -90.90 41.74
C GLU K 429 8.08 -90.96 40.26
N ILE K 430 7.43 -90.13 39.44
CA ILE K 430 7.72 -90.12 38.01
C ILE K 430 9.14 -89.62 37.75
N LEU K 431 9.55 -88.56 38.45
CA LEU K 431 10.89 -88.04 38.27
C LEU K 431 11.94 -89.05 38.69
N GLU K 432 11.68 -89.82 39.75
CA GLU K 432 12.64 -90.83 40.16
C GLU K 432 12.66 -92.01 39.21
N GLU K 433 11.50 -92.36 38.64
CA GLU K 433 11.47 -93.39 37.60
C GLU K 433 12.31 -92.96 36.40
N ALA K 434 12.20 -91.69 36.00
CA ALA K 434 13.03 -91.19 34.91
C ALA K 434 14.50 -91.16 35.28
N ALA K 435 14.81 -90.78 36.52
CA ALA K 435 16.20 -90.70 36.96
C ALA K 435 16.85 -92.07 37.11
N ARG K 436 16.05 -93.13 37.28
CA ARG K 436 16.62 -94.47 37.27
C ARG K 436 17.37 -94.79 35.98
N TRP K 437 17.01 -94.14 34.87
CA TRP K 437 17.67 -94.40 33.60
C TRP K 437 18.37 -93.18 33.01
N CYS K 438 18.10 -91.97 33.51
CA CYS K 438 18.75 -90.76 33.02
C CYS K 438 19.77 -90.27 34.04
N PRO K 439 21.07 -90.48 33.81
CA PRO K 439 22.06 -89.97 34.77
C PRO K 439 22.09 -88.46 34.87
N GLU K 440 21.83 -87.76 33.78
CA GLU K 440 21.86 -86.29 33.81
C GLU K 440 20.77 -85.74 34.71
N LEU K 441 19.57 -86.32 34.64
CA LEU K 441 18.49 -85.89 35.52
C LEU K 441 18.82 -86.17 36.98
N ARG K 442 19.43 -87.33 37.26
CA ARG K 442 19.72 -87.71 38.63
C ARG K 442 20.65 -86.70 39.30
N GLU K 443 21.66 -86.23 38.59
CA GLU K 443 22.56 -85.21 39.15
C GLU K 443 21.80 -83.93 39.44
N ALA K 444 20.94 -83.50 38.51
CA ALA K 444 20.20 -82.26 38.71
C ALA K 444 19.10 -82.43 39.74
N MET K 445 18.40 -83.57 39.72
CA MET K 445 17.25 -83.75 40.59
C MET K 445 17.63 -83.76 42.06
N GLU K 446 18.86 -84.12 42.39
CA GLU K 446 19.31 -84.11 43.78
C GLU K 446 20.09 -82.85 44.14
N LEU K 447 20.66 -82.15 43.16
CA LEU K 447 21.39 -80.92 43.45
C LEU K 447 20.44 -79.83 43.94
N TRP K 448 19.28 -79.70 43.30
CA TRP K 448 18.33 -78.64 43.60
C TRP K 448 17.17 -79.09 44.46
N GLY K 449 17.06 -80.39 44.74
CA GLY K 449 15.98 -80.90 45.57
C GLY K 449 16.10 -80.47 47.01
N TYR L 6 34.03 -75.76 39.21
CA TYR L 6 33.26 -74.77 39.94
C TYR L 6 32.31 -75.46 40.92
N GLU L 7 31.44 -74.69 41.57
CA GLU L 7 30.67 -75.22 42.70
C GLU L 7 29.38 -75.90 42.27
N ALA L 8 28.63 -75.28 41.36
CA ALA L 8 27.37 -75.83 40.85
C ALA L 8 26.37 -76.07 41.98
N GLY L 9 25.97 -74.97 42.61
CA GLY L 9 24.97 -75.04 43.66
C GLY L 9 24.18 -73.76 43.82
N VAL L 10 23.38 -73.68 44.88
CA VAL L 10 22.61 -72.48 45.21
C VAL L 10 23.35 -71.76 46.33
N ARG L 11 23.81 -70.55 46.04
CA ARG L 11 24.60 -69.80 47.01
C ARG L 11 23.96 -68.46 47.30
N PRO L 12 24.01 -67.99 48.54
CA PRO L 12 23.35 -66.71 48.88
C PRO L 12 23.92 -65.55 48.08
N TYR L 13 23.04 -64.60 47.78
CA TYR L 13 23.44 -63.45 46.96
C TYR L 13 24.47 -62.59 47.67
N ARG L 14 24.39 -62.51 49.00
CA ARG L 14 25.18 -61.53 49.74
C ARG L 14 26.68 -61.82 49.72
N GLU L 15 27.09 -63.01 49.29
CA GLU L 15 28.51 -63.34 49.38
C GLU L 15 29.34 -62.67 48.30
N THR L 16 28.77 -62.41 47.12
CA THR L 16 29.55 -61.84 46.03
C THR L 16 29.03 -60.50 45.53
N TYR L 17 27.76 -60.18 45.76
CA TYR L 17 27.19 -58.91 45.30
C TYR L 17 26.99 -57.90 46.42
N TYR L 18 27.53 -58.16 47.61
CA TYR L 18 27.52 -57.20 48.71
C TYR L 18 28.96 -56.86 49.06
N ASP L 19 29.37 -55.63 48.80
CA ASP L 19 30.74 -55.17 49.00
C ASP L 19 30.72 -53.85 49.75
N PRO L 20 30.65 -53.89 51.08
CA PRO L 20 30.61 -52.65 51.86
C PRO L 20 31.86 -51.80 51.73
N ASP L 21 32.99 -52.37 51.32
CA ASP L 21 34.23 -51.63 51.16
C ASP L 21 34.36 -50.98 49.79
N TYR L 22 33.41 -51.20 48.89
CA TYR L 22 33.52 -50.66 47.54
C TYR L 22 33.41 -49.14 47.55
N GLU L 23 34.30 -48.49 46.80
CA GLU L 23 34.25 -47.05 46.59
C GLU L 23 33.85 -46.81 45.14
N PRO L 24 32.68 -46.21 44.88
CA PRO L 24 32.19 -46.12 43.50
C PRO L 24 33.02 -45.16 42.68
N LYS L 25 33.37 -45.59 41.46
CA LYS L 25 34.14 -44.77 40.55
C LYS L 25 33.28 -43.66 39.96
N ASP L 26 33.94 -42.67 39.36
CA ASP L 26 33.23 -41.54 38.78
C ASP L 26 32.40 -41.94 37.56
N THR L 27 32.66 -43.12 36.98
CA THR L 27 31.91 -43.61 35.84
C THR L 27 30.86 -44.65 36.23
N ASP L 28 30.80 -45.03 37.49
CA ASP L 28 29.81 -46.00 37.94
C ASP L 28 28.42 -45.37 37.94
N LEU L 29 27.40 -46.22 37.76
CA LEU L 29 26.01 -45.79 37.77
C LEU L 29 25.38 -46.29 39.06
N LEU L 30 24.94 -45.35 39.90
CA LEU L 30 24.44 -45.66 41.23
C LEU L 30 22.93 -45.53 41.28
N CYS L 31 22.29 -46.47 41.97
CA CYS L 31 20.85 -46.43 42.21
C CYS L 31 20.60 -46.55 43.70
N ALA L 32 19.56 -45.86 44.18
CA ALA L 32 19.17 -45.88 45.58
C ALA L 32 17.81 -46.58 45.68
N PHE L 33 17.81 -47.79 46.21
CA PHE L 33 16.61 -48.62 46.28
C PHE L 33 16.07 -48.65 47.70
N ARG L 34 14.77 -48.48 47.84
CA ARG L 34 14.09 -48.58 49.13
C ARG L 34 13.49 -49.99 49.22
N ILE L 35 14.15 -50.86 49.98
CA ILE L 35 13.82 -52.28 49.99
C ILE L 35 12.97 -52.61 51.21
N THR L 36 12.07 -53.56 51.03
CA THR L 36 11.26 -54.11 52.12
C THR L 36 11.36 -55.63 52.03
N PRO L 37 12.31 -56.23 52.73
CA PRO L 37 12.53 -57.68 52.59
C PRO L 37 11.34 -58.48 53.09
N LYS L 38 11.15 -59.65 52.50
CA LYS L 38 10.18 -60.60 53.01
C LYS L 38 10.55 -60.98 54.44
N PRO L 39 9.57 -61.06 55.36
CA PRO L 39 9.90 -61.35 56.76
C PRO L 39 10.79 -62.57 56.95
N GLY L 40 12.01 -62.34 57.43
CA GLY L 40 13.00 -63.37 57.63
C GLY L 40 14.27 -63.18 56.83
N VAL L 41 14.19 -62.50 55.68
CA VAL L 41 15.34 -62.28 54.82
C VAL L 41 16.13 -61.09 55.37
N PRO L 42 17.44 -61.23 55.60
CA PRO L 42 18.22 -60.09 56.09
C PRO L 42 18.25 -58.96 55.09
N MET L 43 18.43 -57.74 55.60
CA MET L 43 18.43 -56.56 54.75
C MET L 43 19.56 -56.59 53.73
N GLU L 44 20.77 -56.98 54.17
CA GLU L 44 21.90 -57.02 53.24
C GLU L 44 21.79 -58.19 52.27
N GLU L 45 21.04 -59.23 52.64
CA GLU L 45 20.81 -60.32 51.70
C GLU L 45 19.87 -59.89 50.58
N ALA L 46 18.77 -59.22 50.93
CA ALA L 46 17.83 -58.77 49.90
C ALA L 46 18.39 -57.61 49.10
N ALA L 47 19.35 -56.87 49.66
CA ALA L 47 20.00 -55.80 48.91
C ALA L 47 20.88 -56.37 47.81
N ALA L 48 21.58 -57.47 48.10
CA ALA L 48 22.43 -58.10 47.09
C ALA L 48 21.59 -58.74 46.00
N ALA L 49 20.40 -59.24 46.35
CA ALA L 49 19.54 -59.88 45.35
C ALA L 49 19.12 -58.89 44.28
N VAL L 50 18.80 -57.65 44.67
CA VAL L 50 18.46 -56.63 43.69
C VAL L 50 19.67 -56.28 42.85
N ALA L 51 20.85 -56.17 43.46
CA ALA L 51 22.06 -55.88 42.72
C ALA L 51 22.45 -57.02 41.80
N ALA L 52 22.32 -58.26 42.28
CA ALA L 52 22.71 -59.42 41.48
C ALA L 52 21.77 -59.63 40.30
N GLU L 53 20.47 -59.62 40.57
CA GLU L 53 19.51 -60.02 39.54
C GLU L 53 19.18 -58.91 38.61
N SER L 54 19.86 -57.78 38.73
CA SER L 54 19.78 -56.71 37.76
C SER L 54 21.05 -56.62 36.92
N SER L 55 22.05 -57.45 37.19
CA SER L 55 23.28 -57.48 36.41
C SER L 55 24.06 -58.77 36.66
N THR L 56 24.18 -59.60 35.63
CA THR L 56 25.06 -60.77 35.65
C THR L 56 24.81 -61.67 36.86
N GLY L 57 23.55 -61.93 37.18
CA GLY L 57 23.23 -62.74 38.35
C GLY L 57 22.04 -63.64 38.09
N THR L 58 22.00 -64.72 38.86
CA THR L 58 20.89 -65.68 38.83
C THR L 58 20.90 -66.45 40.14
N TRP L 59 19.84 -67.21 40.38
CA TRP L 59 19.62 -67.84 41.68
C TRP L 59 20.59 -68.98 41.97
N THR L 60 21.36 -69.45 40.98
CA THR L 60 22.28 -70.55 41.19
C THR L 60 23.58 -70.27 40.45
N GLU L 61 24.65 -70.92 40.91
CA GLU L 61 25.94 -70.78 40.25
C GLU L 61 25.93 -71.55 38.92
N VAL L 62 26.21 -70.85 37.83
CA VAL L 62 26.20 -71.44 36.50
C VAL L 62 27.63 -71.68 36.05
N TRP L 63 27.79 -72.66 35.16
CA TRP L 63 29.13 -73.02 34.70
C TRP L 63 29.76 -71.92 33.87
N SER L 64 28.95 -71.13 33.16
CA SER L 64 29.47 -70.09 32.27
C SER L 64 29.97 -68.87 33.03
N ASN L 65 29.79 -68.81 34.35
CA ASN L 65 30.25 -67.67 35.13
C ASN L 65 31.76 -67.47 35.03
N LEU L 66 32.52 -68.53 34.74
CA LEU L 66 33.97 -68.44 34.67
C LEU L 66 34.48 -68.03 33.30
N LEU L 67 33.62 -67.99 32.28
CA LEU L 67 34.05 -67.65 30.93
C LEU L 67 34.37 -66.17 30.77
N THR L 68 34.05 -65.33 31.75
CA THR L 68 34.38 -63.92 31.70
C THR L 68 34.67 -63.45 33.12
N ASP L 69 35.50 -62.41 33.22
CA ASP L 69 35.79 -61.85 34.53
C ASP L 69 34.56 -61.12 35.05
N LEU L 70 33.91 -61.69 36.06
CA LEU L 70 32.62 -61.18 36.51
C LEU L 70 32.76 -59.87 37.27
N GLU L 71 33.89 -59.67 37.94
CA GLU L 71 34.07 -58.50 38.80
C GLU L 71 34.04 -57.19 38.01
N ARG L 72 34.27 -57.23 36.71
CA ARG L 72 34.16 -56.04 35.88
C ARG L 72 32.71 -55.64 35.61
N TYR L 73 31.77 -56.57 35.74
CA TYR L 73 30.43 -56.36 35.24
C TYR L 73 29.36 -56.43 36.31
N LYS L 74 29.53 -57.27 37.33
CA LYS L 74 28.52 -57.40 38.36
C LYS L 74 28.33 -56.09 39.12
N ALA L 75 27.08 -55.74 39.38
CA ALA L 75 26.80 -54.66 40.31
C ALA L 75 26.97 -55.17 41.74
N ARG L 76 27.11 -54.24 42.67
CA ARG L 76 27.38 -54.62 44.05
C ARG L 76 26.88 -53.53 44.99
N CYS L 77 26.10 -53.93 45.98
CA CYS L 77 25.69 -53.00 47.01
C CYS L 77 26.88 -52.62 47.88
N TYR L 78 27.01 -51.32 48.17
CA TYR L 78 28.16 -50.83 48.91
C TYR L 78 27.80 -50.02 50.14
N ARG L 79 26.52 -49.73 50.38
CA ARG L 79 26.12 -48.99 51.57
C ARG L 79 24.64 -49.22 51.80
N ILE L 80 24.28 -49.46 53.06
CA ILE L 80 22.90 -49.67 53.47
C ILE L 80 22.58 -48.75 54.63
N GLU L 81 21.44 -48.06 54.54
CA GLU L 81 21.04 -47.12 55.58
C GLU L 81 19.73 -47.57 56.23
N GLY L 82 19.63 -48.86 56.56
CA GLY L 82 18.45 -49.40 57.17
C GLY L 82 17.39 -49.81 56.16
N ASP L 83 16.72 -48.82 55.56
CA ASP L 83 15.66 -49.09 54.60
C ASP L 83 16.05 -48.84 53.15
N VAL L 84 17.13 -48.09 52.91
CA VAL L 84 17.56 -47.75 51.57
C VAL L 84 18.97 -48.30 51.35
N ALA L 85 19.17 -48.97 50.21
CA ALA L 85 20.45 -49.55 49.85
C ALA L 85 20.96 -48.93 48.56
N TYR L 86 22.28 -48.76 48.47
CA TYR L 86 22.93 -48.18 47.30
C TYR L 86 23.62 -49.28 46.50
N ILE L 87 23.36 -49.32 45.20
CA ILE L 87 23.96 -50.30 44.31
C ILE L 87 24.75 -49.55 43.23
N ALA L 88 25.98 -50.01 42.99
CA ALA L 88 26.89 -49.38 42.03
C ALA L 88 26.96 -50.24 40.77
N TYR L 89 26.38 -49.74 39.68
CA TYR L 89 26.44 -50.43 38.39
C TYR L 89 27.62 -49.91 37.59
N PRO L 90 28.42 -50.79 36.99
CA PRO L 90 29.51 -50.31 36.13
C PRO L 90 28.99 -49.71 34.85
N LEU L 91 29.83 -48.90 34.21
CA LEU L 91 29.47 -48.24 32.97
C LEU L 91 29.37 -49.20 31.79
N ASP L 92 30.10 -50.30 31.81
CA ASP L 92 30.17 -51.22 30.68
C ASP L 92 28.87 -52.01 30.48
N LEU L 93 27.91 -51.90 31.40
CA LEU L 93 26.71 -52.71 31.35
C LEU L 93 25.60 -52.10 30.50
N PHE L 94 25.76 -50.87 30.02
CA PHE L 94 24.65 -50.11 29.45
C PHE L 94 24.96 -49.70 28.03
N GLU L 95 24.00 -49.91 27.14
CA GLU L 95 24.12 -49.43 25.77
C GLU L 95 24.00 -47.91 25.73
N GLU L 96 24.86 -47.28 24.94
CA GLU L 96 24.92 -45.82 24.90
C GLU L 96 23.69 -45.24 24.24
N GLY L 97 23.15 -44.18 24.85
CA GLY L 97 22.06 -43.44 24.25
C GLY L 97 20.73 -44.16 24.22
N SER L 98 20.50 -45.11 25.12
CA SER L 98 19.27 -45.89 25.14
C SER L 98 18.71 -45.93 26.55
N ILE L 99 17.61 -45.21 26.77
CA ILE L 99 16.89 -45.30 28.03
C ILE L 99 16.29 -46.69 28.21
N VAL L 100 15.84 -47.30 27.11
CA VAL L 100 15.19 -48.60 27.18
C VAL L 100 16.08 -49.63 27.84
N ASN L 101 17.40 -49.47 27.72
CA ASN L 101 18.31 -50.43 28.33
C ASN L 101 18.59 -50.07 29.80
N ILE L 102 18.74 -48.78 30.11
CA ILE L 102 19.03 -48.38 31.48
C ILE L 102 17.86 -48.65 32.41
N MET L 103 16.69 -48.97 31.86
CA MET L 103 15.54 -49.37 32.66
C MET L 103 15.21 -50.85 32.53
N SER L 104 15.55 -51.48 31.40
CA SER L 104 15.40 -52.93 31.31
C SER L 104 16.40 -53.65 32.19
N SER L 105 17.50 -52.99 32.53
CA SER L 105 18.55 -53.60 33.34
C SER L 105 18.38 -53.33 34.83
N ILE L 106 17.79 -52.19 35.20
CA ILE L 106 17.71 -51.80 36.61
C ILE L 106 16.32 -52.12 37.15
N VAL L 107 15.29 -51.51 36.58
CA VAL L 107 13.92 -51.77 37.02
C VAL L 107 13.24 -52.86 36.20
N GLY L 108 13.97 -53.54 35.33
CA GLY L 108 13.34 -54.51 34.45
C GLY L 108 12.81 -55.74 35.16
N ASN L 109 13.56 -56.27 36.13
CA ASN L 109 13.28 -57.61 36.62
C ASN L 109 13.17 -57.70 38.13
N VAL L 110 13.88 -56.84 38.86
CA VAL L 110 14.09 -57.06 40.28
C VAL L 110 12.87 -56.70 41.13
N PHE L 111 11.86 -56.03 40.55
CA PHE L 111 10.75 -55.57 41.37
C PHE L 111 9.77 -56.68 41.73
N GLY L 112 9.86 -57.84 41.11
CA GLY L 112 8.85 -58.87 41.30
C GLY L 112 9.30 -60.09 42.07
N PHE L 113 10.44 -60.01 42.75
CA PHE L 113 10.96 -61.17 43.47
C PHE L 113 10.14 -61.48 44.72
N LYS L 114 10.09 -62.76 45.06
CA LYS L 114 9.47 -63.18 46.31
C LYS L 114 10.31 -62.80 47.52
N ALA L 115 11.62 -62.60 47.33
CA ALA L 115 12.48 -62.23 48.45
C ALA L 115 12.20 -60.82 48.93
N VAL L 116 11.82 -59.92 48.03
CA VAL L 116 11.55 -58.52 48.37
C VAL L 116 10.04 -58.31 48.33
N GLN L 117 9.48 -57.96 49.47
CA GLN L 117 8.04 -57.70 49.54
C GLN L 117 7.67 -56.41 48.83
N ALA L 118 8.52 -55.39 48.94
CA ALA L 118 8.24 -54.10 48.34
C ALA L 118 9.56 -53.41 48.00
N LEU L 119 9.73 -53.05 46.73
CA LEU L 119 10.95 -52.40 46.27
C LEU L 119 10.58 -51.10 45.57
N ARG L 120 11.30 -50.03 45.90
CA ARG L 120 11.09 -48.73 45.28
C ARG L 120 12.43 -48.09 44.96
N LEU L 121 12.60 -47.65 43.72
CA LEU L 121 13.80 -46.93 43.32
C LEU L 121 13.60 -45.45 43.59
N GLU L 122 14.56 -44.84 44.27
CA GLU L 122 14.42 -43.45 44.74
C GLU L 122 15.16 -42.47 43.83
N ASP L 123 16.46 -42.67 43.64
CA ASP L 123 17.26 -41.74 42.86
C ASP L 123 18.39 -42.47 42.18
N MET L 124 18.93 -41.85 41.15
CA MET L 124 20.03 -42.40 40.36
C MET L 124 21.10 -41.33 40.18
N ARG L 125 22.33 -41.77 39.96
CA ARG L 125 23.42 -40.89 39.54
C ARG L 125 23.84 -41.37 38.16
N ILE L 126 23.45 -40.63 37.13
CA ILE L 126 23.86 -40.91 35.76
C ILE L 126 25.25 -40.32 35.56
N PRO L 127 26.28 -41.13 35.30
CA PRO L 127 27.63 -40.58 35.20
C PRO L 127 27.79 -39.69 33.98
N VAL L 128 28.74 -38.76 34.08
CA VAL L 128 28.99 -37.84 32.97
C VAL L 128 29.45 -38.60 31.73
N ALA L 129 30.20 -39.68 31.94
CA ALA L 129 30.67 -40.49 30.81
C ALA L 129 29.49 -41.09 30.05
N TYR L 130 28.51 -41.63 30.77
CA TYR L 130 27.32 -42.18 30.12
C TYR L 130 26.39 -41.09 29.62
N LEU L 131 26.47 -39.89 30.17
CA LEU L 131 25.50 -38.84 29.86
C LEU L 131 25.82 -38.16 28.54
N LYS L 132 27.07 -38.22 28.08
CA LYS L 132 27.44 -37.58 26.82
C LYS L 132 26.83 -38.28 25.61
N THR L 133 26.31 -39.49 25.79
CA THR L 133 25.73 -40.25 24.69
C THR L 133 24.27 -39.89 24.43
N PHE L 134 23.69 -38.99 25.22
CA PHE L 134 22.31 -38.61 25.04
C PHE L 134 22.20 -37.20 24.47
N PRO L 135 21.15 -36.91 23.70
CA PRO L 135 21.07 -35.59 23.04
C PRO L 135 20.63 -34.49 23.98
N GLY L 136 19.75 -34.79 24.92
CA GLY L 136 19.16 -33.78 25.76
C GLY L 136 17.98 -33.11 25.07
N PRO L 137 17.41 -32.09 25.69
CA PRO L 137 16.28 -31.40 25.08
C PRO L 137 16.70 -30.77 23.77
N PRO L 138 15.77 -30.66 22.82
CA PRO L 138 16.10 -30.04 21.53
C PRO L 138 16.38 -28.55 21.65
N THR L 139 15.48 -27.81 22.31
CA THR L 139 15.56 -26.36 22.36
C THR L 139 16.04 -25.86 23.73
N GLY L 140 15.38 -26.25 24.81
CA GLY L 140 15.70 -25.75 26.12
C GLY L 140 14.89 -24.52 26.50
N ILE L 141 15.10 -24.07 27.74
CA ILE L 141 14.33 -22.93 28.25
C ILE L 141 14.74 -21.65 27.55
N GLN L 142 16.05 -21.43 27.40
CA GLN L 142 16.54 -20.16 26.86
C GLN L 142 16.15 -19.98 25.40
N VAL L 143 16.26 -21.04 24.60
CA VAL L 143 15.92 -20.95 23.19
C VAL L 143 14.42 -20.78 23.02
N GLU L 144 13.62 -21.55 23.76
CA GLU L 144 12.17 -21.44 23.65
C GLU L 144 11.68 -20.07 24.12
N ARG L 145 12.22 -19.56 25.22
CA ARG L 145 11.83 -18.25 25.69
C ARG L 145 12.20 -17.15 24.69
N ASP L 146 13.17 -17.42 23.81
CA ASP L 146 13.47 -16.53 22.69
C ASP L 146 12.52 -16.77 21.53
N ARG L 147 12.27 -18.04 21.22
CA ARG L 147 11.39 -18.39 20.11
C ARG L 147 9.95 -17.95 20.36
N LEU L 148 9.58 -17.73 21.63
CA LEU L 148 8.27 -17.21 21.96
C LEU L 148 8.26 -15.71 22.23
N ASN L 149 9.41 -15.12 22.57
CA ASN L 149 9.54 -13.70 22.86
C ASN L 149 8.67 -13.31 24.07
N LYS L 150 8.81 -14.09 25.15
CA LYS L 150 8.04 -13.87 26.38
C LYS L 150 8.98 -14.05 27.57
N TYR L 151 9.57 -12.96 28.02
CA TYR L 151 10.55 -12.97 29.09
C TYR L 151 9.96 -12.46 30.40
N GLY L 152 10.56 -12.86 31.50
CA GLY L 152 10.32 -12.22 32.78
C GLY L 152 9.10 -12.68 33.55
N ARG L 153 8.47 -13.78 33.16
CA ARG L 153 7.28 -14.26 33.84
C ARG L 153 7.10 -15.75 33.52
N PRO L 154 6.35 -16.47 34.35
CA PRO L 154 6.04 -17.87 34.02
C PRO L 154 4.98 -17.93 32.93
N LEU L 155 5.32 -18.56 31.81
CA LEU L 155 4.41 -18.63 30.68
C LEU L 155 3.14 -19.38 31.06
N LEU L 156 2.02 -18.94 30.50
CA LEU L 156 0.72 -19.48 30.86
C LEU L 156 0.38 -20.68 29.99
N GLY L 157 -0.86 -21.14 30.10
CA GLY L 157 -1.32 -22.27 29.32
C GLY L 157 -2.68 -22.71 29.83
N GLY L 158 -3.22 -23.71 29.14
CA GLY L 158 -4.49 -24.27 29.56
C GLY L 158 -4.97 -25.42 28.71
N THR L 159 -5.38 -26.52 29.36
CA THR L 159 -5.97 -27.63 28.65
C THR L 159 -7.37 -27.23 28.18
N ILE L 160 -7.82 -27.87 27.10
CA ILE L 160 -9.12 -27.59 26.51
C ILE L 160 -10.14 -28.57 27.08
N LYS L 161 -11.24 -28.05 27.59
CA LYS L 161 -12.26 -28.85 28.24
C LYS L 161 -13.61 -28.63 27.56
N PRO L 162 -14.48 -29.66 27.53
CA PRO L 162 -14.31 -30.98 28.16
C PRO L 162 -13.22 -31.82 27.49
N LYS L 163 -12.70 -32.80 28.22
CA LYS L 163 -11.54 -33.54 27.77
C LYS L 163 -11.79 -34.18 26.41
N LEU L 164 -12.96 -34.80 26.23
CA LEU L 164 -13.34 -35.40 24.96
C LEU L 164 -14.77 -35.03 24.64
N GLY L 165 -15.09 -34.93 23.36
CA GLY L 165 -16.45 -34.69 22.95
C GLY L 165 -16.62 -33.55 21.96
N LEU L 166 -15.74 -32.54 22.06
CA LEU L 166 -15.87 -31.37 21.21
C LEU L 166 -15.55 -31.72 19.76
N SER L 167 -16.36 -31.20 18.84
CA SER L 167 -16.07 -31.37 17.42
C SER L 167 -14.86 -30.52 17.04
N ALA L 168 -14.34 -30.76 15.84
CA ALA L 168 -13.14 -30.06 15.41
C ALA L 168 -13.38 -28.56 15.29
N LYS L 169 -14.58 -28.17 14.87
CA LYS L 169 -14.88 -26.73 14.75
C LYS L 169 -15.05 -26.10 16.13
N GLU L 170 -15.78 -26.78 17.03
CA GLU L 170 -16.00 -26.22 18.35
C GLU L 170 -14.75 -26.30 19.21
N TYR L 171 -13.85 -27.23 18.91
CA TYR L 171 -12.57 -27.28 19.60
C TYR L 171 -11.73 -26.05 19.28
N ALA L 172 -11.71 -25.66 18.01
CA ALA L 172 -10.94 -24.49 17.61
C ALA L 172 -11.58 -23.20 18.08
N ARG L 173 -12.89 -23.22 18.35
CA ARG L 173 -13.55 -22.05 18.92
C ARG L 173 -13.11 -21.83 20.36
N VAL L 174 -13.04 -22.90 21.14
CA VAL L 174 -12.59 -22.79 22.54
C VAL L 174 -11.12 -22.41 22.59
N VAL L 175 -10.32 -22.97 21.68
CA VAL L 175 -8.89 -22.64 21.63
C VAL L 175 -8.69 -21.16 21.33
N TYR L 176 -9.48 -20.62 20.40
CA TYR L 176 -9.36 -19.21 20.05
C TYR L 176 -9.68 -18.31 21.23
N GLU L 177 -10.74 -18.63 21.97
CA GLU L 177 -11.13 -17.78 23.10
C GLU L 177 -10.05 -17.75 24.17
N CYS L 178 -9.44 -18.91 24.44
CA CYS L 178 -8.39 -18.96 25.45
C CYS L 178 -7.18 -18.12 25.05
N LEU L 179 -6.77 -18.22 23.78
CA LEU L 179 -5.60 -17.48 23.32
C LEU L 179 -5.90 -15.98 23.22
N ARG L 180 -7.06 -15.64 22.65
CA ARG L 180 -7.46 -14.24 22.57
C ARG L 180 -7.62 -13.61 23.95
N GLY L 181 -7.90 -14.42 24.98
CA GLY L 181 -8.11 -13.87 26.31
C GLY L 181 -6.82 -13.51 27.04
N GLY L 182 -5.72 -14.15 26.69
CA GLY L 182 -4.46 -13.83 27.34
C GLY L 182 -3.54 -15.01 27.58
N LEU L 183 -4.03 -16.22 27.35
CA LEU L 183 -3.19 -17.40 27.54
C LEU L 183 -2.13 -17.46 26.44
N ASP L 184 -0.87 -17.64 26.85
CA ASP L 184 0.20 -17.75 25.88
C ASP L 184 0.10 -19.00 25.02
N THR L 185 -0.48 -20.07 25.55
CA THR L 185 -0.53 -21.35 24.85
C THR L 185 -1.73 -22.12 25.35
N THR L 186 -2.17 -23.08 24.55
CA THR L 186 -3.14 -24.06 25.00
C THR L 186 -2.55 -25.44 24.74
N KCX L 187 -3.33 -26.49 24.94
CA KCX L 187 -2.83 -27.84 24.66
CB KCX L 187 -1.93 -28.36 25.79
CG KCX L 187 -2.75 -28.59 27.04
CD KCX L 187 -1.88 -29.05 28.18
CE KCX L 187 -1.27 -30.39 27.86
NZ KCX L 187 -2.27 -31.41 27.85
C KCX L 187 -3.95 -28.85 24.45
O KCX L 187 -5.07 -28.57 25.00
CX KCX L 187 -2.86 -31.94 29.00
OQ1 KCX L 187 -2.51 -31.57 30.12
OQ2 KCX L 187 -3.75 -32.83 28.73
N ASP L 188 -3.70 -29.91 23.69
CA ASP L 188 -4.68 -30.98 23.56
C ASP L 188 -4.68 -31.81 24.84
N ASP L 189 -5.74 -32.57 25.05
CA ASP L 189 -5.76 -33.45 26.19
C ASP L 189 -4.98 -34.73 25.90
N GLU L 190 -4.53 -35.38 26.97
CA GLU L 190 -3.71 -36.58 26.82
C GLU L 190 -4.44 -37.74 26.15
N ASN L 191 -5.76 -37.82 26.31
CA ASN L 191 -6.52 -38.91 25.70
C ASN L 191 -7.13 -38.53 24.35
N LEU L 192 -7.02 -37.27 23.95
CA LEU L 192 -7.52 -36.82 22.65
C LEU L 192 -6.44 -37.04 21.60
N ASN L 193 -6.54 -38.13 20.84
CA ASN L 193 -5.58 -38.38 19.76
C ASN L 193 -6.22 -38.33 18.39
N SER L 194 -7.13 -39.25 18.06
CA SER L 194 -7.78 -39.24 16.75
C SER L 194 -9.22 -39.74 16.85
N GLN L 195 -9.95 -39.30 17.88
CA GLN L 195 -11.27 -39.86 18.11
C GLN L 195 -12.27 -39.48 17.03
N PRO L 196 -13.29 -40.31 16.80
CA PRO L 196 -14.25 -40.03 15.71
C PRO L 196 -14.95 -38.69 15.85
N PHE L 197 -15.27 -38.26 17.07
CA PHE L 197 -15.86 -36.94 17.25
C PHE L 197 -14.86 -35.83 16.99
N ASN L 198 -13.56 -36.12 17.07
CA ASN L 198 -12.53 -35.14 16.76
C ASN L 198 -11.35 -35.91 16.16
N ARG L 199 -11.35 -36.05 14.84
CA ARG L 199 -10.25 -36.66 14.10
C ARG L 199 -9.05 -35.73 14.08
N TRP L 200 -7.85 -36.33 14.10
CA TRP L 200 -6.63 -35.53 14.26
C TRP L 200 -6.38 -34.63 13.06
N ARG L 201 -6.61 -35.13 11.84
CA ARG L 201 -6.32 -34.33 10.66
C ARG L 201 -7.26 -33.13 10.55
N ASP L 202 -8.43 -33.18 11.19
CA ASP L 202 -9.31 -32.02 11.23
C ASP L 202 -8.96 -31.09 12.39
N ARG L 203 -8.65 -31.65 13.56
CA ARG L 203 -8.27 -30.81 14.69
C ARG L 203 -6.99 -30.04 14.42
N PHE L 204 -6.00 -30.70 13.80
CA PHE L 204 -4.74 -30.02 13.50
C PHE L 204 -4.98 -28.83 12.56
N LEU L 205 -5.85 -29.00 11.57
CA LEU L 205 -6.10 -27.93 10.62
C LEU L 205 -6.99 -26.85 11.23
N TYR L 206 -8.00 -27.26 12.00
CA TYR L 206 -8.95 -26.29 12.54
C TYR L 206 -8.33 -25.41 13.61
N VAL L 207 -7.64 -26.00 14.58
CA VAL L 207 -7.12 -25.21 15.70
C VAL L 207 -5.95 -24.35 15.27
N MET L 208 -5.31 -24.65 14.14
CA MET L 208 -4.14 -23.89 13.76
C MET L 208 -4.52 -22.60 13.05
N GLU L 209 -5.74 -22.55 12.49
CA GLU L 209 -6.27 -21.27 12.03
C GLU L 209 -6.59 -20.37 13.22
N ALA L 210 -7.08 -20.96 14.30
CA ALA L 210 -7.40 -20.17 15.49
C ALA L 210 -6.13 -19.65 16.16
N VAL L 211 -5.06 -20.44 16.15
CA VAL L 211 -3.81 -20.01 16.77
C VAL L 211 -3.24 -18.80 16.04
N ARG L 212 -3.24 -18.83 14.71
CA ARG L 212 -2.70 -17.71 13.96
C ARG L 212 -3.69 -16.57 13.83
N LYS L 213 -4.98 -16.83 14.10
CA LYS L 213 -5.95 -15.73 14.11
C LYS L 213 -5.91 -14.97 15.43
N ALA L 214 -5.68 -15.68 16.53
CA ALA L 214 -5.44 -15.00 17.80
C ALA L 214 -4.06 -14.34 17.82
N GLU L 215 -3.09 -14.97 17.17
CA GLU L 215 -1.74 -14.39 17.10
C GLU L 215 -1.76 -13.06 16.37
N ALA L 216 -2.52 -12.95 15.29
CA ALA L 216 -2.59 -11.70 14.54
C ALA L 216 -3.28 -10.61 15.36
N GLU L 217 -4.39 -10.95 16.02
CA GLU L 217 -5.20 -9.94 16.69
C GLU L 217 -4.48 -9.37 17.90
N THR L 218 -3.94 -10.24 18.76
CA THR L 218 -3.30 -9.78 19.99
C THR L 218 -1.90 -9.24 19.76
N GLY L 219 -1.29 -9.50 18.60
CA GLY L 219 0.03 -8.99 18.32
C GLY L 219 1.17 -9.73 18.97
N GLU L 220 0.88 -10.82 19.69
CA GLU L 220 1.90 -11.61 20.36
C GLU L 220 1.78 -13.06 19.95
N ARG L 221 2.88 -13.79 20.05
CA ARG L 221 2.96 -15.15 19.52
C ARG L 221 2.20 -16.12 20.41
N LYS L 222 1.36 -16.94 19.78
CA LYS L 222 0.57 -17.95 20.47
C LYS L 222 0.99 -19.33 19.98
N GLY L 223 0.57 -20.35 20.72
CA GLY L 223 0.88 -21.71 20.35
C GLY L 223 -0.18 -22.66 20.83
N HIS L 224 -0.01 -23.93 20.48
CA HIS L 224 -0.95 -24.98 20.89
C HIS L 224 -0.23 -26.30 20.80
N TRP L 225 -0.11 -26.99 21.93
CA TRP L 225 0.60 -28.27 22.01
C TRP L 225 -0.28 -29.36 21.43
N LEU L 226 -0.16 -29.57 20.12
CA LEU L 226 -0.95 -30.58 19.44
C LEU L 226 -0.54 -31.97 19.86
N ASN L 227 -1.52 -32.83 20.11
CA ASN L 227 -1.27 -34.17 20.61
C ASN L 227 -1.03 -35.10 19.42
N VAL L 228 0.24 -35.44 19.18
CA VAL L 228 0.61 -36.32 18.09
C VAL L 228 0.80 -37.76 18.56
N THR L 229 0.39 -38.07 19.78
CA THR L 229 0.43 -39.44 20.26
C THR L 229 -0.48 -40.32 19.42
N ALA L 230 -0.03 -41.56 19.19
CA ALA L 230 -0.76 -42.49 18.35
C ALA L 230 -0.32 -43.91 18.70
N GLY L 231 -0.90 -44.88 18.00
CA GLY L 231 -0.65 -46.28 18.29
C GLY L 231 0.66 -46.83 17.79
N SER L 232 1.37 -46.12 16.93
CA SER L 232 2.62 -46.62 16.38
C SER L 232 3.55 -45.45 16.09
N THR L 233 4.84 -45.76 15.99
CA THR L 233 5.84 -44.73 15.76
C THR L 233 5.64 -44.05 14.40
N GLU L 234 5.28 -44.82 13.38
CA GLU L 234 5.06 -44.24 12.06
C GLU L 234 3.91 -43.25 12.08
N GLU L 235 2.80 -43.60 12.75
CA GLU L 235 1.68 -42.67 12.84
C GLU L 235 2.03 -41.45 13.67
N MET L 236 2.74 -41.65 14.79
CA MET L 236 3.15 -40.52 15.62
C MET L 236 4.03 -39.56 14.83
N LEU L 237 4.96 -40.09 14.04
CA LEU L 237 5.77 -39.24 13.18
C LEU L 237 4.92 -38.54 12.13
N LYS L 238 4.08 -39.29 11.41
CA LYS L 238 3.27 -38.71 10.34
C LYS L 238 2.43 -37.55 10.85
N ARG L 239 1.97 -37.63 12.10
CA ARG L 239 1.28 -36.49 12.69
C ARG L 239 2.23 -35.35 13.00
N ALA L 240 3.51 -35.65 13.24
CA ALA L 240 4.47 -34.60 13.53
C ALA L 240 4.81 -33.77 12.29
N GLU L 241 4.99 -34.42 11.13
CA GLU L 241 5.27 -33.64 9.93
C GLU L 241 4.08 -32.81 9.51
N PHE L 242 2.86 -33.30 9.75
CA PHE L 242 1.69 -32.49 9.42
C PHE L 242 1.60 -31.25 10.30
N ALA L 243 1.88 -31.41 11.60
CA ALA L 243 1.86 -30.26 12.50
C ALA L 243 2.92 -29.24 12.11
N ALA L 244 4.12 -29.70 11.75
CA ALA L 244 5.16 -28.79 11.31
C ALA L 244 4.78 -28.12 9.99
N GLU L 245 4.15 -28.87 9.09
CA GLU L 245 3.76 -28.30 7.80
C GLU L 245 2.71 -27.22 7.96
N LEU L 246 1.77 -27.41 8.89
CA LEU L 246 0.75 -26.41 9.15
C LEU L 246 1.32 -25.13 9.74
N GLY L 247 2.52 -25.19 10.32
CA GLY L 247 3.14 -24.03 10.91
C GLY L 247 3.17 -24.00 12.43
N SER L 248 2.79 -25.09 13.09
CA SER L 248 2.75 -25.09 14.55
C SER L 248 4.15 -25.10 15.13
N ARG L 249 4.33 -24.35 16.22
CA ARG L 249 5.60 -24.33 16.93
C ARG L 249 5.78 -25.54 17.84
N TYR L 250 4.71 -26.26 18.15
CA TYR L 250 4.71 -27.24 19.21
C TYR L 250 4.06 -28.54 18.76
N ILE L 251 4.50 -29.64 19.39
CA ILE L 251 3.78 -30.90 19.39
C ILE L 251 3.81 -31.43 20.82
N MET L 252 2.95 -32.41 21.09
CA MET L 252 2.82 -32.97 22.43
C MET L 252 2.77 -34.48 22.34
N VAL L 253 3.58 -35.14 23.18
CA VAL L 253 3.71 -36.59 23.16
C VAL L 253 3.59 -37.11 24.58
N ASP L 254 2.75 -38.13 24.77
CA ASP L 254 2.68 -38.84 26.04
C ASP L 254 3.89 -39.76 26.14
N PHE L 255 4.95 -39.27 26.78
CA PHE L 255 6.25 -39.94 26.73
C PHE L 255 6.29 -41.23 27.53
N LEU L 256 5.28 -41.51 28.35
CA LEU L 256 5.24 -42.75 29.13
C LEU L 256 4.31 -43.79 28.52
N THR L 257 3.15 -43.38 28.00
CA THR L 257 2.28 -44.34 27.33
C THR L 257 2.84 -44.71 25.97
N ALA L 258 3.39 -43.74 25.23
CA ALA L 258 4.04 -44.03 23.97
C ALA L 258 5.36 -44.76 24.15
N GLY L 259 5.86 -44.86 25.38
CA GLY L 259 7.12 -45.52 25.64
C GLY L 259 8.29 -44.59 25.46
N PHE L 260 9.48 -45.16 25.64
CA PHE L 260 10.70 -44.38 25.48
C PHE L 260 11.36 -44.56 24.13
N ALA L 261 11.22 -45.73 23.49
CA ALA L 261 11.75 -45.91 22.15
C ALA L 261 11.02 -45.02 21.15
N ALA L 262 9.69 -45.06 21.16
CA ALA L 262 8.92 -44.18 20.29
C ALA L 262 9.12 -42.71 20.66
N PHE L 263 9.31 -42.43 21.94
CA PHE L 263 9.58 -41.05 22.37
C PHE L 263 10.90 -40.55 21.79
N ALA L 264 11.94 -41.39 21.82
CA ALA L 264 13.22 -40.99 21.25
C ALA L 264 13.15 -40.89 19.73
N SER L 265 12.33 -41.73 19.09
CA SER L 265 12.16 -41.62 17.65
C SER L 265 11.46 -40.32 17.27
N VAL L 266 10.44 -39.93 18.03
CA VAL L 266 9.74 -38.67 17.79
C VAL L 266 10.65 -37.49 18.10
N ARG L 267 11.49 -37.62 19.12
CA ARG L 267 12.33 -36.50 19.57
C ARG L 267 13.29 -36.05 18.48
N ARG L 268 13.93 -37.00 17.79
CA ARG L 268 14.83 -36.61 16.71
C ARG L 268 14.05 -36.00 15.54
N ARG L 269 12.84 -36.50 15.31
CA ARG L 269 12.03 -35.96 14.23
C ARG L 269 11.55 -34.55 14.55
N ALA L 270 11.38 -34.24 15.84
CA ALA L 270 10.93 -32.91 16.23
C ALA L 270 11.99 -31.86 15.92
N GLU L 271 13.26 -32.14 16.25
CA GLU L 271 14.31 -31.16 16.03
C GLU L 271 14.60 -30.97 14.55
N GLU L 272 14.46 -32.04 13.75
CA GLU L 272 14.67 -31.90 12.32
C GLU L 272 13.61 -31.00 11.70
N LEU L 273 12.36 -31.14 12.12
CA LEU L 273 11.30 -30.24 11.67
C LEU L 273 11.37 -28.89 12.35
N GLY L 274 12.06 -28.79 13.49
CA GLY L 274 12.17 -27.54 14.22
C GLY L 274 11.19 -27.37 15.35
N LEU L 275 10.33 -28.36 15.59
CA LEU L 275 9.28 -28.23 16.59
C LEU L 275 9.87 -28.25 18.00
N MET L 276 9.09 -27.74 18.95
CA MET L 276 9.39 -27.85 20.37
C MET L 276 8.49 -28.91 20.98
N LEU L 277 9.09 -29.83 21.72
CA LEU L 277 8.42 -31.05 22.14
C LEU L 277 7.89 -30.89 23.57
N HIS L 278 6.59 -31.06 23.74
CA HIS L 278 5.96 -31.13 25.04
C HIS L 278 5.70 -32.59 25.40
N CYS L 279 6.02 -32.96 26.64
CA CYS L 279 6.00 -34.37 27.05
C CYS L 279 5.07 -34.52 28.25
N HIS L 280 3.82 -34.87 28.00
CA HIS L 280 2.90 -35.17 29.08
C HIS L 280 3.34 -36.43 29.82
N ARG L 281 3.20 -36.40 31.14
CA ARG L 281 3.67 -37.50 31.99
C ARG L 281 2.54 -38.45 32.38
N ALA L 282 1.50 -38.56 31.55
CA ALA L 282 0.40 -39.47 31.87
C ALA L 282 0.93 -40.86 32.14
N MET L 283 0.21 -41.59 33.00
CA MET L 283 0.47 -42.97 33.41
C MET L 283 1.59 -43.04 34.46
N HIS L 284 2.19 -41.91 34.83
CA HIS L 284 3.27 -41.91 35.81
C HIS L 284 2.79 -42.31 37.20
N ALA L 285 1.54 -42.00 37.54
CA ALA L 285 1.04 -42.29 38.88
C ALA L 285 0.93 -43.77 39.16
N VAL L 286 0.90 -44.61 38.12
CA VAL L 286 0.97 -46.05 38.33
C VAL L 286 2.29 -46.42 38.98
N PHE L 287 3.35 -45.65 38.73
CA PHE L 287 4.66 -45.90 39.29
C PHE L 287 4.87 -45.10 40.58
N ASP L 288 4.82 -43.79 40.49
CA ASP L 288 5.28 -42.90 41.57
C ASP L 288 4.14 -42.43 42.47
N ARG L 289 3.33 -43.34 43.00
CA ARG L 289 2.28 -42.91 43.92
C ARG L 289 2.48 -43.48 45.32
N GLN L 290 2.56 -44.79 45.46
CA GLN L 290 2.80 -45.39 46.77
C GLN L 290 4.23 -45.15 47.20
N PRO L 291 4.48 -44.85 48.48
CA PRO L 291 5.84 -44.56 48.92
C PRO L 291 6.63 -45.81 49.30
N ASN L 292 6.12 -46.98 48.91
CA ASN L 292 6.81 -48.22 49.24
C ASN L 292 7.09 -49.10 48.03
N HIS L 293 6.68 -48.69 46.83
CA HIS L 293 6.88 -49.50 45.63
C HIS L 293 6.73 -48.68 44.36
N GLY L 294 7.69 -48.79 43.44
CA GLY L 294 7.63 -48.15 42.16
C GLY L 294 8.91 -47.43 41.85
N ILE L 295 8.80 -46.42 40.98
CA ILE L 295 9.92 -45.57 40.61
C ILE L 295 9.52 -44.14 40.90
N HIS L 296 10.33 -43.44 41.70
CA HIS L 296 10.03 -42.05 42.01
C HIS L 296 10.15 -41.20 40.75
N PHE L 297 9.40 -40.09 40.72
CA PHE L 297 9.33 -39.28 39.51
C PHE L 297 10.66 -38.61 39.19
N ARG L 298 11.49 -38.32 40.21
CA ARG L 298 12.76 -37.68 39.93
C ARG L 298 13.66 -38.56 39.08
N VAL L 299 13.48 -39.88 39.15
CA VAL L 299 14.15 -40.78 38.22
C VAL L 299 13.56 -40.61 36.83
N LEU L 300 12.24 -40.58 36.73
CA LEU L 300 11.59 -40.37 35.43
C LEU L 300 11.87 -38.97 34.90
N ALA L 301 12.07 -38.01 35.80
CA ALA L 301 12.40 -36.65 35.36
C ALA L 301 13.81 -36.58 34.82
N LYS L 302 14.73 -37.35 35.39
CA LYS L 302 16.09 -37.41 34.85
C LYS L 302 16.09 -38.02 33.45
N TRP L 303 15.38 -39.15 33.28
CA TRP L 303 15.43 -39.84 32.00
C TRP L 303 14.89 -38.98 30.88
N LEU L 304 13.80 -38.23 31.13
CA LEU L 304 13.21 -37.42 30.07
C LEU L 304 14.17 -36.33 29.61
N ARG L 305 14.90 -35.71 30.52
CA ARG L 305 15.85 -34.67 30.12
C ARG L 305 16.96 -35.24 29.26
N MET L 306 17.44 -36.44 29.59
CA MET L 306 18.50 -37.06 28.80
C MET L 306 18.00 -37.46 27.42
N VAL L 307 16.84 -38.10 27.35
CA VAL L 307 16.30 -38.50 26.06
C VAL L 307 15.77 -37.29 25.29
N GLY L 308 15.47 -36.20 25.98
CA GLY L 308 15.09 -34.97 25.31
C GLY L 308 13.62 -34.62 25.38
N GLY L 309 13.31 -33.50 26.02
CA GLY L 309 11.96 -32.98 26.08
C GLY L 309 11.95 -31.56 26.59
N ASP L 310 11.26 -30.66 25.89
CA ASP L 310 11.28 -29.25 26.30
C ASP L 310 10.38 -29.00 27.51
N HIS L 311 9.30 -29.77 27.66
CA HIS L 311 8.43 -29.66 28.81
C HIS L 311 8.15 -31.03 29.39
N VAL L 312 7.97 -31.08 30.70
CA VAL L 312 7.46 -32.25 31.40
C VAL L 312 6.70 -31.77 32.63
N HIS L 313 5.56 -32.38 32.89
CA HIS L 313 4.74 -32.00 34.03
C HIS L 313 5.43 -32.43 35.32
N THR L 314 5.74 -31.47 36.18
CA THR L 314 6.19 -31.80 37.53
C THR L 314 5.04 -31.82 38.53
N GLY L 315 3.85 -31.43 38.10
CA GLY L 315 2.69 -31.46 38.97
C GLY L 315 2.66 -30.33 39.98
N THR L 316 1.46 -29.88 40.33
CA THR L 316 1.28 -28.84 41.33
C THR L 316 1.09 -29.49 42.69
N VAL L 317 1.84 -29.00 43.69
CA VAL L 317 1.65 -29.50 45.05
C VAL L 317 0.26 -29.14 45.56
N VAL L 318 -0.24 -27.97 45.16
CA VAL L 318 -1.59 -27.54 45.49
C VAL L 318 -2.46 -27.78 44.26
N GLY L 319 -3.53 -28.55 44.44
CA GLY L 319 -4.39 -28.91 43.33
C GLY L 319 -5.02 -30.27 43.59
N LYS L 320 -5.69 -30.77 42.55
CA LYS L 320 -6.35 -32.07 42.66
C LYS L 320 -5.35 -33.22 42.58
N LEU L 321 -4.27 -33.06 41.83
CA LEU L 321 -3.28 -34.12 41.69
C LEU L 321 -2.36 -34.16 42.91
N GLU L 322 -1.85 -35.35 43.20
CA GLU L 322 -0.96 -35.53 44.34
C GLU L 322 0.39 -34.87 44.07
N GLY L 323 1.07 -34.50 45.15
CA GLY L 323 2.39 -33.90 45.03
C GLY L 323 2.93 -33.55 46.40
N ASP L 324 4.25 -33.48 46.47
CA ASP L 324 4.96 -33.16 47.71
C ASP L 324 5.71 -31.85 47.55
N ARG L 325 5.58 -30.98 48.55
CA ARG L 325 6.16 -29.64 48.48
C ARG L 325 7.68 -29.69 48.38
N ALA L 326 8.32 -30.44 49.27
CA ALA L 326 9.77 -30.48 49.28
C ALA L 326 10.33 -31.17 48.04
N GLU L 327 9.71 -32.27 47.62
CA GLU L 327 10.24 -33.04 46.50
C GLU L 327 9.97 -32.36 45.16
N THR L 328 8.87 -31.61 45.05
CA THR L 328 8.62 -30.86 43.83
C THR L 328 9.68 -29.79 43.60
N LEU L 329 10.19 -29.21 44.69
CA LEU L 329 11.28 -28.25 44.58
C LEU L 329 12.53 -28.90 44.00
N GLY L 330 12.86 -30.10 44.48
CA GLY L 330 14.05 -30.78 44.00
C GLY L 330 13.95 -31.19 42.55
N ILE L 331 12.77 -31.62 42.11
CA ILE L 331 12.58 -32.01 40.72
C ILE L 331 12.72 -30.80 39.80
N ALA L 332 12.06 -29.69 40.13
CA ALA L 332 12.24 -28.47 39.35
C ALA L 332 13.67 -27.95 39.46
N ASP L 333 14.35 -28.27 40.56
CA ASP L 333 15.78 -27.97 40.67
C ASP L 333 16.59 -28.87 39.76
N LEU L 334 16.14 -30.13 39.61
CA LEU L 334 16.86 -31.10 38.80
C LEU L 334 16.70 -30.80 37.31
N LEU L 335 15.55 -30.26 36.92
CA LEU L 335 15.22 -30.14 35.51
C LEU L 335 15.83 -28.89 34.88
N ARG L 336 16.30 -27.94 35.69
CA ARG L 336 16.68 -26.63 35.19
C ARG L 336 18.12 -26.24 35.45
N GLU L 337 18.85 -26.98 36.26
CA GLU L 337 20.17 -26.56 36.69
C GLU L 337 21.26 -27.42 36.08
N ASP L 338 22.44 -26.83 35.92
CA ASP L 338 23.58 -27.55 35.38
C ASP L 338 24.14 -28.55 36.39
N TYR L 339 24.19 -28.17 37.66
CA TYR L 339 24.68 -29.03 38.72
C TYR L 339 23.72 -28.98 39.89
N VAL L 340 23.27 -30.15 40.33
CA VAL L 340 22.29 -30.25 41.41
C VAL L 340 22.89 -31.06 42.55
N PRO L 341 23.45 -30.40 43.58
CA PRO L 341 24.04 -31.15 44.68
C PRO L 341 22.98 -31.92 45.46
N ALA L 342 23.41 -33.02 46.08
CA ALA L 342 22.48 -33.88 46.80
C ALA L 342 21.96 -33.18 48.05
N ASP L 343 20.64 -33.26 48.24
CA ASP L 343 19.97 -32.66 49.39
C ASP L 343 19.01 -33.69 49.97
N PRO L 344 19.38 -34.35 51.07
CA PRO L 344 18.50 -35.40 51.62
C PRO L 344 17.13 -34.90 52.02
N GLY L 345 17.02 -33.64 52.45
CA GLY L 345 15.71 -33.11 52.81
C GLY L 345 14.79 -33.00 51.61
N ARG L 346 15.34 -32.61 50.47
CA ARG L 346 14.56 -32.39 49.24
C ARG L 346 14.41 -33.65 48.42
N GLY L 347 14.89 -34.80 48.92
CA GLY L 347 14.69 -36.08 48.28
C GLY L 347 15.84 -36.56 47.43
N LEU L 348 16.77 -35.68 47.05
CA LEU L 348 17.89 -36.07 46.21
C LEU L 348 18.92 -36.84 47.03
N PHE L 349 19.40 -37.94 46.48
CA PHE L 349 20.39 -38.79 47.14
C PHE L 349 21.81 -38.59 46.63
N PHE L 350 21.97 -38.24 45.35
CA PHE L 350 23.27 -38.19 44.71
C PHE L 350 23.49 -36.82 44.09
N ASP L 351 24.75 -36.39 44.05
CA ASP L 351 25.11 -35.22 43.26
C ASP L 351 24.91 -35.53 41.79
N GLN L 352 24.36 -34.56 41.05
CA GLN L 352 24.06 -34.75 39.64
C GLN L 352 24.74 -33.67 38.82
N ASP L 353 25.62 -34.07 37.92
CA ASP L 353 26.22 -33.18 36.94
C ASP L 353 25.59 -33.48 35.60
N TRP L 354 25.10 -32.44 34.92
CA TRP L 354 24.32 -32.62 33.71
C TRP L 354 25.16 -32.51 32.45
N ALA L 355 26.48 -32.33 32.57
CA ALA L 355 27.41 -32.46 31.45
C ALA L 355 27.03 -31.57 30.28
N GLY L 356 26.50 -30.39 30.57
CA GLY L 356 26.16 -29.43 29.53
C GLY L 356 24.82 -29.65 28.84
N LEU L 357 24.00 -30.58 29.32
CA LEU L 357 22.65 -30.71 28.78
C LEU L 357 21.84 -29.47 29.12
N LYS L 358 20.93 -29.11 28.22
CA LYS L 358 20.17 -27.88 28.37
C LYS L 358 18.92 -28.13 29.22
N PRO L 359 18.39 -27.08 29.87
CA PRO L 359 17.33 -27.26 30.86
C PRO L 359 15.98 -27.55 30.22
N VAL L 360 14.98 -27.75 31.10
CA VAL L 360 13.61 -28.09 30.71
C VAL L 360 12.66 -27.23 31.54
N PHE L 361 11.61 -26.73 30.89
CA PHE L 361 10.52 -26.10 31.64
C PHE L 361 9.81 -27.13 32.51
N PRO L 362 9.67 -26.90 33.81
CA PRO L 362 8.70 -27.68 34.60
C PRO L 362 7.31 -27.08 34.44
N VAL L 363 6.35 -27.92 34.09
CA VAL L 363 4.99 -27.48 33.79
C VAL L 363 4.11 -27.83 34.97
N ALA L 364 3.43 -26.82 35.50
CA ALA L 364 2.55 -26.99 36.66
C ALA L 364 1.11 -27.05 36.17
N SER L 365 0.45 -28.17 36.42
CA SER L 365 -0.93 -28.35 35.99
C SER L 365 -1.66 -29.22 37.01
N GLY L 366 -2.98 -29.06 37.05
CA GLY L 366 -3.80 -29.79 37.98
C GLY L 366 -5.13 -29.10 38.25
N GLY L 367 -5.50 -29.00 39.53
CA GLY L 367 -6.72 -28.32 39.89
C GLY L 367 -6.46 -26.91 40.36
N ILE L 368 -5.57 -26.21 39.69
CA ILE L 368 -5.12 -24.88 40.12
C ILE L 368 -6.02 -23.82 39.52
N HIS L 369 -6.14 -22.70 40.24
CA HIS L 369 -6.89 -21.54 39.79
C HIS L 369 -6.15 -20.30 40.28
N VAL L 370 -6.84 -19.16 40.26
CA VAL L 370 -6.22 -17.89 40.60
C VAL L 370 -5.70 -17.89 42.03
N TRP L 371 -6.43 -18.52 42.95
CA TRP L 371 -6.02 -18.52 44.35
C TRP L 371 -4.72 -19.27 44.57
N HIS L 372 -4.33 -20.14 43.65
CA HIS L 372 -3.10 -20.91 43.79
C HIS L 372 -1.89 -20.20 43.18
N VAL L 373 -2.10 -19.05 42.53
CA VAL L 373 -0.98 -18.36 41.89
C VAL L 373 0.09 -17.97 42.88
N PRO L 374 -0.21 -17.39 44.06
CA PRO L 374 0.88 -17.07 45.00
C PRO L 374 1.72 -18.27 45.40
N ASP L 375 1.09 -19.43 45.59
CA ASP L 375 1.86 -20.62 45.97
C ASP L 375 2.69 -21.16 44.81
N LEU L 376 2.17 -21.05 43.59
CA LEU L 376 2.88 -21.58 42.43
C LEU L 376 4.10 -20.73 42.09
N VAL L 377 3.94 -19.40 42.11
CA VAL L 377 5.05 -18.51 41.79
C VAL L 377 6.14 -18.59 42.84
N SER L 378 5.83 -19.07 44.05
CA SER L 378 6.82 -19.16 45.10
C SER L 378 7.59 -20.49 45.07
N ILE L 379 7.16 -21.43 44.22
CA ILE L 379 7.86 -22.70 44.13
C ILE L 379 8.74 -22.75 42.88
N PHE L 380 8.19 -22.32 41.74
CA PHE L 380 8.85 -22.50 40.46
C PHE L 380 9.63 -21.29 39.98
N GLY L 381 9.27 -20.09 40.43
CA GLY L 381 9.89 -18.89 39.93
C GLY L 381 9.33 -18.46 38.59
N ASP L 382 10.20 -18.07 37.66
CA ASP L 382 9.77 -17.59 36.36
C ASP L 382 9.91 -18.62 35.25
N ASP L 383 10.79 -19.61 35.42
CA ASP L 383 11.01 -20.61 34.38
C ASP L 383 10.09 -21.79 34.62
N ALA L 384 8.82 -21.59 34.27
CA ALA L 384 7.81 -22.64 34.44
C ALA L 384 6.58 -22.29 33.62
N PHE L 385 5.74 -23.29 33.42
CA PHE L 385 4.43 -23.13 32.80
C PHE L 385 3.34 -23.39 33.83
N PHE L 386 2.30 -22.56 33.80
CA PHE L 386 1.12 -22.76 34.63
C PHE L 386 -0.06 -23.04 33.71
N LEU L 387 -0.68 -24.20 33.89
CA LEU L 387 -1.77 -24.64 33.03
C LEU L 387 -3.08 -24.53 33.79
N PHE L 388 -4.02 -23.75 33.26
CA PHE L 388 -5.34 -23.58 33.85
C PHE L 388 -6.35 -24.16 32.87
N GLY L 389 -6.59 -25.47 33.00
CA GLY L 389 -7.55 -26.13 32.13
C GLY L 389 -8.99 -25.88 32.54
N GLY L 390 -9.36 -26.32 33.73
CA GLY L 390 -10.68 -26.07 34.25
C GLY L 390 -10.77 -24.74 34.95
N GLY L 391 -9.61 -24.15 35.26
CA GLY L 391 -9.54 -22.84 35.85
C GLY L 391 -9.68 -21.68 34.90
N THR L 392 -9.78 -21.98 33.60
CA THR L 392 -10.03 -20.98 32.57
C THR L 392 -11.46 -21.04 32.04
N HIS L 393 -11.90 -22.21 31.60
CA HIS L 393 -13.28 -22.39 31.18
C HIS L 393 -14.24 -22.44 32.36
N GLY L 394 -13.74 -22.63 33.58
CA GLY L 394 -14.59 -22.64 34.75
C GLY L 394 -15.02 -21.28 35.23
N HIS L 395 -14.53 -20.23 34.58
CA HIS L 395 -14.99 -18.88 34.90
C HIS L 395 -16.49 -18.78 34.64
N PRO L 396 -17.25 -18.11 35.50
CA PRO L 396 -18.71 -18.08 35.34
C PRO L 396 -19.19 -17.34 34.10
N ARG L 397 -18.29 -16.93 33.21
CA ARG L 397 -18.68 -16.07 32.10
C ARG L 397 -17.99 -16.41 30.79
N GLY L 398 -17.03 -17.33 30.77
CA GLY L 398 -16.43 -17.76 29.52
C GLY L 398 -14.95 -18.04 29.58
N SER L 399 -14.39 -18.54 28.47
CA SER L 399 -12.97 -18.86 28.43
C SER L 399 -12.11 -17.60 28.29
N ARG L 400 -12.56 -16.64 27.49
CA ARG L 400 -11.80 -15.40 27.32
C ARG L 400 -11.72 -14.63 28.63
N ALA L 401 -12.84 -14.55 29.35
CA ALA L 401 -12.81 -13.92 30.67
C ALA L 401 -11.93 -14.69 31.63
N GLY L 402 -12.00 -16.02 31.59
CA GLY L 402 -11.18 -16.83 32.47
C GLY L 402 -9.70 -16.72 32.16
N ALA L 403 -9.35 -16.62 30.87
CA ALA L 403 -7.96 -16.47 30.50
C ALA L 403 -7.40 -15.16 31.00
N THR L 404 -8.18 -14.08 30.91
CA THR L 404 -7.73 -12.78 31.42
C THR L 404 -7.59 -12.82 32.93
N ALA L 405 -8.50 -13.52 33.63
CA ALA L 405 -8.41 -13.62 35.08
C ALA L 405 -7.12 -14.32 35.50
N ASN L 406 -6.74 -15.38 34.78
CA ASN L 406 -5.53 -16.11 35.13
C ASN L 406 -4.28 -15.33 34.74
N ARG L 407 -4.35 -14.57 33.65
CA ARG L 407 -3.18 -13.81 33.21
C ARG L 407 -2.91 -12.63 34.15
N VAL L 408 -3.97 -11.93 34.56
CA VAL L 408 -3.80 -10.81 35.49
C VAL L 408 -3.29 -11.31 36.83
N ALA L 409 -3.75 -12.49 37.26
CA ALA L 409 -3.33 -13.03 38.55
C ALA L 409 -1.83 -13.28 38.59
N VAL L 410 -1.28 -13.85 37.51
CA VAL L 410 0.14 -14.18 37.50
C VAL L 410 0.99 -12.91 37.46
N GLU L 411 0.64 -11.99 36.56
CA GLU L 411 1.43 -10.77 36.41
C GLU L 411 1.38 -9.93 37.68
N ALA L 412 0.24 -9.90 38.35
CA ALA L 412 0.12 -9.14 39.59
C ALA L 412 1.05 -9.71 40.67
N VAL L 413 1.11 -11.03 40.77
CA VAL L 413 1.98 -11.66 41.75
C VAL L 413 3.44 -11.49 41.35
N VAL L 414 3.74 -11.65 40.06
CA VAL L 414 5.12 -11.53 39.59
C VAL L 414 5.64 -10.11 39.80
N GLN L 415 4.83 -9.11 39.45
CA GLN L 415 5.24 -7.73 39.67
C GLN L 415 5.37 -7.41 41.15
N ALA L 416 4.57 -8.07 41.99
CA ALA L 416 4.69 -7.85 43.43
C ALA L 416 5.94 -8.51 43.99
N ARG L 417 6.32 -9.67 43.45
CA ARG L 417 7.55 -10.32 43.88
C ARG L 417 8.78 -9.51 43.46
N ASN L 418 8.69 -8.77 42.36
CA ASN L 418 9.82 -8.00 41.86
C ASN L 418 10.11 -6.77 42.71
N GLU L 419 9.25 -6.45 43.68
CA GLU L 419 9.48 -5.31 44.57
C GLU L 419 9.65 -5.73 46.02
N GLY L 420 9.90 -7.02 46.26
CA GLY L 420 10.23 -7.50 47.58
C GLY L 420 9.05 -7.94 48.44
N ARG L 421 7.82 -7.79 47.97
CA ARG L 421 6.67 -8.21 48.75
C ARG L 421 6.69 -9.72 48.94
N ASP L 422 6.59 -10.15 50.20
CA ASP L 422 6.58 -11.58 50.51
C ASP L 422 5.30 -12.21 49.96
N ILE L 423 5.46 -13.11 48.99
CA ILE L 423 4.29 -13.69 48.32
C ILE L 423 3.49 -14.54 49.28
N LEU L 424 4.16 -15.45 50.00
CA LEU L 424 3.45 -16.40 50.84
C LEU L 424 2.72 -15.74 52.00
N ALA L 425 2.99 -14.47 52.26
CA ALA L 425 2.24 -13.68 53.24
C ALA L 425 1.16 -12.82 52.59
N GLU L 426 1.53 -12.05 51.55
CA GLU L 426 0.63 -11.06 50.98
C GLU L 426 -0.07 -11.55 49.71
N GLY L 427 -0.18 -12.86 49.49
CA GLY L 427 -0.82 -13.34 48.28
C GLY L 427 -2.26 -12.88 48.15
N ARG L 428 -3.05 -13.05 49.21
CA ARG L 428 -4.45 -12.63 49.16
C ARG L 428 -4.57 -11.12 49.01
N GLU L 429 -3.69 -10.36 49.67
CA GLU L 429 -3.73 -8.90 49.52
C GLU L 429 -3.41 -8.48 48.10
N ILE L 430 -2.41 -9.12 47.47
CA ILE L 430 -2.07 -8.79 46.10
C ILE L 430 -3.22 -9.12 45.17
N LEU L 431 -3.83 -10.29 45.36
CA LEU L 431 -4.94 -10.70 44.50
C LEU L 431 -6.14 -9.77 44.67
N GLU L 432 -6.43 -9.36 45.90
CA GLU L 432 -7.53 -8.41 46.13
C GLU L 432 -7.23 -7.07 45.48
N GLU L 433 -5.99 -6.61 45.59
CA GLU L 433 -5.61 -5.34 44.98
C GLU L 433 -5.78 -5.38 43.46
N ALA L 434 -5.36 -6.48 42.84
CA ALA L 434 -5.52 -6.63 41.40
C ALA L 434 -7.00 -6.71 41.02
N ALA L 435 -7.79 -7.47 41.77
CA ALA L 435 -9.22 -7.60 41.48
C ALA L 435 -9.96 -6.30 41.68
N ARG L 436 -9.43 -5.39 42.51
CA ARG L 436 -10.06 -4.09 42.70
C ARG L 436 -10.25 -3.35 41.37
N TRP L 437 -9.37 -3.57 40.40
CA TRP L 437 -9.49 -2.93 39.10
C TRP L 437 -9.64 -3.92 37.95
N CYS L 438 -9.53 -5.22 38.20
CA CYS L 438 -9.78 -6.23 37.16
C CYS L 438 -11.08 -6.96 37.46
N PRO L 439 -12.14 -6.75 36.69
CA PRO L 439 -13.39 -7.48 36.95
C PRO L 439 -13.27 -8.98 36.78
N GLU L 440 -12.42 -9.46 35.86
CA GLU L 440 -12.31 -10.89 35.62
C GLU L 440 -11.74 -11.62 36.83
N LEU L 441 -10.63 -11.10 37.38
CA LEU L 441 -10.03 -11.73 38.55
C LEU L 441 -10.96 -11.67 39.75
N ARG L 442 -11.73 -10.58 39.86
CA ARG L 442 -12.67 -10.45 40.96
C ARG L 442 -13.74 -11.54 40.92
N GLU L 443 -14.22 -11.86 39.72
CA GLU L 443 -15.23 -12.92 39.60
C GLU L 443 -14.60 -14.30 39.79
N ALA L 444 -13.32 -14.44 39.47
CA ALA L 444 -12.67 -15.75 39.59
C ALA L 444 -12.48 -16.13 41.05
N MET L 445 -12.07 -15.19 41.90
CA MET L 445 -11.88 -15.50 43.31
C MET L 445 -13.22 -15.57 44.06
N GLU L 446 -14.22 -14.84 43.57
CA GLU L 446 -15.53 -14.91 44.22
C GLU L 446 -16.20 -16.25 43.98
N LEU L 447 -15.73 -17.01 42.98
CA LEU L 447 -16.30 -18.32 42.67
C LEU L 447 -15.57 -19.47 43.35
N TRP L 448 -14.26 -19.36 43.49
CA TRP L 448 -13.44 -20.43 44.05
C TRP L 448 -12.84 -20.00 45.39
N GLY L 449 -12.73 -20.95 46.30
CA GLY L 449 -12.15 -20.70 47.61
C GLY L 449 -13.07 -19.92 48.54
N ARG M 3 -21.86 -12.71 -27.10
CA ARG M 3 -23.32 -12.82 -27.08
C ARG M 3 -23.84 -13.59 -28.30
N ALA M 4 -23.03 -14.54 -28.77
CA ALA M 4 -23.46 -15.39 -29.87
C ALA M 4 -24.72 -16.16 -29.48
N GLN M 5 -25.71 -16.16 -30.36
CA GLN M 5 -27.03 -16.66 -30.03
C GLN M 5 -27.31 -18.00 -30.70
N TYR M 6 -28.45 -18.57 -30.34
CA TYR M 6 -28.88 -19.89 -30.75
C TYR M 6 -30.37 -20.01 -30.46
N GLU M 7 -30.91 -21.21 -30.55
CA GLU M 7 -32.33 -21.45 -30.25
C GLU M 7 -32.41 -22.34 -29.01
N ALA M 8 -32.53 -21.69 -27.86
CA ALA M 8 -32.62 -22.41 -26.59
C ALA M 8 -33.96 -23.10 -26.47
N GLY M 9 -33.98 -24.17 -25.68
CA GLY M 9 -35.19 -24.94 -25.46
C GLY M 9 -35.00 -26.41 -25.72
N VAL M 10 -35.82 -27.23 -25.05
CA VAL M 10 -35.75 -28.67 -25.24
C VAL M 10 -36.19 -29.01 -26.66
N ARG M 11 -35.43 -29.91 -27.30
CA ARG M 11 -35.70 -30.33 -28.66
C ARG M 11 -35.47 -31.82 -28.75
N PRO M 12 -36.22 -32.52 -29.60
CA PRO M 12 -36.11 -33.99 -29.64
C PRO M 12 -34.71 -34.46 -29.99
N TYR M 13 -34.32 -35.59 -29.39
CA TYR M 13 -33.02 -36.17 -29.66
C TYR M 13 -32.91 -36.65 -31.10
N ARG M 14 -34.03 -36.99 -31.72
CA ARG M 14 -34.06 -37.62 -33.03
C ARG M 14 -33.46 -36.77 -34.15
N GLU M 15 -33.52 -35.44 -34.04
CA GLU M 15 -33.14 -34.58 -35.14
C GLU M 15 -31.64 -34.33 -35.28
N THR M 16 -30.85 -34.62 -34.24
CA THR M 16 -29.41 -34.40 -34.30
C THR M 16 -28.60 -35.56 -33.76
N TYR M 17 -29.22 -36.73 -33.54
CA TYR M 17 -28.47 -37.93 -33.16
C TYR M 17 -28.98 -39.18 -33.85
N TYR M 18 -29.87 -39.06 -34.83
CA TYR M 18 -30.33 -40.20 -35.61
C TYR M 18 -30.07 -39.90 -37.09
N ASP M 19 -28.99 -40.47 -37.63
CA ASP M 19 -28.62 -40.31 -39.03
C ASP M 19 -28.58 -41.71 -39.66
N PRO M 20 -29.68 -42.16 -40.26
CA PRO M 20 -29.69 -43.50 -40.86
C PRO M 20 -28.83 -43.62 -42.10
N ASP M 21 -28.48 -42.50 -42.75
CA ASP M 21 -27.61 -42.54 -43.92
C ASP M 21 -26.13 -42.54 -43.55
N TYR M 22 -25.80 -42.49 -42.26
CA TYR M 22 -24.41 -42.53 -41.82
C TYR M 22 -23.79 -43.88 -42.15
N GLU M 23 -22.49 -43.85 -42.44
CA GLU M 23 -21.72 -45.06 -42.72
C GLU M 23 -20.56 -45.15 -41.75
N PRO M 24 -20.50 -46.17 -40.91
CA PRO M 24 -19.43 -46.25 -39.91
C PRO M 24 -18.05 -46.33 -40.55
N LYS M 25 -17.08 -45.68 -39.91
CA LYS M 25 -15.70 -45.71 -40.36
C LYS M 25 -14.99 -46.92 -39.76
N ASP M 26 -13.68 -47.01 -39.99
CA ASP M 26 -12.86 -48.02 -39.34
C ASP M 26 -12.25 -47.52 -38.04
N THR M 27 -12.45 -46.25 -37.71
CA THR M 27 -11.98 -45.66 -36.46
C THR M 27 -13.15 -45.25 -35.57
N ASP M 28 -14.19 -46.07 -35.54
CA ASP M 28 -15.37 -45.79 -34.75
C ASP M 28 -15.72 -47.00 -33.89
N LEU M 29 -16.29 -46.73 -32.72
CA LEU M 29 -16.85 -47.78 -31.88
C LEU M 29 -18.31 -47.97 -32.23
N LEU M 30 -18.69 -49.20 -32.53
CA LEU M 30 -20.07 -49.52 -32.89
C LEU M 30 -20.69 -50.33 -31.77
N CYS M 31 -21.77 -49.80 -31.19
CA CYS M 31 -22.46 -50.44 -30.08
C CYS M 31 -23.81 -50.96 -30.55
N ALA M 32 -24.21 -52.11 -30.02
CA ALA M 32 -25.50 -52.71 -30.32
C ALA M 32 -26.34 -52.75 -29.04
N PHE M 33 -27.31 -51.86 -28.95
CA PHE M 33 -28.17 -51.75 -27.79
C PHE M 33 -29.54 -52.37 -28.08
N ARG M 34 -30.03 -53.16 -27.13
CA ARG M 34 -31.37 -53.73 -27.20
C ARG M 34 -32.26 -52.85 -26.34
N ILE M 35 -33.05 -52.00 -26.97
CA ILE M 35 -33.78 -50.93 -26.29
C ILE M 35 -35.24 -51.32 -26.14
N THR M 36 -35.80 -51.04 -24.95
CA THR M 36 -37.22 -51.24 -24.67
C THR M 36 -37.78 -49.87 -24.27
N PRO M 37 -38.24 -49.08 -25.23
CA PRO M 37 -38.64 -47.71 -24.93
C PRO M 37 -39.87 -47.67 -24.03
N LYS M 38 -39.98 -46.59 -23.26
CA LYS M 38 -41.18 -46.37 -22.46
C LYS M 38 -42.39 -46.31 -23.37
N PRO M 39 -43.52 -46.93 -22.97
CA PRO M 39 -44.71 -46.93 -23.83
C PRO M 39 -45.11 -45.53 -24.29
N GLY M 40 -45.02 -45.29 -25.60
CA GLY M 40 -45.33 -44.00 -26.16
C GLY M 40 -44.15 -43.41 -26.91
N VAL M 41 -42.94 -43.62 -26.39
CA VAL M 41 -41.72 -43.11 -27.00
C VAL M 41 -41.40 -43.94 -28.24
N PRO M 42 -41.22 -43.33 -29.40
CA PRO M 42 -40.87 -44.09 -30.60
C PRO M 42 -39.49 -44.71 -30.49
N MET M 43 -39.28 -45.78 -31.26
CA MET M 43 -37.99 -46.48 -31.24
C MET M 43 -36.86 -45.57 -31.68
N GLU M 44 -37.12 -44.70 -32.66
CA GLU M 44 -36.08 -43.79 -33.13
C GLU M 44 -35.67 -42.79 -32.05
N GLU M 45 -36.65 -42.26 -31.31
CA GLU M 45 -36.34 -41.28 -30.27
C GLU M 45 -35.55 -41.90 -29.14
N ALA M 46 -35.92 -43.13 -28.73
CA ALA M 46 -35.20 -43.80 -27.65
C ALA M 46 -33.76 -44.10 -28.06
N ALA M 47 -33.55 -44.52 -29.31
CA ALA M 47 -32.20 -44.81 -29.76
C ALA M 47 -31.35 -43.55 -29.84
N ALA M 48 -31.96 -42.41 -30.20
CA ALA M 48 -31.22 -41.16 -30.22
C ALA M 48 -30.88 -40.69 -28.81
N ALA M 49 -31.73 -41.04 -27.84
CA ALA M 49 -31.45 -40.67 -26.45
C ALA M 49 -30.22 -41.38 -25.93
N VAL M 50 -30.08 -42.67 -26.26
CA VAL M 50 -28.92 -43.45 -25.80
C VAL M 50 -27.65 -42.93 -26.45
N ALA M 51 -27.73 -42.50 -27.72
CA ALA M 51 -26.55 -41.99 -28.39
C ALA M 51 -26.17 -40.59 -27.90
N ALA M 52 -27.17 -39.78 -27.53
CA ALA M 52 -26.89 -38.41 -27.13
C ALA M 52 -26.21 -38.33 -25.77
N GLU M 53 -26.66 -39.15 -24.82
CA GLU M 53 -26.21 -39.03 -23.44
C GLU M 53 -25.01 -39.91 -23.12
N SER M 54 -24.59 -40.78 -24.04
CA SER M 54 -23.30 -41.43 -23.96
C SER M 54 -22.26 -40.70 -24.80
N SER M 55 -22.58 -39.47 -25.19
CA SER M 55 -21.77 -38.65 -26.08
C SER M 55 -22.00 -37.19 -25.70
N THR M 56 -21.72 -36.29 -26.60
CA THR M 56 -21.73 -34.84 -26.42
C THR M 56 -23.11 -34.26 -26.07
N GLY M 57 -24.19 -35.00 -25.84
CA GLY M 57 -25.50 -34.40 -25.77
C GLY M 57 -25.95 -33.96 -24.40
N THR M 58 -27.11 -33.29 -24.38
CA THR M 58 -27.73 -32.76 -23.18
C THR M 58 -29.23 -32.76 -23.43
N TRP M 59 -30.02 -32.66 -22.36
CA TRP M 59 -31.47 -32.70 -22.50
C TRP M 59 -32.05 -31.43 -23.11
N THR M 60 -31.30 -30.34 -23.15
CA THR M 60 -31.69 -29.12 -23.84
C THR M 60 -30.52 -28.57 -24.63
N GLU M 61 -30.82 -27.64 -25.52
CA GLU M 61 -29.76 -26.93 -26.24
C GLU M 61 -28.98 -26.05 -25.29
N VAL M 62 -27.66 -26.04 -25.45
CA VAL M 62 -26.77 -25.28 -24.59
C VAL M 62 -26.03 -24.26 -25.45
N TRP M 63 -25.84 -23.05 -24.91
CA TRP M 63 -25.16 -22.00 -25.67
C TRP M 63 -23.76 -22.42 -26.07
N SER M 64 -23.14 -23.33 -25.31
CA SER M 64 -21.77 -23.75 -25.58
C SER M 64 -21.68 -24.81 -26.67
N ASN M 65 -22.82 -25.26 -27.21
CA ASN M 65 -22.78 -26.15 -28.37
C ASN M 65 -22.08 -25.52 -29.55
N LEU M 66 -22.09 -24.19 -29.65
CA LEU M 66 -21.50 -23.46 -30.77
C LEU M 66 -20.03 -23.13 -30.55
N LEU M 67 -19.45 -23.54 -29.43
CA LEU M 67 -18.04 -23.35 -29.17
C LEU M 67 -17.18 -24.45 -29.77
N THR M 68 -17.81 -25.49 -30.31
CA THR M 68 -17.10 -26.57 -31.00
C THR M 68 -17.90 -26.92 -32.25
N ASP M 69 -17.53 -28.03 -32.88
CA ASP M 69 -18.34 -28.61 -33.95
C ASP M 69 -18.94 -29.91 -33.45
N LEU M 70 -20.27 -29.97 -33.44
CA LEU M 70 -20.96 -31.13 -32.90
C LEU M 70 -20.73 -32.37 -33.74
N GLU M 71 -20.57 -32.18 -35.06
CA GLU M 71 -20.52 -33.29 -35.99
C GLU M 71 -19.22 -34.08 -35.94
N ARG M 72 -18.19 -33.56 -35.29
CA ARG M 72 -16.94 -34.29 -35.16
C ARG M 72 -16.88 -35.18 -33.93
N TYR M 73 -17.71 -34.90 -32.92
CA TYR M 73 -17.64 -35.62 -31.67
C TYR M 73 -18.93 -36.30 -31.25
N LYS M 74 -20.07 -36.00 -31.88
CA LYS M 74 -21.32 -36.60 -31.45
C LYS M 74 -21.43 -38.04 -31.92
N ALA M 75 -21.98 -38.89 -31.07
CA ALA M 75 -22.39 -40.22 -31.51
C ALA M 75 -23.73 -40.12 -32.24
N ARG M 76 -24.08 -41.18 -32.96
CA ARG M 76 -25.31 -41.16 -33.75
C ARG M 76 -25.78 -42.56 -34.10
N CYS M 77 -27.07 -42.81 -33.92
CA CYS M 77 -27.66 -44.10 -34.28
C CYS M 77 -27.78 -44.19 -35.80
N TYR M 78 -26.92 -45.00 -36.42
CA TYR M 78 -26.87 -45.10 -37.87
C TYR M 78 -27.72 -46.23 -38.43
N ARG M 79 -28.36 -47.04 -37.58
CA ARG M 79 -29.17 -48.15 -38.06
C ARG M 79 -29.99 -48.71 -36.90
N ILE M 80 -31.24 -49.07 -37.20
CA ILE M 80 -32.12 -49.73 -36.26
C ILE M 80 -32.65 -51.00 -36.93
N GLU M 81 -32.55 -52.12 -36.22
CA GLU M 81 -32.94 -53.42 -36.74
C GLU M 81 -34.28 -53.87 -36.17
N GLY M 82 -35.20 -52.95 -35.96
CA GLY M 82 -36.48 -53.26 -35.35
C GLY M 82 -36.48 -53.15 -33.85
N ASP M 83 -35.52 -53.82 -33.20
CA ASP M 83 -35.36 -53.73 -31.76
C ASP M 83 -33.96 -53.37 -31.31
N VAL M 84 -32.93 -53.65 -32.11
CA VAL M 84 -31.55 -53.35 -31.78
C VAL M 84 -31.14 -52.06 -32.49
N ALA M 85 -30.53 -51.14 -31.75
CA ALA M 85 -30.07 -49.87 -32.29
C ALA M 85 -28.55 -49.88 -32.36
N TYR M 86 -28.01 -49.55 -33.52
CA TYR M 86 -26.57 -49.45 -33.71
C TYR M 86 -26.14 -48.00 -33.57
N ILE M 87 -25.08 -47.77 -32.80
CA ILE M 87 -24.59 -46.43 -32.51
C ILE M 87 -23.08 -46.40 -32.77
N ALA M 88 -22.63 -45.34 -33.42
CA ALA M 88 -21.23 -45.19 -33.81
C ALA M 88 -20.61 -44.05 -33.02
N TYR M 89 -19.59 -44.36 -32.21
CA TYR M 89 -18.89 -43.38 -31.39
C TYR M 89 -17.58 -42.99 -32.06
N PRO M 90 -17.31 -41.69 -32.25
CA PRO M 90 -16.02 -41.28 -32.80
C PRO M 90 -14.85 -41.79 -31.97
N LEU M 91 -13.65 -41.79 -32.56
CA LEU M 91 -12.47 -42.26 -31.85
C LEU M 91 -11.90 -41.21 -30.90
N ASP M 92 -12.30 -39.95 -31.04
CA ASP M 92 -11.79 -38.88 -30.20
C ASP M 92 -12.55 -38.73 -28.89
N LEU M 93 -13.61 -39.52 -28.69
CA LEU M 93 -14.39 -39.46 -27.46
C LEU M 93 -13.78 -40.28 -26.34
N PHE M 94 -12.70 -41.02 -26.59
CA PHE M 94 -12.20 -42.00 -25.65
C PHE M 94 -10.72 -41.74 -25.36
N GLU M 95 -10.31 -42.11 -24.15
CA GLU M 95 -8.93 -41.95 -23.72
C GLU M 95 -8.12 -43.17 -24.11
N GLU M 96 -6.87 -42.94 -24.48
CA GLU M 96 -6.02 -44.00 -25.00
C GLU M 96 -5.72 -45.02 -23.91
N GLY M 97 -6.10 -46.27 -24.15
CA GLY M 97 -5.80 -47.35 -23.24
C GLY M 97 -6.44 -47.23 -21.87
N SER M 98 -7.73 -46.90 -21.83
CA SER M 98 -8.48 -46.77 -20.58
C SER M 98 -9.84 -47.42 -20.76
N ILE M 99 -10.00 -48.63 -20.22
CA ILE M 99 -11.30 -49.28 -20.20
C ILE M 99 -12.26 -48.54 -19.28
N VAL M 100 -11.74 -47.83 -18.28
CA VAL M 100 -12.59 -47.06 -17.38
C VAL M 100 -13.36 -45.99 -18.17
N ASN M 101 -12.70 -45.37 -19.15
CA ASN M 101 -13.35 -44.30 -19.90
C ASN M 101 -14.34 -44.86 -20.91
N ILE M 102 -14.02 -45.99 -21.54
CA ILE M 102 -14.89 -46.57 -22.54
C ILE M 102 -16.20 -47.04 -21.92
N MET M 103 -16.22 -47.19 -20.59
CA MET M 103 -17.40 -47.63 -19.87
C MET M 103 -18.02 -46.53 -19.01
N SER M 104 -17.27 -45.47 -18.70
CA SER M 104 -17.88 -44.28 -18.14
C SER M 104 -18.69 -43.54 -19.21
N SER M 105 -18.22 -43.60 -20.46
CA SER M 105 -18.95 -42.96 -21.56
C SER M 105 -20.19 -43.75 -21.93
N ILE M 106 -20.00 -45.00 -22.34
CA ILE M 106 -21.08 -45.75 -22.99
C ILE M 106 -22.10 -46.23 -21.97
N VAL M 107 -21.67 -47.06 -21.03
CA VAL M 107 -22.60 -47.68 -20.09
C VAL M 107 -22.66 -46.88 -18.79
N GLY M 108 -22.12 -45.66 -18.82
CA GLY M 108 -22.05 -44.87 -17.61
C GLY M 108 -23.41 -44.35 -17.16
N ASN M 109 -24.20 -43.81 -18.09
CA ASN M 109 -25.30 -42.94 -17.71
C ASN M 109 -26.62 -43.20 -18.43
N VAL M 110 -26.65 -44.08 -19.43
CA VAL M 110 -27.82 -44.19 -20.31
C VAL M 110 -28.77 -45.31 -19.90
N PHE M 111 -28.51 -45.98 -18.77
CA PHE M 111 -29.37 -47.08 -18.34
C PHE M 111 -30.47 -46.66 -17.39
N GLY M 112 -30.31 -45.54 -16.70
CA GLY M 112 -31.29 -45.12 -15.71
C GLY M 112 -32.30 -44.11 -16.23
N PHE M 113 -32.41 -44.01 -17.55
CA PHE M 113 -33.30 -43.02 -18.14
C PHE M 113 -34.76 -43.42 -18.00
N LYS M 114 -35.61 -42.40 -17.84
CA LYS M 114 -37.04 -42.64 -17.73
C LYS M 114 -37.66 -43.00 -19.07
N ALA M 115 -37.09 -42.50 -20.17
CA ALA M 115 -37.63 -42.80 -21.49
C ALA M 115 -37.30 -44.21 -21.96
N VAL M 116 -36.26 -44.83 -21.40
CA VAL M 116 -35.84 -46.16 -21.79
C VAL M 116 -36.05 -47.08 -20.59
N GLN M 117 -36.99 -48.02 -20.71
CA GLN M 117 -37.28 -48.92 -19.60
C GLN M 117 -36.14 -49.92 -19.40
N ALA M 118 -35.68 -50.55 -20.47
CA ALA M 118 -34.63 -51.54 -20.40
C ALA M 118 -33.62 -51.29 -21.52
N LEU M 119 -32.37 -51.69 -21.28
CA LEU M 119 -31.30 -51.39 -22.21
C LEU M 119 -30.16 -52.37 -21.97
N ARG M 120 -29.82 -53.16 -22.99
CA ARG M 120 -28.74 -54.12 -22.91
C ARG M 120 -27.72 -53.83 -24.01
N LEU M 121 -26.44 -53.73 -23.61
CA LEU M 121 -25.35 -53.59 -24.57
C LEU M 121 -25.01 -54.99 -25.08
N GLU M 122 -25.63 -55.35 -26.22
CA GLU M 122 -25.46 -56.70 -26.75
C GLU M 122 -24.03 -56.95 -27.22
N ASP M 123 -23.43 -55.99 -27.91
CA ASP M 123 -22.11 -56.19 -28.49
C ASP M 123 -21.45 -54.83 -28.66
N MET M 124 -20.18 -54.86 -29.07
CA MET M 124 -19.42 -53.63 -29.26
C MET M 124 -18.19 -53.93 -30.11
N ARG M 125 -17.96 -53.10 -31.12
CA ARG M 125 -16.83 -53.25 -32.03
C ARG M 125 -15.73 -52.28 -31.64
N ILE M 126 -14.57 -52.81 -31.26
CA ILE M 126 -13.40 -52.01 -30.91
C ILE M 126 -12.58 -51.81 -32.17
N PRO M 127 -12.35 -50.57 -32.62
CA PRO M 127 -11.50 -50.36 -33.78
C PRO M 127 -10.06 -50.71 -33.48
N VAL M 128 -9.31 -51.07 -34.53
CA VAL M 128 -7.90 -51.39 -34.39
C VAL M 128 -7.14 -50.21 -33.82
N ALA M 129 -7.47 -48.98 -34.24
CA ALA M 129 -6.75 -47.81 -33.79
C ALA M 129 -6.84 -47.64 -32.29
N TYR M 130 -8.03 -47.82 -31.72
CA TYR M 130 -8.18 -47.78 -30.27
C TYR M 130 -7.58 -49.02 -29.61
N LEU M 131 -7.72 -50.17 -30.26
CA LEU M 131 -7.30 -51.43 -29.66
C LEU M 131 -5.77 -51.52 -29.58
N LYS M 132 -5.07 -50.84 -30.48
CA LYS M 132 -3.61 -50.90 -30.51
C LYS M 132 -2.97 -50.25 -29.28
N THR M 133 -3.71 -49.46 -28.52
CA THR M 133 -3.18 -48.82 -27.33
C THR M 133 -3.23 -49.71 -26.09
N PHE M 134 -3.81 -50.89 -26.20
CA PHE M 134 -3.95 -51.79 -25.07
C PHE M 134 -2.86 -52.86 -25.10
N PRO M 135 -2.42 -53.34 -23.94
CA PRO M 135 -1.31 -54.30 -23.92
C PRO M 135 -1.74 -55.74 -24.16
N GLY M 136 -2.99 -56.06 -23.86
CA GLY M 136 -3.47 -57.40 -23.99
C GLY M 136 -2.99 -58.29 -22.86
N PRO M 137 -3.24 -59.59 -22.97
CA PRO M 137 -2.85 -60.53 -21.91
C PRO M 137 -1.35 -60.53 -21.71
N PRO M 138 -0.90 -60.68 -20.46
CA PRO M 138 0.55 -60.67 -20.21
C PRO M 138 1.28 -61.89 -20.73
N THR M 139 0.65 -63.07 -20.72
CA THR M 139 1.31 -64.31 -21.10
C THR M 139 0.70 -64.93 -22.35
N GLY M 140 -0.61 -65.16 -22.37
CA GLY M 140 -1.25 -65.79 -23.51
C GLY M 140 -1.26 -67.31 -23.40
N ILE M 141 -2.00 -67.94 -24.32
CA ILE M 141 -2.18 -69.38 -24.27
C ILE M 141 -0.87 -70.11 -24.57
N GLN M 142 -0.20 -69.71 -25.65
CA GLN M 142 0.97 -70.46 -26.10
C GLN M 142 2.13 -70.35 -25.11
N VAL M 143 2.36 -69.14 -24.58
CA VAL M 143 3.46 -68.95 -23.63
C VAL M 143 3.16 -69.68 -22.33
N GLU M 144 1.89 -69.70 -21.92
CA GLU M 144 1.51 -70.37 -20.68
C GLU M 144 1.72 -71.89 -20.77
N ARG M 145 1.35 -72.49 -21.90
CA ARG M 145 1.54 -73.93 -22.06
C ARG M 145 3.01 -74.29 -22.01
N ASP M 146 3.87 -73.49 -22.66
CA ASP M 146 5.31 -73.73 -22.58
C ASP M 146 5.82 -73.59 -21.16
N ARG M 147 5.35 -72.58 -20.44
CA ARG M 147 5.82 -72.36 -19.07
C ARG M 147 5.31 -73.44 -18.13
N LEU M 148 4.23 -74.12 -18.49
CA LEU M 148 3.72 -75.24 -17.72
C LEU M 148 4.24 -76.58 -18.20
N ASN M 149 4.74 -76.65 -19.43
CA ASN M 149 5.21 -77.88 -20.05
C ASN M 149 4.06 -78.89 -20.18
N LYS M 150 2.88 -78.41 -20.53
CA LYS M 150 1.71 -79.24 -20.75
C LYS M 150 1.10 -78.91 -22.10
N TYR M 151 0.89 -79.93 -22.92
CA TYR M 151 0.43 -79.71 -24.29
C TYR M 151 -0.65 -80.73 -24.66
N GLY M 152 -1.48 -80.35 -25.62
CA GLY M 152 -2.39 -81.28 -26.26
C GLY M 152 -3.47 -81.87 -25.37
N ARG M 153 -4.02 -81.05 -24.47
CA ARG M 153 -5.14 -81.48 -23.63
C ARG M 153 -5.68 -80.27 -22.86
N PRO M 154 -6.96 -80.27 -22.49
CA PRO M 154 -7.47 -79.22 -21.61
C PRO M 154 -6.82 -79.31 -20.24
N LEU M 155 -6.28 -78.18 -19.78
CA LEU M 155 -5.68 -78.13 -18.46
C LEU M 155 -6.77 -78.26 -17.39
N LEU M 156 -6.41 -78.86 -16.27
CA LEU M 156 -7.36 -79.17 -15.21
C LEU M 156 -7.17 -78.23 -14.03
N GLY M 157 -8.24 -78.11 -13.24
CA GLY M 157 -8.21 -77.25 -12.07
C GLY M 157 -9.30 -77.65 -11.10
N GLY M 158 -9.20 -77.10 -9.89
CA GLY M 158 -10.20 -77.35 -8.87
C GLY M 158 -10.22 -76.31 -7.78
N THR M 159 -11.40 -75.74 -7.52
CA THR M 159 -11.55 -74.78 -6.43
C THR M 159 -11.59 -75.52 -5.10
N ILE M 160 -10.85 -75.03 -4.13
CA ILE M 160 -10.73 -75.71 -2.84
C ILE M 160 -11.98 -75.43 -2.02
N LYS M 161 -12.66 -76.48 -1.58
CA LYS M 161 -13.89 -76.39 -0.83
C LYS M 161 -13.71 -76.97 0.57
N PRO M 162 -14.40 -76.43 1.59
CA PRO M 162 -15.41 -75.37 1.50
C PRO M 162 -14.84 -73.99 1.19
N LYS M 163 -15.69 -73.09 0.71
CA LYS M 163 -15.21 -71.78 0.28
C LYS M 163 -14.53 -71.03 1.41
N LEU M 164 -15.12 -71.06 2.60
CA LEU M 164 -14.57 -70.38 3.77
C LEU M 164 -14.62 -71.30 4.97
N GLY M 165 -13.58 -71.26 5.78
CA GLY M 165 -13.58 -71.99 7.04
C GLY M 165 -12.31 -72.74 7.35
N LEU M 166 -11.64 -73.25 6.32
CA LEU M 166 -10.42 -74.02 6.53
C LEU M 166 -9.30 -73.12 7.01
N SER M 167 -8.54 -73.62 7.98
CA SER M 167 -7.34 -72.92 8.43
C SER M 167 -6.21 -73.12 7.42
N ALA M 168 -5.15 -72.32 7.58
CA ALA M 168 -4.05 -72.35 6.63
C ALA M 168 -3.39 -73.72 6.55
N LYS M 169 -3.35 -74.45 7.67
CA LYS M 169 -2.75 -75.78 7.65
C LYS M 169 -3.66 -76.78 6.94
N GLU M 170 -4.96 -76.74 7.22
CA GLU M 170 -5.88 -77.66 6.57
C GLU M 170 -6.10 -77.27 5.12
N TYR M 171 -5.99 -75.98 4.80
CA TYR M 171 -6.13 -75.55 3.41
C TYR M 171 -5.04 -76.16 2.54
N ALA M 172 -3.79 -76.12 3.00
CA ALA M 172 -2.70 -76.69 2.23
C ALA M 172 -2.76 -78.21 2.18
N ARG M 173 -3.50 -78.83 3.10
CA ARG M 173 -3.66 -80.27 3.06
C ARG M 173 -4.61 -80.68 1.94
N VAL M 174 -5.67 -79.92 1.73
CA VAL M 174 -6.59 -80.19 0.62
C VAL M 174 -5.91 -79.88 -0.71
N VAL M 175 -5.12 -78.82 -0.76
CA VAL M 175 -4.39 -78.47 -1.98
C VAL M 175 -3.42 -79.58 -2.35
N TYR M 176 -2.69 -80.11 -1.36
CA TYR M 176 -1.71 -81.15 -1.64
C TYR M 176 -2.39 -82.42 -2.15
N GLU M 177 -3.55 -82.77 -1.60
CA GLU M 177 -4.24 -83.98 -2.05
C GLU M 177 -4.72 -83.83 -3.48
N CYS M 178 -5.20 -82.64 -3.85
CA CYS M 178 -5.70 -82.43 -5.20
C CYS M 178 -4.55 -82.44 -6.21
N LEU M 179 -3.47 -81.72 -5.92
CA LEU M 179 -2.34 -81.67 -6.84
C LEU M 179 -1.68 -83.03 -6.99
N ARG M 180 -1.39 -83.70 -5.87
CA ARG M 180 -0.79 -85.02 -5.92
C ARG M 180 -1.68 -86.03 -6.63
N GLY M 181 -2.98 -85.79 -6.66
CA GLY M 181 -3.91 -86.69 -7.33
C GLY M 181 -4.00 -86.54 -8.84
N GLY M 182 -3.44 -85.48 -9.40
CA GLY M 182 -3.45 -85.33 -10.85
C GLY M 182 -3.75 -83.93 -11.35
N LEU M 183 -4.50 -83.15 -10.57
CA LEU M 183 -4.89 -81.82 -11.02
C LEU M 183 -3.66 -80.95 -11.26
N ASP M 184 -3.69 -80.18 -12.35
CA ASP M 184 -2.57 -79.33 -12.70
C ASP M 184 -2.50 -78.07 -11.84
N THR M 185 -3.62 -77.60 -11.32
CA THR M 185 -3.67 -76.37 -10.55
C THR M 185 -4.91 -76.37 -9.68
N THR M 186 -4.79 -75.80 -8.49
CA THR M 186 -5.95 -75.49 -7.67
C THR M 186 -6.02 -73.98 -7.52
N KCX M 187 -7.08 -73.46 -6.90
CA KCX M 187 -7.22 -72.02 -6.79
CB KCX M 187 -8.04 -71.44 -7.93
CG KCX M 187 -9.39 -72.10 -7.98
CD KCX M 187 -10.19 -71.60 -9.16
CE KCX M 187 -10.43 -70.11 -9.04
NZ KCX M 187 -11.53 -69.85 -8.15
C KCX M 187 -7.86 -71.58 -5.48
O KCX M 187 -8.70 -72.39 -4.96
CX KCX M 187 -12.88 -70.03 -8.51
OQ1 KCX M 187 -13.66 -69.50 -7.64
OQ2 KCX M 187 -13.19 -70.61 -9.52
N ASP M 188 -7.49 -70.41 -4.95
CA ASP M 188 -8.23 -69.81 -3.85
C ASP M 188 -9.59 -69.42 -4.37
N ASP M 189 -10.64 -69.72 -3.61
CA ASP M 189 -11.97 -69.39 -4.08
C ASP M 189 -12.15 -67.87 -4.02
N GLU M 190 -13.13 -67.36 -4.76
CA GLU M 190 -13.11 -65.94 -5.10
C GLU M 190 -13.24 -65.05 -3.87
N ASN M 191 -14.02 -65.49 -2.88
CA ASN M 191 -14.27 -64.64 -1.71
C ASN M 191 -13.22 -64.79 -0.61
N LEU M 192 -12.38 -65.82 -0.68
CA LEU M 192 -11.36 -66.06 0.34
C LEU M 192 -10.17 -65.16 0.08
N ASN M 193 -10.20 -63.94 0.62
CA ASN M 193 -9.07 -63.04 0.42
C ASN M 193 -8.10 -63.05 1.60
N SER M 194 -8.53 -62.55 2.75
CA SER M 194 -7.65 -62.42 3.91
C SER M 194 -8.43 -62.69 5.21
N GLN M 195 -9.22 -63.77 5.22
CA GLN M 195 -10.15 -64.00 6.31
C GLN M 195 -9.42 -64.19 7.63
N PRO M 196 -10.07 -63.87 8.75
CA PRO M 196 -9.45 -64.10 10.06
C PRO M 196 -9.08 -65.56 10.31
N PHE M 197 -9.91 -66.49 9.86
CA PHE M 197 -9.57 -67.90 10.00
C PHE M 197 -8.51 -68.34 9.01
N ASN M 198 -8.36 -67.65 7.89
CA ASN M 198 -7.30 -67.96 6.92
C ASN M 198 -6.73 -66.62 6.44
N ARG M 199 -5.76 -66.11 7.19
CA ARG M 199 -5.03 -64.91 6.78
C ARG M 199 -4.22 -65.18 5.52
N TRP M 200 -4.05 -64.14 4.71
CA TRP M 200 -3.40 -64.31 3.41
C TRP M 200 -1.91 -64.62 3.57
N ARG M 201 -1.24 -63.92 4.49
CA ARG M 201 0.19 -64.15 4.67
C ARG M 201 0.51 -65.55 5.14
N ASP M 202 -0.44 -66.24 5.75
CA ASP M 202 -0.23 -67.63 6.16
C ASP M 202 -0.75 -68.61 5.12
N ARG M 203 -1.82 -68.26 4.41
CA ARG M 203 -2.33 -69.15 3.37
C ARG M 203 -1.33 -69.28 2.22
N PHE M 204 -0.70 -68.16 1.84
CA PHE M 204 0.24 -68.19 0.72
C PHE M 204 1.43 -69.09 1.03
N LEU M 205 1.93 -69.06 2.26
CA LEU M 205 3.16 -69.77 2.58
C LEU M 205 2.93 -71.27 2.71
N TYR M 206 1.77 -71.67 3.20
CA TYR M 206 1.49 -73.09 3.35
C TYR M 206 1.25 -73.78 2.01
N VAL M 207 0.47 -73.14 1.12
CA VAL M 207 0.13 -73.79 -0.13
C VAL M 207 1.35 -73.96 -1.04
N MET M 208 2.29 -73.01 -1.02
CA MET M 208 3.49 -73.19 -1.83
C MET M 208 4.43 -74.22 -1.24
N GLU M 209 4.28 -74.53 0.04
CA GLU M 209 4.88 -75.75 0.56
C GLU M 209 4.12 -76.98 0.06
N ALA M 210 2.81 -76.85 -0.10
CA ALA M 210 2.02 -77.94 -0.67
C ALA M 210 2.26 -78.06 -2.17
N VAL M 211 2.33 -76.93 -2.87
CA VAL M 211 2.51 -76.96 -4.32
C VAL M 211 3.86 -77.56 -4.68
N ARG M 212 4.93 -77.09 -4.05
CA ARG M 212 6.26 -77.57 -4.38
C ARG M 212 6.56 -78.95 -3.80
N LYS M 213 5.69 -79.48 -2.94
CA LYS M 213 5.82 -80.85 -2.50
C LYS M 213 5.17 -81.81 -3.51
N ALA M 214 3.98 -81.45 -3.99
CA ALA M 214 3.33 -82.27 -5.02
C ALA M 214 4.05 -82.12 -6.35
N GLU M 215 4.67 -80.95 -6.59
CA GLU M 215 5.46 -80.78 -7.79
C GLU M 215 6.68 -81.68 -7.79
N ALA M 216 7.26 -81.91 -6.61
CA ALA M 216 8.44 -82.76 -6.52
C ALA M 216 8.09 -84.23 -6.71
N GLU M 217 6.91 -84.64 -6.25
CA GLU M 217 6.55 -86.05 -6.28
C GLU M 217 5.96 -86.46 -7.64
N THR M 218 4.94 -85.73 -8.11
CA THR M 218 4.30 -86.08 -9.37
C THR M 218 5.22 -85.85 -10.56
N GLY M 219 6.25 -85.01 -10.42
CA GLY M 219 7.14 -84.68 -11.51
C GLY M 219 6.64 -83.55 -12.39
N GLU M 220 5.33 -83.39 -12.51
CA GLU M 220 4.75 -82.32 -13.32
C GLU M 220 4.97 -80.97 -12.63
N ARG M 221 4.59 -79.91 -13.34
CA ARG M 221 4.69 -78.55 -12.83
C ARG M 221 3.31 -78.10 -12.37
N LYS M 222 3.11 -78.08 -11.05
CA LYS M 222 1.83 -77.67 -10.48
C LYS M 222 1.84 -76.18 -10.16
N GLY M 223 0.67 -75.66 -9.84
CA GLY M 223 0.52 -74.26 -9.49
C GLY M 223 -0.68 -74.08 -8.58
N HIS M 224 -0.92 -72.82 -8.21
CA HIS M 224 -2.06 -72.49 -7.38
C HIS M 224 -2.38 -71.01 -7.55
N TRP M 225 -3.63 -70.72 -7.92
CA TRP M 225 -4.07 -69.36 -8.22
C TRP M 225 -4.37 -68.65 -6.91
N LEU M 226 -3.36 -68.02 -6.34
CA LEU M 226 -3.54 -67.29 -5.09
C LEU M 226 -4.40 -66.05 -5.32
N ASN M 227 -5.33 -65.81 -4.40
CA ASN M 227 -6.24 -64.68 -4.49
C ASN M 227 -5.59 -63.47 -3.82
N VAL M 228 -5.08 -62.55 -4.62
CA VAL M 228 -4.46 -61.33 -4.12
C VAL M 228 -5.46 -60.18 -4.09
N THR M 229 -6.73 -60.44 -4.36
CA THR M 229 -7.75 -59.41 -4.26
C THR M 229 -7.82 -58.88 -2.83
N ALA M 230 -7.88 -57.56 -2.71
CA ALA M 230 -7.88 -56.91 -1.41
C ALA M 230 -8.75 -55.67 -1.49
N GLY M 231 -8.79 -54.94 -0.38
CA GLY M 231 -9.59 -53.73 -0.32
C GLY M 231 -8.95 -52.49 -0.90
N SER M 232 -7.73 -52.61 -1.43
CA SER M 232 -7.09 -51.45 -2.04
C SER M 232 -6.03 -51.94 -3.02
N THR M 233 -5.68 -51.05 -3.95
CA THR M 233 -4.69 -51.39 -4.97
C THR M 233 -3.33 -51.62 -4.34
N GLU M 234 -2.96 -50.80 -3.35
CA GLU M 234 -1.67 -50.98 -2.68
C GLU M 234 -1.60 -52.34 -1.99
N GLU M 235 -2.68 -52.74 -1.32
CA GLU M 235 -2.68 -54.04 -0.66
C GLU M 235 -2.63 -55.18 -1.66
N MET M 236 -3.34 -55.04 -2.78
CA MET M 236 -3.25 -56.06 -3.84
C MET M 236 -1.82 -56.17 -4.37
N LEU M 237 -1.18 -55.03 -4.61
CA LEU M 237 0.20 -55.07 -5.13
C LEU M 237 1.15 -55.68 -4.10
N LYS M 238 0.91 -55.40 -2.82
CA LYS M 238 1.78 -55.98 -1.79
C LYS M 238 1.58 -57.48 -1.70
N ARG M 239 0.34 -57.95 -1.82
CA ARG M 239 0.09 -59.39 -1.80
C ARG M 239 0.62 -60.06 -3.06
N ALA M 240 0.55 -59.37 -4.20
CA ALA M 240 1.09 -59.93 -5.43
C ALA M 240 2.59 -60.10 -5.36
N GLU M 241 3.29 -59.13 -4.76
CA GLU M 241 4.74 -59.24 -4.62
C GLU M 241 5.12 -60.41 -3.72
N PHE M 242 4.38 -60.62 -2.63
CA PHE M 242 4.67 -61.75 -1.75
C PHE M 242 4.46 -63.08 -2.47
N ALA M 243 3.40 -63.18 -3.27
CA ALA M 243 3.15 -64.39 -4.04
C ALA M 243 4.27 -64.66 -5.03
N ALA M 244 4.97 -63.61 -5.48
CA ALA M 244 6.03 -63.79 -6.45
C ALA M 244 7.28 -64.40 -5.82
N GLU M 245 7.77 -63.78 -4.75
CA GLU M 245 9.02 -64.24 -4.14
C GLU M 245 8.87 -65.62 -3.52
N LEU M 246 7.65 -66.02 -3.16
CA LEU M 246 7.42 -67.39 -2.70
C LEU M 246 7.70 -68.40 -3.79
N GLY M 247 7.57 -68.00 -5.06
CA GLY M 247 7.78 -68.88 -6.17
C GLY M 247 6.53 -69.23 -6.95
N SER M 248 5.40 -68.57 -6.69
CA SER M 248 4.17 -68.87 -7.38
C SER M 248 4.26 -68.47 -8.85
N ARG M 249 3.64 -69.26 -9.71
CA ARG M 249 3.52 -68.88 -11.12
C ARG M 249 2.29 -68.03 -11.37
N TYR M 250 1.32 -68.03 -10.46
CA TYR M 250 0.03 -67.39 -10.68
C TYR M 250 -0.33 -66.47 -9.54
N ILE M 251 -1.23 -65.54 -9.85
CA ILE M 251 -2.04 -64.83 -8.88
C ILE M 251 -3.48 -64.84 -9.40
N MET M 252 -4.39 -64.22 -8.65
CA MET M 252 -5.79 -64.26 -9.02
C MET M 252 -6.50 -63.03 -8.47
N VAL M 253 -7.11 -62.26 -9.36
CA VAL M 253 -7.84 -61.05 -8.99
C VAL M 253 -9.25 -61.14 -9.54
N ASP M 254 -10.24 -60.81 -8.71
CA ASP M 254 -11.61 -60.66 -9.17
C ASP M 254 -11.71 -59.33 -9.90
N PHE M 255 -11.63 -59.36 -11.22
CA PHE M 255 -11.48 -58.15 -12.02
C PHE M 255 -12.74 -57.28 -12.03
N LEU M 256 -13.87 -57.79 -11.53
CA LEU M 256 -15.10 -57.03 -11.51
C LEU M 256 -15.39 -56.40 -10.15
N THR M 257 -15.30 -57.19 -9.07
CA THR M 257 -15.44 -56.61 -7.74
C THR M 257 -14.29 -55.65 -7.46
N ALA M 258 -13.07 -56.02 -7.84
CA ALA M 258 -11.93 -55.11 -7.71
C ALA M 258 -12.11 -53.87 -8.57
N GLY M 259 -12.60 -54.04 -9.78
CA GLY M 259 -12.73 -52.98 -10.76
C GLY M 259 -11.73 -53.15 -11.87
N PHE M 260 -11.76 -52.23 -12.83
CA PHE M 260 -10.83 -52.26 -13.94
C PHE M 260 -9.58 -51.44 -13.72
N ALA M 261 -9.64 -50.37 -12.93
CA ALA M 261 -8.43 -49.61 -12.63
C ALA M 261 -7.46 -50.42 -11.77
N ALA M 262 -7.97 -51.02 -10.69
CA ALA M 262 -7.14 -51.90 -9.87
C ALA M 262 -6.68 -53.10 -10.67
N PHE M 263 -7.54 -53.60 -11.57
CA PHE M 263 -7.15 -54.71 -12.43
C PHE M 263 -5.98 -54.33 -13.33
N ALA M 264 -6.02 -53.11 -13.90
CA ALA M 264 -4.94 -52.67 -14.77
C ALA M 264 -3.66 -52.42 -13.98
N SER M 265 -3.79 -51.97 -12.73
CA SER M 265 -2.61 -51.75 -11.90
C SER M 265 -1.97 -53.09 -11.51
N VAL M 266 -2.77 -54.08 -11.15
CA VAL M 266 -2.23 -55.39 -10.81
C VAL M 266 -1.66 -56.08 -12.03
N ARG M 267 -2.31 -55.93 -13.19
CA ARG M 267 -1.80 -56.54 -14.41
C ARG M 267 -0.41 -56.01 -14.77
N ARG M 268 -0.21 -54.70 -14.62
CA ARG M 268 1.11 -54.13 -14.87
C ARG M 268 2.14 -54.70 -13.92
N ARG M 269 1.76 -54.89 -12.65
CA ARG M 269 2.68 -55.51 -11.70
C ARG M 269 2.91 -56.98 -12.02
N ALA M 270 1.87 -57.67 -12.49
CA ALA M 270 2.02 -59.08 -12.86
C ALA M 270 2.95 -59.23 -14.05
N GLU M 271 2.93 -58.26 -14.97
CA GLU M 271 3.87 -58.28 -16.09
C GLU M 271 5.31 -58.18 -15.59
N GLU M 272 5.56 -57.31 -14.61
CA GLU M 272 6.92 -57.08 -14.15
C GLU M 272 7.45 -58.25 -13.34
N LEU M 273 6.64 -58.78 -12.43
CA LEU M 273 7.07 -59.86 -11.56
C LEU M 273 7.15 -61.21 -12.27
N GLY M 274 6.59 -61.32 -13.47
CA GLY M 274 6.55 -62.59 -14.16
C GLY M 274 5.41 -63.50 -13.75
N LEU M 275 4.44 -62.99 -13.00
CA LEU M 275 3.30 -63.79 -12.59
C LEU M 275 2.29 -63.91 -13.71
N MET M 276 1.40 -64.88 -13.56
CA MET M 276 0.43 -65.25 -14.59
C MET M 276 -0.96 -65.02 -14.02
N LEU M 277 -1.68 -64.05 -14.60
CA LEU M 277 -2.85 -63.47 -13.96
C LEU M 277 -4.10 -64.25 -14.35
N HIS M 278 -4.69 -64.93 -13.38
CA HIS M 278 -6.04 -65.47 -13.54
C HIS M 278 -7.05 -64.43 -13.10
N CYS M 279 -8.17 -64.36 -13.82
CA CYS M 279 -9.19 -63.36 -13.57
C CYS M 279 -10.52 -64.03 -13.28
N HIS M 280 -11.14 -63.65 -12.16
CA HIS M 280 -12.45 -64.16 -11.79
C HIS M 280 -13.51 -63.12 -12.11
N ARG M 281 -14.64 -63.58 -12.64
CA ARG M 281 -15.71 -62.71 -13.10
C ARG M 281 -16.82 -62.59 -12.08
N ALA M 282 -16.48 -62.52 -10.79
CA ALA M 282 -17.48 -62.38 -9.75
C ALA M 282 -18.42 -61.23 -10.05
N MET M 283 -19.66 -61.37 -9.58
CA MET M 283 -20.77 -60.43 -9.81
C MET M 283 -20.88 -59.99 -11.26
N HIS M 284 -20.48 -60.85 -12.20
CA HIS M 284 -20.81 -60.62 -13.60
C HIS M 284 -22.29 -60.86 -13.88
N ALA M 285 -22.93 -61.71 -13.09
CA ALA M 285 -24.34 -62.01 -13.24
C ALA M 285 -25.22 -60.78 -13.07
N VAL M 286 -24.92 -59.93 -12.08
CA VAL M 286 -25.68 -58.71 -11.85
C VAL M 286 -25.80 -57.89 -13.12
N PHE M 287 -24.78 -57.91 -13.99
CA PHE M 287 -24.88 -57.29 -15.31
C PHE M 287 -25.54 -58.18 -16.35
N ASP M 288 -25.06 -59.41 -16.56
CA ASP M 288 -25.38 -60.13 -17.77
C ASP M 288 -26.50 -61.16 -17.64
N ARG M 289 -27.16 -61.28 -16.50
CA ARG M 289 -28.11 -62.38 -16.34
C ARG M 289 -29.40 -62.13 -17.11
N GLN M 290 -30.11 -61.06 -16.76
CA GLN M 290 -31.39 -60.80 -17.41
C GLN M 290 -31.18 -60.40 -18.86
N PRO M 291 -31.97 -60.94 -19.78
CA PRO M 291 -31.69 -60.72 -21.21
C PRO M 291 -32.30 -59.43 -21.75
N ASN M 292 -32.73 -58.53 -20.87
CA ASN M 292 -33.29 -57.25 -21.31
C ASN M 292 -32.61 -56.05 -20.71
N HIS M 293 -31.82 -56.19 -19.64
CA HIS M 293 -31.13 -55.07 -19.03
C HIS M 293 -29.76 -55.51 -18.57
N GLY M 294 -28.77 -54.63 -18.77
CA GLY M 294 -27.43 -54.85 -18.29
C GLY M 294 -26.41 -54.81 -19.42
N ILE M 295 -25.34 -55.57 -19.24
CA ILE M 295 -24.26 -55.70 -20.22
C ILE M 295 -24.04 -57.17 -20.47
N HIS M 296 -24.08 -57.59 -21.74
CA HIS M 296 -23.78 -58.98 -22.06
C HIS M 296 -22.33 -59.28 -21.72
N PHE M 297 -22.06 -60.53 -21.35
CA PHE M 297 -20.73 -60.88 -20.88
C PHE M 297 -19.68 -60.75 -21.98
N ARG M 298 -20.06 -60.98 -23.25
CA ARG M 298 -19.10 -60.88 -24.34
C ARG M 298 -18.51 -59.48 -24.43
N VAL M 299 -19.26 -58.46 -24.00
CA VAL M 299 -18.71 -57.11 -23.93
C VAL M 299 -17.69 -57.02 -22.81
N LEU M 300 -17.98 -57.68 -21.68
CA LEU M 300 -17.00 -57.72 -20.59
C LEU M 300 -15.82 -58.61 -20.95
N ALA M 301 -16.06 -59.64 -21.76
CA ALA M 301 -14.97 -60.51 -22.19
C ALA M 301 -14.02 -59.76 -23.12
N LYS M 302 -14.55 -58.91 -23.99
CA LYS M 302 -13.69 -58.08 -24.82
C LYS M 302 -12.84 -57.15 -23.97
N TRP M 303 -13.44 -56.54 -22.94
CA TRP M 303 -12.70 -55.59 -22.10
C TRP M 303 -11.60 -56.28 -21.33
N LEU M 304 -11.79 -57.56 -20.96
CA LEU M 304 -10.77 -58.26 -20.19
C LEU M 304 -9.54 -58.54 -21.04
N ARG M 305 -9.75 -59.06 -22.25
CA ARG M 305 -8.61 -59.34 -23.13
C ARG M 305 -7.86 -58.08 -23.50
N MET M 306 -8.56 -56.94 -23.53
CA MET M 306 -7.90 -55.68 -23.87
C MET M 306 -7.01 -55.20 -22.73
N VAL M 307 -7.52 -55.26 -21.49
CA VAL M 307 -6.67 -54.94 -20.34
C VAL M 307 -5.60 -56.00 -20.11
N GLY M 308 -5.96 -57.27 -20.21
CA GLY M 308 -4.97 -58.33 -20.06
C GLY M 308 -5.22 -59.28 -18.92
N GLY M 309 -5.66 -60.50 -19.25
CA GLY M 309 -5.79 -61.56 -18.28
C GLY M 309 -5.52 -62.90 -18.91
N ASP M 310 -4.63 -63.69 -18.32
CA ASP M 310 -4.27 -64.97 -18.91
C ASP M 310 -5.46 -65.93 -18.94
N HIS M 311 -6.29 -65.91 -17.91
CA HIS M 311 -7.50 -66.72 -17.85
C HIS M 311 -8.70 -65.83 -17.53
N VAL M 312 -9.87 -66.34 -17.87
CA VAL M 312 -11.13 -65.73 -17.48
C VAL M 312 -12.20 -66.80 -17.51
N HIS M 313 -13.10 -66.76 -16.54
CA HIS M 313 -14.22 -67.68 -16.53
C HIS M 313 -15.21 -67.30 -17.62
N THR M 314 -15.54 -68.26 -18.48
CA THR M 314 -16.63 -68.10 -19.42
C THR M 314 -17.83 -68.97 -19.06
N GLY M 315 -17.71 -69.81 -18.03
CA GLY M 315 -18.82 -70.58 -17.54
C GLY M 315 -19.11 -71.82 -18.36
N THR M 316 -19.41 -72.92 -17.68
CA THR M 316 -19.85 -74.15 -18.33
C THR M 316 -21.31 -74.00 -18.75
N VAL M 317 -21.66 -74.60 -19.87
CA VAL M 317 -23.05 -74.54 -20.32
C VAL M 317 -23.92 -75.53 -19.54
N VAL M 318 -23.32 -76.61 -19.05
CA VAL M 318 -24.07 -77.68 -18.41
C VAL M 318 -23.93 -77.68 -16.89
N GLY M 319 -23.18 -76.73 -16.33
CA GLY M 319 -22.96 -76.67 -14.90
C GLY M 319 -24.18 -76.18 -14.15
N LYS M 320 -23.91 -75.63 -12.96
CA LYS M 320 -24.97 -75.12 -12.09
C LYS M 320 -25.27 -73.64 -12.32
N LEU M 321 -24.55 -72.99 -13.23
CA LEU M 321 -24.78 -71.58 -13.52
C LEU M 321 -25.29 -71.42 -14.95
N GLU M 322 -26.26 -70.52 -15.12
CA GLU M 322 -26.93 -70.38 -16.39
C GLU M 322 -25.99 -69.84 -17.46
N GLY M 323 -26.14 -70.36 -18.67
CA GLY M 323 -25.34 -69.96 -19.81
C GLY M 323 -25.74 -70.72 -21.05
N ASP M 324 -25.71 -70.06 -22.21
CA ASP M 324 -26.15 -70.64 -23.45
C ASP M 324 -24.97 -71.23 -24.21
N ARG M 325 -25.17 -72.42 -24.78
CA ARG M 325 -24.11 -73.07 -25.55
C ARG M 325 -23.73 -72.23 -26.76
N ALA M 326 -24.71 -71.65 -27.44
CA ALA M 326 -24.42 -70.84 -28.62
C ALA M 326 -23.62 -69.60 -28.25
N GLU M 327 -24.05 -68.88 -27.22
CA GLU M 327 -23.36 -67.66 -26.83
C GLU M 327 -21.97 -67.95 -26.27
N THR M 328 -21.83 -69.07 -25.54
CA THR M 328 -20.53 -69.42 -24.98
C THR M 328 -19.51 -69.70 -26.07
N LEU M 329 -19.95 -70.37 -27.15
CA LEU M 329 -19.03 -70.64 -28.26
C LEU M 329 -18.49 -69.36 -28.87
N GLY M 330 -19.34 -68.33 -28.96
CA GLY M 330 -18.87 -67.05 -29.47
C GLY M 330 -17.85 -66.39 -28.57
N ILE M 331 -18.07 -66.46 -27.25
CA ILE M 331 -17.13 -65.87 -26.31
C ILE M 331 -15.81 -66.63 -26.32
N ALA M 332 -15.86 -67.94 -26.50
CA ALA M 332 -14.64 -68.72 -26.61
C ALA M 332 -13.83 -68.31 -27.83
N ASP M 333 -14.51 -68.12 -28.97
CA ASP M 333 -13.85 -67.59 -30.15
C ASP M 333 -13.36 -66.16 -29.91
N LEU M 334 -14.14 -65.38 -29.17
CA LEU M 334 -13.78 -63.99 -28.91
C LEU M 334 -12.56 -63.86 -28.00
N LEU M 335 -12.11 -64.95 -27.39
CA LEU M 335 -10.99 -64.91 -26.48
C LEU M 335 -9.77 -65.67 -26.99
N ARG M 336 -9.96 -66.64 -27.88
CA ARG M 336 -8.87 -67.48 -28.35
C ARG M 336 -8.42 -67.15 -29.77
N GLU M 337 -9.32 -66.69 -30.63
CA GLU M 337 -9.00 -66.48 -32.03
C GLU M 337 -8.34 -65.12 -32.24
N ASP M 338 -7.97 -64.85 -33.49
CA ASP M 338 -7.33 -63.61 -33.87
C ASP M 338 -8.22 -62.71 -34.72
N TYR M 339 -9.30 -63.24 -35.27
CA TYR M 339 -10.26 -62.44 -36.04
C TYR M 339 -11.60 -63.15 -35.98
N VAL M 340 -12.58 -62.50 -35.38
CA VAL M 340 -13.91 -63.07 -35.17
C VAL M 340 -14.88 -62.40 -36.14
N PRO M 341 -15.47 -63.13 -37.07
CA PRO M 341 -16.49 -62.54 -37.95
C PRO M 341 -17.84 -62.49 -37.25
N ALA M 342 -18.76 -61.74 -37.87
CA ALA M 342 -20.08 -61.55 -37.30
C ALA M 342 -20.95 -62.79 -37.56
N ASP M 343 -21.47 -63.37 -36.48
CA ASP M 343 -22.34 -64.54 -36.56
C ASP M 343 -23.67 -64.21 -35.91
N PRO M 344 -24.76 -64.07 -36.69
CA PRO M 344 -26.05 -63.76 -36.07
C PRO M 344 -26.54 -64.85 -35.12
N GLY M 345 -26.27 -66.11 -35.42
CA GLY M 345 -26.70 -67.19 -34.55
C GLY M 345 -25.86 -67.40 -33.33
N ARG M 346 -24.63 -66.88 -33.30
CA ARG M 346 -23.73 -67.00 -32.17
C ARG M 346 -23.74 -65.76 -31.29
N GLY M 347 -24.63 -64.81 -31.57
CA GLY M 347 -24.78 -63.62 -30.77
C GLY M 347 -23.87 -62.47 -31.13
N LEU M 348 -22.94 -62.66 -32.07
CA LEU M 348 -21.99 -61.62 -32.44
C LEU M 348 -22.58 -60.70 -33.48
N PHE M 349 -22.43 -59.39 -33.28
CA PHE M 349 -23.00 -58.39 -34.18
C PHE M 349 -21.96 -57.73 -35.09
N PHE M 350 -20.68 -57.83 -34.76
CA PHE M 350 -19.65 -57.13 -35.50
C PHE M 350 -18.45 -58.04 -35.74
N ASP M 351 -17.67 -57.69 -36.75
CA ASP M 351 -16.38 -58.35 -36.99
C ASP M 351 -15.32 -57.67 -36.14
N GLN M 352 -14.73 -58.42 -35.22
CA GLN M 352 -13.73 -57.89 -34.30
C GLN M 352 -12.39 -58.56 -34.58
N ASP M 353 -11.44 -57.78 -35.09
CA ASP M 353 -10.05 -58.22 -35.23
C ASP M 353 -9.22 -57.66 -34.08
N TRP M 354 -8.34 -58.49 -33.54
CA TRP M 354 -7.69 -58.17 -32.28
C TRP M 354 -6.32 -57.52 -32.46
N ALA M 355 -5.88 -57.30 -33.69
CA ALA M 355 -4.69 -56.49 -33.98
C ALA M 355 -3.45 -57.00 -33.25
N GLY M 356 -3.31 -58.32 -33.18
CA GLY M 356 -2.13 -58.94 -32.63
C GLY M 356 -2.15 -59.21 -31.14
N LEU M 357 -3.20 -58.80 -30.43
CA LEU M 357 -3.32 -59.16 -29.02
C LEU M 357 -3.42 -60.66 -28.86
N LYS M 358 -2.65 -61.20 -27.92
CA LYS M 358 -2.56 -62.62 -27.70
C LYS M 358 -3.82 -63.15 -27.01
N PRO M 359 -4.09 -64.44 -27.13
CA PRO M 359 -5.39 -64.98 -26.69
C PRO M 359 -5.45 -65.21 -25.18
N VAL M 360 -6.60 -65.71 -24.74
CA VAL M 360 -6.90 -65.96 -23.33
C VAL M 360 -7.50 -67.35 -23.22
N PHE M 361 -7.08 -68.10 -22.21
CA PHE M 361 -7.77 -69.34 -21.89
C PHE M 361 -9.20 -69.06 -21.43
N PRO M 362 -10.20 -69.67 -22.05
CA PRO M 362 -11.55 -69.65 -21.46
C PRO M 362 -11.67 -70.69 -20.36
N VAL M 363 -11.98 -70.27 -19.15
CA VAL M 363 -12.06 -71.16 -18.00
C VAL M 363 -13.50 -71.62 -17.82
N ALA M 364 -13.70 -72.93 -17.74
CA ALA M 364 -15.02 -73.53 -17.60
C ALA M 364 -15.16 -74.07 -16.19
N SER M 365 -15.98 -73.42 -15.38
CA SER M 365 -16.17 -73.80 -13.99
C SER M 365 -17.66 -73.83 -13.65
N GLY M 366 -17.96 -74.34 -12.48
CA GLY M 366 -19.33 -74.46 -12.02
C GLY M 366 -19.55 -75.83 -11.40
N GLY M 367 -20.82 -76.22 -11.34
CA GLY M 367 -21.17 -77.52 -10.80
C GLY M 367 -21.00 -78.64 -11.81
N ILE M 368 -19.76 -78.86 -12.24
CA ILE M 368 -19.45 -79.88 -13.23
C ILE M 368 -18.71 -81.03 -12.56
N HIS M 369 -18.90 -82.23 -13.11
CA HIS M 369 -18.30 -83.43 -12.59
C HIS M 369 -17.86 -84.29 -13.77
N VAL M 370 -17.58 -85.57 -13.51
CA VAL M 370 -16.98 -86.43 -14.53
C VAL M 370 -17.94 -86.67 -15.68
N TRP M 371 -19.24 -86.48 -15.46
CA TRP M 371 -20.19 -86.76 -16.52
C TRP M 371 -20.27 -85.63 -17.55
N HIS M 372 -19.78 -84.45 -17.21
CA HIS M 372 -19.86 -83.29 -18.10
C HIS M 372 -18.62 -83.14 -18.98
N VAL M 373 -17.62 -84.02 -18.82
CA VAL M 373 -16.42 -83.91 -19.64
C VAL M 373 -16.72 -84.08 -21.13
N PRO M 374 -17.51 -85.06 -21.57
CA PRO M 374 -17.82 -85.13 -23.01
C PRO M 374 -18.43 -83.85 -23.58
N ASP M 375 -19.32 -83.20 -22.82
CA ASP M 375 -19.85 -81.93 -23.27
C ASP M 375 -18.77 -80.85 -23.27
N LEU M 376 -17.98 -80.77 -22.20
CA LEU M 376 -16.99 -79.70 -22.07
C LEU M 376 -15.91 -79.81 -23.13
N VAL M 377 -15.46 -81.03 -23.44
CA VAL M 377 -14.41 -81.19 -24.46
C VAL M 377 -14.95 -80.79 -25.83
N SER M 378 -16.22 -81.10 -26.10
CA SER M 378 -16.81 -80.72 -27.39
C SER M 378 -16.93 -79.21 -27.52
N ILE M 379 -17.46 -78.54 -26.50
CA ILE M 379 -17.75 -77.11 -26.61
C ILE M 379 -16.46 -76.27 -26.57
N PHE M 380 -15.53 -76.61 -25.68
CA PHE M 380 -14.35 -75.79 -25.49
C PHE M 380 -13.14 -76.27 -26.27
N GLY M 381 -13.21 -77.42 -26.92
CA GLY M 381 -12.02 -77.95 -27.56
C GLY M 381 -10.99 -78.35 -26.54
N ASP M 382 -9.75 -77.93 -26.76
CA ASP M 382 -8.64 -78.25 -25.87
C ASP M 382 -8.10 -77.04 -25.11
N ASP M 383 -7.98 -75.89 -25.76
CA ASP M 383 -7.36 -74.74 -25.10
C ASP M 383 -8.32 -74.11 -24.09
N ALA M 384 -8.62 -74.84 -23.02
CA ALA M 384 -9.52 -74.34 -21.99
C ALA M 384 -9.20 -75.02 -20.67
N PHE M 385 -9.59 -74.36 -19.58
CA PHE M 385 -9.45 -74.90 -18.23
C PHE M 385 -10.78 -75.49 -17.78
N PHE M 386 -10.70 -76.66 -17.13
CA PHE M 386 -11.87 -77.32 -16.56
C PHE M 386 -11.69 -77.36 -15.05
N LEU M 387 -12.37 -76.46 -14.35
CA LEU M 387 -12.27 -76.37 -12.89
C LEU M 387 -13.29 -77.31 -12.26
N PHE M 388 -12.81 -78.22 -11.43
CA PHE M 388 -13.66 -79.18 -10.72
C PHE M 388 -13.53 -78.90 -9.23
N GLY M 389 -14.33 -77.95 -8.73
CA GLY M 389 -14.31 -77.61 -7.33
C GLY M 389 -14.96 -78.64 -6.44
N GLY M 390 -16.28 -78.83 -6.62
CA GLY M 390 -17.00 -79.81 -5.84
C GLY M 390 -16.93 -81.22 -6.38
N GLY M 391 -16.62 -81.37 -7.67
CA GLY M 391 -16.49 -82.69 -8.26
C GLY M 391 -15.20 -83.41 -7.91
N THR M 392 -14.24 -82.71 -7.30
CA THR M 392 -13.00 -83.32 -6.86
C THR M 392 -13.09 -83.76 -5.41
N HIS M 393 -13.42 -82.82 -4.52
CA HIS M 393 -13.54 -83.14 -3.10
C HIS M 393 -14.84 -83.88 -2.78
N GLY M 394 -15.81 -83.86 -3.70
CA GLY M 394 -17.04 -84.59 -3.48
C GLY M 394 -16.94 -86.07 -3.73
N HIS M 395 -15.78 -86.54 -4.17
CA HIS M 395 -15.59 -87.97 -4.40
C HIS M 395 -15.73 -88.73 -3.09
N PRO M 396 -16.32 -89.92 -3.10
CA PRO M 396 -16.55 -90.64 -1.84
C PRO M 396 -15.28 -91.18 -1.21
N ARG M 397 -14.12 -90.88 -1.79
CA ARG M 397 -12.85 -91.34 -1.25
C ARG M 397 -11.82 -90.22 -1.15
N GLY M 398 -12.25 -88.97 -1.03
CA GLY M 398 -11.35 -87.87 -0.77
C GLY M 398 -11.00 -87.09 -2.03
N SER M 399 -10.12 -86.11 -1.83
CA SER M 399 -9.74 -85.23 -2.93
C SER M 399 -8.81 -85.94 -3.92
N ARG M 400 -7.87 -86.73 -3.42
CA ARG M 400 -6.92 -87.40 -4.30
C ARG M 400 -7.62 -88.37 -5.24
N ALA M 401 -8.61 -89.10 -4.74
CA ALA M 401 -9.41 -89.96 -5.61
C ALA M 401 -10.18 -89.14 -6.63
N GLY M 402 -10.75 -88.02 -6.20
CA GLY M 402 -11.51 -87.19 -7.12
C GLY M 402 -10.64 -86.54 -8.20
N ALA M 403 -9.44 -86.11 -7.82
CA ALA M 403 -8.55 -85.49 -8.80
C ALA M 403 -8.08 -86.51 -9.83
N THR M 404 -7.96 -87.77 -9.44
CA THR M 404 -7.60 -88.81 -10.39
C THR M 404 -8.77 -89.18 -11.29
N ALA M 405 -9.99 -89.15 -10.75
CA ALA M 405 -11.17 -89.44 -11.56
C ALA M 405 -11.33 -88.42 -12.68
N ASN M 406 -11.05 -87.15 -12.38
CA ASN M 406 -11.21 -86.10 -13.38
C ASN M 406 -10.11 -86.19 -14.44
N ARG M 407 -8.87 -86.47 -14.02
CA ARG M 407 -7.77 -86.57 -14.98
C ARG M 407 -7.98 -87.73 -15.94
N VAL M 408 -8.54 -88.84 -15.44
CA VAL M 408 -8.82 -89.99 -16.31
C VAL M 408 -9.97 -89.65 -17.25
N ALA M 409 -11.03 -89.03 -16.73
CA ALA M 409 -12.20 -88.72 -17.54
C ALA M 409 -11.84 -87.74 -18.65
N VAL M 410 -11.01 -86.74 -18.34
CA VAL M 410 -10.61 -85.77 -19.36
C VAL M 410 -9.75 -86.45 -20.42
N GLU M 411 -8.73 -87.19 -19.98
CA GLU M 411 -7.78 -87.78 -20.92
C GLU M 411 -8.43 -88.84 -21.77
N ALA M 412 -9.30 -89.66 -21.19
CA ALA M 412 -9.97 -90.71 -21.96
C ALA M 412 -10.82 -90.12 -23.08
N VAL M 413 -11.55 -89.05 -22.78
CA VAL M 413 -12.37 -88.40 -23.80
C VAL M 413 -11.49 -87.74 -24.86
N VAL M 414 -10.42 -87.07 -24.42
CA VAL M 414 -9.57 -86.32 -25.35
C VAL M 414 -8.95 -87.27 -26.38
N GLN M 415 -8.42 -88.40 -25.92
CA GLN M 415 -7.84 -89.35 -26.87
C GLN M 415 -8.92 -89.95 -27.75
N ALA M 416 -10.13 -90.14 -27.21
CA ALA M 416 -11.21 -90.69 -28.02
C ALA M 416 -11.67 -89.73 -29.09
N ARG M 417 -11.52 -88.42 -28.86
CA ARG M 417 -11.79 -87.45 -29.91
C ARG M 417 -10.77 -87.57 -31.03
N ASN M 418 -9.53 -87.94 -30.69
CA ASN M 418 -8.47 -88.00 -31.69
C ASN M 418 -8.74 -89.06 -32.76
N GLU M 419 -9.28 -90.21 -32.36
CA GLU M 419 -9.59 -91.26 -33.33
C GLU M 419 -10.90 -91.02 -34.07
N GLY M 420 -11.47 -89.81 -33.97
CA GLY M 420 -12.66 -89.47 -34.72
C GLY M 420 -13.97 -89.93 -34.11
N ARG M 421 -13.94 -90.56 -32.94
CA ARG M 421 -15.18 -90.97 -32.30
C ARG M 421 -16.00 -89.74 -31.93
N ASP M 422 -17.30 -89.77 -32.24
CA ASP M 422 -18.19 -88.67 -31.92
C ASP M 422 -18.32 -88.54 -30.41
N ILE M 423 -17.75 -87.47 -29.85
CA ILE M 423 -17.73 -87.31 -28.40
C ILE M 423 -19.15 -87.13 -27.86
N LEU M 424 -19.94 -86.28 -28.52
CA LEU M 424 -21.30 -86.04 -28.07
C LEU M 424 -22.11 -87.32 -28.09
N ALA M 425 -21.94 -88.14 -29.12
CA ALA M 425 -22.73 -89.36 -29.25
C ALA M 425 -22.28 -90.42 -28.26
N GLU M 426 -20.98 -90.56 -28.03
CA GLU M 426 -20.46 -91.70 -27.29
C GLU M 426 -19.70 -91.33 -26.03
N GLY M 427 -20.02 -90.18 -25.41
CA GLY M 427 -19.44 -89.90 -24.10
C GLY M 427 -19.83 -90.92 -23.06
N ARG M 428 -21.10 -91.32 -23.04
CA ARG M 428 -21.57 -92.44 -22.24
C ARG M 428 -20.57 -93.59 -22.30
N GLU M 429 -20.34 -94.12 -23.51
CA GLU M 429 -19.54 -95.32 -23.67
C GLU M 429 -18.06 -95.06 -23.40
N ILE M 430 -17.54 -93.92 -23.85
CA ILE M 430 -16.13 -93.62 -23.62
C ILE M 430 -15.83 -93.66 -22.13
N LEU M 431 -16.68 -93.01 -21.33
CA LEU M 431 -16.50 -93.07 -19.88
C LEU M 431 -16.76 -94.47 -19.35
N GLU M 432 -17.70 -95.22 -19.96
CA GLU M 432 -18.03 -96.54 -19.43
C GLU M 432 -16.87 -97.52 -19.54
N GLU M 433 -16.20 -97.59 -20.69
CA GLU M 433 -15.01 -98.43 -20.73
C GLU M 433 -13.73 -97.71 -20.33
N ALA M 434 -13.79 -96.42 -19.99
CA ALA M 434 -12.67 -95.83 -19.26
C ALA M 434 -12.71 -96.23 -17.79
N ALA M 435 -13.91 -96.43 -17.24
CA ALA M 435 -14.05 -96.80 -15.83
C ALA M 435 -13.57 -98.20 -15.54
N ARG M 436 -13.46 -99.06 -16.55
CA ARG M 436 -13.09 -100.45 -16.30
C ARG M 436 -11.67 -100.60 -15.74
N TRP M 437 -10.82 -99.59 -15.90
CA TRP M 437 -9.45 -99.66 -15.41
C TRP M 437 -9.13 -98.69 -14.29
N CYS M 438 -9.93 -97.64 -14.11
CA CYS M 438 -9.71 -96.70 -13.02
C CYS M 438 -10.89 -96.77 -12.04
N PRO M 439 -10.72 -97.37 -10.86
CA PRO M 439 -11.82 -97.39 -9.89
C PRO M 439 -12.25 -96.01 -9.45
N GLU M 440 -11.33 -95.04 -9.41
CA GLU M 440 -11.69 -93.68 -9.00
C GLU M 440 -12.75 -93.10 -9.90
N LEU M 441 -12.62 -93.30 -11.21
CA LEU M 441 -13.68 -92.88 -12.13
C LEU M 441 -14.96 -93.66 -11.90
N ARG M 442 -14.84 -94.95 -11.56
CA ARG M 442 -16.02 -95.79 -11.41
C ARG M 442 -16.83 -95.40 -10.16
N GLU M 443 -16.16 -94.94 -9.11
CA GLU M 443 -16.89 -94.53 -7.91
C GLU M 443 -17.59 -93.19 -8.15
N ALA M 444 -16.93 -92.26 -8.83
CA ALA M 444 -17.59 -91.03 -9.26
C ALA M 444 -18.53 -91.27 -10.44
N MET M 445 -18.56 -92.48 -10.99
CA MET M 445 -19.35 -92.76 -12.19
C MET M 445 -20.84 -92.65 -11.91
N GLU M 446 -21.32 -93.32 -10.86
CA GLU M 446 -22.74 -93.34 -10.54
C GLU M 446 -23.10 -92.48 -9.33
N LEU M 447 -22.11 -91.96 -8.60
CA LEU M 447 -22.43 -91.05 -7.50
C LEU M 447 -23.17 -89.82 -8.01
N TRP M 448 -22.74 -89.29 -9.15
CA TRP M 448 -23.36 -88.13 -9.78
C TRP M 448 -24.07 -88.55 -11.05
N GLY M 449 -25.04 -87.74 -11.46
CA GLY M 449 -25.81 -88.02 -12.65
C GLY M 449 -26.72 -89.23 -12.52
N TYR N 6 -18.24 -90.39 5.27
CA TYR N 6 -19.32 -89.43 5.12
C TYR N 6 -20.22 -89.81 3.95
N GLU N 7 -21.40 -89.20 3.87
CA GLU N 7 -22.42 -89.63 2.91
C GLU N 7 -21.93 -89.46 1.47
N ALA N 8 -21.26 -88.35 1.17
CA ALA N 8 -20.63 -88.06 -0.11
C ALA N 8 -21.62 -87.86 -1.25
N GLY N 9 -22.91 -87.81 -0.96
CA GLY N 9 -23.90 -87.57 -1.99
C GLY N 9 -24.13 -86.10 -2.23
N VAL N 10 -25.28 -85.79 -2.82
CA VAL N 10 -25.73 -84.42 -3.05
C VAL N 10 -26.93 -84.17 -2.17
N ARG N 11 -26.90 -83.06 -1.43
CA ARG N 11 -27.94 -82.77 -0.45
C ARG N 11 -28.62 -81.45 -0.76
N PRO N 12 -29.94 -81.36 -0.59
CA PRO N 12 -30.62 -80.09 -0.74
C PRO N 12 -30.10 -79.07 0.26
N TYR N 13 -30.09 -77.80 -0.16
CA TYR N 13 -29.55 -76.74 0.67
C TYR N 13 -30.41 -76.47 1.90
N ARG N 14 -31.71 -76.74 1.82
CA ARG N 14 -32.62 -76.32 2.87
C ARG N 14 -32.51 -77.14 4.15
N GLU N 15 -31.78 -78.26 4.14
CA GLU N 15 -31.65 -79.06 5.34
C GLU N 15 -30.44 -78.69 6.18
N THR N 16 -29.52 -77.89 5.66
CA THR N 16 -28.37 -77.46 6.42
C THR N 16 -28.05 -75.98 6.28
N TYR N 17 -28.79 -75.24 5.45
CA TYR N 17 -28.57 -73.81 5.29
C TYR N 17 -29.84 -72.99 5.48
N TYR N 18 -30.93 -73.62 5.90
CA TYR N 18 -32.17 -72.93 6.24
C TYR N 18 -32.45 -73.16 7.72
N ASP N 19 -32.46 -72.07 8.48
CA ASP N 19 -32.59 -72.13 9.94
C ASP N 19 -33.67 -71.17 10.39
N PRO N 20 -34.94 -71.58 10.31
CA PRO N 20 -36.03 -70.66 10.65
C PRO N 20 -36.19 -70.42 12.14
N ASP N 21 -35.23 -70.90 12.93
CA ASP N 21 -35.20 -70.66 14.36
C ASP N 21 -33.99 -69.84 14.81
N TYR N 22 -33.17 -69.39 13.87
CA TYR N 22 -31.99 -68.61 14.23
C TYR N 22 -32.37 -67.24 14.75
N GLU N 23 -31.60 -66.76 15.71
CA GLU N 23 -31.72 -65.39 16.23
C GLU N 23 -30.44 -64.64 15.90
N PRO N 24 -30.48 -63.70 14.96
CA PRO N 24 -29.25 -63.04 14.53
C PRO N 24 -28.60 -62.27 15.67
N LYS N 25 -27.27 -62.27 15.68
CA LYS N 25 -26.50 -61.54 16.67
C LYS N 25 -26.43 -60.07 16.27
N ASP N 26 -25.67 -59.29 17.02
CA ASP N 26 -25.42 -57.89 16.67
C ASP N 26 -24.14 -57.71 15.87
N THR N 27 -23.39 -58.79 15.64
CA THR N 27 -22.20 -58.75 14.81
C THR N 27 -22.42 -59.39 13.44
N ASP N 28 -23.61 -59.90 13.17
CA ASP N 28 -23.89 -60.56 11.91
C ASP N 28 -24.33 -59.56 10.84
N LEU N 29 -23.94 -59.84 9.60
CA LEU N 29 -24.46 -59.12 8.46
C LEU N 29 -25.76 -59.77 8.01
N LEU N 30 -26.81 -58.97 7.89
CA LEU N 30 -28.11 -59.45 7.45
C LEU N 30 -28.43 -58.86 6.09
N CYS N 31 -28.75 -59.71 5.13
CA CYS N 31 -29.05 -59.29 3.78
C CYS N 31 -30.47 -59.71 3.40
N ALA N 32 -31.22 -58.80 2.80
CA ALA N 32 -32.59 -59.04 2.39
C ALA N 32 -32.62 -59.19 0.87
N PHE N 33 -32.84 -60.41 0.40
CA PHE N 33 -32.90 -60.71 -1.02
C PHE N 33 -34.35 -60.82 -1.47
N ARG N 34 -34.60 -60.46 -2.73
CA ARG N 34 -35.89 -60.63 -3.37
C ARG N 34 -35.72 -61.75 -4.39
N ILE N 35 -36.12 -62.95 -4.00
CA ILE N 35 -35.73 -64.16 -4.72
C ILE N 35 -36.87 -64.61 -5.63
N THR N 36 -36.53 -64.88 -6.90
CA THR N 36 -37.46 -65.47 -7.85
C THR N 36 -36.90 -66.81 -8.31
N PRO N 37 -37.35 -67.91 -7.73
CA PRO N 37 -36.84 -69.22 -8.13
C PRO N 37 -37.49 -69.72 -9.42
N LYS N 38 -36.91 -70.79 -9.96
CA LYS N 38 -37.51 -71.46 -11.10
C LYS N 38 -38.86 -72.04 -10.71
N PRO N 39 -39.78 -72.22 -11.66
CA PRO N 39 -41.00 -72.96 -11.36
C PRO N 39 -40.66 -74.37 -10.91
N GLY N 40 -41.34 -74.82 -9.86
CA GLY N 40 -41.03 -76.10 -9.25
C GLY N 40 -39.90 -76.09 -8.24
N VAL N 41 -39.24 -74.96 -8.06
CA VAL N 41 -38.17 -74.82 -7.06
C VAL N 41 -38.77 -74.16 -5.82
N PRO N 42 -38.71 -74.80 -4.66
CA PRO N 42 -39.30 -74.19 -3.46
C PRO N 42 -38.59 -72.88 -3.09
N MET N 43 -39.35 -71.98 -2.49
CA MET N 43 -38.82 -70.68 -2.09
C MET N 43 -37.70 -70.84 -1.08
N GLU N 44 -37.89 -71.73 -0.09
CA GLU N 44 -36.88 -71.91 0.94
C GLU N 44 -35.66 -72.67 0.42
N GLU N 45 -35.83 -73.45 -0.66
CA GLU N 45 -34.67 -74.09 -1.27
C GLU N 45 -33.80 -73.07 -2.00
N ALA N 46 -34.42 -72.16 -2.74
CA ALA N 46 -33.65 -71.11 -3.40
C ALA N 46 -33.09 -70.12 -2.38
N ALA N 47 -33.83 -69.87 -1.30
CA ALA N 47 -33.30 -69.01 -0.24
C ALA N 47 -32.09 -69.64 0.43
N ALA N 48 -32.14 -70.95 0.67
CA ALA N 48 -30.99 -71.64 1.25
C ALA N 48 -29.82 -71.67 0.27
N ALA N 49 -30.11 -71.82 -1.02
CA ALA N 49 -29.04 -71.87 -2.02
C ALA N 49 -28.25 -70.58 -2.06
N VAL N 50 -28.94 -69.43 -1.97
CA VAL N 50 -28.25 -68.15 -1.93
C VAL N 50 -27.41 -68.02 -0.67
N ALA N 51 -27.89 -68.59 0.44
CA ALA N 51 -27.15 -68.49 1.70
C ALA N 51 -25.91 -69.38 1.70
N ALA N 52 -25.94 -70.50 0.97
CA ALA N 52 -24.84 -71.44 1.01
C ALA N 52 -23.71 -71.04 0.08
N GLU N 53 -24.04 -70.61 -1.14
CA GLU N 53 -23.04 -70.32 -2.16
C GLU N 53 -22.41 -68.95 -2.01
N SER N 54 -22.88 -68.14 -1.07
CA SER N 54 -22.19 -66.94 -0.64
C SER N 54 -21.42 -67.17 0.66
N SER N 55 -21.31 -68.42 1.07
CA SER N 55 -20.67 -68.81 2.33
C SER N 55 -20.02 -70.18 2.10
N THR N 56 -19.76 -70.89 3.19
CA THR N 56 -19.01 -72.15 3.15
C THR N 56 -19.56 -73.19 2.17
N GLY N 57 -20.79 -73.00 1.70
CA GLY N 57 -21.49 -74.05 0.98
C GLY N 57 -20.98 -74.30 -0.42
N THR N 58 -21.39 -75.44 -0.95
CA THR N 58 -21.10 -75.86 -2.33
C THR N 58 -22.27 -76.74 -2.79
N TRP N 59 -22.07 -77.48 -3.87
CA TRP N 59 -23.18 -78.23 -4.47
C TRP N 59 -23.22 -79.70 -4.05
N THR N 60 -22.17 -80.22 -3.42
CA THR N 60 -22.18 -81.57 -2.87
C THR N 60 -21.49 -81.57 -1.52
N GLU N 61 -21.76 -82.60 -0.72
CA GLU N 61 -21.01 -82.78 0.51
C GLU N 61 -19.55 -82.98 0.20
N VAL N 62 -18.69 -82.27 0.93
CA VAL N 62 -17.25 -82.25 0.69
C VAL N 62 -16.57 -82.88 1.90
N TRP N 63 -15.61 -83.77 1.64
CA TRP N 63 -14.91 -84.46 2.73
C TRP N 63 -14.21 -83.48 3.65
N SER N 64 -13.79 -82.32 3.14
CA SER N 64 -13.08 -81.35 3.96
C SER N 64 -14.02 -80.47 4.77
N ASN N 65 -15.34 -80.67 4.66
CA ASN N 65 -16.28 -79.98 5.53
C ASN N 65 -16.07 -80.39 6.99
N LEU N 66 -15.51 -81.57 7.24
CA LEU N 66 -15.25 -82.04 8.59
C LEU N 66 -14.00 -81.41 9.20
N LEU N 67 -13.09 -80.90 8.38
CA LEU N 67 -11.86 -80.28 8.86
C LEU N 67 -12.10 -78.93 9.52
N THR N 68 -13.34 -78.47 9.61
CA THR N 68 -13.66 -77.20 10.24
C THR N 68 -15.09 -77.25 10.76
N ASP N 69 -15.40 -76.33 11.67
CA ASP N 69 -16.74 -76.21 12.24
C ASP N 69 -17.56 -75.31 11.33
N LEU N 70 -18.44 -75.92 10.53
CA LEU N 70 -19.30 -75.14 9.64
C LEU N 70 -20.27 -74.27 10.43
N GLU N 71 -20.76 -74.77 11.56
CA GLU N 71 -21.85 -74.09 12.26
C GLU N 71 -21.50 -72.67 12.63
N ARG N 72 -20.22 -72.39 12.84
CA ARG N 72 -19.79 -71.04 13.22
C ARG N 72 -19.25 -70.23 12.04
N TYR N 73 -19.38 -70.75 10.81
CA TYR N 73 -18.95 -70.01 9.63
C TYR N 73 -19.98 -69.94 8.52
N LYS N 74 -21.04 -70.74 8.56
CA LYS N 74 -21.98 -70.78 7.45
C LYS N 74 -23.02 -69.68 7.58
N ALA N 75 -23.42 -69.13 6.44
CA ALA N 75 -24.60 -68.28 6.40
C ALA N 75 -25.85 -69.15 6.47
N ARG N 76 -26.97 -68.53 6.81
CA ARG N 76 -28.19 -69.28 7.05
C ARG N 76 -29.40 -68.38 6.90
N CYS N 77 -30.30 -68.73 5.99
CA CYS N 77 -31.57 -68.04 5.90
C CYS N 77 -32.40 -68.34 7.13
N TYR N 78 -32.83 -67.30 7.83
CA TYR N 78 -33.57 -67.46 9.07
C TYR N 78 -35.00 -66.94 9.01
N ARG N 79 -35.39 -66.26 7.94
CA ARG N 79 -36.72 -65.70 7.85
C ARG N 79 -37.09 -65.49 6.40
N ILE N 80 -38.30 -65.90 6.03
CA ILE N 80 -38.82 -65.72 4.69
C ILE N 80 -40.15 -64.98 4.81
N GLU N 81 -40.26 -63.85 4.11
CA GLU N 81 -41.46 -63.01 4.15
C GLU N 81 -42.30 -63.18 2.89
N GLY N 82 -42.40 -64.40 2.39
CA GLY N 82 -43.14 -64.66 1.17
C GLY N 82 -42.28 -64.59 -0.07
N ASP N 83 -41.79 -63.40 -0.41
CA ASP N 83 -40.92 -63.23 -1.55
C ASP N 83 -39.54 -62.69 -1.19
N VAL N 84 -39.36 -62.20 0.04
CA VAL N 84 -38.09 -61.67 0.50
C VAL N 84 -37.50 -62.66 1.50
N ALA N 85 -36.23 -63.01 1.31
CA ALA N 85 -35.54 -63.96 2.17
C ALA N 85 -34.39 -63.25 2.89
N TYR N 86 -34.36 -63.41 4.22
CA TYR N 86 -33.32 -62.81 5.05
C TYR N 86 -32.22 -63.82 5.32
N ILE N 87 -30.98 -63.41 5.15
CA ILE N 87 -29.82 -64.27 5.33
C ILE N 87 -28.86 -63.60 6.29
N ALA N 88 -28.34 -64.38 7.24
CA ALA N 88 -27.44 -63.89 8.28
C ALA N 88 -26.03 -64.40 8.01
N TYR N 89 -25.07 -63.48 7.93
CA TYR N 89 -23.68 -63.82 7.63
C TYR N 89 -22.82 -63.61 8.88
N PRO N 90 -22.09 -64.61 9.33
CA PRO N 90 -21.19 -64.42 10.48
C PRO N 90 -20.12 -63.39 10.18
N LEU N 91 -19.72 -62.65 11.21
CA LEU N 91 -18.73 -61.59 11.04
C LEU N 91 -17.37 -62.12 10.63
N ASP N 92 -17.05 -63.37 10.95
CA ASP N 92 -15.75 -63.94 10.64
C ASP N 92 -15.56 -64.25 9.15
N LEU N 93 -16.61 -64.11 8.35
CA LEU N 93 -16.54 -64.39 6.92
C LEU N 93 -16.02 -63.22 6.10
N PHE N 94 -15.70 -62.09 6.73
CA PHE N 94 -15.41 -60.87 6.01
C PHE N 94 -14.06 -60.31 6.44
N GLU N 95 -13.29 -59.84 5.46
CA GLU N 95 -12.02 -59.19 5.73
C GLU N 95 -12.26 -57.76 6.20
N GLU N 96 -11.49 -57.34 7.20
CA GLU N 96 -11.73 -56.05 7.84
C GLU N 96 -11.29 -54.91 6.93
N GLY N 97 -12.17 -53.94 6.73
CA GLY N 97 -11.84 -52.76 5.97
C GLY N 97 -11.87 -52.92 4.47
N SER N 98 -12.47 -53.99 3.95
CA SER N 98 -12.51 -54.25 2.52
C SER N 98 -13.97 -54.50 2.11
N ILE N 99 -14.56 -53.52 1.42
CA ILE N 99 -15.87 -53.73 0.80
C ILE N 99 -15.76 -54.76 -0.31
N VAL N 100 -14.59 -54.86 -0.94
CA VAL N 100 -14.42 -55.78 -2.05
C VAL N 100 -14.74 -57.21 -1.62
N ASN N 101 -14.32 -57.59 -0.41
CA ASN N 101 -14.64 -58.94 0.08
C ASN N 101 -16.12 -59.08 0.38
N ILE N 102 -16.76 -58.02 0.87
CA ILE N 102 -18.21 -58.04 1.08
C ILE N 102 -18.90 -58.37 -0.23
N MET N 103 -18.48 -57.71 -1.31
CA MET N 103 -19.14 -57.85 -2.60
C MET N 103 -18.50 -58.95 -3.45
N SER N 104 -17.37 -59.50 -3.02
CA SER N 104 -16.87 -60.73 -3.64
C SER N 104 -17.59 -61.96 -3.11
N SER N 105 -18.24 -61.84 -1.95
CA SER N 105 -18.88 -62.98 -1.31
C SER N 105 -20.39 -62.94 -1.43
N ILE N 106 -21.02 -61.86 -0.99
CA ILE N 106 -22.47 -61.77 -0.97
C ILE N 106 -23.04 -61.77 -2.39
N VAL N 107 -22.45 -61.01 -3.30
CA VAL N 107 -22.96 -60.89 -4.67
C VAL N 107 -22.01 -61.54 -5.67
N GLY N 108 -21.18 -62.48 -5.23
CA GLY N 108 -20.20 -63.09 -6.10
C GLY N 108 -20.76 -63.99 -7.18
N ASN N 109 -21.34 -65.12 -6.78
CA ASN N 109 -21.87 -66.09 -7.75
C ASN N 109 -23.33 -66.44 -7.52
N VAL N 110 -23.97 -65.88 -6.50
CA VAL N 110 -25.35 -66.25 -6.18
C VAL N 110 -26.38 -65.66 -7.14
N PHE N 111 -25.98 -64.70 -7.96
CA PHE N 111 -26.89 -64.08 -8.92
C PHE N 111 -26.99 -64.85 -10.23
N GLY N 112 -26.07 -65.77 -10.50
CA GLY N 112 -26.02 -66.42 -11.80
C GLY N 112 -26.49 -67.86 -11.81
N PHE N 113 -27.05 -68.32 -10.70
CA PHE N 113 -27.47 -69.71 -10.62
C PHE N 113 -28.66 -69.99 -11.53
N LYS N 114 -28.70 -71.22 -12.06
CA LYS N 114 -29.88 -71.66 -12.78
C LYS N 114 -31.10 -71.71 -11.88
N ALA N 115 -30.91 -72.13 -10.62
CA ALA N 115 -32.04 -72.33 -9.72
C ALA N 115 -32.79 -71.03 -9.46
N VAL N 116 -32.08 -69.92 -9.27
CA VAL N 116 -32.70 -68.63 -9.04
C VAL N 116 -32.85 -67.94 -10.39
N GLN N 117 -34.10 -67.73 -10.80
CA GLN N 117 -34.36 -67.03 -12.06
C GLN N 117 -33.91 -65.58 -11.98
N ALA N 118 -34.14 -64.92 -10.85
CA ALA N 118 -33.73 -63.54 -10.65
C ALA N 118 -33.52 -63.30 -9.16
N LEU N 119 -32.70 -62.30 -8.85
CA LEU N 119 -32.31 -62.06 -7.47
C LEU N 119 -31.87 -60.62 -7.32
N ARG N 120 -32.43 -59.93 -6.32
CA ARG N 120 -32.07 -58.56 -6.01
C ARG N 120 -31.70 -58.44 -4.54
N LEU N 121 -30.61 -57.74 -4.26
CA LEU N 121 -30.18 -57.47 -2.89
C LEU N 121 -30.85 -56.18 -2.43
N GLU N 122 -32.03 -56.31 -1.82
CA GLU N 122 -32.83 -55.14 -1.45
C GLU N 122 -32.12 -54.29 -0.42
N ASP N 123 -31.60 -54.90 0.63
CA ASP N 123 -30.98 -54.16 1.73
C ASP N 123 -29.94 -55.04 2.39
N MET N 124 -29.20 -54.46 3.33
CA MET N 124 -28.16 -55.19 4.04
C MET N 124 -27.76 -54.41 5.29
N ARG N 125 -27.60 -55.12 6.40
CA ARG N 125 -27.31 -54.54 7.70
C ARG N 125 -25.84 -54.78 8.02
N ILE N 126 -25.05 -53.71 8.06
CA ILE N 126 -23.65 -53.78 8.47
C ILE N 126 -23.59 -53.63 9.98
N PRO N 127 -23.03 -54.59 10.71
CA PRO N 127 -22.93 -54.45 12.16
C PRO N 127 -21.93 -53.39 12.57
N VAL N 128 -22.08 -52.93 13.81
CA VAL N 128 -21.16 -51.92 14.36
C VAL N 128 -19.76 -52.48 14.46
N ALA N 129 -19.64 -53.77 14.77
CA ALA N 129 -18.33 -54.38 14.94
C ALA N 129 -17.51 -54.33 13.65
N TYR N 130 -18.18 -54.29 12.51
CA TYR N 130 -17.51 -54.29 11.22
C TYR N 130 -17.32 -52.89 10.65
N LEU N 131 -18.25 -51.97 10.96
CA LEU N 131 -18.12 -50.60 10.47
C LEU N 131 -16.86 -49.93 10.98
N LYS N 132 -16.47 -50.23 12.21
CA LYS N 132 -15.39 -49.48 12.83
C LYS N 132 -14.00 -49.91 12.29
N THR N 133 -13.96 -50.81 11.32
CA THR N 133 -12.75 -51.11 10.58
C THR N 133 -12.63 -50.29 9.31
N PHE N 134 -13.57 -49.37 9.08
CA PHE N 134 -13.62 -48.51 7.90
C PHE N 134 -13.41 -47.05 8.30
N PRO N 135 -12.77 -46.26 7.44
CA PRO N 135 -12.45 -44.88 7.79
C PRO N 135 -13.64 -43.93 7.65
N GLY N 136 -14.53 -44.21 6.71
CA GLY N 136 -15.65 -43.34 6.44
C GLY N 136 -15.24 -42.12 5.64
N PRO N 137 -16.16 -41.18 5.46
CA PRO N 137 -15.84 -40.00 4.67
C PRO N 137 -14.71 -39.21 5.30
N PRO N 138 -13.86 -38.58 4.48
CA PRO N 138 -12.73 -37.85 5.04
C PRO N 138 -13.11 -36.53 5.67
N THR N 139 -14.06 -35.80 5.09
CA THR N 139 -14.43 -34.47 5.58
C THR N 139 -15.84 -34.44 6.17
N GLY N 140 -16.84 -34.90 5.43
CA GLY N 140 -18.21 -34.91 5.91
C GLY N 140 -18.95 -33.62 5.60
N ILE N 141 -20.20 -33.58 6.03
CA ILE N 141 -21.07 -32.45 5.72
C ILE N 141 -20.61 -31.20 6.46
N GLN N 142 -20.35 -31.32 7.76
CA GLN N 142 -20.07 -30.16 8.58
C GLN N 142 -18.74 -29.51 8.20
N VAL N 143 -17.70 -30.32 8.03
CA VAL N 143 -16.39 -29.78 7.68
C VAL N 143 -16.42 -29.13 6.30
N GLU N 144 -17.15 -29.74 5.36
CA GLU N 144 -17.23 -29.20 4.01
C GLU N 144 -17.89 -27.83 4.00
N ARG N 145 -18.98 -27.67 4.76
CA ARG N 145 -19.68 -26.39 4.79
C ARG N 145 -18.79 -25.28 5.34
N ASP N 146 -17.97 -25.61 6.35
CA ASP N 146 -17.01 -24.63 6.87
C ASP N 146 -15.97 -24.28 5.81
N ARG N 147 -15.50 -25.27 5.06
CA ARG N 147 -14.52 -25.01 4.01
C ARG N 147 -15.09 -24.10 2.93
N LEU N 148 -16.33 -24.37 2.50
CA LEU N 148 -16.97 -23.50 1.52
C LEU N 148 -17.51 -22.23 2.17
N ASN N 149 -17.68 -22.23 3.50
CA ASN N 149 -18.23 -21.10 4.24
C ASN N 149 -19.64 -20.76 3.79
N LYS N 150 -20.44 -21.80 3.52
CA LYS N 150 -21.82 -21.62 3.06
C LYS N 150 -22.74 -22.47 3.92
N TYR N 151 -23.67 -21.82 4.61
CA TYR N 151 -24.63 -22.50 5.47
C TYR N 151 -26.04 -22.05 5.14
N GLY N 152 -27.01 -22.86 5.58
CA GLY N 152 -28.40 -22.48 5.56
C GLY N 152 -29.14 -22.71 4.27
N ARG N 153 -28.45 -23.14 3.21
CA ARG N 153 -29.10 -23.36 1.93
C ARG N 153 -28.44 -24.53 1.22
N PRO N 154 -29.18 -25.25 0.36
CA PRO N 154 -28.53 -26.26 -0.48
C PRO N 154 -27.50 -25.61 -1.38
N LEU N 155 -26.38 -26.29 -1.58
CA LEU N 155 -25.30 -25.75 -2.39
C LEU N 155 -25.60 -25.94 -3.87
N LEU N 156 -25.30 -24.92 -4.66
CA LEU N 156 -25.65 -24.89 -6.07
C LEU N 156 -24.46 -25.36 -6.89
N GLY N 157 -24.67 -26.41 -7.68
CA GLY N 157 -23.62 -26.92 -8.55
C GLY N 157 -23.98 -26.85 -10.01
N GLY N 158 -23.14 -27.42 -10.87
CA GLY N 158 -23.41 -27.46 -12.28
C GLY N 158 -22.47 -28.37 -13.06
N THR N 159 -22.96 -29.00 -14.11
CA THR N 159 -22.16 -29.83 -14.98
C THR N 159 -21.91 -29.10 -16.29
N ILE N 160 -20.66 -29.06 -16.73
CA ILE N 160 -20.28 -28.27 -17.88
C ILE N 160 -20.69 -29.01 -19.15
N LYS N 161 -21.46 -28.35 -20.00
CA LYS N 161 -21.93 -28.88 -21.27
C LYS N 161 -21.45 -28.01 -22.42
N PRO N 162 -21.27 -28.57 -23.63
CA PRO N 162 -21.58 -29.93 -24.11
C PRO N 162 -20.83 -31.03 -23.38
N LYS N 163 -21.44 -32.21 -23.38
CA LYS N 163 -20.97 -33.29 -22.52
C LYS N 163 -19.57 -33.75 -22.90
N LEU N 164 -19.21 -33.63 -24.18
CA LEU N 164 -17.86 -33.87 -24.66
C LEU N 164 -17.61 -32.98 -25.87
N GLY N 165 -16.39 -32.47 -25.99
CA GLY N 165 -16.03 -31.72 -27.17
C GLY N 165 -15.31 -30.41 -26.95
N LEU N 166 -15.58 -29.77 -25.81
CA LEU N 166 -15.00 -28.46 -25.53
C LEU N 166 -13.49 -28.56 -25.35
N SER N 167 -12.77 -27.60 -25.94
CA SER N 167 -11.34 -27.50 -25.72
C SER N 167 -11.07 -26.91 -24.34
N ALA N 168 -9.82 -27.04 -23.89
CA ALA N 168 -9.47 -26.59 -22.55
C ALA N 168 -9.65 -25.08 -22.40
N LYS N 169 -9.44 -24.33 -23.48
CA LYS N 169 -9.63 -22.88 -23.42
C LYS N 169 -11.10 -22.54 -23.21
N GLU N 170 -11.99 -23.11 -24.04
CA GLU N 170 -13.41 -22.79 -23.94
C GLU N 170 -14.05 -23.46 -22.73
N TYR N 171 -13.52 -24.61 -22.30
CA TYR N 171 -14.05 -25.27 -21.11
C TYR N 171 -13.92 -24.38 -19.89
N ALA N 172 -12.76 -23.75 -19.72
CA ALA N 172 -12.56 -22.85 -18.59
C ALA N 172 -13.38 -21.58 -18.73
N ARG N 173 -13.72 -21.19 -19.96
CA ARG N 173 -14.59 -20.03 -20.15
C ARG N 173 -16.00 -20.32 -19.67
N VAL N 174 -16.51 -21.52 -19.96
CA VAL N 174 -17.84 -21.90 -19.49
C VAL N 174 -17.84 -22.06 -17.98
N VAL N 175 -16.74 -22.60 -17.42
CA VAL N 175 -16.62 -22.72 -15.98
C VAL N 175 -16.66 -21.35 -15.32
N TYR N 176 -15.91 -20.40 -15.88
CA TYR N 176 -15.87 -19.06 -15.31
C TYR N 176 -17.22 -18.37 -15.38
N GLU N 177 -17.93 -18.55 -16.50
CA GLU N 177 -19.25 -17.93 -16.63
C GLU N 177 -20.23 -18.50 -15.62
N CYS N 178 -20.17 -19.82 -15.40
CA CYS N 178 -21.08 -20.44 -14.44
C CYS N 178 -20.78 -20.00 -13.01
N LEU N 179 -19.51 -20.03 -12.63
CA LEU N 179 -19.14 -19.68 -11.25
C LEU N 179 -19.37 -18.21 -10.97
N ARG N 180 -19.12 -17.34 -11.95
CA ARG N 180 -19.38 -15.93 -11.77
C ARG N 180 -20.87 -15.64 -11.65
N GLY N 181 -21.72 -16.48 -12.24
CA GLY N 181 -23.14 -16.26 -12.25
C GLY N 181 -23.87 -16.60 -10.96
N GLY N 182 -23.23 -17.34 -10.06
CA GLY N 182 -23.85 -17.63 -8.79
C GLY N 182 -23.91 -19.09 -8.39
N LEU N 183 -23.15 -19.94 -9.08
CA LEU N 183 -23.05 -21.34 -8.72
C LEU N 183 -21.86 -21.56 -7.79
N ASP N 184 -22.07 -22.40 -6.77
CA ASP N 184 -21.02 -22.61 -5.78
C ASP N 184 -19.88 -23.44 -6.34
N THR N 185 -20.21 -24.53 -7.04
CA THR N 185 -19.19 -25.40 -7.63
C THR N 185 -19.64 -25.81 -9.02
N THR N 186 -18.68 -26.30 -9.80
CA THR N 186 -18.95 -26.94 -11.07
C THR N 186 -18.23 -28.28 -11.09
N KCX N 187 -18.32 -29.02 -12.19
CA KCX N 187 -17.67 -30.33 -12.24
CB KCX N 187 -18.48 -31.39 -11.51
CG KCX N 187 -19.92 -31.34 -11.99
CD KCX N 187 -20.73 -32.43 -11.35
CE KCX N 187 -20.01 -33.75 -11.52
NZ KCX N 187 -20.31 -34.30 -12.79
C KCX N 187 -17.40 -30.82 -13.66
O KCX N 187 -18.30 -30.53 -14.52
CX KCX N 187 -21.53 -34.94 -13.07
OQ1 KCX N 187 -22.27 -35.30 -12.17
OQ2 KCX N 187 -21.73 -35.05 -14.33
N ASP N 188 -16.29 -31.48 -13.91
CA ASP N 188 -16.09 -32.20 -15.15
C ASP N 188 -17.12 -33.30 -15.21
N ASP N 189 -17.67 -33.58 -16.38
CA ASP N 189 -18.73 -34.57 -16.45
C ASP N 189 -18.12 -35.97 -16.32
N GLU N 190 -18.98 -36.99 -16.22
CA GLU N 190 -18.49 -38.32 -15.85
C GLU N 190 -17.49 -38.87 -16.86
N ASN N 191 -17.74 -38.67 -18.15
CA ASN N 191 -16.95 -39.33 -19.18
C ASN N 191 -15.81 -38.47 -19.73
N LEU N 192 -15.60 -37.28 -19.18
CA LEU N 192 -14.52 -36.40 -19.64
C LEU N 192 -13.34 -36.57 -18.68
N ASN N 193 -12.35 -37.37 -19.07
CA ASN N 193 -11.17 -37.58 -18.23
C ASN N 193 -9.90 -37.03 -18.87
N SER N 194 -9.47 -37.61 -19.99
CA SER N 194 -8.26 -37.12 -20.66
C SER N 194 -8.38 -37.28 -22.18
N GLN N 195 -9.53 -36.90 -22.73
CA GLN N 195 -9.77 -37.12 -24.15
C GLN N 195 -8.82 -36.28 -25.00
N PRO N 196 -8.58 -36.68 -26.25
CA PRO N 196 -7.60 -35.95 -27.08
C PRO N 196 -7.94 -34.48 -27.27
N PHE N 197 -9.23 -34.14 -27.36
CA PHE N 197 -9.59 -32.73 -27.52
C PHE N 197 -9.42 -31.94 -26.24
N ASN N 198 -9.33 -32.61 -25.09
CA ASN N 198 -9.25 -31.91 -23.79
C ASN N 198 -8.37 -32.78 -22.89
N ARG N 199 -7.07 -32.46 -22.85
CA ARG N 199 -6.14 -33.19 -22.00
C ARG N 199 -6.29 -32.76 -20.55
N TRP N 200 -6.08 -33.72 -19.64
CA TRP N 200 -6.30 -33.43 -18.22
C TRP N 200 -5.30 -32.41 -17.70
N ARG N 201 -4.04 -32.52 -18.12
CA ARG N 201 -3.03 -31.57 -17.63
C ARG N 201 -3.29 -30.15 -18.12
N ASP N 202 -4.01 -29.98 -19.22
CA ASP N 202 -4.41 -28.67 -19.68
C ASP N 202 -5.73 -28.24 -19.05
N ARG N 203 -6.70 -29.14 -18.97
CA ARG N 203 -7.99 -28.80 -18.38
C ARG N 203 -7.85 -28.43 -16.92
N PHE N 204 -7.01 -29.16 -16.18
CA PHE N 204 -6.83 -28.86 -14.76
C PHE N 204 -6.27 -27.46 -14.55
N LEU N 205 -5.26 -27.09 -15.36
CA LEU N 205 -4.62 -25.79 -15.18
C LEU N 205 -5.54 -24.65 -15.60
N TYR N 206 -6.35 -24.89 -16.64
CA TYR N 206 -7.16 -23.81 -17.19
C TYR N 206 -8.34 -23.47 -16.29
N VAL N 207 -8.97 -24.50 -15.71
CA VAL N 207 -10.19 -24.24 -14.93
C VAL N 207 -9.85 -23.71 -13.55
N MET N 208 -8.66 -24.01 -13.04
CA MET N 208 -8.27 -23.43 -11.76
C MET N 208 -7.98 -21.95 -11.92
N GLU N 209 -7.54 -21.53 -13.10
CA GLU N 209 -7.49 -20.10 -13.40
C GLU N 209 -8.89 -19.51 -13.42
N ALA N 210 -9.86 -20.23 -13.99
CA ALA N 210 -11.23 -19.75 -14.01
C ALA N 210 -11.84 -19.74 -12.62
N VAL N 211 -11.54 -20.76 -11.81
CA VAL N 211 -12.07 -20.82 -10.45
C VAL N 211 -11.50 -19.68 -9.61
N ARG N 212 -10.18 -19.49 -9.68
CA ARG N 212 -9.55 -18.43 -8.90
C ARG N 212 -9.95 -17.05 -9.39
N LYS N 213 -10.22 -16.91 -10.69
CA LYS N 213 -10.68 -15.64 -11.22
C LYS N 213 -12.12 -15.36 -10.78
N ALA N 214 -12.99 -16.36 -10.88
CA ALA N 214 -14.38 -16.18 -10.47
C ALA N 214 -14.49 -16.03 -8.96
N GLU N 215 -13.57 -16.62 -8.21
CA GLU N 215 -13.64 -16.54 -6.76
C GLU N 215 -13.24 -15.16 -6.26
N ALA N 216 -12.20 -14.56 -6.87
CA ALA N 216 -11.77 -13.24 -6.44
C ALA N 216 -12.78 -12.17 -6.83
N GLU N 217 -13.47 -12.37 -7.96
CA GLU N 217 -14.45 -11.38 -8.40
C GLU N 217 -15.70 -11.42 -7.53
N THR N 218 -16.22 -12.61 -7.24
CA THR N 218 -17.42 -12.74 -6.44
C THR N 218 -17.15 -12.51 -4.95
N GLY N 219 -15.95 -12.80 -4.49
CA GLY N 219 -15.66 -12.75 -3.06
C GLY N 219 -16.09 -13.99 -2.31
N GLU N 220 -16.57 -15.01 -3.00
CA GLU N 220 -17.04 -16.24 -2.38
C GLU N 220 -16.16 -17.40 -2.81
N ARG N 221 -16.08 -18.42 -1.95
CA ARG N 221 -15.19 -19.55 -2.18
C ARG N 221 -15.85 -20.51 -3.18
N LYS N 222 -15.26 -20.63 -4.36
CA LYS N 222 -15.76 -21.51 -5.40
C LYS N 222 -14.93 -22.79 -5.44
N GLY N 223 -15.23 -23.64 -6.42
CA GLY N 223 -14.50 -24.88 -6.57
C GLY N 223 -14.99 -25.62 -7.79
N HIS N 224 -14.15 -26.55 -8.25
CA HIS N 224 -14.47 -27.36 -9.41
C HIS N 224 -14.11 -28.81 -9.11
N TRP N 225 -15.02 -29.73 -9.44
CA TRP N 225 -14.82 -31.15 -9.16
C TRP N 225 -14.11 -31.77 -10.37
N LEU N 226 -12.78 -31.64 -10.36
CA LEU N 226 -11.97 -32.16 -11.45
C LEU N 226 -12.09 -33.67 -11.54
N ASN N 227 -12.29 -34.18 -12.76
CA ASN N 227 -12.46 -35.61 -12.97
C ASN N 227 -11.10 -36.27 -12.96
N VAL N 228 -10.74 -36.87 -11.83
CA VAL N 228 -9.46 -37.57 -11.68
C VAL N 228 -9.54 -38.99 -12.23
N THR N 229 -10.73 -39.48 -12.55
CA THR N 229 -10.90 -40.86 -12.99
C THR N 229 -10.01 -41.15 -14.20
N ALA N 230 -9.32 -42.29 -14.15
CA ALA N 230 -8.37 -42.66 -15.18
C ALA N 230 -8.36 -44.17 -15.32
N GLY N 231 -7.51 -44.66 -16.22
CA GLY N 231 -7.43 -46.08 -16.50
C GLY N 231 -6.67 -46.92 -15.51
N SER N 232 -6.10 -46.32 -14.47
CA SER N 232 -5.36 -47.07 -13.47
C SER N 232 -5.30 -46.28 -12.17
N THR N 233 -5.09 -47.02 -11.08
CA THR N 233 -4.97 -46.38 -9.77
C THR N 233 -3.77 -45.46 -9.73
N GLU N 234 -2.64 -45.88 -10.33
CA GLU N 234 -1.48 -45.02 -10.39
C GLU N 234 -1.79 -43.74 -11.15
N GLU N 235 -2.52 -43.84 -12.26
CA GLU N 235 -2.84 -42.66 -13.04
C GLU N 235 -3.75 -41.70 -12.28
N MET N 236 -4.76 -42.23 -11.57
CA MET N 236 -5.60 -41.33 -10.79
C MET N 236 -4.82 -40.69 -9.65
N LEU N 237 -4.00 -41.45 -8.95
CA LEU N 237 -3.21 -40.86 -7.87
C LEU N 237 -2.25 -39.81 -8.42
N LYS N 238 -1.79 -40.00 -9.66
CA LYS N 238 -0.94 -39.00 -10.29
C LYS N 238 -1.73 -37.74 -10.63
N ARG N 239 -2.96 -37.90 -11.10
CA ARG N 239 -3.79 -36.73 -11.39
C ARG N 239 -4.27 -36.07 -10.10
N ALA N 240 -4.51 -36.87 -9.05
CA ALA N 240 -4.98 -36.30 -7.80
C ALA N 240 -3.96 -35.36 -7.19
N GLU N 241 -2.68 -35.75 -7.21
CA GLU N 241 -1.65 -34.90 -6.63
C GLU N 241 -1.51 -33.59 -7.41
N PHE N 242 -1.68 -33.66 -8.74
CA PHE N 242 -1.60 -32.45 -9.55
C PHE N 242 -2.73 -31.48 -9.20
N ALA N 243 -3.93 -32.02 -8.96
CA ALA N 243 -5.06 -31.17 -8.59
C ALA N 243 -4.82 -30.47 -7.26
N ALA N 244 -4.27 -31.20 -6.28
CA ALA N 244 -3.97 -30.59 -4.99
C ALA N 244 -2.89 -29.53 -5.12
N GLU N 245 -1.89 -29.78 -5.97
CA GLU N 245 -0.83 -28.80 -6.18
C GLU N 245 -1.38 -27.51 -6.78
N LEU N 246 -2.32 -27.63 -7.73
CA LEU N 246 -2.92 -26.45 -8.34
C LEU N 246 -3.77 -25.66 -7.36
N GLY N 247 -4.15 -26.26 -6.24
CA GLY N 247 -4.96 -25.58 -5.25
C GLY N 247 -6.43 -25.95 -5.24
N SER N 248 -6.82 -26.99 -5.97
CA SER N 248 -8.22 -27.38 -6.01
C SER N 248 -8.66 -27.95 -4.66
N ARG N 249 -9.90 -27.63 -4.28
CA ARG N 249 -10.46 -28.18 -3.07
C ARG N 249 -11.02 -29.58 -3.29
N TYR N 250 -11.46 -29.88 -4.51
CA TYR N 250 -12.18 -31.10 -4.81
C TYR N 250 -11.46 -31.92 -5.86
N ILE N 251 -11.81 -33.21 -5.90
CA ILE N 251 -11.52 -34.09 -7.01
C ILE N 251 -12.79 -34.89 -7.29
N MET N 252 -12.79 -35.62 -8.40
CA MET N 252 -13.95 -36.40 -8.81
C MET N 252 -13.51 -37.78 -9.26
N VAL N 253 -14.25 -38.79 -8.82
CA VAL N 253 -14.00 -40.17 -9.20
C VAL N 253 -15.33 -40.82 -9.52
N ASP N 254 -15.35 -41.65 -10.56
CA ASP N 254 -16.48 -42.51 -10.88
C ASP N 254 -16.21 -43.83 -10.17
N PHE N 255 -16.74 -43.97 -8.95
CA PHE N 255 -16.30 -45.07 -8.10
C PHE N 255 -16.73 -46.44 -8.61
N LEU N 256 -17.95 -46.57 -9.13
CA LEU N 256 -18.42 -47.87 -9.60
C LEU N 256 -17.66 -48.35 -10.83
N THR N 257 -17.32 -47.46 -11.77
CA THR N 257 -16.54 -47.87 -12.93
C THR N 257 -15.08 -48.09 -12.56
N ALA N 258 -14.53 -47.22 -11.72
CA ALA N 258 -13.12 -47.35 -11.32
C ALA N 258 -12.89 -48.58 -10.45
N GLY N 259 -13.93 -49.07 -9.78
CA GLY N 259 -13.78 -50.17 -8.86
C GLY N 259 -13.55 -49.69 -7.44
N PHE N 260 -14.04 -50.48 -6.49
CA PHE N 260 -13.96 -50.08 -5.09
C PHE N 260 -12.55 -50.12 -4.54
N ALA N 261 -11.67 -50.97 -5.07
CA ALA N 261 -10.28 -50.97 -4.63
C ALA N 261 -9.58 -49.67 -5.03
N ALA N 262 -9.72 -49.28 -6.30
CA ALA N 262 -9.15 -48.01 -6.73
C ALA N 262 -9.81 -46.83 -6.03
N PHE N 263 -11.10 -46.95 -5.72
CA PHE N 263 -11.77 -45.90 -4.97
C PHE N 263 -11.19 -45.75 -3.57
N ALA N 264 -10.93 -46.88 -2.90
CA ALA N 264 -10.35 -46.83 -1.56
C ALA N 264 -8.92 -46.31 -1.62
N SER N 265 -8.18 -46.64 -2.68
CA SER N 265 -6.82 -46.14 -2.81
C SER N 265 -6.79 -44.64 -3.07
N VAL N 266 -7.73 -44.15 -3.88
CA VAL N 266 -7.83 -42.72 -4.14
C VAL N 266 -8.27 -41.96 -2.89
N ARG N 267 -9.16 -42.57 -2.11
CA ARG N 267 -9.70 -41.89 -0.93
C ARG N 267 -8.60 -41.56 0.06
N ARG N 268 -7.61 -42.45 0.21
CA ARG N 268 -6.55 -42.19 1.17
C ARG N 268 -5.64 -41.06 0.72
N ARG N 269 -5.40 -40.97 -0.59
CA ARG N 269 -4.64 -39.83 -1.11
C ARG N 269 -5.42 -38.53 -0.93
N ALA N 270 -6.72 -38.56 -1.18
CA ALA N 270 -7.54 -37.36 -1.02
C ALA N 270 -7.46 -36.82 0.40
N GLU N 271 -7.59 -37.71 1.39
CA GLU N 271 -7.49 -37.27 2.78
C GLU N 271 -6.09 -36.79 3.12
N GLU N 272 -5.07 -37.47 2.63
CA GLU N 272 -3.68 -37.10 2.91
C GLU N 272 -3.23 -35.88 2.12
N LEU N 273 -3.95 -35.52 1.06
CA LEU N 273 -3.65 -34.32 0.30
C LEU N 273 -4.50 -33.12 0.69
N GLY N 274 -5.56 -33.33 1.46
CA GLY N 274 -6.45 -32.25 1.85
C GLY N 274 -7.58 -31.98 0.91
N LEU N 275 -7.93 -32.93 0.04
CA LEU N 275 -8.97 -32.74 -0.95
C LEU N 275 -10.29 -33.34 -0.48
N MET N 276 -11.38 -32.73 -0.90
CA MET N 276 -12.69 -33.35 -0.79
C MET N 276 -12.93 -34.24 -2.00
N LEU N 277 -13.81 -35.22 -1.83
CA LEU N 277 -13.95 -36.30 -2.80
C LEU N 277 -15.42 -36.46 -3.21
N HIS N 278 -15.76 -35.92 -4.37
CA HIS N 278 -17.05 -36.20 -4.98
C HIS N 278 -17.01 -37.52 -5.72
N CYS N 279 -18.05 -38.33 -5.55
CA CYS N 279 -18.08 -39.69 -6.06
C CYS N 279 -19.30 -39.86 -6.98
N HIS N 280 -19.08 -39.67 -8.28
CA HIS N 280 -20.15 -39.90 -9.25
C HIS N 280 -20.46 -41.38 -9.33
N ARG N 281 -21.73 -41.70 -9.54
CA ARG N 281 -22.22 -43.08 -9.47
C ARG N 281 -22.51 -43.68 -10.85
N ALA N 282 -21.64 -43.41 -11.82
CA ALA N 282 -21.84 -43.95 -13.16
C ALA N 282 -21.85 -45.48 -13.12
N MET N 283 -22.67 -46.07 -13.99
CA MET N 283 -22.93 -47.50 -14.16
C MET N 283 -23.89 -48.03 -13.09
N HIS N 284 -24.34 -47.20 -12.14
CA HIS N 284 -25.20 -47.70 -11.08
C HIS N 284 -26.50 -48.30 -11.63
N ALA N 285 -27.00 -47.74 -12.74
CA ALA N 285 -28.26 -48.21 -13.29
C ALA N 285 -28.13 -49.54 -14.00
N VAL N 286 -26.92 -50.02 -14.24
CA VAL N 286 -26.74 -51.39 -14.71
C VAL N 286 -27.08 -52.37 -13.59
N PHE N 287 -26.72 -52.03 -12.36
CA PHE N 287 -27.12 -52.83 -11.21
C PHE N 287 -28.59 -52.63 -10.87
N ASP N 288 -28.96 -51.40 -10.51
CA ASP N 288 -30.31 -51.14 -10.00
C ASP N 288 -31.08 -50.23 -10.95
N ARG N 289 -31.71 -50.85 -11.93
CA ARG N 289 -32.84 -50.22 -12.59
C ARG N 289 -34.07 -51.11 -12.59
N GLN N 290 -33.90 -52.39 -12.85
CA GLN N 290 -35.00 -53.34 -12.86
C GLN N 290 -35.38 -53.72 -11.43
N PRO N 291 -36.67 -53.80 -11.12
CA PRO N 291 -37.11 -54.13 -9.76
C PRO N 291 -37.03 -55.61 -9.42
N ASN N 292 -36.36 -56.44 -10.22
CA ASN N 292 -36.28 -57.87 -9.94
C ASN N 292 -34.88 -58.44 -10.08
N HIS N 293 -33.86 -57.61 -10.31
CA HIS N 293 -32.51 -58.11 -10.46
C HIS N 293 -31.52 -56.97 -10.22
N GLY N 294 -30.44 -57.28 -9.51
CA GLY N 294 -29.41 -56.30 -9.28
C GLY N 294 -29.13 -56.03 -7.82
N ILE N 295 -28.57 -54.86 -7.52
CA ILE N 295 -28.26 -54.44 -6.16
C ILE N 295 -28.83 -53.04 -6.00
N HIS N 296 -29.83 -52.91 -5.12
CA HIS N 296 -30.47 -51.62 -4.91
C HIS N 296 -29.46 -50.58 -4.46
N PHE N 297 -29.62 -49.34 -4.94
CA PHE N 297 -28.62 -48.30 -4.67
C PHE N 297 -28.47 -48.01 -3.19
N ARG N 298 -29.47 -48.35 -2.37
CA ARG N 298 -29.32 -48.14 -0.93
C ARG N 298 -28.18 -48.98 -0.37
N VAL N 299 -27.95 -50.16 -0.94
CA VAL N 299 -26.80 -50.97 -0.56
C VAL N 299 -25.52 -50.33 -1.07
N LEU N 300 -25.54 -49.81 -2.30
CA LEU N 300 -24.36 -49.13 -2.83
C LEU N 300 -24.11 -47.81 -2.10
N ALA N 301 -25.18 -47.17 -1.62
CA ALA N 301 -25.01 -45.93 -0.85
C ALA N 301 -24.35 -46.20 0.49
N LYS N 302 -24.68 -47.33 1.11
CA LYS N 302 -24.06 -47.68 2.38
C LYS N 302 -22.56 -47.88 2.22
N TRP N 303 -22.16 -48.58 1.15
CA TRP N 303 -20.75 -48.89 0.96
C TRP N 303 -19.91 -47.62 0.79
N LEU N 304 -20.41 -46.65 0.03
CA LEU N 304 -19.63 -45.46 -0.23
C LEU N 304 -19.41 -44.67 1.06
N ARG N 305 -20.41 -44.64 1.94
CA ARG N 305 -20.20 -44.03 3.25
C ARG N 305 -19.20 -44.85 4.07
N MET N 306 -19.19 -46.17 3.89
CA MET N 306 -18.27 -47.02 4.63
C MET N 306 -16.83 -46.74 4.23
N VAL N 307 -16.54 -46.73 2.93
CA VAL N 307 -15.15 -46.58 2.49
C VAL N 307 -14.74 -45.11 2.50
N GLY N 308 -15.68 -44.21 2.25
CA GLY N 308 -15.37 -42.79 2.31
C GLY N 308 -15.63 -42.01 1.04
N GLY N 309 -16.48 -41.00 1.13
CA GLY N 309 -16.74 -40.09 0.03
C GLY N 309 -17.68 -38.99 0.47
N ASP N 310 -17.33 -37.75 0.19
CA ASP N 310 -18.10 -36.63 0.72
C ASP N 310 -19.42 -36.42 -0.02
N HIS N 311 -19.46 -36.74 -1.31
CA HIS N 311 -20.68 -36.57 -2.10
C HIS N 311 -20.99 -37.86 -2.85
N VAL N 312 -22.27 -38.02 -3.17
CA VAL N 312 -22.74 -39.12 -4.00
C VAL N 312 -24.12 -38.76 -4.53
N HIS N 313 -24.37 -39.10 -5.79
CA HIS N 313 -25.62 -38.75 -6.44
C HIS N 313 -26.73 -39.67 -5.94
N THR N 314 -27.55 -39.15 -5.01
CA THR N 314 -28.76 -39.87 -4.64
C THR N 314 -29.78 -39.89 -5.77
N GLY N 315 -29.60 -39.09 -6.80
CA GLY N 315 -30.55 -38.98 -7.87
C GLY N 315 -31.74 -38.11 -7.50
N THR N 316 -32.29 -37.45 -8.50
CA THR N 316 -33.44 -36.57 -8.32
C THR N 316 -34.71 -37.32 -8.72
N VAL N 317 -35.77 -37.10 -7.94
CA VAL N 317 -37.03 -37.80 -8.20
C VAL N 317 -37.69 -37.25 -9.47
N VAL N 318 -37.61 -35.95 -9.68
CA VAL N 318 -38.39 -35.28 -10.72
C VAL N 318 -37.52 -34.88 -11.90
N GLY N 319 -36.45 -35.61 -12.13
CA GLY N 319 -35.54 -35.33 -13.23
C GLY N 319 -35.80 -36.21 -14.43
N LYS N 320 -34.75 -36.40 -15.24
CA LYS N 320 -34.83 -37.22 -16.44
C LYS N 320 -34.43 -38.66 -16.19
N LEU N 321 -34.08 -39.02 -14.96
CA LEU N 321 -33.58 -40.34 -14.62
C LEU N 321 -34.49 -41.01 -13.62
N GLU N 322 -34.53 -42.34 -13.67
CA GLU N 322 -35.46 -43.12 -12.86
C GLU N 322 -35.12 -42.95 -11.38
N GLY N 323 -36.17 -42.98 -10.55
CA GLY N 323 -36.02 -42.85 -9.12
C GLY N 323 -37.36 -42.73 -8.43
N ASP N 324 -37.44 -43.17 -7.18
CA ASP N 324 -38.67 -43.16 -6.41
C ASP N 324 -38.57 -42.15 -5.27
N ARG N 325 -39.66 -41.43 -5.03
CA ARG N 325 -39.66 -40.40 -4.00
C ARG N 325 -39.41 -40.98 -2.62
N ALA N 326 -40.09 -42.09 -2.29
CA ALA N 326 -39.94 -42.68 -0.97
C ALA N 326 -38.53 -43.21 -0.76
N GLU N 327 -38.02 -43.98 -1.72
CA GLU N 327 -36.71 -44.59 -1.55
C GLU N 327 -35.59 -43.55 -1.60
N THR N 328 -35.77 -42.47 -2.36
CA THR N 328 -34.76 -41.41 -2.39
C THR N 328 -34.65 -40.73 -1.04
N LEU N 329 -35.78 -40.51 -0.37
CA LEU N 329 -35.74 -39.96 0.97
C LEU N 329 -35.10 -40.94 1.94
N GLY N 330 -35.27 -42.24 1.70
CA GLY N 330 -34.62 -43.23 2.54
C GLY N 330 -33.10 -43.22 2.39
N ILE N 331 -32.62 -43.10 1.15
CA ILE N 331 -31.18 -43.06 0.92
C ILE N 331 -30.57 -41.79 1.49
N ALA N 332 -31.32 -40.68 1.44
CA ALA N 332 -30.81 -39.43 2.00
C ALA N 332 -30.62 -39.53 3.51
N ASP N 333 -31.45 -40.35 4.17
CA ASP N 333 -31.25 -40.60 5.59
C ASP N 333 -30.03 -41.48 5.83
N LEU N 334 -29.80 -42.46 4.96
CA LEU N 334 -28.67 -43.36 5.13
C LEU N 334 -27.34 -42.60 5.05
N LEU N 335 -27.27 -41.58 4.21
CA LEU N 335 -26.02 -40.86 3.99
C LEU N 335 -25.83 -39.70 4.96
N ARG N 336 -26.91 -39.18 5.53
CA ARG N 336 -26.85 -38.00 6.37
C ARG N 336 -27.08 -38.28 7.85
N GLU N 337 -28.00 -39.18 8.18
CA GLU N 337 -28.34 -39.42 9.58
C GLU N 337 -27.25 -40.25 10.26
N ASP N 338 -27.41 -40.41 11.58
CA ASP N 338 -26.45 -41.15 12.38
C ASP N 338 -26.99 -42.49 12.88
N TYR N 339 -28.31 -42.64 12.95
CA TYR N 339 -28.93 -43.92 13.23
C TYR N 339 -30.26 -43.95 12.49
N VAL N 340 -30.36 -44.81 11.48
CA VAL N 340 -31.52 -44.85 10.60
C VAL N 340 -32.40 -46.01 11.03
N PRO N 341 -33.57 -45.76 11.63
CA PRO N 341 -34.46 -46.87 11.98
C PRO N 341 -35.04 -47.54 10.75
N ALA N 342 -35.39 -48.82 10.90
CA ALA N 342 -35.97 -49.57 9.80
C ALA N 342 -37.35 -49.04 9.46
N ASP N 343 -37.63 -48.90 8.17
CA ASP N 343 -38.91 -48.36 7.72
C ASP N 343 -39.38 -49.13 6.50
N PRO N 344 -40.51 -49.84 6.60
CA PRO N 344 -41.03 -50.57 5.43
C PRO N 344 -41.40 -49.66 4.27
N GLY N 345 -41.94 -48.48 4.59
CA GLY N 345 -42.38 -47.58 3.54
C GLY N 345 -41.24 -47.05 2.69
N ARG N 346 -40.13 -46.69 3.32
CA ARG N 346 -38.97 -46.18 2.59
C ARG N 346 -38.10 -47.29 2.03
N GLY N 347 -38.46 -48.55 2.26
CA GLY N 347 -37.72 -49.67 1.73
C GLY N 347 -36.57 -50.14 2.60
N LEU N 348 -36.33 -49.52 3.75
CA LEU N 348 -35.25 -49.91 4.63
C LEU N 348 -35.68 -51.13 5.46
N PHE N 349 -35.02 -52.25 5.23
CA PHE N 349 -35.37 -53.50 5.91
C PHE N 349 -34.69 -53.68 7.25
N PHE N 350 -33.69 -52.85 7.57
CA PHE N 350 -32.89 -53.04 8.77
C PHE N 350 -32.62 -51.71 9.45
N ASP N 351 -32.47 -51.76 10.77
CA ASP N 351 -31.91 -50.63 11.51
C ASP N 351 -30.42 -50.51 11.19
N GLN N 352 -29.92 -49.28 11.23
CA GLN N 352 -28.54 -49.02 10.83
C GLN N 352 -27.91 -48.00 11.76
N ASP N 353 -27.08 -48.47 12.69
CA ASP N 353 -26.22 -47.61 13.49
C ASP N 353 -24.90 -47.43 12.74
N TRP N 354 -24.49 -46.19 12.53
CA TRP N 354 -23.33 -45.90 11.71
C TRP N 354 -22.04 -45.77 12.51
N ALA N 355 -22.10 -45.90 13.83
CA ALA N 355 -20.90 -45.95 14.68
C ALA N 355 -20.03 -44.70 14.51
N GLY N 356 -20.67 -43.55 14.35
CA GLY N 356 -19.96 -42.29 14.34
C GLY N 356 -19.35 -41.89 13.00
N LEU N 357 -19.50 -42.69 11.96
CA LEU N 357 -19.02 -42.31 10.64
C LEU N 357 -19.73 -41.04 10.18
N LYS N 358 -18.95 -40.02 9.83
CA LYS N 358 -19.49 -38.72 9.50
C LYS N 358 -20.27 -38.79 8.19
N PRO N 359 -21.24 -37.89 7.99
CA PRO N 359 -22.23 -38.06 6.93
C PRO N 359 -21.70 -37.72 5.55
N VAL N 360 -22.60 -37.80 4.57
CA VAL N 360 -22.28 -37.62 3.16
C VAL N 360 -23.32 -36.69 2.55
N PHE N 361 -22.88 -35.79 1.69
CA PHE N 361 -23.81 -34.94 0.94
C PHE N 361 -24.55 -35.73 -0.12
N PRO N 362 -25.88 -35.79 -0.08
CA PRO N 362 -26.63 -36.20 -1.27
C PRO N 362 -26.53 -35.12 -2.34
N VAL N 363 -26.51 -35.55 -3.59
CA VAL N 363 -26.32 -34.66 -4.73
C VAL N 363 -27.41 -34.96 -5.75
N ALA N 364 -28.49 -34.19 -5.73
CA ALA N 364 -29.53 -34.35 -6.72
C ALA N 364 -29.05 -33.81 -8.07
N SER N 365 -29.26 -34.60 -9.13
CA SER N 365 -28.83 -34.19 -10.45
C SER N 365 -29.63 -34.97 -11.49
N GLY N 366 -29.75 -34.38 -12.67
CA GLY N 366 -30.52 -34.98 -13.74
C GLY N 366 -31.07 -33.93 -14.69
N GLY N 367 -32.29 -34.14 -15.18
CA GLY N 367 -32.91 -33.17 -16.05
C GLY N 367 -33.74 -32.15 -15.29
N ILE N 368 -33.12 -31.50 -14.30
CA ILE N 368 -33.82 -30.58 -13.42
C ILE N 368 -33.53 -29.15 -13.84
N HIS N 369 -34.46 -28.26 -13.50
CA HIS N 369 -34.33 -26.83 -13.78
C HIS N 369 -35.03 -26.06 -12.67
N VAL N 370 -35.32 -24.79 -12.90
CA VAL N 370 -35.84 -23.93 -11.84
C VAL N 370 -37.21 -24.38 -11.38
N TRP N 371 -37.97 -25.03 -12.26
CA TRP N 371 -39.32 -25.46 -11.90
C TRP N 371 -39.30 -26.61 -10.90
N HIS N 372 -38.22 -27.39 -10.85
CA HIS N 372 -38.11 -28.51 -9.93
C HIS N 372 -37.52 -28.11 -8.59
N VAL N 373 -37.20 -26.84 -8.39
CA VAL N 373 -36.63 -26.40 -7.11
C VAL N 373 -37.59 -26.62 -5.94
N PRO N 374 -38.89 -26.22 -6.03
CA PRO N 374 -39.78 -26.42 -4.87
C PRO N 374 -39.83 -27.86 -4.38
N ASP N 375 -40.07 -28.81 -5.30
CA ASP N 375 -40.15 -30.21 -4.90
C ASP N 375 -38.79 -30.89 -4.85
N LEU N 376 -37.70 -30.12 -4.78
CA LEU N 376 -36.37 -30.64 -4.50
C LEU N 376 -35.89 -30.23 -3.11
N VAL N 377 -36.13 -28.98 -2.73
CA VAL N 377 -35.80 -28.54 -1.37
C VAL N 377 -36.64 -29.30 -0.35
N SER N 378 -37.82 -29.77 -0.75
CA SER N 378 -38.70 -30.54 0.13
C SER N 378 -38.43 -32.03 0.09
N ILE N 379 -37.35 -32.46 -0.56
CA ILE N 379 -36.96 -33.87 -0.59
C ILE N 379 -35.59 -34.01 0.05
N PHE N 380 -34.79 -32.96 -0.05
CA PHE N 380 -33.42 -33.01 0.43
C PHE N 380 -33.11 -32.01 1.55
N GLY N 381 -34.00 -31.05 1.81
CA GLY N 381 -33.72 -30.06 2.83
C GLY N 381 -32.61 -29.12 2.38
N ASP N 382 -31.77 -28.72 3.35
CA ASP N 382 -30.68 -27.79 3.08
C ASP N 382 -29.31 -28.45 3.02
N ASP N 383 -29.19 -29.70 3.43
CA ASP N 383 -27.91 -30.39 3.45
C ASP N 383 -27.74 -31.26 2.21
N ALA N 384 -27.67 -30.61 1.05
CA ALA N 384 -27.57 -31.32 -0.22
C ALA N 384 -26.99 -30.40 -1.28
N PHE N 385 -26.59 -31.01 -2.39
CA PHE N 385 -26.15 -30.31 -3.59
C PHE N 385 -27.21 -30.44 -4.67
N PHE N 386 -27.41 -29.36 -5.41
CA PHE N 386 -28.29 -29.36 -6.58
C PHE N 386 -27.45 -29.05 -7.81
N LEU N 387 -27.47 -29.95 -8.78
CA LEU N 387 -26.68 -29.80 -9.99
C LEU N 387 -27.59 -29.43 -11.16
N PHE N 388 -27.29 -28.28 -11.78
CA PHE N 388 -28.02 -27.82 -12.96
C PHE N 388 -27.02 -27.79 -14.11
N GLY N 389 -26.87 -28.92 -14.79
CA GLY N 389 -25.97 -29.01 -15.91
C GLY N 389 -26.53 -28.39 -17.17
N GLY N 390 -27.63 -28.95 -17.67
CA GLY N 390 -28.33 -28.38 -18.80
C GLY N 390 -29.34 -27.33 -18.45
N GLY N 391 -29.68 -27.19 -17.18
CA GLY N 391 -30.55 -26.14 -16.71
C GLY N 391 -29.87 -24.81 -16.47
N THR N 392 -28.55 -24.78 -16.58
CA THR N 392 -27.76 -23.56 -16.47
C THR N 392 -27.35 -23.02 -17.84
N HIS N 393 -26.73 -23.88 -18.66
CA HIS N 393 -26.28 -23.47 -19.98
C HIS N 393 -27.42 -23.39 -21.00
N GLY N 394 -28.58 -23.94 -20.68
CA GLY N 394 -29.72 -23.88 -21.57
C GLY N 394 -30.53 -22.62 -21.49
N HIS N 395 -30.18 -21.72 -20.57
CA HIS N 395 -30.91 -20.47 -20.44
C HIS N 395 -30.73 -19.64 -21.71
N PRO N 396 -31.77 -18.94 -22.17
CA PRO N 396 -31.68 -18.25 -23.47
C PRO N 396 -30.69 -17.10 -23.51
N ARG N 397 -29.95 -16.85 -22.42
CA ARG N 397 -28.93 -15.81 -22.42
C ARG N 397 -27.59 -16.29 -21.86
N GLY N 398 -27.32 -17.59 -21.85
CA GLY N 398 -26.01 -18.10 -21.53
C GLY N 398 -25.94 -18.70 -20.14
N SER N 399 -24.70 -19.04 -19.75
CA SER N 399 -24.46 -19.73 -18.49
C SER N 399 -24.56 -18.80 -17.30
N ARG N 400 -24.06 -17.57 -17.42
CA ARG N 400 -24.10 -16.64 -16.29
C ARG N 400 -25.53 -16.27 -15.93
N ALA N 401 -26.37 -16.04 -16.95
CA ALA N 401 -27.77 -15.77 -16.69
C ALA N 401 -28.47 -16.99 -16.10
N GLY N 402 -28.15 -18.18 -16.62
CA GLY N 402 -28.75 -19.39 -16.08
C GLY N 402 -28.30 -19.69 -14.67
N ALA N 403 -27.03 -19.40 -14.35
CA ALA N 403 -26.55 -19.59 -13.00
C ALA N 403 -27.27 -18.68 -12.01
N THR N 404 -27.49 -17.42 -12.41
CA THR N 404 -28.21 -16.49 -11.54
C THR N 404 -29.65 -16.94 -11.33
N ALA N 405 -30.30 -17.42 -12.39
CA ALA N 405 -31.69 -17.88 -12.26
C ALA N 405 -31.79 -19.08 -11.35
N ASN N 406 -30.84 -20.02 -11.47
CA ASN N 406 -30.84 -21.18 -10.58
C ASN N 406 -30.55 -20.77 -9.15
N ARG N 407 -29.59 -19.85 -8.96
CA ARG N 407 -29.26 -19.38 -7.62
C ARG N 407 -30.42 -18.64 -6.98
N VAL N 408 -31.14 -17.83 -7.77
CA VAL N 408 -32.24 -17.05 -7.23
C VAL N 408 -33.43 -17.96 -6.89
N ALA N 409 -33.69 -18.95 -7.73
CA ALA N 409 -34.83 -19.85 -7.48
C ALA N 409 -34.66 -20.61 -6.18
N VAL N 410 -33.46 -21.12 -5.93
CA VAL N 410 -33.21 -21.86 -4.69
C VAL N 410 -33.28 -20.93 -3.49
N GLU N 411 -32.72 -19.73 -3.61
CA GLU N 411 -32.75 -18.77 -2.50
C GLU N 411 -34.17 -18.37 -2.15
N ALA N 412 -35.03 -18.21 -3.15
CA ALA N 412 -36.40 -17.80 -2.88
C ALA N 412 -37.21 -18.92 -2.26
N VAL N 413 -37.06 -20.15 -2.75
CA VAL N 413 -37.80 -21.28 -2.20
C VAL N 413 -37.36 -21.56 -0.76
N VAL N 414 -36.05 -21.53 -0.50
CA VAL N 414 -35.54 -21.78 0.84
C VAL N 414 -36.02 -20.70 1.80
N GLN N 415 -35.92 -19.43 1.37
CA GLN N 415 -36.35 -18.34 2.24
C GLN N 415 -37.84 -18.37 2.50
N ALA N 416 -38.63 -18.87 1.55
CA ALA N 416 -40.06 -19.02 1.76
C ALA N 416 -40.39 -20.20 2.68
N ARG N 417 -39.53 -21.21 2.72
CA ARG N 417 -39.73 -22.31 3.66
C ARG N 417 -39.40 -21.87 5.08
N ASN N 418 -38.33 -21.09 5.24
CA ASN N 418 -37.95 -20.61 6.56
C ASN N 418 -38.99 -19.66 7.14
N GLU N 419 -39.86 -19.10 6.31
CA GLU N 419 -40.96 -18.25 6.76
C GLU N 419 -42.24 -19.04 6.95
N GLY N 420 -42.21 -20.36 6.81
CA GLY N 420 -43.34 -21.21 7.12
C GLY N 420 -44.30 -21.46 5.98
N ARG N 421 -44.05 -20.93 4.79
CA ARG N 421 -44.95 -21.16 3.67
C ARG N 421 -44.87 -22.61 3.21
N ASP N 422 -46.01 -23.15 2.79
CA ASP N 422 -46.12 -24.54 2.36
C ASP N 422 -45.57 -24.65 0.94
N ILE N 423 -44.41 -25.30 0.81
CA ILE N 423 -43.69 -25.30 -0.46
C ILE N 423 -44.46 -26.04 -1.53
N LEU N 424 -44.99 -27.23 -1.20
CA LEU N 424 -45.63 -28.05 -2.22
C LEU N 424 -46.85 -27.35 -2.81
N ALA N 425 -47.52 -26.51 -2.02
CA ALA N 425 -48.70 -25.82 -2.53
C ALA N 425 -48.35 -24.48 -3.17
N GLU N 426 -47.30 -23.81 -2.70
CA GLU N 426 -47.01 -22.44 -3.14
C GLU N 426 -45.72 -22.33 -3.93
N GLY N 427 -45.19 -23.43 -4.47
CA GLY N 427 -43.97 -23.34 -5.26
C GLY N 427 -44.11 -22.45 -6.48
N ARG N 428 -45.20 -22.62 -7.22
CA ARG N 428 -45.42 -21.78 -8.40
C ARG N 428 -45.55 -20.32 -8.02
N GLU N 429 -46.27 -20.03 -6.94
CA GLU N 429 -46.45 -18.64 -6.52
C GLU N 429 -45.13 -18.03 -6.06
N ILE N 430 -44.32 -18.80 -5.31
CA ILE N 430 -43.02 -18.30 -4.86
C ILE N 430 -42.12 -18.01 -6.04
N LEU N 431 -42.10 -18.92 -7.02
CA LEU N 431 -41.23 -18.72 -8.18
C LEU N 431 -41.71 -17.55 -9.03
N GLU N 432 -43.03 -17.38 -9.17
CA GLU N 432 -43.57 -16.21 -9.88
C GLU N 432 -43.19 -14.93 -9.16
N GLU N 433 -43.30 -14.90 -7.84
CA GLU N 433 -42.98 -13.71 -7.08
C GLU N 433 -41.49 -13.36 -7.21
N ALA N 434 -40.63 -14.39 -7.25
CA ALA N 434 -39.21 -14.13 -7.42
C ALA N 434 -38.88 -13.69 -8.84
N ALA N 435 -39.54 -14.28 -9.84
CA ALA N 435 -39.34 -13.89 -11.22
C ALA N 435 -39.87 -12.49 -11.51
N ARG N 436 -40.81 -12.00 -10.70
CA ARG N 436 -41.31 -10.65 -10.88
C ARG N 436 -40.21 -9.61 -10.71
N TRP N 437 -39.16 -9.93 -9.96
CA TRP N 437 -38.04 -9.01 -9.77
C TRP N 437 -36.73 -9.52 -10.31
N CYS N 438 -36.62 -10.80 -10.65
CA CYS N 438 -35.42 -11.33 -11.27
C CYS N 438 -35.71 -11.62 -12.74
N PRO N 439 -35.07 -10.92 -13.69
CA PRO N 439 -35.32 -11.23 -15.10
C PRO N 439 -34.81 -12.59 -15.50
N GLU N 440 -33.68 -13.03 -14.96
CA GLU N 440 -33.08 -14.29 -15.37
C GLU N 440 -33.99 -15.45 -15.04
N LEU N 441 -34.61 -15.42 -13.86
CA LEU N 441 -35.55 -16.47 -13.49
C LEU N 441 -36.81 -16.39 -14.36
N ARG N 442 -37.20 -15.19 -14.76
CA ARG N 442 -38.41 -15.03 -15.58
C ARG N 442 -38.27 -15.74 -16.91
N GLU N 443 -37.10 -15.63 -17.56
CA GLU N 443 -36.92 -16.28 -18.84
C GLU N 443 -36.72 -17.78 -18.69
N ALA N 444 -36.16 -18.23 -17.56
CA ALA N 444 -35.99 -19.66 -17.35
C ALA N 444 -37.33 -20.34 -17.08
N MET N 445 -38.27 -19.62 -16.47
CA MET N 445 -39.59 -20.19 -16.19
C MET N 445 -40.45 -20.24 -17.44
N GLU N 446 -40.31 -19.25 -18.33
CA GLU N 446 -41.10 -19.26 -19.55
C GLU N 446 -40.59 -20.29 -20.54
N LEU N 447 -39.26 -20.39 -20.68
CA LEU N 447 -38.69 -21.30 -21.67
C LEU N 447 -39.00 -22.76 -21.34
N TRP N 448 -38.90 -23.12 -20.08
CA TRP N 448 -39.13 -24.49 -19.64
C TRP N 448 -40.52 -24.63 -19.01
N GLY N 449 -40.93 -25.88 -18.82
CA GLY N 449 -42.22 -26.17 -18.22
C GLY N 449 -43.40 -25.67 -19.03
N ARG O 3 26.53 3.08 -27.31
CA ARG O 3 27.34 4.27 -27.53
C ARG O 3 28.66 3.92 -28.18
N ALA O 4 29.27 2.82 -27.72
CA ALA O 4 30.53 2.35 -28.29
C ALA O 4 30.25 1.75 -29.67
N GLN O 5 30.61 2.48 -30.72
CA GLN O 5 30.29 2.08 -32.08
C GLN O 5 31.27 1.02 -32.58
N TYR O 6 30.86 0.34 -33.65
CA TYR O 6 31.62 -0.75 -34.24
C TYR O 6 31.33 -0.80 -35.74
N GLU O 7 32.13 -1.57 -36.46
CA GLU O 7 31.98 -1.70 -37.91
C GLU O 7 30.94 -2.78 -38.19
N ALA O 8 29.68 -2.36 -38.24
CA ALA O 8 28.61 -3.27 -38.60
C ALA O 8 28.65 -3.57 -40.10
N GLY O 9 27.90 -4.58 -40.50
CA GLY O 9 27.82 -4.99 -41.89
C GLY O 9 28.12 -6.46 -42.05
N VAL O 10 28.16 -6.88 -43.32
CA VAL O 10 28.39 -8.28 -43.67
C VAL O 10 29.83 -8.36 -44.16
N ARG O 11 30.74 -8.65 -43.23
CA ARG O 11 32.13 -8.89 -43.59
C ARG O 11 32.30 -10.29 -44.17
N PRO O 12 33.26 -10.47 -45.08
CA PRO O 12 33.55 -11.83 -45.58
C PRO O 12 34.09 -12.71 -44.46
N TYR O 13 33.75 -14.00 -44.53
CA TYR O 13 34.19 -14.94 -43.51
C TYR O 13 35.71 -15.08 -43.48
N ARG O 14 36.34 -15.06 -44.66
CA ARG O 14 37.75 -15.43 -44.75
C ARG O 14 38.66 -14.42 -44.06
N GLU O 15 38.22 -13.17 -43.92
CA GLU O 15 39.11 -12.16 -43.36
C GLU O 15 39.29 -12.31 -41.85
N THR O 16 38.47 -13.13 -41.19
CA THR O 16 38.58 -13.30 -39.75
C THR O 16 38.51 -14.76 -39.31
N TYR O 17 38.23 -15.69 -40.23
CA TYR O 17 38.14 -17.10 -39.87
C TYR O 17 39.06 -18.00 -40.68
N TYR O 18 39.84 -17.44 -41.60
CA TYR O 18 40.87 -18.17 -42.32
C TYR O 18 42.22 -17.67 -41.85
N ASP O 19 43.01 -18.57 -41.25
CA ASP O 19 44.31 -18.23 -40.68
C ASP O 19 45.35 -19.22 -41.19
N PRO O 20 45.91 -18.98 -42.38
CA PRO O 20 46.89 -19.93 -42.92
C PRO O 20 48.15 -20.05 -42.09
N ASP O 21 48.50 -19.06 -41.28
CA ASP O 21 49.70 -19.10 -40.47
C ASP O 21 49.52 -19.84 -39.15
N TYR O 22 48.29 -20.22 -38.81
CA TYR O 22 48.03 -20.84 -37.53
C TYR O 22 48.68 -22.22 -37.44
N GLU O 23 49.27 -22.50 -36.28
CA GLU O 23 49.82 -23.81 -35.97
C GLU O 23 48.97 -24.49 -34.92
N PRO O 24 48.38 -25.65 -35.22
CA PRO O 24 47.42 -26.24 -34.27
C PRO O 24 48.10 -26.67 -32.98
N LYS O 25 47.53 -26.26 -31.86
CA LYS O 25 48.05 -26.63 -30.56
C LYS O 25 47.83 -28.12 -30.31
N ASP O 26 48.40 -28.60 -29.20
CA ASP O 26 48.18 -29.99 -28.81
C ASP O 26 46.85 -30.19 -28.09
N THR O 27 46.17 -29.11 -27.73
CA THR O 27 44.84 -29.20 -27.13
C THR O 27 43.73 -28.84 -28.11
N ASP O 28 44.08 -28.35 -29.30
CA ASP O 28 43.06 -28.01 -30.29
C ASP O 28 42.38 -29.28 -30.80
N LEU O 29 41.12 -29.12 -31.20
CA LEU O 29 40.36 -30.20 -31.81
C LEU O 29 40.32 -29.95 -33.31
N LEU O 30 40.76 -30.94 -34.09
CA LEU O 30 41.01 -30.77 -35.51
C LEU O 30 39.97 -31.55 -36.32
N CYS O 31 39.59 -30.98 -37.47
CA CYS O 31 38.64 -31.62 -38.36
C CYS O 31 39.13 -31.47 -39.80
N ALA O 32 38.69 -32.38 -40.66
CA ALA O 32 39.00 -32.36 -42.08
C ALA O 32 37.70 -32.43 -42.85
N PHE O 33 37.46 -31.42 -43.68
CA PHE O 33 36.20 -31.29 -44.41
C PHE O 33 36.46 -31.36 -45.91
N ARG O 34 35.69 -32.19 -46.60
CA ARG O 34 35.75 -32.30 -48.06
C ARG O 34 34.68 -31.36 -48.62
N ILE O 35 35.07 -30.14 -48.90
CA ILE O 35 34.13 -29.07 -49.26
C ILE O 35 33.96 -29.05 -50.78
N THR O 36 32.72 -28.76 -51.20
CA THR O 36 32.40 -28.50 -52.60
C THR O 36 31.60 -27.21 -52.64
N PRO O 37 32.27 -26.08 -52.85
CA PRO O 37 31.59 -24.80 -52.75
C PRO O 37 30.61 -24.56 -53.90
N LYS O 38 29.57 -23.79 -53.60
CA LYS O 38 28.66 -23.35 -54.64
C LYS O 38 29.43 -22.55 -55.68
N PRO O 39 29.15 -22.72 -56.97
CA PRO O 39 29.95 -22.06 -58.01
C PRO O 39 30.03 -20.55 -57.79
N GLY O 40 31.26 -20.03 -57.92
CA GLY O 40 31.54 -18.64 -57.66
C GLY O 40 32.08 -18.35 -56.28
N VAL O 41 31.86 -19.23 -55.31
CA VAL O 41 32.36 -19.07 -53.96
C VAL O 41 33.76 -19.65 -53.90
N PRO O 42 34.78 -18.88 -53.52
CA PRO O 42 36.14 -19.43 -53.44
C PRO O 42 36.25 -20.53 -52.39
N MET O 43 37.20 -21.43 -52.63
CA MET O 43 37.49 -22.49 -51.66
C MET O 43 37.92 -21.93 -50.32
N GLU O 44 38.55 -20.74 -50.32
CA GLU O 44 38.96 -20.12 -49.07
C GLU O 44 37.78 -19.53 -48.33
N GLU O 45 36.75 -19.10 -49.06
CA GLU O 45 35.56 -18.55 -48.42
C GLU O 45 34.67 -19.66 -47.85
N ALA O 46 34.56 -20.78 -48.56
CA ALA O 46 33.74 -21.88 -48.08
C ALA O 46 34.34 -22.50 -46.81
N ALA O 47 35.66 -22.59 -46.75
CA ALA O 47 36.31 -23.14 -45.56
C ALA O 47 36.05 -22.27 -44.34
N ALA O 48 36.12 -20.95 -44.51
CA ALA O 48 35.87 -20.05 -43.39
C ALA O 48 34.41 -20.07 -42.97
N ALA O 49 33.50 -20.29 -43.92
CA ALA O 49 32.09 -20.37 -43.57
C ALA O 49 31.82 -21.57 -42.68
N VAL O 50 32.43 -22.72 -42.98
CA VAL O 50 32.29 -23.89 -42.13
C VAL O 50 32.92 -23.64 -40.77
N ALA O 51 34.08 -23.00 -40.75
CA ALA O 51 34.74 -22.72 -39.48
C ALA O 51 33.95 -21.72 -38.64
N ALA O 52 33.27 -20.78 -39.30
CA ALA O 52 32.57 -19.73 -38.56
C ALA O 52 31.30 -20.26 -37.89
N GLU O 53 30.53 -21.08 -38.60
CA GLU O 53 29.21 -21.49 -38.13
C GLU O 53 29.24 -22.75 -37.29
N SER O 54 30.39 -23.40 -37.15
CA SER O 54 30.60 -24.41 -36.13
C SER O 54 31.26 -23.82 -34.90
N SER O 55 31.40 -22.50 -34.86
CA SER O 55 32.10 -21.79 -33.81
C SER O 55 31.44 -20.43 -33.65
N THR O 56 32.17 -19.47 -33.08
CA THR O 56 31.62 -18.21 -32.60
C THR O 56 30.96 -17.33 -33.67
N GLY O 57 30.97 -17.75 -34.94
CA GLY O 57 30.63 -16.86 -36.02
C GLY O 57 29.14 -16.81 -36.37
N THR O 58 28.81 -15.82 -37.21
CA THR O 58 27.48 -15.66 -37.78
C THR O 58 27.64 -14.89 -39.10
N TRP O 59 26.52 -14.47 -39.68
CA TRP O 59 26.55 -13.89 -41.02
C TRP O 59 26.75 -12.37 -41.01
N THR O 60 26.78 -11.73 -39.84
CA THR O 60 27.03 -10.30 -39.74
C THR O 60 27.93 -10.03 -38.55
N GLU O 61 28.62 -8.89 -38.59
CA GLU O 61 29.34 -8.42 -37.43
C GLU O 61 28.34 -7.95 -36.38
N VAL O 62 28.44 -8.49 -35.17
CA VAL O 62 27.53 -8.17 -34.09
C VAL O 62 28.27 -7.36 -33.03
N TRP O 63 27.51 -6.58 -32.27
CA TRP O 63 28.11 -5.74 -31.24
C TRP O 63 28.66 -6.58 -30.09
N SER O 64 28.11 -7.78 -29.88
CA SER O 64 28.51 -8.59 -28.74
C SER O 64 29.92 -9.15 -28.93
N ASN O 65 30.44 -9.16 -30.15
CA ASN O 65 31.80 -9.64 -30.39
C ASN O 65 32.84 -8.81 -29.66
N LEU O 66 32.49 -7.64 -29.15
CA LEU O 66 33.40 -6.82 -28.37
C LEU O 66 33.35 -7.12 -26.88
N LEU O 67 32.46 -8.02 -26.45
CA LEU O 67 32.35 -8.40 -25.05
C LEU O 67 33.16 -9.64 -24.69
N THR O 68 33.85 -10.23 -25.65
CA THR O 68 34.60 -11.47 -25.43
C THR O 68 35.98 -11.32 -26.05
N ASP O 69 36.70 -12.44 -26.11
CA ASP O 69 37.99 -12.54 -26.77
C ASP O 69 37.83 -13.57 -27.89
N LEU O 70 37.50 -13.10 -29.09
CA LEU O 70 37.24 -14.00 -30.21
C LEU O 70 38.48 -14.84 -30.54
N GLU O 71 39.66 -14.23 -30.50
CA GLU O 71 40.88 -14.95 -30.85
C GLU O 71 41.17 -16.10 -29.89
N ARG O 72 40.39 -16.24 -28.82
CA ARG O 72 40.58 -17.33 -27.87
C ARG O 72 39.61 -18.48 -28.09
N TYR O 73 38.42 -18.22 -28.62
CA TYR O 73 37.39 -19.23 -28.78
C TYR O 73 37.02 -19.56 -30.21
N LYS O 74 37.35 -18.70 -31.17
CA LYS O 74 36.93 -18.93 -32.55
C LYS O 74 37.72 -20.08 -33.17
N ALA O 75 37.05 -20.84 -34.04
CA ALA O 75 37.75 -21.80 -34.87
C ALA O 75 38.39 -21.07 -36.06
N ARG O 76 39.29 -21.76 -36.74
CA ARG O 76 39.98 -21.14 -37.87
C ARG O 76 40.54 -22.23 -38.77
N CYS O 77 40.35 -22.05 -40.08
CA CYS O 77 40.85 -23.00 -41.07
C CYS O 77 42.32 -22.70 -41.32
N TYR O 78 43.20 -23.48 -40.71
CA TYR O 78 44.63 -23.23 -40.79
C TYR O 78 45.29 -23.84 -42.02
N ARG O 79 44.52 -24.51 -42.88
CA ARG O 79 45.13 -25.27 -43.97
C ARG O 79 44.05 -25.64 -44.97
N ILE O 80 44.39 -25.55 -46.25
CA ILE O 80 43.49 -25.99 -47.32
C ILE O 80 44.29 -26.84 -48.30
N GLU O 81 44.15 -28.16 -48.20
CA GLU O 81 44.89 -29.08 -49.05
C GLU O 81 44.10 -29.35 -50.33
N GLY O 82 44.05 -28.32 -51.17
CA GLY O 82 43.37 -28.43 -52.46
C GLY O 82 41.87 -28.43 -52.32
N ASP O 83 41.31 -29.49 -51.74
CA ASP O 83 39.88 -29.59 -51.54
C ASP O 83 39.49 -30.01 -50.14
N VAL O 84 40.44 -30.49 -49.33
CA VAL O 84 40.20 -30.83 -47.94
C VAL O 84 40.68 -29.65 -47.10
N ALA O 85 39.76 -29.04 -46.36
CA ALA O 85 40.04 -27.84 -45.57
C ALA O 85 40.14 -28.23 -44.10
N TYR O 86 41.35 -28.25 -43.56
CA TYR O 86 41.55 -28.53 -42.15
C TYR O 86 41.07 -27.35 -41.31
N ILE O 87 40.42 -27.66 -40.19
CA ILE O 87 39.88 -26.64 -39.30
C ILE O 87 40.25 -27.00 -37.87
N ALA O 88 40.68 -26.01 -37.10
CA ALA O 88 41.15 -26.20 -35.73
C ALA O 88 40.17 -25.56 -34.76
N TYR O 89 39.63 -26.36 -33.85
CA TYR O 89 38.74 -25.87 -32.80
C TYR O 89 39.44 -25.86 -31.45
N PRO O 90 39.27 -24.81 -30.67
CA PRO O 90 39.87 -24.77 -29.34
C PRO O 90 39.23 -25.77 -28.39
N LEU O 91 40.00 -26.17 -27.38
CA LEU O 91 39.53 -27.14 -26.40
C LEU O 91 38.40 -26.58 -25.54
N ASP O 92 38.28 -25.26 -25.43
CA ASP O 92 37.32 -24.63 -24.54
C ASP O 92 35.94 -24.47 -25.17
N LEU O 93 35.75 -24.93 -26.40
CA LEU O 93 34.45 -24.82 -27.06
C LEU O 93 33.54 -26.01 -26.80
N PHE O 94 34.01 -27.03 -26.10
CA PHE O 94 33.29 -28.29 -26.00
C PHE O 94 33.07 -28.66 -24.53
N GLU O 95 31.87 -29.15 -24.25
CA GLU O 95 31.56 -29.67 -22.92
C GLU O 95 32.32 -30.96 -22.68
N GLU O 96 32.85 -31.10 -21.47
CA GLU O 96 33.66 -32.27 -21.14
C GLU O 96 32.80 -33.52 -21.05
N GLY O 97 33.25 -34.60 -21.67
CA GLY O 97 32.58 -35.88 -21.57
C GLY O 97 31.18 -35.91 -22.15
N SER O 98 31.00 -35.32 -23.33
CA SER O 98 29.69 -35.31 -23.97
C SER O 98 29.91 -35.31 -25.48
N ILE O 99 29.68 -36.47 -26.12
CA ILE O 99 29.72 -36.54 -27.57
C ILE O 99 28.61 -35.71 -28.19
N VAL O 100 27.47 -35.57 -27.49
CA VAL O 100 26.34 -34.85 -28.07
C VAL O 100 26.73 -33.42 -28.41
N ASN O 101 27.61 -32.81 -27.62
CA ASN O 101 28.02 -31.44 -27.91
C ASN O 101 28.98 -31.39 -29.10
N ILE O 102 29.93 -32.32 -29.18
CA ILE O 102 30.92 -32.27 -30.26
C ILE O 102 30.24 -32.49 -31.61
N MET O 103 29.11 -33.20 -31.62
CA MET O 103 28.35 -33.40 -32.86
C MET O 103 27.24 -32.38 -33.01
N SER O 104 27.01 -31.54 -31.99
CA SER O 104 26.08 -30.43 -32.14
C SER O 104 26.79 -29.19 -32.67
N SER O 105 28.08 -29.04 -32.34
CA SER O 105 28.83 -27.88 -32.78
C SER O 105 29.31 -28.03 -34.21
N ILE O 106 30.01 -29.13 -34.49
CA ILE O 106 30.72 -29.28 -35.75
C ILE O 106 29.76 -29.61 -36.89
N VAL O 107 29.03 -30.70 -36.76
CA VAL O 107 28.15 -31.17 -37.82
C VAL O 107 26.70 -30.71 -37.58
N GLY O 108 26.50 -29.68 -36.77
CA GLY O 108 25.16 -29.21 -36.47
C GLY O 108 24.53 -28.38 -37.56
N ASN O 109 25.19 -27.30 -37.97
CA ASN O 109 24.61 -26.34 -38.89
C ASN O 109 25.36 -26.20 -40.21
N VAL O 110 26.66 -26.50 -40.23
CA VAL O 110 27.48 -26.13 -41.39
C VAL O 110 27.12 -26.92 -42.63
N PHE O 111 26.48 -28.08 -42.47
CA PHE O 111 26.17 -28.93 -43.61
C PHE O 111 25.02 -28.38 -44.46
N GLY O 112 24.18 -27.50 -43.91
CA GLY O 112 22.99 -27.07 -44.61
C GLY O 112 23.07 -25.69 -45.24
N PHE O 113 24.26 -25.16 -45.41
CA PHE O 113 24.42 -23.81 -45.95
C PHE O 113 24.32 -23.82 -47.47
N LYS O 114 23.78 -22.72 -48.01
CA LYS O 114 23.69 -22.56 -49.45
C LYS O 114 25.07 -22.41 -50.08
N ALA O 115 26.02 -21.81 -49.37
CA ALA O 115 27.31 -21.51 -49.95
C ALA O 115 28.11 -22.77 -50.27
N VAL O 116 27.74 -23.90 -49.66
CA VAL O 116 28.42 -25.17 -49.89
C VAL O 116 27.40 -26.18 -50.39
N GLN O 117 27.61 -26.70 -51.60
CA GLN O 117 26.73 -27.72 -52.14
C GLN O 117 26.99 -29.10 -51.56
N ALA O 118 28.15 -29.32 -50.95
CA ALA O 118 28.50 -30.62 -50.43
C ALA O 118 29.57 -30.44 -49.37
N LEU O 119 29.54 -31.31 -48.36
CA LEU O 119 30.44 -31.18 -47.22
C LEU O 119 30.49 -32.50 -46.49
N ARG O 120 31.67 -33.11 -46.42
CA ARG O 120 31.87 -34.37 -45.71
C ARG O 120 32.92 -34.18 -44.64
N LEU O 121 32.63 -34.66 -43.43
CA LEU O 121 33.59 -34.66 -42.33
C LEU O 121 34.42 -35.93 -42.46
N GLU O 122 35.61 -35.81 -43.05
CA GLU O 122 36.40 -36.99 -43.36
C GLU O 122 37.04 -37.59 -42.12
N ASP O 123 37.60 -36.76 -41.25
CA ASP O 123 38.28 -37.26 -40.06
C ASP O 123 38.22 -36.21 -38.96
N MET O 124 38.81 -36.53 -37.81
CA MET O 124 38.76 -35.68 -36.64
C MET O 124 39.87 -36.08 -35.69
N ARG O 125 40.55 -35.10 -35.11
CA ARG O 125 41.62 -35.33 -34.15
C ARG O 125 41.12 -34.96 -32.77
N ILE O 126 40.77 -35.96 -31.97
CA ILE O 126 40.35 -35.73 -30.59
C ILE O 126 41.60 -35.53 -29.74
N PRO O 127 41.75 -34.39 -29.08
CA PRO O 127 42.94 -34.19 -28.26
C PRO O 127 42.93 -35.09 -27.03
N VAL O 128 44.14 -35.34 -26.49
CA VAL O 128 44.26 -36.17 -25.31
C VAL O 128 43.60 -35.50 -24.11
N ALA O 129 43.63 -34.16 -24.07
CA ALA O 129 43.00 -33.45 -22.97
C ALA O 129 41.50 -33.69 -22.94
N TYR O 130 40.86 -33.67 -24.11
CA TYR O 130 39.43 -33.95 -24.21
C TYR O 130 39.12 -35.44 -24.16
N LEU O 131 40.14 -36.30 -24.26
CA LEU O 131 39.91 -37.74 -24.27
C LEU O 131 39.83 -38.33 -22.87
N LYS O 132 40.39 -37.66 -21.87
CA LYS O 132 40.37 -38.17 -20.51
C LYS O 132 39.09 -37.80 -19.77
N THR O 133 38.18 -37.06 -20.39
CA THR O 133 36.88 -36.76 -19.83
C THR O 133 35.83 -37.78 -20.20
N PHE O 134 36.23 -38.84 -20.93
CA PHE O 134 35.35 -39.89 -21.39
C PHE O 134 35.79 -41.23 -20.79
N PRO O 135 34.85 -42.13 -20.50
CA PRO O 135 35.21 -43.37 -19.81
C PRO O 135 35.83 -44.41 -20.71
N GLY O 136 35.43 -44.44 -21.98
CA GLY O 136 35.86 -45.48 -22.89
C GLY O 136 34.99 -46.71 -22.75
N PRO O 137 35.39 -47.80 -23.41
CA PRO O 137 34.60 -49.02 -23.32
C PRO O 137 34.54 -49.53 -21.90
N PRO O 138 33.44 -50.20 -21.53
CA PRO O 138 33.41 -50.83 -20.20
C PRO O 138 34.43 -51.94 -20.03
N THR O 139 34.52 -52.88 -20.97
CA THR O 139 35.32 -54.08 -20.81
C THR O 139 36.55 -54.10 -21.70
N GLY O 140 36.39 -53.94 -23.01
CA GLY O 140 37.52 -53.98 -23.91
C GLY O 140 37.76 -55.36 -24.50
N ILE O 141 38.87 -55.46 -25.25
CA ILE O 141 39.17 -56.71 -25.94
C ILE O 141 39.61 -57.78 -24.96
N GLN O 142 40.54 -57.44 -24.06
CA GLN O 142 41.13 -58.46 -23.19
C GLN O 142 40.15 -58.94 -22.14
N VAL O 143 39.43 -58.02 -21.50
CA VAL O 143 38.49 -58.41 -20.45
C VAL O 143 37.35 -59.25 -21.02
N GLU O 144 36.91 -58.92 -22.24
CA GLU O 144 35.85 -59.69 -22.87
C GLU O 144 36.32 -61.11 -23.20
N ARG O 145 37.52 -61.23 -23.75
CA ARG O 145 38.03 -62.55 -24.11
C ARG O 145 38.21 -63.42 -22.87
N ASP O 146 38.68 -62.83 -21.77
CA ASP O 146 38.79 -63.57 -20.52
C ASP O 146 37.41 -63.93 -19.98
N ARG O 147 36.45 -63.01 -20.08
CA ARG O 147 35.10 -63.27 -19.58
C ARG O 147 34.40 -64.36 -20.38
N LEU O 148 34.90 -64.70 -21.56
CA LEU O 148 34.37 -65.80 -22.35
C LEU O 148 35.29 -67.00 -22.40
N ASN O 149 36.56 -66.84 -22.02
CA ASN O 149 37.56 -67.90 -22.06
C ASN O 149 37.75 -68.42 -23.49
N LYS O 150 38.08 -67.48 -24.38
CA LYS O 150 38.35 -67.79 -25.78
C LYS O 150 39.55 -66.97 -26.23
N TYR O 151 40.54 -67.63 -26.82
CA TYR O 151 41.77 -66.97 -27.21
C TYR O 151 42.27 -67.52 -28.54
N GLY O 152 43.07 -66.70 -29.24
CA GLY O 152 43.80 -67.15 -30.39
C GLY O 152 42.99 -67.43 -31.64
N ARG O 153 41.78 -66.87 -31.74
CA ARG O 153 40.93 -67.09 -32.90
C ARG O 153 39.87 -66.01 -32.93
N PRO O 154 39.30 -65.73 -34.10
CA PRO O 154 38.13 -64.85 -34.15
C PRO O 154 36.93 -65.52 -33.51
N LEU O 155 36.04 -64.69 -32.97
CA LEU O 155 34.86 -65.18 -32.27
C LEU O 155 33.69 -65.22 -33.25
N LEU O 156 33.06 -66.39 -33.36
CA LEU O 156 31.96 -66.59 -34.30
C LEU O 156 30.66 -66.05 -33.73
N GLY O 157 29.89 -65.38 -34.58
CA GLY O 157 28.59 -64.89 -34.20
C GLY O 157 27.55 -65.15 -35.27
N GLY O 158 26.34 -64.68 -35.04
CA GLY O 158 25.27 -64.87 -36.01
C GLY O 158 24.05 -64.08 -35.62
N THR O 159 23.20 -63.84 -36.61
CA THR O 159 21.95 -63.10 -36.43
C THR O 159 20.78 -64.02 -36.74
N ILE O 160 19.77 -63.99 -35.88
CA ILE O 160 18.62 -64.88 -36.03
C ILE O 160 17.72 -64.35 -37.13
N LYS O 161 17.39 -65.22 -38.08
CA LYS O 161 16.55 -64.86 -39.22
C LYS O 161 15.39 -65.84 -39.32
N PRO O 162 14.22 -65.39 -39.83
CA PRO O 162 13.96 -64.03 -40.33
C PRO O 162 13.92 -63.00 -39.20
N LYS O 163 14.38 -61.79 -39.52
CA LYS O 163 14.61 -60.78 -38.50
C LYS O 163 13.31 -60.24 -37.88
N LEU O 164 12.16 -60.58 -38.45
CA LEU O 164 10.87 -60.34 -37.81
C LEU O 164 9.94 -61.48 -38.17
N GLY O 165 9.08 -61.87 -37.23
CA GLY O 165 8.06 -62.85 -37.51
C GLY O 165 8.05 -64.04 -36.57
N LEU O 166 9.22 -64.49 -36.13
CA LEU O 166 9.30 -65.66 -35.27
C LEU O 166 8.77 -65.34 -33.88
N SER O 167 7.92 -66.22 -33.37
CA SER O 167 7.49 -66.10 -31.98
C SER O 167 8.66 -66.44 -31.05
N ALA O 168 8.53 -66.00 -29.79
CA ALA O 168 9.62 -66.15 -28.84
C ALA O 168 10.02 -67.61 -28.66
N LYS O 169 9.04 -68.52 -28.71
CA LYS O 169 9.35 -69.95 -28.61
C LYS O 169 10.16 -70.42 -29.81
N GLU O 170 9.68 -70.13 -31.02
CA GLU O 170 10.40 -70.56 -32.21
C GLU O 170 11.67 -69.76 -32.41
N TYR O 171 11.70 -68.52 -31.92
CA TYR O 171 12.93 -67.72 -31.96
C TYR O 171 14.02 -68.36 -31.13
N ALA O 172 13.66 -68.86 -29.94
CA ALA O 172 14.65 -69.43 -29.04
C ALA O 172 15.22 -70.74 -29.57
N ARG O 173 14.37 -71.56 -30.20
CA ARG O 173 14.86 -72.85 -30.70
C ARG O 173 15.86 -72.67 -31.82
N VAL O 174 15.74 -71.58 -32.58
CA VAL O 174 16.74 -71.27 -33.60
C VAL O 174 18.03 -70.81 -32.94
N VAL O 175 17.92 -70.04 -31.85
CA VAL O 175 19.10 -69.63 -31.09
C VAL O 175 19.82 -70.86 -30.54
N TYR O 176 19.07 -71.83 -30.03
CA TYR O 176 19.68 -73.02 -29.45
C TYR O 176 20.45 -73.81 -30.51
N GLU O 177 19.90 -73.91 -31.71
CA GLU O 177 20.60 -74.65 -32.78
C GLU O 177 21.93 -73.99 -33.11
N CYS O 178 21.94 -72.66 -33.23
CA CYS O 178 23.15 -71.97 -33.62
C CYS O 178 24.23 -72.10 -32.55
N LEU O 179 23.89 -71.82 -31.30
CA LEU O 179 24.88 -71.87 -30.22
C LEU O 179 25.37 -73.30 -30.00
N ARG O 180 24.47 -74.28 -30.04
CA ARG O 180 24.87 -75.68 -29.87
C ARG O 180 25.77 -76.14 -31.00
N GLY O 181 25.52 -75.66 -32.23
CA GLY O 181 26.23 -76.18 -33.38
C GLY O 181 27.65 -75.64 -33.55
N GLY O 182 28.01 -74.57 -32.86
CA GLY O 182 29.37 -74.07 -32.97
C GLY O 182 29.58 -72.58 -32.86
N LEU O 183 28.54 -71.77 -33.06
CA LEU O 183 28.70 -70.34 -32.83
C LEU O 183 29.02 -70.04 -31.37
N ASP O 184 29.58 -68.86 -31.13
CA ASP O 184 29.91 -68.42 -29.79
C ASP O 184 28.88 -67.47 -29.20
N THR O 185 28.25 -66.64 -30.03
CA THR O 185 27.31 -65.66 -29.52
C THR O 185 26.35 -65.26 -30.63
N THR O 186 25.08 -65.65 -30.52
CA THR O 186 24.06 -65.19 -31.45
C THR O 186 23.64 -63.78 -31.08
N KCX O 187 22.67 -63.22 -31.80
CA KCX O 187 22.24 -61.86 -31.50
CB KCX O 187 23.19 -60.81 -32.11
CG KCX O 187 22.95 -60.70 -33.59
CD KCX O 187 24.03 -59.89 -34.25
CE KCX O 187 23.85 -58.41 -33.93
NZ KCX O 187 22.73 -57.87 -34.64
C KCX O 187 20.83 -61.56 -32.00
O KCX O 187 20.39 -62.30 -32.94
CX KCX O 187 22.76 -57.52 -36.00
OQ1 KCX O 187 21.84 -56.68 -36.30
OQ2 KCX O 187 23.60 -57.99 -36.76
N ASP O 188 20.15 -60.57 -31.42
CA ASP O 188 18.88 -60.10 -31.95
C ASP O 188 19.18 -59.18 -33.11
N ASP O 189 18.26 -59.07 -34.06
CA ASP O 189 18.52 -58.17 -35.17
C ASP O 189 17.99 -56.77 -34.84
N GLU O 190 18.46 -55.77 -35.58
CA GLU O 190 18.36 -54.39 -35.13
C GLU O 190 16.92 -53.92 -34.96
N ASN O 191 15.98 -54.49 -35.71
CA ASN O 191 14.61 -54.00 -35.70
C ASN O 191 13.67 -54.85 -34.85
N LEU O 192 14.20 -55.80 -34.09
CA LEU O 192 13.39 -56.66 -33.23
C LEU O 192 13.64 -56.23 -31.78
N ASN O 193 12.72 -55.42 -31.23
CA ASN O 193 12.87 -54.96 -29.85
C ASN O 193 11.76 -55.47 -28.94
N SER O 194 10.51 -55.10 -29.20
CA SER O 194 9.37 -55.49 -28.36
C SER O 194 8.15 -55.79 -29.23
N GLN O 195 8.36 -56.56 -30.29
CA GLN O 195 7.35 -56.69 -31.33
C GLN O 195 6.09 -57.36 -30.80
N PRO O 196 4.92 -57.00 -31.35
CA PRO O 196 3.67 -57.67 -30.95
C PRO O 196 3.71 -59.18 -31.11
N PHE O 197 4.33 -59.67 -32.20
CA PHE O 197 4.51 -61.10 -32.36
C PHE O 197 5.64 -61.64 -31.48
N ASN O 198 6.52 -60.75 -30.99
CA ASN O 198 7.64 -61.17 -30.14
C ASN O 198 7.90 -60.03 -29.15
N ARG O 199 7.25 -60.11 -27.99
CA ARG O 199 7.49 -59.15 -26.93
C ARG O 199 8.85 -59.38 -26.29
N TRP O 200 9.42 -58.33 -25.71
CA TRP O 200 10.79 -58.42 -25.21
C TRP O 200 10.85 -59.25 -23.93
N ARG O 201 9.87 -59.09 -23.03
CA ARG O 201 9.91 -59.83 -21.77
C ARG O 201 9.81 -61.33 -22.00
N ASP O 202 9.06 -61.75 -23.02
CA ASP O 202 8.99 -63.17 -23.34
C ASP O 202 10.25 -63.65 -24.04
N ARG O 203 10.78 -62.86 -24.97
CA ARG O 203 11.97 -63.28 -25.71
C ARG O 203 13.18 -63.37 -24.80
N PHE O 204 13.34 -62.42 -23.89
CA PHE O 204 14.48 -62.43 -22.98
C PHE O 204 14.50 -63.71 -22.15
N LEU O 205 13.33 -64.26 -21.85
CA LEU O 205 13.25 -65.39 -20.93
C LEU O 205 13.49 -66.71 -21.65
N TYR O 206 13.00 -66.84 -22.88
CA TYR O 206 13.22 -68.07 -23.63
C TYR O 206 14.68 -68.23 -24.05
N VAL O 207 15.28 -67.17 -24.58
CA VAL O 207 16.62 -67.31 -25.15
C VAL O 207 17.66 -67.55 -24.07
N MET O 208 17.47 -67.00 -22.87
CA MET O 208 18.41 -67.28 -21.78
C MET O 208 18.34 -68.74 -21.36
N GLU O 209 17.14 -69.34 -21.39
CA GLU O 209 17.07 -70.78 -21.20
C GLU O 209 17.82 -71.51 -22.30
N ALA O 210 17.67 -71.07 -23.54
CA ALA O 210 18.40 -71.67 -24.65
C ALA O 210 19.90 -71.43 -24.52
N VAL O 211 20.29 -70.21 -24.14
CA VAL O 211 21.72 -69.89 -23.98
C VAL O 211 22.32 -70.74 -22.88
N ARG O 212 21.64 -70.82 -21.73
CA ARG O 212 22.14 -71.63 -20.62
C ARG O 212 22.10 -73.12 -20.96
N LYS O 213 21.12 -73.53 -21.76
CA LYS O 213 21.05 -74.92 -22.18
C LYS O 213 22.23 -75.29 -23.07
N ALA O 214 22.60 -74.40 -23.98
CA ALA O 214 23.68 -74.69 -24.92
C ALA O 214 25.03 -74.78 -24.21
N GLU O 215 25.17 -74.09 -23.08
CA GLU O 215 26.41 -74.16 -22.32
C GLU O 215 26.57 -75.50 -21.63
N ALA O 216 25.45 -76.14 -21.27
CA ALA O 216 25.51 -77.35 -20.46
C ALA O 216 26.19 -78.50 -21.19
N GLU O 217 25.83 -78.72 -22.45
CA GLU O 217 26.36 -79.88 -23.15
C GLU O 217 27.67 -79.56 -23.86
N THR O 218 27.77 -78.40 -24.50
CA THR O 218 29.01 -78.02 -25.17
C THR O 218 30.14 -77.85 -24.18
N GLY O 219 29.84 -77.30 -23.01
CA GLY O 219 30.87 -77.01 -22.03
C GLY O 219 31.60 -75.70 -22.25
N GLU O 220 31.14 -74.89 -23.20
CA GLU O 220 31.77 -73.62 -23.53
C GLU O 220 30.81 -72.48 -23.22
N ARG O 221 31.36 -71.34 -22.84
CA ARG O 221 30.54 -70.19 -22.48
C ARG O 221 29.95 -69.56 -23.74
N LYS O 222 28.63 -69.52 -23.81
CA LYS O 222 27.91 -68.91 -24.92
C LYS O 222 27.19 -67.66 -24.44
N GLY O 223 26.74 -66.85 -25.40
CA GLY O 223 26.05 -65.62 -25.08
C GLY O 223 25.06 -65.26 -26.17
N HIS O 224 24.29 -64.22 -25.89
CA HIS O 224 23.33 -63.70 -26.86
C HIS O 224 23.20 -62.20 -26.67
N TRP O 225 23.24 -61.47 -27.77
CA TRP O 225 23.17 -60.01 -27.75
C TRP O 225 21.69 -59.61 -27.76
N LEU O 226 21.10 -59.50 -26.58
CA LEU O 226 19.72 -59.08 -26.47
C LEU O 226 19.57 -57.62 -26.83
N ASN O 227 18.60 -57.31 -27.68
CA ASN O 227 18.41 -55.94 -28.17
C ASN O 227 17.56 -55.18 -27.16
N VAL O 228 18.19 -54.33 -26.37
CA VAL O 228 17.50 -53.54 -25.37
C VAL O 228 17.10 -52.16 -25.91
N THR O 229 17.19 -51.97 -27.23
CA THR O 229 16.78 -50.71 -27.83
C THR O 229 15.29 -50.50 -27.61
N ALA O 230 14.91 -49.25 -27.35
CA ALA O 230 13.53 -48.93 -26.99
C ALA O 230 13.24 -47.49 -27.37
N GLY O 231 11.99 -47.08 -27.14
CA GLY O 231 11.58 -45.73 -27.48
C GLY O 231 12.03 -44.67 -26.50
N SER O 232 12.58 -45.04 -25.35
CA SER O 232 12.98 -44.06 -24.34
C SER O 232 14.12 -44.64 -23.51
N THR O 233 14.86 -43.73 -22.88
CA THR O 233 15.98 -44.14 -22.04
C THR O 233 15.49 -44.94 -20.83
N GLU O 234 14.36 -44.53 -20.24
CA GLU O 234 13.82 -45.29 -19.11
C GLU O 234 13.46 -46.71 -19.52
N GLU O 235 12.83 -46.87 -20.69
CA GLU O 235 12.48 -48.20 -21.16
C GLU O 235 13.72 -49.03 -21.47
N MET O 236 14.75 -48.41 -22.05
CA MET O 236 16.00 -49.13 -22.29
C MET O 236 16.62 -49.61 -20.98
N LEU O 237 16.65 -48.73 -19.98
CA LEU O 237 17.24 -49.11 -18.69
C LEU O 237 16.42 -50.20 -18.02
N LYS O 238 15.10 -50.16 -18.20
CA LYS O 238 14.24 -51.23 -17.72
C LYS O 238 14.59 -52.55 -18.38
N ARG O 239 14.80 -52.53 -19.70
CA ARG O 239 15.10 -53.77 -20.42
C ARG O 239 16.50 -54.28 -20.08
N ALA O 240 17.47 -53.38 -19.94
CA ALA O 240 18.83 -53.79 -19.62
C ALA O 240 18.91 -54.43 -18.25
N GLU O 241 18.17 -53.88 -17.27
CA GLU O 241 18.21 -54.43 -15.92
C GLU O 241 17.59 -55.83 -15.87
N PHE O 242 16.57 -56.07 -16.71
CA PHE O 242 15.93 -57.38 -16.73
C PHE O 242 16.85 -58.42 -17.36
N ALA O 243 17.65 -58.01 -18.35
CA ALA O 243 18.57 -58.95 -18.98
C ALA O 243 19.76 -59.26 -18.08
N ALA O 244 20.11 -58.34 -17.18
CA ALA O 244 21.14 -58.64 -16.20
C ALA O 244 20.61 -59.53 -15.08
N GLU O 245 19.36 -59.31 -14.68
CA GLU O 245 18.72 -60.17 -13.68
C GLU O 245 18.59 -61.59 -14.20
N LEU O 246 18.23 -61.75 -15.48
CA LEU O 246 18.10 -63.07 -16.06
C LEU O 246 19.44 -63.80 -16.16
N GLY O 247 20.54 -63.08 -16.08
CA GLY O 247 21.85 -63.69 -16.08
C GLY O 247 22.58 -63.70 -17.40
N SER O 248 22.36 -62.71 -18.26
CA SER O 248 23.09 -62.62 -19.52
C SER O 248 24.38 -61.84 -19.32
N ARG O 249 25.34 -62.11 -20.20
CA ARG O 249 26.57 -61.33 -20.24
C ARG O 249 26.51 -60.14 -21.18
N TYR O 250 25.46 -60.05 -22.00
CA TYR O 250 25.44 -59.11 -23.11
C TYR O 250 24.13 -58.36 -23.19
N ILE O 251 24.21 -57.15 -23.76
CA ILE O 251 23.05 -56.42 -24.25
C ILE O 251 23.45 -55.81 -25.60
N MET O 252 22.45 -55.27 -26.29
CA MET O 252 22.68 -54.68 -27.61
C MET O 252 21.83 -53.42 -27.74
N VAL O 253 22.34 -52.46 -28.51
CA VAL O 253 21.64 -51.19 -28.68
C VAL O 253 22.03 -50.62 -30.04
N ASP O 254 21.07 -49.97 -30.70
CA ASP O 254 21.33 -49.23 -31.93
C ASP O 254 21.74 -47.83 -31.50
N PHE O 255 23.05 -47.61 -31.41
CA PHE O 255 23.58 -46.38 -30.83
C PHE O 255 23.37 -45.15 -31.70
N LEU O 256 22.94 -45.34 -32.95
CA LEU O 256 22.71 -44.21 -33.85
C LEU O 256 21.23 -43.88 -34.01
N THR O 257 20.35 -44.88 -34.10
CA THR O 257 18.92 -44.61 -34.12
C THR O 257 18.40 -44.26 -32.75
N ALA O 258 19.02 -44.78 -31.69
CA ALA O 258 18.65 -44.45 -30.33
C ALA O 258 19.26 -43.15 -29.84
N GLY O 259 20.18 -42.57 -30.60
CA GLY O 259 20.86 -41.36 -30.19
C GLY O 259 22.08 -41.64 -29.34
N PHE O 260 22.83 -40.59 -29.06
CA PHE O 260 24.04 -40.69 -28.27
C PHE O 260 23.83 -40.39 -26.79
N ALA O 261 22.85 -39.55 -26.44
CA ALA O 261 22.58 -39.30 -25.03
C ALA O 261 21.99 -40.52 -24.35
N ALA O 262 20.98 -41.14 -24.97
CA ALA O 262 20.43 -42.38 -24.45
C ALA O 262 21.47 -43.50 -24.46
N PHE O 263 22.34 -43.50 -25.47
CA PHE O 263 23.41 -44.49 -25.53
C PHE O 263 24.38 -44.33 -24.37
N ALA O 264 24.75 -43.09 -24.02
CA ALA O 264 25.65 -42.87 -22.90
C ALA O 264 24.97 -43.17 -21.58
N SER O 265 23.66 -42.92 -21.50
CA SER O 265 22.91 -43.29 -20.30
C SER O 265 22.91 -44.81 -20.12
N VAL O 266 22.66 -45.55 -21.20
CA VAL O 266 22.63 -47.00 -21.14
C VAL O 266 24.02 -47.57 -20.83
N ARG O 267 25.06 -46.96 -21.39
CA ARG O 267 26.42 -47.47 -21.19
C ARG O 267 26.83 -47.40 -19.72
N ARG O 268 26.48 -46.32 -19.04
CA ARG O 268 26.77 -46.23 -17.61
C ARG O 268 26.02 -47.29 -16.83
N ARG O 269 24.74 -47.49 -17.16
CA ARG O 269 23.95 -48.51 -16.50
C ARG O 269 24.46 -49.91 -16.81
N ALA O 270 24.90 -50.12 -18.05
CA ALA O 270 25.37 -51.45 -18.45
C ALA O 270 26.65 -51.84 -17.72
N GLU O 271 27.47 -50.86 -17.34
CA GLU O 271 28.68 -51.16 -16.59
C GLU O 271 28.33 -51.52 -15.14
N GLU O 272 27.42 -50.77 -14.53
CA GLU O 272 27.03 -51.04 -13.15
C GLU O 272 26.32 -52.36 -13.00
N LEU O 273 25.75 -52.90 -14.08
CA LEU O 273 25.15 -54.22 -14.07
C LEU O 273 26.12 -55.32 -14.48
N GLY O 274 27.35 -54.96 -14.88
CA GLY O 274 28.32 -55.94 -15.31
C GLY O 274 28.07 -56.53 -16.67
N LEU O 275 27.23 -55.89 -17.48
CA LEU O 275 26.90 -56.41 -18.80
C LEU O 275 27.91 -55.92 -19.83
N MET O 276 28.11 -56.72 -20.86
CA MET O 276 28.89 -56.31 -22.02
C MET O 276 27.94 -55.68 -23.04
N LEU O 277 28.38 -54.58 -23.65
CA LEU O 277 27.51 -53.74 -24.47
C LEU O 277 27.97 -53.84 -25.93
N HIS O 278 27.13 -54.47 -26.76
CA HIS O 278 27.39 -54.56 -28.19
C HIS O 278 26.67 -53.43 -28.90
N CYS O 279 27.42 -52.66 -29.69
CA CYS O 279 26.89 -51.46 -30.32
C CYS O 279 26.63 -51.74 -31.79
N HIS O 280 25.38 -51.67 -32.21
CA HIS O 280 25.01 -51.84 -33.61
C HIS O 280 24.84 -50.47 -34.26
N ARG O 281 25.26 -50.37 -35.51
CA ARG O 281 25.36 -49.10 -36.23
C ARG O 281 24.21 -48.89 -37.21
N ALA O 282 22.97 -49.22 -36.81
CA ALA O 282 21.84 -49.02 -37.69
C ALA O 282 21.69 -47.55 -38.04
N MET O 283 21.26 -47.30 -39.28
CA MET O 283 21.12 -45.94 -39.83
C MET O 283 22.47 -45.21 -39.83
N HIS O 284 23.54 -45.92 -40.19
CA HIS O 284 24.83 -45.29 -40.38
C HIS O 284 25.08 -44.93 -41.84
N ALA O 285 24.39 -45.59 -42.76
CA ALA O 285 24.59 -45.36 -44.19
C ALA O 285 23.89 -44.11 -44.68
N VAL O 286 23.06 -43.48 -43.85
CA VAL O 286 22.56 -42.15 -44.20
C VAL O 286 23.70 -41.13 -44.12
N PHE O 287 24.62 -41.32 -43.17
CA PHE O 287 25.81 -40.49 -43.10
C PHE O 287 26.89 -40.98 -44.06
N ASP O 288 27.34 -42.22 -43.86
CA ASP O 288 28.53 -42.72 -44.55
C ASP O 288 28.13 -43.60 -45.75
N ARG O 289 27.62 -42.95 -46.77
CA ARG O 289 27.50 -43.67 -48.04
C ARG O 289 28.07 -42.88 -49.21
N GLN O 290 27.90 -41.56 -49.23
CA GLN O 290 28.33 -40.83 -50.41
C GLN O 290 29.64 -40.11 -50.16
N PRO O 291 30.54 -40.12 -51.15
CA PRO O 291 31.86 -39.52 -50.96
C PRO O 291 31.86 -38.01 -50.80
N ASN O 292 30.76 -37.33 -51.14
CA ASN O 292 30.73 -35.88 -51.12
C ASN O 292 29.85 -35.28 -50.04
N HIS O 293 29.07 -36.08 -49.33
CA HIS O 293 28.21 -35.56 -48.27
C HIS O 293 27.98 -36.62 -47.21
N GLY O 294 28.07 -36.21 -45.95
CA GLY O 294 27.82 -37.06 -44.81
C GLY O 294 28.95 -36.98 -43.83
N ILE O 295 29.08 -38.02 -43.02
CA ILE O 295 30.15 -38.16 -42.05
C ILE O 295 30.80 -39.51 -42.26
N HIS O 296 32.13 -39.53 -42.41
CA HIS O 296 32.82 -40.79 -42.57
C HIS O 296 32.68 -41.62 -41.31
N PHE O 297 32.51 -42.94 -41.49
CA PHE O 297 32.31 -43.81 -40.34
C PHE O 297 33.50 -43.80 -39.39
N ARG O 298 34.69 -43.52 -39.88
CA ARG O 298 35.85 -43.46 -38.98
C ARG O 298 35.74 -42.28 -38.02
N VAL O 299 34.87 -41.31 -38.31
CA VAL O 299 34.56 -40.28 -37.32
C VAL O 299 33.59 -40.83 -36.28
N LEU O 300 32.55 -41.53 -36.73
CA LEU O 300 31.64 -42.17 -35.80
C LEU O 300 32.32 -43.28 -35.01
N ALA O 301 33.27 -43.98 -35.63
CA ALA O 301 34.02 -45.01 -34.91
C ALA O 301 34.86 -44.40 -33.79
N LYS O 302 35.44 -43.22 -34.03
CA LYS O 302 36.16 -42.54 -32.97
C LYS O 302 35.25 -42.18 -31.82
N TRP O 303 34.04 -41.68 -32.14
CA TRP O 303 33.11 -41.27 -31.10
C TRP O 303 32.65 -42.45 -30.26
N LEU O 304 32.38 -43.59 -30.90
CA LEU O 304 31.86 -44.75 -30.17
C LEU O 304 32.88 -45.27 -29.17
N ARG O 305 34.14 -45.40 -29.58
CA ARG O 305 35.14 -45.91 -28.66
C ARG O 305 35.35 -44.96 -27.48
N MET O 306 35.30 -43.66 -27.72
CA MET O 306 35.55 -42.72 -26.65
C MET O 306 34.31 -42.55 -25.76
N VAL O 307 33.10 -42.63 -26.32
CA VAL O 307 31.92 -42.61 -25.46
C VAL O 307 31.77 -43.95 -24.75
N GLY O 308 32.20 -45.04 -25.38
CA GLY O 308 32.16 -46.35 -24.76
C GLY O 308 31.36 -47.39 -25.50
N GLY O 309 31.96 -48.56 -25.73
CA GLY O 309 31.26 -49.65 -26.38
C GLY O 309 32.17 -50.85 -26.61
N ASP O 310 31.69 -52.06 -26.29
CA ASP O 310 32.54 -53.23 -26.41
C ASP O 310 32.72 -53.68 -27.86
N HIS O 311 31.71 -53.49 -28.69
CA HIS O 311 31.78 -53.85 -30.10
C HIS O 311 31.25 -52.71 -30.95
N VAL O 312 31.48 -52.83 -32.25
CA VAL O 312 30.90 -51.94 -33.26
C VAL O 312 31.05 -52.60 -34.62
N HIS O 313 30.04 -52.47 -35.46
CA HIS O 313 30.08 -53.04 -36.80
C HIS O 313 30.98 -52.16 -37.67
N THR O 314 32.20 -52.61 -37.95
CA THR O 314 33.04 -51.87 -38.88
C THR O 314 32.56 -52.04 -40.32
N GLY O 315 32.05 -53.22 -40.65
CA GLY O 315 31.59 -53.49 -41.99
C GLY O 315 32.44 -54.53 -42.68
N THR O 316 31.84 -55.30 -43.59
CA THR O 316 32.55 -56.33 -44.32
C THR O 316 32.80 -55.84 -45.74
N VAL O 317 34.04 -56.02 -46.21
CA VAL O 317 34.41 -55.56 -47.54
C VAL O 317 33.74 -56.41 -48.62
N VAL O 318 33.66 -57.72 -48.40
CA VAL O 318 33.27 -58.67 -49.43
C VAL O 318 31.83 -59.11 -49.28
N GLY O 319 31.06 -58.50 -48.39
CA GLY O 319 29.70 -58.90 -48.12
C GLY O 319 28.70 -58.24 -49.04
N LYS O 320 27.48 -58.06 -48.52
CA LYS O 320 26.41 -57.46 -49.31
C LYS O 320 26.25 -55.97 -49.05
N LEU O 321 26.81 -55.44 -47.97
CA LEU O 321 26.78 -54.01 -47.72
C LEU O 321 28.05 -53.35 -48.26
N GLU O 322 27.95 -52.06 -48.51
CA GLU O 322 29.07 -51.31 -49.07
C GLU O 322 30.21 -51.20 -48.07
N GLY O 323 31.42 -51.30 -48.58
CA GLY O 323 32.61 -51.17 -47.75
C GLY O 323 33.84 -51.05 -48.63
N ASP O 324 34.89 -50.49 -48.02
CA ASP O 324 36.15 -50.27 -48.71
C ASP O 324 37.27 -51.03 -48.00
N ARG O 325 38.06 -51.75 -48.78
CA ARG O 325 39.11 -52.59 -48.21
C ARG O 325 40.13 -51.76 -47.45
N ALA O 326 40.56 -50.64 -48.02
CA ALA O 326 41.58 -49.81 -47.40
C ALA O 326 41.06 -49.02 -46.22
N GLU O 327 39.84 -48.47 -46.32
CA GLU O 327 39.31 -47.66 -45.24
C GLU O 327 38.85 -48.52 -44.07
N THR O 328 38.45 -49.76 -44.33
CA THR O 328 38.09 -50.66 -43.24
C THR O 328 39.29 -50.96 -42.35
N LEU O 329 40.46 -51.15 -42.95
CA LEU O 329 41.67 -51.40 -42.18
C LEU O 329 42.01 -50.21 -41.28
N GLY O 330 41.77 -49.00 -41.78
CA GLY O 330 42.03 -47.83 -40.96
C GLY O 330 41.12 -47.75 -39.76
N ILE O 331 39.85 -48.13 -39.94
CA ILE O 331 38.90 -48.12 -38.83
C ILE O 331 39.23 -49.21 -37.83
N ALA O 332 39.64 -50.38 -38.30
CA ALA O 332 39.96 -51.48 -37.40
C ALA O 332 41.12 -51.13 -36.47
N ASP O 333 42.16 -50.51 -37.02
CA ASP O 333 43.26 -50.06 -36.18
C ASP O 333 42.87 -48.83 -35.36
N LEU O 334 41.82 -48.12 -35.77
CA LEU O 334 41.36 -46.96 -35.04
C LEU O 334 40.57 -47.35 -33.81
N LEU O 335 40.12 -48.60 -33.74
CA LEU O 335 39.31 -49.08 -32.63
C LEU O 335 40.07 -50.00 -31.69
N ARG O 336 41.10 -50.68 -32.18
CA ARG O 336 41.84 -51.66 -31.40
C ARG O 336 43.18 -51.16 -30.89
N GLU O 337 43.90 -50.36 -31.69
CA GLU O 337 45.23 -49.96 -31.31
C GLU O 337 45.19 -48.80 -30.31
N ASP O 338 46.33 -48.56 -29.68
CA ASP O 338 46.47 -47.46 -28.72
C ASP O 338 46.93 -46.17 -29.39
N TYR O 339 47.85 -46.27 -30.35
CA TYR O 339 48.29 -45.14 -31.15
C TYR O 339 48.05 -45.45 -32.61
N VAL O 340 47.33 -44.57 -33.29
CA VAL O 340 47.01 -44.72 -34.70
C VAL O 340 47.72 -43.62 -35.47
N PRO O 341 48.85 -43.91 -36.12
CA PRO O 341 49.54 -42.90 -36.90
C PRO O 341 48.75 -42.52 -38.14
N ALA O 342 48.99 -41.31 -38.63
CA ALA O 342 48.31 -40.83 -39.82
C ALA O 342 48.71 -41.66 -41.03
N ASP O 343 47.75 -41.86 -41.93
CA ASP O 343 47.96 -42.68 -43.11
C ASP O 343 47.11 -42.09 -44.23
N PRO O 344 47.70 -41.32 -45.13
CA PRO O 344 46.92 -40.74 -46.23
C PRO O 344 46.24 -41.77 -47.12
N GLY O 345 46.87 -42.94 -47.30
CA GLY O 345 46.26 -43.96 -48.14
C GLY O 345 44.97 -44.50 -47.58
N ARG O 346 44.92 -44.70 -46.26
CA ARG O 346 43.75 -45.27 -45.60
C ARG O 346 42.81 -44.21 -45.04
N GLY O 347 43.00 -42.96 -45.44
CA GLY O 347 42.09 -41.89 -45.07
C GLY O 347 42.32 -41.26 -43.72
N LEU O 348 43.34 -41.69 -42.99
CA LEU O 348 43.61 -41.12 -41.67
C LEU O 348 44.39 -39.82 -41.85
N PHE O 349 43.73 -38.69 -41.59
CA PHE O 349 44.36 -37.39 -41.78
C PHE O 349 45.20 -36.95 -40.59
N PHE O 350 44.92 -37.47 -39.40
CA PHE O 350 45.58 -37.01 -38.18
C PHE O 350 46.10 -38.20 -37.37
N ASP O 351 47.17 -37.95 -36.63
CA ASP O 351 47.63 -38.91 -35.64
C ASP O 351 46.68 -38.93 -34.45
N GLN O 352 46.26 -40.11 -34.04
CA GLN O 352 45.33 -40.27 -32.93
C GLN O 352 46.02 -40.99 -31.79
N ASP O 353 46.00 -40.38 -30.60
CA ASP O 353 46.50 -40.99 -29.38
C ASP O 353 45.31 -41.22 -28.46
N TRP O 354 45.13 -42.47 -28.04
CA TRP O 354 43.90 -42.88 -27.37
C TRP O 354 43.98 -42.78 -25.85
N ALA O 355 45.10 -42.30 -25.31
CA ALA O 355 45.22 -41.94 -23.90
C ALA O 355 44.93 -43.10 -22.95
N GLY O 356 45.07 -44.34 -23.41
CA GLY O 356 44.83 -45.48 -22.56
C GLY O 356 43.43 -46.03 -22.56
N LEU O 357 42.52 -45.47 -23.36
CA LEU O 357 41.19 -46.02 -23.49
C LEU O 357 41.26 -47.43 -24.07
N LYS O 358 40.52 -48.36 -23.48
CA LYS O 358 40.62 -49.75 -23.85
C LYS O 358 40.04 -50.00 -25.24
N PRO O 359 40.53 -51.04 -25.94
CA PRO O 359 40.14 -51.25 -27.34
C PRO O 359 38.72 -51.78 -27.52
N VAL O 360 38.32 -51.95 -28.78
CA VAL O 360 36.97 -52.36 -29.15
C VAL O 360 37.06 -53.45 -30.21
N PHE O 361 36.28 -54.52 -30.05
CA PHE O 361 36.12 -55.48 -31.13
C PHE O 361 35.53 -54.82 -32.37
N PRO O 362 36.17 -54.97 -33.53
CA PRO O 362 35.49 -54.66 -34.79
C PRO O 362 34.64 -55.82 -35.25
N VAL O 363 33.33 -55.62 -35.35
CA VAL O 363 32.40 -56.67 -35.72
C VAL O 363 32.19 -56.64 -37.23
N ALA O 364 32.45 -57.77 -37.88
CA ALA O 364 32.36 -57.86 -39.34
C ALA O 364 31.09 -58.65 -39.69
N SER O 365 30.01 -57.92 -39.94
CA SER O 365 28.74 -58.52 -40.31
C SER O 365 28.36 -58.10 -41.73
N GLY O 366 27.47 -58.87 -42.33
CA GLY O 366 27.02 -58.64 -43.68
C GLY O 366 26.59 -59.95 -44.31
N GLY O 367 26.53 -59.95 -45.64
CA GLY O 367 26.17 -61.15 -46.36
C GLY O 367 27.37 -62.04 -46.63
N ILE O 368 27.98 -62.53 -45.55
CA ILE O 368 29.21 -63.31 -45.62
C ILE O 368 28.91 -64.77 -45.38
N HIS O 369 29.69 -65.64 -46.00
CA HIS O 369 29.60 -67.08 -45.79
C HIS O 369 31.01 -67.64 -45.76
N VAL O 370 31.13 -68.97 -45.90
CA VAL O 370 32.43 -69.63 -45.73
C VAL O 370 33.42 -69.15 -46.78
N TRP O 371 32.95 -68.90 -48.00
CA TRP O 371 33.85 -68.48 -49.07
C TRP O 371 34.50 -67.13 -48.80
N HIS O 372 33.93 -66.33 -47.89
CA HIS O 372 34.51 -65.04 -47.52
C HIS O 372 35.42 -65.12 -46.31
N VAL O 373 35.55 -66.30 -45.69
CA VAL O 373 36.37 -66.41 -44.48
C VAL O 373 37.84 -66.09 -44.75
N PRO O 374 38.49 -66.60 -45.81
CA PRO O 374 39.90 -66.22 -46.03
C PRO O 374 40.10 -64.72 -46.16
N ASP O 375 39.18 -64.02 -46.81
CA ASP O 375 39.28 -62.57 -46.90
C ASP O 375 39.12 -61.94 -45.52
N LEU O 376 38.11 -62.38 -44.76
CA LEU O 376 37.78 -61.73 -43.49
C LEU O 376 38.91 -61.88 -42.48
N VAL O 377 39.52 -63.05 -42.42
CA VAL O 377 40.57 -63.29 -41.41
C VAL O 377 41.76 -62.38 -41.65
N SER O 378 42.09 -62.12 -42.93
CA SER O 378 43.25 -61.31 -43.23
C SER O 378 43.04 -59.85 -42.85
N ILE O 379 41.86 -59.29 -43.19
CA ILE O 379 41.60 -57.88 -42.93
C ILE O 379 41.60 -57.60 -41.44
N PHE O 380 40.96 -58.47 -40.65
CA PHE O 380 40.72 -58.21 -39.24
C PHE O 380 41.65 -58.95 -38.31
N GLY O 381 42.01 -60.20 -38.64
CA GLY O 381 42.86 -60.97 -37.75
C GLY O 381 42.04 -61.71 -36.71
N ASP O 382 42.65 -61.88 -35.53
CA ASP O 382 41.99 -62.61 -34.45
C ASP O 382 40.94 -61.75 -33.76
N ASP O 383 41.29 -60.52 -33.39
CA ASP O 383 40.43 -59.66 -32.59
C ASP O 383 39.32 -59.11 -33.46
N ALA O 384 38.26 -59.90 -33.66
CA ALA O 384 37.10 -59.49 -34.43
C ALA O 384 36.01 -60.54 -34.29
N PHE O 385 34.78 -60.10 -34.50
CA PHE O 385 33.62 -60.99 -34.59
C PHE O 385 33.23 -61.18 -36.05
N PHE O 386 32.88 -62.42 -36.40
CA PHE O 386 32.34 -62.75 -37.71
C PHE O 386 30.88 -63.16 -37.52
N LEU O 387 29.96 -62.40 -38.10
CA LEU O 387 28.53 -62.62 -37.91
C LEU O 387 27.97 -63.26 -39.18
N PHE O 388 27.50 -64.50 -39.06
CA PHE O 388 26.89 -65.23 -40.16
C PHE O 388 25.39 -65.36 -39.85
N GLY O 389 24.63 -64.36 -40.26
CA GLY O 389 23.19 -64.41 -40.08
C GLY O 389 22.54 -65.37 -41.04
N GLY O 390 22.63 -65.08 -42.33
CA GLY O 390 22.16 -65.99 -43.35
C GLY O 390 23.13 -67.07 -43.75
N GLY O 391 24.39 -66.95 -43.33
CA GLY O 391 25.38 -67.97 -43.61
C GLY O 391 25.31 -69.19 -42.73
N THR O 392 24.53 -69.14 -41.66
CA THR O 392 24.27 -70.30 -40.81
C THR O 392 22.92 -70.93 -41.14
N HIS O 393 21.85 -70.14 -41.05
CA HIS O 393 20.51 -70.63 -41.31
C HIS O 393 20.26 -70.94 -42.78
N GLY O 394 21.12 -70.44 -43.67
CA GLY O 394 20.98 -70.74 -45.09
C GLY O 394 21.58 -72.06 -45.51
N HIS O 395 22.23 -72.76 -44.59
CA HIS O 395 22.79 -74.07 -44.92
C HIS O 395 21.68 -75.04 -45.31
N PRO O 396 21.91 -75.92 -46.28
CA PRO O 396 20.82 -76.81 -46.74
C PRO O 396 20.32 -77.78 -45.68
N ARG O 397 20.94 -77.79 -44.49
CA ARG O 397 20.54 -78.71 -43.43
C ARG O 397 20.21 -78.00 -42.13
N GLY O 398 19.95 -76.70 -42.17
CA GLY O 398 19.47 -75.98 -41.02
C GLY O 398 20.50 -75.10 -40.37
N SER O 399 20.25 -74.77 -39.10
CA SER O 399 21.10 -73.86 -38.35
C SER O 399 22.25 -74.57 -37.65
N ARG O 400 22.01 -75.77 -37.11
CA ARG O 400 23.08 -76.48 -36.42
C ARG O 400 24.16 -76.95 -37.40
N ALA O 401 23.75 -77.48 -38.55
CA ALA O 401 24.72 -77.87 -39.56
C ALA O 401 25.48 -76.66 -40.10
N GLY O 402 24.76 -75.56 -40.34
CA GLY O 402 25.43 -74.34 -40.75
C GLY O 402 26.34 -73.78 -39.68
N ALA O 403 25.98 -74.00 -38.41
CA ALA O 403 26.81 -73.53 -37.30
C ALA O 403 28.18 -74.19 -37.33
N THR O 404 28.22 -75.50 -37.57
CA THR O 404 29.49 -76.22 -37.59
C THR O 404 30.34 -75.83 -38.79
N ALA O 405 29.70 -75.61 -39.94
CA ALA O 405 30.45 -75.36 -41.17
C ALA O 405 31.29 -74.08 -41.06
N ASN O 406 30.71 -73.04 -40.44
CA ASN O 406 31.48 -71.80 -40.26
C ASN O 406 32.53 -71.96 -39.18
N ARG O 407 32.24 -72.72 -38.13
CA ARG O 407 33.22 -72.96 -37.09
C ARG O 407 34.43 -73.72 -37.64
N VAL O 408 34.18 -74.72 -38.49
CA VAL O 408 35.27 -75.45 -39.12
C VAL O 408 36.05 -74.56 -40.08
N ALA O 409 35.34 -73.73 -40.85
CA ALA O 409 35.99 -72.88 -41.84
C ALA O 409 36.91 -71.87 -41.16
N VAL O 410 36.43 -71.21 -40.11
CA VAL O 410 37.23 -70.21 -39.42
C VAL O 410 38.43 -70.85 -38.73
N GLU O 411 38.21 -71.99 -38.07
CA GLU O 411 39.31 -72.66 -37.38
C GLU O 411 40.35 -73.16 -38.37
N ALA O 412 39.91 -73.71 -39.51
CA ALA O 412 40.86 -74.22 -40.49
C ALA O 412 41.73 -73.12 -41.07
N VAL O 413 41.13 -71.96 -41.37
CA VAL O 413 41.90 -70.85 -41.92
C VAL O 413 42.90 -70.33 -40.90
N VAL O 414 42.48 -70.18 -39.65
CA VAL O 414 43.37 -69.67 -38.61
C VAL O 414 44.51 -70.63 -38.37
N GLN O 415 44.22 -71.93 -38.38
CA GLN O 415 45.28 -72.93 -38.27
C GLN O 415 46.28 -72.80 -39.41
N ALA O 416 45.78 -72.56 -40.63
CA ALA O 416 46.66 -72.38 -41.78
C ALA O 416 47.52 -71.14 -41.64
N ARG O 417 46.93 -70.05 -41.13
CA ARG O 417 47.69 -68.81 -40.97
C ARG O 417 48.85 -69.00 -40.00
N ASN O 418 48.62 -69.72 -38.91
CA ASN O 418 49.65 -69.96 -37.91
C ASN O 418 50.62 -71.06 -38.31
N GLU O 419 50.48 -71.61 -39.52
CA GLU O 419 51.42 -72.58 -40.05
C GLU O 419 52.20 -72.02 -41.24
N GLY O 420 52.09 -70.71 -41.49
CA GLY O 420 52.84 -70.03 -42.51
C GLY O 420 52.17 -69.97 -43.88
N ARG O 421 51.13 -70.75 -44.10
CA ARG O 421 50.47 -70.77 -45.41
C ARG O 421 49.80 -69.43 -45.69
N ASP O 422 49.99 -68.93 -46.91
CA ASP O 422 49.45 -67.62 -47.27
C ASP O 422 47.95 -67.72 -47.48
N ILE O 423 47.18 -66.95 -46.68
CA ILE O 423 45.73 -67.07 -46.70
C ILE O 423 45.17 -66.64 -48.04
N LEU O 424 45.56 -65.46 -48.53
CA LEU O 424 44.99 -64.97 -49.78
C LEU O 424 45.40 -65.84 -50.96
N ALA O 425 46.59 -66.45 -50.86
CA ALA O 425 47.05 -67.30 -51.95
C ALA O 425 46.34 -68.65 -51.97
N GLU O 426 46.09 -69.22 -50.79
CA GLU O 426 45.67 -70.61 -50.70
C GLU O 426 44.32 -70.80 -49.98
N GLY O 427 43.48 -69.76 -49.95
CA GLY O 427 42.20 -69.89 -49.25
C GLY O 427 41.31 -70.97 -49.81
N ARG O 428 41.19 -71.03 -51.14
CA ARG O 428 40.31 -72.03 -51.75
C ARG O 428 40.81 -73.43 -51.46
N GLU O 429 42.13 -73.66 -51.56
CA GLU O 429 42.68 -74.97 -51.24
C GLU O 429 42.48 -75.32 -49.78
N ILE O 430 42.64 -74.33 -48.89
CA ILE O 430 42.42 -74.56 -47.46
C ILE O 430 40.99 -75.00 -47.20
N LEU O 431 40.04 -74.30 -47.81
CA LEU O 431 38.63 -74.63 -47.59
C LEU O 431 38.26 -75.97 -48.20
N GLU O 432 38.83 -76.33 -49.36
CA GLU O 432 38.58 -77.65 -49.92
C GLU O 432 39.16 -78.75 -49.04
N GLU O 433 40.36 -78.53 -48.49
CA GLU O 433 40.95 -79.52 -47.58
C GLU O 433 40.08 -79.69 -46.35
N ALA O 434 39.55 -78.59 -45.80
CA ALA O 434 38.64 -78.69 -44.66
C ALA O 434 37.36 -79.44 -45.05
N ALA O 435 36.82 -79.15 -46.25
CA ALA O 435 35.59 -79.80 -46.68
C ALA O 435 35.79 -81.30 -46.92
N ARG O 436 37.02 -81.71 -47.26
CA ARG O 436 37.25 -83.13 -47.48
C ARG O 436 36.94 -83.99 -46.25
N TRP O 437 36.94 -83.41 -45.05
CA TRP O 437 36.59 -84.16 -43.85
C TRP O 437 35.46 -83.51 -43.06
N CYS O 438 34.96 -82.35 -43.47
CA CYS O 438 33.77 -81.79 -42.86
C CYS O 438 32.57 -82.01 -43.76
N PRO O 439 31.61 -82.86 -43.38
CA PRO O 439 30.41 -83.03 -44.20
C PRO O 439 29.59 -81.76 -44.35
N GLU O 440 29.55 -80.93 -43.32
CA GLU O 440 28.74 -79.70 -43.37
C GLU O 440 29.39 -78.65 -44.26
N LEU O 441 30.70 -78.51 -44.17
CA LEU O 441 31.40 -77.47 -44.93
C LEU O 441 31.31 -77.72 -46.42
N ARG O 442 31.35 -78.99 -46.84
CA ARG O 442 31.24 -79.29 -48.26
C ARG O 442 29.90 -78.86 -48.83
N GLU O 443 28.82 -79.07 -48.07
CA GLU O 443 27.50 -78.63 -48.53
C GLU O 443 27.44 -77.13 -48.67
N ALA O 444 28.00 -76.39 -47.71
CA ALA O 444 28.00 -74.93 -47.79
C ALA O 444 28.84 -74.43 -48.95
N MET O 445 30.02 -75.02 -49.16
CA MET O 445 30.88 -74.60 -50.25
C MET O 445 30.25 -74.88 -51.61
N GLU O 446 29.61 -76.04 -51.76
CA GLU O 446 29.01 -76.37 -53.04
C GLU O 446 27.69 -75.65 -53.28
N LEU O 447 27.17 -74.94 -52.29
CA LEU O 447 25.95 -74.17 -52.44
C LEU O 447 26.22 -72.70 -52.77
N TRP O 448 27.28 -72.14 -52.21
CA TRP O 448 27.60 -70.72 -52.36
C TRP O 448 28.88 -70.54 -53.16
N GLY O 449 28.99 -69.40 -53.83
CA GLY O 449 30.14 -69.11 -54.65
C GLY O 449 30.17 -69.91 -55.94
N TYR P 6 13.30 -77.27 -47.45
CA TYR P 6 13.18 -75.98 -48.11
C TYR P 6 14.21 -75.87 -49.23
N GLU P 7 14.00 -74.91 -50.15
CA GLU P 7 14.79 -74.87 -51.38
C GLU P 7 16.26 -74.56 -51.11
N ALA P 8 16.56 -73.74 -50.11
CA ALA P 8 17.91 -73.55 -49.59
C ALA P 8 18.87 -73.03 -50.68
N GLY P 9 18.57 -71.83 -51.14
CA GLY P 9 19.44 -71.18 -52.11
C GLY P 9 19.14 -69.71 -52.22
N VAL P 10 20.09 -68.99 -52.81
CA VAL P 10 19.90 -67.55 -53.05
C VAL P 10 18.90 -67.36 -54.17
N ARG P 11 17.85 -66.60 -53.90
CA ARG P 11 16.84 -66.29 -54.91
C ARG P 11 16.61 -64.79 -54.92
N PRO P 12 16.22 -64.23 -56.06
CA PRO P 12 16.07 -62.78 -56.16
C PRO P 12 14.99 -62.26 -55.21
N TYR P 13 15.20 -61.04 -54.70
CA TYR P 13 14.22 -60.42 -53.82
C TYR P 13 12.89 -60.18 -54.55
N ARG P 14 12.93 -60.10 -55.88
CA ARG P 14 11.73 -59.76 -56.65
C ARG P 14 10.66 -60.83 -56.52
N GLU P 15 11.05 -62.10 -56.50
CA GLU P 15 10.07 -63.18 -56.59
C GLU P 15 9.16 -63.27 -55.37
N THR P 16 9.57 -62.70 -54.24
CA THR P 16 8.81 -62.84 -53.00
C THR P 16 8.60 -61.56 -52.21
N TYR P 17 9.29 -60.47 -52.56
CA TYR P 17 9.09 -59.19 -51.88
C TYR P 17 8.64 -58.10 -52.83
N TYR P 18 8.06 -58.47 -53.97
CA TYR P 18 7.53 -57.52 -54.94
C TYR P 18 6.13 -57.98 -55.34
N ASP P 19 5.12 -57.24 -54.91
CA ASP P 19 3.72 -57.56 -55.18
C ASP P 19 3.05 -56.34 -55.79
N PRO P 20 3.19 -56.13 -57.10
CA PRO P 20 2.56 -54.96 -57.74
C PRO P 20 1.04 -54.99 -57.72
N ASP P 21 0.42 -56.14 -57.46
CA ASP P 21 -1.02 -56.24 -57.39
C ASP P 21 -1.56 -56.07 -55.97
N TYR P 22 -0.69 -55.89 -54.99
CA TYR P 22 -1.12 -55.72 -53.62
C TYR P 22 -1.83 -54.38 -53.43
N GLU P 23 -2.86 -54.39 -52.58
CA GLU P 23 -3.59 -53.19 -52.22
C GLU P 23 -3.24 -52.81 -50.78
N PRO P 24 -2.63 -51.65 -50.56
CA PRO P 24 -2.26 -51.27 -49.18
C PRO P 24 -3.48 -51.17 -48.28
N LYS P 25 -3.30 -51.63 -47.04
CA LYS P 25 -4.36 -51.54 -46.05
C LYS P 25 -4.37 -50.15 -45.41
N ASP P 26 -5.38 -49.91 -44.59
CA ASP P 26 -5.46 -48.64 -43.86
C ASP P 26 -4.56 -48.61 -42.63
N THR P 27 -3.93 -49.73 -42.28
CA THR P 27 -3.05 -49.80 -41.14
C THR P 27 -1.58 -49.93 -41.50
N ASP P 28 -1.26 -50.08 -42.78
CA ASP P 28 0.14 -50.23 -43.19
C ASP P 28 0.86 -48.89 -43.13
N LEU P 29 2.16 -48.95 -42.83
CA LEU P 29 3.04 -47.80 -42.93
C LEU P 29 3.60 -47.76 -44.35
N LEU P 30 3.13 -46.82 -45.15
CA LEU P 30 3.55 -46.69 -46.53
C LEU P 30 4.78 -45.80 -46.61
N CYS P 31 5.70 -46.15 -47.50
CA CYS P 31 6.92 -45.38 -47.69
C CYS P 31 7.17 -45.17 -49.18
N ALA P 32 7.84 -44.06 -49.50
CA ALA P 32 8.25 -43.74 -50.86
C ALA P 32 9.76 -43.56 -50.88
N PHE P 33 10.43 -44.37 -51.69
CA PHE P 33 11.89 -44.37 -51.77
C PHE P 33 12.33 -43.93 -53.16
N ARG P 34 13.32 -43.04 -53.21
CA ARG P 34 13.93 -42.61 -54.46
C ARG P 34 15.18 -43.46 -54.64
N ILE P 35 15.07 -44.49 -55.49
CA ILE P 35 16.09 -45.52 -55.62
C ILE P 35 16.91 -45.28 -56.87
N THR P 36 18.23 -45.37 -56.74
CA THR P 36 19.17 -45.31 -57.85
C THR P 36 19.87 -46.66 -57.91
N PRO P 37 19.39 -47.58 -58.74
CA PRO P 37 19.92 -48.95 -58.71
C PRO P 37 21.35 -49.03 -59.21
N LYS P 38 22.05 -50.05 -58.75
CA LYS P 38 23.38 -50.34 -59.25
C LYS P 38 23.27 -50.72 -60.72
N PRO P 39 24.16 -50.22 -61.59
CA PRO P 39 24.08 -50.58 -63.01
C PRO P 39 24.12 -52.09 -63.21
N GLY P 40 23.29 -52.58 -64.13
CA GLY P 40 23.13 -53.99 -64.35
C GLY P 40 22.06 -54.65 -63.50
N VAL P 41 21.37 -53.89 -62.65
CA VAL P 41 20.33 -54.41 -61.75
C VAL P 41 19.03 -53.72 -62.10
N PRO P 42 17.95 -54.46 -62.37
CA PRO P 42 16.65 -53.81 -62.60
C PRO P 42 16.17 -53.14 -61.34
N MET P 43 15.42 -52.04 -61.51
CA MET P 43 14.97 -51.27 -60.35
C MET P 43 14.01 -52.08 -59.49
N GLU P 44 13.07 -52.80 -60.10
CA GLU P 44 12.14 -53.59 -59.32
C GLU P 44 12.83 -54.70 -58.55
N GLU P 45 14.06 -55.08 -58.95
CA GLU P 45 14.89 -55.90 -58.08
C GLU P 45 15.48 -55.08 -56.95
N ALA P 46 15.93 -53.86 -57.26
CA ALA P 46 16.47 -52.98 -56.21
C ALA P 46 15.37 -52.55 -55.24
N ALA P 47 14.17 -52.29 -55.75
CA ALA P 47 13.05 -51.95 -54.88
C ALA P 47 12.70 -53.12 -53.96
N ALA P 48 12.68 -54.34 -54.50
CA ALA P 48 12.37 -55.49 -53.67
C ALA P 48 13.46 -55.75 -52.65
N ALA P 49 14.69 -55.30 -52.93
CA ALA P 49 15.76 -55.43 -51.96
C ALA P 49 15.51 -54.57 -50.74
N VAL P 50 15.03 -53.34 -50.95
CA VAL P 50 14.75 -52.44 -49.83
C VAL P 50 13.56 -52.95 -49.03
N ALA P 51 12.55 -53.48 -49.71
CA ALA P 51 11.38 -54.02 -49.02
C ALA P 51 11.76 -55.23 -48.16
N ALA P 52 12.66 -56.07 -48.66
CA ALA P 52 13.03 -57.28 -47.91
C ALA P 52 13.91 -56.94 -46.72
N GLU P 53 14.91 -56.09 -46.90
CA GLU P 53 15.95 -55.93 -45.90
C GLU P 53 15.59 -54.94 -44.80
N SER P 54 14.44 -54.28 -44.90
CA SER P 54 13.86 -53.56 -43.79
C SER P 54 12.77 -54.37 -43.10
N SER P 55 12.67 -55.66 -43.46
CA SER P 55 11.63 -56.57 -43.00
C SER P 55 12.24 -57.96 -42.96
N THR P 56 11.39 -58.98 -42.98
CA THR P 56 11.79 -60.36 -42.73
C THR P 56 12.79 -60.92 -43.74
N GLY P 57 13.23 -60.11 -44.70
CA GLY P 57 14.09 -60.60 -45.76
C GLY P 57 15.49 -60.93 -45.31
N THR P 58 16.18 -61.68 -46.17
CA THR P 58 17.55 -62.11 -45.94
C THR P 58 18.21 -62.29 -47.30
N TRP P 59 19.54 -62.29 -47.33
CA TRP P 59 20.25 -62.46 -48.60
C TRP P 59 20.17 -63.89 -49.12
N THR P 60 19.84 -64.85 -48.26
CA THR P 60 19.64 -66.25 -48.64
C THR P 60 18.25 -66.69 -48.19
N GLU P 61 17.93 -67.95 -48.49
CA GLU P 61 16.73 -68.57 -47.95
C GLU P 61 17.09 -69.27 -46.65
N VAL P 62 16.48 -68.84 -45.55
CA VAL P 62 16.71 -69.43 -44.24
C VAL P 62 15.62 -70.45 -43.97
N TRP P 63 16.00 -71.55 -43.31
CA TRP P 63 15.03 -72.60 -43.02
C TRP P 63 13.96 -72.16 -42.05
N SER P 64 14.17 -71.04 -41.36
CA SER P 64 13.20 -70.60 -40.36
C SER P 64 11.95 -69.99 -41.00
N ASN P 65 12.00 -69.70 -42.30
CA ASN P 65 10.85 -69.07 -42.96
C ASN P 65 9.60 -69.93 -42.85
N LEU P 66 9.75 -71.24 -42.72
CA LEU P 66 8.62 -72.14 -42.56
C LEU P 66 8.15 -72.24 -41.12
N LEU P 67 8.81 -71.56 -40.19
CA LEU P 67 8.40 -71.50 -38.79
C LEU P 67 7.50 -70.31 -38.51
N THR P 68 7.14 -69.54 -39.52
CA THR P 68 6.33 -68.34 -39.32
C THR P 68 5.51 -68.07 -40.57
N ASP P 69 4.51 -67.20 -40.43
CA ASP P 69 3.61 -66.85 -41.52
C ASP P 69 4.17 -65.59 -42.19
N LEU P 70 5.06 -65.82 -43.15
CA LEU P 70 5.83 -64.71 -43.73
C LEU P 70 4.94 -63.74 -44.50
N GLU P 71 3.88 -64.25 -45.13
CA GLU P 71 2.99 -63.36 -45.87
C GLU P 71 2.17 -62.47 -44.94
N ARG P 72 2.20 -62.75 -43.63
CA ARG P 72 1.56 -61.87 -42.66
C ARG P 72 2.44 -60.69 -42.25
N TYR P 73 3.76 -60.83 -42.35
CA TYR P 73 4.68 -59.85 -41.81
C TYR P 73 5.51 -59.11 -42.86
N LYS P 74 5.85 -59.77 -43.96
CA LYS P 74 6.79 -59.20 -44.92
C LYS P 74 6.26 -57.89 -45.49
N ALA P 75 7.17 -56.95 -45.72
CA ALA P 75 6.85 -55.77 -46.51
C ALA P 75 6.91 -56.12 -47.99
N ARG P 76 6.53 -55.17 -48.83
CA ARG P 76 6.38 -55.46 -50.25
C ARG P 76 6.29 -54.21 -51.09
N CYS P 77 7.06 -54.16 -52.18
CA CYS P 77 6.96 -53.07 -53.13
C CYS P 77 5.71 -53.28 -53.99
N TYR P 78 4.73 -52.39 -53.86
CA TYR P 78 3.45 -52.56 -54.52
C TYR P 78 3.23 -51.61 -55.69
N ARG P 79 4.14 -50.65 -55.90
CA ARG P 79 3.97 -49.71 -57.00
C ARG P 79 5.28 -49.00 -57.25
N ILE P 80 5.68 -48.95 -58.53
CA ILE P 80 6.86 -48.23 -58.96
C ILE P 80 6.43 -47.15 -59.95
N GLU P 81 6.83 -45.92 -59.68
CA GLU P 81 6.47 -44.76 -60.51
C GLU P 81 7.68 -44.24 -61.28
N GLY P 82 8.49 -45.15 -61.81
CA GLY P 82 9.67 -44.78 -62.56
C GLY P 82 10.92 -44.68 -61.72
N ASP P 83 10.99 -43.67 -60.85
CA ASP P 83 12.15 -43.50 -59.98
C ASP P 83 11.82 -43.61 -58.50
N VAL P 84 10.56 -43.47 -58.11
CA VAL P 84 10.14 -43.62 -56.72
C VAL P 84 9.42 -44.95 -56.56
N ALA P 85 9.81 -45.71 -55.55
CA ALA P 85 9.27 -47.03 -55.28
C ALA P 85 8.44 -46.98 -54.00
N TYR P 86 7.23 -47.53 -54.06
CA TYR P 86 6.32 -47.56 -52.92
C TYR P 86 6.41 -48.91 -52.23
N ILE P 87 6.51 -48.89 -50.91
CA ILE P 87 6.66 -50.11 -50.11
C ILE P 87 5.70 -50.04 -48.94
N ALA P 88 4.94 -51.12 -48.72
CA ALA P 88 3.93 -51.19 -47.67
C ALA P 88 4.45 -52.03 -46.52
N TYR P 89 4.54 -51.42 -45.33
CA TYR P 89 5.02 -52.11 -44.14
C TYR P 89 3.84 -52.47 -43.25
N PRO P 90 3.63 -53.75 -42.93
CA PRO P 90 2.50 -54.12 -42.07
C PRO P 90 2.56 -53.46 -40.70
N LEU P 91 1.39 -53.27 -40.08
CA LEU P 91 1.32 -52.63 -38.77
C LEU P 91 2.02 -53.43 -37.68
N ASP P 92 2.18 -54.74 -37.86
CA ASP P 92 2.71 -55.61 -36.82
C ASP P 92 4.23 -55.59 -36.75
N LEU P 93 4.91 -54.87 -37.64
CA LEU P 93 6.37 -54.86 -37.69
C LEU P 93 6.99 -53.78 -36.81
N PHE P 94 6.18 -53.00 -36.09
CA PHE P 94 6.69 -51.86 -35.35
C PHE P 94 6.20 -51.92 -33.91
N GLU P 95 7.10 -51.71 -32.97
CA GLU P 95 6.73 -51.56 -31.57
C GLU P 95 5.91 -50.29 -31.38
N GLU P 96 4.93 -50.36 -30.49
CA GLU P 96 3.98 -49.26 -30.32
C GLU P 96 4.62 -48.13 -29.52
N GLY P 97 4.48 -46.91 -30.03
CA GLY P 97 4.88 -45.73 -29.31
C GLY P 97 6.36 -45.36 -29.41
N SER P 98 7.13 -46.02 -30.26
CA SER P 98 8.56 -45.78 -30.35
C SER P 98 8.93 -45.37 -31.77
N ILE P 99 9.44 -44.15 -31.92
CA ILE P 99 10.05 -43.74 -33.19
C ILE P 99 11.33 -44.51 -33.44
N VAL P 100 12.08 -44.80 -32.37
CA VAL P 100 13.39 -45.43 -32.45
C VAL P 100 13.32 -46.75 -33.22
N ASN P 101 12.13 -47.36 -33.26
CA ASN P 101 11.98 -48.62 -33.97
C ASN P 101 11.61 -48.39 -35.43
N ILE P 102 10.88 -47.31 -35.73
CA ILE P 102 10.57 -46.99 -37.13
C ILE P 102 11.85 -46.74 -37.91
N MET P 103 12.71 -45.88 -37.38
CA MET P 103 13.95 -45.53 -38.07
C MET P 103 14.99 -46.62 -37.97
N SER P 104 14.87 -47.52 -36.99
CA SER P 104 15.75 -48.69 -36.96
C SER P 104 15.33 -49.71 -38.00
N SER P 105 14.02 -49.94 -38.14
CA SER P 105 13.54 -50.96 -39.07
C SER P 105 13.66 -50.50 -40.51
N ILE P 106 13.24 -49.28 -40.81
CA ILE P 106 13.06 -48.84 -42.18
C ILE P 106 14.36 -48.28 -42.74
N VAL P 107 14.87 -47.21 -42.14
CA VAL P 107 16.04 -46.51 -42.65
C VAL P 107 17.32 -47.00 -41.97
N GLY P 108 17.27 -48.12 -41.27
CA GLY P 108 18.42 -48.62 -40.55
C GLY P 108 19.49 -49.22 -41.43
N ASN P 109 19.17 -50.30 -42.14
CA ASN P 109 20.16 -51.12 -42.81
C ASN P 109 20.12 -51.00 -44.33
N VAL P 110 18.98 -50.61 -44.91
CA VAL P 110 18.81 -50.70 -46.35
C VAL P 110 19.59 -49.65 -47.14
N PHE P 111 20.08 -48.60 -46.48
CA PHE P 111 20.72 -47.51 -47.21
C PHE P 111 22.13 -47.84 -47.67
N GLY P 112 22.79 -48.82 -47.08
CA GLY P 112 24.19 -49.08 -47.39
C GLY P 112 24.45 -50.29 -48.26
N PHE P 113 23.45 -50.76 -48.97
CA PHE P 113 23.60 -51.97 -49.76
C PHE P 113 24.34 -51.70 -51.06
N LYS P 114 25.03 -52.72 -51.55
CA LYS P 114 25.70 -52.63 -52.84
C LYS P 114 24.75 -52.83 -54.01
N ALA P 115 23.49 -53.22 -53.74
CA ALA P 115 22.49 -53.30 -54.80
C ALA P 115 21.98 -51.92 -55.19
N VAL P 116 21.95 -50.98 -54.25
CA VAL P 116 21.46 -49.63 -54.49
C VAL P 116 22.66 -48.68 -54.43
N GLN P 117 22.85 -47.89 -55.49
CA GLN P 117 23.92 -46.90 -55.48
C GLN P 117 23.57 -45.69 -54.63
N ALA P 118 22.29 -45.33 -54.56
CA ALA P 118 21.84 -44.23 -53.73
C ALA P 118 20.35 -44.43 -53.45
N LEU P 119 19.93 -44.04 -52.26
CA LEU P 119 18.55 -44.28 -51.82
C LEU P 119 18.12 -43.16 -50.90
N ARG P 120 16.99 -42.54 -51.20
CA ARG P 120 16.44 -41.46 -50.39
C ARG P 120 14.99 -41.74 -50.04
N LEU P 121 14.66 -41.61 -48.75
CA LEU P 121 13.28 -41.76 -48.29
C LEU P 121 12.59 -40.40 -48.44
N GLU P 122 11.57 -40.34 -49.30
CA GLU P 122 10.93 -39.07 -49.61
C GLU P 122 9.74 -38.77 -48.72
N ASP P 123 8.95 -39.77 -48.37
CA ASP P 123 7.76 -39.55 -47.55
C ASP P 123 7.38 -40.88 -46.90
N MET P 124 6.43 -40.80 -45.97
CA MET P 124 5.96 -42.00 -45.29
C MET P 124 4.60 -41.72 -44.68
N ARG P 125 3.68 -42.67 -44.82
CA ARG P 125 2.33 -42.56 -44.28
C ARG P 125 2.26 -43.29 -42.95
N ILE P 126 1.93 -42.56 -41.89
CA ILE P 126 1.76 -43.14 -40.56
C ILE P 126 0.27 -43.40 -40.36
N PRO P 127 -0.14 -44.66 -40.21
CA PRO P 127 -1.57 -44.94 -40.06
C PRO P 127 -2.11 -44.43 -38.74
N VAL P 128 -3.42 -44.17 -38.73
CA VAL P 128 -4.07 -43.70 -37.50
C VAL P 128 -3.98 -44.75 -36.42
N ALA P 129 -4.00 -46.03 -36.81
CA ALA P 129 -3.91 -47.11 -35.82
C ALA P 129 -2.59 -47.06 -35.06
N TYR P 130 -1.50 -46.80 -35.77
CA TYR P 130 -0.19 -46.73 -35.12
C TYR P 130 0.09 -45.34 -34.54
N LEU P 131 -0.59 -44.32 -35.07
CA LEU P 131 -0.34 -42.95 -34.65
C LEU P 131 -0.87 -42.66 -33.25
N LYS P 132 -1.78 -43.48 -32.73
CA LYS P 132 -2.42 -43.22 -31.46
C LYS P 132 -1.67 -43.81 -30.28
N THR P 133 -0.52 -44.43 -30.52
CA THR P 133 0.34 -44.91 -29.44
C THR P 133 1.39 -43.89 -29.05
N PHE P 134 1.42 -42.73 -29.69
CA PHE P 134 2.33 -41.64 -29.40
C PHE P 134 1.59 -40.48 -28.73
N PRO P 135 2.26 -39.76 -27.83
CA PRO P 135 1.55 -38.69 -27.12
C PRO P 135 1.26 -37.47 -27.97
N GLY P 136 2.22 -37.03 -28.79
CA GLY P 136 2.09 -35.78 -29.50
C GLY P 136 2.68 -34.65 -28.70
N PRO P 137 2.64 -33.43 -29.25
CA PRO P 137 3.21 -32.30 -28.54
C PRO P 137 2.50 -32.09 -27.21
N PRO P 138 3.22 -31.64 -26.18
CA PRO P 138 2.59 -31.39 -24.89
C PRO P 138 1.57 -30.27 -24.92
N THR P 139 1.93 -29.14 -25.54
CA THR P 139 1.10 -27.94 -25.51
C THR P 139 0.44 -27.64 -26.84
N GLY P 140 1.22 -27.52 -27.91
CA GLY P 140 0.67 -27.18 -29.20
C GLY P 140 0.62 -25.68 -29.45
N ILE P 141 0.04 -25.33 -30.59
CA ILE P 141 -0.02 -23.93 -30.99
C ILE P 141 -1.04 -23.17 -30.14
N GLN P 142 -2.24 -23.71 -30.00
CA GLN P 142 -3.32 -22.99 -29.33
C GLN P 142 -3.03 -22.78 -27.85
N VAL P 143 -2.46 -23.80 -27.18
CA VAL P 143 -2.16 -23.68 -25.76
C VAL P 143 -1.02 -22.70 -25.55
N GLU P 144 0.00 -22.75 -26.41
CA GLU P 144 1.16 -21.88 -26.23
C GLU P 144 0.80 -20.42 -26.43
N ARG P 145 -0.10 -20.12 -27.38
CA ARG P 145 -0.52 -18.74 -27.58
C ARG P 145 -1.25 -18.20 -26.36
N ASP P 146 -2.08 -19.03 -25.72
CA ASP P 146 -2.69 -18.63 -24.46
C ASP P 146 -1.65 -18.44 -23.37
N ARG P 147 -0.70 -19.37 -23.27
CA ARG P 147 0.33 -19.28 -22.24
C ARG P 147 1.20 -18.05 -22.44
N LEU P 148 1.57 -17.76 -23.69
CA LEU P 148 2.33 -16.55 -23.98
C LEU P 148 1.44 -15.31 -23.97
N ASN P 149 0.15 -15.49 -24.27
CA ASN P 149 -0.82 -14.38 -24.37
C ASN P 149 -0.44 -13.43 -25.52
N LYS P 150 -0.22 -14.01 -26.69
CA LYS P 150 0.05 -13.24 -27.90
C LYS P 150 -0.72 -13.89 -29.04
N TYR P 151 -1.58 -13.13 -29.71
CA TYR P 151 -2.47 -13.67 -30.74
C TYR P 151 -2.37 -12.84 -32.02
N GLY P 152 -2.76 -13.48 -33.12
CA GLY P 152 -2.96 -12.79 -34.38
C GLY P 152 -1.73 -12.18 -35.00
N ARG P 153 -0.57 -12.82 -34.82
CA ARG P 153 0.66 -12.37 -35.46
C ARG P 153 1.76 -13.41 -35.25
N PRO P 154 2.73 -13.49 -36.16
CA PRO P 154 3.89 -14.37 -35.92
C PRO P 154 4.67 -13.91 -34.69
N LEU P 155 5.15 -14.87 -33.93
CA LEU P 155 5.96 -14.55 -32.76
C LEU P 155 7.40 -14.31 -33.18
N LEU P 156 8.18 -13.75 -32.25
CA LEU P 156 9.53 -13.29 -32.55
C LEU P 156 10.52 -13.96 -31.63
N GLY P 157 11.77 -14.04 -32.10
CA GLY P 157 12.84 -14.64 -31.33
C GLY P 157 14.18 -14.27 -31.94
N GLY P 158 15.24 -14.65 -31.25
CA GLY P 158 16.57 -14.42 -31.76
C GLY P 158 17.64 -15.13 -30.95
N THR P 159 18.51 -15.86 -31.64
CA THR P 159 19.61 -16.53 -30.96
C THR P 159 20.63 -15.50 -30.49
N ILE P 160 21.16 -15.73 -29.29
CA ILE P 160 22.14 -14.82 -28.71
C ILE P 160 23.49 -15.08 -29.37
N LYS P 161 24.08 -14.03 -29.93
CA LYS P 161 25.34 -14.12 -30.64
C LYS P 161 26.41 -13.30 -29.93
N PRO P 162 27.70 -13.69 -30.02
CA PRO P 162 28.24 -14.83 -30.77
C PRO P 162 27.83 -16.17 -30.19
N LYS P 163 27.91 -17.22 -31.01
CA LYS P 163 27.40 -18.53 -30.60
C LYS P 163 28.06 -19.00 -29.32
N LEU P 164 29.37 -18.79 -29.19
CA LEU P 164 30.12 -19.18 -28.01
C LEU P 164 31.09 -18.06 -27.64
N GLY P 165 31.31 -17.87 -26.35
CA GLY P 165 32.32 -16.93 -25.91
C GLY P 165 31.86 -16.01 -24.81
N LEU P 166 30.55 -15.73 -24.76
CA LEU P 166 30.01 -14.81 -23.78
C LEU P 166 29.96 -15.46 -22.40
N SER P 167 30.42 -14.72 -21.40
CA SER P 167 30.25 -15.16 -20.02
C SER P 167 28.78 -15.09 -19.62
N ALA P 168 28.46 -15.70 -18.48
CA ALA P 168 27.07 -15.77 -18.06
C ALA P 168 26.49 -14.38 -17.80
N LYS P 169 27.30 -13.48 -17.25
CA LYS P 169 26.82 -12.12 -16.98
C LYS P 169 26.61 -11.35 -18.27
N GLU P 170 27.58 -11.43 -19.19
CA GLU P 170 27.44 -10.70 -20.45
C GLU P 170 26.41 -11.34 -21.36
N TYR P 171 26.22 -12.66 -21.26
CA TYR P 171 25.15 -13.32 -21.98
C TYR P 171 23.79 -12.81 -21.53
N ALA P 172 23.62 -12.64 -20.22
CA ALA P 172 22.32 -12.24 -19.69
C ALA P 172 21.95 -10.83 -20.07
N ARG P 173 22.93 -9.94 -20.24
CA ARG P 173 22.61 -8.56 -20.60
C ARG P 173 22.20 -8.47 -22.07
N VAL P 174 22.78 -9.32 -22.93
CA VAL P 174 22.37 -9.35 -24.32
C VAL P 174 20.94 -9.90 -24.43
N VAL P 175 20.63 -10.90 -23.59
CA VAL P 175 19.25 -11.38 -23.51
C VAL P 175 18.31 -10.26 -23.09
N TYR P 176 18.75 -9.41 -22.15
CA TYR P 176 17.91 -8.32 -21.69
C TYR P 176 17.64 -7.31 -22.79
N GLU P 177 18.66 -6.94 -23.55
CA GLU P 177 18.48 -5.96 -24.62
C GLU P 177 17.51 -6.48 -25.67
N CYS P 178 17.66 -7.73 -26.08
CA CYS P 178 16.79 -8.31 -27.09
C CYS P 178 15.35 -8.39 -26.60
N LEU P 179 15.14 -8.90 -25.38
CA LEU P 179 13.79 -9.04 -24.86
C LEU P 179 13.13 -7.70 -24.59
N ARG P 180 13.87 -6.75 -24.03
CA ARG P 180 13.30 -5.45 -23.73
C ARG P 180 13.00 -4.67 -25.00
N GLY P 181 13.77 -4.91 -26.07
CA GLY P 181 13.57 -4.18 -27.30
C GLY P 181 12.28 -4.51 -28.03
N GLY P 182 11.72 -5.69 -27.77
CA GLY P 182 10.47 -6.06 -28.42
C GLY P 182 10.36 -7.52 -28.80
N LEU P 183 11.48 -8.24 -28.75
CA LEU P 183 11.44 -9.67 -29.05
C LEU P 183 10.59 -10.40 -28.03
N ASP P 184 9.78 -11.34 -28.51
CA ASP P 184 8.95 -12.14 -27.63
C ASP P 184 9.73 -13.22 -26.90
N THR P 185 10.86 -13.66 -27.44
CA THR P 185 11.61 -14.76 -26.87
C THR P 185 13.05 -14.64 -27.36
N THR P 186 13.96 -15.28 -26.64
CA THR P 186 15.32 -15.49 -27.11
C THR P 186 15.62 -16.98 -26.97
N KCX P 187 16.84 -17.39 -27.27
CA KCX P 187 17.18 -18.80 -27.15
CB KCX P 187 16.62 -19.61 -28.30
CG KCX P 187 17.14 -19.06 -29.60
CD KCX P 187 16.59 -19.85 -30.76
CE KCX P 187 16.88 -21.33 -30.56
NZ KCX P 187 18.24 -21.60 -30.92
C KCX P 187 18.68 -19.05 -27.08
O KCX P 187 19.42 -18.16 -27.63
CX KCX P 187 18.68 -21.64 -32.25
OQ1 KCX P 187 17.91 -21.51 -33.17
OQ2 KCX P 187 19.95 -21.82 -32.31
N ASP P 188 19.11 -20.14 -26.46
CA ASP P 188 20.50 -20.55 -26.52
C ASP P 188 20.78 -21.09 -27.90
N ASP P 189 22.04 -21.20 -28.28
CA ASP P 189 22.36 -21.79 -29.57
C ASP P 189 22.55 -23.29 -29.41
N GLU P 190 22.65 -23.99 -30.55
CA GLU P 190 22.66 -25.45 -30.51
C GLU P 190 23.92 -25.99 -29.84
N ASN P 191 25.02 -25.26 -29.90
CA ASN P 191 26.31 -25.75 -29.44
C ASN P 191 26.69 -25.21 -28.06
N LEU P 192 25.79 -24.49 -27.40
CA LEU P 192 26.04 -23.96 -26.06
C LEU P 192 25.30 -24.83 -25.05
N ASN P 193 26.01 -25.76 -24.42
CA ASN P 193 25.39 -26.61 -23.39
C ASN P 193 25.99 -26.36 -22.02
N SER P 194 27.27 -26.69 -21.80
CA SER P 194 27.91 -26.47 -20.51
C SER P 194 29.38 -26.13 -20.68
N GLN P 195 29.69 -25.26 -21.64
CA GLN P 195 31.08 -24.96 -21.94
C GLN P 195 31.75 -24.25 -20.77
N PRO P 196 33.08 -24.38 -20.65
CA PRO P 196 33.76 -23.82 -19.47
C PRO P 196 33.58 -22.33 -19.30
N PHE P 197 33.48 -21.57 -20.39
CA PHE P 197 33.28 -20.13 -20.28
C PHE P 197 31.85 -19.78 -19.87
N ASN P 198 30.91 -20.70 -20.07
CA ASN P 198 29.49 -20.41 -19.82
C ASN P 198 28.85 -21.71 -19.34
N ARG P 199 28.78 -21.88 -18.03
CA ARG P 199 28.22 -23.10 -17.45
C ARG P 199 26.70 -23.02 -17.40
N TRP P 200 26.06 -24.19 -17.49
CA TRP P 200 24.61 -24.22 -17.57
C TRP P 200 23.96 -23.72 -16.28
N ARG P 201 24.52 -24.06 -15.12
CA ARG P 201 23.93 -23.63 -13.87
C ARG P 201 24.00 -22.11 -13.72
N ASP P 202 25.10 -21.50 -14.15
CA ASP P 202 25.20 -20.05 -14.10
C ASP P 202 24.31 -19.39 -15.14
N ARG P 203 24.31 -19.92 -16.37
CA ARG P 203 23.54 -19.32 -17.44
C ARG P 203 22.05 -19.38 -17.16
N PHE P 204 21.56 -20.51 -16.65
CA PHE P 204 20.13 -20.66 -16.39
C PHE P 204 19.66 -19.65 -15.34
N LEU P 205 20.48 -19.41 -14.32
CA LEU P 205 20.11 -18.48 -13.27
C LEU P 205 20.23 -17.03 -13.74
N TYR P 206 21.25 -16.73 -14.52
CA TYR P 206 21.48 -15.36 -14.96
C TYR P 206 20.39 -14.88 -15.91
N VAL P 207 20.03 -15.71 -16.89
CA VAL P 207 19.07 -15.26 -17.89
C VAL P 207 17.63 -15.29 -17.37
N MET P 208 17.36 -16.03 -16.29
CA MET P 208 16.04 -15.96 -15.69
C MET P 208 15.85 -14.64 -14.94
N GLU P 209 16.94 -14.10 -14.39
CA GLU P 209 16.87 -12.76 -13.82
C GLU P 209 16.75 -11.71 -14.91
N ALA P 210 17.31 -12.00 -16.09
CA ALA P 210 17.21 -11.06 -17.21
C ALA P 210 15.83 -11.12 -17.85
N VAL P 211 15.24 -12.31 -17.91
CA VAL P 211 13.89 -12.44 -18.47
C VAL P 211 12.88 -11.73 -17.59
N ARG P 212 12.94 -11.97 -16.27
CA ARG P 212 11.97 -11.40 -15.35
C ARG P 212 12.09 -9.90 -15.27
N LYS P 213 13.31 -9.37 -15.37
CA LYS P 213 13.50 -7.92 -15.40
C LYS P 213 12.90 -7.33 -16.67
N ALA P 214 13.10 -7.99 -17.81
CA ALA P 214 12.52 -7.53 -19.06
C ALA P 214 11.02 -7.81 -19.10
N GLU P 215 10.57 -8.84 -18.40
CA GLU P 215 9.15 -9.16 -18.38
C GLU P 215 8.37 -8.13 -17.56
N ALA P 216 8.99 -7.59 -16.51
CA ALA P 216 8.31 -6.61 -15.67
C ALA P 216 8.27 -5.24 -16.33
N GLU P 217 9.35 -4.85 -17.00
CA GLU P 217 9.46 -3.51 -17.54
C GLU P 217 8.73 -3.32 -18.87
N THR P 218 8.18 -4.38 -19.45
CA THR P 218 7.42 -4.26 -20.68
C THR P 218 5.94 -4.58 -20.51
N GLY P 219 5.56 -5.28 -19.45
CA GLY P 219 4.19 -5.67 -19.23
C GLY P 219 3.76 -6.90 -19.99
N GLU P 220 4.58 -7.41 -20.90
CA GLU P 220 4.29 -8.61 -21.66
C GLU P 220 5.11 -9.78 -21.13
N ARG P 221 4.80 -10.97 -21.60
CA ARG P 221 5.42 -12.21 -21.13
C ARG P 221 6.53 -12.61 -22.10
N LYS P 222 7.73 -12.75 -21.57
CA LYS P 222 8.91 -13.12 -22.33
C LYS P 222 9.29 -14.58 -22.03
N GLY P 223 10.41 -15.00 -22.60
CA GLY P 223 10.89 -16.34 -22.39
C GLY P 223 12.25 -16.52 -23.01
N HIS P 224 12.91 -17.61 -22.62
CA HIS P 224 14.22 -17.96 -23.17
C HIS P 224 14.26 -19.48 -23.33
N TRP P 225 14.63 -19.94 -24.51
CA TRP P 225 14.68 -21.37 -24.82
C TRP P 225 16.01 -21.92 -24.33
N LEU P 226 16.07 -22.17 -23.02
CA LEU P 226 17.30 -22.66 -22.41
C LEU P 226 17.66 -24.04 -22.96
N ASN P 227 18.96 -24.25 -23.18
CA ASN P 227 19.45 -25.45 -23.82
C ASN P 227 19.78 -26.49 -22.76
N VAL P 228 18.92 -27.50 -22.63
CA VAL P 228 19.13 -28.58 -21.68
C VAL P 228 19.78 -29.78 -22.34
N THR P 229 20.28 -29.62 -23.56
CA THR P 229 20.99 -30.71 -24.23
C THR P 229 22.28 -31.03 -23.48
N ALA P 230 22.59 -32.32 -23.38
CA ALA P 230 23.75 -32.77 -22.63
C ALA P 230 24.17 -34.14 -23.16
N GLY P 231 25.24 -34.67 -22.59
CA GLY P 231 25.80 -35.93 -23.02
C GLY P 231 25.10 -37.17 -22.52
N SER P 232 24.05 -37.02 -21.73
CA SER P 232 23.30 -38.17 -21.25
C SER P 232 21.88 -37.74 -20.91
N THR P 233 20.97 -38.71 -20.96
CA THR P 233 19.57 -38.43 -20.65
C THR P 233 19.41 -37.97 -19.20
N GLU P 234 20.19 -38.54 -18.28
CA GLU P 234 20.10 -38.11 -16.88
C GLU P 234 20.47 -36.64 -16.74
N GLU P 235 21.55 -36.21 -17.38
CA GLU P 235 21.93 -34.80 -17.30
C GLU P 235 20.91 -33.91 -17.98
N MET P 236 20.40 -34.34 -19.14
CA MET P 236 19.38 -33.55 -19.82
C MET P 236 18.14 -33.38 -18.96
N LEU P 237 17.72 -34.44 -18.28
CA LEU P 237 16.58 -34.33 -17.39
C LEU P 237 16.90 -33.44 -16.20
N LYS P 238 18.10 -33.58 -15.63
CA LYS P 238 18.47 -32.78 -14.46
C LYS P 238 18.44 -31.30 -14.78
N ARG P 239 18.88 -30.93 -16.00
CA ARG P 239 18.81 -29.54 -16.41
C ARG P 239 17.37 -29.09 -16.65
N ALA P 240 16.43 -30.04 -16.73
CA ALA P 240 15.03 -29.68 -16.98
C ALA P 240 14.33 -29.24 -15.71
N GLU P 241 14.57 -29.91 -14.57
CA GLU P 241 13.95 -29.44 -13.32
C GLU P 241 14.49 -28.08 -12.93
N PHE P 242 15.80 -27.88 -13.06
CA PHE P 242 16.40 -26.62 -12.62
C PHE P 242 15.84 -25.46 -13.42
N ALA P 243 15.66 -25.63 -14.73
CA ALA P 243 15.01 -24.60 -15.52
C ALA P 243 13.56 -24.43 -15.11
N ALA P 244 12.88 -25.53 -14.79
CA ALA P 244 11.49 -25.45 -14.35
C ALA P 244 11.38 -24.75 -13.00
N GLU P 245 12.30 -25.05 -12.08
CA GLU P 245 12.26 -24.43 -10.75
C GLU P 245 12.49 -22.93 -10.84
N LEU P 246 13.43 -22.50 -11.70
CA LEU P 246 13.72 -21.09 -11.85
C LEU P 246 12.56 -20.29 -12.43
N GLY P 247 11.56 -20.96 -12.98
CA GLY P 247 10.40 -20.30 -13.55
C GLY P 247 10.36 -20.24 -15.06
N SER P 248 11.26 -20.94 -15.75
CA SER P 248 11.29 -20.91 -17.20
C SER P 248 10.01 -21.53 -17.76
N ARG P 249 9.47 -20.90 -18.80
CA ARG P 249 8.38 -21.50 -19.55
C ARG P 249 8.88 -22.49 -20.60
N TYR P 250 10.17 -22.47 -20.91
CA TYR P 250 10.70 -23.16 -22.07
C TYR P 250 11.96 -23.93 -21.71
N ILE P 251 12.19 -25.02 -22.45
CA ILE P 251 13.50 -25.66 -22.54
C ILE P 251 13.73 -26.00 -24.01
N MET P 252 14.99 -26.18 -24.37
CA MET P 252 15.39 -26.43 -25.75
C MET P 252 16.26 -27.68 -25.81
N VAL P 253 15.98 -28.53 -26.80
CA VAL P 253 16.69 -29.79 -26.98
C VAL P 253 17.06 -29.94 -28.45
N ASP P 254 18.26 -30.48 -28.69
CA ASP P 254 18.67 -30.86 -30.04
C ASP P 254 18.22 -32.29 -30.27
N PHE P 255 17.05 -32.46 -30.86
CA PHE P 255 16.36 -33.74 -30.89
C PHE P 255 16.97 -34.73 -31.87
N LEU P 256 17.93 -34.31 -32.68
CA LEU P 256 18.59 -35.21 -33.62
C LEU P 256 19.97 -35.63 -33.17
N THR P 257 20.77 -34.72 -32.61
CA THR P 257 22.05 -35.12 -32.03
C THR P 257 21.83 -35.88 -30.72
N ALA P 258 20.93 -35.39 -29.87
CA ALA P 258 20.60 -36.11 -28.64
C ALA P 258 19.90 -37.43 -28.93
N GLY P 259 19.23 -37.56 -30.08
CA GLY P 259 18.56 -38.78 -30.45
C GLY P 259 17.13 -38.83 -29.96
N PHE P 260 16.34 -39.66 -30.64
CA PHE P 260 14.91 -39.73 -30.38
C PHE P 260 14.55 -40.41 -29.07
N ALA P 261 15.37 -41.35 -28.58
CA ALA P 261 15.09 -41.94 -27.28
C ALA P 261 15.26 -40.92 -26.16
N ALA P 262 16.37 -40.20 -26.17
CA ALA P 262 16.58 -39.14 -25.18
C ALA P 262 15.55 -38.03 -25.35
N PHE P 263 15.17 -37.74 -26.60
CA PHE P 263 14.14 -36.74 -26.85
C PHE P 263 12.80 -37.15 -26.25
N ALA P 264 12.43 -38.43 -26.41
CA ALA P 264 11.18 -38.91 -25.83
C ALA P 264 11.25 -38.90 -24.31
N SER P 265 12.41 -39.22 -23.74
CA SER P 265 12.56 -39.14 -22.29
C SER P 265 12.39 -37.71 -21.79
N VAL P 266 13.01 -36.75 -22.48
CA VAL P 266 12.93 -35.36 -22.06
C VAL P 266 11.51 -34.83 -22.25
N ARG P 267 10.81 -35.25 -23.30
CA ARG P 267 9.46 -34.78 -23.54
C ARG P 267 8.52 -35.19 -22.40
N ARG P 268 8.65 -36.43 -21.94
CA ARG P 268 7.80 -36.91 -20.85
C ARG P 268 8.07 -36.12 -19.56
N ARG P 269 9.34 -35.85 -19.28
CA ARG P 269 9.68 -35.07 -18.10
C ARG P 269 9.22 -33.63 -18.24
N ALA P 270 9.38 -33.05 -19.43
CA ALA P 270 9.02 -31.65 -19.64
C ALA P 270 7.53 -31.43 -19.43
N GLU P 271 6.69 -32.35 -19.90
CA GLU P 271 5.25 -32.22 -19.69
C GLU P 271 4.90 -32.31 -18.21
N GLU P 272 5.65 -33.10 -17.44
CA GLU P 272 5.40 -33.19 -16.00
C GLU P 272 5.69 -31.85 -15.31
N LEU P 273 6.71 -31.13 -15.74
CA LEU P 273 7.07 -29.84 -15.15
C LEU P 273 6.33 -28.69 -15.81
N GLY P 274 5.45 -28.95 -16.77
CA GLY P 274 4.73 -27.90 -17.45
C GLY P 274 5.62 -26.98 -18.25
N LEU P 275 6.53 -27.57 -19.03
CA LEU P 275 7.47 -26.82 -19.86
C LEU P 275 7.09 -26.96 -21.32
N MET P 276 7.28 -25.88 -22.07
CA MET P 276 7.10 -25.88 -23.52
C MET P 276 8.45 -26.16 -24.18
N LEU P 277 8.49 -27.20 -25.00
CA LEU P 277 9.74 -27.82 -25.43
C LEU P 277 10.06 -27.38 -26.85
N HIS P 278 11.17 -26.66 -27.01
CA HIS P 278 11.68 -26.26 -28.31
C HIS P 278 12.67 -27.30 -28.81
N CYS P 279 12.60 -27.61 -30.10
CA CYS P 279 13.36 -28.73 -30.67
C CYS P 279 14.21 -28.23 -31.84
N HIS P 280 15.46 -27.88 -31.54
CA HIS P 280 16.40 -27.51 -32.60
C HIS P 280 16.73 -28.74 -33.44
N ARG P 281 16.77 -28.56 -34.76
CA ARG P 281 16.93 -29.67 -35.69
C ARG P 281 18.37 -29.84 -36.17
N ALA P 282 19.36 -29.55 -35.31
CA ALA P 282 20.75 -29.67 -35.70
C ALA P 282 21.04 -31.06 -36.25
N MET P 283 21.93 -31.12 -37.24
CA MET P 283 22.37 -32.31 -37.98
C MET P 283 21.36 -32.75 -39.04
N HIS P 284 20.19 -32.10 -39.13
CA HIS P 284 19.20 -32.51 -40.14
C HIS P 284 19.79 -32.47 -41.54
N ALA P 285 20.76 -31.59 -41.78
CA ALA P 285 21.33 -31.43 -43.11
C ALA P 285 22.04 -32.68 -43.57
N VAL P 286 22.82 -33.34 -42.69
CA VAL P 286 23.56 -34.53 -43.06
C VAL P 286 22.65 -35.58 -43.68
N PHE P 287 21.40 -35.63 -43.24
CA PHE P 287 20.40 -36.49 -43.87
C PHE P 287 19.81 -35.87 -45.13
N ASP P 288 19.18 -34.71 -44.98
CA ASP P 288 18.21 -34.28 -46.00
C ASP P 288 18.81 -33.41 -47.11
N ARG P 289 20.08 -33.02 -47.04
CA ARG P 289 20.58 -32.02 -47.98
C ARG P 289 20.60 -32.55 -49.41
N GLN P 290 21.20 -33.72 -49.61
CA GLN P 290 21.36 -34.22 -50.97
C GLN P 290 20.03 -34.79 -51.49
N PRO P 291 19.66 -34.47 -52.74
CA PRO P 291 18.38 -34.96 -53.27
C PRO P 291 18.40 -36.43 -53.69
N ASN P 292 19.57 -37.06 -53.78
CA ASN P 292 19.66 -38.43 -54.25
C ASN P 292 19.89 -39.45 -53.12
N HIS P 293 20.13 -38.99 -51.90
CA HIS P 293 20.43 -39.90 -50.80
C HIS P 293 20.12 -39.22 -49.48
N GLY P 294 19.52 -39.98 -48.56
CA GLY P 294 19.22 -39.46 -47.25
C GLY P 294 17.76 -39.62 -46.85
N ILE P 295 17.30 -38.80 -45.91
CA ILE P 295 15.92 -38.81 -45.46
C ILE P 295 15.40 -37.38 -45.56
N HIS P 296 14.32 -37.19 -46.32
CA HIS P 296 13.75 -35.86 -46.46
C HIS P 296 13.21 -35.39 -45.10
N PHE P 297 13.40 -34.10 -44.82
CA PHE P 297 13.01 -33.57 -43.52
C PHE P 297 11.52 -33.68 -43.25
N ARG P 298 10.69 -33.80 -44.30
CA ARG P 298 9.27 -34.00 -44.08
C ARG P 298 9.00 -35.33 -43.38
N VAL P 299 9.94 -36.27 -43.47
CA VAL P 299 9.84 -37.49 -42.67
C VAL P 299 10.24 -37.19 -41.23
N LEU P 300 11.33 -36.44 -41.04
CA LEU P 300 11.76 -36.08 -39.70
C LEU P 300 10.77 -35.14 -39.03
N ALA P 301 10.02 -34.36 -39.81
CA ALA P 301 8.98 -33.52 -39.23
C ALA P 301 7.84 -34.36 -38.68
N LYS P 302 7.47 -35.43 -39.39
CA LYS P 302 6.43 -36.33 -38.89
C LYS P 302 6.87 -37.00 -37.59
N TRP P 303 8.13 -37.43 -37.51
CA TRP P 303 8.60 -38.12 -36.32
C TRP P 303 8.62 -37.19 -35.12
N LEU P 304 8.73 -35.87 -35.34
CA LEU P 304 8.79 -34.95 -34.21
C LEU P 304 7.40 -34.59 -33.70
N ARG P 305 6.44 -34.44 -34.61
CA ARG P 305 5.08 -34.20 -34.15
C ARG P 305 4.51 -35.42 -33.42
N MET P 306 4.90 -36.61 -33.84
CA MET P 306 4.39 -37.82 -33.21
C MET P 306 4.97 -38.00 -31.82
N VAL P 307 6.28 -37.83 -31.68
CA VAL P 307 6.93 -38.05 -30.38
C VAL P 307 6.78 -36.86 -29.44
N GLY P 308 6.36 -35.72 -29.95
CA GLY P 308 6.08 -34.58 -29.09
C GLY P 308 7.12 -33.48 -29.12
N GLY P 309 6.82 -32.41 -29.84
CA GLY P 309 7.66 -31.22 -29.85
C GLY P 309 6.84 -29.98 -30.10
N ASP P 310 7.00 -28.97 -29.24
CA ASP P 310 6.19 -27.76 -29.40
C ASP P 310 6.70 -26.88 -30.54
N HIS P 311 7.99 -26.93 -30.83
CA HIS P 311 8.56 -26.20 -31.95
C HIS P 311 9.52 -27.10 -32.72
N VAL P 312 9.73 -26.75 -33.97
CA VAL P 312 10.78 -27.35 -34.79
C VAL P 312 11.12 -26.36 -35.90
N HIS P 313 12.40 -26.29 -36.23
CA HIS P 313 12.86 -25.38 -37.26
C HIS P 313 12.43 -25.89 -38.62
N THR P 314 11.48 -25.20 -39.25
CA THR P 314 11.06 -25.57 -40.59
C THR P 314 12.07 -25.13 -41.64
N GLY P 315 12.69 -23.97 -41.46
CA GLY P 315 13.70 -23.50 -42.37
C GLY P 315 13.21 -22.36 -43.24
N THR P 316 13.87 -21.21 -43.15
CA THR P 316 13.54 -20.09 -44.00
C THR P 316 13.88 -20.41 -45.45
N VAL P 317 12.95 -20.10 -46.36
CA VAL P 317 13.20 -20.30 -47.77
C VAL P 317 14.24 -19.32 -48.29
N VAL P 318 14.29 -18.12 -47.71
CA VAL P 318 15.08 -17.01 -48.23
C VAL P 318 16.24 -16.65 -47.30
N GLY P 319 16.59 -17.55 -46.39
CA GLY P 319 17.69 -17.31 -45.46
C GLY P 319 19.02 -17.75 -46.02
N LYS P 320 19.97 -17.99 -45.12
CA LYS P 320 21.30 -18.43 -45.51
C LYS P 320 21.44 -19.95 -45.57
N LEU P 321 20.43 -20.69 -45.15
CA LEU P 321 20.42 -22.14 -45.23
C LEU P 321 19.50 -22.58 -46.36
N GLU P 322 19.85 -23.71 -46.98
CA GLU P 322 19.15 -24.19 -48.16
C GLU P 322 17.72 -24.60 -47.81
N GLY P 323 16.82 -24.39 -48.76
CA GLY P 323 15.42 -24.76 -48.58
C GLY P 323 14.68 -24.60 -49.89
N ASP P 324 13.38 -24.84 -49.82
CA ASP P 324 12.53 -24.77 -51.01
C ASP P 324 11.16 -24.24 -50.60
N ARG P 325 10.68 -23.24 -51.36
CA ARG P 325 9.38 -22.66 -51.05
C ARG P 325 8.23 -23.62 -51.31
N ALA P 326 8.45 -24.68 -52.09
CA ALA P 326 7.40 -25.67 -52.31
C ALA P 326 7.29 -26.66 -51.16
N GLU P 327 8.42 -27.24 -50.74
CA GLU P 327 8.39 -28.21 -49.66
C GLU P 327 8.17 -27.55 -48.31
N THR P 328 8.77 -26.37 -48.09
CA THR P 328 8.61 -25.69 -46.81
C THR P 328 7.15 -25.35 -46.55
N LEU P 329 6.42 -24.95 -47.59
CA LEU P 329 4.96 -24.81 -47.46
C LEU P 329 4.32 -26.15 -47.17
N GLY P 330 4.82 -27.22 -47.80
CA GLY P 330 4.21 -28.53 -47.62
C GLY P 330 4.36 -29.07 -46.21
N ILE P 331 5.51 -28.84 -45.59
CA ILE P 331 5.74 -29.38 -44.26
C ILE P 331 5.21 -28.46 -43.17
N ALA P 332 4.96 -27.19 -43.48
CA ALA P 332 4.26 -26.33 -42.55
C ALA P 332 2.85 -26.83 -42.29
N ASP P 333 2.15 -27.23 -43.37
CA ASP P 333 0.84 -27.84 -43.21
C ASP P 333 0.95 -29.21 -42.55
N LEU P 334 2.08 -29.90 -42.76
CA LEU P 334 2.30 -31.19 -42.12
C LEU P 334 2.53 -31.03 -40.62
N LEU P 335 2.77 -29.81 -40.15
CA LEU P 335 2.99 -29.54 -38.74
C LEU P 335 1.79 -28.89 -38.08
N ARG P 336 0.96 -28.18 -38.84
CA ARG P 336 -0.13 -27.38 -38.27
C ARG P 336 -1.50 -27.92 -38.59
N GLU P 337 -1.68 -28.64 -39.69
CA GLU P 337 -2.99 -29.10 -40.10
C GLU P 337 -3.36 -30.39 -39.39
N ASP P 338 -4.67 -30.67 -39.37
CA ASP P 338 -5.18 -31.92 -38.82
C ASP P 338 -5.30 -33.02 -39.86
N TYR P 339 -5.44 -32.67 -41.13
CA TYR P 339 -5.45 -33.61 -42.23
C TYR P 339 -4.80 -32.95 -43.43
N VAL P 340 -3.77 -33.59 -43.97
CA VAL P 340 -2.99 -33.04 -45.07
C VAL P 340 -3.12 -33.98 -46.27
N PRO P 341 -3.93 -33.63 -47.26
CA PRO P 341 -4.03 -34.45 -48.47
C PRO P 341 -2.71 -34.46 -49.24
N ALA P 342 -2.45 -35.56 -49.92
CA ALA P 342 -1.25 -35.66 -50.74
C ALA P 342 -1.34 -34.68 -51.91
N ASP P 343 -0.22 -34.01 -52.19
CA ASP P 343 -0.15 -33.04 -53.28
C ASP P 343 1.16 -33.28 -54.02
N PRO P 344 1.10 -33.81 -55.24
CA PRO P 344 2.33 -34.21 -55.93
C PRO P 344 3.31 -33.07 -56.16
N GLY P 345 2.82 -31.86 -56.40
CA GLY P 345 3.69 -30.75 -56.69
C GLY P 345 4.28 -30.05 -55.48
N ARG P 346 4.04 -30.59 -54.29
CA ARG P 346 4.45 -29.96 -53.05
C ARG P 346 5.33 -30.88 -52.21
N GLY P 347 5.69 -32.05 -52.74
CA GLY P 347 6.52 -33.01 -52.05
C GLY P 347 5.77 -34.10 -51.32
N LEU P 348 4.48 -33.92 -51.05
CA LEU P 348 3.71 -34.91 -50.32
C LEU P 348 3.32 -36.06 -51.24
N PHE P 349 3.49 -37.28 -50.76
CA PHE P 349 3.14 -38.47 -51.52
C PHE P 349 1.91 -39.20 -51.00
N PHE P 350 1.61 -39.11 -49.71
CA PHE P 350 0.48 -39.81 -49.12
C PHE P 350 -0.36 -38.84 -48.30
N ASP P 351 -1.66 -39.06 -48.30
CA ASP P 351 -2.54 -38.36 -47.36
C ASP P 351 -2.15 -38.72 -45.94
N GLN P 352 -2.12 -37.72 -45.06
CA GLN P 352 -1.76 -37.91 -43.66
C GLN P 352 -2.89 -37.42 -42.79
N ASP P 353 -3.47 -38.32 -42.00
CA ASP P 353 -4.44 -37.97 -40.96
C ASP P 353 -3.71 -37.97 -39.63
N TRP P 354 -3.84 -36.88 -38.88
CA TRP P 354 -3.05 -36.70 -37.67
C TRP P 354 -3.79 -37.12 -36.41
N ALA P 355 -5.03 -37.58 -36.53
CA ALA P 355 -5.74 -38.30 -35.47
C ALA P 355 -5.73 -37.55 -34.15
N GLY P 356 -5.93 -36.24 -34.21
CA GLY P 356 -6.08 -35.43 -33.02
C GLY P 356 -4.80 -34.97 -32.37
N LEU P 357 -3.63 -35.40 -32.85
CA LEU P 357 -2.37 -34.88 -32.33
C LEU P 357 -2.31 -33.38 -32.56
N LYS P 358 -1.86 -32.66 -31.55
CA LYS P 358 -1.97 -31.21 -31.64
C LYS P 358 -0.84 -30.61 -32.46
N PRO P 359 -1.07 -29.46 -33.09
CA PRO P 359 -0.10 -28.93 -34.06
C PRO P 359 1.16 -28.42 -33.39
N VAL P 360 2.14 -28.09 -34.23
CA VAL P 360 3.45 -27.62 -33.82
C VAL P 360 3.72 -26.28 -34.48
N PHE P 361 4.34 -25.36 -33.75
CA PHE P 361 4.80 -24.12 -34.36
C PHE P 361 5.93 -24.41 -35.34
N PRO P 362 5.81 -23.99 -36.60
CA PRO P 362 6.97 -23.98 -37.51
C PRO P 362 7.84 -22.77 -37.19
N VAL P 363 9.11 -23.02 -36.92
CA VAL P 363 10.06 -21.97 -36.57
C VAL P 363 10.92 -21.66 -37.77
N ALA P 364 11.01 -20.39 -38.15
CA ALA P 364 11.75 -19.95 -39.31
C ALA P 364 13.01 -19.22 -38.83
N SER P 365 14.17 -19.82 -39.07
CA SER P 365 15.43 -19.23 -38.67
C SER P 365 16.44 -19.43 -39.80
N GLY P 366 17.50 -18.61 -39.76
CA GLY P 366 18.50 -18.64 -40.81
C GLY P 366 19.28 -17.33 -40.88
N GLY P 367 19.37 -16.75 -42.07
CA GLY P 367 20.04 -15.48 -42.23
C GLY P 367 19.07 -14.38 -42.61
N ILE P 368 17.90 -14.40 -41.99
CA ILE P 368 16.82 -13.48 -42.35
C ILE P 368 16.99 -12.16 -41.59
N HIS P 369 16.43 -11.11 -42.17
CA HIS P 369 16.47 -9.78 -41.57
C HIS P 369 15.18 -9.05 -41.98
N VAL P 370 15.19 -7.72 -41.87
CA VAL P 370 13.97 -6.94 -42.04
C VAL P 370 13.42 -7.08 -43.46
N TRP P 371 14.31 -7.13 -44.45
CA TRP P 371 13.86 -7.25 -45.83
C TRP P 371 13.16 -8.57 -46.11
N HIS P 372 13.41 -9.59 -45.30
CA HIS P 372 12.88 -10.92 -45.54
C HIS P 372 11.51 -11.14 -44.90
N VAL P 373 11.01 -10.19 -44.13
CA VAL P 373 9.74 -10.34 -43.41
C VAL P 373 8.56 -10.50 -44.36
N PRO P 374 8.40 -9.66 -45.41
CA PRO P 374 7.25 -9.86 -46.31
C PRO P 374 7.23 -11.22 -46.96
N ASP P 375 8.40 -11.80 -47.26
CA ASP P 375 8.44 -13.15 -47.79
C ASP P 375 8.00 -14.17 -46.73
N LEU P 376 8.56 -14.06 -45.53
CA LEU P 376 8.28 -15.06 -44.49
C LEU P 376 6.82 -15.02 -44.06
N VAL P 377 6.25 -13.83 -43.94
CA VAL P 377 4.87 -13.71 -43.49
C VAL P 377 3.92 -14.42 -44.46
N SER P 378 4.19 -14.30 -45.76
CA SER P 378 3.34 -14.94 -46.74
C SER P 378 3.52 -16.46 -46.75
N ILE P 379 4.74 -16.92 -46.53
CA ILE P 379 5.01 -18.36 -46.54
C ILE P 379 4.34 -19.03 -45.34
N PHE P 380 4.54 -18.48 -44.15
CA PHE P 380 4.18 -19.17 -42.92
C PHE P 380 2.87 -18.71 -42.32
N GLY P 381 2.46 -17.46 -42.56
CA GLY P 381 1.25 -16.96 -41.96
C GLY P 381 1.46 -16.42 -40.56
N ASP P 382 0.55 -16.73 -39.65
CA ASP P 382 0.62 -16.22 -38.28
C ASP P 382 1.17 -17.25 -37.29
N ASP P 383 0.87 -18.53 -37.48
CA ASP P 383 1.31 -19.57 -36.56
C ASP P 383 2.74 -19.96 -36.92
N ALA P 384 3.68 -19.10 -36.53
CA ALA P 384 5.09 -19.36 -36.80
C ALA P 384 5.95 -18.44 -35.94
N PHE P 385 7.11 -18.94 -35.56
CA PHE P 385 8.16 -18.13 -34.94
C PHE P 385 9.11 -17.63 -36.02
N PHE P 386 9.52 -16.37 -35.89
CA PHE P 386 10.59 -15.81 -36.71
C PHE P 386 11.77 -15.52 -35.81
N LEU P 387 12.93 -16.06 -36.15
CA LEU P 387 14.13 -15.91 -35.35
C LEU P 387 15.11 -15.02 -36.11
N PHE P 388 15.48 -13.90 -35.49
CA PHE P 388 16.47 -12.98 -36.04
C PHE P 388 17.67 -12.98 -35.09
N GLY P 389 18.61 -13.87 -35.31
CA GLY P 389 19.80 -13.94 -34.48
C GLY P 389 20.81 -12.87 -34.83
N GLY P 390 21.33 -12.91 -36.05
CA GLY P 390 22.23 -11.89 -36.52
C GLY P 390 21.56 -10.67 -37.10
N GLY P 391 20.27 -10.76 -37.40
CA GLY P 391 19.50 -9.62 -37.85
C GLY P 391 19.00 -8.72 -36.74
N THR P 392 19.28 -9.09 -35.49
CA THR P 392 18.94 -8.27 -34.33
C THR P 392 20.18 -7.70 -33.66
N HIS P 393 21.15 -8.54 -33.31
CA HIS P 393 22.40 -8.06 -32.73
C HIS P 393 23.28 -7.36 -33.75
N GLY P 394 23.07 -7.61 -35.04
CA GLY P 394 23.85 -6.97 -36.07
C GLY P 394 23.43 -5.56 -36.41
N HIS P 395 22.38 -5.06 -35.76
CA HIS P 395 21.94 -3.69 -36.00
C HIS P 395 23.05 -2.72 -35.63
N PRO P 396 23.22 -1.63 -36.37
CA PRO P 396 24.33 -0.70 -36.09
C PRO P 396 24.23 0.01 -34.75
N ARG P 397 23.12 -0.19 -34.02
CA ARG P 397 22.94 0.49 -32.74
C ARG P 397 22.62 -0.48 -31.60
N GLY P 398 23.01 -1.74 -31.74
CA GLY P 398 22.87 -2.70 -30.65
C GLY P 398 21.66 -3.58 -30.80
N SER P 399 21.49 -4.45 -29.79
CA SER P 399 20.44 -5.46 -29.83
C SER P 399 19.06 -4.85 -29.63
N ARG P 400 18.95 -3.88 -28.72
CA ARG P 400 17.63 -3.31 -28.42
C ARG P 400 17.05 -2.58 -29.62
N ALA P 401 17.88 -1.84 -30.34
CA ALA P 401 17.41 -1.20 -31.57
C ALA P 401 17.08 -2.25 -32.63
N GLY P 402 17.88 -3.31 -32.70
CA GLY P 402 17.60 -4.36 -33.68
C GLY P 402 16.33 -5.11 -33.40
N ALA P 403 16.04 -5.38 -32.12
CA ALA P 403 14.80 -6.04 -31.77
C ALA P 403 13.59 -5.17 -32.11
N THR P 404 13.69 -3.86 -31.90
CA THR P 404 12.62 -2.95 -32.25
C THR P 404 12.40 -2.92 -33.77
N ALA P 405 13.49 -2.92 -34.54
CA ALA P 405 13.37 -2.87 -35.99
C ALA P 405 12.66 -4.11 -36.53
N ASN P 406 12.99 -5.28 -36.01
CA ASN P 406 12.34 -6.50 -36.47
C ASN P 406 10.89 -6.57 -36.00
N ARG P 407 10.62 -6.08 -34.80
CA ARG P 407 9.25 -6.11 -34.28
C ARG P 407 8.35 -5.18 -35.07
N VAL P 408 8.84 -3.99 -35.41
CA VAL P 408 8.06 -3.06 -36.22
C VAL P 408 7.83 -3.62 -37.61
N ALA P 409 8.86 -4.24 -38.19
CA ALA P 409 8.73 -4.78 -39.54
C ALA P 409 7.66 -5.85 -39.61
N VAL P 410 7.66 -6.78 -38.65
CA VAL P 410 6.68 -7.86 -38.65
C VAL P 410 5.27 -7.31 -38.51
N GLU P 411 5.09 -6.38 -37.58
CA GLU P 411 3.75 -5.86 -37.31
C GLU P 411 3.24 -5.00 -38.47
N ALA P 412 4.12 -4.23 -39.10
CA ALA P 412 3.70 -3.42 -40.23
C ALA P 412 3.24 -4.29 -41.39
N VAL P 413 3.97 -5.38 -41.64
CA VAL P 413 3.61 -6.27 -42.75
C VAL P 413 2.29 -6.97 -42.46
N VAL P 414 2.12 -7.47 -41.24
CA VAL P 414 0.89 -8.16 -40.88
C VAL P 414 -0.29 -7.20 -40.94
N GLN P 415 -0.12 -6.00 -40.37
CA GLN P 415 -1.19 -5.01 -40.40
C GLN P 415 -1.54 -4.62 -41.84
N ALA P 416 -0.53 -4.57 -42.71
CA ALA P 416 -0.78 -4.27 -44.12
C ALA P 416 -1.55 -5.41 -44.78
N ARG P 417 -1.24 -6.65 -44.44
CA ARG P 417 -1.98 -7.77 -45.00
C ARG P 417 -3.42 -7.78 -44.51
N ASN P 418 -3.65 -7.38 -43.26
CA ASN P 418 -5.00 -7.33 -42.71
C ASN P 418 -5.86 -6.26 -43.38
N GLU P 419 -5.26 -5.37 -44.15
CA GLU P 419 -6.00 -4.44 -45.01
C GLU P 419 -6.18 -4.97 -46.42
N GLY P 420 -5.70 -6.17 -46.71
CA GLY P 420 -5.88 -6.80 -48.00
C GLY P 420 -4.77 -6.55 -49.00
N ARG P 421 -3.76 -5.75 -48.66
CA ARG P 421 -2.71 -5.43 -49.61
C ARG P 421 -1.90 -6.66 -49.98
N ASP P 422 -1.55 -6.77 -51.26
CA ASP P 422 -0.73 -7.88 -51.74
C ASP P 422 0.67 -7.76 -51.16
N ILE P 423 1.01 -8.65 -50.22
CA ILE P 423 2.27 -8.54 -49.50
C ILE P 423 3.44 -8.74 -50.45
N LEU P 424 3.36 -9.73 -51.33
CA LEU P 424 4.48 -9.99 -52.25
C LEU P 424 4.76 -8.79 -53.14
N ALA P 425 3.70 -8.18 -53.67
CA ALA P 425 3.85 -7.03 -54.56
C ALA P 425 4.18 -5.74 -53.84
N GLU P 426 3.88 -5.62 -52.53
CA GLU P 426 4.02 -4.33 -51.86
C GLU P 426 4.97 -4.36 -50.67
N GLY P 427 5.76 -5.43 -50.51
CA GLY P 427 6.63 -5.53 -49.36
C GLY P 427 7.61 -4.37 -49.25
N ARG P 428 8.24 -4.02 -50.36
CA ARG P 428 9.27 -2.97 -50.33
C ARG P 428 8.70 -1.65 -49.84
N GLU P 429 7.60 -1.19 -50.45
CA GLU P 429 7.06 0.11 -50.04
C GLU P 429 6.33 0.04 -48.71
N ILE P 430 5.82 -1.13 -48.31
CA ILE P 430 5.27 -1.27 -46.97
C ILE P 430 6.36 -1.06 -45.93
N LEU P 431 7.50 -1.73 -46.12
CA LEU P 431 8.61 -1.57 -45.19
C LEU P 431 9.18 -0.16 -45.23
N GLU P 432 9.21 0.47 -46.41
CA GLU P 432 9.68 1.85 -46.47
C GLU P 432 8.73 2.80 -45.75
N GLU P 433 7.41 2.60 -45.87
CA GLU P 433 6.46 3.42 -45.14
C GLU P 433 6.60 3.21 -43.63
N ALA P 434 6.88 1.98 -43.21
CA ALA P 434 7.11 1.75 -41.78
C ALA P 434 8.39 2.43 -41.30
N ALA P 435 9.46 2.34 -42.10
CA ALA P 435 10.72 2.99 -41.74
C ALA P 435 10.56 4.51 -41.73
N ARG P 436 9.59 5.03 -42.50
CA ARG P 436 9.36 6.47 -42.55
C ARG P 436 9.07 7.03 -41.16
N TRP P 437 8.47 6.22 -40.27
CA TRP P 437 8.16 6.65 -38.92
C TRP P 437 8.90 5.86 -37.85
N CYS P 438 9.63 4.81 -38.23
CA CYS P 438 10.48 4.08 -37.29
C CYS P 438 11.93 4.25 -37.68
N PRO P 439 12.75 4.92 -36.87
CA PRO P 439 14.17 5.09 -37.23
C PRO P 439 14.97 3.81 -37.15
N GLU P 440 14.64 2.90 -36.25
CA GLU P 440 15.38 1.65 -36.14
C GLU P 440 15.17 0.77 -37.36
N LEU P 441 13.95 0.75 -37.89
CA LEU P 441 13.68 0.00 -39.10
C LEU P 441 14.45 0.57 -40.29
N ARG P 442 14.55 1.91 -40.36
CA ARG P 442 15.25 2.53 -41.48
C ARG P 442 16.71 2.15 -41.50
N GLU P 443 17.35 2.10 -40.33
CA GLU P 443 18.76 1.72 -40.26
C GLU P 443 18.98 0.26 -40.61
N ALA P 444 18.06 -0.62 -40.23
CA ALA P 444 18.19 -2.03 -40.60
C ALA P 444 17.97 -2.22 -42.10
N MET P 445 16.99 -1.52 -42.67
CA MET P 445 16.76 -1.60 -44.11
C MET P 445 17.96 -1.07 -44.89
N GLU P 446 18.53 0.05 -44.44
CA GLU P 446 19.66 0.63 -45.15
C GLU P 446 20.91 -0.26 -45.06
N LEU P 447 21.17 -0.81 -43.88
CA LEU P 447 22.40 -1.60 -43.68
C LEU P 447 22.40 -2.84 -44.55
N TRP P 448 21.29 -3.55 -44.62
CA TRP P 448 21.20 -4.79 -45.38
C TRP P 448 20.49 -4.54 -46.71
N GLY P 449 20.30 -5.61 -47.46
CA GLY P 449 19.63 -5.53 -48.75
C GLY P 449 20.39 -4.70 -49.77
C1 CAP Q . 24.30 33.35 20.76
C2 CAP Q . 23.31 34.33 20.16
C3 CAP Q . 22.27 34.79 21.21
C4 CAP Q . 22.81 35.94 22.09
C5 CAP Q . 21.71 36.39 23.02
C CAP Q . 24.11 35.56 19.72
O1 CAP Q . 24.80 32.55 19.74
O2 CAP Q . 22.66 33.83 19.04
O3 CAP Q . 21.09 35.18 20.57
O4 CAP Q . 23.93 35.61 22.84
O5 CAP Q . 22.28 36.55 24.26
O6 CAP Q . 23.49 36.37 18.99
O7 CAP Q . 25.29 35.67 20.11
P1 CAP Q . 26.28 31.75 20.23
P2 CAP Q . 21.12 37.18 25.40
O1P CAP Q . 27.04 32.82 20.98
O2P CAP Q . 26.96 31.28 18.97
O3P CAP Q . 25.67 30.68 21.13
O4P CAP Q . 20.44 38.27 24.58
O5P CAP Q . 21.91 37.65 26.59
O6P CAP Q . 20.28 35.92 25.59
MG MG R . 21.68 35.58 18.52
C1 CAP S . 7.07 69.06 30.57
C2 CAP S . 6.70 67.68 30.07
C3 CAP S . 7.63 67.24 28.92
C4 CAP S . 9.02 66.82 29.45
C5 CAP S . 9.71 66.00 28.38
C CAP S . 6.91 66.71 31.23
O1 CAP S . 6.06 69.51 31.39
O2 CAP S . 5.37 67.58 29.67
O3 CAP S . 7.05 66.20 28.19
O4 CAP S . 9.85 67.89 29.81
O5 CAP S . 11.06 66.24 28.53
O6 CAP S . 7.49 67.12 32.25
O7 CAP S . 6.48 65.55 31.04
P1 CAP S . 6.53 70.98 32.22
P2 CAP S . 11.91 65.97 27.02
O1P CAP S . 5.35 71.40 33.06
O2P CAP S . 6.84 71.82 30.99
O3P CAP S . 7.76 70.58 33.02
O4P CAP S . 11.22 67.03 26.19
O5P CAP S . 13.38 66.21 27.31
O6P CAP S . 11.53 64.54 26.67
MG MG T . 5.28 65.44 29.34
C1 CAP U . -25.51 17.41 34.44
C2 CAP U . -25.22 18.76 33.82
C3 CAP U . -26.34 19.18 32.85
C4 CAP U . -27.55 19.76 33.61
C5 CAP U . -28.52 20.31 32.58
C CAP U . -25.18 19.77 34.96
O1 CAP U . -24.34 16.90 34.95
O2 CAP U . -23.98 18.79 33.17
O3 CAP U . -25.85 20.11 31.93
O4 CAP U . -28.20 18.85 34.43
O5 CAP U . -29.55 20.87 33.29
O6 CAP U . -24.76 20.92 34.65
O7 CAP U . -25.54 19.41 36.10
P1 CAP U . -24.61 15.36 35.75
P2 CAP U . -31.01 20.87 32.33
O1P CAP U . -25.70 15.66 36.76
O2P CAP U . -23.29 14.95 36.36
O3P CAP U . -25.10 14.57 34.53
O4P CAP U . -32.07 21.53 33.19
O5P CAP U . -31.16 19.36 32.14
O6P CAP U . -30.59 21.63 31.10
MG MG V . -24.01 20.73 32.59
C1 CAP W . -44.27 53.58 30.27
C2 CAP W . -43.78 52.34 29.56
C3 CAP W . -42.43 51.87 30.13
C4 CAP W . -42.59 51.40 31.60
C5 CAP W . -41.58 50.31 31.89
C CAP W . -44.81 51.25 29.85
O1 CAP W . -45.36 54.08 29.58
O2 CAP W . -43.69 52.50 28.18
O3 CAP W . -41.90 50.83 29.34
O4 CAP W . -42.44 52.40 32.54
O5 CAP W . -41.74 49.97 33.21
O6 CAP W . -45.67 51.45 30.72
O7 CAP W . -44.70 50.20 29.15
P1 CAP W . -46.45 54.92 30.65
P2 CAP W . -40.19 49.92 34.03
O1P CAP W . -47.53 55.52 29.77
O2P CAP W . -45.45 55.87 31.28
O3P CAP W . -46.96 53.84 31.59
O4P CAP W . -39.71 51.32 33.69
O5P CAP W . -40.50 49.67 35.49
O6P CAP W . -39.46 48.81 33.30
MG MG X . -43.16 50.59 27.69
C1 CAP Y . -39.60 16.20 -17.83
C2 CAP Y . -39.29 17.50 -17.12
C3 CAP Y . -38.64 18.52 -18.05
C4 CAP Y . -39.70 19.18 -18.98
C5 CAP Y . -39.04 20.35 -19.67
C CAP Y . -40.64 18.07 -16.67
O1 CAP Y . -39.90 15.24 -16.91
O2 CAP Y . -38.51 17.32 -15.98
O3 CAP Y . -37.98 19.50 -17.31
O4 CAP Y . -40.21 18.33 -19.95
O5 CAP Y . -39.29 20.16 -21.01
O6 CAP Y . -40.58 19.06 -15.89
O7 CAP Y . -41.68 17.53 -17.07
P1 CAP Y . -40.08 13.68 -17.67
P2 CAP Y . -38.79 21.56 -21.92
O1P CAP Y . -41.25 13.85 -18.61
O2P CAP Y . -40.35 12.69 -16.54
O3P CAP Y . -38.72 13.60 -18.36
O4P CAP Y . -39.29 22.72 -21.09
O5P CAP Y . -39.41 21.42 -23.30
O6P CAP Y . -37.29 21.30 -21.84
MG MG Z . -38.59 19.28 -15.31
C1 CAP AA . -45.35 56.45 -23.27
C2 CAP AA . -44.25 55.40 -23.17
C3 CAP AA . -44.60 54.35 -22.09
C4 CAP AA . -45.70 53.39 -22.60
C5 CAP AA . -45.58 52.08 -21.84
C CAP AA . -44.21 54.69 -24.51
O1 CAP AA . -44.84 57.56 -23.89
O2 CAP AA . -43.00 55.96 -22.93
O3 CAP AA . -43.43 53.63 -21.76
O4 CAP AA . -46.99 53.88 -22.44
O5 CAP AA . -46.70 51.35 -22.16
O6 CAP AA . -45.10 54.93 -25.34
O7 CAP AA . -43.24 53.92 -24.68
P1 CAP AA . -46.05 58.39 -24.84
P2 CAP AA . -47.42 50.66 -20.70
O1P CAP AA . -46.80 59.05 -23.69
O2P CAP AA . -45.32 59.31 -25.78
O3P CAP AA . -46.82 57.28 -25.52
O4P CAP AA . -47.44 51.92 -19.86
O5P CAP AA . -48.76 50.12 -21.13
O6P CAP AA . -46.38 49.63 -20.29
MG MG BA . -41.89 54.21 -23.06
C1 CAP CA . 10.25 31.94 -31.36
C2 CAP CA . 9.29 32.95 -30.74
C3 CAP CA . 10.03 33.89 -29.77
C4 CAP CA . 10.74 35.04 -30.52
C5 CAP CA . 11.35 35.97 -29.50
C CAP CA . 8.73 33.80 -31.89
O1 CAP CA . 9.52 31.02 -32.07
O2 CAP CA . 8.21 32.34 -30.11
O3 CAP CA . 9.13 34.42 -28.84
O4 CAP CA . 11.72 34.63 -31.41
O5 CAP CA . 11.96 36.97 -30.23
O6 CAP CA . 7.74 34.52 -31.60
O7 CAP CA . 9.26 33.72 -33.01
P1 CAP CA . 10.55 30.14 -33.17
P2 CAP CA . 13.22 37.73 -29.28
O1P CAP CA . 11.18 31.22 -34.02
O2P CAP CA . 9.65 29.19 -33.93
O3P CAP CA . 11.50 29.53 -32.14
O4P CAP CA . 13.77 38.85 -30.14
O5P CAP CA . 14.12 36.52 -29.10
O6P CAP CA . 12.47 38.16 -28.02
MG MG DA . 7.00 33.93 -29.79
C1 CAP EA . 6.05 71.94 -23.11
C2 CAP EA . 6.37 70.54 -22.63
C3 CAP EA . 5.43 69.50 -23.29
C4 CAP EA . 5.84 69.24 -24.75
C5 CAP EA . 5.30 67.89 -25.16
C CAP EA . 7.79 70.24 -23.09
O1 CAP EA . 6.67 72.84 -22.28
O2 CAP EA . 6.33 70.43 -21.24
O3 CAP EA . 5.44 68.32 -22.54
O4 CAP EA . 5.41 70.20 -25.64
O5 CAP EA . 5.76 67.65 -26.43
O6 CAP EA . 8.35 71.02 -23.88
O7 CAP EA . 8.31 69.21 -22.60
P1 CAP EA . 7.09 74.30 -23.14
P2 CAP EA . 4.48 67.05 -27.47
O1P CAP EA . 7.57 75.28 -22.09
O2P CAP EA . 5.73 74.58 -23.77
O3P CAP EA . 8.15 73.86 -24.12
O4P CAP EA . 3.43 68.09 -27.15
O5P CAP EA . 5.03 67.07 -28.87
O6P CAP EA . 4.21 65.68 -26.88
MG MG FA . 5.94 68.53 -20.60
C1 CAP GA . 55.15 -52.14 1.33
C2 CAP GA . 54.17 -51.03 0.98
C3 CAP GA . 53.59 -50.41 2.26
C4 CAP GA . 54.52 -49.34 2.87
C5 CAP GA . 53.84 -48.72 4.06
C CAP GA . 54.97 -49.95 0.26
O1 CAP GA . 55.53 -52.77 0.17
O2 CAP GA . 53.15 -51.45 0.14
O3 CAP GA . 52.34 -49.85 1.98
O4 CAP GA . 55.77 -49.82 3.26
O5 CAP GA . 54.82 -48.53 5.00
O6 CAP GA . 54.28 -49.09 -0.35
O7 CAP GA . 56.22 -50.00 0.28
P1 CAP GA . 57.00 -53.69 0.42
P2 CAP GA . 54.14 -48.09 6.54
O1P CAP GA . 58.04 -52.64 0.75
O2P CAP GA . 57.25 -54.44 -0.87
O3P CAP GA . 56.53 -54.51 1.61
O4P CAP GA . 53.25 -46.91 6.19
O5P CAP GA . 55.30 -47.81 7.46
O6P CAP GA . 53.39 -49.40 6.81
MG MG HA . 52.16 -49.71 -0.18
C1 CAP IA . 41.49 -15.23 12.96
C2 CAP IA . 41.11 -16.70 13.00
C3 CAP IA . 41.43 -17.38 11.64
C4 CAP IA . 42.90 -17.81 11.57
C5 CAP IA . 43.14 -18.48 10.24
C CAP IA . 41.97 -17.35 14.08
O1 CAP IA . 41.04 -14.64 14.12
O2 CAP IA . 39.77 -16.90 13.32
O3 CAP IA . 40.58 -18.47 11.45
O4 CAP IA . 43.83 -16.78 11.71
O5 CAP IA . 44.40 -18.08 9.87
O6 CAP IA . 42.93 -16.72 14.55
O7 CAP IA . 41.61 -18.50 14.43
P1 CAP IA . 41.81 -13.09 14.37
P2 CAP IA . 44.88 -18.83 8.37
O1P CAP IA . 41.30 -12.39 13.11
O2P CAP IA . 41.30 -12.57 15.70
O3P CAP IA . 43.28 -13.40 14.34
O4P CAP IA . 44.03 -17.96 7.44
O5P CAP IA . 46.37 -18.64 8.26
O6P CAP IA . 44.39 -20.25 8.53
MG MG JA . 39.75 -19.00 13.24
C1 CAP KA . 15.14 -65.78 34.41
C2 CAP KA . 15.13 -64.63 33.43
C3 CAP KA . 13.70 -64.28 33.00
C4 CAP KA . 12.78 -64.15 34.23
C5 CAP KA . 11.85 -62.98 34.01
C CAP KA . 15.69 -63.41 34.16
O1 CAP KA . 16.41 -66.31 34.44
O2 CAP KA . 15.93 -64.85 32.32
O3 CAP KA . 13.70 -63.10 32.25
O4 CAP KA . 12.02 -65.29 34.49
O5 CAP KA . 10.88 -63.07 34.99
O6 CAP KA . 15.34 -62.30 33.72
O7 CAP KA . 16.43 -63.59 35.15
P1 CAP KA . 16.47 -67.76 35.39
P2 CAP KA . 9.29 -62.99 34.27
O1P CAP KA . 15.73 -67.40 36.66
O2P CAP KA . 17.93 -68.08 35.59
O3P CAP KA . 15.69 -68.66 34.45
O4P CAP KA . 9.46 -61.90 33.22
O5P CAP KA . 8.34 -62.67 35.40
O6P CAP KA . 9.22 -64.41 33.72
MG MG LA . 15.54 -62.38 31.67
C1 CAP MA . -5.82 -30.94 34.05
C2 CAP MA . -5.17 -31.80 32.99
C3 CAP MA . -3.68 -32.04 33.31
C4 CAP MA . -3.54 -32.95 34.55
C5 CAP MA . -2.23 -33.72 34.44
C CAP MA . -5.87 -33.15 33.02
O1 CAP MA . -6.81 -30.18 33.44
O2 CAP MA . -5.30 -31.28 31.71
O3 CAP MA . -3.04 -32.61 32.21
O4 CAP MA . -3.55 -32.26 35.76
O5 CAP MA . -1.82 -33.93 35.73
O6 CAP MA . -6.65 -33.40 33.96
O7 CAP MA . -5.60 -33.92 32.07
P1 CAP MA . -7.57 -29.13 34.60
P2 CAP MA . -0.06 -33.93 35.83
O1P CAP MA . -8.89 -28.69 33.99
O2P CAP MA . -6.48 -28.07 34.71
O3P CAP MA . -7.72 -29.99 35.84
O4P CAP MA . 0.21 -32.79 34.86
O5P CAP MA . 0.26 -33.65 37.28
O6P CAP MA . 0.30 -35.31 35.31
MG MG NA . -4.35 -33.13 30.66
C1 CAP OA . -17.05 -73.32 -8.34
C2 CAP OA . -16.95 -71.88 -7.88
C3 CAP OA . -16.55 -70.97 -9.05
C4 CAP OA . -17.75 -70.68 -9.98
C5 CAP OA . -17.46 -69.42 -10.78
C CAP OA . -18.36 -71.46 -7.44
O1 CAP OA . -17.22 -74.12 -7.24
O2 CAP OA . -16.09 -71.70 -6.81
O3 CAP OA . -16.02 -69.77 -8.55
O4 CAP OA . -18.05 -71.71 -10.86
O5 CAP OA . -18.62 -69.12 -11.46
O6 CAP OA . -18.44 -70.36 -6.84
O7 CAP OA . -19.31 -72.23 -7.68
P1 CAP OA . -17.70 -75.74 -7.72
P2 CAP OA . -18.27 -68.66 -13.11
O1P CAP OA . -19.12 -75.57 -8.22
O2P CAP OA . -17.57 -76.61 -6.49
O3P CAP OA . -16.68 -75.95 -8.83
O4P CAP OA . -17.44 -67.41 -12.94
O5P CAP OA . -19.61 -68.50 -13.79
O6P CAP OA . -17.47 -69.90 -13.51
MG MG PA . -15.56 -69.69 -6.60
C1 CAP QA . -26.42 -34.18 -15.68
C2 CAP QA . -25.28 -35.15 -15.74
C3 CAP QA . -25.22 -36.04 -14.49
C4 CAP QA . -26.20 -37.22 -14.59
C5 CAP QA . -25.92 -38.16 -13.45
C CAP QA . -25.54 -36.06 -16.94
O1 CAP QA . -26.27 -33.24 -16.69
O2 CAP QA . -24.04 -34.53 -15.95
O3 CAP QA . -23.92 -36.50 -14.30
O4 CAP QA . -27.54 -36.85 -14.57
O5 CAP QA . -27.10 -38.85 -13.24
O6 CAP QA . -26.65 -36.02 -17.50
O7 CAP QA . -24.57 -36.77 -17.30
P1 CAP QA . -27.74 -32.34 -16.92
P2 CAP QA . -27.12 -39.55 -11.64
O1P CAP QA . -27.47 -31.37 -18.06
O2P CAP QA . -27.85 -31.74 -15.52
O3P CAP QA . -28.78 -33.39 -17.24
O4P CAP QA . -26.62 -38.34 -10.87
O5P CAP QA . -28.56 -39.94 -11.38
O6P CAP QA . -26.13 -40.68 -11.76
MG MG RA . -22.96 -36.20 -16.06
C1 CAP SA . 23.11 -59.34 -41.56
C2 CAP SA . 22.46 -58.40 -40.56
C3 CAP SA . 23.46 -57.34 -40.06
C4 CAP SA . 23.93 -56.43 -41.22
C5 CAP SA . 24.33 -55.09 -40.65
C CAP SA . 21.33 -57.68 -41.30
O1 CAP SA . 22.27 -60.40 -41.78
O2 CAP SA . 21.89 -59.08 -39.48
O3 CAP SA . 22.88 -56.57 -39.04
O4 CAP SA . 24.99 -56.94 -41.95
O5 CAP SA . 25.31 -54.61 -41.49
O6 CAP SA . 20.49 -57.12 -40.57
O7 CAP SA . 21.32 -57.70 -42.55
P1 CAP SA . 23.04 -61.64 -42.74
P2 CAP SA . 26.41 -53.56 -40.61
O1P CAP SA . 23.42 -60.92 -44.02
O2P CAP SA . 22.01 -62.73 -42.92
O3P CAP SA . 24.22 -61.93 -41.82
O4P CAP SA . 25.50 -52.92 -39.58
O5P CAP SA . 26.99 -52.62 -41.65
O6P CAP SA . 27.36 -54.61 -40.07
MG MG TA . 21.00 -57.03 -38.62
C1 CAP UA . 20.92 -18.78 -36.76
C2 CAP UA . 21.10 -20.01 -35.89
C3 CAP UA . 19.95 -21.02 -36.10
C4 CAP UA . 19.86 -21.41 -37.59
C5 CAP UA . 19.49 -22.88 -37.68
C CAP UA . 22.39 -20.68 -36.34
O1 CAP UA . 21.34 -17.68 -36.05
O2 CAP UA . 21.23 -19.70 -34.53
O3 CAP UA . 20.16 -22.15 -35.30
O4 CAP UA . 18.94 -20.66 -38.30
O5 CAP UA . 19.12 -23.08 -38.99
O6 CAP UA . 22.91 -20.34 -37.42
O7 CAP UA . 22.83 -21.57 -35.56
P1 CAP UA . 21.39 -16.25 -37.08
P2 CAP UA . 17.75 -24.17 -39.07
O1P CAP UA . 22.16 -15.20 -36.33
O2P CAP UA . 19.89 -16.05 -37.23
O3P CAP UA . 22.09 -16.74 -38.34
O4P CAP UA . 16.71 -23.26 -38.46
O5P CAP UA . 17.56 -24.49 -40.54
O6P CAP UA . 18.18 -25.33 -38.20
MG MG VA . 21.58 -21.65 -33.94
#